data_8W7M
#
_entry.id   8W7M
#
loop_
_entity.id
_entity.type
_entity.pdbx_description
1 polymer 'DNA replication licensing factor MCM2'
2 polymer 'DNA replication licensing factor MCM3'
3 polymer 'DNA replication licensing factor MCM4'
4 polymer 'Minichromosome maintenance protein 5'
5 polymer 'DNA replication licensing factor MCM6'
6 polymer 'DNA replication licensing factor MCM7'
7 polymer 'DNA replication complex GINS protein PSF1'
8 polymer 'DNA replication complex GINS protein PSF2'
9 polymer 'DNA replication complex GINS protein PSF3'
10 polymer 'DNA replication complex GINS protein SLD5'
11 polymer 'Cell division control protein 45'
12 polymer 'DNA polymerase alpha-binding protein'
13 polymer 'DNA (71-mer)'
14 polymer 'DNA polymerase epsilon subunit B'
15 non-polymer "ADENOSINE-5'-DIPHOSPHATE"
16 non-polymer 'MAGNESIUM ION'
17 non-polymer 'ZINC ION'
18 non-polymer 'PHOSPHOTHIOPHOSPHORIC ACID-ADENYLATE ESTER'
#
loop_
_entity_poly.entity_id
_entity_poly.type
_entity_poly.pdbx_seq_one_letter_code
_entity_poly.pdbx_strand_id
1 'polypeptide(L)'
;MSDNRRRRREEDDSDSENELPPSSPQQHFRGGMNPVSSPIGSPDMINPEGDDNEVDDVPDIDEVEEQMNEVDLMDDNMYE
DYAADHNRDRYDPDQVDDREQQELSLSERRRIDAQLNERDRLLRNVAYIDDEDEEQEGAAQLDEMGLPVQRRRRRRQYED
LENSDDDLLSDMDIDPLREELTLESLSNVKANSYSEWITQPNVSRTIARELKSFLLEYTDETGRSVYGARIRTLGEMNSE
SLEVNYRHLAESKAILALFLAKCPEEMLKIFDLVAMEATELHYPDYARIHSEIHVRISDFPTIYSLRELRESNLSSLVRV
TGVVTRRTGVFPQLKYVKFNCLKCGSILGPFFQDSNEEIRISFCTNCKSKGPFRVNGEKTVYRNYQRVTLQEAPGTVPPG
RLPRHREVILLADLVDVSKPGEEVEVTGIYKNNYDGNLNAKNGFPVFATIIEANSIKRREGNTANEGEEGLDVFSWTEEE
EREFRKISRDRGIIDKIISSMAPSIYGHRDIKTAVACSLFGGVPKNVNGKHSIRGDINVLLLGDPGTAKSQILKYVEKTA
HRAVFATGQGASAVGLTASVRKDPITKEWTLEGGALVLADKGVCLIDEFDKMNDQDRTSIHEAMEQQSISISKAGIVTTL
QARCSIIAAANPNGGRYNSTLPLAQNVSLTEPILSRFDILCVVRDLVDEEADERLATFVVDSHVRSHPENDEDREGEELK
NNGESAIEQGEDEINEQLNARQRRLQRQRKKEEEISPIPQELLMKYIHYARTKIYPKLHQMDMDKVSRVYADLRRESIST
GSFPITVRHLESILRIAESFAKMRLSEFVSSYDLDRAIKVVVDSFVDAQKVSVRRQLRRSFAIYTLGH
;
2
2 'polypeptide(L)'
;MEGSTGFDGDATTFFAPDAVFGDRVRRFQEFLDTFTSYRDSVRSIQVYNSNNAANYNDDQDDADERDLLGDDDGDDLEKE
KKAASSTSLNILPHRIIISLDDLREFDRSFWSGILVEPAYFIPPAEKALTDLADSMDDVPHPNASAVSSRHPWKLSFKGS
FGAHALSPRTLTAQHLNKLVSVEGIVTKTSLVRPKLIRSVHYAAKTGRFHYRDYTDATTTLTTRIPTPAIYPTEDTEGNK
LTTEYGYSTFIDHQRITVQEMPEMAPAGQLPRSIDVILDDDLVDKTKPGDRVNVVGVFKSLGAGGMNQSNSNTLIGFKTL
ILGNTVYPLHARSTGVAARQMLTDFDIRNINKLSKKKDIFDILSQSLAPSIYGHDHIKKAILLMLMGGVEKNLENGSHLR
GDINILMVGDPSTAKSQLLRFVLNTASLAIATTGRGSSGVGLTAAVTTDRETGERRLEAGAMVLADRGVVCIDEFDKMTD
VDRVAIHEVMEQQTVTIAKAGIHTTLNARCSVIAAANPVFGQYDVNRDPHQNIALPDSLLSRFDLLFVVTDDINEIRDRS
ISEHVLRTHRYLPPGYLEGEPVRERLNLSLAVGEDADINPEEHSNSGAGVENEGEDDEDHVFEKFNPLLQAGAKLAKNKG
NYNGTEIPKLVTIPFLRKYVQYAKERVIPQLTQEAINVIVKNYTDLRNDDNTKKSPITARTLETLIRLATAHAKVRLSKT
VNKVDAKVAANLLRFALLGEDIGNDIDEEESEYEEALSKRSPQKSPKKRQRVRQPASNSGSPIKSTPRRSTASSVNATPS
SARRILRFQDDEQNAGEDDNDIMSPLPADEEAELQRRLQLGLRVSPRRREHLHAPEEGSSGPLTEVGTPRLPNVSSAGQD
DEQQQSVISFDNVEPGTISTGRLSLISGIIARLMQTEIFEEESYPVASLFERINEELPEEEKFSAQEYLAGLKIMSDRNN
LMVADDKVWRV
;
3
3 'polypeptide(L)'
;MSQQSSSPTKEDNNSSSPVVPNPDSVPPQLSSPALFYSSSSSQGDIYGRNNSQNLSQGEGNIRAAIGSSPLNFPSSSQRQ
NSDVFQSQGRQGRIRSSASASGRSRYHSDLRSDRALPTSSSSLGRNGQNRVHMRRNDIHTSDLSSPRRIVDFDTRSGVNT
LDTSSSSAPPSEASEPLRIIWGTNVSIQECTTNFRNFLMSFKYKFRKILDEREEFINNTTDEELYYIKQLNEMRELGTSN
LNLDARNLLAYKQTEDLYHQLLNYPQEVISIMDQTIKDCMVSLIVDNNLDYDLDEIETKFYKVRPYNVGSCKGMRELNPN
DIDKLINLKGLVLRSTPVIPDMKVAFFKCNVCDHTMAVEIDRGVIQEPARCERIDCNEPNSMSLIHNRCSFADKQVIKLQ
ETPDFVPDGQTPHSISLCVYDELVDSCRAGDRIEVTGTFRSIPIRANSRQRVLKSLYKTYVDVVHVKKVSDKRLDVDTST
IEQELMQNKVDHNEVEEVRQITDQDLAKIREVAAREDLYSLLARSIAPSIYELEDVKKGILLQLFGGTNKTFTKGGRYRG
DINILLCGDPSTSKSQILQYVHKITPRGVYTSGKGSSAVGLTAYITRDVDTKQLVLESGALVLSDGGVCCIDEFDKMSDS
TRSVLHEVMEQQTISIAKAGIITTLNARSSILASANPIGSRYNPNLPVTENIDLPPPLLSRFDLVYLVLDKVDEKNDREL
AKHLTNLYLEDKPEHISQDDVLPVEFLTMYISYAKEHIHPIITEAAKTELVRAYVGMRKMGDDSRSDEKRITATTRQLES
MIRLAEAHAKMKLKNVVELEDVQEAVRLIRSAIKDYATDPKTGKIDMNLVQTGKSVIQRKLQEDLSREIMNVLKDQASDS
MSFNELIKQINEHSQDRVESSDIQEALSRLQQEDKVIVLGEGVRRSVRLNNRV
;
4
4 'polypeptide(L)'
;MSFDRPEIYSAPVLQGESPNDDDNTEIIKSFKNFILEFRLDSQFIYRDQLRNNILVKNYSLTVNMEHLIGYNEDIYKKLS
DEPSDIIPLFETAITQVAKRISILSRAQSANNNDKDPENTSMDTDSLLLNSLPTFQLILNSNANQIPLRDLDSEHVSKIV
RLSGIIISTSVLSSRATYLSIMCRNCRHTTSITINNFNSITGNTVSLPRSCLSTIESESSMANESNIGDESTKKNCGPDP
YIIIHESSKFIDQQFLKLQEIPELVPVGEMPRNLTMTCDRYLTNKVIPGTRVTIVGIYSIYNSKNGAGSGRSGGGNGGSG
VAIRTPYIKILGIQSDVETSSIWNSVTMFTEEEEEEFLQLSRNPKLYEILTNSIAPSIFGNEDIKKAIVCLLMGGSKKIL
PDGMRLRGDINVLLLGDPGTAKSQLLKFVEKVSPIAVYTSGKGSSAAGLTASVQRDPMTREFYLEGGAMVLADGGVVCID
EFDKMRDEDRVAIHEAMEQQTISIAKAGITTVLNSRTSVLAAANPIYGRYDDLKSPGDNIDFQTTILSRFDMIFIVKDDH
NEERDISIANHVINIHTGNANAMQNQQEENGSEISIEKMKRYITYCRLKCAPRLSPQAAEKLSSNFVTIRKQLLINELES
TERSSIPITIRQLEAIIRITESLAKLELSPIAQERHVDEAIRLFQASTMDAASQDPIGGLNQASGTSLSEIRRFEQELKR
RLPIGWSTSYQTLRREFVDTHRFSQLALDKALYALEKHETIQLRHQGQNIYRSGV
;
5
5 'polypeptide(L)'
;MSSPFPADTPSSNRPSNSSPPPSSIGAGFGSSSGLDSQIGSRLHFPSSSQPHVSNSQTGPFVNDSTQFSSQRLQTDGSAT
NDMEGNEPARSFKSRALNHVKKVDDVTGEKVREAFEQFLEDFSVQSTDTGEVEKVYRAQIEFMKIYDLNTIYIDYQHLSM
RENGALAMAISEQYYRFLPFLQKGLRRVVRKYAPELLNTSDSLKRSEGDEGQADEDEQQDDDMNGSSLPRDSGSSAAPGN
GTSAMATRSITTSTSPEQTERVFQISFFNLPTVHRIRDIRSEKIGSLLSISGTVTRTSEVRPELYKASFTCDMCRAIVDN
VEQSFKYTEPTFCPNPSCENRAFWTLNVTRSRFLDWQKVRIQENANEIPTGSMPRTLDVILRGDSVERAKPGDRCKFTGV
EIVVPDVTQLGLPGVKPSSTLDTRGISKTTEGLNSGVTGLRSLGVRDLTYKISFLACHVISIGSNIGASSPDANSNNRET
ELQMAANLQANNVYQDNERDQEVFLNSLSSDEINELKEMVKDEHIYDKLVRSIAPAVFGHEAVKKGILLQMLGGVHKSTV
EGIKLRGDINICVVGDPSTSKSQFLKYVVGFAPRSVYTSGKASSAAGLTAAVVRDEEGGDYTIEAGALMLADNGICCIDE
FDKMDISDQVAIHEAMEQQTISIAKAGIHATLNARTSILAAANPVGGRYNRKLSLRGNLNMTAPIMSRFDLFFVILDDCN
EKIDTELASHIVDLHMKRDEAIEPPFSAEQLRRYIKYARTFKPILTKEARSYLVEKYKELRKDDAQGFSRSSYRITVRQL
ESMIRLSEAIARANCVDEITPSFIAEAYDLLRQSIIRVDVDDVEMDEEFDNIESQSHAASGNNDDNDDGTGSGVITSEPP
ADIEEGQSEATARPGTSEKKKTTVTYDKYVSMMNMIVRKIAEVDREGAEELTAVDIVDWYLLQKENDLGSLAEYWEERRL
AFKVIKRLVKDRILMEIHGTRHNLRDLENEENENNKTVYVIHPNCEVLDQLEPQDSS
;
6
6 'polypeptide(L)'
;MSAALPSIQLPVDYNNLFNEITDFLVTFKQDTLSSDATRNENEDENLDAENIEQHLLEKGPKYMAMLQKVANRELNSVII
DLDDILQYQNEKFLQGTQADDLVSAIQQNANHFTELFCRAIDNNMPLPTKEIDYKDDVLDVILNQRRLRNERMLSDRTNE
IRSENLMDTTMDPPSSMNDALREVVEDETELFPPNLTRRYFLYFKPLSQNCARRYRKKAISSKPLSVRQIKGDFLGQLIT
VRGIITRVSDVKPAVEVIAYTCDQCGYEVFQEVNSRTFTPLSECTSEECSQNQTKGQLFMSTRASKFSAFQECKIQELSQ
QVPVGHIPRSLNIHVNGTLVRSLSPGDIVDVTGIFLPAPYTGFKALKAGLLTETYLEAQFVRQHKKKFASFSLTSDVEER
VMELITSGDVYNRLAKSIAPEIYGNLDVKKALLLLLVGGVDKRVGDGMKIRGDINVCLMGDPGVAKSQLLKAICKISPRG
VYTTGKGSSGVGLTAAVMKDPVTDEMILEGGALVLADNGICCIDEFDKMDESDRTAIHEVMEQQTISISKAGINTTLNAR
TSILAAANPLYGRYNPRLSPLDNINLPAALLSRFDILFLMLDIPSRDDDEKLAEHVTYVHMHNKQPDLDFTPVEPSKMRE
YIAYAKTKRPVMSEAVNDYVVQAYIRLRQDSKREMDSKFSFGQATPRTLLGIIRLSQALAKLRLADMVDIDDVEEALRLV
RVSKESLYQETNKSKEDESPTTKIFTIIKKMLQETGKNTLSYENIVKTVRLRGFTMLQLSNCIQEYSYLNVWHLINEGNT
LKFVDDGTMDTDQEDSLVSTPKLAPQTTASANVSAQDSDIDLQDA
;
7
7 'polypeptide(L)'
;MYGDLGNKLVLEAKRTKQLYARSNQDVNLPMYHEDIIRNILKEVSNLRKNTEYLKEQQQLGMLDDKVAKCQYFVTLLCME
RNKRCLLAYQRLRTDILDSMAWNNNGLDLMSSITFSQQDTNNLSHQEQEYLKEYCDLITDLKSGDLVDIDLSGSLVPPSD
VFIDVRVLKDAGEIQTEYGVFNLIKDSQFFVRQSDVERLIQQGYLQKI
;
A
8 'polypeptide(L)'
;MSLPAHLQQTFSPEEIQFIVENEPIKIFPRITTRQKIRGDDRGTGNHTRWQLITTDDKALNNMVAMRSTEVVLWIALLLK
QQSKCSIVAPQWLTTKELDRKIQYEKTHPDRFSELPWNWLVLARILFNKAKDDFHDPIHELRGKIQDLREIRQIKVLKGL
KYLNESHLQLDNLSLLEINELRPFITEIMDKLREIHTASLTAGTENDEEEFNI
;
B
9 'polypeptide(L)'
;MGYYDIDDVLADGTEFPCKFQYDIPGLGYLENNPGRPITKNTKLSLPLWLARILAIVGGDEALVDEEPVPFVELLPPDMF
STKVMNAIKTDPVALDLHSINSHFFSLAIKWIMLFSEKELANVVSELLLQRAQELNHHASSLSIDLNADSTGKNSANTNI
ATSTFLLKLEEMEKEIYKKSHESYKDTKRWMFKK
;
C
10 'polypeptide(L)'
;MDINIDDILAELDKETTAVDSTKITQGSSSTTHRDANTIVGSSLDLNDKTQIYVSPQQDFSDLMKSWKNERCSPELLPYP
HQLMKRLLNRISMQSQLIENISMGFLDMQNASNANPPMPNESKLPLLCMETELERLKFVIRSYIRCRLSKIDKFSLYLRQ
LNEDENSLISLTDLLSKDEIKYHDTHSLIWLKLVNDSILKYMPEELQAINDTEGSVNMIDEPDWNKFVFIHVNGPPDGKW
NEDPLLQENEFGKPCYTVTIPDLKEEVELTIGSIYVMRYEVIRDLLRDDKVALI
;
D
11 'polypeptide(L)'
;MYYGISQFSEAYNKILRNSSSHSSCQLVIFVSCLNIDALCATKMLSLLFKKQLVQSQIVPIFGYSELRRHYSQLDDNINS
LLLVGFGGVIDLEAFLEIDPQEYVIDTDEKSGEQSFRRDIYVLDAHRPWNLDNIFGSQIIQCFDDGTVDDTLGEQKEAYY
KLLELDEESGDDELSGDENDNNGGDDEATDADEVTDEDEEDEDETISNKRGNSSIGPNDLSKRKQRKKQIHEYEGVLEEY
YSQGTTVVNSISAQIYSLLSAIGETNLSNLWLNILGTTSLDIAYAQVYNRLYPLLQDEVKRLTPSSRNSVKTPDTLTLNI
QPDYYLFLLRHSSLYDSFYYSNYVNAKLSLWNENGKKRLHKMFARMGIPLSTAQETWLYMDHSIKRELGIIFDKNLDRYG
LQDIIRDGFVRTLGYRGSISASEFVEALTALLEVGNSTDKDSVKINNDNNDDTDGEEEEDNSAQKLTNLRKRWVSNFWLS
WDALDDRKVELLNRGIQLAQDLQRAIFNTGVAILEKKLIKHLRIYRLCVLQDGPDLDLYRNPLTLLRLGNWLIECCAESE
DKQLLPMVLASIDENTDTYLVAGLTPRYPRGLDTIHTKKPILNNFSMAFQQITAETDAKVRIDNFESSIIEIRREDLSPF
LEKLTLSGLL
;
E
12 'polypeptide(L)'
;MVSVIDKLVFDFGGKTLVSLAPDNNTLCVANKNGLTKILKTNNPEEEPETLDSSKLVSSIKCYSNSHFLMTTMQGDALRY
NIDSSQEELLARFALPLRDCCVIHSGKMAVFGGDDLELILLELDDETHKKHAIKIDEQVSQISYNSQMNILAVSMINGKV
QIFSLTSTIPNKVHELNDYIVANSYDDTHRDKILSNMMDDIDKDNDNDLSETADPDENNVADPEFCAANRICTRVAWHPK
GLHFALPCADDTVKIFSIKGYSLQKTLSTNLSSTKAHFIDLQFDPLRGTYIAAVDLNNKLTVWNWETSEIHYTREFKRKI
TNIAWKIQADSKTLDLVLGTWSGSIAIVQNLAESVVSNIPDQSVAESSTKHGLFVDSESDLENLEGNDDINKSDKLFSDI
TQEANAEDVFTQTHDGPSGLSEKRKYNFEDEEDFIDDDDGAGYISGKKPHNEHSYSRVHKTHSFPISLANTGKFRYMPFS
PAGTPFGFTDRRYLTMNEVGYVSTVKNSEQYSITVSFFDVGRFREYHFEDLFGYDLCFLNEKGTLFGQSKTGQIQYRPHD
SIHSNWTKIIPLQAGERITSVAATPVRVIVGTSLGYFRSFNQFGVPFAVEKTSPIVALTAQNYRVFSVHYSQFHGLSYSL
SELGTSSKRYYKRECPLPMSLPNINSDMKKDANLDYYNFNPMGIKSLFFSSYGDPCIFGSDNTLLLLSKWRSPEESKWLP
ILDSNMEIWKMSGGKETTDIHVWPLALAYDTLNCILVKGKHIWPEFPLPLPSEMEIRMPVFVKSKLLEENKAILNKKNEI
GADTEAEEGEEDKEIQIPVSMAAEEEYLRSKVLSELLTDTLENDGEMYGNENEVLAALNGAYDKALLRLFASACSDQNVE
KALSLAHELKQDRALTAAVKISERAELPSLVKKINNIREARYEQQLK
;
F,G,H
13 'polydeoxyribonucleotide'
;(DT)(DA)(DG)(DA)(DG)(DT)(DA)(DG)(DG)(DA)(DA)(DG)(DT)(DG)(DA)(DT)(DG)(DG)(DT)(DA)
(DA)(DG)(DT)(DG)(DA)(DT)(DT)(DA)(DG)(DA)(DG)(DA)(DA)(DT)(DT)(DG)(DG)(DA)(DG)(DA)
(DG)(DT)(DG)(DT)(DG)(DT)(DT)(DT)(DT)(DT)(DT)(DT)(DT)(DT)(DT)(DT)(DT)(DT)(DT)(DT)
(DT)(DT)(DT)(DT)(DT)(DT)(DT)(DT)(DT)(DT)(DT)
;
I
14 'polypeptide(L)'
;MFGSGNVLPVKIQPPLLRPLAYRVLSRKYGLSIKSDGLSALAEFVGTNIGANWRQGPATIKFLEQFAAVWKQQERGLFID
QSGVKEVIQEMKEREKVEWSHEHPIQHEENILGRTDDDENNSDDEMPIAADSSLQNVSLSSPMRQPTERDEYKQPFKPES
SKALDWRDYFKVINASQQQRFSYNPHKMQFIFVPNKKQNGLGGIAGFLPDIEDKVQMFLTRYYLTNDRVMRNENFQNSDM
FNPLSSMVSLQNELSNTNRQQQSSSMSITPIKNLLGRDAQNFLLLGLLNKNFKGNWSLEDPSGSVEIDISQTIPTQGHYY
VPGCMVLVEGIYYSVGNKFHVTSMTLPPGERREITLETIGNLDLLGIHGISNNNFIARLDKDLKIRLHLLEKELTDHKFV
ILGANLFLDDLKIMTALSKILQKLNDDPPTLLIWQGSFTSVPVFASMSSRNISSSTQFKNNFDALATLLSRFDNLTENTT
MIFIPGPNDLWGSMVSLGASGTLPQDPIPSAFTKKINKVCKNVVWSSNPTRIAYLSQEIVIFRDDLSGRFKRHRLEFPFN
ESEDVYTENDNMMSKDTDIVPIDELVKEPDQLPQKVQETRKLVKTILDQGHLSPFLDSLRPISWDLDHTLTLCPIPSTMV
LCDTTSAQFDLTYNGCKVINPGSFIHNRRARYMEYVPSSKKTIQEEIYI
;
N
#
loop_
_chem_comp.id
_chem_comp.type
_chem_comp.name
_chem_comp.formula
ADP non-polymer ADENOSINE-5'-DIPHOSPHATE 'C10 H15 N5 O10 P2'
AGS non-polymer 'PHOSPHOTHIOPHOSPHORIC ACID-ADENYLATE ESTER' 'C10 H16 N5 O12 P3 S'
DA DNA linking 2'-DEOXYADENOSINE-5'-MONOPHOSPHATE 'C10 H14 N5 O6 P'
DG DNA linking 2'-DEOXYGUANOSINE-5'-MONOPHOSPHATE 'C10 H14 N5 O7 P'
DT DNA linking THYMIDINE-5'-MONOPHOSPHATE 'C10 H15 N2 O8 P'
MG non-polymer 'MAGNESIUM ION' 'Mg 2'
ZN non-polymer 'ZINC ION' 'Zn 2'
#
# COMPACT_ATOMS: atom_id res chain seq x y z
N GLU A 179 -15.66 29.56 49.55
CA GLU A 179 -15.01 30.84 49.71
C GLU A 179 -13.61 30.84 49.09
N GLU A 180 -13.23 31.96 48.49
CA GLU A 180 -11.91 32.13 47.91
C GLU A 180 -11.04 32.95 48.87
N LEU A 181 -9.73 32.90 48.64
CA LEU A 181 -8.77 33.52 49.54
C LEU A 181 -8.04 34.64 48.80
N THR A 182 -7.45 35.54 49.58
CA THR A 182 -6.68 36.63 49.01
C THR A 182 -5.25 36.17 48.71
N LEU A 183 -4.57 36.94 47.85
CA LEU A 183 -3.18 36.63 47.56
C LEU A 183 -2.33 36.69 48.83
N GLU A 184 -2.60 37.67 49.69
CA GLU A 184 -1.93 37.69 50.98
C GLU A 184 -2.31 36.47 51.82
N SER A 185 -3.58 36.05 51.75
CA SER A 185 -3.97 34.81 52.40
C SER A 185 -3.17 33.64 51.85
N LEU A 186 -2.91 33.64 50.54
CA LEU A 186 -2.07 32.59 49.95
C LEU A 186 -0.67 32.65 50.54
N SER A 187 -0.21 33.84 50.93
CA SER A 187 1.11 33.95 51.54
C SER A 187 1.23 33.04 52.75
N ASN A 188 0.16 32.95 53.54
CA ASN A 188 0.11 32.00 54.65
C ASN A 188 -0.10 30.60 54.05
N VAL A 189 1.00 29.89 53.86
CA VAL A 189 0.92 28.56 53.27
C VAL A 189 0.04 27.66 54.14
N LYS A 190 0.30 27.64 55.44
CA LYS A 190 -0.59 26.99 56.39
C LYS A 190 -0.92 25.57 55.94
N ALA A 191 0.02 24.90 55.29
CA ALA A 191 -0.19 23.57 54.75
C ALA A 191 0.99 22.68 55.05
N ASN A 192 0.75 21.37 55.03
CA ASN A 192 1.84 20.42 55.27
C ASN A 192 2.96 20.61 54.27
N SER A 193 2.62 20.92 53.01
CA SER A 193 3.61 21.15 51.98
C SER A 193 3.13 22.28 51.08
N TYR A 194 4.09 22.89 50.36
CA TYR A 194 3.73 23.92 49.40
C TYR A 194 2.65 23.41 48.45
N SER A 195 2.87 22.21 47.89
CA SER A 195 1.86 21.62 47.02
C SER A 195 0.56 21.39 47.78
N GLU A 196 0.65 20.90 49.02
CA GLU A 196 -0.55 20.74 49.83
C GLU A 196 -1.35 22.03 49.90
N TRP A 197 -0.65 23.16 50.03
CA TRP A 197 -1.32 24.44 50.00
C TRP A 197 -1.94 24.70 48.63
N ILE A 198 -1.18 24.43 47.56
CA ILE A 198 -1.66 24.71 46.21
C ILE A 198 -2.89 23.86 45.91
N THR A 199 -2.84 22.58 46.25
CA THR A 199 -3.96 21.69 45.92
C THR A 199 -5.25 22.10 46.61
N GLN A 200 -5.17 22.97 47.62
CA GLN A 200 -6.38 23.43 48.29
C GLN A 200 -7.33 24.06 47.26
N PRO A 201 -8.61 23.70 47.26
CA PRO A 201 -9.50 24.17 46.19
C PRO A 201 -9.59 25.69 46.10
N ASN A 202 -9.97 26.34 47.19
CA ASN A 202 -10.03 27.80 47.19
C ASN A 202 -8.67 28.39 46.87
N VAL A 203 -7.61 27.74 47.33
CA VAL A 203 -6.26 28.19 47.00
C VAL A 203 -6.05 28.12 45.50
N SER A 204 -6.49 27.03 44.87
CA SER A 204 -6.37 26.91 43.43
C SER A 204 -7.15 28.01 42.73
N ARG A 205 -8.35 28.30 43.21
CA ARG A 205 -9.15 29.37 42.62
C ARG A 205 -8.39 30.70 42.69
N THR A 206 -7.85 31.01 43.87
CA THR A 206 -7.12 32.27 44.03
C THR A 206 -5.92 32.32 43.11
N ILE A 207 -5.19 31.21 43.02
CA ILE A 207 -3.99 31.18 42.17
C ILE A 207 -4.37 31.41 40.72
N ALA A 208 -5.44 30.74 40.26
CA ALA A 208 -5.87 30.92 38.88
C ALA A 208 -6.30 32.36 38.62
N ARG A 209 -7.06 32.94 39.54
CA ARG A 209 -7.51 34.32 39.35
C ARG A 209 -6.32 35.25 39.26
N GLU A 210 -5.35 35.08 40.16
CA GLU A 210 -4.18 35.94 40.17
C GLU A 210 -3.37 35.75 38.89
N LEU A 211 -3.25 34.52 38.43
CA LEU A 211 -2.48 34.25 37.21
C LEU A 211 -3.12 34.92 36.00
N LYS A 212 -4.44 34.79 35.87
CA LYS A 212 -5.13 35.44 34.77
C LYS A 212 -5.00 36.95 34.87
N SER A 213 -5.11 37.47 36.10
CA SER A 213 -4.92 38.90 36.31
C SER A 213 -3.54 39.34 35.84
N PHE A 214 -2.51 38.58 36.21
CA PHE A 214 -1.16 38.92 35.77
C PHE A 214 -1.07 38.91 34.24
N LEU A 215 -1.56 37.84 33.62
CA LEU A 215 -1.44 37.71 32.17
C LEU A 215 -2.10 38.89 31.47
N LEU A 216 -3.32 39.23 31.87
CA LEU A 216 -4.04 40.31 31.20
C LEU A 216 -3.52 41.69 31.58
N GLU A 217 -2.90 41.82 32.76
CA GLU A 217 -2.54 43.12 33.31
C GLU A 217 -1.05 43.39 33.18
N TYR A 218 -0.21 42.45 33.57
CA TYR A 218 1.23 42.66 33.50
C TYR A 218 1.62 43.07 32.09
N THR A 219 2.40 44.15 32.00
CA THR A 219 2.74 44.74 30.72
C THR A 219 4.19 45.19 30.77
N ASP A 220 4.77 45.32 29.59
CA ASP A 220 6.06 45.99 29.46
C ASP A 220 5.95 47.40 30.02
N GLU A 221 7.11 47.99 30.33
CA GLU A 221 7.13 49.40 30.72
C GLU A 221 6.34 50.25 29.73
N THR A 222 6.28 49.81 28.47
CA THR A 222 5.48 50.50 27.48
C THR A 222 4.00 50.49 27.86
N GLY A 223 3.59 49.54 28.71
CA GLY A 223 2.20 49.36 29.05
C GLY A 223 1.46 48.38 28.16
N ARG A 224 2.07 47.94 27.07
CA ARG A 224 1.49 46.91 26.23
C ARG A 224 1.55 45.57 26.93
N SER A 225 0.47 44.79 26.84
CA SER A 225 0.45 43.48 27.46
C SER A 225 1.35 42.53 26.67
N VAL A 226 2.61 42.41 27.10
CA VAL A 226 3.54 41.50 26.43
C VAL A 226 2.89 40.13 26.29
N TYR A 227 2.18 39.70 27.32
CA TYR A 227 1.50 38.41 27.25
C TYR A 227 0.30 38.48 26.31
N GLY A 228 -0.33 39.64 26.20
CA GLY A 228 -1.39 39.79 25.22
C GLY A 228 -0.88 39.59 23.81
N ALA A 229 0.23 40.24 23.46
CA ALA A 229 0.82 40.04 22.15
C ALA A 229 1.31 38.61 21.98
N ARG A 230 1.83 38.01 23.06
CA ARG A 230 2.26 36.63 22.98
C ARG A 230 1.10 35.72 22.64
N ILE A 231 -0.06 35.95 23.26
CA ILE A 231 -1.25 35.17 22.95
C ILE A 231 -1.66 35.40 21.50
N ARG A 232 -1.62 36.66 21.07
CA ARG A 232 -1.96 36.97 19.68
C ARG A 232 -1.12 36.13 18.74
N THR A 233 0.20 36.16 18.92
CA THR A 233 1.09 35.38 18.06
C THR A 233 0.83 33.89 18.20
N LEU A 234 0.66 33.41 19.44
CA LEU A 234 0.41 32.00 19.70
C LEU A 234 -0.74 31.50 18.86
N GLY A 235 -1.86 32.23 18.89
CA GLY A 235 -2.97 31.88 18.02
C GLY A 235 -2.60 31.99 16.56
N GLU A 236 -1.93 33.08 16.18
CA GLU A 236 -1.59 33.29 14.78
C GLU A 236 -0.72 32.15 14.25
N MET A 237 0.37 31.85 14.96
CA MET A 237 1.25 30.76 14.57
C MET A 237 0.66 29.39 14.85
N ASN A 238 -0.45 29.32 15.56
CA ASN A 238 -1.04 28.06 16.01
C ASN A 238 -0.11 27.30 16.93
N SER A 239 0.90 27.96 17.49
CA SER A 239 1.78 27.30 18.43
C SER A 239 0.98 26.86 19.65
N GLU A 240 1.29 25.67 20.16
CA GLU A 240 0.60 25.12 21.31
C GLU A 240 1.33 25.38 22.62
N SER A 241 2.46 26.09 22.58
CA SER A 241 3.24 26.39 23.77
C SER A 241 3.30 27.91 23.94
N LEU A 242 3.00 28.38 25.14
CA LEU A 242 2.98 29.80 25.44
C LEU A 242 4.26 30.20 26.16
N GLU A 243 5.00 31.13 25.58
CA GLU A 243 6.21 31.64 26.22
C GLU A 243 5.86 32.41 27.48
N VAL A 244 6.67 32.22 28.52
CA VAL A 244 6.50 32.91 29.79
C VAL A 244 7.87 33.26 30.34
N ASN A 245 7.99 34.49 30.86
CA ASN A 245 9.24 34.98 31.44
C ASN A 245 9.10 34.94 32.95
N TYR A 246 10.02 34.26 33.62
CA TYR A 246 9.95 34.13 35.07
C TYR A 246 10.04 35.48 35.74
N ARG A 247 10.95 36.34 35.29
CA ARG A 247 11.13 37.63 35.92
C ARG A 247 9.83 38.42 35.94
N HIS A 248 9.04 38.31 34.87
CA HIS A 248 7.79 39.06 34.79
C HIS A 248 6.89 38.73 35.98
N LEU A 249 6.73 37.45 36.27
CA LEU A 249 5.96 37.07 37.45
C LEU A 249 6.70 37.47 38.73
N ALA A 250 8.02 37.33 38.74
CA ALA A 250 8.79 37.83 39.86
C ALA A 250 8.56 39.32 40.05
N GLU A 251 8.38 40.04 38.95
CA GLU A 251 8.09 41.47 39.04
C GLU A 251 6.77 41.70 39.74
N SER A 252 5.74 40.92 39.43
CA SER A 252 4.43 41.05 40.03
C SER A 252 3.86 39.67 40.30
N LYS A 253 3.31 39.49 41.50
CA LYS A 253 2.82 38.19 41.97
C LYS A 253 3.98 37.23 42.27
N ALA A 254 5.12 37.77 42.73
CA ALA A 254 6.30 36.95 42.95
C ALA A 254 6.01 35.81 43.92
N ILE A 255 5.04 36.00 44.82
CA ILE A 255 4.61 34.90 45.69
C ILE A 255 4.35 33.66 44.87
N LEU A 256 3.64 33.81 43.75
CA LEU A 256 3.39 32.67 42.89
C LEU A 256 4.69 32.15 42.28
N ALA A 257 5.65 33.04 42.03
CA ALA A 257 6.93 32.57 41.52
C ALA A 257 7.59 31.62 42.51
N LEU A 258 7.65 32.02 43.78
CA LEU A 258 8.22 31.15 44.80
C LEU A 258 7.42 29.85 44.91
N PHE A 259 6.09 29.95 44.92
CA PHE A 259 5.27 28.75 45.04
C PHE A 259 5.55 27.78 43.89
N LEU A 260 5.61 28.30 42.67
CA LEU A 260 5.90 27.47 41.51
C LEU A 260 7.27 26.84 41.64
N ALA A 261 8.27 27.62 42.05
CA ALA A 261 9.61 27.08 42.24
C ALA A 261 9.58 25.90 43.21
N LYS A 262 8.86 26.04 44.32
CA LYS A 262 8.77 24.95 45.28
C LYS A 262 8.05 23.75 44.69
N CYS A 263 6.89 23.97 44.07
CA CYS A 263 6.04 22.91 43.55
C CYS A 263 5.66 23.22 42.11
N PRO A 264 6.60 23.05 41.17
CA PRO A 264 6.33 23.47 39.79
C PRO A 264 5.13 22.80 39.16
N GLU A 265 4.92 21.50 39.40
CA GLU A 265 3.94 20.75 38.61
C GLU A 265 2.54 21.30 38.79
N GLU A 266 2.13 21.50 40.05
CA GLU A 266 0.74 21.88 40.32
C GLU A 266 0.43 23.24 39.70
N MET A 267 1.29 24.22 39.96
CA MET A 267 1.03 25.56 39.44
C MET A 267 1.21 25.58 37.93
N LEU A 268 2.03 24.68 37.40
CA LEU A 268 2.12 24.56 35.94
C LEU A 268 0.77 24.14 35.37
N LYS A 269 0.14 23.14 35.97
CA LYS A 269 -1.19 22.73 35.51
C LYS A 269 -2.18 23.89 35.62
N ILE A 270 -2.20 24.55 36.78
CA ILE A 270 -3.15 25.63 36.99
C ILE A 270 -2.93 26.75 35.99
N PHE A 271 -1.67 27.12 35.78
CA PHE A 271 -1.33 28.18 34.85
C PHE A 271 -1.63 27.79 33.42
N ASP A 272 -1.56 26.50 33.11
CA ASP A 272 -1.94 26.03 31.79
C ASP A 272 -3.44 26.22 31.57
N LEU A 273 -4.24 25.93 32.59
CA LEU A 273 -5.67 26.23 32.49
C LEU A 273 -5.90 27.73 32.36
N VAL A 274 -5.12 28.53 33.10
CA VAL A 274 -5.22 29.97 32.97
C VAL A 274 -4.94 30.38 31.52
N ALA A 275 -3.97 29.70 30.90
CA ALA A 275 -3.67 29.93 29.50
C ALA A 275 -4.86 29.55 28.61
N MET A 276 -5.49 28.40 28.89
CA MET A 276 -6.75 28.09 28.22
C MET A 276 -7.65 29.31 28.19
N GLU A 277 -7.91 29.87 29.38
CA GLU A 277 -8.88 30.96 29.48
C GLU A 277 -8.38 32.22 28.80
N ALA A 278 -7.10 32.55 28.96
CA ALA A 278 -6.57 33.76 28.37
C ALA A 278 -6.58 33.70 26.84
N THR A 279 -6.23 32.55 26.29
CA THR A 279 -6.21 32.40 24.85
C THR A 279 -7.61 32.43 24.28
N GLU A 280 -8.54 31.71 24.90
CA GLU A 280 -9.87 31.60 24.30
C GLU A 280 -10.57 32.96 24.20
N LEU A 281 -10.42 33.82 25.21
CA LEU A 281 -11.11 35.10 25.16
C LEU A 281 -10.67 35.90 23.94
N HIS A 282 -9.37 35.93 23.66
CA HIS A 282 -8.86 36.60 22.47
C HIS A 282 -9.10 35.78 21.21
N TYR A 283 -9.04 34.45 21.31
CA TYR A 283 -9.29 33.56 20.18
C TYR A 283 -10.33 32.54 20.61
N PRO A 284 -11.60 32.91 20.60
CA PRO A 284 -12.65 31.96 20.97
C PRO A 284 -12.58 30.71 20.11
N ASP A 285 -12.85 29.56 20.74
CA ASP A 285 -12.86 28.27 20.08
C ASP A 285 -11.49 27.86 19.58
N TYR A 286 -10.41 28.44 20.12
CA TYR A 286 -9.09 28.03 19.70
C TYR A 286 -8.84 26.57 20.02
N ALA A 287 -9.64 25.98 20.91
CA ALA A 287 -9.46 24.57 21.27
C ALA A 287 -9.45 23.69 20.03
N ARG A 288 -10.24 24.06 19.01
CA ARG A 288 -10.18 23.34 17.74
C ARG A 288 -8.75 23.29 17.22
N ILE A 289 -8.08 24.44 17.18
CA ILE A 289 -6.71 24.48 16.69
C ILE A 289 -5.79 23.68 17.61
N HIS A 290 -5.96 23.86 18.92
CA HIS A 290 -5.19 23.08 19.89
C HIS A 290 -6.08 22.92 21.12
N SER A 291 -6.49 21.68 21.39
CA SER A 291 -7.31 21.43 22.57
C SER A 291 -6.62 21.92 23.83
N GLU A 292 -5.30 21.97 23.83
CA GLU A 292 -4.51 22.32 24.99
C GLU A 292 -3.39 23.29 24.61
N ILE A 293 -2.73 23.81 25.62
CA ILE A 293 -1.58 24.69 25.44
C ILE A 293 -0.54 24.27 26.45
N HIS A 294 0.69 24.71 26.27
CA HIS A 294 1.78 24.38 27.18
C HIS A 294 2.47 25.66 27.61
N VAL A 295 2.61 25.84 28.93
CA VAL A 295 3.27 27.03 29.45
C VAL A 295 4.78 26.84 29.37
N ARG A 296 5.48 27.88 28.94
CA ARG A 296 6.93 27.82 28.76
C ARG A 296 7.55 28.93 29.58
N ILE A 297 7.98 28.58 30.80
CA ILE A 297 8.68 29.54 31.64
C ILE A 297 10.02 29.85 31.02
N SER A 298 10.51 31.07 31.25
CA SER A 298 11.79 31.51 30.72
C SER A 298 12.48 32.38 31.75
N ASP A 299 13.80 32.49 31.62
CA ASP A 299 14.60 33.34 32.48
C ASP A 299 14.56 32.89 33.93
N PHE A 300 14.47 31.57 34.15
CA PHE A 300 14.48 31.04 35.50
C PHE A 300 15.76 31.47 36.20
N PRO A 301 15.67 32.21 37.32
CA PRO A 301 16.91 32.75 37.91
C PRO A 301 17.91 31.69 38.30
N THR A 302 17.53 30.76 39.16
CA THR A 302 18.47 29.76 39.66
C THR A 302 18.96 28.88 38.52
N ILE A 303 20.24 28.53 38.58
CA ILE A 303 20.86 27.66 37.58
C ILE A 303 21.81 26.71 38.30
N TYR A 304 21.84 25.46 37.85
CA TYR A 304 22.75 24.47 38.38
C TYR A 304 23.34 23.65 37.25
N SER A 305 24.59 23.22 37.44
CA SER A 305 25.16 22.23 36.55
C SER A 305 24.69 20.83 36.95
N LEU A 306 24.89 19.87 36.05
CA LEU A 306 24.48 18.49 36.34
C LEU A 306 25.05 18.03 37.67
N ARG A 307 26.34 18.28 37.89
CA ARG A 307 26.95 17.92 39.16
C ARG A 307 26.31 18.68 40.31
N GLU A 308 26.03 19.98 40.11
CA GLU A 308 25.41 20.77 41.14
C GLU A 308 24.09 20.15 41.62
N LEU A 309 23.40 19.44 40.73
CA LEU A 309 22.11 18.86 41.08
C LEU A 309 22.20 18.07 42.37
N ARG A 310 21.17 18.16 43.20
CA ARG A 310 21.14 17.49 44.48
C ARG A 310 19.72 17.07 44.79
N GLU A 311 19.58 16.06 45.66
CA GLU A 311 18.26 15.57 46.01
C GLU A 311 17.37 16.69 46.50
N SER A 312 17.95 17.68 47.18
CA SER A 312 17.18 18.87 47.54
C SER A 312 16.53 19.47 46.31
N ASN A 313 17.26 19.51 45.19
CA ASN A 313 16.73 20.08 43.96
C ASN A 313 15.55 19.27 43.44
N LEU A 314 15.53 17.97 43.71
CA LEU A 314 14.51 17.10 43.14
C LEU A 314 13.11 17.65 43.40
N SER A 315 12.18 17.28 42.53
CA SER A 315 10.77 17.66 42.64
C SER A 315 10.58 19.16 42.50
N SER A 316 11.54 19.87 41.90
CA SER A 316 11.42 21.30 41.70
C SER A 316 12.06 21.69 40.38
N LEU A 317 11.65 22.84 39.86
CA LEU A 317 12.17 23.30 38.58
C LEU A 317 13.63 23.68 38.72
N VAL A 318 14.39 23.45 37.65
CA VAL A 318 15.81 23.75 37.63
C VAL A 318 16.20 24.19 36.22
N ARG A 319 17.05 25.21 36.14
CA ARG A 319 17.56 25.68 34.86
C ARG A 319 18.98 25.17 34.68
N VAL A 320 19.19 24.35 33.65
CA VAL A 320 20.45 23.63 33.48
C VAL A 320 20.88 23.73 32.02
N THR A 321 22.18 23.55 31.79
CA THR A 321 22.78 23.72 30.48
C THR A 321 23.69 22.53 30.18
N GLY A 322 23.96 22.33 28.90
CA GLY A 322 24.83 21.25 28.45
C GLY A 322 24.73 21.08 26.95
N VAL A 323 25.36 20.01 26.48
CA VAL A 323 25.33 19.64 25.08
C VAL A 323 24.66 18.28 24.96
N VAL A 324 23.63 18.20 24.11
CA VAL A 324 22.90 16.95 23.94
C VAL A 324 23.83 15.89 23.37
N THR A 325 23.88 14.74 24.04
CA THR A 325 24.75 13.66 23.63
C THR A 325 24.09 12.77 22.57
N ARG A 326 22.89 12.28 22.86
CA ARG A 326 22.19 11.38 21.96
C ARG A 326 20.70 11.70 21.98
N ARG A 327 20.07 11.63 20.82
CA ARG A 327 18.65 11.90 20.66
C ARG A 327 17.95 10.68 20.09
N THR A 328 16.76 10.42 20.61
CA THR A 328 15.92 9.35 20.10
C THR A 328 14.81 9.93 19.22
N GLY A 329 14.30 9.09 18.32
CA GLY A 329 13.22 9.54 17.46
C GLY A 329 11.97 9.86 18.25
N VAL A 330 11.17 10.78 17.71
CA VAL A 330 9.95 11.21 18.37
C VAL A 330 8.88 10.15 18.20
N PHE A 331 8.66 9.35 19.24
CA PHE A 331 7.66 8.30 19.16
C PHE A 331 6.42 8.68 19.96
N PRO A 332 5.24 8.26 19.54
CA PRO A 332 4.03 8.62 20.28
C PRO A 332 4.00 8.00 21.66
N GLN A 333 3.36 8.68 22.60
CA GLN A 333 3.14 8.19 23.94
C GLN A 333 1.69 8.43 24.34
N LEU A 334 1.18 7.54 25.17
CA LEU A 334 -0.22 7.56 25.57
C LEU A 334 -0.43 8.68 26.58
N LYS A 335 -0.96 9.81 26.11
CA LYS A 335 -1.23 10.92 27.01
C LYS A 335 -2.28 10.55 28.04
N TYR A 336 -3.41 10.00 27.59
CA TYR A 336 -4.48 9.55 28.47
C TYR A 336 -4.81 8.10 28.11
N VAL A 337 -5.23 7.34 29.11
CA VAL A 337 -5.39 5.90 28.96
C VAL A 337 -6.61 5.43 29.75
N LYS A 338 -7.51 4.73 29.06
CA LYS A 338 -8.52 3.90 29.69
C LYS A 338 -8.07 2.45 29.62
N PHE A 339 -8.79 1.58 30.35
CA PHE A 339 -8.38 0.18 30.42
C PHE A 339 -9.62 -0.69 30.54
N ASN A 340 -9.39 -2.01 30.52
CA ASN A 340 -10.47 -3.00 30.50
C ASN A 340 -10.02 -4.24 31.30
N CYS A 341 -10.53 -4.37 32.52
CA CYS A 341 -10.40 -5.61 33.27
C CYS A 341 -10.81 -6.80 32.41
N LEU A 342 -9.93 -7.81 32.34
CA LEU A 342 -10.26 -9.00 31.58
C LEU A 342 -11.45 -9.74 32.19
N LYS A 343 -11.55 -9.74 33.52
CA LYS A 343 -12.68 -10.41 34.16
C LYS A 343 -13.99 -9.83 33.66
N CYS A 344 -14.27 -8.56 33.96
CA CYS A 344 -15.45 -7.88 33.43
C CYS A 344 -15.05 -6.69 32.57
N GLY A 345 -14.39 -5.72 33.18
CA GLY A 345 -13.72 -4.63 32.49
C GLY A 345 -14.37 -4.09 31.24
N SER A 346 -15.59 -3.59 31.33
CA SER A 346 -16.16 -2.91 30.18
C SER A 346 -15.31 -1.69 29.81
N ILE A 347 -15.05 -0.81 30.76
CA ILE A 347 -14.23 0.38 30.56
C ILE A 347 -13.63 0.77 31.90
N LEU A 348 -12.44 1.37 31.88
CA LEU A 348 -11.79 1.88 33.07
C LEU A 348 -11.36 3.33 32.84
N GLY A 349 -11.26 4.08 33.94
CA GLY A 349 -11.07 5.50 33.90
C GLY A 349 -9.94 5.96 32.97
N PRO A 350 -10.11 7.12 32.32
CA PRO A 350 -9.07 7.65 31.42
C PRO A 350 -7.94 8.32 32.19
N PHE A 351 -7.17 7.49 32.90
CA PHE A 351 -6.12 8.00 33.77
C PHE A 351 -5.04 8.69 32.94
N PHE A 352 -4.47 9.76 33.50
CA PHE A 352 -3.43 10.50 32.81
C PHE A 352 -2.07 9.86 33.07
N GLN A 353 -1.39 9.46 32.02
CA GLN A 353 -0.07 8.84 32.17
C GLN A 353 0.95 9.90 32.55
N ASP A 354 1.84 9.55 33.47
CA ASP A 354 2.75 10.52 34.07
C ASP A 354 4.00 10.80 33.24
N SER A 355 4.23 10.03 32.17
CA SER A 355 5.37 10.12 31.28
C SER A 355 6.64 9.55 31.91
N ASN A 356 6.59 9.09 33.17
CA ASN A 356 7.75 8.52 33.83
C ASN A 356 7.55 7.10 34.33
N GLU A 357 6.30 6.68 34.54
CA GLU A 357 6.02 5.33 35.00
C GLU A 357 4.77 4.83 34.28
N GLU A 358 4.51 3.53 34.41
CA GLU A 358 3.32 2.93 33.82
C GLU A 358 2.11 3.28 34.68
N ILE A 359 0.97 2.69 34.35
CA ILE A 359 -0.26 2.98 35.08
C ILE A 359 -0.44 2.02 36.25
N ARG A 360 -0.34 0.72 36.00
CA ARG A 360 -0.42 -0.32 37.02
C ARG A 360 -1.53 -0.03 38.03
N ILE A 361 -2.76 0.04 37.53
CA ILE A 361 -3.89 0.23 38.42
C ILE A 361 -3.97 -0.91 39.43
N SER A 362 -3.69 -2.13 38.97
CA SER A 362 -3.62 -3.30 39.86
C SER A 362 -4.92 -3.49 40.63
N PHE A 363 -6.03 -3.10 40.00
CA PHE A 363 -7.34 -3.20 40.61
C PHE A 363 -8.38 -2.90 39.55
N CYS A 364 -9.61 -3.35 39.80
CA CYS A 364 -10.74 -3.12 38.90
C CYS A 364 -11.91 -2.56 39.70
N THR A 365 -12.51 -1.48 39.20
CA THR A 365 -13.71 -0.95 39.83
C THR A 365 -14.94 -1.79 39.50
N ASN A 366 -15.03 -2.28 38.27
CA ASN A 366 -16.22 -3.06 37.89
C ASN A 366 -16.35 -4.30 38.75
N CYS A 367 -15.26 -5.03 38.97
CA CYS A 367 -15.20 -6.10 39.96
C CYS A 367 -13.99 -5.76 40.84
N LYS A 368 -14.22 -5.71 42.15
CA LYS A 368 -13.16 -5.28 43.05
C LYS A 368 -12.10 -6.36 43.15
N SER A 369 -11.07 -6.25 42.31
CA SER A 369 -9.96 -7.19 42.30
C SER A 369 -8.94 -6.78 41.24
N LYS A 370 -7.80 -7.48 41.20
CA LYS A 370 -6.83 -7.28 40.14
C LYS A 370 -7.28 -8.02 38.88
N GLY A 371 -6.45 -7.96 37.85
CA GLY A 371 -6.70 -8.68 36.63
C GLY A 371 -6.08 -7.99 35.43
N PRO A 372 -6.01 -8.69 34.29
CA PRO A 372 -5.49 -8.05 33.08
C PRO A 372 -6.38 -6.90 32.62
N PHE A 373 -5.88 -5.68 32.74
CA PHE A 373 -6.65 -4.49 32.41
C PHE A 373 -6.26 -4.05 31.00
N ARG A 374 -6.92 -4.64 30.00
CA ARG A 374 -6.61 -4.34 28.61
C ARG A 374 -6.87 -2.86 28.33
N VAL A 375 -5.92 -2.21 27.66
CA VAL A 375 -6.08 -0.80 27.34
C VAL A 375 -7.27 -0.63 26.41
N ASN A 376 -8.05 0.42 26.67
CA ASN A 376 -9.22 0.74 25.85
C ASN A 376 -8.76 1.64 24.70
N GLY A 377 -8.57 1.05 23.53
CA GLY A 377 -8.19 1.80 22.36
C GLY A 377 -9.23 2.83 21.97
N GLU A 378 -10.46 2.62 22.42
CA GLU A 378 -11.54 3.57 22.11
C GLU A 378 -11.24 4.95 22.67
N LYS A 379 -10.78 5.02 23.92
CA LYS A 379 -10.55 6.28 24.61
C LYS A 379 -9.09 6.33 25.05
N THR A 380 -8.29 7.15 24.36
CA THR A 380 -6.89 7.33 24.71
C THR A 380 -6.34 8.50 23.93
N VAL A 381 -5.51 9.31 24.58
CA VAL A 381 -4.88 10.47 23.96
C VAL A 381 -3.39 10.21 23.85
N TYR A 382 -2.81 10.55 22.70
CA TYR A 382 -1.41 10.27 22.41
C TYR A 382 -0.64 11.57 22.30
N ARG A 383 0.50 11.64 22.97
CA ARG A 383 1.38 12.80 22.93
C ARG A 383 2.73 12.39 22.39
N ASN A 384 3.34 13.26 21.59
CA ASN A 384 4.67 12.99 21.07
C ASN A 384 5.66 12.88 22.21
N TYR A 385 6.52 11.86 22.15
CA TYR A 385 7.44 11.55 23.23
C TYR A 385 8.86 11.47 22.69
N GLN A 386 9.81 11.79 23.55
CA GLN A 386 11.21 11.81 23.15
C GLN A 386 12.09 12.03 24.38
N ARG A 387 13.28 11.45 24.33
CA ARG A 387 14.30 11.66 25.36
C ARG A 387 15.62 11.96 24.66
N VAL A 388 16.40 12.85 25.24
CA VAL A 388 17.72 13.18 24.73
C VAL A 388 18.67 13.30 25.91
N THR A 389 19.82 12.64 25.82
CA THR A 389 20.81 12.72 26.88
C THR A 389 21.55 14.05 26.82
N LEU A 390 21.79 14.62 27.99
CA LEU A 390 22.49 15.90 28.10
C LEU A 390 23.76 15.70 28.90
N GLN A 391 24.88 16.18 28.36
CA GLN A 391 26.18 16.05 28.98
C GLN A 391 26.70 17.43 29.36
N GLU A 392 27.39 17.50 30.49
CA GLU A 392 27.96 18.77 30.95
C GLU A 392 28.91 19.33 29.90
N ALA A 393 28.87 20.65 29.74
CA ALA A 393 29.76 21.30 28.78
C ALA A 393 31.21 21.09 29.20
N PRO A 394 32.12 20.87 28.25
CA PRO A 394 33.53 20.64 28.63
C PRO A 394 34.08 21.75 29.52
N GLY A 395 33.94 23.01 29.10
CA GLY A 395 34.43 24.10 29.92
C GLY A 395 33.80 24.11 31.29
N THR A 396 32.50 23.83 31.37
CA THR A 396 31.83 23.77 32.66
C THR A 396 32.46 22.73 33.56
N VAL A 397 32.93 21.64 32.99
CA VAL A 397 33.53 20.57 33.81
C VAL A 397 34.75 21.13 34.53
N PRO A 398 34.89 20.94 35.83
CA PRO A 398 36.12 21.35 36.51
C PRO A 398 37.31 20.61 35.93
N PRO A 399 38.47 21.26 35.82
CA PRO A 399 39.62 20.60 35.22
C PRO A 399 39.93 19.30 35.95
N GLY A 400 40.17 18.25 35.18
CA GLY A 400 40.39 16.93 35.76
C GLY A 400 39.11 16.21 36.07
N ARG A 401 38.07 16.95 36.43
CA ARG A 401 36.79 16.32 36.77
C ARG A 401 36.19 15.65 35.54
N LEU A 402 35.44 14.58 35.78
CA LEU A 402 34.88 13.78 34.69
C LEU A 402 33.49 14.29 34.34
N PRO A 403 33.22 14.62 33.08
CA PRO A 403 31.89 15.14 32.73
C PRO A 403 30.79 14.14 33.08
N ARG A 404 29.66 14.68 33.49
CA ARG A 404 28.48 13.89 33.83
C ARG A 404 27.34 14.23 32.88
N HIS A 405 26.42 13.29 32.73
CA HIS A 405 25.28 13.48 31.86
C HIS A 405 24.01 12.98 32.53
N ARG A 406 22.90 13.68 32.28
CA ARG A 406 21.59 13.25 32.72
C ARG A 406 20.67 13.22 31.51
N GLU A 407 19.61 12.42 31.60
CA GLU A 407 18.63 12.33 30.53
C GLU A 407 17.46 13.26 30.83
N VAL A 408 16.94 13.89 29.79
CA VAL A 408 15.81 14.80 29.91
C VAL A 408 14.75 14.37 28.90
N ILE A 409 13.57 14.02 29.39
CA ILE A 409 12.48 13.58 28.53
C ILE A 409 11.89 14.82 27.86
N LEU A 410 11.75 14.75 26.54
CA LEU A 410 11.09 15.80 25.77
C LEU A 410 9.69 15.34 25.39
N LEU A 411 8.70 16.17 25.65
CA LEU A 411 7.31 15.86 25.35
C LEU A 411 6.85 16.67 24.14
N ALA A 412 5.60 16.43 23.76
CA ALA A 412 5.04 17.03 22.56
C ALA A 412 5.38 18.50 22.45
N ASP A 413 5.55 18.96 21.22
CA ASP A 413 5.98 20.33 20.95
C ASP A 413 7.48 20.46 21.24
N LEU A 414 7.85 20.27 22.51
CA LEU A 414 9.26 20.31 22.88
C LEU A 414 10.08 19.24 22.16
N VAL A 415 9.43 18.18 21.67
CA VAL A 415 10.16 17.12 21.00
C VAL A 415 10.87 17.66 19.77
N ASP A 416 12.06 17.13 19.51
CA ASP A 416 12.83 17.47 18.31
C ASP A 416 13.01 18.98 18.16
N VAL A 417 13.55 19.61 19.20
CA VAL A 417 13.85 21.04 19.12
C VAL A 417 15.29 21.25 18.70
N SER A 418 16.20 20.46 19.24
CA SER A 418 17.63 20.57 18.94
C SER A 418 18.15 19.22 18.46
N LYS A 419 19.39 19.23 17.97
CA LYS A 419 20.02 18.05 17.40
C LYS A 419 21.20 17.61 18.26
N PRO A 420 21.51 16.31 18.28
CA PRO A 420 22.65 15.85 19.09
C PRO A 420 23.91 16.66 18.80
N GLY A 421 24.75 16.80 19.81
CA GLY A 421 25.98 17.55 19.69
C GLY A 421 25.82 19.05 19.79
N GLU A 422 24.64 19.53 20.12
CA GLU A 422 24.36 20.96 20.20
C GLU A 422 24.23 21.38 21.65
N GLU A 423 24.90 22.46 22.02
CA GLU A 423 24.78 23.00 23.37
C GLU A 423 23.37 23.57 23.55
N VAL A 424 22.78 23.34 24.72
CA VAL A 424 21.40 23.73 24.98
C VAL A 424 21.24 23.96 26.48
N GLU A 425 20.30 24.83 26.83
CA GLU A 425 19.84 25.02 28.20
C GLU A 425 18.36 24.72 28.28
N VAL A 426 17.95 24.03 29.35
CA VAL A 426 16.57 23.60 29.51
C VAL A 426 16.10 23.93 30.92
N THR A 427 14.78 23.98 31.08
CA THR A 427 14.14 24.19 32.38
C THR A 427 13.00 23.19 32.51
N GLY A 428 13.12 22.29 33.49
CA GLY A 428 12.10 21.29 33.72
C GLY A 428 12.12 20.84 35.17
N ILE A 429 11.12 20.02 35.50
CA ILE A 429 11.02 19.47 36.85
C ILE A 429 12.01 18.32 36.98
N TYR A 430 12.81 18.34 38.05
CA TYR A 430 13.80 17.30 38.29
C TYR A 430 13.11 16.12 38.96
N LYS A 431 12.46 15.31 38.14
CA LYS A 431 11.71 14.17 38.66
C LYS A 431 12.62 12.96 38.82
N ASN A 432 12.04 11.88 39.34
CA ASN A 432 12.77 10.65 39.59
C ASN A 432 11.75 9.52 39.71
N ASN A 433 12.25 8.31 39.90
CA ASN A 433 11.38 7.15 40.00
C ASN A 433 12.19 5.94 40.46
N TYR A 434 11.49 4.88 40.81
CA TYR A 434 12.12 3.65 41.25
C TYR A 434 12.34 2.71 40.07
N ASP A 435 13.37 1.87 40.20
CA ASP A 435 13.60 0.81 39.23
C ASP A 435 14.53 -0.21 39.88
N GLY A 436 14.08 -1.47 39.94
CA GLY A 436 14.91 -2.50 40.53
C GLY A 436 16.22 -2.71 39.80
N ASN A 437 16.30 -2.25 38.55
CA ASN A 437 17.52 -2.36 37.78
C ASN A 437 18.69 -1.76 38.53
N LEU A 438 18.61 -0.45 38.80
CA LEU A 438 19.67 0.21 39.56
C LEU A 438 19.78 -0.37 40.96
N ASN A 439 18.64 -0.69 41.58
CA ASN A 439 18.64 -1.29 42.91
C ASN A 439 19.64 -2.44 42.97
N ALA A 440 19.46 -3.45 42.12
CA ALA A 440 20.41 -4.56 42.06
C ALA A 440 21.78 -4.07 41.61
N LYS A 441 21.82 -3.14 40.66
CA LYS A 441 23.10 -2.64 40.16
C LYS A 441 23.93 -2.05 41.30
N ASN A 442 23.32 -1.23 42.15
CA ASN A 442 24.00 -0.64 43.30
C ASN A 442 23.65 -1.34 44.61
N GLY A 443 22.77 -2.32 44.58
CA GLY A 443 22.41 -3.03 45.80
C GLY A 443 21.80 -2.15 46.87
N PHE A 444 21.25 -1.00 46.49
CA PHE A 444 20.71 -0.04 47.43
C PHE A 444 19.39 0.49 46.92
N PRO A 445 18.52 0.98 47.80
CA PRO A 445 17.27 1.61 47.34
C PRO A 445 17.50 3.02 46.85
N VAL A 446 17.91 3.16 45.59
CA VAL A 446 18.17 4.46 44.99
C VAL A 446 17.33 4.61 43.73
N PHE A 447 16.89 5.83 43.47
CA PHE A 447 15.93 6.12 42.41
C PHE A 447 16.63 6.82 41.26
N ALA A 448 16.30 6.42 40.04
CA ALA A 448 16.77 7.14 38.87
C ALA A 448 16.10 8.52 38.82
N THR A 449 16.88 9.52 38.42
CA THR A 449 16.42 10.90 38.37
C THR A 449 16.42 11.39 36.93
N ILE A 450 15.32 12.01 36.51
CA ILE A 450 15.16 12.51 35.16
C ILE A 450 14.47 13.86 35.21
N ILE A 451 14.70 14.67 34.18
CA ILE A 451 14.12 16.00 34.07
C ILE A 451 13.09 15.98 32.96
N GLU A 452 11.89 16.48 33.26
CA GLU A 452 10.84 16.65 32.27
C GLU A 452 10.92 18.10 31.80
N ALA A 453 11.52 18.30 30.64
CA ALA A 453 11.72 19.64 30.10
C ALA A 453 10.40 20.39 30.00
N ASN A 454 10.35 21.58 30.59
CA ASN A 454 9.23 22.48 30.40
C ASN A 454 9.52 23.57 29.38
N SER A 455 10.79 23.94 29.21
CA SER A 455 11.18 24.95 28.24
C SER A 455 12.64 24.79 27.88
N ILE A 456 12.92 24.66 26.60
CA ILE A 456 14.28 24.39 26.11
C ILE A 456 14.83 25.67 25.50
N LYS A 457 16.15 25.78 25.48
CA LYS A 457 16.80 26.97 24.95
C LYS A 457 18.21 26.63 24.49
N ARG A 458 18.49 26.88 23.21
CA ARG A 458 19.81 26.68 22.65
C ARG A 458 20.63 27.95 22.81
N ARG A 459 21.84 27.81 23.34
CA ARG A 459 22.69 28.96 23.62
C ARG A 459 23.77 29.10 22.56
N PHE A 474 23.32 34.92 16.14
CA PHE A 474 24.09 34.94 14.92
C PHE A 474 23.29 35.56 13.78
N SER A 475 22.02 35.21 13.70
CA SER A 475 21.21 35.60 12.56
C SER A 475 21.15 37.11 12.42
N TRP A 476 21.34 37.59 11.20
CA TRP A 476 21.31 39.02 10.92
C TRP A 476 19.92 39.59 11.21
N THR A 477 19.84 40.92 11.13
CA THR A 477 18.58 41.63 11.31
C THR A 477 18.49 42.77 10.30
N GLU A 478 17.30 43.37 10.24
CA GLU A 478 17.06 44.43 9.26
C GLU A 478 18.14 45.51 9.32
N GLU A 479 18.51 45.91 10.54
CA GLU A 479 19.58 46.88 10.69
C GLU A 479 20.83 46.40 9.96
N GLU A 480 21.20 45.15 10.18
CA GLU A 480 22.38 44.60 9.52
C GLU A 480 22.15 44.45 8.02
N GLU A 481 20.93 44.12 7.60
CA GLU A 481 20.65 44.05 6.17
C GLU A 481 20.98 45.37 5.50
N ARG A 482 20.42 46.46 6.02
CA ARG A 482 20.61 47.76 5.40
C ARG A 482 22.06 48.23 5.55
N GLU A 483 22.68 47.95 6.69
CA GLU A 483 24.08 48.30 6.87
C GLU A 483 24.97 47.60 5.85
N PHE A 484 24.78 46.29 5.67
CA PHE A 484 25.51 45.56 4.65
C PHE A 484 25.25 46.17 3.28
N ARG A 485 24.01 46.52 3.00
CA ARG A 485 23.68 47.07 1.69
C ARG A 485 24.46 48.35 1.43
N LYS A 486 24.54 49.25 2.43
CA LYS A 486 25.39 50.42 2.27
C LYS A 486 26.84 50.02 2.05
N ILE A 487 27.44 49.36 3.04
CA ILE A 487 28.87 49.11 2.99
C ILE A 487 29.23 48.30 1.74
N SER A 488 28.29 47.53 1.21
CA SER A 488 28.53 46.85 -0.05
C SER A 488 28.85 47.87 -1.12
N ARG A 489 30.11 47.91 -1.56
CA ARG A 489 30.59 48.94 -2.46
C ARG A 489 31.82 48.41 -3.18
N ASP A 490 32.19 49.12 -4.26
CA ASP A 490 33.39 48.76 -5.02
C ASP A 490 34.67 49.17 -4.32
N ARG A 491 34.58 49.83 -3.16
CA ARG A 491 35.75 50.36 -2.48
C ARG A 491 36.56 49.24 -1.83
N GLY A 492 37.13 48.35 -2.65
CA GLY A 492 37.95 47.28 -2.13
C GLY A 492 37.21 46.45 -1.10
N ILE A 493 35.89 46.35 -1.23
CA ILE A 493 35.11 45.55 -0.30
C ILE A 493 35.62 44.13 -0.30
N ILE A 494 35.95 43.59 -1.47
CA ILE A 494 36.60 42.29 -1.54
C ILE A 494 37.92 42.34 -0.79
N ASP A 495 38.71 43.38 -1.04
CA ASP A 495 40.01 43.51 -0.38
C ASP A 495 39.84 43.67 1.14
N LYS A 496 38.86 44.47 1.55
CA LYS A 496 38.61 44.63 2.98
C LYS A 496 38.21 43.31 3.63
N ILE A 497 37.31 42.57 2.97
CA ILE A 497 36.92 41.27 3.49
C ILE A 497 38.14 40.37 3.65
N ILE A 498 38.96 40.30 2.59
CA ILE A 498 40.16 39.48 2.66
C ILE A 498 41.04 39.92 3.82
N SER A 499 41.20 41.23 4.00
CA SER A 499 42.00 41.74 5.10
C SER A 499 41.41 41.32 6.45
N SER A 500 40.10 41.14 6.51
CA SER A 500 39.46 40.68 7.74
C SER A 500 39.40 39.16 7.84
N MET A 501 39.88 38.43 6.84
CA MET A 501 39.97 36.98 6.92
C MET A 501 41.21 36.60 7.73
N ALA A 502 41.03 35.71 8.69
CA ALA A 502 42.09 35.28 9.59
C ALA A 502 42.98 36.46 10.00
N PRO A 503 42.40 37.53 10.55
CA PRO A 503 43.23 38.68 10.92
C PRO A 503 44.32 38.31 11.91
N SER A 504 44.09 37.29 12.73
CA SER A 504 45.11 36.82 13.64
C SER A 504 46.31 36.21 12.91
N ILE A 505 46.18 35.94 11.62
CA ILE A 505 47.24 35.31 10.85
C ILE A 505 47.84 36.34 9.90
N TYR A 506 49.16 36.44 9.92
CA TYR A 506 49.87 37.41 9.09
C TYR A 506 49.88 36.99 7.63
N GLY A 507 49.79 37.97 6.74
CA GLY A 507 49.97 37.76 5.32
C GLY A 507 49.06 36.71 4.73
N HIS A 508 49.58 35.92 3.79
CA HIS A 508 48.81 34.88 3.13
C HIS A 508 47.57 35.45 2.45
N ARG A 509 47.72 36.64 1.87
CA ARG A 509 46.56 37.33 1.30
C ARG A 509 45.86 36.46 0.27
N ASP A 510 46.61 35.70 -0.51
CA ASP A 510 46.00 34.76 -1.44
C ASP A 510 45.15 33.73 -0.70
N ILE A 511 45.69 33.22 0.40
CA ILE A 511 44.95 32.26 1.21
C ILE A 511 43.70 32.90 1.77
N LYS A 512 43.81 34.14 2.24
CA LYS A 512 42.65 34.84 2.78
C LYS A 512 41.59 35.02 1.69
N THR A 513 42.01 35.36 0.48
CA THR A 513 41.07 35.48 -0.62
C THR A 513 40.37 34.15 -0.91
N ALA A 514 41.14 33.07 -0.98
CA ALA A 514 40.55 31.77 -1.28
C ALA A 514 39.54 31.38 -0.21
N VAL A 515 39.89 31.58 1.05
CA VAL A 515 38.99 31.18 2.13
C VAL A 515 37.75 32.06 2.15
N ALA A 516 37.89 33.35 1.85
CA ALA A 516 36.72 34.21 1.76
C ALA A 516 35.78 33.71 0.67
N CYS A 517 36.34 33.41 -0.51
CA CYS A 517 35.51 32.92 -1.60
C CYS A 517 34.80 31.63 -1.20
N SER A 518 35.51 30.73 -0.52
CA SER A 518 34.88 29.51 -0.04
C SER A 518 33.75 29.82 0.92
N LEU A 519 33.97 30.74 1.86
CA LEU A 519 32.92 31.10 2.82
C LEU A 519 31.67 31.57 2.10
N PHE A 520 31.82 32.52 1.18
CA PHE A 520 30.64 32.98 0.45
C PHE A 520 30.15 31.92 -0.53
N GLY A 521 31.06 31.21 -1.19
CA GLY A 521 30.67 30.15 -2.09
C GLY A 521 30.14 30.68 -3.43
N GLY A 522 29.57 29.75 -4.19
CA GLY A 522 29.02 30.07 -5.49
C GLY A 522 27.67 29.41 -5.70
N VAL A 523 26.85 30.06 -6.52
CA VAL A 523 25.50 29.58 -6.79
C VAL A 523 25.56 28.28 -7.57
N PRO A 524 24.92 27.21 -7.09
CA PRO A 524 24.87 25.97 -7.87
C PRO A 524 23.77 26.00 -8.91
N LYS A 525 24.02 25.30 -10.03
CA LYS A 525 23.06 25.19 -11.13
C LYS A 525 22.78 23.70 -11.36
N ASN A 526 21.78 23.17 -10.65
CA ASN A 526 21.46 21.77 -10.74
C ASN A 526 20.66 21.47 -12.01
N VAL A 527 20.63 20.20 -12.38
CA VAL A 527 19.84 19.75 -13.53
C VAL A 527 19.08 18.48 -13.14
N SER A 532 23.46 19.82 -12.60
CA SER A 532 24.13 19.30 -11.42
C SER A 532 25.39 20.09 -11.13
N ILE A 533 25.44 21.33 -11.62
CA ILE A 533 26.60 22.18 -11.40
C ILE A 533 26.77 22.41 -9.90
N ARG A 534 27.95 22.10 -9.39
CA ARG A 534 28.25 22.37 -7.99
C ARG A 534 28.41 23.86 -7.77
N GLY A 535 27.94 24.34 -6.62
CA GLY A 535 28.10 25.73 -6.25
C GLY A 535 29.17 25.90 -5.18
N ASP A 536 29.44 24.82 -4.46
CA ASP A 536 30.47 24.84 -3.44
C ASP A 536 31.83 25.10 -4.07
N ILE A 537 32.76 25.59 -3.25
CA ILE A 537 34.12 25.88 -3.69
C ILE A 537 35.05 25.11 -2.77
N ASN A 538 35.52 23.95 -3.25
CA ASN A 538 36.41 23.11 -2.48
C ASN A 538 37.85 23.63 -2.60
N VAL A 539 38.45 23.94 -1.47
CA VAL A 539 39.77 24.56 -1.42
C VAL A 539 40.68 23.70 -0.56
N LEU A 540 41.85 23.37 -1.07
CA LEU A 540 42.86 22.66 -0.30
C LEU A 540 43.97 23.62 0.08
N LEU A 541 44.51 23.44 1.29
CA LEU A 541 45.37 24.43 1.93
C LEU A 541 46.72 23.81 2.26
N LEU A 542 47.34 23.18 1.26
CA LEU A 542 48.63 22.55 1.48
C LEU A 542 49.65 23.56 2.00
N GLY A 543 50.45 23.13 2.97
CA GLY A 543 51.46 24.01 3.52
C GLY A 543 52.45 23.24 4.37
N ASP A 544 53.56 23.92 4.67
CA ASP A 544 54.57 23.33 5.54
C ASP A 544 53.99 23.22 6.96
N PRO A 545 54.34 22.19 7.72
CA PRO A 545 53.77 22.05 9.06
C PRO A 545 54.09 23.27 9.93
N GLY A 546 53.15 23.62 10.79
CA GLY A 546 53.30 24.80 11.62
C GLY A 546 53.15 26.10 10.89
N THR A 547 52.53 26.08 9.71
CA THR A 547 52.32 27.29 8.94
C THR A 547 50.97 27.95 9.21
N ALA A 548 50.36 27.65 10.35
CA ALA A 548 49.09 28.21 10.82
C ALA A 548 47.90 27.71 10.01
N LYS A 549 48.09 26.83 9.03
CA LYS A 549 46.95 26.38 8.23
C LYS A 549 45.86 25.81 9.12
N SER A 550 46.25 25.01 10.12
CA SER A 550 45.27 24.51 11.09
C SER A 550 44.59 25.68 11.79
N GLN A 551 45.35 26.74 12.10
CA GLN A 551 44.76 27.87 12.81
C GLN A 551 43.74 28.60 11.96
N ILE A 552 44.03 28.81 10.67
CA ILE A 552 43.05 29.46 9.81
C ILE A 552 41.83 28.57 9.62
N LEU A 553 42.05 27.25 9.57
CA LEU A 553 40.90 26.35 9.51
C LEU A 553 40.02 26.51 10.74
N LYS A 554 40.62 26.59 11.92
CA LYS A 554 39.84 26.81 13.13
C LYS A 554 39.14 28.15 13.10
N TYR A 555 39.84 29.19 12.63
CA TYR A 555 39.20 30.50 12.44
C TYR A 555 37.92 30.35 11.64
N VAL A 556 38.00 29.67 10.50
CA VAL A 556 36.80 29.43 9.70
C VAL A 556 35.76 28.70 10.52
N GLU A 557 36.20 27.70 11.29
CA GLU A 557 35.27 26.98 12.16
C GLU A 557 34.49 27.96 13.03
N LYS A 558 35.20 28.86 13.71
CA LYS A 558 34.52 29.90 14.48
C LYS A 558 33.77 30.85 13.57
N THR A 559 34.32 31.17 12.41
CA THR A 559 33.73 32.14 11.50
C THR A 559 32.67 31.54 10.59
N ALA A 560 32.46 30.22 10.66
CA ALA A 560 31.51 29.54 9.80
C ALA A 560 30.17 29.38 10.51
N HIS A 561 29.09 29.76 9.81
CA HIS A 561 27.76 29.56 10.37
C HIS A 561 27.49 28.08 10.61
N ARG A 562 27.70 27.25 9.60
CA ARG A 562 27.71 25.80 9.78
C ARG A 562 28.97 25.26 9.13
N ALA A 563 29.67 24.40 9.86
CA ALA A 563 30.86 23.75 9.32
C ALA A 563 31.14 22.51 10.16
N VAL A 564 31.91 21.60 9.58
CA VAL A 564 32.31 20.37 10.25
C VAL A 564 33.84 20.32 10.20
N PHE A 565 34.47 20.20 11.36
CA PHE A 565 35.92 20.09 11.46
C PHE A 565 36.26 18.67 11.91
N ALA A 566 37.13 18.02 11.15
CA ALA A 566 37.52 16.65 11.42
C ALA A 566 39.00 16.48 11.15
N THR A 567 39.58 15.43 11.74
CA THR A 567 40.99 15.12 11.59
C THR A 567 41.13 13.82 10.80
N GLY A 568 41.93 13.85 9.75
CA GLY A 568 42.07 12.68 8.90
C GLY A 568 42.47 11.44 9.67
N GLN A 569 43.22 11.61 10.76
CA GLN A 569 43.62 10.49 11.60
C GLN A 569 42.64 10.25 12.74
N GLY A 570 42.21 11.31 13.41
CA GLY A 570 41.30 11.22 14.53
C GLY A 570 39.83 11.20 14.16
N ALA A 571 39.50 11.23 12.87
CA ALA A 571 38.11 11.16 12.41
C ALA A 571 37.91 9.83 11.69
N SER A 572 36.77 9.19 11.95
CA SER A 572 36.48 7.90 11.37
C SER A 572 35.78 8.06 10.02
N ALA A 573 36.27 7.32 9.02
CA ALA A 573 35.56 7.26 7.75
C ALA A 573 34.14 6.78 7.95
N VAL A 574 33.92 5.89 8.92
CA VAL A 574 32.56 5.54 9.32
C VAL A 574 31.85 6.74 9.92
N GLY A 575 32.52 7.44 10.85
CA GLY A 575 31.97 8.67 11.40
C GLY A 575 31.81 9.77 10.36
N LEU A 576 32.61 9.73 9.30
CA LEU A 576 32.41 10.61 8.16
C LEU A 576 31.20 10.21 7.35
N THR A 577 30.92 8.92 7.25
CA THR A 577 29.87 8.42 6.36
C THR A 577 28.58 8.08 7.10
N ALA A 578 28.62 7.07 7.96
CA ALA A 578 27.43 6.61 8.68
C ALA A 578 27.83 5.39 9.51
N SER A 579 26.94 4.99 10.41
CA SER A 579 27.09 3.72 11.10
C SER A 579 25.72 3.24 11.55
N VAL A 580 25.64 1.95 11.86
CA VAL A 580 24.39 1.30 12.25
C VAL A 580 24.58 0.63 13.61
N ARG A 581 23.60 0.84 14.49
CA ARG A 581 23.64 0.29 15.83
C ARG A 581 22.21 0.11 16.32
N LYS A 582 22.03 -0.78 17.30
CA LYS A 582 20.72 -0.99 17.88
C LYS A 582 20.26 0.28 18.60
N ASP A 583 18.99 0.63 18.42
CA ASP A 583 18.42 1.80 19.07
C ASP A 583 17.75 1.41 20.39
N GLU A 588 16.39 -3.42 18.90
CA GLU A 588 16.14 -2.35 17.93
C GLU A 588 17.33 -2.26 16.96
N TRP A 589 17.15 -1.53 15.87
CA TRP A 589 18.16 -1.45 14.83
C TRP A 589 18.03 -0.12 14.11
N THR A 590 19.09 0.68 14.16
CA THR A 590 19.04 2.02 13.59
C THR A 590 20.41 2.40 13.06
N LEU A 591 20.41 3.38 12.15
CA LEU A 591 21.62 3.90 11.53
C LEU A 591 21.89 5.30 12.08
N GLU A 592 23.09 5.81 11.81
CA GLU A 592 23.42 7.19 12.08
C GLU A 592 24.21 7.76 10.91
N GLY A 593 24.10 9.07 10.74
CA GLY A 593 24.79 9.74 9.65
C GLY A 593 26.27 9.96 9.96
N GLY A 594 26.95 10.58 9.00
CA GLY A 594 28.36 10.87 9.12
C GLY A 594 28.66 12.36 9.02
N ALA A 595 29.86 12.72 9.46
CA ALA A 595 30.26 14.12 9.50
C ALA A 595 30.08 14.79 8.14
N LEU A 596 30.52 14.12 7.07
CA LEU A 596 30.32 14.66 5.74
C LEU A 596 28.85 14.93 5.49
N VAL A 597 27.99 13.99 5.87
CA VAL A 597 26.55 14.21 5.76
C VAL A 597 26.12 15.37 6.64
N LEU A 598 26.64 15.43 7.87
CA LEU A 598 26.30 16.52 8.76
C LEU A 598 26.59 17.88 8.12
N ALA A 599 27.60 17.94 7.27
CA ALA A 599 27.88 19.16 6.53
C ALA A 599 26.84 19.31 5.43
N ASP A 600 25.92 20.27 5.61
CA ASP A 600 24.86 20.56 4.67
C ASP A 600 25.00 22.01 4.24
N LYS A 601 25.58 22.22 3.05
CA LYS A 601 25.95 23.54 2.56
C LYS A 601 26.95 24.23 3.48
N GLY A 602 27.55 23.49 4.42
CA GLY A 602 28.50 24.04 5.38
C GLY A 602 29.89 23.51 5.12
N VAL A 603 30.86 24.41 5.15
CA VAL A 603 32.25 24.08 4.85
C VAL A 603 32.69 22.90 5.72
N CYS A 604 33.35 21.92 5.09
CA CYS A 604 33.82 20.72 5.80
C CYS A 604 35.33 20.85 5.99
N LEU A 605 35.71 21.43 7.11
CA LEU A 605 37.12 21.56 7.44
C LEU A 605 37.72 20.18 7.68
N ILE A 606 38.88 19.91 7.09
CA ILE A 606 39.52 18.61 7.17
C ILE A 606 40.98 18.76 6.78
N ASP A 607 41.81 17.82 7.24
CA ASP A 607 43.23 17.81 6.94
C ASP A 607 43.75 16.39 7.23
N GLU A 608 45.07 16.24 7.26
CA GLU A 608 45.71 14.97 7.61
C GLU A 608 45.39 13.89 6.58
N PHE A 609 45.44 14.26 5.30
CA PHE A 609 45.10 13.33 4.24
C PHE A 609 46.16 12.24 4.11
N ASP A 614 42.58 6.05 2.51
CA ASP A 614 41.90 4.82 2.89
C ASP A 614 40.39 4.98 2.69
N GLN A 615 39.60 4.36 3.56
CA GLN A 615 38.15 4.47 3.46
C GLN A 615 37.72 5.94 3.37
N ASP A 616 38.38 6.80 4.14
CA ASP A 616 38.12 8.23 4.04
C ASP A 616 38.33 8.71 2.62
N ARG A 617 39.36 8.19 1.96
CA ARG A 617 39.69 8.66 0.63
C ARG A 617 38.56 8.33 -0.36
N THR A 618 38.06 7.09 -0.31
CA THR A 618 36.97 6.71 -1.21
C THR A 618 35.68 7.42 -0.84
N SER A 619 35.47 7.67 0.45
CA SER A 619 34.31 8.45 0.86
C SER A 619 34.35 9.84 0.24
N ILE A 620 35.52 10.47 0.26
CA ILE A 620 35.67 11.77 -0.40
C ILE A 620 35.44 11.62 -1.90
N HIS A 621 36.05 10.59 -2.52
CA HIS A 621 35.82 10.32 -3.93
C HIS A 621 34.34 10.39 -4.26
N GLU A 622 33.54 9.53 -3.63
CA GLU A 622 32.11 9.55 -3.90
C GLU A 622 31.52 10.92 -3.58
N ALA A 623 32.00 11.56 -2.51
CA ALA A 623 31.51 12.88 -2.17
C ALA A 623 31.84 13.90 -3.26
N MET A 624 33.10 13.95 -3.69
CA MET A 624 33.48 14.97 -4.65
C MET A 624 32.78 14.75 -5.99
N GLU A 625 32.67 13.50 -6.42
CA GLU A 625 32.02 13.21 -7.68
C GLU A 625 30.58 13.67 -7.67
N GLN A 626 29.87 13.40 -6.57
CA GLN A 626 28.53 13.90 -6.36
C GLN A 626 28.37 14.20 -4.88
N GLN A 627 27.84 15.38 -4.57
CA GLN A 627 27.78 15.80 -3.18
C GLN A 627 26.72 14.99 -2.45
N SER A 628 26.95 13.68 -2.32
CA SER A 628 26.03 12.79 -1.66
C SER A 628 26.80 11.56 -1.23
N ILE A 629 26.25 10.82 -0.28
CA ILE A 629 26.93 9.69 0.34
C ILE A 629 26.04 8.47 0.16
N SER A 630 26.41 7.59 -0.77
CA SER A 630 25.71 6.32 -0.93
C SER A 630 26.09 5.36 0.18
N ILE A 631 25.16 4.47 0.51
CA ILE A 631 25.40 3.48 1.56
C ILE A 631 24.42 2.33 1.43
N SER A 632 24.92 1.11 1.61
CA SER A 632 24.09 -0.10 1.61
C SER A 632 24.23 -0.88 2.92
N LYS A 633 24.55 -0.18 4.02
CA LYS A 633 24.73 -0.83 5.30
C LYS A 633 23.45 -1.58 5.69
N ALA A 634 23.63 -2.75 6.28
CA ALA A 634 22.51 -3.63 6.63
C ALA A 634 21.69 -4.00 5.39
N GLY A 635 22.36 -4.07 4.23
CA GLY A 635 21.68 -4.40 3.00
C GLY A 635 20.58 -3.43 2.64
N ILE A 636 20.78 -2.15 2.91
CA ILE A 636 19.77 -1.11 2.65
C ILE A 636 20.46 -0.04 1.83
N VAL A 637 20.37 -0.14 0.50
CA VAL A 637 21.04 0.82 -0.37
C VAL A 637 20.31 2.16 -0.30
N THR A 638 21.07 3.23 -0.12
CA THR A 638 20.51 4.57 -0.03
C THR A 638 21.63 5.58 -0.17
N THR A 639 21.26 6.85 -0.29
CA THR A 639 22.22 7.94 -0.45
C THR A 639 21.86 9.06 0.51
N LEU A 640 22.88 9.86 0.86
CA LEU A 640 22.73 10.98 1.78
C LEU A 640 23.35 12.21 1.11
N GLN A 641 22.50 13.13 0.66
CA GLN A 641 22.96 14.33 -0.01
C GLN A 641 23.63 15.29 0.96
N ALA A 642 24.96 15.36 0.91
CA ALA A 642 25.68 16.30 1.77
C ALA A 642 25.55 17.73 1.25
N ARG A 643 25.89 17.94 -0.02
CA ARG A 643 25.78 19.26 -0.65
C ARG A 643 26.40 20.34 0.23
N CYS A 644 27.71 20.21 0.42
CA CYS A 644 28.42 21.08 1.35
C CYS A 644 29.81 21.38 0.81
N SER A 645 30.34 22.53 1.21
CA SER A 645 31.69 22.92 0.81
C SER A 645 32.72 22.16 1.63
N ILE A 646 33.93 22.05 1.06
CA ILE A 646 35.01 21.27 1.65
C ILE A 646 36.27 22.12 1.70
N ILE A 647 37.03 21.96 2.77
CA ILE A 647 38.32 22.63 2.93
C ILE A 647 39.34 21.59 3.37
N ALA A 648 40.48 21.55 2.69
CA ALA A 648 41.51 20.55 2.92
C ALA A 648 42.85 21.22 3.20
N ALA A 649 43.72 20.47 3.87
CA ALA A 649 45.06 20.95 4.18
C ALA A 649 45.92 19.74 4.53
N ALA A 650 47.22 19.87 4.28
CA ALA A 650 48.15 18.78 4.58
C ALA A 650 49.60 19.21 4.37
N ASN A 651 50.53 18.32 4.71
CA ASN A 651 51.95 18.57 4.51
C ASN A 651 52.40 17.89 3.23
N PRO A 652 53.00 18.61 2.27
CA PRO A 652 53.39 17.96 1.01
C PRO A 652 54.27 16.73 1.23
N ASN A 653 53.80 15.58 0.75
CA ASN A 653 54.52 14.32 0.87
C ASN A 653 55.01 14.07 2.30
N GLY A 654 54.28 14.59 3.28
CA GLY A 654 54.71 14.44 4.66
C GLY A 654 56.08 15.02 4.93
N GLY A 655 56.38 16.15 4.30
CA GLY A 655 57.67 16.79 4.50
C GLY A 655 57.68 18.15 3.84
N ARG A 656 58.75 18.89 4.12
CA ARG A 656 58.92 20.23 3.55
C ARG A 656 58.61 20.20 2.06
N TYR A 657 57.83 21.19 1.62
CA TYR A 657 57.43 21.24 0.22
C TYR A 657 58.65 21.20 -0.68
N ASN A 658 58.48 20.63 -1.87
CA ASN A 658 59.57 20.52 -2.84
C ASN A 658 59.15 21.26 -4.10
N SER A 659 59.81 22.38 -4.39
CA SER A 659 59.55 23.09 -5.62
C SER A 659 59.70 22.16 -6.81
N THR A 660 60.75 21.34 -6.81
CA THR A 660 60.91 20.37 -7.89
C THR A 660 59.74 19.39 -7.87
N LEU A 661 59.39 18.90 -9.05
CA LEU A 661 58.24 18.04 -9.24
C LEU A 661 56.97 18.86 -9.05
N PRO A 662 55.91 18.59 -9.79
CA PRO A 662 54.70 19.42 -9.66
C PRO A 662 54.07 19.31 -8.28
N LEU A 663 53.12 20.22 -8.03
CA LEU A 663 52.39 20.21 -6.78
C LEU A 663 51.78 18.84 -6.51
N ALA A 664 51.21 18.21 -7.53
CA ALA A 664 50.64 16.88 -7.34
C ALA A 664 51.71 15.90 -6.87
N GLN A 665 52.90 15.96 -7.47
CA GLN A 665 53.99 15.11 -7.02
C GLN A 665 54.42 15.50 -5.61
N ASN A 666 54.27 16.77 -5.24
CA ASN A 666 54.55 17.19 -3.88
C ASN A 666 53.56 16.61 -2.87
N VAL A 667 52.47 16.01 -3.34
CA VAL A 667 51.49 15.37 -2.49
C VAL A 667 51.28 13.94 -2.99
N SER A 668 50.36 13.23 -2.34
CA SER A 668 50.01 11.87 -2.73
C SER A 668 48.56 11.73 -3.15
N LEU A 669 47.80 12.82 -3.18
CA LEU A 669 46.39 12.73 -3.54
C LEU A 669 46.25 12.33 -5.00
N THR A 670 45.25 11.50 -5.28
CA THR A 670 44.99 11.10 -6.66
C THR A 670 44.56 12.30 -7.48
N GLU A 671 44.98 12.31 -8.74
CA GLU A 671 44.64 13.45 -9.61
C GLU A 671 43.16 13.74 -9.65
N PRO A 672 42.25 12.76 -9.72
CA PRO A 672 40.82 13.09 -9.58
C PRO A 672 40.56 13.97 -8.37
N ILE A 673 41.06 13.56 -7.21
CA ILE A 673 40.87 14.34 -5.99
C ILE A 673 41.33 15.77 -6.22
N LEU A 674 42.53 15.92 -6.80
CA LEU A 674 43.08 17.25 -7.04
C LEU A 674 42.15 18.09 -7.91
N SER A 675 41.70 17.52 -9.03
CA SER A 675 40.87 18.27 -9.96
C SER A 675 39.56 18.68 -9.33
N ARG A 676 38.91 17.78 -8.59
CA ARG A 676 37.60 18.10 -8.04
C ARG A 676 37.67 19.20 -6.97
N PHE A 677 38.85 19.51 -6.46
CA PHE A 677 38.99 20.72 -5.65
C PHE A 677 38.75 21.94 -6.54
N ASP A 678 37.92 22.85 -6.07
CA ASP A 678 37.73 24.10 -6.79
C ASP A 678 39.04 24.85 -6.94
N ILE A 679 39.94 24.70 -5.96
CA ILE A 679 41.23 25.37 -5.97
C ILE A 679 42.14 24.70 -4.97
N LEU A 680 43.45 24.89 -5.12
CA LEU A 680 44.44 24.35 -4.20
C LEU A 680 45.39 25.46 -3.81
N CYS A 681 45.85 25.43 -2.56
CA CYS A 681 46.75 26.45 -2.02
C CYS A 681 48.01 25.79 -1.48
N VAL A 682 49.15 26.40 -1.75
CA VAL A 682 50.46 25.90 -1.33
C VAL A 682 51.12 26.94 -0.46
N VAL A 683 51.72 26.51 0.64
CA VAL A 683 52.46 27.38 1.55
C VAL A 683 53.83 26.78 1.78
N ARG A 684 54.86 27.61 1.67
CA ARG A 684 56.25 27.17 1.79
C ARG A 684 56.96 28.00 2.85
N ASP A 685 57.82 27.34 3.63
CA ASP A 685 58.55 28.02 4.70
C ASP A 685 59.83 28.64 4.14
N LEU A 686 59.69 29.54 3.18
CA LEU A 686 60.84 30.29 2.68
C LEU A 686 61.27 31.32 3.72
N VAL A 687 62.57 31.61 3.74
CA VAL A 687 63.18 32.46 4.76
C VAL A 687 63.54 33.79 4.13
N ASP A 688 63.07 34.87 4.73
CA ASP A 688 63.41 36.23 4.29
C ASP A 688 63.50 37.10 5.53
N GLU A 689 64.69 37.65 5.79
CA GLU A 689 64.92 38.39 7.02
C GLU A 689 63.88 39.49 7.21
N GLU A 690 63.53 40.19 6.14
CA GLU A 690 62.51 41.23 6.24
C GLU A 690 61.15 40.64 6.56
N ALA A 691 60.74 39.62 5.81
CA ALA A 691 59.47 38.97 6.08
C ALA A 691 59.47 38.33 7.45
N ASP A 692 60.59 37.72 7.84
CA ASP A 692 60.69 37.13 9.17
C ASP A 692 60.52 38.19 10.25
N GLU A 693 61.13 39.36 10.06
CA GLU A 693 60.99 40.44 11.04
C GLU A 693 59.54 40.89 11.12
N ARG A 694 58.88 41.06 9.97
CA ARG A 694 57.49 41.47 9.98
C ARG A 694 56.63 40.43 10.69
N LEU A 695 56.88 39.14 10.42
CA LEU A 695 56.13 38.08 11.07
C LEU A 695 56.36 38.10 12.57
N ALA A 696 57.60 38.30 13.00
CA ALA A 696 57.90 38.34 14.43
C ALA A 696 57.19 39.50 15.10
N THR A 697 57.20 40.67 14.46
CA THR A 697 56.49 41.82 15.01
C THR A 697 55.00 41.51 15.13
N PHE A 698 54.43 40.93 14.08
CA PHE A 698 53.01 40.59 14.11
C PHE A 698 52.71 39.61 15.22
N VAL A 699 53.57 38.61 15.40
CA VAL A 699 53.31 37.56 16.39
C VAL A 699 53.41 38.12 17.80
N VAL A 700 54.46 38.92 18.05
CA VAL A 700 54.62 39.48 19.39
C VAL A 700 53.47 40.44 19.70
N ASP A 701 53.06 41.22 18.71
CA ASP A 701 51.91 42.09 18.91
C ASP A 701 50.65 41.29 19.19
N SER A 702 50.48 40.17 18.48
CA SER A 702 49.33 39.31 18.73
C SER A 702 49.34 38.77 20.14
N HIS A 703 50.50 38.31 20.61
CA HIS A 703 50.60 37.80 21.98
C HIS A 703 50.29 38.91 22.99
N VAL A 704 50.84 40.10 22.75
CA VAL A 704 50.60 41.21 23.67
C VAL A 704 49.13 41.56 23.73
N ARG A 705 48.50 41.76 22.57
CA ARG A 705 47.09 42.11 22.55
C ARG A 705 46.25 41.03 23.21
N SER A 706 46.63 39.76 23.02
CA SER A 706 45.86 38.65 23.56
C SER A 706 46.14 38.39 25.02
N HIS A 707 47.18 39.00 25.58
CA HIS A 707 47.52 38.72 26.97
C HIS A 707 46.37 39.13 27.88
N PRO A 708 46.04 38.33 28.89
CA PRO A 708 44.89 38.69 29.74
C PRO A 708 44.99 40.05 30.38
N GLU A 709 46.18 40.47 30.79
CA GLU A 709 46.32 41.74 31.49
C GLU A 709 45.81 42.88 30.62
N ASN A 710 46.55 43.23 29.57
CA ASN A 710 46.25 44.34 28.66
C ASN A 710 45.23 45.33 29.20
N LEU A 745 35.82 44.97 29.01
CA LEU A 745 34.99 44.71 27.83
C LEU A 745 35.05 45.90 26.88
N GLN A 746 34.85 47.10 27.41
CA GLN A 746 34.84 48.29 26.57
C GLN A 746 36.16 48.48 25.85
N ARG A 747 37.24 47.88 26.37
CA ARG A 747 38.54 47.98 25.71
C ARG A 747 38.56 47.18 24.41
N GLN A 748 37.54 46.38 24.12
CA GLN A 748 37.54 45.55 22.92
C GLN A 748 37.69 46.40 21.66
N ARG A 749 37.08 47.59 21.64
CA ARG A 749 37.12 48.42 20.46
C ARG A 749 38.55 48.84 20.11
N LYS A 750 39.36 49.13 21.12
CA LYS A 750 40.78 49.38 20.89
C LYS A 750 41.54 48.08 20.66
N LYS A 751 41.04 46.98 21.23
CA LYS A 751 41.71 45.69 21.09
C LYS A 751 41.74 45.24 19.63
N GLU A 752 40.62 45.38 18.92
CA GLU A 752 40.57 44.92 17.53
C GLU A 752 41.63 45.62 16.69
N GLU A 753 42.06 46.81 17.10
CA GLU A 753 43.20 47.50 16.49
C GLU A 753 43.06 47.67 14.98
N GLU A 754 41.84 47.52 14.46
CA GLU A 754 41.59 47.66 13.03
C GLU A 754 42.40 46.66 12.22
N ILE A 755 42.80 45.55 12.85
CA ILE A 755 43.41 44.47 12.09
C ILE A 755 42.43 43.93 11.06
N SER A 756 41.14 43.95 11.39
CA SER A 756 40.06 43.63 10.48
C SER A 756 39.31 44.89 10.10
N PRO A 757 39.29 45.26 8.82
CA PRO A 757 38.57 46.49 8.44
C PRO A 757 37.11 46.48 8.86
N ILE A 758 36.46 45.31 8.84
CA ILE A 758 35.07 45.20 9.24
C ILE A 758 34.99 44.43 10.56
N PRO A 759 34.06 44.74 11.44
CA PRO A 759 33.90 43.93 12.67
C PRO A 759 33.58 42.48 12.33
N GLN A 760 34.09 41.56 13.14
CA GLN A 760 33.93 40.14 12.85
C GLN A 760 32.47 39.73 12.87
N GLU A 761 31.70 40.22 13.84
CA GLU A 761 30.28 39.83 13.92
C GLU A 761 29.53 40.31 12.69
N LEU A 762 29.71 41.59 12.34
CA LEU A 762 29.10 42.11 11.14
C LEU A 762 29.49 41.28 9.94
N LEU A 763 30.75 40.83 9.89
CA LEU A 763 31.19 40.01 8.77
C LEU A 763 30.45 38.67 8.74
N MET A 764 30.32 38.02 9.90
CA MET A 764 29.67 36.71 9.95
C MET A 764 28.24 36.84 9.44
N LYS A 765 27.53 37.85 9.97
CA LYS A 765 26.20 38.13 9.46
C LYS A 765 26.25 38.49 7.97
N TYR A 766 27.34 39.09 7.52
CA TYR A 766 27.47 39.45 6.11
C TYR A 766 27.47 38.22 5.23
N ILE A 767 28.30 37.23 5.58
CA ILE A 767 28.31 35.98 4.81
C ILE A 767 26.93 35.32 4.86
N HIS A 768 26.34 35.26 6.05
CA HIS A 768 25.05 34.60 6.16
C HIS A 768 24.02 35.27 5.25
N TYR A 769 23.91 36.59 5.36
CA TYR A 769 22.92 37.35 4.61
C TYR A 769 23.19 37.26 3.11
N ALA A 770 24.45 37.34 2.71
CA ALA A 770 24.79 37.29 1.29
C ALA A 770 24.44 35.93 0.70
N ARG A 771 24.85 34.86 1.37
CA ARG A 771 24.52 33.53 0.87
C ARG A 771 23.02 33.33 0.80
N THR A 772 22.29 33.80 1.81
CA THR A 772 20.84 33.65 1.82
C THR A 772 20.17 34.44 0.70
N LYS A 773 20.68 35.63 0.39
CA LYS A 773 19.99 36.55 -0.51
C LYS A 773 20.71 36.77 -1.83
N ILE A 774 22.04 36.82 -1.83
CA ILE A 774 22.77 37.16 -3.05
C ILE A 774 22.94 35.91 -3.90
N TYR A 775 22.50 36.00 -5.15
CA TYR A 775 22.61 34.90 -6.11
C TYR A 775 23.18 35.45 -7.41
N PRO A 776 24.51 35.51 -7.53
CA PRO A 776 25.13 36.14 -8.70
C PRO A 776 24.56 35.67 -10.03
N LYS A 777 24.47 36.59 -10.99
CA LYS A 777 24.02 36.27 -12.34
C LYS A 777 25.22 36.44 -13.27
N LEU A 778 25.54 35.37 -14.01
CA LEU A 778 26.70 35.41 -14.88
C LEU A 778 26.43 36.29 -16.09
N HIS A 779 27.49 36.94 -16.59
CA HIS A 779 27.38 37.95 -17.64
C HIS A 779 27.74 37.32 -18.97
N GLN A 780 26.72 36.78 -19.66
CA GLN A 780 26.95 36.04 -20.90
C GLN A 780 27.88 36.81 -21.85
N MET A 781 27.63 38.10 -22.01
CA MET A 781 28.50 38.92 -22.85
C MET A 781 29.95 38.84 -22.37
N ASP A 782 30.15 38.95 -21.06
CA ASP A 782 31.48 38.71 -20.50
C ASP A 782 31.86 37.24 -20.61
N MET A 783 30.87 36.34 -20.58
CA MET A 783 31.19 34.92 -20.62
C MET A 783 31.78 34.54 -21.98
N ASP A 784 31.55 35.36 -23.01
CA ASP A 784 32.23 35.12 -24.28
C ASP A 784 33.73 35.33 -24.14
N LYS A 785 34.14 36.43 -23.52
CA LYS A 785 35.56 36.62 -23.21
C LYS A 785 36.06 35.50 -22.30
N VAL A 786 35.20 35.02 -21.40
CA VAL A 786 35.57 33.87 -20.58
C VAL A 786 35.87 32.67 -21.45
N SER A 787 35.03 32.43 -22.46
CA SER A 787 35.23 31.30 -23.36
C SER A 787 36.57 31.40 -24.06
N ARG A 788 36.85 32.55 -24.67
CA ARG A 788 38.11 32.69 -25.41
C ARG A 788 39.31 32.61 -24.45
N VAL A 789 39.15 33.11 -23.23
CA VAL A 789 40.22 33.03 -22.26
C VAL A 789 40.50 31.58 -21.89
N TYR A 790 39.43 30.80 -21.66
CA TYR A 790 39.63 29.39 -21.35
C TYR A 790 40.26 28.66 -22.52
N ALA A 791 39.91 29.06 -23.74
CA ALA A 791 40.55 28.46 -24.91
C ALA A 791 42.03 28.76 -24.92
N ASP A 792 42.41 30.00 -24.59
CA ASP A 792 43.83 30.34 -24.50
C ASP A 792 44.52 29.50 -23.44
N LEU A 793 43.86 29.33 -22.28
CA LEU A 793 44.43 28.53 -21.21
C LEU A 793 44.60 27.09 -21.67
N ARG A 794 43.63 26.56 -22.42
CA ARG A 794 43.76 25.21 -22.97
C ARG A 794 44.93 25.12 -23.92
N ARG A 795 45.11 26.12 -24.77
CA ARG A 795 46.25 26.12 -25.68
C ARG A 795 47.56 26.06 -24.91
N GLU A 796 47.68 26.89 -23.87
CA GLU A 796 48.92 26.90 -23.10
C GLU A 796 49.09 25.62 -22.30
N SER A 797 47.99 25.01 -21.85
CA SER A 797 48.08 23.71 -21.19
C SER A 797 48.63 22.67 -22.15
N ILE A 798 48.16 22.68 -23.40
CA ILE A 798 48.73 21.81 -24.41
C ILE A 798 50.20 22.12 -24.61
N SER A 799 50.57 23.41 -24.54
CA SER A 799 51.98 23.76 -24.65
C SER A 799 52.81 23.05 -23.58
N THR A 800 52.22 22.82 -22.42
CA THR A 800 52.89 22.07 -21.36
C THR A 800 51.94 21.78 -20.21
N PRO A 804 47.79 21.38 -18.61
CA PRO A 804 46.62 20.49 -18.46
C PRO A 804 45.44 21.18 -17.79
N ILE A 805 44.55 21.77 -18.58
CA ILE A 805 43.35 22.40 -18.06
C ILE A 805 42.18 21.45 -18.29
N THR A 806 41.08 21.73 -17.61
CA THR A 806 39.87 20.91 -17.69
C THR A 806 38.66 21.83 -17.56
N VAL A 807 37.52 21.33 -18.05
CA VAL A 807 36.28 22.08 -17.89
C VAL A 807 36.03 22.36 -16.41
N ARG A 808 36.52 21.48 -15.53
CA ARG A 808 36.41 21.74 -14.10
C ARG A 808 37.05 23.06 -13.73
N HIS A 809 38.16 23.41 -14.39
CA HIS A 809 38.79 24.70 -14.15
C HIS A 809 37.85 25.84 -14.55
N LEU A 810 37.17 25.69 -15.68
CA LEU A 810 36.21 26.70 -16.11
C LEU A 810 35.09 26.86 -15.08
N GLU A 811 34.57 25.73 -14.60
CA GLU A 811 33.50 25.78 -13.61
C GLU A 811 33.99 26.41 -12.31
N SER A 812 35.22 26.13 -11.92
CA SER A 812 35.79 26.76 -10.74
C SER A 812 35.91 28.27 -10.92
N ILE A 813 36.35 28.70 -12.11
CA ILE A 813 36.43 30.12 -12.39
C ILE A 813 35.05 30.75 -12.27
N LEU A 814 34.04 30.10 -12.84
CA LEU A 814 32.68 30.63 -12.74
C LEU A 814 32.21 30.70 -11.29
N ARG A 815 32.44 29.63 -10.53
CA ARG A 815 32.00 29.59 -9.14
C ARG A 815 32.67 30.69 -8.33
N ILE A 816 33.97 30.89 -8.53
CA ILE A 816 34.68 31.86 -7.72
C ILE A 816 34.36 33.27 -8.18
N ALA A 817 34.03 33.46 -9.46
CA ALA A 817 33.51 34.75 -9.89
C ALA A 817 32.17 35.04 -9.20
N GLU A 818 31.30 34.04 -9.12
CA GLU A 818 30.06 34.20 -8.38
C GLU A 818 30.34 34.55 -6.93
N SER A 819 31.33 33.90 -6.33
CA SER A 819 31.69 34.19 -4.95
C SER A 819 32.20 35.62 -4.81
N PHE A 820 33.00 36.08 -5.77
CA PHE A 820 33.43 37.48 -5.76
C PHE A 820 32.24 38.41 -5.77
N ALA A 821 31.29 38.14 -6.65
CA ALA A 821 30.07 38.95 -6.69
C ALA A 821 29.36 38.93 -5.34
N LYS A 822 29.30 37.75 -4.72
CA LYS A 822 28.59 37.62 -3.44
C LYS A 822 29.28 38.43 -2.35
N MET A 823 30.61 38.38 -2.29
CA MET A 823 31.32 39.10 -1.24
C MET A 823 30.95 40.58 -1.24
N ARG A 824 30.68 41.16 -2.41
CA ARG A 824 30.22 42.54 -2.50
C ARG A 824 28.72 42.63 -2.75
N LEU A 825 27.96 41.61 -2.35
CA LEU A 825 26.51 41.61 -2.45
C LEU A 825 26.06 41.98 -3.87
N SER A 826 26.66 41.29 -4.84
CA SER A 826 26.32 41.47 -6.24
C SER A 826 25.59 40.24 -6.72
N GLU A 827 24.31 40.40 -7.05
CA GLU A 827 23.53 39.34 -7.68
C GLU A 827 23.78 39.25 -9.17
N PHE A 828 24.58 40.15 -9.73
CA PHE A 828 24.98 40.11 -11.13
C PHE A 828 26.51 40.04 -11.18
N VAL A 829 27.04 38.95 -11.73
CA VAL A 829 28.48 38.82 -11.87
C VAL A 829 28.98 39.85 -12.88
N SER A 830 30.06 40.53 -12.53
CA SER A 830 30.66 41.55 -13.38
C SER A 830 31.98 41.06 -13.95
N SER A 831 32.51 41.81 -14.91
CA SER A 831 33.78 41.45 -15.52
C SER A 831 34.91 41.41 -14.50
N TYR A 832 34.80 42.18 -13.43
CA TYR A 832 35.85 42.21 -12.41
C TYR A 832 35.85 40.92 -11.60
N ASP A 833 34.65 40.42 -11.27
CA ASP A 833 34.57 39.10 -10.67
C ASP A 833 35.31 38.07 -11.52
N LEU A 834 35.08 38.12 -12.83
CA LEU A 834 35.71 37.17 -13.74
C LEU A 834 37.22 37.39 -13.81
N ASP A 835 37.66 38.64 -13.74
CA ASP A 835 39.08 38.92 -13.77
C ASP A 835 39.78 38.34 -12.55
N ARG A 836 39.19 38.55 -11.37
CA ARG A 836 39.76 37.98 -10.15
C ARG A 836 39.72 36.46 -10.21
N ALA A 837 38.63 35.89 -10.71
CA ALA A 837 38.54 34.45 -10.85
C ALA A 837 39.63 33.92 -11.77
N ILE A 838 39.84 34.61 -12.90
CA ILE A 838 40.86 34.19 -13.85
C ILE A 838 42.23 34.22 -13.19
N LYS A 839 42.54 35.32 -12.50
CA LYS A 839 43.85 35.41 -11.85
C LYS A 839 44.03 34.31 -10.83
N VAL A 840 43.02 34.08 -9.99
CA VAL A 840 43.14 33.10 -8.92
C VAL A 840 43.31 31.69 -9.48
N VAL A 841 42.49 31.34 -10.47
CA VAL A 841 42.55 30.00 -11.03
C VAL A 841 43.85 29.81 -11.80
N VAL A 842 44.31 30.86 -12.49
CA VAL A 842 45.57 30.76 -13.22
C VAL A 842 46.72 30.55 -12.24
N ASP A 843 46.66 31.23 -11.09
CA ASP A 843 47.67 30.98 -10.06
C ASP A 843 47.60 29.54 -9.57
N SER A 844 46.40 29.05 -9.28
CA SER A 844 46.26 27.69 -8.81
C SER A 844 46.74 26.69 -9.85
N PHE A 845 46.73 27.09 -11.12
CA PHE A 845 47.35 26.27 -12.15
C PHE A 845 48.86 26.43 -12.13
N VAL A 846 49.34 27.63 -11.80
CA VAL A 846 50.78 27.89 -11.79
C VAL A 846 51.46 27.07 -10.71
N ASP A 847 50.79 26.88 -9.57
CA ASP A 847 51.38 26.08 -8.50
C ASP A 847 51.85 24.72 -9.01
N ALA A 848 51.30 24.26 -10.12
CA ALA A 848 51.79 23.03 -10.73
C ALA A 848 53.17 23.27 -11.36
N GLN A 849 54.02 22.25 -11.27
CA GLN A 849 55.29 22.22 -11.98
C GLN A 849 56.13 23.47 -11.75
N LYS A 850 56.59 23.71 -10.52
CA LYS A 850 57.42 24.88 -10.24
C LYS A 850 58.71 24.90 -11.04
N VAL A 851 59.67 24.03 -10.72
CA VAL A 851 60.95 24.10 -11.39
C VAL A 851 60.84 23.72 -12.85
N SER A 852 59.84 22.90 -13.20
CA SER A 852 59.67 22.48 -14.58
C SER A 852 59.34 23.67 -15.47
N VAL A 853 58.20 24.33 -15.20
CA VAL A 853 57.64 25.27 -16.17
C VAL A 853 57.25 26.61 -15.56
N ARG A 854 57.36 26.76 -14.23
CA ARG A 854 56.80 27.93 -13.57
C ARG A 854 57.15 29.21 -14.32
N ARG A 855 58.41 29.37 -14.73
CA ARG A 855 58.81 30.59 -15.43
C ARG A 855 58.08 30.72 -16.76
N GLN A 856 57.98 29.61 -17.51
CA GLN A 856 57.34 29.67 -18.82
C GLN A 856 55.86 30.02 -18.67
N LEU A 857 55.20 29.41 -17.70
CA LEU A 857 53.81 29.74 -17.40
C LEU A 857 53.69 31.20 -16.99
N ARG A 858 54.63 31.69 -16.18
CA ARG A 858 54.60 33.08 -15.77
C ARG A 858 54.65 34.01 -16.97
N ARG A 859 55.58 33.73 -17.89
CA ARG A 859 55.68 34.56 -19.09
C ARG A 859 54.43 34.46 -19.94
N SER A 860 53.87 33.25 -20.05
CA SER A 860 52.68 33.06 -20.88
C SER A 860 51.48 33.82 -20.32
N PHE A 861 51.27 33.74 -19.01
CA PHE A 861 50.04 34.24 -18.39
C PHE A 861 50.24 35.55 -17.63
N ALA A 862 51.38 36.22 -17.80
CA ALA A 862 51.58 37.48 -17.11
C ALA A 862 50.47 38.46 -17.42
N ILE A 863 49.88 38.36 -18.61
CA ILE A 863 48.81 39.26 -19.02
C ILE A 863 47.46 38.69 -18.64
N TYR A 864 47.33 37.37 -18.70
CA TYR A 864 46.06 36.74 -18.38
C TYR A 864 45.72 36.85 -16.91
N THR A 865 46.71 36.70 -16.03
CA THR A 865 46.48 36.69 -14.59
C THR A 865 46.79 38.04 -13.96
N LEU A 866 47.90 38.67 -14.33
CA LEU A 866 48.29 39.94 -13.74
C LEU A 866 48.03 41.13 -14.64
N GLY A 867 48.07 40.95 -15.96
CA GLY A 867 47.78 42.05 -16.86
C GLY A 867 46.33 42.47 -16.75
N HIS A 868 46.08 43.75 -16.99
CA HIS A 868 44.74 44.31 -16.88
C HIS A 868 44.60 45.57 -17.72
N ASP B 18 -13.67 -39.98 9.44
CA ASP B 18 -14.01 -41.29 9.99
C ASP B 18 -14.57 -42.20 8.89
N ALA B 19 -15.90 -42.20 8.74
CA ALA B 19 -16.49 -42.95 7.64
C ALA B 19 -15.88 -42.54 6.32
N VAL B 20 -15.67 -41.24 6.12
CA VAL B 20 -14.95 -40.78 4.94
C VAL B 20 -13.52 -41.34 4.95
N PHE B 21 -12.91 -41.43 6.13
CA PHE B 21 -11.54 -41.94 6.20
C PHE B 21 -11.49 -43.40 5.75
N GLY B 22 -12.39 -44.23 6.28
CA GLY B 22 -12.41 -45.62 5.86
C GLY B 22 -12.79 -45.79 4.40
N ASP B 23 -13.70 -44.94 3.92
CA ASP B 23 -14.05 -44.98 2.50
C ASP B 23 -12.85 -44.67 1.64
N ARG B 24 -12.06 -43.66 2.04
CA ARG B 24 -10.84 -43.35 1.31
C ARG B 24 -9.85 -44.50 1.41
N VAL B 25 -9.79 -45.15 2.57
CA VAL B 25 -8.89 -46.28 2.73
C VAL B 25 -9.22 -47.37 1.71
N ARG B 26 -10.49 -47.74 1.63
CA ARG B 26 -10.86 -48.81 0.70
C ARG B 26 -10.74 -48.33 -0.75
N ARG B 27 -10.96 -47.04 -1.00
CA ARG B 27 -10.79 -46.52 -2.35
C ARG B 27 -9.33 -46.64 -2.78
N PHE B 28 -8.40 -46.30 -1.89
CA PHE B 28 -6.99 -46.46 -2.20
C PHE B 28 -6.61 -47.93 -2.30
N GLN B 29 -7.28 -48.79 -1.54
CA GLN B 29 -7.08 -50.23 -1.70
C GLN B 29 -7.45 -50.64 -3.13
N GLU B 30 -8.57 -50.15 -3.62
CA GLU B 30 -8.96 -50.41 -5.01
C GLU B 30 -7.92 -49.86 -5.97
N PHE B 31 -7.43 -48.65 -5.70
CA PHE B 31 -6.40 -48.06 -6.55
C PHE B 31 -5.18 -48.96 -6.62
N LEU B 32 -4.71 -49.44 -5.47
CA LEU B 32 -3.58 -50.35 -5.45
C LEU B 32 -3.88 -51.61 -6.24
N ASP B 33 -5.09 -52.16 -6.07
CA ASP B 33 -5.48 -53.32 -6.85
C ASP B 33 -5.40 -53.03 -8.34
N THR B 34 -5.68 -51.79 -8.73
CA THR B 34 -5.68 -51.44 -10.15
C THR B 34 -4.30 -51.61 -10.76
N PHE B 35 -3.27 -51.16 -10.06
CA PHE B 35 -1.89 -51.21 -10.54
C PHE B 35 -1.12 -52.17 -9.66
N THR B 36 -1.06 -53.43 -10.07
CA THR B 36 -0.30 -54.43 -9.32
C THR B 36 1.17 -54.04 -9.21
N SER B 37 1.66 -53.22 -10.14
CA SER B 37 3.06 -52.80 -10.09
C SER B 37 3.41 -52.25 -8.72
N TYR B 38 2.49 -51.49 -8.12
CA TYR B 38 2.72 -51.02 -6.76
C TYR B 38 2.80 -52.19 -5.79
N ARG B 39 1.85 -53.11 -5.88
CA ARG B 39 1.87 -54.28 -5.01
C ARG B 39 3.09 -55.14 -5.30
N ASP B 40 3.46 -55.25 -6.57
CA ASP B 40 4.65 -56.01 -6.92
C ASP B 40 5.90 -55.40 -6.28
N SER B 41 6.01 -54.08 -6.33
CA SER B 41 7.15 -53.40 -5.72
C SER B 41 7.14 -53.58 -4.21
N VAL B 42 5.95 -53.53 -3.61
CA VAL B 42 5.84 -53.75 -2.17
C VAL B 42 6.34 -55.15 -1.82
N ARG B 43 5.94 -56.14 -2.62
CA ARG B 43 6.38 -57.50 -2.34
C ARG B 43 7.87 -57.62 -2.54
N SER B 44 8.42 -56.93 -3.55
CA SER B 44 9.87 -56.95 -3.73
C SER B 44 10.57 -56.38 -2.52
N ILE B 45 10.06 -55.27 -1.98
CA ILE B 45 10.64 -54.69 -0.77
C ILE B 45 10.59 -55.69 0.37
N GLN B 46 9.42 -56.29 0.58
CA GLN B 46 9.25 -57.21 1.70
C GLN B 46 10.17 -58.41 1.58
N VAL B 47 10.20 -58.98 0.37
CA VAL B 47 11.06 -60.18 0.15
C VAL B 47 12.52 -59.75 0.26
N TYR B 48 12.87 -58.58 -0.28
CA TYR B 48 14.29 -58.15 -0.26
C TYR B 48 14.75 -58.07 1.20
N ASN B 49 13.98 -57.36 2.02
CA ASN B 49 14.37 -57.17 3.44
C ASN B 49 14.46 -58.54 4.12
N SER B 50 13.50 -59.42 3.82
CA SER B 50 13.49 -60.75 4.47
C SER B 50 14.78 -61.51 4.13
N ASN B 51 15.16 -61.52 2.85
CA ASN B 51 16.37 -62.28 2.43
C ASN B 51 17.61 -61.61 3.01
N ASN B 52 17.60 -60.29 3.13
CA ASN B 52 18.75 -59.57 3.75
C ASN B 52 18.88 -60.07 5.19
N ALA B 53 17.78 -60.13 5.93
CA ALA B 53 17.80 -60.61 7.32
C ALA B 53 18.30 -62.06 7.35
N ALA B 54 17.89 -62.86 6.38
CA ALA B 54 18.37 -64.26 6.29
C ALA B 54 19.88 -64.27 6.00
N ASN B 55 20.61 -65.20 6.61
CA ASN B 55 22.08 -65.34 6.34
C ASN B 55 22.77 -63.98 6.32
N TYR B 56 22.71 -63.23 7.43
CA TYR B 56 23.45 -61.94 7.52
C TYR B 56 24.87 -62.24 8.05
N ASN B 57 25.83 -62.43 7.15
CA ASN B 57 27.21 -62.80 7.57
C ASN B 57 27.82 -61.69 8.43
N ASP B 58 27.58 -60.42 8.07
CA ASP B 58 28.18 -59.29 8.81
C ASP B 58 29.70 -59.47 8.86
N ASN B 90 21.77 -53.45 3.88
CA ASN B 90 20.77 -52.37 4.10
C ASN B 90 19.36 -52.94 3.95
N ILE B 91 18.38 -52.31 4.58
CA ILE B 91 16.96 -52.77 4.47
C ILE B 91 16.15 -51.70 3.74
N LEU B 92 15.47 -52.08 2.67
CA LEU B 92 14.61 -51.12 1.92
C LEU B 92 13.61 -50.49 2.90
N PRO B 93 13.46 -49.15 2.94
CA PRO B 93 12.44 -48.53 3.79
C PRO B 93 11.05 -48.80 3.27
N HIS B 94 10.08 -48.85 4.19
CA HIS B 94 8.69 -49.06 3.80
C HIS B 94 8.11 -47.79 3.19
N ARG B 95 8.33 -47.61 1.90
CA ARG B 95 7.85 -46.41 1.21
C ARG B 95 7.64 -46.74 -0.26
N ILE B 96 6.64 -46.10 -0.85
CA ILE B 96 6.26 -46.34 -2.24
C ILE B 96 6.05 -45.01 -2.92
N ILE B 97 6.45 -44.93 -4.19
CA ILE B 97 6.25 -43.71 -4.98
C ILE B 97 5.12 -44.03 -5.97
N ILE B 98 3.90 -43.68 -5.57
CA ILE B 98 2.75 -43.91 -6.44
C ILE B 98 2.70 -42.83 -7.50
N SER B 99 2.60 -43.24 -8.76
CA SER B 99 2.50 -42.29 -9.86
C SER B 99 1.25 -41.45 -9.70
N LEU B 100 1.42 -40.13 -9.64
CA LEU B 100 0.27 -39.25 -9.47
C LEU B 100 -0.71 -39.40 -10.62
N ASP B 101 -0.20 -39.52 -11.84
CA ASP B 101 -1.07 -39.68 -13.00
C ASP B 101 -1.94 -40.92 -12.88
N ASP B 102 -1.38 -41.99 -12.29
CA ASP B 102 -2.18 -43.18 -12.08
C ASP B 102 -3.41 -42.88 -11.24
N LEU B 103 -3.22 -42.12 -10.17
CA LEU B 103 -4.36 -41.73 -9.34
C LEU B 103 -5.31 -40.84 -10.12
N ARG B 104 -4.77 -39.86 -10.86
CA ARG B 104 -5.63 -38.97 -11.62
C ARG B 104 -6.53 -39.75 -12.57
N GLU B 105 -5.99 -40.82 -13.17
CA GLU B 105 -6.78 -41.59 -14.12
C GLU B 105 -7.75 -42.53 -13.41
N PHE B 106 -7.26 -43.28 -12.43
CA PHE B 106 -8.11 -44.26 -11.76
C PHE B 106 -9.29 -43.58 -11.09
N ASP B 107 -9.05 -42.49 -10.37
CA ASP B 107 -10.10 -41.77 -9.67
C ASP B 107 -9.66 -40.31 -9.55
N ARG B 108 -10.16 -39.47 -10.45
CA ARG B 108 -9.79 -38.06 -10.42
C ARG B 108 -10.23 -37.40 -9.13
N SER B 109 -11.34 -37.84 -8.54
CA SER B 109 -11.80 -37.26 -7.29
C SER B 109 -10.76 -37.45 -6.19
N PHE B 110 -10.32 -38.69 -5.99
CA PHE B 110 -9.33 -38.97 -4.95
C PHE B 110 -8.02 -38.26 -5.24
N TRP B 111 -7.63 -38.23 -6.51
CA TRP B 111 -6.39 -37.56 -6.91
C TRP B 111 -6.45 -36.07 -6.56
N SER B 112 -7.55 -35.42 -6.91
CA SER B 112 -7.72 -34.01 -6.58
C SER B 112 -7.73 -33.80 -5.07
N GLY B 113 -8.40 -34.68 -4.35
CA GLY B 113 -8.41 -34.57 -2.90
C GLY B 113 -7.02 -34.65 -2.31
N ILE B 114 -6.22 -35.59 -2.82
CA ILE B 114 -4.83 -35.70 -2.37
C ILE B 114 -4.09 -34.40 -2.64
N LEU B 115 -4.18 -33.90 -3.87
CA LEU B 115 -3.41 -32.71 -4.23
C LEU B 115 -3.83 -31.50 -3.41
N VAL B 116 -5.12 -31.32 -3.18
CA VAL B 116 -5.64 -30.14 -2.52
C VAL B 116 -5.73 -30.34 -1.00
N GLU B 117 -6.31 -31.45 -0.58
CA GLU B 117 -6.46 -31.71 0.85
C GLU B 117 -5.64 -32.93 1.23
N PRO B 118 -4.31 -32.86 1.14
CA PRO B 118 -3.51 -34.02 1.54
C PRO B 118 -3.75 -34.45 2.97
N ALA B 119 -4.00 -33.49 3.88
CA ALA B 119 -4.19 -33.85 5.27
C ALA B 119 -5.37 -34.78 5.47
N TYR B 120 -6.31 -34.83 4.54
CA TYR B 120 -7.49 -35.65 4.66
C TYR B 120 -7.50 -36.87 3.75
N PHE B 121 -6.54 -36.98 2.84
CA PHE B 121 -6.48 -38.08 1.89
C PHE B 121 -5.22 -38.90 2.03
N ILE B 122 -4.06 -38.26 2.13
CA ILE B 122 -2.81 -38.99 2.32
C ILE B 122 -2.85 -39.89 3.54
N PRO B 123 -3.36 -39.45 4.69
CA PRO B 123 -3.36 -40.33 5.87
C PRO B 123 -4.06 -41.65 5.58
N PRO B 124 -5.33 -41.61 5.14
CA PRO B 124 -5.99 -42.88 4.82
C PRO B 124 -5.31 -43.64 3.70
N ALA B 125 -4.69 -42.94 2.75
CA ALA B 125 -4.00 -43.62 1.68
C ALA B 125 -2.84 -44.46 2.21
N GLU B 126 -1.99 -43.85 3.02
CA GLU B 126 -0.88 -44.60 3.62
C GLU B 126 -1.40 -45.69 4.55
N LYS B 127 -2.51 -45.42 5.24
CA LYS B 127 -3.11 -46.45 6.07
C LYS B 127 -3.45 -47.67 5.23
N ALA B 128 -4.13 -47.46 4.11
CA ALA B 128 -4.51 -48.56 3.23
C ALA B 128 -3.28 -49.27 2.70
N LEU B 129 -2.26 -48.52 2.31
CA LEU B 129 -1.05 -49.12 1.79
C LEU B 129 -0.41 -50.02 2.84
N THR B 130 -0.31 -49.53 4.08
CA THR B 130 0.28 -50.31 5.14
C THR B 130 -0.53 -51.57 5.41
N ASP B 131 -1.86 -51.45 5.40
CA ASP B 131 -2.70 -52.61 5.65
C ASP B 131 -2.51 -53.65 4.54
N LEU B 132 -2.47 -53.20 3.29
CA LEU B 132 -2.26 -54.13 2.19
C LEU B 132 -0.92 -54.82 2.33
N ALA B 133 0.12 -54.06 2.64
CA ALA B 133 1.44 -54.67 2.83
C ALA B 133 1.40 -55.72 3.93
N ASP B 134 0.86 -55.36 5.10
CA ASP B 134 0.88 -56.27 6.23
C ASP B 134 0.11 -57.54 5.94
N SER B 135 -1.15 -57.40 5.49
CA SER B 135 -1.93 -58.57 5.14
C SER B 135 -1.21 -59.42 4.12
N MET B 136 -0.72 -58.79 3.05
CA MET B 136 0.04 -59.50 2.03
C MET B 136 1.39 -59.96 2.57
N ASP B 137 1.97 -59.23 3.51
CA ASP B 137 3.26 -59.62 4.07
C ASP B 137 3.10 -60.84 4.97
N ASP B 138 4.15 -61.67 5.00
CA ASP B 138 4.15 -62.83 5.88
C ASP B 138 4.42 -62.45 7.33
N VAL B 139 5.26 -61.45 7.55
CA VAL B 139 5.69 -61.03 8.89
C VAL B 139 5.93 -62.26 9.76
N PRO B 140 6.84 -63.15 9.36
CA PRO B 140 7.08 -64.36 10.16
C PRO B 140 7.99 -64.09 11.35
N HIS B 141 7.67 -64.75 12.47
CA HIS B 141 8.44 -64.69 13.72
C HIS B 141 9.01 -63.29 13.95
N PRO B 142 8.17 -62.26 13.95
CA PRO B 142 8.69 -60.90 14.18
C PRO B 142 9.32 -60.79 15.57
N ASN B 143 10.41 -60.02 15.65
CA ASN B 143 11.06 -59.79 16.93
C ASN B 143 10.13 -59.02 17.85
N ALA B 144 10.37 -59.16 19.16
CA ALA B 144 9.58 -58.41 20.13
C ALA B 144 9.59 -56.92 19.79
N SER B 145 10.76 -56.39 19.44
CA SER B 145 10.83 -55.01 18.96
C SER B 145 10.05 -54.86 17.65
N ALA B 146 10.17 -55.83 16.75
CA ALA B 146 9.42 -55.76 15.50
C ALA B 146 7.93 -55.78 15.76
N VAL B 147 7.50 -56.53 16.78
CA VAL B 147 6.08 -56.55 17.14
C VAL B 147 5.63 -55.15 17.54
N SER B 148 6.41 -54.47 18.37
CA SER B 148 6.10 -53.12 18.82
C SER B 148 6.51 -52.06 17.80
N SER B 149 7.26 -52.44 16.77
CA SER B 149 7.72 -51.44 15.80
C SER B 149 6.54 -50.79 15.10
N ARG B 150 5.56 -51.58 14.68
CA ARG B 150 4.43 -51.06 13.91
C ARG B 150 4.92 -50.24 12.72
N HIS B 151 6.09 -50.61 12.19
CA HIS B 151 6.74 -49.83 11.16
C HIS B 151 5.83 -49.75 9.94
N PRO B 152 5.23 -48.60 9.66
CA PRO B 152 4.25 -48.50 8.58
C PRO B 152 4.92 -48.25 7.23
N TRP B 153 4.08 -48.09 6.21
CA TRP B 153 4.53 -47.83 4.86
C TRP B 153 4.20 -46.40 4.47
N LYS B 154 5.16 -45.71 3.87
CA LYS B 154 4.97 -44.34 3.46
C LYS B 154 4.64 -44.26 1.97
N LEU B 155 4.15 -43.10 1.55
CA LEU B 155 3.74 -42.87 0.18
C LEU B 155 4.60 -41.76 -0.44
N SER B 156 4.56 -41.70 -1.77
CA SER B 156 5.32 -40.70 -2.50
C SER B 156 4.77 -40.61 -3.91
N PHE B 157 5.15 -39.54 -4.61
CA PHE B 157 4.58 -39.20 -5.90
C PHE B 157 5.67 -38.77 -6.87
N LYS B 158 5.39 -38.90 -8.16
CA LYS B 158 6.37 -38.61 -9.20
C LYS B 158 5.75 -37.73 -10.28
N GLY B 159 6.27 -36.51 -10.39
CA GLY B 159 5.99 -35.65 -11.53
C GLY B 159 4.53 -35.33 -11.74
N SER B 160 4.26 -34.49 -12.74
CA SER B 160 2.89 -34.18 -13.15
C SER B 160 2.12 -33.46 -12.05
N PHE B 161 2.78 -32.47 -11.44
CA PHE B 161 2.18 -31.69 -10.36
C PHE B 161 1.46 -30.44 -10.86
N GLY B 162 1.73 -30.00 -12.08
CA GLY B 162 1.03 -28.84 -12.60
C GLY B 162 1.21 -27.63 -11.71
N ALA B 163 0.12 -26.93 -11.45
CA ALA B 163 0.19 -25.71 -10.65
C ALA B 163 0.84 -25.98 -9.29
N HIS B 164 0.57 -27.15 -8.71
CA HIS B 164 1.15 -27.45 -7.41
C HIS B 164 2.67 -27.39 -7.44
N ALA B 165 3.27 -27.60 -8.61
CA ALA B 165 4.70 -27.34 -8.77
C ALA B 165 4.97 -25.86 -8.56
N LEU B 166 6.01 -25.55 -7.78
CA LEU B 166 6.26 -24.16 -7.39
C LEU B 166 7.74 -23.91 -7.19
N SER B 167 8.07 -22.76 -6.62
CA SER B 167 9.44 -22.41 -6.26
C SER B 167 9.39 -21.66 -4.94
N PRO B 168 10.47 -21.70 -4.15
CA PRO B 168 10.42 -21.02 -2.84
C PRO B 168 9.91 -19.59 -2.93
N ARG B 169 10.37 -18.83 -3.92
CA ARG B 169 9.88 -17.47 -4.07
C ARG B 169 8.46 -17.44 -4.59
N THR B 170 8.09 -18.38 -5.45
CA THR B 170 6.74 -18.43 -6.00
C THR B 170 5.72 -19.02 -5.05
N LEU B 171 6.16 -19.54 -3.91
CA LEU B 171 5.22 -20.11 -2.95
C LEU B 171 4.30 -19.01 -2.42
N THR B 172 3.12 -19.43 -1.96
CA THR B 172 2.10 -18.49 -1.51
C THR B 172 1.27 -19.12 -0.40
N ALA B 173 0.80 -18.28 0.51
CA ALA B 173 0.00 -18.77 1.63
C ALA B 173 -1.19 -19.58 1.14
N GLN B 174 -1.76 -19.18 -0.01
CA GLN B 174 -2.91 -19.91 -0.54
C GLN B 174 -2.62 -21.40 -0.64
N HIS B 175 -1.39 -21.74 -1.03
CA HIS B 175 -1.04 -23.14 -1.21
C HIS B 175 -1.01 -23.90 0.11
N LEU B 176 -1.07 -23.20 1.23
CA LEU B 176 -1.07 -23.87 2.53
C LEU B 176 -2.09 -24.99 2.54
N ASN B 177 -1.75 -26.06 3.25
CA ASN B 177 -2.62 -27.22 3.39
C ASN B 177 -2.87 -27.92 2.06
N LYS B 178 -1.98 -27.71 1.10
CA LYS B 178 -2.09 -28.36 -0.21
C LYS B 178 -0.77 -29.02 -0.55
N LEU B 179 -0.85 -30.22 -1.11
CA LEU B 179 0.34 -30.93 -1.54
C LEU B 179 0.98 -30.17 -2.69
N VAL B 180 2.29 -29.90 -2.58
CA VAL B 180 2.99 -29.10 -3.57
C VAL B 180 4.44 -29.55 -3.63
N SER B 181 5.13 -29.11 -4.68
CA SER B 181 6.54 -29.38 -4.88
C SER B 181 7.25 -28.10 -5.29
N VAL B 182 8.50 -27.98 -4.87
CA VAL B 182 9.33 -26.82 -5.20
C VAL B 182 10.74 -27.30 -5.47
N GLU B 183 11.52 -26.43 -6.11
CA GLU B 183 12.91 -26.73 -6.47
C GLU B 183 13.80 -25.63 -5.94
N GLY B 184 15.02 -26.00 -5.57
CA GLY B 184 15.95 -25.05 -5.02
C GLY B 184 17.23 -25.75 -4.58
N ILE B 185 18.08 -25.00 -3.92
CA ILE B 185 19.35 -25.52 -3.44
C ILE B 185 19.33 -25.60 -1.92
N VAL B 186 19.83 -26.72 -1.39
CA VAL B 186 19.77 -26.96 0.04
C VAL B 186 20.83 -26.15 0.76
N THR B 187 20.46 -25.60 1.92
CA THR B 187 21.38 -24.84 2.74
C THR B 187 21.05 -25.06 4.21
N LYS B 188 22.05 -24.85 5.06
CA LYS B 188 21.89 -24.93 6.51
C LYS B 188 21.21 -26.23 6.94
N THR B 189 21.73 -27.34 6.43
CA THR B 189 21.19 -28.65 6.79
C THR B 189 21.41 -28.92 8.27
N SER B 190 20.32 -29.02 9.02
CA SER B 190 20.43 -29.35 10.44
C SER B 190 20.79 -30.82 10.61
N LEU B 191 21.39 -31.13 11.75
CA LEU B 191 21.89 -32.47 11.98
C LEU B 191 20.73 -33.44 12.23
N VAL B 192 21.01 -34.73 11.98
CA VAL B 192 20.04 -35.76 12.33
C VAL B 192 19.79 -35.72 13.83
N ARG B 193 18.66 -36.31 14.24
CA ARG B 193 18.33 -36.29 15.65
C ARG B 193 17.17 -37.22 15.90
N PRO B 194 17.20 -38.01 16.99
CA PRO B 194 16.07 -38.89 17.28
C PRO B 194 14.86 -38.11 17.75
N LYS B 195 13.72 -38.78 17.75
CA LYS B 195 12.46 -38.14 18.12
C LYS B 195 11.50 -39.21 18.63
N LEU B 196 11.06 -39.07 19.88
CA LEU B 196 10.13 -40.03 20.46
C LEU B 196 8.82 -40.02 19.70
N ILE B 197 8.33 -41.21 19.36
CA ILE B 197 6.98 -41.37 18.85
C ILE B 197 6.16 -42.34 19.68
N ARG B 198 6.79 -43.32 20.32
CA ARG B 198 6.10 -44.23 21.21
C ARG B 198 6.98 -44.51 22.42
N SER B 199 6.36 -44.70 23.57
CA SER B 199 7.08 -44.81 24.84
C SER B 199 6.83 -46.14 25.51
N VAL B 200 6.99 -47.24 24.79
CA VAL B 200 6.68 -48.57 25.32
C VAL B 200 7.19 -48.67 26.74
N HIS B 201 6.30 -48.99 27.67
CA HIS B 201 6.62 -49.07 29.08
C HIS B 201 6.10 -50.39 29.65
N TYR B 202 6.91 -50.98 30.53
CA TYR B 202 6.57 -52.24 31.17
C TYR B 202 6.08 -51.96 32.58
N ALA B 203 4.92 -52.50 32.91
CA ALA B 203 4.31 -52.32 34.23
C ALA B 203 4.86 -53.40 35.15
N ALA B 204 5.92 -53.05 35.88
CA ALA B 204 6.49 -53.98 36.84
C ALA B 204 5.48 -54.30 37.93
N LYS B 205 5.56 -55.52 38.47
CA LYS B 205 4.68 -56.09 39.47
C LYS B 205 3.36 -56.54 38.86
N THR B 206 3.14 -56.29 37.57
CA THR B 206 1.93 -56.72 36.88
C THR B 206 2.21 -57.51 35.62
N GLY B 207 3.46 -57.57 35.16
CA GLY B 207 3.79 -58.30 33.96
C GLY B 207 2.98 -57.84 32.77
N ARG B 208 3.13 -56.57 32.40
CA ARG B 208 2.39 -56.02 31.27
C ARG B 208 3.17 -54.85 30.69
N PHE B 209 2.83 -54.51 29.46
CA PHE B 209 3.48 -53.41 28.74
C PHE B 209 2.44 -52.40 28.31
N HIS B 210 2.62 -51.15 28.76
CA HIS B 210 1.68 -50.06 28.46
C HIS B 210 2.44 -49.01 27.67
N TYR B 211 2.20 -48.98 26.36
CA TYR B 211 2.83 -48.00 25.50
C TYR B 211 1.99 -46.73 25.41
N ARG B 212 2.64 -45.64 25.03
CA ARG B 212 1.96 -44.39 24.74
C ARG B 212 2.58 -43.78 23.49
N ASP B 213 1.75 -43.40 22.53
CA ASP B 213 2.23 -42.73 21.35
C ASP B 213 2.26 -41.22 21.58
N TYR B 214 2.94 -40.51 20.68
CA TYR B 214 3.14 -39.08 20.84
C TYR B 214 2.83 -38.37 19.54
N THR B 215 2.30 -37.16 19.67
CA THR B 215 1.86 -36.36 18.54
C THR B 215 2.70 -35.10 18.41
N ASP B 216 3.00 -34.73 17.17
CA ASP B 216 3.69 -33.49 16.88
C ASP B 216 3.21 -32.97 15.54
N ALA B 217 3.33 -31.66 15.34
CA ALA B 217 2.87 -31.06 14.10
C ALA B 217 3.57 -31.70 12.89
N THR B 218 4.88 -31.89 12.99
CA THR B 218 5.61 -32.52 11.89
C THR B 218 5.15 -33.96 11.68
N THR B 219 4.97 -34.71 12.77
CA THR B 219 4.70 -36.14 12.64
C THR B 219 3.41 -36.41 11.89
N THR B 220 2.35 -35.68 12.20
CA THR B 220 1.02 -35.95 11.66
C THR B 220 0.59 -34.81 10.77
N LEU B 221 0.09 -35.15 9.58
CA LEU B 221 -0.46 -34.12 8.69
C LEU B 221 -1.65 -33.43 9.35
N THR B 222 -2.55 -34.20 9.94
CA THR B 222 -3.71 -33.64 10.61
C THR B 222 -3.32 -33.10 11.99
N THR B 223 -4.05 -32.09 12.42
CA THR B 223 -3.84 -31.51 13.75
C THR B 223 -4.45 -32.44 14.80
N ARG B 224 -3.67 -32.67 15.87
CA ARG B 224 -4.11 -33.52 16.96
C ARG B 224 -3.75 -32.86 18.28
N ILE B 225 -4.46 -33.25 19.32
CA ILE B 225 -4.15 -32.69 20.65
C ILE B 225 -2.70 -33.02 20.98
N PRO B 226 -1.85 -32.03 21.31
CA PRO B 226 -0.44 -32.32 21.54
C PRO B 226 -0.26 -33.30 22.69
N THR B 227 0.66 -34.24 22.51
CA THR B 227 0.96 -35.18 23.58
C THR B 227 1.75 -34.46 24.68
N PRO B 228 1.52 -34.79 25.94
CA PRO B 228 2.28 -34.11 27.02
C PRO B 228 3.78 -34.33 26.93
N ALA B 229 4.24 -35.32 26.16
CA ALA B 229 5.66 -35.63 26.00
C ALA B 229 6.30 -36.07 27.31
N ILE B 230 5.53 -36.71 28.19
CA ILE B 230 6.01 -37.17 29.49
C ILE B 230 6.01 -38.69 29.48
N TYR B 231 7.13 -39.29 29.84
CA TYR B 231 7.20 -40.73 29.92
C TYR B 231 6.19 -41.23 30.94
N PRO B 232 5.34 -42.20 30.59
CA PRO B 232 4.46 -42.78 31.62
C PRO B 232 5.26 -43.31 32.78
N THR B 233 5.13 -42.67 33.95
CA THR B 233 5.96 -43.03 35.09
C THR B 233 5.30 -44.15 35.89
N GLU B 234 4.00 -44.06 36.10
CA GLU B 234 3.26 -45.01 36.92
C GLU B 234 1.99 -45.41 36.18
N ASP B 235 1.61 -46.67 36.34
CA ASP B 235 0.40 -47.17 35.71
C ASP B 235 -0.82 -46.41 36.22
N THR B 236 -1.81 -46.23 35.34
CA THR B 236 -3.06 -45.62 35.76
C THR B 236 -3.63 -46.35 36.96
N GLU B 237 -3.45 -47.67 37.00
CA GLU B 237 -3.81 -48.43 38.20
C GLU B 237 -3.01 -47.96 39.41
N GLY B 238 -1.72 -47.72 39.22
CA GLY B 238 -0.86 -47.31 40.30
C GLY B 238 0.45 -48.07 40.34
N ASN B 239 0.58 -49.08 39.49
CA ASN B 239 1.81 -49.86 39.41
C ASN B 239 2.87 -49.05 38.68
N LYS B 240 4.05 -48.91 39.28
CA LYS B 240 5.12 -48.15 38.67
C LYS B 240 5.49 -48.76 37.33
N LEU B 241 5.74 -47.89 36.34
CA LEU B 241 6.12 -48.30 35.01
C LEU B 241 7.63 -48.20 34.84
N THR B 242 8.12 -48.78 33.75
CA THR B 242 9.53 -48.74 33.39
C THR B 242 9.66 -48.45 31.92
N THR B 243 10.50 -47.47 31.58
CA THR B 243 10.69 -47.06 30.18
C THR B 243 11.48 -48.14 29.46
N GLU B 244 10.80 -48.93 28.64
CA GLU B 244 11.44 -50.03 27.92
C GLU B 244 11.95 -49.51 26.57
N TYR B 245 13.12 -48.87 26.63
CA TYR B 245 13.76 -48.36 25.44
C TYR B 245 13.98 -49.50 24.44
N GLY B 246 14.24 -49.12 23.19
CA GLY B 246 14.32 -50.11 22.14
C GLY B 246 12.94 -50.58 21.75
N TYR B 247 12.22 -51.16 22.70
CA TYR B 247 10.81 -51.48 22.46
C TYR B 247 10.04 -50.22 22.14
N SER B 248 10.29 -49.15 22.88
CA SER B 248 9.75 -47.84 22.52
C SER B 248 10.36 -47.39 21.20
N THR B 249 9.55 -46.74 20.38
CA THR B 249 9.92 -46.45 19.00
C THR B 249 10.29 -44.98 18.86
N PHE B 250 11.32 -44.74 18.04
CA PHE B 250 11.80 -43.39 17.76
C PHE B 250 11.94 -43.21 16.26
N ILE B 251 11.99 -41.94 15.84
CA ILE B 251 12.15 -41.59 14.45
C ILE B 251 13.27 -40.58 14.32
N ASP B 252 13.76 -40.43 13.10
CA ASP B 252 14.87 -39.52 12.80
C ASP B 252 14.31 -38.23 12.24
N HIS B 253 14.57 -37.12 12.92
CA HIS B 253 14.07 -35.81 12.54
C HIS B 253 15.21 -34.97 11.99
N GLN B 254 14.97 -34.34 10.84
CA GLN B 254 15.95 -33.46 10.23
C GLN B 254 15.25 -32.20 9.73
N ARG B 255 15.97 -31.09 9.77
CA ARG B 255 15.48 -29.80 9.29
C ARG B 255 16.49 -29.23 8.30
N ILE B 256 16.01 -28.78 7.15
CA ILE B 256 16.88 -28.24 6.11
C ILE B 256 16.23 -26.98 5.55
N THR B 257 17.05 -26.12 4.95
CA THR B 257 16.61 -24.87 4.36
C THR B 257 16.90 -24.92 2.87
N VAL B 258 15.85 -25.04 2.06
CA VAL B 258 15.97 -25.02 0.61
C VAL B 258 15.69 -23.59 0.16
N GLN B 259 16.63 -23.00 -0.56
CA GLN B 259 16.50 -21.64 -1.03
C GLN B 259 16.24 -21.60 -2.52
N GLU B 260 15.54 -20.55 -2.95
CA GLU B 260 15.27 -20.36 -4.36
C GLU B 260 16.56 -20.44 -5.17
N MET B 261 16.44 -20.89 -6.40
CA MET B 261 17.59 -21.01 -7.30
C MET B 261 18.19 -19.62 -7.53
N PRO B 262 19.48 -19.43 -7.27
CA PRO B 262 20.08 -18.12 -7.58
C PRO B 262 19.91 -17.72 -9.03
N GLU B 263 19.95 -18.68 -9.95
CA GLU B 263 19.67 -18.38 -11.35
C GLU B 263 18.29 -17.76 -11.50
N MET B 264 17.32 -18.29 -10.75
CA MET B 264 15.98 -17.71 -10.75
C MET B 264 15.92 -16.42 -9.94
N ALA B 265 16.83 -16.24 -8.99
CA ALA B 265 16.79 -15.11 -8.07
C ALA B 265 16.64 -13.80 -8.82
N PRO B 266 15.58 -13.04 -8.58
CA PRO B 266 15.43 -11.75 -9.26
C PRO B 266 16.47 -10.75 -8.77
N ALA B 267 16.78 -9.79 -9.63
CA ALA B 267 17.79 -8.80 -9.30
C ALA B 267 17.36 -7.98 -8.08
N GLY B 268 18.35 -7.62 -7.27
CA GLY B 268 18.10 -6.81 -6.09
C GLY B 268 17.11 -7.44 -5.15
N GLN B 269 17.22 -8.74 -4.94
CA GLN B 269 16.30 -9.47 -4.06
C GLN B 269 17.02 -10.66 -3.47
N LEU B 270 16.93 -10.80 -2.15
CA LEU B 270 17.52 -11.96 -1.50
C LEU B 270 16.65 -13.19 -1.76
N PRO B 271 17.17 -14.25 -2.37
CA PRO B 271 16.33 -15.41 -2.68
C PRO B 271 15.56 -15.92 -1.48
N ARG B 272 14.24 -16.03 -1.59
CA ARG B 272 13.44 -16.59 -0.52
C ARG B 272 13.75 -18.07 -0.36
N SER B 273 13.68 -18.54 0.88
CA SER B 273 13.91 -19.94 1.19
C SER B 273 12.82 -20.44 2.13
N ILE B 274 12.54 -21.73 2.06
CA ILE B 274 11.56 -22.38 2.91
C ILE B 274 12.21 -23.61 3.53
N ASP B 275 11.70 -24.02 4.69
CA ASP B 275 12.26 -25.15 5.40
C ASP B 275 11.46 -26.42 5.14
N VAL B 276 12.15 -27.55 5.17
CA VAL B 276 11.55 -28.85 4.94
C VAL B 276 11.93 -29.77 6.09
N ILE B 277 10.93 -30.44 6.66
CA ILE B 277 11.16 -31.36 7.77
C ILE B 277 11.37 -32.77 7.22
N LEU B 278 12.60 -33.07 6.83
CA LEU B 278 12.91 -34.43 6.38
C LEU B 278 12.84 -35.38 7.57
N ASP B 279 12.27 -36.56 7.34
CA ASP B 279 12.05 -37.53 8.39
C ASP B 279 12.42 -38.93 7.91
N ASP B 280 12.83 -39.77 8.85
CA ASP B 280 13.10 -41.17 8.58
C ASP B 280 14.04 -41.32 7.39
N ASP B 281 13.70 -42.22 6.45
CA ASP B 281 14.55 -42.44 5.29
C ASP B 281 14.87 -41.12 4.59
N LEU B 282 13.91 -40.20 4.56
CA LEU B 282 14.16 -38.91 3.92
C LEU B 282 15.33 -38.20 4.56
N VAL B 283 15.63 -38.51 5.82
CA VAL B 283 16.76 -37.88 6.49
C VAL B 283 18.06 -38.33 5.84
N ASP B 284 18.99 -37.39 5.68
CA ASP B 284 20.32 -37.66 5.13
C ASP B 284 20.26 -38.04 3.65
N LYS B 285 19.26 -37.58 2.93
CA LYS B 285 19.16 -37.81 1.50
C LYS B 285 19.77 -36.66 0.70
N THR B 286 20.38 -35.69 1.36
CA THR B 286 21.01 -34.58 0.67
C THR B 286 21.98 -33.89 1.64
N LYS B 287 22.46 -32.72 1.24
CA LYS B 287 23.40 -31.96 2.04
C LYS B 287 23.43 -30.52 1.53
N PRO B 288 24.16 -29.62 2.18
CA PRO B 288 24.16 -28.23 1.71
C PRO B 288 24.68 -28.11 0.29
N GLY B 289 24.17 -27.10 -0.41
CA GLY B 289 24.55 -26.87 -1.79
C GLY B 289 24.10 -27.97 -2.73
N ASP B 290 22.88 -28.47 -2.55
CA ASP B 290 22.31 -29.52 -3.40
C ASP B 290 21.09 -28.96 -4.10
N ARG B 291 21.20 -28.76 -5.41
CA ARG B 291 20.04 -28.35 -6.20
C ARG B 291 19.08 -29.52 -6.31
N VAL B 292 17.87 -29.35 -5.79
CA VAL B 292 16.95 -30.47 -5.61
C VAL B 292 15.52 -29.96 -5.72
N ASN B 293 14.64 -30.83 -6.21
CA ASN B 293 13.20 -30.60 -6.17
C ASN B 293 12.60 -31.57 -5.15
N VAL B 294 11.73 -31.06 -4.30
CA VAL B 294 11.15 -31.82 -3.20
C VAL B 294 9.64 -31.75 -3.29
N VAL B 295 8.97 -32.75 -2.75
CA VAL B 295 7.52 -32.81 -2.68
C VAL B 295 7.15 -32.91 -1.21
N GLY B 296 6.18 -32.10 -0.79
CA GLY B 296 5.74 -32.08 0.59
C GLY B 296 4.42 -31.36 0.73
N VAL B 297 3.91 -31.36 1.96
CA VAL B 297 2.64 -30.73 2.29
C VAL B 297 2.95 -29.40 2.94
N PHE B 298 2.78 -28.31 2.19
CA PHE B 298 3.04 -26.99 2.73
C PHE B 298 2.03 -26.67 3.83
N LYS B 299 2.55 -26.49 5.04
CA LYS B 299 1.73 -26.49 6.24
C LYS B 299 2.09 -25.30 7.11
N SER B 300 1.14 -24.89 7.95
CA SER B 300 1.29 -23.74 8.83
C SER B 300 1.40 -24.20 10.27
N LEU B 301 2.04 -23.39 11.11
CA LEU B 301 2.32 -23.75 12.49
C LEU B 301 2.34 -22.50 13.36
N GLY B 302 2.31 -22.73 14.66
CA GLY B 302 2.44 -21.66 15.62
C GLY B 302 1.15 -20.89 15.83
N ALA B 303 1.29 -19.78 16.57
CA ALA B 303 0.18 -18.88 16.82
C ALA B 303 0.24 -17.62 15.97
N GLY B 304 1.38 -17.31 15.37
CA GLY B 304 1.48 -16.17 14.48
C GLY B 304 1.03 -14.87 15.11
N GLY B 305 1.20 -14.73 16.42
CA GLY B 305 0.72 -13.57 17.15
C GLY B 305 -0.68 -13.72 17.70
N MET B 306 -1.41 -14.78 17.31
CA MET B 306 -2.79 -14.93 17.76
C MET B 306 -2.85 -15.30 19.24
N ASN B 307 -1.78 -15.86 19.78
CA ASN B 307 -1.77 -16.27 21.18
C ASN B 307 -1.98 -15.06 22.08
N GLN B 308 -2.67 -15.28 23.20
CA GLN B 308 -2.87 -14.19 24.16
C GLN B 308 -1.54 -13.66 24.66
N SER B 309 -0.58 -14.54 24.91
CA SER B 309 0.72 -14.09 25.42
C SER B 309 1.33 -13.05 24.49
N ASN B 310 1.07 -13.16 23.19
CA ASN B 310 1.58 -12.18 22.23
C ASN B 310 0.97 -10.82 22.53
N SER B 311 1.83 -9.79 22.57
CA SER B 311 1.38 -8.44 22.86
C SER B 311 1.23 -7.64 21.57
N ASN B 312 2.31 -7.54 20.78
CA ASN B 312 2.23 -6.82 19.52
C ASN B 312 1.26 -7.49 18.56
N THR B 313 1.37 -8.82 18.40
CA THR B 313 0.54 -9.57 17.47
C THR B 313 0.68 -9.01 16.05
N LEU B 314 1.87 -8.51 15.73
CA LEU B 314 2.20 -8.06 14.39
C LEU B 314 3.04 -9.08 13.63
N ILE B 315 2.94 -10.36 14.01
CA ILE B 315 3.73 -11.42 13.40
C ILE B 315 2.81 -12.34 12.62
N GLY B 316 3.39 -13.29 11.90
CA GLY B 316 2.61 -14.23 11.12
C GLY B 316 2.92 -15.66 11.50
N PHE B 317 2.00 -16.55 11.13
CA PHE B 317 2.15 -17.96 11.49
C PHE B 317 3.37 -18.56 10.80
N LYS B 318 4.00 -19.51 11.48
CA LYS B 318 5.11 -20.23 10.89
C LYS B 318 4.58 -21.25 9.88
N THR B 319 5.37 -21.48 8.83
CA THR B 319 4.98 -22.40 7.78
C THR B 319 6.14 -23.32 7.46
N LEU B 320 5.81 -24.56 7.08
CA LEU B 320 6.81 -25.57 6.79
C LEU B 320 6.28 -26.48 5.69
N ILE B 321 7.18 -27.28 5.14
CA ILE B 321 6.84 -28.25 4.10
C ILE B 321 7.29 -29.62 4.62
N LEU B 322 6.33 -30.43 5.04
CA LEU B 322 6.63 -31.79 5.49
C LEU B 322 6.90 -32.63 4.25
N GLY B 323 8.17 -32.59 3.81
CA GLY B 323 8.56 -33.30 2.61
C GLY B 323 8.21 -34.76 2.67
N ASN B 324 7.48 -35.24 1.66
CA ASN B 324 7.13 -36.65 1.57
C ASN B 324 8.09 -37.42 0.69
N THR B 325 8.62 -36.79 -0.36
CA THR B 325 9.65 -37.39 -1.18
C THR B 325 10.54 -36.29 -1.74
N VAL B 326 11.81 -36.63 -1.98
CA VAL B 326 12.80 -35.69 -2.46
C VAL B 326 13.41 -36.24 -3.74
N TYR B 327 13.54 -35.38 -4.75
CA TYR B 327 14.10 -35.78 -6.04
C TYR B 327 15.37 -34.98 -6.30
N PRO B 328 16.56 -35.52 -6.05
CA PRO B 328 17.78 -34.75 -6.28
C PRO B 328 17.91 -34.36 -7.73
N LEU B 329 18.47 -33.18 -7.96
CA LEU B 329 18.62 -32.61 -9.30
C LEU B 329 20.08 -32.28 -9.52
N HIS B 330 20.79 -33.18 -10.23
CA HIS B 330 22.18 -32.92 -10.58
C HIS B 330 22.29 -31.68 -11.46
N ALA B 331 21.36 -31.51 -12.39
CA ALA B 331 21.35 -30.36 -13.27
C ALA B 331 20.35 -29.32 -12.79
N ALA B 338 27.91 -35.06 -11.05
CA ALA B 338 26.75 -35.94 -11.20
C ALA B 338 27.19 -37.39 -11.33
N ARG B 339 26.25 -38.26 -11.67
CA ARG B 339 26.52 -39.69 -11.84
C ARG B 339 25.94 -40.13 -13.18
N GLN B 340 26.80 -40.62 -14.06
CA GLN B 340 26.35 -41.14 -15.34
C GLN B 340 25.60 -42.45 -15.15
N MET B 341 24.75 -42.78 -16.11
CA MET B 341 23.91 -43.97 -16.06
C MET B 341 24.26 -44.89 -17.22
N LEU B 342 24.02 -46.18 -17.05
CA LEU B 342 24.35 -47.20 -18.04
C LEU B 342 23.17 -48.14 -18.23
N THR B 343 22.99 -48.61 -19.46
CA THR B 343 22.01 -49.65 -19.78
C THR B 343 22.70 -50.79 -20.50
N ASP B 344 22.22 -52.02 -20.24
CA ASP B 344 22.82 -53.22 -20.81
C ASP B 344 23.23 -53.01 -22.26
N PHE B 345 22.37 -52.35 -23.03
CA PHE B 345 22.72 -52.05 -24.42
C PHE B 345 23.97 -51.19 -24.49
N ASP B 346 24.08 -50.19 -23.61
CA ASP B 346 25.28 -49.36 -23.60
C ASP B 346 26.51 -50.14 -23.17
N ILE B 347 26.37 -51.03 -22.18
CA ILE B 347 27.52 -51.83 -21.76
C ILE B 347 27.98 -52.74 -22.89
N ARG B 348 27.03 -53.32 -23.63
CA ARG B 348 27.40 -54.13 -24.78
C ARG B 348 28.09 -53.29 -25.84
N ASN B 349 27.60 -52.07 -26.07
CA ASN B 349 28.27 -51.18 -27.01
C ASN B 349 29.70 -50.92 -26.56
N ILE B 350 29.89 -50.67 -25.27
CA ILE B 350 31.22 -50.42 -24.73
C ILE B 350 32.11 -51.63 -24.96
N ASN B 351 31.59 -52.82 -24.67
CA ASN B 351 32.38 -54.04 -24.85
C ASN B 351 32.81 -54.20 -26.29
N LYS B 352 31.86 -54.05 -27.23
CA LYS B 352 32.21 -54.13 -28.64
C LYS B 352 33.22 -53.05 -29.01
N LEU B 353 33.10 -51.87 -28.42
CA LEU B 353 34.02 -50.79 -28.71
C LEU B 353 35.44 -51.14 -28.28
N SER B 354 35.57 -51.75 -27.09
CA SER B 354 36.87 -52.22 -26.66
C SER B 354 37.49 -53.17 -27.68
N LYS B 355 36.66 -53.94 -28.37
CA LYS B 355 37.16 -54.82 -29.41
C LYS B 355 37.98 -54.04 -30.43
N LYS B 356 37.58 -52.80 -30.70
CA LYS B 356 38.38 -51.95 -31.58
C LYS B 356 39.79 -51.82 -31.03
N LYS B 357 40.78 -51.91 -31.92
CA LYS B 357 42.16 -51.98 -31.47
C LYS B 357 42.66 -50.64 -30.95
N ASP B 358 42.69 -49.64 -31.81
CA ASP B 358 43.20 -48.31 -31.47
C ASP B 358 42.16 -47.45 -30.77
N ILE B 359 41.14 -48.07 -30.17
CA ILE B 359 40.06 -47.34 -29.53
C ILE B 359 40.62 -46.28 -28.58
N PHE B 360 41.78 -46.57 -27.99
CA PHE B 360 42.45 -45.58 -27.16
C PHE B 360 42.66 -44.29 -27.95
N ASP B 361 43.21 -44.42 -29.15
CA ASP B 361 43.45 -43.24 -29.98
C ASP B 361 42.15 -42.54 -30.34
N ILE B 362 41.12 -43.33 -30.66
CA ILE B 362 39.84 -42.73 -31.03
C ILE B 362 39.28 -41.92 -29.88
N LEU B 363 39.29 -42.49 -28.68
CA LEU B 363 38.80 -41.77 -27.51
C LEU B 363 39.62 -40.51 -27.26
N SER B 364 40.95 -40.63 -27.36
CA SER B 364 41.80 -39.47 -27.15
C SER B 364 41.45 -38.34 -28.12
N GLN B 365 41.28 -38.68 -29.40
CA GLN B 365 40.90 -37.68 -30.37
C GLN B 365 39.54 -37.09 -30.04
N SER B 366 38.60 -37.93 -29.61
CA SER B 366 37.28 -37.44 -29.22
C SER B 366 37.39 -36.33 -28.19
N LEU B 367 38.37 -36.44 -27.29
CA LEU B 367 38.59 -35.39 -26.32
C LEU B 367 39.12 -34.13 -27.00
N ALA B 368 38.81 -32.99 -26.39
CA ALA B 368 39.20 -31.68 -26.87
C ALA B 368 39.13 -31.61 -28.39
N PRO B 369 38.00 -32.04 -28.99
CA PRO B 369 37.91 -31.97 -30.46
C PRO B 369 38.05 -30.56 -30.99
N SER B 370 37.56 -29.57 -30.25
CA SER B 370 37.77 -28.19 -30.65
C SER B 370 39.24 -27.83 -30.68
N ILE B 371 40.00 -28.25 -29.68
CA ILE B 371 41.42 -27.96 -29.62
C ILE B 371 42.16 -28.90 -30.57
N TYR B 372 43.29 -28.43 -31.09
CA TYR B 372 44.05 -29.17 -32.09
C TYR B 372 45.53 -29.17 -31.75
N GLY B 373 46.20 -30.25 -32.12
CA GLY B 373 47.64 -30.34 -32.05
C GLY B 373 48.21 -31.04 -30.84
N HIS B 374 47.42 -31.18 -29.77
CA HIS B 374 47.89 -31.76 -28.52
C HIS B 374 47.46 -33.20 -28.34
N ASP B 375 47.46 -33.98 -29.43
CA ASP B 375 46.99 -35.36 -29.38
C ASP B 375 47.63 -36.13 -28.24
N HIS B 376 48.94 -36.02 -28.08
CA HIS B 376 49.61 -36.74 -27.00
C HIS B 376 49.10 -36.27 -25.64
N ILE B 377 48.90 -34.97 -25.48
CA ILE B 377 48.35 -34.45 -24.23
C ILE B 377 46.92 -34.96 -24.07
N LYS B 378 46.18 -35.06 -25.16
CA LYS B 378 44.83 -35.61 -25.09
C LYS B 378 44.87 -37.04 -24.56
N LYS B 379 45.81 -37.85 -25.06
CA LYS B 379 45.94 -39.22 -24.60
C LYS B 379 46.32 -39.25 -23.12
N ALA B 380 47.21 -38.36 -22.71
CA ALA B 380 47.59 -38.29 -21.30
C ALA B 380 46.38 -37.96 -20.44
N ILE B 381 45.57 -37.00 -20.88
CA ILE B 381 44.35 -36.66 -20.15
C ILE B 381 43.42 -37.87 -20.08
N LEU B 382 43.33 -38.61 -21.18
CA LEU B 382 42.51 -39.81 -21.19
C LEU B 382 42.96 -40.78 -20.11
N LEU B 383 44.26 -41.10 -20.09
CA LEU B 383 44.77 -42.01 -19.09
C LEU B 383 44.51 -41.47 -17.69
N MET B 384 44.76 -40.19 -17.47
CA MET B 384 44.50 -39.58 -16.17
C MET B 384 43.05 -39.81 -15.76
N LEU B 385 42.11 -39.46 -16.63
CA LEU B 385 40.70 -39.70 -16.34
C LEU B 385 40.48 -41.15 -15.97
N MET B 386 41.18 -42.06 -16.64
CA MET B 386 41.10 -43.46 -16.26
C MET B 386 41.85 -43.73 -14.97
N GLY B 387 42.83 -42.90 -14.63
CA GLY B 387 43.46 -42.94 -13.32
C GLY B 387 44.48 -44.05 -13.14
N GLY B 388 44.01 -45.28 -13.00
CA GLY B 388 44.85 -46.41 -12.70
C GLY B 388 44.42 -47.07 -11.41
N VAL B 389 45.27 -47.94 -10.89
CA VAL B 389 44.99 -48.70 -9.68
C VAL B 389 45.81 -48.13 -8.54
N GLU B 390 45.13 -47.78 -7.45
CA GLU B 390 45.78 -47.30 -6.23
C GLU B 390 45.84 -48.47 -5.26
N LYS B 391 47.03 -49.06 -5.12
CA LYS B 391 47.21 -50.14 -4.18
C LYS B 391 47.36 -49.58 -2.76
N ASN B 392 47.11 -50.45 -1.78
CA ASN B 392 47.24 -50.07 -0.37
C ASN B 392 47.61 -51.35 0.39
N LEU B 393 48.88 -51.44 0.80
CA LEU B 393 49.38 -52.65 1.41
C LEU B 393 48.66 -52.93 2.73
N GLU B 394 48.56 -54.21 3.07
CA GLU B 394 47.90 -54.61 4.30
C GLU B 394 48.59 -53.97 5.51
N ASN B 395 49.92 -53.85 5.45
CA ASN B 395 50.63 -53.18 6.53
C ASN B 395 50.14 -51.76 6.73
N GLY B 396 49.60 -51.13 5.68
CA GLY B 396 49.05 -49.80 5.79
C GLY B 396 49.58 -48.85 4.73
N SER B 397 50.65 -49.25 4.06
CA SER B 397 51.27 -48.36 3.07
C SER B 397 50.29 -48.02 1.97
N HIS B 398 50.35 -46.78 1.51
CA HIS B 398 49.46 -46.26 0.47
C HIS B 398 50.24 -46.10 -0.83
N LEU B 399 49.71 -46.67 -1.89
CA LEU B 399 50.37 -46.68 -3.20
C LEU B 399 49.54 -45.87 -4.18
N ARG B 400 49.91 -44.61 -4.36
CA ARG B 400 49.22 -43.74 -5.30
C ARG B 400 49.02 -44.46 -6.63
N GLY B 401 47.79 -44.38 -7.15
CA GLY B 401 47.47 -44.94 -8.45
C GLY B 401 46.92 -43.89 -9.38
N ASP B 402 47.01 -42.62 -8.98
CA ASP B 402 46.43 -41.51 -9.72
C ASP B 402 47.48 -40.83 -10.55
N ILE B 403 47.05 -40.22 -11.64
CA ILE B 403 47.94 -39.50 -12.55
C ILE B 403 47.77 -38.01 -12.29
N ASN B 404 48.81 -37.24 -12.58
CA ASN B 404 48.76 -35.79 -12.55
C ASN B 404 49.34 -35.27 -13.86
N ILE B 405 48.73 -34.24 -14.43
CA ILE B 405 49.11 -33.74 -15.74
C ILE B 405 49.31 -32.23 -15.61
N LEU B 406 50.39 -31.73 -16.20
CA LEU B 406 50.71 -30.32 -16.17
C LEU B 406 51.53 -29.96 -17.41
N MET B 407 51.19 -28.82 -18.00
CA MET B 407 51.86 -28.37 -19.20
C MET B 407 52.31 -26.93 -19.00
N VAL B 408 53.57 -26.67 -19.34
CA VAL B 408 54.08 -25.31 -19.42
C VAL B 408 53.91 -24.86 -20.86
N GLY B 409 53.15 -23.80 -21.06
CA GLY B 409 52.77 -23.39 -22.39
C GLY B 409 52.78 -21.88 -22.53
N ASP B 410 52.85 -21.44 -23.78
CA ASP B 410 52.87 -20.02 -24.05
C ASP B 410 51.48 -19.42 -23.80
N PRO B 411 51.38 -18.11 -23.62
CA PRO B 411 50.07 -17.49 -23.44
C PRO B 411 49.17 -17.80 -24.63
N SER B 412 47.89 -17.96 -24.36
CA SER B 412 46.87 -18.29 -25.35
C SER B 412 47.11 -19.66 -25.97
N THR B 413 47.90 -20.53 -25.32
CA THR B 413 48.15 -21.85 -25.85
C THR B 413 46.91 -22.73 -25.88
N ALA B 414 45.84 -22.30 -25.20
CA ALA B 414 44.61 -23.06 -24.99
C ALA B 414 44.79 -24.06 -23.88
N LYS B 415 45.99 -24.16 -23.28
CA LYS B 415 46.18 -25.03 -22.14
C LYS B 415 45.13 -24.75 -21.07
N SER B 416 44.85 -23.46 -20.81
CA SER B 416 43.74 -23.13 -19.93
C SER B 416 42.42 -23.64 -20.50
N GLN B 417 42.22 -23.47 -21.81
CA GLN B 417 41.01 -23.99 -22.44
C GLN B 417 40.97 -25.50 -22.35
N LEU B 418 42.12 -26.16 -22.50
CA LEU B 418 42.17 -27.61 -22.37
C LEU B 418 41.75 -28.04 -20.97
N LEU B 419 42.25 -27.33 -19.95
CA LEU B 419 41.83 -27.62 -18.59
C LEU B 419 40.34 -27.39 -18.42
N ARG B 420 39.80 -26.35 -19.07
CA ARG B 420 38.37 -26.11 -19.01
C ARG B 420 37.60 -27.29 -19.58
N PHE B 421 38.06 -27.83 -20.70
CA PHE B 421 37.40 -28.99 -21.27
C PHE B 421 37.48 -30.18 -20.32
N VAL B 422 38.67 -30.42 -19.76
CA VAL B 422 38.81 -31.53 -18.82
C VAL B 422 37.88 -31.35 -17.64
N LEU B 423 37.74 -30.11 -17.18
CA LEU B 423 36.81 -29.81 -16.09
C LEU B 423 35.40 -30.23 -16.47
N ASN B 424 34.86 -29.65 -17.54
CA ASN B 424 33.45 -29.90 -17.84
C ASN B 424 33.21 -31.38 -18.12
N THR B 425 34.10 -32.02 -18.88
CA THR B 425 33.90 -33.44 -19.18
C THR B 425 34.04 -34.30 -17.94
N ALA B 426 34.83 -33.87 -16.97
CA ALA B 426 35.09 -34.70 -15.79
C ALA B 426 33.81 -34.94 -15.00
N SER B 427 33.73 -36.13 -14.41
CA SER B 427 32.58 -36.46 -13.58
C SER B 427 32.51 -35.56 -12.35
N LEU B 428 33.63 -35.38 -11.66
CA LEU B 428 33.71 -34.53 -10.49
C LEU B 428 35.09 -33.87 -10.49
N ALA B 429 35.13 -32.56 -10.76
CA ALA B 429 36.37 -31.85 -10.94
C ALA B 429 36.39 -30.61 -10.04
N ILE B 430 37.58 -30.05 -9.89
CA ILE B 430 37.82 -28.87 -9.07
C ILE B 430 38.62 -27.89 -9.91
N ALA B 431 38.05 -26.72 -10.17
CA ALA B 431 38.73 -25.70 -10.98
C ALA B 431 39.23 -24.59 -10.07
N THR B 432 40.48 -24.20 -10.27
CA THR B 432 41.08 -23.10 -9.52
C THR B 432 42.28 -22.57 -10.29
N THR B 433 42.92 -21.56 -9.71
CA THR B 433 44.03 -20.89 -10.36
C THR B 433 45.09 -20.55 -9.32
N GLY B 434 46.32 -20.31 -9.79
CA GLY B 434 47.41 -19.96 -8.92
C GLY B 434 47.07 -18.83 -7.97
N ARG B 435 46.88 -17.63 -8.50
CA ARG B 435 46.56 -16.49 -7.64
C ARG B 435 45.23 -16.70 -6.93
N GLY B 436 44.23 -17.21 -7.64
CA GLY B 436 42.92 -17.40 -7.06
C GLY B 436 42.86 -18.45 -5.98
N SER B 437 43.86 -19.30 -5.86
CA SER B 437 43.88 -20.35 -4.87
C SER B 437 44.65 -19.91 -3.64
N SER B 438 44.41 -20.61 -2.53
CA SER B 438 45.12 -20.41 -1.28
C SER B 438 45.59 -21.76 -0.75
N GLY B 439 46.73 -21.75 -0.07
CA GLY B 439 47.27 -22.99 0.44
C GLY B 439 46.31 -23.68 1.39
N VAL B 440 45.77 -22.92 2.35
CA VAL B 440 44.71 -23.44 3.18
C VAL B 440 43.42 -23.58 2.38
N GLY B 441 43.12 -22.58 1.55
CA GLY B 441 41.94 -22.67 0.70
C GLY B 441 42.00 -23.84 -0.27
N LEU B 442 43.22 -24.24 -0.65
CA LEU B 442 43.39 -25.39 -1.53
C LEU B 442 43.35 -26.70 -0.76
N THR B 443 44.07 -26.77 0.36
CA THR B 443 44.10 -27.99 1.17
C THR B 443 43.01 -27.94 2.24
N ALA B 444 43.13 -27.00 3.18
CA ALA B 444 42.17 -26.86 4.27
C ALA B 444 42.53 -25.66 5.12
N ALA B 445 41.53 -25.00 5.72
CA ALA B 445 41.75 -23.86 6.59
C ALA B 445 41.03 -24.11 7.91
N VAL B 446 41.75 -23.96 9.02
CA VAL B 446 41.11 -24.08 10.32
C VAL B 446 40.13 -22.94 10.49
N THR B 447 38.86 -23.28 10.70
CA THR B 447 37.79 -22.30 10.81
C THR B 447 37.26 -22.25 12.23
N THR B 448 37.00 -21.03 12.71
CA THR B 448 36.48 -20.85 14.05
C THR B 448 35.10 -21.47 14.23
N ASP B 449 34.40 -21.76 13.14
CA ASP B 449 33.07 -22.37 13.21
C ASP B 449 32.12 -21.46 13.98
N GLU B 454 32.47 -25.04 17.99
CA GLU B 454 33.87 -25.32 18.25
C GLU B 454 34.68 -25.16 16.97
N ARG B 455 35.90 -24.63 17.11
CA ARG B 455 36.76 -24.39 15.96
C ARG B 455 36.84 -25.63 15.07
N ARG B 456 36.37 -25.51 13.83
CA ARG B 456 36.39 -26.59 12.88
C ARG B 456 37.51 -26.37 11.87
N LEU B 457 37.59 -27.25 10.87
CA LEU B 457 38.60 -27.18 9.83
C LEU B 457 37.90 -27.04 8.48
N GLU B 458 38.01 -25.87 7.87
CA GLU B 458 37.45 -25.69 6.53
C GLU B 458 38.16 -26.58 5.53
N ALA B 459 37.40 -27.14 4.60
CA ALA B 459 37.93 -28.06 3.61
C ALA B 459 38.38 -27.29 2.38
N GLY B 460 39.65 -27.43 2.04
CA GLY B 460 40.17 -26.82 0.83
C GLY B 460 39.86 -27.64 -0.41
N ALA B 461 40.27 -27.10 -1.55
CA ALA B 461 39.99 -27.74 -2.84
C ALA B 461 40.38 -29.20 -2.83
N MET B 462 41.59 -29.50 -2.36
CA MET B 462 42.07 -30.87 -2.35
C MET B 462 41.11 -31.79 -1.62
N VAL B 463 40.65 -31.36 -0.44
CA VAL B 463 39.68 -32.16 0.30
C VAL B 463 38.43 -32.39 -0.55
N LEU B 464 37.96 -31.34 -1.21
CA LEU B 464 36.83 -31.49 -2.12
C LEU B 464 37.21 -32.38 -3.29
N ALA B 465 36.26 -33.18 -3.76
CA ALA B 465 36.48 -34.07 -4.88
C ALA B 465 37.66 -35.00 -4.61
N ASP B 466 37.73 -35.52 -3.37
CA ASP B 466 38.86 -36.35 -2.99
C ASP B 466 39.09 -37.50 -3.95
N ARG B 467 38.03 -38.21 -4.35
CA ARG B 467 38.17 -39.25 -5.35
C ARG B 467 38.02 -38.72 -6.76
N GLY B 468 37.62 -37.46 -6.92
CA GLY B 468 37.51 -36.85 -8.22
C GLY B 468 38.83 -36.28 -8.69
N VAL B 469 38.72 -35.30 -9.58
CA VAL B 469 39.88 -34.69 -10.20
C VAL B 469 39.96 -33.23 -9.80
N VAL B 470 41.12 -32.61 -10.04
CA VAL B 470 41.33 -31.20 -9.74
C VAL B 470 42.19 -30.60 -10.84
N CYS B 471 42.02 -29.29 -11.06
CA CYS B 471 42.81 -28.58 -12.04
C CYS B 471 43.15 -27.19 -11.51
N ILE B 472 44.33 -26.69 -11.89
CA ILE B 472 44.80 -25.38 -11.47
C ILE B 472 45.30 -24.64 -12.70
N ASP B 473 44.88 -23.38 -12.84
CA ASP B 473 45.41 -22.53 -13.89
C ASP B 473 46.48 -21.61 -13.33
N GLU B 474 47.48 -21.32 -14.17
CA GLU B 474 48.60 -20.47 -13.80
C GLU B 474 49.22 -20.95 -12.50
N PHE B 475 49.41 -22.26 -12.42
CA PHE B 475 49.99 -22.87 -11.22
C PHE B 475 51.36 -22.29 -10.92
N ASP B 476 52.15 -21.98 -11.97
CA ASP B 476 53.42 -21.31 -11.74
C ASP B 476 53.23 -20.04 -10.92
N LYS B 477 52.14 -19.32 -11.16
CA LYS B 477 51.85 -18.12 -10.39
C LYS B 477 51.39 -18.43 -8.98
N MET B 478 51.17 -19.71 -8.66
CA MET B 478 50.75 -20.07 -7.31
C MET B 478 51.86 -19.72 -6.33
N THR B 479 51.47 -19.29 -5.14
CA THR B 479 52.45 -18.93 -4.12
C THR B 479 53.20 -20.17 -3.65
N ASP B 480 54.54 -20.08 -3.61
CA ASP B 480 55.36 -21.26 -3.35
C ASP B 480 55.03 -21.88 -2.01
N VAL B 481 54.59 -21.08 -1.04
CA VAL B 481 54.19 -21.62 0.25
C VAL B 481 53.03 -22.59 0.06
N ASP B 482 52.03 -22.18 -0.71
CA ASP B 482 50.93 -23.07 -1.01
C ASP B 482 51.37 -24.22 -1.90
N ARG B 483 52.45 -24.05 -2.66
CA ARG B 483 52.98 -25.16 -3.44
C ARG B 483 53.55 -26.25 -2.53
N VAL B 484 54.33 -25.85 -1.53
CA VAL B 484 54.80 -26.84 -0.55
C VAL B 484 53.61 -27.41 0.21
N ALA B 485 52.56 -26.61 0.40
CA ALA B 485 51.33 -27.14 0.98
C ALA B 485 50.76 -28.26 0.11
N ILE B 486 50.78 -28.06 -1.20
CA ILE B 486 50.30 -29.07 -2.13
C ILE B 486 51.14 -30.33 -2.02
N HIS B 487 52.46 -30.17 -1.95
CA HIS B 487 53.38 -31.31 -1.96
C HIS B 487 52.82 -32.50 -1.18
N GLU B 488 52.47 -32.27 0.09
CA GLU B 488 52.05 -33.37 0.94
C GLU B 488 50.72 -33.94 0.46
N VAL B 489 49.76 -33.06 0.16
CA VAL B 489 48.48 -33.50 -0.35
C VAL B 489 48.69 -34.48 -1.50
N MET B 490 49.37 -34.03 -2.55
CA MET B 490 49.51 -34.86 -3.74
C MET B 490 50.26 -36.13 -3.42
N GLU B 491 51.45 -36.01 -2.81
CA GLU B 491 52.29 -37.18 -2.59
C GLU B 491 51.59 -38.19 -1.69
N GLN B 492 51.32 -37.80 -0.44
CA GLN B 492 50.69 -38.70 0.51
C GLN B 492 49.24 -39.01 0.15
N GLN B 493 48.65 -38.25 -0.76
CA GLN B 493 47.24 -38.41 -1.12
C GLN B 493 46.34 -38.14 0.07
N THR B 494 46.85 -37.38 1.04
CA THR B 494 46.11 -37.07 2.26
C THR B 494 46.57 -35.71 2.77
N VAL B 495 45.71 -35.10 3.58
CA VAL B 495 45.95 -33.78 4.16
C VAL B 495 45.88 -33.90 5.66
N THR B 496 46.88 -33.34 6.35
CA THR B 496 46.92 -33.30 7.81
C THR B 496 47.16 -31.87 8.26
N ILE B 497 46.41 -31.44 9.26
CA ILE B 497 46.49 -30.08 9.79
C ILE B 497 46.53 -30.14 11.31
N ALA B 498 47.43 -29.37 11.91
CA ALA B 498 47.57 -29.31 13.36
C ALA B 498 47.76 -27.86 13.80
N LYS B 499 46.98 -26.95 13.21
CA LYS B 499 46.99 -25.56 13.59
C LYS B 499 45.83 -25.27 14.53
N ALA B 500 45.93 -24.16 15.26
CA ALA B 500 44.89 -23.75 16.19
C ALA B 500 44.56 -24.85 17.18
N GLY B 501 45.57 -25.66 17.52
CA GLY B 501 45.34 -26.77 18.45
C GLY B 501 44.33 -27.77 17.94
N ILE B 502 44.28 -27.98 16.62
CA ILE B 502 43.35 -28.91 16.03
C ILE B 502 44.12 -29.86 15.12
N HIS B 503 44.55 -31.00 15.66
CA HIS B 503 45.20 -32.00 14.83
C HIS B 503 44.16 -32.76 14.02
N THR B 504 44.41 -32.90 12.73
CA THR B 504 43.46 -33.56 11.84
C THR B 504 44.20 -34.23 10.70
N THR B 505 43.55 -35.22 10.09
CA THR B 505 44.04 -35.86 8.89
C THR B 505 42.84 -36.08 7.96
N LEU B 506 43.07 -35.87 6.67
CA LEU B 506 41.98 -35.93 5.70
C LEU B 506 42.45 -36.68 4.47
N ASN B 507 41.52 -37.40 3.84
CA ASN B 507 41.80 -38.01 2.55
C ASN B 507 42.04 -36.91 1.52
N ALA B 508 43.10 -37.07 0.73
CA ALA B 508 43.43 -36.07 -0.29
C ALA B 508 43.90 -36.72 -1.57
N ARG B 509 43.23 -37.78 -2.02
CA ARG B 509 43.67 -38.54 -3.18
C ARG B 509 43.14 -37.99 -4.49
N CYS B 510 42.55 -36.80 -4.49
CA CYS B 510 42.03 -36.22 -5.72
C CYS B 510 43.15 -36.03 -6.74
N SER B 511 42.86 -36.38 -7.99
CA SER B 511 43.82 -36.13 -9.06
C SER B 511 43.92 -34.64 -9.35
N VAL B 512 45.10 -34.23 -9.79
CA VAL B 512 45.41 -32.82 -10.00
C VAL B 512 45.98 -32.64 -11.39
N ILE B 513 45.53 -31.60 -12.08
CA ILE B 513 46.02 -31.25 -13.41
C ILE B 513 46.21 -29.75 -13.45
N ALA B 514 47.44 -29.29 -13.27
CA ALA B 514 47.73 -27.87 -13.26
C ALA B 514 48.13 -27.38 -14.65
N ALA B 515 48.20 -26.06 -14.79
CA ALA B 515 48.73 -25.43 -15.99
C ALA B 515 49.59 -24.25 -15.57
N ALA B 516 50.54 -23.88 -16.43
CA ALA B 516 51.50 -22.84 -16.08
C ALA B 516 52.13 -22.30 -17.35
N ASN B 517 52.66 -21.08 -17.24
CA ASN B 517 53.48 -20.49 -18.27
C ASN B 517 54.95 -20.53 -17.86
N PRO B 518 55.88 -20.66 -18.79
CA PRO B 518 57.29 -20.79 -18.42
C PRO B 518 57.77 -19.58 -17.63
N VAL B 519 58.95 -19.73 -17.02
CA VAL B 519 59.50 -18.66 -16.20
C VAL B 519 59.62 -17.37 -16.99
N PHE B 520 59.76 -17.47 -18.31
CA PHE B 520 59.99 -16.31 -19.18
C PHE B 520 58.82 -16.05 -20.11
N GLY B 521 57.62 -16.52 -19.76
CA GLY B 521 56.47 -16.34 -20.62
C GLY B 521 56.52 -17.25 -21.83
N GLN B 522 57.60 -17.15 -22.60
CA GLN B 522 57.84 -18.02 -23.73
C GLN B 522 58.94 -19.00 -23.35
N TYR B 523 58.65 -20.30 -23.45
CA TYR B 523 59.65 -21.31 -23.12
C TYR B 523 60.83 -21.22 -24.06
N ASP B 524 61.98 -20.80 -23.53
CA ASP B 524 63.20 -20.76 -24.33
C ASP B 524 63.83 -22.15 -24.36
N VAL B 525 63.69 -22.84 -25.50
CA VAL B 525 64.24 -24.19 -25.60
C VAL B 525 65.74 -24.17 -25.36
N ASN B 526 66.41 -23.06 -25.70
CA ASN B 526 67.84 -22.96 -25.46
C ASN B 526 68.15 -23.04 -23.96
N ARG B 527 67.40 -22.30 -23.15
CA ARG B 527 67.61 -22.32 -21.72
C ARG B 527 67.05 -23.60 -21.12
N ASP B 528 67.60 -23.98 -19.97
CA ASP B 528 67.23 -25.23 -19.34
C ASP B 528 65.78 -25.22 -18.89
N PRO B 529 65.12 -26.38 -18.88
CA PRO B 529 63.76 -26.41 -18.31
C PRO B 529 63.72 -25.92 -16.89
N HIS B 530 64.75 -26.22 -16.10
CA HIS B 530 64.84 -25.67 -14.75
C HIS B 530 64.84 -24.15 -14.79
N GLN B 531 65.59 -23.57 -15.71
CA GLN B 531 65.51 -22.13 -15.93
C GLN B 531 64.11 -21.73 -16.39
N ASN B 532 63.54 -22.50 -17.31
CA ASN B 532 62.20 -22.22 -17.83
C ASN B 532 61.10 -22.58 -16.85
N ILE B 533 61.41 -23.32 -15.79
CA ILE B 533 60.42 -23.78 -14.82
C ILE B 533 60.78 -23.23 -13.46
N ALA B 534 59.90 -22.42 -12.88
CA ALA B 534 60.12 -21.89 -11.55
C ALA B 534 59.90 -22.93 -10.47
N LEU B 535 59.16 -23.99 -10.80
CA LEU B 535 58.81 -24.97 -9.78
C LEU B 535 60.07 -25.74 -9.37
N PRO B 536 60.20 -26.11 -8.10
CA PRO B 536 61.33 -26.95 -7.69
C PRO B 536 61.23 -28.32 -8.34
N ASP B 537 62.40 -28.85 -8.72
CA ASP B 537 62.44 -30.18 -9.31
C ASP B 537 61.75 -31.19 -8.40
N SER B 538 61.88 -31.02 -7.08
CA SER B 538 61.18 -31.89 -6.14
C SER B 538 59.68 -31.91 -6.46
N LEU B 539 59.07 -30.73 -6.56
CA LEU B 539 57.67 -30.66 -6.93
C LEU B 539 57.45 -31.26 -8.31
N LEU B 540 58.32 -30.93 -9.26
CA LEU B 540 58.22 -31.50 -10.59
C LEU B 540 58.32 -33.02 -10.53
N SER B 541 59.38 -33.54 -9.88
CA SER B 541 59.50 -34.98 -9.72
C SER B 541 58.34 -35.53 -8.91
N ARG B 542 57.98 -34.84 -7.82
CA ARG B 542 56.73 -35.16 -7.14
C ARG B 542 55.60 -35.31 -8.14
N PHE B 543 55.39 -34.29 -8.97
CA PHE B 543 54.32 -34.34 -9.96
C PHE B 543 54.68 -35.33 -11.07
N ASP B 544 53.69 -35.75 -11.86
CA ASP B 544 53.86 -36.94 -12.69
C ASP B 544 54.39 -36.62 -14.08
N LEU B 545 53.62 -35.91 -14.91
CA LEU B 545 53.86 -35.82 -16.34
C LEU B 545 54.02 -34.38 -16.81
N LEU B 546 55.24 -34.02 -17.21
CA LEU B 546 55.56 -32.67 -17.64
C LEU B 546 55.38 -32.59 -19.16
N PHE B 547 54.48 -31.72 -19.61
CA PHE B 547 54.22 -31.53 -21.03
C PHE B 547 54.55 -30.10 -21.42
N VAL B 548 55.75 -29.89 -21.95
CA VAL B 548 56.16 -28.57 -22.43
C VAL B 548 55.58 -28.37 -23.81
N VAL B 549 54.70 -27.39 -23.94
CA VAL B 549 54.06 -27.04 -25.21
C VAL B 549 54.57 -25.67 -25.62
N THR B 550 55.05 -25.57 -26.85
CA THR B 550 55.65 -24.34 -27.35
C THR B 550 55.02 -23.97 -28.69
N ASP B 551 54.73 -22.69 -28.86
CA ASP B 551 54.22 -22.20 -30.13
C ASP B 551 55.32 -22.24 -31.17
N ASP B 552 54.92 -22.41 -32.43
CA ASP B 552 55.85 -22.40 -33.55
C ASP B 552 55.16 -21.80 -34.75
N ILE B 553 55.92 -21.02 -35.53
CA ILE B 553 55.41 -20.44 -36.76
C ILE B 553 55.63 -21.42 -37.89
N ASN B 554 54.73 -22.39 -38.01
CA ASN B 554 54.78 -23.36 -39.10
C ASN B 554 53.61 -23.06 -40.04
N GLU B 555 53.90 -22.24 -41.05
CA GLU B 555 52.88 -21.73 -41.95
C GLU B 555 51.86 -22.81 -42.30
N ILE B 556 52.33 -24.02 -42.59
CA ILE B 556 51.40 -25.13 -42.82
C ILE B 556 50.58 -25.39 -41.57
N ARG B 557 51.25 -25.53 -40.42
CA ARG B 557 50.53 -25.78 -39.18
C ARG B 557 49.70 -24.56 -38.78
N ASP B 558 50.25 -23.36 -38.98
CA ASP B 558 49.50 -22.16 -38.65
C ASP B 558 48.19 -22.13 -39.42
N ARG B 559 48.25 -22.41 -40.73
CA ARG B 559 47.05 -22.48 -41.54
C ARG B 559 46.13 -23.60 -41.06
N SER B 560 46.72 -24.72 -40.64
CA SER B 560 45.90 -25.84 -40.16
C SER B 560 45.03 -25.41 -38.98
N ILE B 561 45.66 -24.81 -37.96
CA ILE B 561 44.87 -24.37 -36.80
C ILE B 561 43.95 -23.21 -37.18
N SER B 562 44.37 -22.34 -38.10
CA SER B 562 43.50 -21.27 -38.53
C SER B 562 42.20 -21.84 -39.11
N GLU B 563 42.34 -22.82 -40.00
CA GLU B 563 41.16 -23.46 -40.58
C GLU B 563 40.36 -24.19 -39.50
N HIS B 564 41.05 -24.84 -38.56
CA HIS B 564 40.35 -25.52 -37.48
C HIS B 564 39.45 -24.56 -36.73
N VAL B 565 40.01 -23.42 -36.29
CA VAL B 565 39.25 -22.48 -35.51
C VAL B 565 38.15 -21.84 -36.35
N LEU B 566 38.44 -21.60 -37.64
CA LEU B 566 37.43 -21.00 -38.51
C LEU B 566 36.24 -21.93 -38.66
N ARG B 567 36.50 -23.22 -38.91
CA ARG B 567 35.40 -24.18 -38.99
C ARG B 567 34.68 -24.28 -37.65
N THR B 568 35.43 -24.23 -36.54
CA THR B 568 34.81 -24.24 -35.23
C THR B 568 33.81 -23.11 -35.10
N HIS B 569 34.23 -21.89 -35.41
CA HIS B 569 33.32 -20.75 -35.34
C HIS B 569 32.19 -20.87 -36.35
N ARG B 570 32.42 -21.62 -37.44
CA ARG B 570 31.36 -21.85 -38.41
C ARG B 570 30.36 -22.89 -37.97
N TYR B 571 30.60 -23.57 -36.84
CA TYR B 571 29.67 -24.60 -36.39
C TYR B 571 28.25 -24.07 -36.36
N LEU B 572 27.30 -24.97 -36.62
CA LEU B 572 25.90 -24.61 -36.65
C LEU B 572 25.11 -25.56 -35.74
N PRO B 573 24.33 -25.04 -34.79
CA PRO B 573 23.37 -25.89 -34.10
C PRO B 573 22.35 -26.44 -35.09
N PRO B 574 22.11 -27.75 -35.09
CA PRO B 574 21.20 -28.31 -36.11
C PRO B 574 19.85 -27.61 -36.14
N GLY B 575 19.28 -27.29 -34.98
CA GLY B 575 18.02 -26.58 -34.97
C GLY B 575 18.13 -25.15 -35.48
N TYR B 576 19.16 -24.44 -35.05
CA TYR B 576 19.29 -23.03 -35.38
C TYR B 576 19.84 -22.84 -36.80
N LEU B 577 19.70 -21.62 -37.29
CA LEU B 577 20.16 -21.23 -38.61
C LEU B 577 21.04 -20.00 -38.50
N GLU B 578 21.42 -19.44 -39.65
CA GLU B 578 22.25 -18.24 -39.67
C GLU B 578 21.46 -17.05 -39.13
N GLY B 579 22.11 -16.25 -38.29
CA GLY B 579 21.46 -15.13 -37.65
C GLY B 579 20.56 -15.49 -36.50
N GLU B 580 20.40 -16.78 -36.19
CA GLU B 580 19.53 -17.23 -35.12
C GLU B 580 20.36 -17.43 -33.85
N PRO B 581 20.34 -16.49 -32.90
CA PRO B 581 21.15 -16.67 -31.70
C PRO B 581 20.77 -17.94 -30.95
N VAL B 582 21.77 -18.60 -30.38
CA VAL B 582 21.53 -19.84 -29.65
C VAL B 582 20.58 -19.58 -28.49
N ARG B 583 19.90 -20.63 -28.05
CA ARG B 583 18.95 -20.54 -26.97
C ARG B 583 17.84 -19.56 -27.32
N PRO B 648 38.74 -41.12 -37.68
CA PRO B 648 37.66 -40.18 -37.96
C PRO B 648 36.45 -40.35 -37.04
N LYS B 649 36.13 -41.60 -36.70
CA LYS B 649 35.04 -41.86 -35.76
C LYS B 649 35.35 -41.21 -34.42
N LEU B 650 34.32 -40.69 -33.77
CA LEU B 650 34.47 -40.08 -32.46
C LEU B 650 33.24 -40.40 -31.62
N VAL B 651 33.47 -40.97 -30.44
CA VAL B 651 32.36 -41.31 -29.56
C VAL B 651 31.70 -40.03 -29.05
N THR B 652 30.44 -40.15 -28.64
CA THR B 652 29.74 -39.03 -28.05
C THR B 652 30.27 -38.79 -26.64
N ILE B 653 30.48 -37.52 -26.30
CA ILE B 653 31.09 -37.17 -25.02
C ILE B 653 30.29 -37.81 -23.88
N PRO B 654 28.96 -37.81 -23.89
CA PRO B 654 28.26 -38.53 -22.82
C PRO B 654 28.57 -40.01 -22.85
N PHE B 655 28.60 -40.60 -24.05
CA PHE B 655 29.01 -41.99 -24.18
C PHE B 655 30.44 -42.19 -23.72
N LEU B 656 31.30 -41.21 -24.00
CA LEU B 656 32.69 -41.30 -23.56
C LEU B 656 32.77 -41.38 -22.03
N ARG B 657 32.05 -40.49 -21.34
CA ARG B 657 32.05 -40.52 -19.88
C ARG B 657 31.43 -41.81 -19.37
N LYS B 658 30.39 -42.30 -20.03
CA LYS B 658 29.79 -43.56 -19.64
C LYS B 658 30.81 -44.69 -19.74
N TYR B 659 31.57 -44.72 -20.84
CA TYR B 659 32.63 -45.71 -21.00
C TYR B 659 33.64 -45.60 -19.87
N VAL B 660 34.04 -44.38 -19.54
CA VAL B 660 35.06 -44.18 -18.52
C VAL B 660 34.57 -44.72 -17.18
N GLN B 661 33.33 -44.38 -16.82
CA GLN B 661 32.82 -44.84 -15.54
C GLN B 661 32.67 -46.35 -15.53
N TYR B 662 32.20 -46.93 -16.64
CA TYR B 662 32.06 -48.38 -16.71
C TYR B 662 33.40 -49.05 -16.51
N ALA B 663 34.43 -48.57 -17.20
CA ALA B 663 35.76 -49.11 -17.02
C ALA B 663 36.17 -49.03 -15.56
N LYS B 664 36.25 -47.81 -15.02
CA LYS B 664 36.71 -47.65 -13.65
C LYS B 664 35.93 -48.53 -12.69
N GLU B 665 34.63 -48.70 -12.95
CA GLU B 665 33.80 -49.53 -12.08
C GLU B 665 34.16 -51.00 -12.19
N ARG B 666 34.42 -51.49 -13.40
CA ARG B 666 34.49 -52.92 -13.66
C ARG B 666 35.75 -53.27 -14.45
N VAL B 667 36.90 -52.74 -14.02
CA VAL B 667 38.17 -53.18 -14.56
C VAL B 667 39.25 -52.92 -13.52
N ILE B 668 40.16 -53.89 -13.35
CA ILE B 668 41.28 -53.74 -12.44
C ILE B 668 42.48 -54.42 -13.09
N PRO B 669 43.18 -53.74 -13.98
CA PRO B 669 44.29 -54.40 -14.68
C PRO B 669 45.32 -54.92 -13.69
N GLN B 670 45.88 -56.08 -14.01
CA GLN B 670 46.89 -56.71 -13.18
C GLN B 670 48.20 -56.74 -13.94
N LEU B 671 49.29 -56.42 -13.25
CA LEU B 671 50.60 -56.40 -13.87
C LEU B 671 50.91 -57.74 -14.52
N THR B 672 51.64 -57.69 -15.63
CA THR B 672 52.14 -58.88 -16.29
C THR B 672 53.66 -58.86 -16.24
N GLN B 673 54.26 -60.02 -15.97
CA GLN B 673 55.71 -60.08 -15.81
C GLN B 673 56.40 -59.53 -17.05
N GLU B 674 55.79 -59.68 -18.22
CA GLU B 674 56.35 -59.10 -19.43
C GLU B 674 56.27 -57.57 -19.39
N ALA B 675 55.09 -57.05 -19.04
CA ALA B 675 54.96 -55.62 -18.85
C ALA B 675 55.90 -55.14 -17.75
N ILE B 676 56.09 -55.95 -16.71
CA ILE B 676 57.03 -55.59 -15.66
C ILE B 676 58.44 -55.48 -16.23
N ASN B 677 58.84 -56.44 -17.06
CA ASN B 677 60.17 -56.39 -17.65
C ASN B 677 60.33 -55.13 -18.47
N VAL B 678 59.34 -54.81 -19.29
CA VAL B 678 59.41 -53.64 -20.14
C VAL B 678 59.53 -52.38 -19.28
N ILE B 679 58.71 -52.29 -18.25
CA ILE B 679 58.71 -51.11 -17.38
C ILE B 679 60.08 -50.96 -16.71
N VAL B 680 60.59 -52.06 -16.18
CA VAL B 680 61.87 -52.00 -15.47
C VAL B 680 62.98 -51.58 -16.43
N LYS B 681 63.01 -52.18 -17.62
CA LYS B 681 64.02 -51.82 -18.60
C LYS B 681 63.93 -50.33 -18.92
N ASN B 682 62.73 -49.86 -19.25
CA ASN B 682 62.59 -48.45 -19.63
C ASN B 682 63.04 -47.55 -18.50
N TYR B 683 62.56 -47.80 -17.28
CA TYR B 683 62.87 -46.90 -16.17
C TYR B 683 64.36 -46.91 -15.87
N THR B 684 64.96 -48.10 -15.79
CA THR B 684 66.36 -48.17 -15.42
C THR B 684 67.23 -47.52 -16.49
N ASP B 685 66.91 -47.74 -17.77
CA ASP B 685 67.65 -47.05 -18.82
C ASP B 685 67.50 -45.55 -18.69
N LEU B 686 66.26 -45.06 -18.64
CA LEU B 686 66.02 -43.63 -18.61
C LEU B 686 66.77 -42.98 -17.45
N ARG B 687 66.64 -43.56 -16.25
CA ARG B 687 67.38 -43.02 -15.11
C ARG B 687 68.88 -43.09 -15.36
N ASN B 688 69.37 -44.18 -15.92
CA ASN B 688 70.78 -44.31 -16.26
C ASN B 688 71.12 -43.67 -17.60
N ASP B 689 70.13 -43.20 -18.35
CA ASP B 689 70.39 -42.48 -19.59
C ASP B 689 70.92 -41.09 -19.25
N ASP B 690 72.21 -40.87 -19.52
CA ASP B 690 72.84 -39.60 -19.19
C ASP B 690 72.17 -38.43 -19.88
N ASN B 691 71.47 -38.67 -20.99
CA ASN B 691 70.88 -37.59 -21.78
C ASN B 691 70.10 -36.63 -20.89
N THR B 692 70.22 -35.34 -21.19
CA THR B 692 69.51 -34.33 -20.43
C THR B 692 68.00 -34.59 -20.52
N LYS B 693 67.32 -34.38 -19.39
CA LYS B 693 65.89 -34.64 -19.28
C LYS B 693 65.17 -33.36 -18.87
N LYS B 694 63.88 -33.28 -19.23
CA LYS B 694 63.08 -32.16 -18.78
C LYS B 694 63.07 -32.07 -17.26
N SER B 695 63.04 -33.20 -16.57
CA SER B 695 63.10 -33.24 -15.12
C SER B 695 63.92 -34.46 -14.71
N PRO B 696 64.48 -34.46 -13.50
CA PRO B 696 65.30 -35.59 -13.08
C PRO B 696 64.49 -36.88 -12.99
N ILE B 697 65.15 -38.00 -13.28
CA ILE B 697 64.51 -39.30 -13.15
C ILE B 697 64.57 -39.76 -11.70
N THR B 698 63.45 -40.28 -11.20
CA THR B 698 63.36 -40.72 -9.82
C THR B 698 62.44 -41.92 -9.75
N ALA B 699 62.43 -42.57 -8.58
CA ALA B 699 61.53 -43.69 -8.36
C ALA B 699 60.09 -43.30 -8.67
N ARG B 700 59.74 -42.05 -8.40
CA ARG B 700 58.42 -41.56 -8.78
C ARG B 700 58.20 -41.72 -10.28
N THR B 701 59.27 -41.65 -11.07
CA THR B 701 59.14 -41.94 -12.49
C THR B 701 58.69 -43.38 -12.71
N LEU B 702 59.27 -44.31 -11.94
CA LEU B 702 58.86 -45.71 -12.05
C LEU B 702 57.40 -45.88 -11.66
N GLU B 703 56.98 -45.23 -10.58
CA GLU B 703 55.58 -45.30 -10.18
C GLU B 703 54.68 -44.73 -11.28
N THR B 704 55.12 -43.64 -11.90
CA THR B 704 54.37 -43.05 -12.99
C THR B 704 54.24 -44.03 -14.15
N LEU B 705 55.33 -44.74 -14.46
CA LEU B 705 55.26 -45.75 -15.50
C LEU B 705 54.23 -46.82 -15.16
N ILE B 706 54.27 -47.29 -13.91
CA ILE B 706 53.33 -48.32 -13.49
C ILE B 706 51.91 -47.84 -13.66
N ARG B 707 51.63 -46.62 -13.19
CA ARG B 707 50.27 -46.09 -13.24
C ARG B 707 49.83 -45.84 -14.67
N LEU B 708 50.75 -45.39 -15.54
CA LEU B 708 50.40 -45.19 -16.94
C LEU B 708 50.03 -46.50 -17.60
N ALA B 709 50.82 -47.55 -17.35
CA ALA B 709 50.49 -48.86 -17.90
C ALA B 709 49.15 -49.33 -17.37
N THR B 710 48.90 -49.11 -16.08
CA THR B 710 47.63 -49.49 -15.49
C THR B 710 46.47 -48.78 -16.19
N ALA B 711 46.61 -47.47 -16.40
CA ALA B 711 45.55 -46.72 -17.05
C ALA B 711 45.33 -47.19 -18.48
N HIS B 712 46.41 -47.46 -19.21
CA HIS B 712 46.27 -47.92 -20.58
C HIS B 712 45.54 -49.26 -20.63
N ALA B 713 45.92 -50.18 -19.74
CA ALA B 713 45.22 -51.46 -19.67
C ALA B 713 43.76 -51.26 -19.30
N LYS B 714 43.49 -50.33 -18.39
CA LYS B 714 42.10 -50.02 -18.04
C LYS B 714 41.33 -49.59 -19.27
N VAL B 715 41.91 -48.70 -20.08
CA VAL B 715 41.26 -48.29 -21.32
C VAL B 715 40.99 -49.51 -22.18
N ARG B 716 41.94 -50.44 -22.24
CA ARG B 716 41.74 -51.71 -22.91
C ARG B 716 40.66 -52.56 -22.25
N LEU B 717 40.10 -52.10 -21.13
CA LEU B 717 39.05 -52.84 -20.42
C LEU B 717 39.48 -54.26 -20.11
N SER B 718 40.71 -54.43 -19.66
CA SER B 718 41.27 -55.74 -19.38
C SER B 718 41.67 -55.83 -17.90
N LYS B 719 41.35 -56.97 -17.28
CA LYS B 719 41.75 -57.21 -15.91
C LYS B 719 43.22 -57.55 -15.77
N THR B 720 43.90 -57.85 -16.88
CA THR B 720 45.33 -58.16 -16.89
C THR B 720 46.03 -57.16 -17.80
N VAL B 721 47.10 -56.55 -17.28
CA VAL B 721 47.87 -55.62 -18.09
C VAL B 721 48.49 -56.37 -19.26
N ASN B 722 48.95 -55.63 -20.27
CA ASN B 722 49.63 -56.20 -21.42
C ASN B 722 50.94 -55.45 -21.65
N LYS B 723 51.92 -56.16 -22.22
CA LYS B 723 53.18 -55.52 -22.56
C LYS B 723 52.96 -54.32 -23.47
N VAL B 724 51.93 -54.39 -24.32
CA VAL B 724 51.65 -53.27 -25.21
C VAL B 724 51.24 -52.04 -24.40
N ASP B 725 50.48 -52.24 -23.33
CA ASP B 725 50.09 -51.13 -22.48
C ASP B 725 51.32 -50.42 -21.93
N ALA B 726 52.25 -51.19 -21.35
CA ALA B 726 53.47 -50.59 -20.81
C ALA B 726 54.29 -49.96 -21.91
N LYS B 727 54.32 -50.57 -23.09
CA LYS B 727 55.08 -50.00 -24.20
C LYS B 727 54.53 -48.63 -24.58
N VAL B 728 53.21 -48.52 -24.64
CA VAL B 728 52.58 -47.23 -24.97
C VAL B 728 52.89 -46.21 -23.87
N ALA B 729 52.79 -46.65 -22.61
CA ALA B 729 53.10 -45.75 -21.51
C ALA B 729 54.52 -45.22 -21.63
N ALA B 730 55.48 -46.10 -21.90
CA ALA B 730 56.86 -45.69 -22.06
C ALA B 730 57.02 -44.77 -23.26
N ASN B 731 56.30 -45.05 -24.34
CA ASN B 731 56.37 -44.19 -25.51
C ASN B 731 55.98 -42.77 -25.16
N LEU B 732 54.84 -42.61 -24.50
CA LEU B 732 54.39 -41.26 -24.13
C LEU B 732 55.35 -40.63 -23.13
N LEU B 733 55.82 -41.43 -22.17
CA LEU B 733 56.72 -40.88 -21.15
C LEU B 733 57.99 -40.35 -21.78
N ARG B 734 58.55 -41.07 -22.75
CA ARG B 734 59.71 -40.55 -23.46
C ARG B 734 59.34 -39.35 -24.31
N PHE B 735 58.16 -39.39 -24.94
CA PHE B 735 57.68 -38.25 -25.70
C PHE B 735 57.69 -36.98 -24.86
N ALA B 736 57.43 -37.10 -23.57
CA ALA B 736 57.36 -35.95 -22.68
C ALA B 736 58.73 -35.67 -22.04
N LEU B 737 59.26 -36.59 -21.27
CA LEU B 737 60.47 -36.40 -20.47
C LEU B 737 61.69 -36.08 -21.31
N LEU B 738 61.91 -36.83 -22.39
CA LEU B 738 63.07 -36.59 -23.22
C LEU B 738 62.74 -35.64 -24.36
N GLY B 739 61.48 -35.62 -24.78
CA GLY B 739 61.06 -34.88 -25.95
C GLY B 739 60.38 -35.79 -26.95
N GLU B 740 60.07 -35.21 -28.11
CA GLU B 740 59.37 -35.92 -29.16
C GLU B 740 59.99 -37.29 -29.42
N ASP B 741 59.18 -38.34 -29.33
CA ASP B 741 59.65 -39.70 -29.56
C ASP B 741 58.54 -40.55 -30.19
N LEU C 177 26.58 -42.57 76.49
CA LEU C 177 27.93 -42.32 76.00
C LEU C 177 27.90 -41.32 74.85
N ARG C 178 29.08 -41.04 74.29
CA ARG C 178 29.22 -40.12 73.17
C ARG C 178 30.00 -40.85 72.07
N ILE C 179 29.29 -41.25 71.01
CA ILE C 179 29.88 -41.94 69.88
C ILE C 179 29.63 -41.11 68.62
N ILE C 180 30.48 -41.32 67.63
CA ILE C 180 30.33 -40.66 66.33
C ILE C 180 29.43 -41.53 65.45
N TRP C 181 28.39 -40.91 64.90
CA TRP C 181 27.41 -41.64 64.11
C TRP C 181 28.07 -42.35 62.94
N GLY C 182 27.70 -43.61 62.74
CA GLY C 182 28.13 -44.36 61.58
C GLY C 182 29.57 -44.79 61.59
N THR C 183 30.26 -44.70 62.72
CA THR C 183 31.68 -44.99 62.78
C THR C 183 32.08 -45.87 63.95
N ASN C 184 31.24 -45.96 64.99
CA ASN C 184 31.58 -46.67 66.22
C ASN C 184 32.85 -46.13 66.85
N VAL C 185 33.12 -44.84 66.66
CA VAL C 185 34.26 -44.18 67.25
C VAL C 185 33.76 -43.44 68.49
N SER C 186 33.98 -44.03 69.66
CA SER C 186 33.48 -43.44 70.90
C SER C 186 34.14 -42.09 71.16
N ILE C 187 33.32 -41.05 71.26
CA ILE C 187 33.87 -39.71 71.51
C ILE C 187 34.50 -39.64 72.89
N GLN C 188 33.95 -40.36 73.86
CA GLN C 188 34.53 -40.38 75.19
C GLN C 188 35.89 -41.07 75.19
N GLU C 189 35.96 -42.27 74.60
CA GLU C 189 37.23 -42.97 74.51
C GLU C 189 38.21 -42.22 73.63
N CYS C 190 37.73 -41.65 72.53
CA CYS C 190 38.57 -40.81 71.70
C CYS C 190 39.17 -39.66 72.50
N THR C 191 38.34 -38.99 73.29
CA THR C 191 38.80 -37.87 74.09
C THR C 191 39.84 -38.32 75.10
N THR C 192 39.60 -39.44 75.77
CA THR C 192 40.56 -39.93 76.76
C THR C 192 41.89 -40.28 76.10
N ASN C 193 41.84 -40.98 74.97
CA ASN C 193 43.08 -41.36 74.29
C ASN C 193 43.83 -40.14 73.81
N PHE C 194 43.13 -39.18 73.20
CA PHE C 194 43.79 -37.99 72.73
C PHE C 194 44.32 -37.14 73.88
N ARG C 195 43.63 -37.15 75.02
CA ARG C 195 44.16 -36.47 76.20
C ARG C 195 45.47 -37.09 76.65
N ASN C 196 45.48 -38.41 76.83
CA ASN C 196 46.72 -39.09 77.17
C ASN C 196 47.79 -38.86 76.11
N PHE C 197 47.37 -38.60 74.89
CA PHE C 197 48.31 -38.23 73.83
C PHE C 197 48.77 -36.78 73.95
N LEU C 198 48.01 -35.94 74.66
CA LEU C 198 48.41 -34.55 74.82
C LEU C 198 49.41 -34.42 75.96
N MET C 199 49.11 -34.95 77.13
CA MET C 199 50.06 -35.06 78.22
C MET C 199 50.43 -36.52 78.39
N SER C 200 51.69 -36.77 78.74
CA SER C 200 52.22 -38.12 78.84
C SER C 200 52.61 -38.67 77.47
N PHE C 201 52.61 -37.81 76.45
CA PHE C 201 53.15 -38.18 75.15
C PHE C 201 54.55 -37.61 75.01
N LYS C 202 55.54 -38.44 75.29
CA LYS C 202 56.93 -38.05 75.08
C LYS C 202 57.24 -38.01 73.59
N TYR C 203 58.08 -37.06 73.18
CA TYR C 203 58.58 -37.09 71.82
C TYR C 203 59.35 -38.36 71.54
N LYS C 204 59.83 -39.03 72.59
CA LYS C 204 60.42 -40.35 72.44
C LYS C 204 59.48 -41.27 71.68
N PHE C 205 58.17 -41.17 71.94
CA PHE C 205 57.21 -41.94 71.17
C PHE C 205 57.41 -41.70 69.67
N ARG C 206 57.43 -40.43 69.28
CA ARG C 206 57.57 -40.11 67.87
C ARG C 206 58.88 -40.64 67.30
N LYS C 207 60.00 -40.31 67.96
CA LYS C 207 61.30 -40.69 67.41
C LYS C 207 61.43 -42.20 67.32
N ILE C 208 60.97 -42.93 68.34
CA ILE C 208 61.00 -44.39 68.29
C ILE C 208 60.14 -44.89 67.13
N LEU C 209 58.95 -44.31 66.96
CA LEU C 209 58.14 -44.65 65.80
C LEU C 209 58.92 -44.41 64.51
N ASP C 210 59.67 -43.32 64.45
CA ASP C 210 60.56 -43.03 63.33
C ASP C 210 61.89 -43.76 63.46
N GLU C 211 62.02 -44.67 64.42
CA GLU C 211 63.25 -45.41 64.68
C GLU C 211 64.34 -44.36 64.94
N ARG C 212 65.38 -44.27 64.10
CA ARG C 212 66.42 -43.25 64.27
C ARG C 212 66.96 -43.26 65.70
N GLU C 213 67.07 -44.46 66.28
CA GLU C 213 67.52 -44.57 67.65
C GLU C 213 68.93 -44.02 67.83
N GLU C 214 69.68 -43.91 66.74
CA GLU C 214 70.99 -43.29 66.80
C GLU C 214 70.90 -41.77 66.96
N PHE C 215 69.74 -41.19 66.71
CA PHE C 215 69.54 -39.75 66.75
C PHE C 215 68.68 -39.30 67.92
N ILE C 216 68.36 -40.20 68.84
CA ILE C 216 67.49 -39.86 69.96
C ILE C 216 68.26 -38.96 70.93
N ASN C 217 67.65 -37.83 71.30
CA ASN C 217 68.18 -36.94 72.30
C ASN C 217 67.22 -36.97 73.49
N ASN C 218 67.74 -37.28 74.67
CA ASN C 218 66.92 -37.48 75.84
C ASN C 218 66.01 -36.27 76.10
N THR C 219 66.60 -35.07 76.15
CA THR C 219 65.82 -33.88 76.41
C THR C 219 64.61 -33.80 75.50
N THR C 220 64.84 -33.77 74.18
CA THR C 220 63.73 -33.69 73.24
C THR C 220 62.83 -34.92 73.37
N ASP C 221 63.43 -36.11 73.32
CA ASP C 221 62.64 -37.34 73.30
C ASP C 221 61.88 -37.52 74.61
N GLU C 222 62.58 -37.37 75.74
CA GLU C 222 61.92 -37.54 77.03
C GLU C 222 60.92 -36.41 77.29
N GLU C 223 61.08 -35.27 76.61
CA GLU C 223 60.13 -34.19 76.76
C GLU C 223 58.75 -34.62 76.29
N LEU C 224 57.73 -34.26 77.06
CA LEU C 224 56.34 -34.41 76.64
C LEU C 224 56.10 -33.35 75.56
N TYR C 225 56.47 -33.70 74.33
CA TYR C 225 56.46 -32.77 73.21
C TYR C 225 55.23 -31.87 73.26
N TYR C 226 54.04 -32.47 73.36
CA TYR C 226 52.82 -31.70 73.23
C TYR C 226 52.57 -30.86 74.49
N ILE C 227 53.03 -31.33 75.65
CA ILE C 227 52.90 -30.51 76.86
C ILE C 227 53.79 -29.27 76.75
N LYS C 228 55.01 -29.45 76.27
CA LYS C 228 55.89 -28.32 76.06
C LYS C 228 55.31 -27.36 75.02
N GLN C 229 54.74 -27.93 73.95
CA GLN C 229 54.10 -27.10 72.94
C GLN C 229 52.92 -26.32 73.52
N LEU C 230 52.13 -26.97 74.37
CA LEU C 230 51.00 -26.27 75.00
C LEU C 230 51.50 -25.16 75.92
N ASN C 231 52.57 -25.40 76.66
CA ASN C 231 53.12 -24.35 77.52
C ASN C 231 53.59 -23.16 76.70
N GLU C 232 54.39 -23.44 75.65
CA GLU C 232 54.85 -22.36 74.78
C GLU C 232 53.67 -21.70 74.06
N MET C 233 52.60 -22.45 73.85
CA MET C 233 51.43 -21.92 73.14
C MET C 233 50.65 -20.96 74.03
N ARG C 234 50.50 -21.33 75.30
CA ARG C 234 49.94 -20.41 76.28
C ARG C 234 50.80 -19.16 76.39
N GLU C 235 52.12 -19.34 76.43
CA GLU C 235 53.02 -18.19 76.44
C GLU C 235 52.80 -17.30 75.22
N LEU C 236 52.64 -17.92 74.05
CA LEU C 236 52.30 -17.19 72.84
C LEU C 236 50.83 -16.83 72.77
N GLY C 237 49.97 -17.59 73.44
CA GLY C 237 48.56 -17.28 73.48
C GLY C 237 47.82 -17.56 72.19
N THR C 238 48.40 -18.34 71.29
CA THR C 238 47.73 -18.71 70.06
C THR C 238 46.76 -19.86 70.31
N SER C 239 45.82 -20.03 69.38
CA SER C 239 44.77 -21.03 69.51
C SER C 239 44.82 -22.06 68.38
N ASN C 240 46.01 -22.23 67.78
CA ASN C 240 46.19 -23.16 66.67
C ASN C 240 47.34 -24.10 67.01
N LEU C 241 47.12 -25.40 66.79
CA LEU C 241 48.09 -26.44 67.13
C LEU C 241 48.40 -27.27 65.90
N ASN C 242 49.57 -27.03 65.30
CA ASN C 242 50.04 -27.89 64.22
C ASN C 242 50.33 -29.28 64.77
N LEU C 243 49.98 -30.30 63.98
CA LEU C 243 50.01 -31.68 64.44
C LEU C 243 50.39 -32.59 63.27
N ASP C 244 51.42 -33.42 63.48
CA ASP C 244 51.80 -34.39 62.46
C ASP C 244 51.02 -35.68 62.64
N ALA C 245 50.99 -36.50 61.59
CA ALA C 245 50.42 -37.83 61.68
C ALA C 245 51.25 -38.75 62.56
N ARG C 246 52.58 -38.62 62.52
CA ARG C 246 53.44 -39.59 63.15
C ARG C 246 53.27 -39.60 64.66
N ASN C 247 52.99 -38.43 65.25
CA ASN C 247 52.75 -38.38 66.69
C ASN C 247 51.56 -39.25 67.06
N LEU C 248 50.47 -39.14 66.31
CA LEU C 248 49.32 -39.99 66.56
C LEU C 248 49.68 -41.45 66.37
N LEU C 249 50.41 -41.76 65.31
CA LEU C 249 50.79 -43.14 65.06
C LEU C 249 51.80 -43.66 66.07
N ALA C 250 52.36 -42.78 66.91
CA ALA C 250 53.33 -43.20 67.91
C ALA C 250 52.69 -43.52 69.25
N TYR C 251 51.57 -42.89 69.58
CA TYR C 251 50.89 -43.12 70.85
C TYR C 251 49.84 -44.19 70.66
N LYS C 252 49.99 -45.30 71.38
CA LYS C 252 49.09 -46.44 71.20
C LYS C 252 47.64 -46.04 71.40
N GLN C 253 47.37 -45.17 72.37
CA GLN C 253 46.00 -44.72 72.60
C GLN C 253 45.46 -43.97 71.38
N THR C 254 46.28 -43.12 70.79
CA THR C 254 45.86 -42.28 69.67
C THR C 254 46.22 -42.88 68.32
N GLU C 255 46.88 -44.04 68.29
CA GLU C 255 47.13 -44.70 67.01
C GLU C 255 45.82 -45.03 66.30
N ASP C 256 44.84 -45.56 67.03
CA ASP C 256 43.53 -45.80 66.45
C ASP C 256 42.85 -44.49 66.07
N LEU C 257 42.99 -43.48 66.93
CA LEU C 257 42.39 -42.18 66.63
C LEU C 257 42.94 -41.62 65.33
N TYR C 258 44.18 -41.98 64.98
CA TYR C 258 44.73 -41.55 63.70
C TYR C 258 43.87 -42.03 62.55
N HIS C 259 43.59 -43.34 62.52
CA HIS C 259 42.75 -43.88 61.45
C HIS C 259 41.34 -43.33 61.55
N GLN C 260 40.85 -43.10 62.77
CA GLN C 260 39.53 -42.50 62.93
C GLN C 260 39.47 -41.13 62.26
N LEU C 261 40.49 -40.31 62.49
CA LEU C 261 40.57 -39.02 61.82
C LEU C 261 40.63 -39.20 60.31
N LEU C 262 41.50 -40.12 59.85
CA LEU C 262 41.63 -40.36 58.42
C LEU C 262 40.27 -40.67 57.79
N ASN C 263 39.44 -41.44 58.51
CA ASN C 263 38.16 -41.85 57.96
C ASN C 263 37.11 -40.75 58.10
N TYR C 264 37.02 -40.15 59.28
CA TYR C 264 35.95 -39.22 59.61
C TYR C 264 36.55 -37.96 60.23
N PRO C 265 37.22 -37.15 59.42
CA PRO C 265 37.98 -36.03 60.00
C PRO C 265 37.16 -35.06 60.83
N GLN C 266 36.16 -34.42 60.23
CA GLN C 266 35.48 -33.28 60.86
C GLN C 266 35.18 -33.51 62.33
N GLU C 267 34.50 -34.61 62.64
CA GLU C 267 34.11 -34.89 64.02
C GLU C 267 35.34 -35.09 64.88
N VAL C 268 36.33 -35.82 64.37
CA VAL C 268 37.54 -36.09 65.14
C VAL C 268 38.25 -34.78 65.46
N ILE C 269 38.34 -33.89 64.48
CA ILE C 269 39.02 -32.62 64.68
C ILE C 269 38.26 -31.77 65.68
N SER C 270 36.92 -31.79 65.63
CA SER C 270 36.13 -31.02 66.58
C SER C 270 36.38 -31.52 68.01
N ILE C 271 36.30 -32.84 68.20
CA ILE C 271 36.54 -33.41 69.51
C ILE C 271 37.96 -33.09 69.97
N MET C 272 38.91 -33.14 69.05
CA MET C 272 40.31 -32.93 69.37
C MET C 272 40.56 -31.49 69.78
N ASP C 273 39.92 -30.54 69.10
CA ASP C 273 40.02 -29.14 69.46
C ASP C 273 39.43 -28.91 70.85
N GLN C 274 38.27 -29.50 71.11
CA GLN C 274 37.69 -29.37 72.45
C GLN C 274 38.63 -29.94 73.50
N THR C 275 39.24 -31.08 73.20
CA THR C 275 40.18 -31.69 74.15
C THR C 275 41.38 -30.80 74.39
N ILE C 276 41.91 -30.17 73.34
CA ILE C 276 43.05 -29.27 73.51
C ILE C 276 42.65 -28.07 74.37
N LYS C 277 41.46 -27.52 74.13
CA LYS C 277 40.98 -26.41 74.95
C LYS C 277 40.89 -26.82 76.42
N ASP C 278 40.29 -27.98 76.68
CA ASP C 278 40.16 -28.46 78.05
C ASP C 278 41.52 -28.72 78.68
N CYS C 279 42.47 -29.24 77.89
CA CYS C 279 43.79 -29.51 78.41
C CYS C 279 44.51 -28.23 78.77
N MET C 280 44.34 -27.18 77.97
CA MET C 280 44.93 -25.89 78.31
C MET C 280 44.31 -25.34 79.59
N VAL C 281 42.99 -25.48 79.72
CA VAL C 281 42.32 -25.04 80.95
C VAL C 281 42.87 -25.80 82.15
N SER C 282 43.02 -27.11 82.01
CA SER C 282 43.59 -27.91 83.09
C SER C 282 45.01 -27.47 83.42
N LEU C 283 45.81 -27.20 82.39
CA LEU C 283 47.19 -26.79 82.62
C LEU C 283 47.26 -25.50 83.41
N ILE C 284 46.44 -24.50 83.04
CA ILE C 284 46.48 -23.24 83.78
C ILE C 284 45.97 -23.44 85.20
N VAL C 285 44.86 -24.17 85.37
CA VAL C 285 44.32 -24.37 86.70
C VAL C 285 45.21 -25.32 87.50
N ASP C 286 45.66 -26.41 86.87
CA ASP C 286 46.55 -27.35 87.57
C ASP C 286 47.86 -26.68 87.96
N ASN C 287 48.45 -25.92 87.05
CA ASN C 287 49.68 -25.20 87.32
C ASN C 287 49.45 -23.93 88.13
N ASN C 288 48.20 -23.62 88.48
CA ASN C 288 47.83 -22.41 89.21
C ASN C 288 48.62 -21.20 88.71
N LEU C 289 48.85 -21.13 87.40
CA LEU C 289 49.51 -19.99 86.80
C LEU C 289 48.53 -18.83 86.70
N ASP C 290 49.03 -17.61 86.89
CA ASP C 290 48.18 -16.43 86.80
C ASP C 290 47.81 -16.18 85.36
N TYR C 291 46.67 -16.73 84.93
CA TYR C 291 46.23 -16.64 83.55
C TYR C 291 44.71 -16.52 83.50
N ASP C 292 44.23 -15.79 82.51
CA ASP C 292 42.80 -15.57 82.35
C ASP C 292 42.17 -16.85 81.79
N LEU C 293 41.58 -17.65 82.68
CA LEU C 293 40.87 -18.85 82.23
C LEU C 293 39.78 -18.49 81.22
N ASP C 294 39.20 -17.29 81.37
CA ASP C 294 38.21 -16.84 80.40
C ASP C 294 38.84 -16.72 79.01
N GLU C 295 40.07 -16.21 78.94
CA GLU C 295 40.75 -16.11 77.66
C GLU C 295 40.86 -17.48 76.99
N ILE C 296 41.37 -18.47 77.73
CA ILE C 296 41.46 -19.82 77.18
C ILE C 296 40.07 -20.34 76.85
N GLU C 297 39.10 -20.15 77.75
CA GLU C 297 37.72 -20.45 77.44
C GLU C 297 37.22 -19.68 76.23
N THR C 298 37.66 -18.43 76.07
CA THR C 298 37.36 -17.65 74.88
C THR C 298 38.19 -18.08 73.68
N LYS C 299 39.43 -18.49 73.91
CA LYS C 299 40.30 -18.96 72.84
C LYS C 299 39.67 -20.19 72.19
N PHE C 300 39.25 -20.05 70.94
CA PHE C 300 38.80 -21.19 70.17
C PHE C 300 40.00 -22.00 69.72
N TYR C 301 40.47 -22.90 70.58
CA TYR C 301 41.66 -23.69 70.28
C TYR C 301 41.39 -24.66 69.14
N LYS C 302 42.28 -24.67 68.16
CA LYS C 302 42.17 -25.55 67.01
C LYS C 302 43.44 -26.37 66.86
N VAL C 303 43.31 -27.48 66.15
CA VAL C 303 44.42 -28.36 65.80
C VAL C 303 44.57 -28.35 64.28
N ARG C 304 45.80 -28.17 63.82
CA ARG C 304 46.07 -28.13 62.40
C ARG C 304 46.85 -29.38 62.01
N PRO C 305 46.19 -30.52 61.90
CA PRO C 305 46.91 -31.76 61.58
C PRO C 305 47.55 -31.69 60.20
N TYR C 306 48.74 -32.26 60.09
CA TYR C 306 49.45 -32.37 58.82
C TYR C 306 50.09 -33.75 58.72
N ASN C 307 50.53 -34.08 57.51
CA ASN C 307 51.11 -35.38 57.20
C ASN C 307 50.10 -36.51 57.35
N VAL C 308 48.81 -36.19 57.22
CA VAL C 308 47.77 -37.17 57.51
C VAL C 308 47.94 -38.41 56.65
N GLY C 309 48.28 -38.24 55.38
CA GLY C 309 48.44 -39.36 54.48
C GLY C 309 49.50 -39.07 53.45
N SER C 310 49.93 -40.13 52.76
CA SER C 310 50.90 -39.98 51.69
C SER C 310 50.31 -39.11 50.59
N CYS C 311 51.09 -38.13 50.13
CA CYS C 311 50.65 -37.23 49.09
C CYS C 311 50.21 -38.00 47.85
N LYS C 312 48.93 -37.93 47.53
CA LYS C 312 48.35 -38.62 46.39
C LYS C 312 48.02 -37.61 45.30
N GLY C 313 48.21 -38.04 44.05
CA GLY C 313 47.85 -37.21 42.92
C GLY C 313 46.40 -36.76 43.01
N MET C 314 46.18 -35.46 42.88
CA MET C 314 44.82 -34.94 42.99
C MET C 314 43.91 -35.54 41.94
N ARG C 315 44.40 -35.67 40.72
CA ARG C 315 43.62 -36.31 39.66
C ARG C 315 43.20 -37.72 40.07
N GLU C 316 44.00 -38.37 40.92
CA GLU C 316 43.67 -39.72 41.38
C GLU C 316 42.45 -39.76 42.28
N LEU C 317 41.96 -38.61 42.74
CA LEU C 317 40.86 -38.60 43.68
C LEU C 317 39.60 -39.20 43.05
N ASN C 318 38.82 -39.87 43.88
CA ASN C 318 37.57 -40.50 43.48
C ASN C 318 36.53 -40.23 44.56
N PRO C 319 35.24 -40.40 44.23
CA PRO C 319 34.19 -39.93 45.15
C PRO C 319 34.29 -40.48 46.57
N ASN C 320 34.62 -41.77 46.74
CA ASN C 320 34.59 -42.34 48.08
C ASN C 320 35.62 -41.66 48.98
N ASP C 321 36.64 -41.05 48.38
CA ASP C 321 37.63 -40.33 49.18
C ASP C 321 36.99 -39.16 49.92
N ILE C 322 35.81 -38.73 49.49
CA ILE C 322 35.13 -37.62 50.16
C ILE C 322 34.99 -37.94 51.64
N ASP C 323 34.98 -36.88 52.46
CA ASP C 323 34.89 -36.98 53.91
C ASP C 323 36.16 -37.52 54.54
N LYS C 324 37.33 -37.23 53.94
CA LYS C 324 38.59 -37.71 54.46
C LYS C 324 39.67 -36.67 54.19
N LEU C 325 40.66 -36.62 55.08
CA LEU C 325 41.80 -35.74 54.89
C LEU C 325 42.67 -36.29 53.76
N ILE C 326 43.05 -35.42 52.84
CA ILE C 326 43.82 -35.82 51.66
C ILE C 326 45.04 -34.89 51.58
N ASN C 327 46.17 -35.38 52.08
CA ASN C 327 47.41 -34.64 51.92
C ASN C 327 47.66 -34.36 50.45
N LEU C 328 47.94 -33.11 50.13
CA LEU C 328 48.05 -32.70 48.73
C LEU C 328 49.20 -31.71 48.57
N LYS C 329 49.79 -31.72 47.38
CA LYS C 329 50.85 -30.80 47.01
C LYS C 329 50.47 -30.14 45.70
N GLY C 330 50.84 -28.88 45.54
CA GLY C 330 50.53 -28.16 44.32
C GLY C 330 51.11 -26.76 44.34
N LEU C 331 50.73 -26.00 43.32
CA LEU C 331 51.19 -24.62 43.16
C LEU C 331 49.97 -23.70 43.12
N VAL C 332 50.05 -22.61 43.87
CA VAL C 332 48.93 -21.68 43.99
C VAL C 332 48.77 -20.90 42.69
N LEU C 333 47.74 -21.25 41.91
CA LEU C 333 47.49 -20.53 40.67
C LEU C 333 46.95 -19.13 40.95
N ARG C 334 45.98 -19.03 41.84
CA ARG C 334 45.35 -17.75 42.15
C ARG C 334 44.50 -17.91 43.41
N SER C 335 44.22 -16.79 44.04
CA SER C 335 43.45 -16.76 45.28
C SER C 335 42.41 -15.64 45.21
N THR C 336 41.25 -15.92 45.76
CA THR C 336 40.15 -14.96 45.75
C THR C 336 40.28 -13.99 46.91
N PRO C 337 39.83 -12.74 46.77
CA PRO C 337 39.72 -11.88 47.95
C PRO C 337 38.77 -12.50 48.96
N VAL C 338 39.09 -12.31 50.24
CA VAL C 338 38.30 -12.91 51.32
C VAL C 338 36.83 -12.59 51.10
N ILE C 339 35.97 -13.54 51.46
CA ILE C 339 34.53 -13.40 51.26
C ILE C 339 33.83 -13.48 52.62
N PRO C 340 32.79 -12.69 52.86
CA PRO C 340 32.05 -12.86 54.12
C PRO C 340 31.43 -14.23 54.20
N ASP C 341 31.87 -15.01 55.19
CA ASP C 341 31.37 -16.36 55.42
C ASP C 341 30.37 -16.29 56.56
N MET C 342 29.09 -16.22 56.20
CA MET C 342 28.02 -16.15 57.18
C MET C 342 28.27 -17.11 58.34
N LYS C 343 28.20 -16.60 59.57
CA LYS C 343 28.57 -17.41 60.73
C LYS C 343 27.36 -17.69 61.63
N VAL C 344 26.68 -16.65 62.09
CA VAL C 344 25.50 -16.78 62.93
C VAL C 344 24.46 -15.77 62.47
N ALA C 345 23.24 -16.24 62.25
CA ALA C 345 22.15 -15.38 61.80
C ALA C 345 21.55 -14.63 62.98
N PHE C 346 21.24 -13.36 62.76
CA PHE C 346 20.62 -12.50 63.75
C PHE C 346 19.26 -12.05 63.23
N PHE C 347 18.23 -12.26 64.02
CA PHE C 347 16.87 -11.90 63.67
C PHE C 347 16.36 -10.80 64.59
N LYS C 348 15.23 -10.22 64.22
CA LYS C 348 14.57 -9.19 65.00
C LYS C 348 13.08 -9.25 64.72
N CYS C 349 12.28 -9.07 65.77
CA CYS C 349 10.85 -8.97 65.59
C CYS C 349 10.48 -7.61 65.01
N ASN C 350 9.49 -7.60 64.13
CA ASN C 350 9.04 -6.37 63.48
C ASN C 350 7.84 -5.73 64.16
N VAL C 351 7.32 -6.34 65.23
CA VAL C 351 6.18 -5.79 65.96
C VAL C 351 6.55 -5.40 67.39
N CYS C 352 7.36 -6.21 68.08
CA CYS C 352 7.81 -5.86 69.43
C CYS C 352 9.31 -5.60 69.49
N ASP C 353 10.03 -5.74 68.37
CA ASP C 353 11.46 -5.48 68.23
C ASP C 353 12.31 -6.56 68.90
N HIS C 354 11.72 -7.55 69.56
CA HIS C 354 12.51 -8.58 70.23
C HIS C 354 13.36 -9.33 69.21
N THR C 355 14.62 -9.55 69.57
CA THR C 355 15.60 -10.11 68.65
C THR C 355 16.11 -11.46 69.14
N MET C 356 16.57 -12.26 68.19
CA MET C 356 17.14 -13.56 68.47
C MET C 356 18.22 -13.86 67.42
N ALA C 357 19.21 -14.66 67.80
CA ALA C 357 20.31 -15.02 66.93
C ALA C 357 20.22 -16.50 66.59
N VAL C 358 20.18 -16.82 65.30
CA VAL C 358 20.13 -18.20 64.82
C VAL C 358 21.51 -18.54 64.30
N GLU C 359 22.19 -19.47 64.96
CA GLU C 359 23.48 -19.93 64.47
C GLU C 359 23.30 -20.70 63.17
N ILE C 360 24.22 -20.47 62.23
CA ILE C 360 24.16 -21.14 60.94
C ILE C 360 24.56 -22.60 61.12
N ASP C 361 23.56 -23.48 61.09
CA ASP C 361 23.81 -24.91 61.15
C ASP C 361 23.81 -25.48 59.75
N ARG C 362 24.91 -26.14 59.38
CA ARG C 362 25.01 -26.81 58.08
C ARG C 362 24.85 -25.81 56.94
N GLY C 363 25.34 -24.59 57.15
CA GLY C 363 25.24 -23.57 56.12
C GLY C 363 23.83 -23.21 55.75
N VAL C 364 22.90 -23.25 56.71
CA VAL C 364 21.50 -22.91 56.47
C VAL C 364 20.92 -22.29 57.73
N ILE C 365 19.80 -21.59 57.56
CA ILE C 365 19.13 -20.90 58.65
C ILE C 365 17.75 -21.52 58.85
N GLN C 366 17.42 -21.81 60.10
CA GLN C 366 16.07 -22.25 60.47
C GLN C 366 15.39 -21.10 61.20
N GLU C 367 14.74 -20.24 60.43
CA GLU C 367 14.16 -19.04 60.99
C GLU C 367 13.06 -19.41 61.98
N PRO C 368 12.93 -18.69 63.10
CA PRO C 368 11.80 -18.93 64.00
C PRO C 368 10.49 -18.53 63.33
N ALA C 369 9.53 -19.46 63.32
CA ALA C 369 8.25 -19.19 62.67
C ALA C 369 7.53 -18.03 63.35
N ARG C 370 7.56 -17.99 64.68
CA ARG C 370 6.93 -16.94 65.44
C ARG C 370 7.95 -16.33 66.39
N CYS C 371 7.59 -15.20 66.99
CA CYS C 371 8.51 -14.48 67.85
C CYS C 371 8.96 -15.36 69.01
N GLU C 372 10.26 -15.31 69.32
CA GLU C 372 10.77 -16.05 70.47
C GLU C 372 10.01 -15.69 71.74
N ARG C 373 9.65 -14.42 71.90
CA ARG C 373 8.79 -14.01 73.01
C ARG C 373 7.39 -14.56 72.78
N ILE C 374 6.99 -15.53 73.60
CA ILE C 374 5.63 -16.04 73.54
C ILE C 374 4.63 -14.93 73.79
N ASP C 375 5.04 -13.87 74.50
CA ASP C 375 4.16 -12.72 74.71
C ASP C 375 3.72 -12.15 73.37
N CYS C 376 4.65 -12.03 72.42
CA CYS C 376 4.37 -11.54 71.08
C CYS C 376 4.10 -12.66 70.09
N ASN C 377 5.01 -13.64 70.01
CA ASN C 377 4.89 -14.80 69.12
C ASN C 377 4.27 -14.43 67.78
N GLU C 378 4.69 -13.30 67.24
CA GLU C 378 4.15 -12.85 65.96
C GLU C 378 4.74 -13.69 64.83
N PRO C 379 3.92 -14.25 63.94
CA PRO C 379 4.46 -15.10 62.87
C PRO C 379 5.06 -14.26 61.75
N ASN C 380 6.25 -14.63 61.32
CA ASN C 380 7.00 -14.01 60.22
C ASN C 380 7.47 -12.61 60.58
N SER C 381 7.16 -12.09 61.76
CA SER C 381 7.68 -10.79 62.14
C SER C 381 9.18 -10.84 62.41
N MET C 382 9.72 -12.04 62.66
CA MET C 382 11.16 -12.18 62.81
C MET C 382 11.82 -12.00 61.46
N SER C 383 12.69 -11.00 61.36
CA SER C 383 13.37 -10.68 60.12
C SER C 383 14.87 -10.71 60.37
N LEU C 384 15.61 -11.25 59.39
CA LEU C 384 17.06 -11.36 59.50
C LEU C 384 17.72 -10.02 59.21
N ILE C 385 18.40 -9.45 60.20
CA ILE C 385 19.10 -8.16 60.01
C ILE C 385 20.52 -8.51 59.60
N HIS C 386 20.77 -8.43 58.29
CA HIS C 386 22.06 -8.79 57.72
C HIS C 386 23.21 -8.18 58.51
N ASN C 387 23.20 -6.85 58.67
CA ASN C 387 24.32 -6.18 59.31
C ASN C 387 24.52 -6.66 60.75
N ARG C 388 23.44 -6.72 61.52
CA ARG C 388 23.56 -7.19 62.91
C ARG C 388 24.04 -8.63 62.97
N CYS C 389 23.82 -9.40 61.91
CA CYS C 389 24.21 -10.80 61.92
C CYS C 389 25.72 -10.95 61.99
N SER C 390 26.16 -12.15 62.32
CA SER C 390 27.59 -12.46 62.42
C SER C 390 28.05 -13.16 61.16
N PHE C 391 29.21 -12.76 60.65
CA PHE C 391 29.84 -13.35 59.48
C PHE C 391 31.27 -13.73 59.80
N ALA C 392 31.75 -14.78 59.14
CA ALA C 392 33.14 -15.20 59.21
C ALA C 392 33.85 -14.80 57.92
N ASP C 393 35.12 -15.19 57.81
CA ASP C 393 35.94 -14.87 56.66
C ASP C 393 36.29 -16.15 55.92
N LYS C 394 36.02 -16.16 54.61
CA LYS C 394 36.36 -17.30 53.76
C LYS C 394 37.12 -16.80 52.55
N GLN C 395 38.05 -17.62 52.06
CA GLN C 395 38.75 -17.37 50.82
C GLN C 395 38.95 -18.69 50.09
N VAL C 396 39.12 -18.60 48.77
CA VAL C 396 39.31 -19.77 47.93
C VAL C 396 40.55 -19.55 47.07
N ILE C 397 41.33 -20.61 46.89
CA ILE C 397 42.60 -20.55 46.19
C ILE C 397 42.65 -21.68 45.16
N LYS C 398 42.97 -21.33 43.93
CA LYS C 398 43.21 -22.35 42.91
C LYS C 398 44.62 -22.91 43.08
N LEU C 399 44.72 -24.24 43.15
CA LEU C 399 45.99 -24.92 43.40
C LEU C 399 46.23 -25.90 42.26
N GLN C 400 47.32 -25.71 41.54
CA GLN C 400 47.65 -26.60 40.43
C GLN C 400 48.28 -27.89 40.94
N GLU C 401 47.90 -28.99 40.31
CA GLU C 401 48.54 -30.28 40.61
C GLU C 401 49.95 -30.28 40.06
N THR C 402 50.90 -30.72 40.87
CA THR C 402 52.30 -30.63 40.48
C THR C 402 52.58 -31.52 39.28
N PRO C 403 53.52 -31.15 38.40
CA PRO C 403 53.81 -32.01 37.24
C PRO C 403 54.24 -33.42 37.63
N ASP C 404 54.85 -33.58 38.80
CA ASP C 404 55.25 -34.91 39.24
C ASP C 404 54.04 -35.84 39.35
N PHE C 405 52.95 -35.33 39.93
CA PHE C 405 51.77 -36.15 40.15
C PHE C 405 51.04 -36.48 38.85
N VAL C 406 50.99 -35.54 37.91
CA VAL C 406 50.16 -35.69 36.72
C VAL C 406 50.83 -36.62 35.71
N PRO C 407 50.06 -37.25 34.81
CA PRO C 407 50.67 -38.05 33.75
C PRO C 407 50.91 -37.23 32.49
N ASP C 408 51.67 -37.78 31.55
CA ASP C 408 51.91 -37.09 30.29
C ASP C 408 50.63 -36.89 29.49
N GLY C 409 49.58 -37.65 29.79
CA GLY C 409 48.42 -37.68 28.91
C GLY C 409 47.75 -36.33 28.76
N GLN C 410 47.60 -35.60 29.85
CA GLN C 410 46.77 -34.41 29.86
C GLN C 410 47.37 -33.34 30.74
N THR C 411 46.84 -32.13 30.60
CA THR C 411 47.33 -30.98 31.36
C THR C 411 47.01 -31.16 32.84
N PRO C 412 47.81 -30.56 33.72
CA PRO C 412 47.51 -30.64 35.16
C PRO C 412 46.17 -30.02 35.49
N HIS C 413 45.49 -30.60 36.47
CA HIS C 413 44.26 -30.02 37.00
C HIS C 413 44.58 -29.06 38.14
N SER C 414 43.57 -28.30 38.54
CA SER C 414 43.66 -27.42 39.69
C SER C 414 42.37 -27.50 40.49
N ILE C 415 42.47 -27.25 41.79
CA ILE C 415 41.32 -27.25 42.68
C ILE C 415 41.26 -25.91 43.39
N SER C 416 40.06 -25.34 43.48
CA SER C 416 39.85 -24.08 44.18
C SER C 416 39.54 -24.40 45.64
N LEU C 417 40.59 -24.73 46.37
CA LEU C 417 40.43 -25.07 47.77
C LEU C 417 39.86 -23.89 48.54
N CYS C 418 38.94 -24.17 49.46
CA CYS C 418 38.31 -23.14 50.27
C CYS C 418 39.06 -23.01 51.58
N VAL C 419 39.70 -21.87 51.80
CA VAL C 419 40.42 -21.61 53.04
C VAL C 419 39.55 -20.74 53.94
N TYR C 420 39.80 -20.85 55.25
CA TYR C 420 38.98 -20.15 56.23
C TYR C 420 39.86 -19.69 57.38
N ASP C 421 39.35 -18.74 58.14
CA ASP C 421 39.97 -18.31 59.39
C ASP C 421 41.34 -17.70 59.06
N GLU C 422 42.27 -17.74 60.02
CA GLU C 422 43.59 -17.16 59.81
C GLU C 422 44.22 -17.67 58.52
N LEU C 423 44.04 -18.97 58.24
CA LEU C 423 44.58 -19.54 57.01
C LEU C 423 44.21 -18.69 55.79
N VAL C 424 43.11 -17.95 55.88
CA VAL C 424 42.76 -17.04 54.80
C VAL C 424 43.89 -16.05 54.57
N ASP C 425 44.16 -15.75 53.30
CA ASP C 425 45.21 -14.79 52.92
C ASP C 425 46.55 -15.18 53.56
N SER C 426 46.82 -16.48 53.60
CA SER C 426 48.08 -16.99 54.14
C SER C 426 49.02 -17.46 53.05
N CYS C 427 48.82 -17.02 51.81
CA CYS C 427 49.69 -17.40 50.72
C CYS C 427 49.37 -16.53 49.50
N ARG C 428 50.39 -16.19 48.75
CA ARG C 428 50.26 -15.43 47.52
C ARG C 428 50.12 -16.40 46.35
N ALA C 429 50.20 -15.88 45.13
CA ALA C 429 50.24 -16.71 43.95
C ALA C 429 51.62 -17.33 43.78
N GLY C 430 51.67 -18.44 43.03
CA GLY C 430 52.94 -19.10 42.79
C GLY C 430 53.61 -19.58 44.04
N ASP C 431 52.87 -20.25 44.92
CA ASP C 431 53.38 -20.76 46.18
C ASP C 431 53.35 -22.30 46.14
N ARG C 432 54.52 -22.90 46.03
CA ARG C 432 54.63 -24.36 46.08
C ARG C 432 54.40 -24.81 47.51
N ILE C 433 53.18 -25.25 47.81
CA ILE C 433 52.78 -25.54 49.18
C ILE C 433 52.09 -26.90 49.22
N GLU C 434 52.35 -27.64 50.29
CA GLU C 434 51.66 -28.90 50.57
C GLU C 434 50.62 -28.65 51.65
N VAL C 435 49.41 -29.12 51.43
CA VAL C 435 48.28 -28.81 52.30
C VAL C 435 47.52 -30.09 52.61
N THR C 436 47.09 -30.21 53.86
CA THR C 436 46.21 -31.29 54.30
C THR C 436 44.84 -30.71 54.59
N GLY C 437 43.80 -31.38 54.09
CA GLY C 437 42.45 -30.89 54.27
C GLY C 437 41.44 -31.97 53.96
N THR C 438 40.22 -31.78 54.49
CA THR C 438 39.15 -32.74 54.23
C THR C 438 38.64 -32.60 52.81
N PHE C 439 38.31 -33.73 52.19
CA PHE C 439 37.75 -33.74 50.85
C PHE C 439 36.25 -33.49 50.94
N ARG C 440 35.78 -32.44 50.27
CA ARG C 440 34.40 -31.98 50.40
C ARG C 440 33.73 -31.92 49.04
N SER C 441 32.48 -32.36 49.00
CA SER C 441 31.64 -32.26 47.81
C SER C 441 30.27 -31.74 48.22
N ILE C 442 29.65 -30.99 47.30
CA ILE C 442 28.37 -30.35 47.59
C ILE C 442 27.50 -30.36 46.34
N PRO C 443 26.18 -30.30 46.47
CA PRO C 443 25.32 -30.14 45.31
C PRO C 443 25.48 -28.74 44.70
N ILE C 444 24.86 -28.57 43.54
CA ILE C 444 24.88 -27.31 42.82
C ILE C 444 23.50 -27.13 42.19
N ARG C 445 22.90 -25.97 42.40
CA ARG C 445 21.56 -25.69 41.88
C ARG C 445 21.53 -25.82 40.36
N ALA C 446 20.78 -26.81 39.88
CA ALA C 446 20.57 -26.93 38.44
C ALA C 446 19.88 -25.68 37.90
N ASN C 447 18.87 -25.19 38.61
CA ASN C 447 18.17 -23.95 38.28
C ASN C 447 18.16 -23.08 39.53
N SER C 448 18.79 -21.90 39.44
CA SER C 448 18.87 -21.02 40.61
C SER C 448 17.49 -20.68 41.14
N ARG C 449 16.52 -20.51 40.24
CA ARG C 449 15.15 -20.21 40.68
C ARG C 449 14.59 -21.33 41.52
N GLN C 450 14.80 -22.58 41.10
CA GLN C 450 14.27 -23.74 41.78
C GLN C 450 15.30 -24.33 42.73
N ARG C 451 14.88 -25.34 43.48
CA ARG C 451 15.78 -26.11 44.34
C ARG C 451 16.29 -27.37 43.67
N VAL C 452 16.01 -27.56 42.38
CA VAL C 452 16.50 -28.73 41.67
C VAL C 452 18.02 -28.66 41.59
N LEU C 453 18.68 -29.74 42.00
CA LEU C 453 20.13 -29.81 42.06
C LEU C 453 20.63 -30.81 41.03
N LYS C 454 21.68 -30.44 40.31
CA LYS C 454 22.29 -31.35 39.35
C LYS C 454 22.78 -32.60 40.05
N SER C 455 22.57 -33.75 39.41
CA SER C 455 22.96 -35.02 40.02
C SER C 455 24.43 -35.02 40.42
N LEU C 456 25.30 -34.57 39.52
CA LEU C 456 26.71 -34.42 39.85
C LEU C 456 26.89 -33.36 40.93
N TYR C 457 28.03 -33.42 41.62
CA TYR C 457 28.30 -32.61 42.79
C TYR C 457 29.60 -31.83 42.63
N LYS C 458 29.54 -30.53 42.92
CA LYS C 458 30.74 -29.73 43.03
C LYS C 458 31.59 -30.23 44.18
N THR C 459 32.91 -30.22 43.97
CA THR C 459 33.85 -30.76 44.94
C THR C 459 34.91 -29.74 45.27
N TYR C 460 35.21 -29.60 46.56
CA TYR C 460 36.25 -28.69 47.04
C TYR C 460 36.95 -29.36 48.21
N VAL C 461 37.86 -28.63 48.84
CA VAL C 461 38.64 -29.13 49.96
C VAL C 461 38.79 -28.02 50.98
N ASP C 462 38.67 -28.37 52.26
CA ASP C 462 38.87 -27.44 53.36
C ASP C 462 40.20 -27.78 54.01
N VAL C 463 41.19 -26.90 53.83
CA VAL C 463 42.54 -27.15 54.32
C VAL C 463 42.54 -26.95 55.83
N VAL C 464 42.82 -28.03 56.57
CA VAL C 464 42.98 -27.91 58.01
C VAL C 464 44.39 -27.41 58.34
N HIS C 465 45.34 -27.63 57.44
CA HIS C 465 46.72 -27.21 57.66
C HIS C 465 47.37 -26.98 56.31
N VAL C 466 48.35 -26.06 56.29
CA VAL C 466 49.07 -25.71 55.08
C VAL C 466 50.56 -25.76 55.37
N LYS C 467 51.31 -26.35 54.45
CA LYS C 467 52.76 -26.43 54.56
C LYS C 467 53.38 -25.66 53.41
N LYS C 468 54.28 -24.74 53.74
CA LYS C 468 54.98 -23.95 52.72
C LYS C 468 56.20 -24.72 52.25
N VAL C 469 56.23 -25.04 50.96
CA VAL C 469 57.31 -25.82 50.36
C VAL C 469 57.79 -26.92 51.30
N GLN C 500 62.44 -21.66 61.46
CA GLN C 500 63.33 -20.97 62.39
C GLN C 500 64.73 -21.59 62.35
N ILE C 501 65.72 -20.76 62.07
CA ILE C 501 67.11 -21.20 62.05
C ILE C 501 67.53 -21.53 63.47
N THR C 502 67.66 -22.82 63.78
CA THR C 502 68.03 -23.22 65.13
C THR C 502 69.47 -22.79 65.43
N ASP C 503 69.76 -22.61 66.71
CA ASP C 503 71.11 -22.25 67.11
C ASP C 503 72.13 -23.22 66.53
N GLN C 504 71.76 -24.51 66.44
CA GLN C 504 72.62 -25.47 65.75
C GLN C 504 72.73 -25.13 64.27
N ASP C 505 71.62 -24.75 63.65
CA ASP C 505 71.67 -24.35 62.24
C ASP C 505 72.54 -23.13 62.06
N LEU C 506 72.41 -22.15 62.95
CA LEU C 506 73.26 -20.96 62.88
C LEU C 506 74.72 -21.33 63.08
N ALA C 507 75.00 -22.26 63.98
CA ALA C 507 76.37 -22.71 64.21
C ALA C 507 76.93 -23.35 62.95
N LYS C 508 76.15 -24.21 62.30
CA LYS C 508 76.61 -24.82 61.05
C LYS C 508 76.85 -23.76 59.99
N ILE C 509 75.95 -22.78 59.89
CA ILE C 509 76.09 -21.72 58.90
C ILE C 509 77.39 -20.96 59.14
N ARG C 510 77.64 -20.58 60.39
CA ARG C 510 78.84 -19.79 60.68
C ARG C 510 80.10 -20.63 60.54
N GLU C 511 80.02 -21.93 60.84
CA GLU C 511 81.15 -22.81 60.60
C GLU C 511 81.49 -22.84 59.11
N VAL C 512 80.49 -23.06 58.26
CA VAL C 512 80.73 -23.08 56.84
C VAL C 512 81.29 -21.74 56.37
N ALA C 513 80.74 -20.64 56.91
CA ALA C 513 81.30 -19.33 56.61
C ALA C 513 82.77 -19.25 57.01
N ALA C 514 83.15 -19.94 58.08
CA ALA C 514 84.54 -19.96 58.49
C ALA C 514 85.40 -20.61 57.41
N ARG C 515 84.89 -21.66 56.77
CA ARG C 515 85.64 -22.31 55.70
C ARG C 515 85.98 -21.31 54.61
N GLU C 516 87.24 -21.30 54.20
CA GLU C 516 87.67 -20.39 53.15
C GLU C 516 87.07 -20.77 51.80
N ASP C 517 86.86 -22.07 51.58
CA ASP C 517 86.32 -22.52 50.29
C ASP C 517 84.87 -22.10 50.11
N LEU C 518 84.27 -21.47 51.12
CA LEU C 518 82.88 -21.05 51.10
C LEU C 518 82.45 -20.57 49.72
N TYR C 519 83.19 -19.63 49.14
CA TYR C 519 82.85 -19.10 47.84
C TYR C 519 82.76 -20.22 46.81
N SER C 520 83.90 -20.86 46.54
CA SER C 520 83.94 -21.92 45.54
C SER C 520 83.09 -23.11 45.97
N LEU C 521 83.04 -23.38 47.27
CA LEU C 521 82.27 -24.53 47.74
C LEU C 521 80.79 -24.36 47.41
N LEU C 522 80.22 -23.20 47.73
CA LEU C 522 78.84 -22.93 47.33
C LEU C 522 78.70 -22.94 45.82
N ALA C 523 79.66 -22.34 45.11
CA ALA C 523 79.57 -22.31 43.66
C ALA C 523 79.42 -23.71 43.08
N ARG C 524 80.21 -24.66 43.58
CA ARG C 524 80.08 -26.03 43.08
C ARG C 524 78.83 -26.71 43.65
N SER C 525 78.41 -26.33 44.84
CA SER C 525 77.29 -27.01 45.49
C SER C 525 75.97 -26.68 44.80
N ILE C 526 75.85 -25.48 44.24
CA ILE C 526 74.59 -25.10 43.61
C ILE C 526 74.29 -26.00 42.42
N ALA C 527 75.32 -26.40 41.67
CA ALA C 527 75.16 -27.28 40.51
C ALA C 527 76.18 -28.41 40.61
N PRO C 528 76.00 -29.31 41.57
CA PRO C 528 77.01 -30.36 41.77
C PRO C 528 77.25 -31.21 40.53
N SER C 529 76.19 -31.52 39.78
CA SER C 529 76.34 -32.40 38.64
C SER C 529 77.08 -31.70 37.50
N ILE C 530 76.87 -30.40 37.34
CA ILE C 530 77.53 -29.67 36.27
C ILE C 530 79.04 -29.81 36.41
N TYR C 531 79.71 -30.05 35.29
CA TYR C 531 81.16 -30.09 35.24
C TYR C 531 81.71 -28.70 34.91
N GLU C 532 82.62 -28.21 35.75
CA GLU C 532 83.33 -26.97 35.48
C GLU C 532 82.37 -25.80 35.52
N LEU C 533 82.71 -24.70 34.85
CA LEU C 533 81.89 -23.49 34.81
C LEU C 533 81.81 -22.81 36.17
N GLU C 534 82.91 -22.87 36.93
CA GLU C 534 82.88 -22.36 38.30
C GLU C 534 82.54 -20.87 38.33
N ASP C 535 83.03 -20.11 37.36
CA ASP C 535 82.76 -18.67 37.35
C ASP C 535 81.27 -18.40 37.14
N VAL C 536 80.66 -19.11 36.20
CA VAL C 536 79.23 -18.96 35.98
C VAL C 536 78.46 -19.37 37.22
N LYS C 537 78.87 -20.48 37.83
CA LYS C 537 78.23 -20.92 39.07
C LYS C 537 78.33 -19.85 40.14
N LYS C 538 79.50 -19.22 40.26
CA LYS C 538 79.69 -18.18 41.26
C LYS C 538 78.79 -16.98 40.98
N GLY C 539 78.69 -16.57 39.72
CA GLY C 539 77.84 -15.46 39.39
C GLY C 539 76.38 -15.72 39.74
N ILE C 540 75.89 -16.90 39.36
CA ILE C 540 74.50 -17.23 39.68
C ILE C 540 74.32 -17.39 41.18
N LEU C 541 75.34 -17.87 41.89
CA LEU C 541 75.29 -17.93 43.33
C LEU C 541 75.14 -16.55 43.93
N LEU C 542 75.90 -15.58 43.42
CA LEU C 542 75.76 -14.21 43.87
C LEU C 542 74.35 -13.69 43.60
N GLN C 543 73.82 -13.96 42.41
CA GLN C 543 72.47 -13.51 42.11
C GLN C 543 71.46 -14.13 43.06
N LEU C 544 71.65 -15.40 43.40
CA LEU C 544 70.82 -16.02 44.43
C LEU C 544 70.94 -15.27 45.74
N PHE C 545 72.17 -14.91 46.14
CA PHE C 545 72.35 -14.12 47.34
C PHE C 545 71.71 -12.74 47.19
N GLY C 546 71.87 -12.10 46.04
CA GLY C 546 71.31 -10.79 45.83
C GLY C 546 72.03 -9.72 46.63
N GLY C 547 71.89 -8.47 46.22
CA GLY C 547 72.53 -7.37 46.91
C GLY C 547 71.67 -6.82 48.04
N THR C 548 71.86 -5.56 48.39
CA THR C 548 71.14 -4.92 49.47
C THR C 548 70.10 -3.97 48.90
N ASN C 549 68.90 -4.02 49.45
CA ASN C 549 67.78 -3.20 48.98
C ASN C 549 67.68 -1.98 49.88
N LYS C 550 68.55 -1.00 49.62
CA LYS C 550 68.50 0.26 50.37
C LYS C 550 67.37 1.09 49.82
N THR C 551 66.19 0.99 50.44
CA THR C 551 65.00 1.72 50.00
C THR C 551 65.10 3.15 50.53
N PHE C 552 65.74 4.00 49.74
CA PHE C 552 65.89 5.40 50.11
C PHE C 552 64.51 6.04 50.29
N THR C 553 64.36 6.82 51.35
CA THR C 553 63.14 7.58 51.53
C THR C 553 62.91 8.55 50.38
N LYS C 554 63.99 9.03 49.76
CA LYS C 554 63.91 9.92 48.62
C LYS C 554 64.77 9.35 47.50
N GLY C 555 64.42 9.72 46.27
CA GLY C 555 65.06 9.17 45.10
C GLY C 555 64.59 7.78 44.71
N GLY C 556 63.55 7.28 45.36
CA GLY C 556 63.06 5.94 45.09
C GLY C 556 63.87 4.88 45.81
N ARG C 557 63.47 3.64 45.57
CA ARG C 557 64.15 2.49 46.15
C ARG C 557 65.31 2.09 45.25
N TYR C 558 66.34 1.51 45.86
CA TYR C 558 67.53 1.03 45.15
C TYR C 558 67.73 -0.43 45.51
N ARG C 559 67.12 -1.31 44.70
CA ARG C 559 67.22 -2.74 44.93
C ARG C 559 68.62 -3.25 44.59
N GLY C 560 69.09 -4.17 45.41
CA GLY C 560 70.38 -4.81 45.15
C GLY C 560 70.22 -6.06 44.30
N ASP C 561 69.44 -5.96 43.23
CA ASP C 561 69.18 -7.13 42.41
C ASP C 561 70.35 -7.40 41.48
N ILE C 562 70.44 -8.65 41.03
CA ILE C 562 71.48 -9.10 40.11
C ILE C 562 70.81 -9.75 38.90
N ASN C 563 71.29 -9.41 37.72
CA ASN C 563 70.72 -9.88 36.46
C ASN C 563 71.82 -10.47 35.59
N ILE C 564 71.68 -11.75 35.25
CA ILE C 564 72.70 -12.48 34.52
C ILE C 564 72.06 -13.08 33.28
N LEU C 565 72.61 -12.76 32.11
CA LEU C 565 72.23 -13.44 30.88
C LEU C 565 73.33 -14.42 30.48
N LEU C 566 72.93 -15.48 29.78
CA LEU C 566 73.84 -16.53 29.33
C LEU C 566 73.70 -16.66 27.82
N CYS C 567 74.57 -15.95 27.10
CA CYS C 567 74.64 -16.04 25.65
C CYS C 567 75.91 -16.76 25.27
N GLY C 568 75.78 -17.81 24.47
CA GLY C 568 76.93 -18.59 24.05
C GLY C 568 76.51 -19.73 23.17
N ASP C 569 77.50 -20.42 22.63
CA ASP C 569 77.25 -21.55 21.74
C ASP C 569 76.42 -22.59 22.47
N PRO C 570 75.54 -23.31 21.77
CA PRO C 570 74.61 -24.20 22.45
C PRO C 570 75.31 -25.46 22.94
N SER C 571 74.51 -26.40 23.44
CA SER C 571 74.99 -27.66 23.98
C SER C 571 75.83 -27.46 25.23
N THR C 572 75.83 -26.25 25.80
CA THR C 572 76.71 -25.92 26.90
C THR C 572 76.08 -26.16 28.27
N SER C 573 74.87 -26.70 28.32
CA SER C 573 74.12 -26.98 29.55
C SER C 573 73.46 -25.73 30.10
N LYS C 574 73.56 -24.59 29.41
CA LYS C 574 72.91 -23.38 29.87
C LYS C 574 71.47 -23.64 30.27
N SER C 575 70.73 -24.38 29.45
CA SER C 575 69.35 -24.71 29.80
C SER C 575 69.29 -25.56 31.06
N GLN C 576 70.20 -26.53 31.17
CA GLN C 576 70.25 -27.34 32.38
C GLN C 576 70.55 -26.47 33.59
N ILE C 577 71.44 -25.50 33.43
CA ILE C 577 71.76 -24.59 34.52
C ILE C 577 70.54 -23.79 34.92
N LEU C 578 69.77 -23.34 33.92
CA LEU C 578 68.52 -22.63 34.19
C LEU C 578 67.58 -23.51 35.00
N GLN C 579 67.48 -24.78 34.61
CA GLN C 579 66.62 -25.71 35.34
C GLN C 579 67.06 -25.80 36.79
N TYR C 580 68.37 -25.93 37.01
CA TYR C 580 68.87 -25.94 38.39
C TYR C 580 68.46 -24.68 39.13
N VAL C 581 68.71 -23.52 38.54
CA VAL C 581 68.43 -22.27 39.24
C VAL C 581 66.95 -22.22 39.61
N HIS C 582 66.08 -22.60 38.68
CA HIS C 582 64.66 -22.61 38.97
C HIS C 582 64.35 -23.55 40.12
N LYS C 583 64.97 -24.73 40.13
CA LYS C 583 64.74 -25.66 41.22
C LYS C 583 65.18 -25.09 42.55
N ILE C 584 66.30 -24.38 42.57
CA ILE C 584 66.89 -23.92 43.82
C ILE C 584 66.05 -22.83 44.44
N THR C 585 65.77 -21.77 43.68
CA THR C 585 65.07 -20.63 44.23
C THR C 585 63.72 -21.06 44.77
N PRO C 586 63.37 -20.74 46.02
CA PRO C 586 62.03 -21.08 46.50
C PRO C 586 60.92 -20.49 45.64
N ARG C 587 61.12 -19.28 45.13
CA ARG C 587 60.17 -18.66 44.21
C ARG C 587 60.82 -18.67 42.82
N GLY C 588 60.56 -19.73 42.07
CA GLY C 588 61.13 -19.87 40.74
C GLY C 588 60.11 -19.69 39.64
N VAL C 589 60.55 -19.14 38.52
CA VAL C 589 59.68 -18.95 37.36
C VAL C 589 60.43 -19.34 36.11
N TYR C 590 60.18 -20.56 35.62
CA TYR C 590 60.84 -21.06 34.42
C TYR C 590 59.91 -20.95 33.23
N THR C 591 60.46 -20.48 32.10
CA THR C 591 59.69 -20.34 30.87
C THR C 591 60.66 -20.17 29.72
N SER C 592 60.12 -20.28 28.51
CA SER C 592 60.89 -20.08 27.28
C SER C 592 60.23 -18.96 26.50
N GLY C 593 61.05 -18.16 25.81
CA GLY C 593 60.54 -17.03 25.06
C GLY C 593 59.49 -17.41 24.05
N LYS C 594 59.76 -18.48 23.30
CA LYS C 594 58.83 -18.90 22.25
C LYS C 594 57.47 -19.22 22.84
N GLY C 595 57.44 -19.97 23.95
CA GLY C 595 56.19 -20.25 24.63
C GLY C 595 55.70 -19.14 25.54
N SER C 596 56.41 -18.03 25.58
CA SER C 596 56.05 -16.92 26.46
C SER C 596 55.48 -15.76 25.67
N SER C 597 54.56 -15.03 26.30
CA SER C 597 53.97 -13.83 25.73
C SER C 597 54.23 -12.67 26.68
N ALA C 598 54.49 -11.48 26.11
CA ALA C 598 54.68 -10.31 26.95
C ALA C 598 53.49 -10.11 27.88
N VAL C 599 52.28 -10.30 27.36
CA VAL C 599 51.09 -10.14 28.20
C VAL C 599 51.12 -11.15 29.34
N GLY C 600 51.34 -12.42 29.02
CA GLY C 600 51.46 -13.43 30.05
C GLY C 600 52.74 -13.33 30.86
N LEU C 601 53.77 -12.72 30.31
CA LEU C 601 55.02 -12.56 31.03
C LEU C 601 54.86 -11.64 32.24
N THR C 602 54.14 -10.53 32.09
CA THR C 602 54.05 -9.52 33.14
C THR C 602 52.62 -9.39 33.66
N ALA C 603 51.64 -9.11 32.81
CA ALA C 603 50.29 -8.84 33.27
C ALA C 603 49.31 -9.12 32.15
N TYR C 604 48.21 -9.81 32.49
CA TYR C 604 47.20 -10.20 31.51
C TYR C 604 45.84 -9.72 32.00
N ILE C 605 45.11 -9.01 31.13
CA ILE C 605 43.79 -8.51 31.48
C ILE C 605 42.83 -9.69 31.62
N THR C 606 41.91 -9.58 32.58
CA THR C 606 40.94 -10.65 32.82
C THR C 606 39.73 -10.12 33.56
N ARG C 607 38.91 -11.03 34.10
CA ARG C 607 37.75 -10.67 34.89
C ARG C 607 37.59 -11.61 36.09
N LEU C 614 36.35 -6.42 35.49
CA LEU C 614 37.66 -6.36 34.87
C LEU C 614 38.74 -6.61 35.92
N VAL C 615 39.68 -7.50 35.61
CA VAL C 615 40.70 -7.95 36.55
C VAL C 615 41.98 -8.23 35.77
N LEU C 616 43.09 -8.27 36.48
CA LEU C 616 44.40 -8.51 35.89
C LEU C 616 44.97 -9.84 36.38
N GLU C 617 45.68 -10.53 35.49
CA GLU C 617 46.34 -11.78 35.81
C GLU C 617 47.83 -11.53 35.96
N SER C 618 48.40 -12.02 37.05
CA SER C 618 49.84 -11.89 37.29
C SER C 618 50.62 -12.62 36.21
N GLY C 619 51.66 -11.95 35.71
CA GLY C 619 52.55 -12.56 34.74
C GLY C 619 53.69 -13.33 35.39
N ALA C 620 54.51 -13.94 34.54
CA ALA C 620 55.64 -14.71 35.04
C ALA C 620 56.51 -13.86 35.97
N LEU C 621 56.85 -12.65 35.54
CA LEU C 621 57.63 -11.77 36.39
C LEU C 621 56.93 -11.53 37.71
N VAL C 622 55.63 -11.28 37.67
CA VAL C 622 54.86 -11.08 38.89
C VAL C 622 55.00 -12.30 39.79
N LEU C 623 54.96 -13.49 39.19
CA LEU C 623 55.15 -14.71 39.97
C LEU C 623 56.57 -14.85 40.49
N SER C 624 57.49 -14.01 40.02
CA SER C 624 58.87 -14.04 40.51
C SER C 624 59.17 -12.91 41.47
N ASP C 625 58.31 -11.90 41.57
CA ASP C 625 58.55 -10.76 42.43
C ASP C 625 58.97 -11.20 43.82
N GLY C 626 60.20 -10.84 44.19
CA GLY C 626 60.79 -11.39 45.40
C GLY C 626 61.41 -12.75 45.21
N GLY C 627 61.77 -13.10 43.99
CA GLY C 627 62.38 -14.38 43.72
C GLY C 627 63.21 -14.30 42.46
N VAL C 628 63.63 -15.46 42.00
CA VAL C 628 64.43 -15.57 40.78
C VAL C 628 63.52 -16.00 39.63
N CYS C 629 63.83 -15.50 38.44
CA CYS C 629 63.08 -15.80 37.24
C CYS C 629 64.01 -16.39 36.18
N CYS C 630 63.46 -17.29 35.38
CA CYS C 630 64.21 -17.96 34.33
C CYS C 630 63.48 -17.80 33.01
N ILE C 631 64.18 -17.30 32.00
CA ILE C 631 63.63 -17.11 30.67
C ILE C 631 64.55 -17.86 29.71
N ASP C 632 64.16 -19.08 29.35
CA ASP C 632 64.96 -19.88 28.45
C ASP C 632 64.82 -19.37 27.02
N GLU C 633 65.87 -19.62 26.21
CA GLU C 633 65.87 -19.19 24.81
C GLU C 633 65.58 -17.71 24.71
N PHE C 634 66.17 -16.93 25.61
CA PHE C 634 65.85 -15.51 25.68
C PHE C 634 66.07 -14.81 24.35
N ASP C 635 67.11 -15.19 23.61
CA ASP C 635 67.34 -14.58 22.31
C ASP C 635 66.15 -14.79 21.39
N LYS C 636 65.62 -16.02 21.36
CA LYS C 636 64.47 -16.30 20.53
C LYS C 636 63.27 -15.46 20.94
N MET C 637 63.22 -15.05 22.19
CA MET C 637 62.08 -14.30 22.71
C MET C 637 61.95 -12.97 21.98
N SER C 638 60.70 -12.60 21.67
CA SER C 638 60.45 -11.52 20.72
C SER C 638 61.03 -10.20 21.18
N ASP C 639 61.49 -9.40 20.22
CA ASP C 639 62.03 -8.09 20.54
C ASP C 639 61.00 -7.19 21.24
N SER C 640 59.72 -7.31 20.85
CA SER C 640 58.69 -6.51 21.50
C SER C 640 58.55 -6.90 22.96
N THR C 641 58.44 -8.20 23.23
CA THR C 641 58.41 -8.65 24.62
C THR C 641 59.72 -8.32 25.31
N ARG C 642 60.82 -8.26 24.56
CA ARG C 642 62.06 -7.76 25.13
C ARG C 642 61.91 -6.34 25.64
N SER C 643 61.35 -5.46 24.81
CA SER C 643 61.11 -4.09 25.25
C SER C 643 60.20 -4.06 26.47
N VAL C 644 59.19 -4.92 26.48
CA VAL C 644 58.34 -5.04 27.67
C VAL C 644 59.18 -5.35 28.90
N LEU C 645 60.12 -6.28 28.76
CA LEU C 645 60.93 -6.69 29.90
C LEU C 645 61.88 -5.57 30.34
N HIS C 646 62.30 -4.73 29.40
CA HIS C 646 63.32 -3.72 29.68
C HIS C 646 62.98 -2.89 30.92
N GLU C 647 61.90 -2.12 30.82
CA GLU C 647 61.56 -1.18 31.88
C GLU C 647 61.23 -1.92 33.17
N VAL C 648 60.52 -3.04 33.07
CA VAL C 648 60.10 -3.74 34.28
C VAL C 648 61.32 -4.18 35.08
N MET C 649 62.33 -4.76 34.41
CA MET C 649 63.52 -5.10 35.16
C MET C 649 64.27 -3.86 35.61
N GLU C 650 64.28 -2.81 34.78
CA GLU C 650 65.01 -1.60 35.14
C GLU C 650 64.42 -0.97 36.40
N GLN C 651 63.10 -0.87 36.46
CA GLN C 651 62.42 -0.30 37.63
C GLN C 651 62.03 -1.35 38.65
N GLN C 652 62.25 -2.63 38.36
CA GLN C 652 61.85 -3.71 39.26
C GLN C 652 60.36 -3.64 39.56
N THR C 653 59.60 -3.05 38.64
CA THR C 653 58.17 -2.84 38.83
C THR C 653 57.48 -2.84 37.48
N ILE C 654 56.27 -3.35 37.45
CA ILE C 654 55.47 -3.40 36.22
C ILE C 654 54.54 -2.18 36.22
N SER C 655 54.63 -1.38 35.16
CA SER C 655 53.75 -0.23 35.00
C SER C 655 52.67 -0.58 33.98
N ILE C 656 51.41 -0.41 34.37
CA ILE C 656 50.27 -0.77 33.55
C ILE C 656 49.57 0.49 33.09
N ALA C 657 49.22 0.52 31.80
CA ALA C 657 48.50 1.67 31.23
C ALA C 657 47.56 1.13 30.16
N LYS C 658 46.29 0.98 30.51
CA LYS C 658 45.29 0.45 29.59
C LYS C 658 43.94 1.07 29.90
N ALA C 659 43.02 0.93 28.95
CA ALA C 659 41.68 1.49 29.08
C ALA C 659 41.00 0.89 30.30
N GLY C 660 40.80 1.71 31.33
CA GLY C 660 40.21 1.25 32.56
C GLY C 660 41.16 0.49 33.46
N ILE C 661 42.37 0.18 32.98
CA ILE C 661 43.37 -0.53 33.76
C ILE C 661 44.70 0.19 33.62
N ILE C 662 45.00 1.05 34.59
CA ILE C 662 46.21 1.87 34.56
C ILE C 662 46.77 1.92 35.98
N THR C 663 47.89 1.23 36.20
CA THR C 663 48.51 1.20 37.52
C THR C 663 49.94 0.70 37.42
N THR C 664 50.56 0.40 38.56
CA THR C 664 51.90 -0.16 38.58
C THR C 664 51.94 -1.27 39.63
N LEU C 665 52.90 -2.18 39.47
CA LEU C 665 53.02 -3.33 40.35
C LEU C 665 54.47 -3.59 40.69
N ASN C 666 54.69 -4.18 41.87
CA ASN C 666 56.03 -4.56 42.28
C ASN C 666 56.52 -5.75 41.45
N ALA C 667 57.75 -5.66 40.95
CA ALA C 667 58.36 -6.71 40.16
C ALA C 667 59.80 -6.92 40.56
N ARG C 668 60.09 -6.82 41.85
CA ARG C 668 61.46 -6.94 42.36
C ARG C 668 61.84 -8.42 42.30
N SER C 669 62.50 -8.80 41.21
CA SER C 669 62.91 -10.19 41.03
C SER C 669 64.08 -10.25 40.08
N SER C 670 64.94 -11.24 40.28
CA SER C 670 66.06 -11.48 39.39
C SER C 670 65.62 -12.34 38.22
N ILE C 671 66.26 -12.11 37.08
CA ILE C 671 65.99 -12.87 35.85
C ILE C 671 67.30 -13.48 35.38
N LEU C 672 67.25 -14.74 34.99
CA LEU C 672 68.41 -15.47 34.48
C LEU C 672 68.12 -15.84 33.03
N ALA C 673 68.66 -15.03 32.13
CA ALA C 673 68.36 -15.21 30.70
C ALA C 673 69.36 -16.16 30.06
N SER C 674 68.87 -16.97 29.14
CA SER C 674 69.68 -17.89 28.35
C SER C 674 69.47 -17.54 26.88
N ALA C 675 70.54 -17.12 26.21
CA ALA C 675 70.52 -16.71 24.83
C ALA C 675 71.54 -17.51 24.03
N ASN C 676 71.52 -17.31 22.71
CA ASN C 676 72.48 -17.93 21.83
C ASN C 676 72.99 -16.86 20.87
N PRO C 677 74.27 -16.86 20.52
CA PRO C 677 74.78 -15.84 19.59
C PRO C 677 74.05 -15.90 18.26
N ILE C 678 73.91 -14.73 17.63
CA ILE C 678 73.23 -14.63 16.35
C ILE C 678 73.77 -15.72 15.41
N GLY C 679 75.08 -15.90 15.40
CA GLY C 679 75.67 -17.07 14.80
C GLY C 679 75.53 -18.24 15.76
N SER C 680 74.84 -19.30 15.35
CA SER C 680 74.53 -20.42 16.23
C SER C 680 75.72 -20.74 17.13
N ARG C 681 76.91 -20.85 16.53
CA ARG C 681 78.15 -20.90 17.30
C ARG C 681 78.71 -19.48 17.35
N TYR C 682 79.06 -19.03 18.56
CA TYR C 682 79.68 -17.72 18.71
C TYR C 682 80.79 -17.57 17.69
N ASN C 683 80.75 -16.52 16.89
CA ASN C 683 81.77 -16.31 15.88
C ASN C 683 82.78 -15.28 16.38
N PRO C 684 84.01 -15.70 16.71
CA PRO C 684 85.02 -14.69 17.10
C PRO C 684 85.28 -13.68 16.01
N ASN C 685 85.08 -14.06 14.75
CA ASN C 685 85.19 -13.09 13.67
C ASN C 685 84.23 -11.93 13.88
N LEU C 686 83.00 -12.25 14.30
CA LEU C 686 82.06 -11.19 14.66
C LEU C 686 82.41 -10.63 16.03
N PRO C 687 82.34 -9.32 16.23
CA PRO C 687 82.59 -8.77 17.57
C PRO C 687 81.56 -9.28 18.56
N VAL C 688 82.00 -9.43 19.81
CA VAL C 688 81.16 -9.97 20.89
C VAL C 688 79.78 -9.35 20.82
N THR C 689 79.71 -8.03 20.67
CA THR C 689 78.42 -7.36 20.59
C THR C 689 77.63 -7.85 19.39
N GLU C 690 78.31 -8.02 18.25
CA GLU C 690 77.63 -8.55 17.07
C GLU C 690 77.25 -10.01 17.27
N ASN C 691 78.11 -10.79 17.92
CA ASN C 691 77.79 -12.18 18.18
C ASN C 691 76.50 -12.30 18.99
N ILE C 692 76.37 -11.48 20.03
CA ILE C 692 75.14 -11.48 20.83
C ILE C 692 74.01 -10.81 20.07
N ASP C 693 74.30 -9.68 19.42
CA ASP C 693 73.26 -8.91 18.73
C ASP C 693 72.03 -8.71 19.60
N LEU C 694 72.18 -7.97 20.69
CA LEU C 694 71.08 -7.63 21.57
C LEU C 694 71.03 -6.12 21.73
N PRO C 695 69.87 -5.57 22.07
CA PRO C 695 69.76 -4.11 22.20
C PRO C 695 70.78 -3.57 23.18
N PRO C 696 71.51 -2.52 22.82
CA PRO C 696 72.49 -1.96 23.75
C PRO C 696 71.85 -1.58 25.07
N PRO C 697 70.64 -1.00 25.05
CA PRO C 697 69.96 -0.76 26.32
C PRO C 697 69.73 -2.04 27.09
N LEU C 698 69.12 -3.04 26.45
CA LEU C 698 68.90 -4.32 27.10
C LEU C 698 70.22 -4.92 27.57
N LEU C 699 71.24 -4.87 26.72
CA LEU C 699 72.55 -5.37 27.11
C LEU C 699 73.00 -4.73 28.42
N SER C 700 72.85 -3.41 28.52
CA SER C 700 73.21 -2.74 29.77
C SER C 700 72.35 -3.21 30.93
N ARG C 701 71.06 -3.44 30.69
CA ARG C 701 70.16 -3.81 31.78
C ARG C 701 70.71 -5.01 32.54
N PHE C 702 71.15 -6.04 31.82
CA PHE C 702 71.74 -7.21 32.47
C PHE C 702 73.01 -6.82 33.22
N ASP C 703 73.25 -7.45 34.36
CA ASP C 703 74.41 -7.13 35.17
C ASP C 703 75.62 -7.96 34.76
N LEU C 704 75.41 -9.24 34.48
CA LEU C 704 76.49 -10.14 34.09
C LEU C 704 76.13 -10.86 32.81
N VAL C 705 77.15 -11.14 32.00
CA VAL C 705 76.97 -11.85 30.74
C VAL C 705 78.13 -12.82 30.55
N TYR C 706 77.85 -14.12 30.69
CA TYR C 706 78.86 -15.15 30.52
C TYR C 706 78.85 -15.62 29.06
N LEU C 707 79.99 -15.51 28.40
CA LEU C 707 80.13 -15.85 26.99
C LEU C 707 80.72 -17.26 26.86
N VAL C 708 79.91 -18.25 27.24
CA VAL C 708 80.39 -19.63 27.22
C VAL C 708 80.69 -20.04 25.79
N LEU C 709 81.86 -20.65 25.60
CA LEU C 709 82.29 -21.12 24.29
C LEU C 709 82.75 -22.57 24.40
N ASP C 710 82.50 -23.32 23.34
CA ASP C 710 82.87 -24.74 23.30
C ASP C 710 84.25 -24.90 22.66
N LYS C 711 85.25 -24.28 23.31
CA LYS C 711 86.62 -24.45 22.88
C LYS C 711 86.97 -25.93 22.86
N VAL C 712 87.65 -26.36 21.79
CA VAL C 712 88.00 -27.77 21.65
C VAL C 712 89.29 -28.02 22.40
N ASP C 713 89.18 -28.30 23.69
CA ASP C 713 90.31 -28.55 24.57
C ASP C 713 90.32 -30.04 24.90
N GLU C 714 91.21 -30.78 24.25
CA GLU C 714 91.24 -32.22 24.40
C GLU C 714 91.30 -32.63 25.87
N LYS C 715 92.04 -31.88 26.69
CA LYS C 715 92.10 -32.20 28.11
C LYS C 715 90.75 -31.96 28.77
N ASN C 716 90.18 -30.78 28.56
CA ASN C 716 88.87 -30.47 29.13
C ASN C 716 87.80 -31.40 28.58
N ASP C 717 87.88 -31.69 27.27
CA ASP C 717 86.93 -32.64 26.69
C ASP C 717 87.06 -34.00 27.36
N ARG C 718 88.30 -34.46 27.57
CA ARG C 718 88.52 -35.71 28.28
C ARG C 718 87.85 -35.69 29.64
N GLU C 719 88.10 -34.63 30.41
CA GLU C 719 87.61 -34.57 31.78
C GLU C 719 86.09 -34.54 31.81
N LEU C 720 85.49 -33.74 30.93
CA LEU C 720 84.02 -33.67 30.89
C LEU C 720 83.44 -35.01 30.47
N ALA C 721 84.06 -35.68 29.51
CA ALA C 721 83.61 -37.01 29.12
C ALA C 721 83.71 -37.98 30.28
N LYS C 722 84.81 -37.90 31.04
CA LYS C 722 84.93 -38.72 32.24
C LYS C 722 83.78 -38.46 33.18
N HIS C 723 83.49 -37.19 33.44
CA HIS C 723 82.38 -36.84 34.33
C HIS C 723 81.07 -37.46 33.85
N LEU C 724 80.74 -37.24 32.59
CA LEU C 724 79.46 -37.72 32.06
C LEU C 724 79.41 -39.24 32.08
N THR C 725 80.50 -39.89 31.69
CA THR C 725 80.54 -41.35 31.67
C THR C 725 80.39 -41.91 33.07
N ASN C 726 81.07 -41.33 34.04
CA ASN C 726 80.91 -41.77 35.43
C ASN C 726 79.46 -41.64 35.85
N LEU C 727 78.84 -40.49 35.55
CA LEU C 727 77.42 -40.36 35.83
C LEU C 727 76.64 -41.52 35.23
N TYR C 728 76.94 -41.87 33.97
CA TYR C 728 76.26 -42.97 33.33
C TYR C 728 76.46 -44.28 34.07
N LEU C 729 77.65 -44.49 34.64
CA LEU C 729 77.93 -45.75 35.32
C LEU C 729 76.89 -46.03 36.40
N GLU C 730 76.67 -45.08 37.29
CA GLU C 730 75.71 -45.25 38.38
C GLU C 730 74.31 -45.04 37.80
N ASP C 731 73.46 -46.05 37.95
CA ASP C 731 72.08 -45.95 37.51
C ASP C 731 71.42 -44.74 38.14
N LYS C 732 71.67 -44.53 39.44
CA LYS C 732 71.10 -43.41 40.19
C LYS C 732 72.26 -42.69 40.89
N PRO C 733 73.00 -41.84 40.17
CA PRO C 733 74.15 -41.14 40.75
C PRO C 733 73.74 -39.98 41.66
N ASP C 740 83.49 -31.63 47.68
CA ASP C 740 82.15 -31.94 48.15
C ASP C 740 81.21 -30.77 47.93
N VAL C 741 79.98 -30.90 48.40
CA VAL C 741 78.94 -29.90 48.16
C VAL C 741 78.05 -29.82 49.39
N LEU C 742 77.51 -28.63 49.65
CA LEU C 742 76.65 -28.44 50.80
C LEU C 742 75.35 -29.21 50.63
N PRO C 743 74.68 -29.56 51.72
CA PRO C 743 73.30 -30.07 51.60
C PRO C 743 72.41 -28.98 51.03
N VAL C 744 71.80 -29.28 49.89
CA VAL C 744 71.00 -28.27 49.20
C VAL C 744 70.03 -27.62 50.16
N GLU C 745 69.49 -28.40 51.10
CA GLU C 745 68.62 -27.81 52.13
C GLU C 745 69.42 -26.86 53.01
N PHE C 746 70.56 -27.32 53.51
CA PHE C 746 71.41 -26.46 54.32
C PHE C 746 71.92 -25.29 53.50
N LEU C 747 72.18 -25.51 52.21
CA LEU C 747 72.60 -24.42 51.35
C LEU C 747 71.51 -23.34 51.26
N THR C 748 70.26 -23.77 51.09
CA THR C 748 69.16 -22.82 51.03
C THR C 748 69.01 -22.08 52.35
N MET C 749 69.16 -22.81 53.47
CA MET C 749 69.09 -22.16 54.77
C MET C 749 70.19 -21.11 54.91
N TYR C 750 71.40 -21.45 54.47
CA TYR C 750 72.49 -20.47 54.49
C TYR C 750 72.12 -19.24 53.69
N ILE C 751 71.66 -19.42 52.47
CA ILE C 751 71.36 -18.28 51.61
C ILE C 751 70.27 -17.42 52.22
N SER C 752 69.20 -18.06 52.72
CA SER C 752 68.14 -17.32 53.38
C SER C 752 68.70 -16.51 54.55
N TYR C 753 69.22 -17.20 55.56
CA TYR C 753 69.75 -16.52 56.73
C TYR C 753 70.64 -15.35 56.33
N ALA C 754 71.48 -15.53 55.31
CA ALA C 754 72.32 -14.42 54.86
C ALA C 754 71.45 -13.26 54.37
N LYS C 755 70.47 -13.54 53.53
CA LYS C 755 69.65 -12.47 52.96
C LYS C 755 68.90 -11.72 54.04
N GLU C 756 68.27 -12.44 54.97
CA GLU C 756 67.43 -11.81 55.99
C GLU C 756 68.25 -11.11 57.07
N HIS C 757 69.30 -11.77 57.57
CA HIS C 757 70.00 -11.23 58.73
C HIS C 757 71.17 -10.36 58.32
N ILE C 758 71.96 -10.80 57.35
CA ILE C 758 73.13 -10.06 56.90
C ILE C 758 72.66 -8.93 56.00
N HIS C 759 73.33 -7.79 56.10
CA HIS C 759 72.98 -6.61 55.32
C HIS C 759 74.26 -5.85 54.99
N PRO C 760 74.94 -6.23 53.91
CA PRO C 760 76.20 -5.58 53.56
C PRO C 760 76.06 -4.08 53.39
N ILE C 761 77.05 -3.33 53.85
CA ILE C 761 77.08 -1.88 53.74
C ILE C 761 78.41 -1.46 53.14
N ILE C 762 78.36 -0.49 52.23
CA ILE C 762 79.54 -0.06 51.48
C ILE C 762 80.62 0.32 52.49
N THR C 763 81.89 0.19 52.08
CA THR C 763 83.03 0.52 52.91
C THR C 763 83.89 1.59 52.24
N GLU C 764 84.60 2.34 53.08
CA GLU C 764 85.39 3.46 52.57
C GLU C 764 86.39 3.00 51.52
N ALA C 765 87.19 1.99 51.84
CA ALA C 765 88.09 1.42 50.85
C ALA C 765 87.30 0.89 49.67
N ALA C 766 86.18 0.24 49.94
CA ALA C 766 85.35 -0.30 48.87
C ALA C 766 84.86 0.81 47.95
N LYS C 767 84.38 1.92 48.51
CA LYS C 767 83.88 3.00 47.68
C LYS C 767 84.99 3.65 46.87
N THR C 768 86.15 3.85 47.50
CA THR C 768 87.26 4.43 46.76
C THR C 768 87.67 3.54 45.59
N GLU C 769 87.78 2.23 45.84
CA GLU C 769 88.15 1.31 44.77
C GLU C 769 87.09 1.27 43.69
N LEU C 770 85.81 1.33 44.10
CA LEU C 770 84.74 1.34 43.10
C LEU C 770 84.84 2.57 42.21
N VAL C 771 85.09 3.73 42.83
CA VAL C 771 85.25 4.95 42.05
C VAL C 771 86.38 4.79 41.05
N ARG C 772 87.54 4.34 41.52
CA ARG C 772 88.68 4.22 40.61
C ARG C 772 88.41 3.20 39.51
N ALA C 773 87.79 2.08 39.87
CA ALA C 773 87.54 1.01 38.91
C ALA C 773 86.58 1.47 37.83
N TYR C 774 85.47 2.11 38.23
CA TYR C 774 84.52 2.57 37.22
C TYR C 774 85.12 3.70 36.39
N VAL C 775 85.98 4.52 36.98
CA VAL C 775 86.68 5.53 36.20
C VAL C 775 87.52 4.87 35.12
N GLY C 776 88.25 3.82 35.49
CA GLY C 776 88.97 3.06 34.48
C GLY C 776 88.07 2.48 33.42
N MET C 777 86.97 1.85 33.85
CA MET C 777 86.02 1.28 32.90
C MET C 777 85.59 2.33 31.87
N ARG C 778 85.01 3.43 32.35
CA ARG C 778 84.59 4.50 31.45
C ARG C 778 85.79 5.07 30.71
N LYS C 779 86.97 5.03 31.33
CA LYS C 779 88.16 5.52 30.66
C LYS C 779 88.50 4.67 29.44
N MET C 780 88.35 3.36 29.53
CA MET C 780 88.42 2.52 28.33
C MET C 780 87.19 2.77 27.47
N THR C 792 80.82 -0.02 26.64
CA THR C 792 81.18 1.19 27.38
C THR C 792 80.65 1.10 28.81
N ALA C 793 81.27 1.84 29.71
CA ALA C 793 80.96 1.76 31.14
C ALA C 793 79.79 2.68 31.46
N THR C 794 78.58 2.15 31.34
CA THR C 794 77.40 2.88 31.79
C THR C 794 77.36 2.94 33.31
N THR C 795 76.62 3.94 33.81
CA THR C 795 76.42 4.03 35.25
C THR C 795 75.82 2.73 35.80
N ARG C 796 75.00 2.06 35.01
CA ARG C 796 74.47 0.77 35.44
C ARG C 796 75.61 -0.21 35.70
N GLN C 797 76.73 -0.06 35.01
CA GLN C 797 77.90 -0.88 35.33
C GLN C 797 78.37 -0.61 36.75
N LEU C 798 78.43 0.67 37.13
CA LEU C 798 78.85 1.02 38.49
C LEU C 798 77.89 0.42 39.50
N GLU C 799 76.58 0.61 39.29
CA GLU C 799 75.61 0.02 40.21
C GLU C 799 75.74 -1.50 40.23
N SER C 800 76.10 -2.10 39.10
CA SER C 800 76.22 -3.55 39.02
C SER C 800 77.37 -4.03 39.89
N MET C 801 78.54 -3.43 39.72
CA MET C 801 79.66 -3.84 40.58
C MET C 801 79.35 -3.56 42.04
N ILE C 802 78.63 -2.47 42.32
CA ILE C 802 78.27 -2.16 43.70
C ILE C 802 77.42 -3.28 44.28
N ARG C 803 76.33 -3.61 43.60
CA ARG C 803 75.43 -4.65 44.10
C ARG C 803 76.12 -5.99 44.13
N LEU C 804 77.06 -6.23 43.22
CA LEU C 804 77.76 -7.50 43.19
C LEU C 804 78.69 -7.64 44.38
N ALA C 805 79.42 -6.57 44.72
CA ALA C 805 80.23 -6.59 45.92
C ALA C 805 79.36 -6.74 47.15
N GLU C 806 78.18 -6.11 47.15
CA GLU C 806 77.25 -6.27 48.25
C GLU C 806 76.86 -7.74 48.41
N ALA C 807 76.47 -8.38 47.31
CA ALA C 807 76.09 -9.79 47.37
C ALA C 807 77.27 -10.66 47.76
N HIS C 808 78.49 -10.28 47.38
CA HIS C 808 79.67 -11.02 47.81
C HIS C 808 79.83 -10.95 49.32
N ALA C 809 79.72 -9.75 49.88
CA ALA C 809 79.80 -9.61 51.33
C ALA C 809 78.69 -10.42 52.01
N LYS C 810 77.49 -10.39 51.44
CA LYS C 810 76.41 -11.22 51.96
C LYS C 810 76.81 -12.69 51.94
N MET C 811 77.38 -13.15 50.83
CA MET C 811 77.92 -14.51 50.76
C MET C 811 78.92 -14.75 51.87
N LYS C 812 79.74 -13.75 52.19
CA LYS C 812 80.69 -13.85 53.29
C LYS C 812 80.03 -13.53 54.63
N LEU C 813 78.70 -13.42 54.67
CA LEU C 813 77.99 -13.11 55.90
C LEU C 813 78.52 -11.83 56.54
N LYS C 814 78.82 -10.85 55.70
CA LYS C 814 79.33 -9.56 56.14
C LYS C 814 78.23 -8.53 56.03
N ASN C 815 77.98 -7.81 57.13
CA ASN C 815 77.10 -6.65 57.08
C ASN C 815 77.83 -5.40 56.60
N VAL C 816 79.12 -5.52 56.29
CA VAL C 816 79.92 -4.42 55.78
C VAL C 816 80.67 -4.88 54.55
N VAL C 817 80.73 -4.02 53.55
CA VAL C 817 81.41 -4.32 52.30
C VAL C 817 82.91 -4.17 52.52
N GLU C 818 83.69 -4.75 51.61
CA GLU C 818 85.15 -4.67 51.71
C GLU C 818 85.74 -4.51 50.32
N LEU C 819 86.97 -3.98 50.30
CA LEU C 819 87.70 -3.82 49.05
C LEU C 819 87.76 -5.13 48.26
N GLU C 820 87.91 -6.25 48.97
CA GLU C 820 88.06 -7.54 48.29
C GLU C 820 86.80 -7.92 47.55
N ASP C 821 85.64 -7.55 48.09
CA ASP C 821 84.39 -7.80 47.38
C ASP C 821 84.35 -7.06 46.05
N VAL C 822 84.80 -5.80 46.06
CA VAL C 822 84.84 -5.03 44.81
C VAL C 822 85.82 -5.67 43.84
N GLN C 823 86.98 -6.09 44.34
CA GLN C 823 87.95 -6.75 43.47
C GLN C 823 87.34 -8.00 42.83
N GLU C 824 86.64 -8.81 43.62
CA GLU C 824 86.00 -10.00 43.08
C GLU C 824 84.93 -9.63 42.06
N ALA C 825 84.17 -8.57 42.34
CA ALA C 825 83.15 -8.14 41.40
C ALA C 825 83.76 -7.79 40.05
N VAL C 826 84.83 -7.01 40.06
CA VAL C 826 85.47 -6.63 38.80
C VAL C 826 86.06 -7.85 38.12
N ARG C 827 86.69 -8.73 38.90
CA ARG C 827 87.29 -9.93 38.34
C ARG C 827 86.25 -10.77 37.62
N LEU C 828 85.11 -10.99 38.27
CA LEU C 828 84.07 -11.80 37.64
C LEU C 828 83.43 -11.08 36.47
N ILE C 829 83.33 -9.75 36.55
CA ILE C 829 82.82 -8.98 35.42
C ILE C 829 83.68 -9.23 34.19
N ARG C 830 84.99 -9.10 34.36
CA ARG C 830 85.90 -9.38 33.26
C ARG C 830 85.84 -10.84 32.82
N SER C 831 85.67 -11.76 33.77
CA SER C 831 85.63 -13.17 33.44
C SER C 831 84.45 -13.50 32.54
N ALA C 832 83.25 -13.09 32.96
CA ALA C 832 82.04 -13.48 32.21
C ALA C 832 82.10 -12.96 30.78
N ILE C 833 82.51 -11.70 30.60
CA ILE C 833 82.73 -11.16 29.26
C ILE C 833 84.01 -11.69 28.65
N LYS C 834 84.77 -12.51 29.37
CA LYS C 834 86.06 -13.00 28.89
C LYS C 834 86.99 -11.85 28.52
N ASP C 835 87.00 -10.80 29.34
CA ASP C 835 87.79 -9.61 29.03
C ASP C 835 89.27 -9.96 28.88
N TYR C 836 89.73 -10.99 29.61
CA TYR C 836 91.12 -11.41 29.48
C TYR C 836 91.44 -11.81 28.04
N ALA C 837 90.53 -12.55 27.41
CA ALA C 837 90.68 -12.93 26.01
C ALA C 837 90.02 -11.96 25.06
N THR C 838 89.23 -11.01 25.56
CA THR C 838 88.58 -10.04 24.70
C THR C 838 89.61 -9.15 24.03
N ASP C 839 89.46 -8.95 22.73
CA ASP C 839 90.40 -8.11 22.00
C ASP C 839 90.26 -6.67 22.47
N PRO C 840 91.37 -5.96 22.71
CA PRO C 840 91.25 -4.56 23.12
C PRO C 840 90.51 -3.71 22.11
N LYS C 841 90.65 -4.03 20.82
CA LYS C 841 89.91 -3.38 19.76
C LYS C 841 89.23 -4.46 18.92
N THR C 842 88.40 -4.01 17.97
CA THR C 842 87.63 -4.82 17.05
C THR C 842 86.43 -5.47 17.73
N GLY C 843 86.27 -5.34 19.05
CA GLY C 843 85.12 -5.88 19.74
C GLY C 843 85.02 -7.39 19.66
N LYS C 844 86.11 -8.05 19.26
CA LYS C 844 86.13 -9.50 19.13
C LYS C 844 86.93 -10.11 20.27
N ILE C 845 86.94 -11.44 20.30
CA ILE C 845 87.64 -12.21 21.33
C ILE C 845 88.46 -13.30 20.65
N ASP C 846 89.71 -13.46 21.09
CA ASP C 846 90.60 -14.47 20.54
C ASP C 846 90.25 -15.81 21.17
N MET C 847 89.75 -16.74 20.35
CA MET C 847 89.37 -18.05 20.87
C MET C 847 90.56 -18.76 21.51
N ASN C 848 91.76 -18.56 20.95
CA ASN C 848 92.95 -19.12 21.58
C ASN C 848 93.16 -18.56 22.97
N LEU C 849 93.00 -17.24 23.13
CA LEU C 849 93.10 -16.65 24.45
C LEU C 849 91.99 -17.14 25.37
N VAL C 850 90.78 -17.30 24.84
CA VAL C 850 89.67 -17.81 25.64
C VAL C 850 90.07 -19.19 26.18
N GLN C 851 90.11 -19.31 27.50
CA GLN C 851 90.55 -20.55 28.15
C GLN C 851 91.99 -20.89 27.75
N THR C 852 92.73 -19.88 27.29
CA THR C 852 94.12 -20.07 26.88
C THR C 852 94.26 -21.24 25.91
N ASN D 20 -26.83 -1.89 17.65
CA ASN D 20 -25.53 -1.62 17.04
C ASN D 20 -25.40 -2.35 15.70
N ASP D 21 -25.37 -3.68 15.76
CA ASP D 21 -25.20 -4.47 14.54
C ASP D 21 -26.09 -3.95 13.42
N ASP D 22 -27.25 -3.40 13.77
CA ASP D 22 -28.11 -2.80 12.77
C ASP D 22 -27.41 -1.64 12.07
N ASP D 23 -26.68 -0.80 12.83
CA ASP D 23 -26.00 0.32 12.19
C ASP D 23 -24.88 -0.17 11.29
N ASN D 24 -24.16 -1.21 11.72
CA ASN D 24 -23.14 -1.79 10.86
C ASN D 24 -23.75 -2.33 9.57
N THR D 25 -24.89 -3.02 9.69
CA THR D 25 -25.59 -3.50 8.50
C THR D 25 -26.01 -2.34 7.63
N GLU D 26 -26.43 -1.23 8.23
CA GLU D 26 -26.83 -0.06 7.47
C GLU D 26 -25.65 0.51 6.69
N ILE D 27 -24.49 0.58 7.34
CA ILE D 27 -23.29 1.07 6.65
C ILE D 27 -22.93 0.13 5.51
N ILE D 28 -23.01 -1.17 5.76
CA ILE D 28 -22.73 -2.15 4.72
C ILE D 28 -23.67 -1.95 3.55
N LYS D 29 -24.96 -1.75 3.84
CA LYS D 29 -25.94 -1.53 2.79
C LYS D 29 -25.63 -0.26 2.02
N SER D 30 -25.23 0.79 2.72
CA SER D 30 -24.88 2.05 2.07
C SER D 30 -23.72 1.84 1.10
N PHE D 31 -22.70 1.12 1.53
CA PHE D 31 -21.56 0.87 0.64
C PHE D 31 -21.97 -0.01 -0.53
N LYS D 32 -22.81 -1.01 -0.28
CA LYS D 32 -23.33 -1.83 -1.37
C LYS D 32 -24.07 -0.97 -2.38
N ASN D 33 -24.89 -0.05 -1.90
CA ASN D 33 -25.61 0.85 -2.79
C ASN D 33 -24.64 1.72 -3.57
N PHE D 34 -23.61 2.23 -2.90
CA PHE D 34 -22.60 3.03 -3.59
C PHE D 34 -22.00 2.24 -4.74
N ILE D 35 -21.60 1.01 -4.47
CA ILE D 35 -20.97 0.20 -5.51
C ILE D 35 -21.95 -0.09 -6.64
N LEU D 36 -23.17 -0.47 -6.30
CA LEU D 36 -24.15 -0.91 -7.29
C LEU D 36 -24.83 0.24 -8.00
N GLU D 37 -24.58 1.47 -7.59
CA GLU D 37 -25.34 2.60 -8.10
C GLU D 37 -24.44 3.69 -8.62
N PHE D 38 -23.25 3.84 -8.03
CA PHE D 38 -22.38 4.93 -8.43
C PHE D 38 -22.09 4.84 -9.91
N ARG D 39 -22.61 5.78 -10.68
CA ARG D 39 -22.51 5.79 -12.12
C ARG D 39 -22.14 7.17 -12.60
N LEU D 40 -21.26 7.22 -13.60
CA LEU D 40 -20.88 8.45 -14.25
C LEU D 40 -21.14 8.30 -15.74
N ASP D 41 -21.68 9.35 -16.35
CA ASP D 41 -22.13 9.27 -17.73
C ASP D 41 -23.10 8.11 -17.86
N SER D 42 -22.65 6.98 -18.40
CA SER D 42 -23.53 5.83 -18.62
C SER D 42 -22.80 4.54 -18.30
N GLN D 43 -22.05 4.52 -17.20
CA GLN D 43 -21.27 3.34 -16.87
C GLN D 43 -21.17 3.21 -15.36
N PHE D 44 -21.56 2.05 -14.83
CA PHE D 44 -21.37 1.72 -13.43
C PHE D 44 -19.92 1.29 -13.22
N ILE D 45 -19.02 2.28 -13.31
CA ILE D 45 -17.59 2.04 -13.36
C ILE D 45 -17.18 1.01 -12.32
N TYR D 46 -17.72 1.14 -11.11
CA TYR D 46 -17.28 0.24 -10.03
C TYR D 46 -17.88 -1.15 -10.21
N ARG D 47 -19.14 -1.23 -10.63
CA ARG D 47 -19.71 -2.54 -10.92
C ARG D 47 -18.90 -3.28 -11.97
N ASP D 48 -18.58 -2.60 -13.06
CA ASP D 48 -17.80 -3.23 -14.12
C ASP D 48 -16.41 -3.60 -13.64
N GLN D 49 -15.78 -2.72 -12.88
CA GLN D 49 -14.44 -3.00 -12.39
C GLN D 49 -14.45 -4.23 -11.51
N LEU D 50 -15.43 -4.33 -10.61
CA LEU D 50 -15.54 -5.50 -9.76
C LEU D 50 -15.76 -6.76 -10.59
N ARG D 51 -16.64 -6.68 -11.58
CA ARG D 51 -16.93 -7.85 -12.40
C ARG D 51 -15.67 -8.31 -13.11
N ASN D 52 -14.92 -7.37 -13.68
CA ASN D 52 -13.68 -7.74 -14.37
C ASN D 52 -12.68 -8.35 -13.40
N ASN D 53 -12.46 -7.68 -12.27
CA ASN D 53 -11.48 -8.17 -11.31
C ASN D 53 -11.82 -9.59 -10.86
N ILE D 54 -13.11 -9.86 -10.67
CA ILE D 54 -13.53 -11.24 -10.43
C ILE D 54 -13.17 -12.11 -11.62
N LEU D 55 -13.41 -11.59 -12.83
CA LEU D 55 -13.21 -12.38 -14.04
C LEU D 55 -11.76 -12.83 -14.15
N VAL D 56 -10.82 -12.03 -13.64
CA VAL D 56 -9.42 -12.42 -13.59
C VAL D 56 -9.05 -13.01 -12.24
N LYS D 57 -10.03 -13.35 -11.42
CA LYS D 57 -9.84 -13.94 -10.10
C LYS D 57 -9.17 -12.99 -9.12
N ASN D 58 -8.94 -11.74 -9.51
CA ASN D 58 -8.32 -10.76 -8.63
C ASN D 58 -9.42 -10.20 -7.71
N TYR D 59 -9.65 -10.93 -6.62
CA TYR D 59 -10.75 -10.61 -5.70
C TYR D 59 -10.36 -9.40 -4.87
N SER D 60 -10.48 -8.22 -5.48
CA SER D 60 -10.13 -6.98 -4.81
C SER D 60 -10.60 -5.81 -5.66
N LEU D 61 -10.98 -4.72 -4.99
CA LEU D 61 -11.54 -3.55 -5.64
C LEU D 61 -10.74 -2.32 -5.27
N THR D 62 -10.61 -1.39 -6.22
CA THR D 62 -9.98 -0.09 -5.97
C THR D 62 -11.04 0.99 -6.07
N VAL D 63 -11.05 1.91 -5.11
CA VAL D 63 -12.07 2.94 -5.01
C VAL D 63 -11.39 4.30 -4.92
N ASN D 64 -11.89 5.28 -5.66
CA ASN D 64 -11.42 6.64 -5.55
C ASN D 64 -12.19 7.37 -4.45
N MET D 65 -11.47 8.04 -3.56
CA MET D 65 -12.11 8.73 -2.46
C MET D 65 -13.05 9.80 -2.97
N GLU D 66 -12.62 10.56 -3.98
CA GLU D 66 -13.46 11.61 -4.53
C GLU D 66 -14.80 11.06 -4.98
N HIS D 67 -14.79 9.88 -5.62
CA HIS D 67 -16.03 9.26 -6.05
C HIS D 67 -16.93 8.95 -4.86
N LEU D 68 -16.35 8.38 -3.80
CA LEU D 68 -17.15 8.07 -2.63
C LEU D 68 -17.77 9.32 -2.04
N ILE D 69 -16.99 10.40 -1.95
CA ILE D 69 -17.53 11.66 -1.45
C ILE D 69 -18.68 12.11 -2.33
N GLY D 70 -18.49 12.07 -3.64
CA GLY D 70 -19.54 12.50 -4.54
C GLY D 70 -20.82 11.72 -4.33
N TYR D 71 -20.71 10.41 -4.18
CA TYR D 71 -21.90 9.59 -3.95
C TYR D 71 -22.64 10.08 -2.70
N ASN D 72 -21.93 10.19 -1.59
CA ASN D 72 -22.51 10.80 -0.39
C ASN D 72 -21.36 11.09 0.57
N GLU D 73 -21.23 12.37 0.95
CA GLU D 73 -20.16 12.76 1.86
C GLU D 73 -20.21 11.98 3.17
N ASP D 74 -21.41 11.59 3.60
CA ASP D 74 -21.56 11.01 4.93
C ASP D 74 -20.76 9.73 5.09
N ILE D 75 -20.82 8.85 4.08
CA ILE D 75 -20.08 7.59 4.18
C ILE D 75 -18.58 7.85 4.25
N TYR D 76 -18.10 8.76 3.41
CA TYR D 76 -16.68 9.07 3.43
C TYR D 76 -16.26 9.61 4.79
N LYS D 77 -17.06 10.50 5.35
CA LYS D 77 -16.71 11.08 6.65
C LYS D 77 -16.71 10.00 7.73
N LYS D 78 -17.74 9.15 7.74
CA LYS D 78 -17.77 8.07 8.71
C LYS D 78 -16.55 7.18 8.57
N LEU D 79 -16.14 6.90 7.34
CA LEU D 79 -14.93 6.12 7.11
C LEU D 79 -13.72 6.81 7.73
N SER D 80 -13.59 8.11 7.48
CA SER D 80 -12.45 8.84 8.03
C SER D 80 -12.47 8.81 9.54
N ASP D 81 -13.65 8.83 10.15
CA ASP D 81 -13.75 8.85 11.61
C ASP D 81 -13.20 7.57 12.21
N GLU D 82 -13.64 6.42 11.70
CA GLU D 82 -13.25 5.12 12.24
C GLU D 82 -12.86 4.20 11.08
N PRO D 83 -11.73 4.50 10.42
CA PRO D 83 -11.32 3.65 9.29
C PRO D 83 -11.18 2.19 9.69
N SER D 84 -10.65 1.92 10.88
CA SER D 84 -10.31 0.56 11.25
C SER D 84 -11.51 -0.36 11.18
N ASP D 85 -12.68 0.13 11.57
CA ASP D 85 -13.89 -0.68 11.56
C ASP D 85 -14.70 -0.47 10.29
N ILE D 86 -14.75 0.74 9.77
CA ILE D 86 -15.53 1.00 8.56
C ILE D 86 -14.99 0.17 7.40
N ILE D 87 -13.66 0.13 7.25
CA ILE D 87 -13.08 -0.55 6.10
C ILE D 87 -13.52 -2.02 6.03
N PRO D 88 -13.43 -2.81 7.10
CA PRO D 88 -13.90 -4.19 7.01
C PRO D 88 -15.34 -4.30 6.54
N LEU D 89 -16.21 -3.40 6.99
CA LEU D 89 -17.59 -3.42 6.53
C LEU D 89 -17.67 -3.17 5.03
N PHE D 90 -16.87 -2.23 4.54
CA PHE D 90 -16.84 -1.97 3.11
C PHE D 90 -16.37 -3.19 2.33
N GLU D 91 -15.36 -3.88 2.86
CA GLU D 91 -14.89 -5.09 2.18
C GLU D 91 -15.96 -6.17 2.18
N THR D 92 -16.72 -6.28 3.28
CA THR D 92 -17.82 -7.23 3.32
C THR D 92 -18.86 -6.88 2.27
N ALA D 93 -19.16 -5.59 2.13
CA ALA D 93 -20.09 -5.16 1.10
C ALA D 93 -19.58 -5.53 -0.28
N ILE D 94 -18.28 -5.34 -0.51
CA ILE D 94 -17.69 -5.71 -1.79
C ILE D 94 -17.88 -7.21 -2.02
N THR D 95 -17.65 -8.02 -0.99
CA THR D 95 -17.82 -9.45 -1.13
C THR D 95 -19.26 -9.80 -1.51
N GLN D 96 -20.23 -9.18 -0.83
CA GLN D 96 -21.62 -9.47 -1.13
C GLN D 96 -21.96 -9.08 -2.56
N VAL D 97 -21.51 -7.91 -2.99
CA VAL D 97 -21.79 -7.47 -4.34
C VAL D 97 -21.17 -8.43 -5.34
N ALA D 98 -19.94 -8.89 -5.06
CA ALA D 98 -19.28 -9.83 -5.95
C ALA D 98 -20.08 -11.12 -6.05
N LYS D 99 -20.56 -11.64 -4.92
CA LYS D 99 -21.38 -12.84 -4.97
C LYS D 99 -22.63 -12.61 -5.79
N ARG D 100 -23.27 -11.45 -5.61
CA ARG D 100 -24.53 -11.19 -6.32
C ARG D 100 -24.31 -11.08 -7.83
N ILE D 101 -23.19 -10.49 -8.25
CA ILE D 101 -22.98 -10.24 -9.67
C ILE D 101 -22.25 -11.38 -10.39
N SER D 102 -21.55 -12.26 -9.66
CA SER D 102 -20.75 -13.29 -10.29
C SER D 102 -21.29 -14.69 -10.11
N ILE D 103 -22.17 -14.91 -9.12
CA ILE D 103 -22.76 -16.21 -8.88
C ILE D 103 -24.27 -16.06 -8.87
N LEU D 104 -24.95 -16.87 -9.68
CA LEU D 104 -26.40 -16.77 -9.76
C LEU D 104 -27.03 -17.08 -8.42
N SER D 105 -27.92 -16.20 -7.98
CA SER D 105 -28.64 -16.42 -6.74
C SER D 105 -29.56 -17.64 -6.87
N ARG D 106 -29.86 -18.27 -5.74
CA ARG D 106 -30.64 -19.50 -5.68
C ARG D 106 -30.29 -20.41 -6.87
N ALA D 107 -28.99 -20.59 -7.07
CA ALA D 107 -28.50 -21.39 -8.19
C ALA D 107 -27.07 -21.85 -7.92
N SER D 131 -16.39 -20.92 -1.45
CA SER D 131 -17.01 -19.69 -1.94
C SER D 131 -15.96 -18.62 -2.17
N LEU D 132 -16.42 -17.41 -2.49
CA LEU D 132 -15.50 -16.32 -2.77
C LEU D 132 -14.76 -15.93 -1.50
N PRO D 133 -13.51 -15.47 -1.62
CA PRO D 133 -12.79 -14.96 -0.45
C PRO D 133 -13.09 -13.49 -0.18
N THR D 134 -12.72 -13.06 1.01
CA THR D 134 -12.86 -11.65 1.36
C THR D 134 -12.04 -10.80 0.40
N PHE D 135 -12.64 -9.73 -0.11
CA PHE D 135 -12.02 -8.92 -1.14
C PHE D 135 -11.16 -7.83 -0.50
N GLN D 136 -10.03 -7.53 -1.11
CA GLN D 136 -9.18 -6.44 -0.67
C GLN D 136 -9.69 -5.13 -1.25
N LEU D 137 -9.75 -4.10 -0.41
CA LEU D 137 -10.23 -2.78 -0.82
C LEU D 137 -9.02 -1.86 -0.97
N ILE D 138 -8.96 -1.15 -2.09
CA ILE D 138 -7.83 -0.27 -2.40
C ILE D 138 -8.36 1.14 -2.57
N LEU D 139 -7.62 2.11 -2.03
CA LEU D 139 -8.08 3.49 -1.96
C LEU D 139 -7.10 4.42 -2.68
N ASN D 140 -7.60 5.59 -3.05
CA ASN D 140 -6.77 6.61 -3.69
C ASN D 140 -7.37 7.98 -3.34
N SER D 141 -6.81 8.62 -2.32
CA SER D 141 -7.30 9.94 -1.91
C SER D 141 -6.88 11.02 -2.89
N ASN D 142 -5.61 11.03 -3.30
CA ASN D 142 -5.09 12.04 -4.20
C ASN D 142 -5.22 13.44 -3.61
N ALA D 143 -5.27 13.55 -2.29
CA ALA D 143 -5.38 14.82 -1.59
C ALA D 143 -3.99 15.31 -1.19
N ASN D 144 -3.96 16.38 -0.39
CA ASN D 144 -2.70 16.92 0.08
C ASN D 144 -1.96 15.88 0.90
N GLN D 145 -0.65 15.80 0.69
CA GLN D 145 0.18 14.83 1.39
C GLN D 145 0.58 15.37 2.75
N ILE D 146 1.25 14.52 3.54
CA ILE D 146 1.82 14.91 4.83
C ILE D 146 3.26 14.43 4.83
N PRO D 147 4.24 15.32 4.96
CA PRO D 147 5.64 14.87 4.99
C PRO D 147 5.87 13.85 6.10
N LEU D 148 6.71 12.86 5.81
CA LEU D 148 6.97 11.79 6.76
C LEU D 148 7.30 12.33 8.13
N ARG D 149 8.19 13.33 8.18
CA ARG D 149 8.60 13.89 9.45
C ARG D 149 7.42 14.51 10.19
N ASP D 150 6.50 15.14 9.45
CA ASP D 150 5.40 15.86 10.10
C ASP D 150 4.48 14.93 10.86
N LEU D 151 4.43 13.66 10.45
CA LEU D 151 3.53 12.72 11.09
C LEU D 151 3.80 12.64 12.58
N ASP D 152 2.72 12.58 13.36
CA ASP D 152 2.82 12.68 14.83
C ASP D 152 1.52 12.12 15.40
N SER D 153 1.32 12.36 16.71
CA SER D 153 0.12 11.86 17.38
C SER D 153 -1.15 12.33 16.67
N GLU D 154 -1.12 13.54 16.12
CA GLU D 154 -2.33 14.10 15.51
C GLU D 154 -2.91 13.15 14.46
N HIS D 155 -2.03 12.46 13.73
CA HIS D 155 -2.48 11.61 12.63
C HIS D 155 -2.88 10.21 13.06
N VAL D 156 -2.76 9.89 14.35
CA VAL D 156 -3.05 8.55 14.82
C VAL D 156 -4.44 8.14 14.38
N SER D 157 -4.56 6.92 13.86
CA SER D 157 -5.82 6.30 13.44
C SER D 157 -6.49 7.07 12.31
N LYS D 158 -5.79 8.03 11.70
CA LYS D 158 -6.35 8.81 10.60
C LYS D 158 -5.82 8.26 9.29
N ILE D 159 -6.66 8.26 8.27
CA ILE D 159 -6.22 7.84 6.94
C ILE D 159 -5.22 8.87 6.44
N VAL D 160 -3.98 8.44 6.29
CA VAL D 160 -2.88 9.34 5.92
C VAL D 160 -2.55 9.14 4.46
N ARG D 161 -2.02 10.20 3.84
CA ARG D 161 -1.65 10.21 2.44
C ARG D 161 -0.29 10.88 2.30
N LEU D 162 0.69 10.12 1.79
CA LEU D 162 2.08 10.56 1.80
C LEU D 162 2.84 9.85 0.70
N SER D 163 4.16 10.03 0.69
CA SER D 163 5.00 9.41 -0.32
C SER D 163 6.45 9.35 0.16
N GLY D 164 7.24 8.52 -0.51
CA GLY D 164 8.64 8.39 -0.19
C GLY D 164 9.33 7.46 -1.16
N ILE D 165 10.46 6.90 -0.72
CA ILE D 165 11.17 5.87 -1.46
C ILE D 165 11.31 4.66 -0.57
N ILE D 166 10.89 3.50 -1.06
CA ILE D 166 10.95 2.26 -0.29
C ILE D 166 12.40 1.83 -0.19
N ILE D 167 12.88 1.63 1.04
CA ILE D 167 14.29 1.28 1.23
C ILE D 167 14.49 -0.21 1.22
N SER D 168 13.52 -0.97 1.74
CA SER D 168 13.70 -2.42 1.87
C SER D 168 12.33 -3.09 1.82
N THR D 169 12.36 -4.39 1.53
CA THR D 169 11.15 -5.19 1.45
C THR D 169 11.36 -6.50 2.19
N SER D 170 10.45 -6.82 3.09
CA SER D 170 10.52 -8.06 3.85
C SER D 170 10.04 -9.21 2.97
N VAL D 171 9.91 -10.39 3.57
CA VAL D 171 9.37 -11.56 2.88
C VAL D 171 7.98 -11.82 3.43
N LEU D 172 7.10 -12.38 2.58
CA LEU D 172 5.70 -12.49 2.94
C LEU D 172 5.52 -13.47 4.08
N SER D 173 4.51 -13.20 4.91
CA SER D 173 4.18 -14.03 6.06
C SER D 173 2.69 -14.36 6.03
N SER D 174 2.32 -15.33 6.86
CA SER D 174 0.94 -15.79 6.93
C SER D 174 0.14 -14.93 7.89
N ARG D 175 -1.09 -14.61 7.49
CA ARG D 175 -2.05 -13.92 8.35
C ARG D 175 -3.35 -14.69 8.29
N ALA D 176 -3.84 -15.12 9.45
CA ALA D 176 -5.00 -16.00 9.49
C ALA D 176 -6.31 -15.24 9.30
N THR D 177 -6.81 -15.21 8.07
CA THR D 177 -8.15 -14.66 7.83
C THR D 177 -9.19 -15.47 8.57
N TYR D 178 -9.11 -16.80 8.45
CA TYR D 178 -10.06 -17.71 9.06
C TYR D 178 -9.29 -18.79 9.80
N LEU D 179 -9.88 -19.26 10.90
CA LEU D 179 -9.28 -20.27 11.74
C LEU D 179 -10.28 -21.39 11.98
N SER D 180 -9.75 -22.60 12.13
CA SER D 180 -10.50 -23.76 12.58
C SER D 180 -10.03 -24.06 14.00
N ILE D 181 -10.98 -24.18 14.92
CA ILE D 181 -10.68 -24.14 16.35
C ILE D 181 -11.35 -25.34 17.02
N MET D 182 -10.57 -26.12 17.76
CA MET D 182 -11.08 -27.23 18.54
C MET D 182 -10.96 -26.91 20.01
N CYS D 183 -11.94 -27.34 20.79
CA CYS D 183 -11.89 -27.12 22.24
C CYS D 183 -11.19 -28.33 22.85
N ARG D 184 -10.25 -28.09 23.75
CA ARG D 184 -9.25 -29.12 24.08
C ARG D 184 -9.89 -30.30 24.81
N ASN D 185 -10.90 -30.03 25.63
CA ASN D 185 -11.43 -31.09 26.50
C ASN D 185 -12.81 -31.55 26.05
N CYS D 186 -13.79 -30.64 25.93
CA CYS D 186 -15.11 -31.08 25.53
C CYS D 186 -15.17 -31.36 24.04
N ARG D 187 -14.17 -30.91 23.28
CA ARG D 187 -14.05 -31.27 21.87
C ARG D 187 -15.03 -30.47 21.02
N HIS D 188 -15.50 -29.34 21.53
CA HIS D 188 -16.46 -28.49 20.84
C HIS D 188 -15.79 -27.79 19.67
N THR D 189 -16.29 -28.05 18.47
CA THR D 189 -15.79 -27.38 17.28
C THR D 189 -16.16 -25.91 17.29
N THR D 190 -15.32 -25.08 16.65
CA THR D 190 -15.65 -23.70 16.39
C THR D 190 -14.57 -23.09 15.50
N SER D 191 -14.71 -21.79 15.21
CA SER D 191 -13.83 -21.08 14.32
C SER D 191 -13.89 -19.59 14.62
N ILE D 192 -12.93 -18.87 14.04
CA ILE D 192 -12.83 -17.40 14.18
C ILE D 192 -12.50 -16.82 12.82
N THR D 193 -13.09 -15.66 12.51
CA THR D 193 -12.82 -14.92 11.27
C THR D 193 -12.17 -13.61 11.69
N ILE D 194 -10.87 -13.49 11.42
CA ILE D 194 -10.12 -12.34 11.90
C ILE D 194 -9.82 -11.40 10.73
N ASN D 195 -9.69 -10.12 11.06
CA ASN D 195 -9.38 -9.07 10.09
C ASN D 195 -8.01 -8.49 10.39
N ASN D 196 -7.38 -7.95 9.35
CA ASN D 196 -6.07 -7.32 9.49
C ASN D 196 -6.21 -5.84 9.83
N PHE D 197 -6.97 -5.55 10.90
CA PHE D 197 -7.17 -4.18 11.34
C PHE D 197 -7.40 -4.20 12.85
N ASN D 198 -7.15 -3.05 13.48
CA ASN D 198 -7.29 -2.92 14.92
C ASN D 198 -6.26 -3.79 15.64
N VAL D 205 -7.63 -9.29 18.64
CA VAL D 205 -8.39 -10.51 18.90
C VAL D 205 -7.44 -11.64 19.27
N SER D 206 -7.94 -12.59 20.05
CA SER D 206 -7.14 -13.73 20.50
C SER D 206 -8.06 -14.92 20.74
N LEU D 207 -7.45 -16.10 20.84
CA LEU D 207 -8.19 -17.33 21.02
C LEU D 207 -9.04 -17.25 22.29
N PRO D 208 -10.35 -17.47 22.21
CA PRO D 208 -11.19 -17.33 23.41
C PRO D 208 -10.75 -18.25 24.53
N ARG D 209 -10.85 -17.76 25.75
CA ARG D 209 -10.48 -18.51 26.94
C ARG D 209 -11.64 -19.31 27.53
N SER D 210 -12.86 -19.06 27.07
CA SER D 210 -14.05 -19.67 27.64
C SER D 210 -14.50 -20.84 26.77
N CYS D 211 -15.15 -21.81 27.41
CA CYS D 211 -15.53 -23.04 26.71
C CYS D 211 -16.51 -22.76 25.58
N LEU D 212 -17.55 -21.98 25.87
CA LEU D 212 -18.64 -21.75 24.92
C LEU D 212 -19.24 -23.05 24.41
N SER D 213 -19.44 -24.02 25.29
CA SER D 213 -19.97 -25.33 24.90
C SER D 213 -18.95 -26.05 24.01
N ASN D 235 -15.25 -26.42 35.16
CA ASN D 235 -14.87 -25.62 34.00
C ASN D 235 -14.07 -26.47 33.02
N CYS D 236 -14.20 -26.15 31.74
CA CYS D 236 -13.52 -26.93 30.71
C CYS D 236 -12.03 -26.60 30.65
N GLY D 237 -11.66 -25.35 30.89
CA GLY D 237 -10.26 -24.96 30.91
C GLY D 237 -10.07 -23.47 30.69
N PRO D 238 -8.85 -22.99 30.92
CA PRO D 238 -8.58 -21.55 30.73
C PRO D 238 -8.49 -21.17 29.26
N ASP D 239 -7.93 -22.04 28.42
CA ASP D 239 -7.89 -21.83 26.97
C ASP D 239 -7.98 -23.19 26.28
N PRO D 240 -9.12 -23.86 26.40
CA PRO D 240 -9.25 -25.19 25.80
C PRO D 240 -9.25 -25.16 24.29
N TYR D 241 -9.33 -24.00 23.67
CA TYR D 241 -9.38 -23.94 22.22
C TYR D 241 -7.97 -24.05 21.63
N ILE D 242 -7.90 -24.59 20.41
CA ILE D 242 -6.63 -24.79 19.71
C ILE D 242 -6.88 -24.64 18.22
N ILE D 243 -5.81 -24.41 17.46
CA ILE D 243 -5.93 -24.13 16.04
C ILE D 243 -5.79 -25.42 15.24
N ILE D 244 -6.66 -25.60 14.25
CA ILE D 244 -6.50 -26.67 13.26
C ILE D 244 -6.02 -26.00 11.98
N HIS D 245 -4.71 -26.01 11.80
CA HIS D 245 -4.09 -25.33 10.67
C HIS D 245 -4.70 -25.80 9.36
N GLU D 246 -5.08 -27.07 9.30
CA GLU D 246 -5.57 -27.65 8.05
C GLU D 246 -6.80 -26.92 7.55
N SER D 247 -7.82 -26.81 8.40
CA SER D 247 -9.06 -26.17 7.97
C SER D 247 -8.93 -24.65 7.95
N SER D 248 -8.04 -24.10 8.77
CA SER D 248 -7.85 -22.66 8.82
C SER D 248 -7.39 -22.15 7.46
N LYS D 249 -7.58 -20.85 7.24
CA LYS D 249 -7.19 -20.18 6.01
C LYS D 249 -6.40 -18.93 6.34
N PHE D 250 -5.41 -18.61 5.51
CA PHE D 250 -4.49 -17.52 5.77
C PHE D 250 -4.21 -16.75 4.49
N ILE D 251 -3.59 -15.58 4.64
CA ILE D 251 -3.23 -14.74 3.50
C ILE D 251 -1.78 -14.32 3.62
N ASP D 252 -1.30 -13.58 2.64
CA ASP D 252 0.06 -13.08 2.64
C ASP D 252 0.11 -11.70 3.28
N GLN D 253 1.27 -11.35 3.85
CA GLN D 253 1.45 -10.06 4.49
C GLN D 253 2.92 -9.70 4.43
N GLN D 254 3.24 -8.59 3.76
CA GLN D 254 4.60 -8.12 3.67
C GLN D 254 4.84 -6.98 4.66
N PHE D 255 6.10 -6.55 4.76
CA PHE D 255 6.48 -5.44 5.63
C PHE D 255 7.50 -4.61 4.85
N LEU D 256 7.21 -3.32 4.71
CA LEU D 256 8.04 -2.41 3.95
C LEU D 256 8.44 -1.21 4.80
N LYS D 257 9.61 -0.67 4.49
CA LYS D 257 10.18 0.44 5.23
C LYS D 257 10.39 1.61 4.28
N LEU D 258 9.99 2.80 4.71
CA LEU D 258 9.97 3.98 3.87
C LEU D 258 10.73 5.12 4.50
N GLN D 259 11.53 5.81 3.69
CA GLN D 259 12.27 6.99 4.12
C GLN D 259 11.72 8.23 3.42
N GLU D 260 11.80 9.36 4.11
CA GLU D 260 11.33 10.61 3.54
C GLU D 260 12.12 10.94 2.27
N ILE D 261 11.50 11.70 1.38
CA ILE D 261 12.13 12.08 0.13
C ILE D 261 13.42 12.83 0.46
N PRO D 262 14.54 12.55 -0.22
CA PRO D 262 15.78 13.27 0.07
C PRO D 262 15.57 14.78 0.15
N GLU D 263 14.80 15.32 -0.79
CA GLU D 263 14.44 16.74 -0.71
C GLU D 263 13.71 17.03 0.59
N LEU D 264 12.74 16.18 0.95
CA LEU D 264 11.96 16.42 2.16
C LEU D 264 12.83 16.45 3.41
N VAL D 265 14.00 15.83 3.35
CA VAL D 265 14.89 15.78 4.50
C VAL D 265 15.25 17.21 4.88
N PRO D 266 15.15 17.61 6.14
CA PRO D 266 15.55 18.97 6.53
C PRO D 266 17.05 19.16 6.40
N VAL D 267 17.48 20.41 6.60
CA VAL D 267 18.87 20.76 6.41
C VAL D 267 19.75 19.95 7.35
N GLY D 268 20.70 19.22 6.78
CA GLY D 268 21.66 18.47 7.57
C GLY D 268 21.02 17.59 8.63
N GLU D 269 19.96 16.89 8.25
CA GLU D 269 19.24 16.00 9.15
C GLU D 269 19.25 14.59 8.57
N MET D 270 19.26 13.59 9.44
CA MET D 270 19.09 12.23 8.96
C MET D 270 17.73 12.07 8.29
N PRO D 271 17.65 11.34 7.18
CA PRO D 271 16.33 11.01 6.62
C PRO D 271 15.55 10.11 7.56
N ARG D 272 14.35 10.54 7.91
CA ARG D 272 13.49 9.73 8.75
C ARG D 272 13.03 8.49 8.01
N ASN D 273 12.69 7.45 8.75
CA ASN D 273 12.28 6.18 8.19
C ASN D 273 11.07 5.66 8.95
N LEU D 274 10.25 4.85 8.29
CA LEU D 274 9.06 4.29 8.89
C LEU D 274 8.71 2.98 8.20
N THR D 275 8.01 2.11 8.93
CA THR D 275 7.73 0.75 8.49
C THR D 275 6.23 0.58 8.24
N MET D 276 5.89 -0.28 7.29
CA MET D 276 4.51 -0.54 6.91
C MET D 276 4.26 -2.04 6.83
N THR D 277 3.01 -2.38 6.53
CA THR D 277 2.62 -3.75 6.21
C THR D 277 1.56 -3.73 5.13
N CYS D 278 1.68 -4.63 4.16
CA CYS D 278 0.68 -4.81 3.11
C CYS D 278 0.32 -6.28 3.04
N ASP D 279 -0.80 -6.57 2.39
CA ASP D 279 -1.35 -7.92 2.36
C ASP D 279 -2.24 -8.09 1.13
N ARG D 280 -2.79 -9.30 0.99
CA ARG D 280 -3.68 -9.65 -0.12
C ARG D 280 -2.98 -9.26 -1.42
N TYR D 281 -3.64 -8.57 -2.33
CA TYR D 281 -3.04 -8.26 -3.63
C TYR D 281 -2.02 -7.14 -3.56
N LEU D 282 -2.00 -6.35 -2.49
CA LEU D 282 -0.98 -5.33 -2.36
C LEU D 282 0.40 -5.91 -2.13
N THR D 283 0.49 -7.21 -1.87
CA THR D 283 1.77 -7.86 -1.64
C THR D 283 2.65 -7.80 -2.90
N ASN D 284 3.95 -7.65 -2.67
CA ASN D 284 4.94 -7.76 -3.74
C ASN D 284 4.61 -6.85 -4.92
N LYS D 285 4.12 -5.64 -4.64
CA LYS D 285 3.78 -4.72 -5.70
C LYS D 285 4.92 -3.79 -6.09
N VAL D 286 5.95 -3.70 -5.28
CA VAL D 286 7.10 -2.83 -5.54
C VAL D 286 8.36 -3.51 -5.03
N ILE D 287 9.49 -2.83 -5.24
CA ILE D 287 10.79 -3.36 -4.83
C ILE D 287 11.55 -2.23 -4.14
N PRO D 288 12.58 -2.57 -3.37
CA PRO D 288 13.35 -1.54 -2.66
C PRO D 288 13.87 -0.48 -3.62
N GLY D 289 14.18 0.69 -3.06
CA GLY D 289 14.72 1.78 -3.84
C GLY D 289 13.79 2.21 -4.95
N THR D 290 12.50 2.39 -4.63
CA THR D 290 11.51 2.80 -5.62
C THR D 290 10.65 3.91 -5.01
N ARG D 291 10.71 5.09 -5.63
CA ARG D 291 9.86 6.19 -5.19
C ARG D 291 8.40 5.80 -5.36
N VAL D 292 7.58 6.09 -4.35
CA VAL D 292 6.19 5.65 -4.33
C VAL D 292 5.40 6.59 -3.45
N THR D 293 4.09 6.65 -3.69
CA THR D 293 3.15 7.39 -2.85
C THR D 293 2.19 6.39 -2.23
N ILE D 294 1.96 6.51 -0.93
CA ILE D 294 1.24 5.50 -0.17
C ILE D 294 0.07 6.16 0.54
N VAL D 295 -1.00 5.40 0.72
CA VAL D 295 -2.15 5.82 1.51
C VAL D 295 -2.42 4.76 2.56
N GLY D 296 -2.57 5.17 3.81
CA GLY D 296 -2.77 4.23 4.89
C GLY D 296 -3.11 4.96 6.16
N ILE D 297 -3.45 4.18 7.18
CA ILE D 297 -3.82 4.73 8.48
C ILE D 297 -2.57 4.78 9.36
N TYR D 298 -2.27 5.95 9.88
CA TYR D 298 -1.19 6.06 10.87
C TYR D 298 -1.51 5.19 12.06
N SER D 299 -0.74 4.12 12.23
CA SER D 299 -1.06 3.07 13.19
C SER D 299 0.08 2.91 14.18
N ILE D 300 -0.25 2.36 15.34
CA ILE D 300 0.71 2.17 16.43
C ILE D 300 0.48 0.80 17.02
N TYR D 301 1.55 0.04 17.21
CA TYR D 301 1.47 -1.31 17.75
C TYR D 301 2.42 -1.45 18.94
N ASN D 302 2.03 -2.32 19.88
CA ASN D 302 2.76 -2.50 21.13
C ASN D 302 3.92 -3.48 20.90
N SER D 303 4.99 -2.95 20.30
CA SER D 303 6.18 -3.75 20.04
C SER D 303 6.73 -4.32 21.33
N LYS D 304 7.11 -5.60 21.29
CA LYS D 304 7.79 -6.20 22.43
C LYS D 304 9.13 -5.54 22.68
N ASN D 305 9.71 -4.91 21.67
CA ASN D 305 10.98 -4.24 21.81
C ASN D 305 10.77 -2.76 22.17
N GLY D 320 11.03 2.88 27.23
CA GLY D 320 10.19 4.04 27.50
C GLY D 320 8.84 3.67 28.06
N VAL D 321 8.37 4.45 29.03
CA VAL D 321 7.08 4.17 29.64
C VAL D 321 5.96 4.63 28.71
N ALA D 322 4.96 3.77 28.53
CA ALA D 322 3.80 4.07 27.70
C ALA D 322 4.21 4.49 26.29
N ILE D 323 5.32 3.95 25.81
CA ILE D 323 5.81 4.25 24.46
C ILE D 323 5.42 3.10 23.55
N ARG D 324 4.74 3.40 22.46
CA ARG D 324 4.25 2.40 21.52
C ARG D 324 4.85 2.68 20.14
N THR D 325 5.21 1.61 19.44
CA THR D 325 5.88 1.77 18.16
C THR D 325 4.89 2.20 17.08
N PRO D 326 5.18 3.28 16.34
CA PRO D 326 4.26 3.71 15.28
C PRO D 326 4.55 3.06 13.94
N TYR D 327 3.51 2.60 13.26
CA TYR D 327 3.61 2.06 11.92
C TYR D 327 2.43 2.55 11.10
N ILE D 328 2.30 2.03 9.87
CA ILE D 328 1.23 2.42 8.98
C ILE D 328 0.69 1.18 8.28
N LYS D 329 -0.64 1.06 8.25
CA LYS D 329 -1.32 0.01 7.52
C LYS D 329 -1.56 0.50 6.10
N ILE D 330 -1.03 -0.21 5.11
CA ILE D 330 -1.07 0.27 3.73
C ILE D 330 -2.45 0.06 3.15
N LEU D 331 -3.20 1.15 2.98
CA LEU D 331 -4.49 1.05 2.31
C LEU D 331 -4.32 0.91 0.80
N GLY D 332 -3.37 1.63 0.22
CA GLY D 332 -3.16 1.58 -1.22
C GLY D 332 -1.80 2.09 -1.58
N ILE D 333 -1.34 1.72 -2.77
CA ILE D 333 -0.02 2.10 -3.26
C ILE D 333 -0.16 2.67 -4.66
N GLN D 334 0.65 3.69 -4.97
CA GLN D 334 0.78 4.20 -6.32
C GLN D 334 2.27 4.34 -6.61
N SER D 335 2.68 3.91 -7.80
CA SER D 335 4.09 3.89 -8.18
C SER D 335 4.45 5.22 -8.83
N ASP D 336 5.43 5.91 -8.25
CA ASP D 336 5.92 7.14 -8.87
C ASP D 336 6.68 6.85 -10.16
N VAL D 337 7.53 5.81 -10.13
CA VAL D 337 8.35 5.49 -11.30
C VAL D 337 7.69 4.45 -12.20
N GLU D 338 6.79 3.62 -11.66
CA GLU D 338 6.10 2.62 -12.45
C GLU D 338 7.09 1.67 -13.13
N MET D 348 9.27 -7.73 -26.11
CA MET D 348 8.86 -6.41 -25.63
C MET D 348 8.67 -5.46 -26.82
N PHE D 349 9.54 -5.58 -27.82
CA PHE D 349 9.47 -4.72 -28.98
C PHE D 349 8.17 -4.94 -29.74
N THR D 350 7.56 -3.84 -30.17
CA THR D 350 6.35 -3.90 -30.97
C THR D 350 6.72 -3.80 -32.45
N GLU D 351 5.69 -3.73 -33.29
CA GLU D 351 5.91 -3.65 -34.73
C GLU D 351 6.72 -2.41 -35.10
N GLU D 352 6.44 -1.28 -34.46
CA GLU D 352 7.12 -0.04 -34.81
C GLU D 352 8.62 -0.16 -34.54
N GLU D 353 8.98 -0.74 -33.40
CA GLU D 353 10.40 -0.82 -33.04
C GLU D 353 11.16 -1.67 -34.05
N GLU D 354 10.63 -2.85 -34.37
CA GLU D 354 11.29 -3.71 -35.33
C GLU D 354 11.36 -3.07 -36.70
N GLU D 355 10.30 -2.37 -37.10
CA GLU D 355 10.34 -1.65 -38.37
C GLU D 355 11.45 -0.61 -38.37
N GLU D 356 11.56 0.15 -37.28
CA GLU D 356 12.59 1.19 -37.20
C GLU D 356 13.98 0.57 -37.29
N PHE D 357 14.19 -0.54 -36.58
CA PHE D 357 15.49 -1.20 -36.64
C PHE D 357 15.78 -1.73 -38.03
N LEU D 358 14.77 -2.29 -38.70
CA LEU D 358 14.95 -2.76 -40.06
C LEU D 358 15.38 -1.61 -40.97
N GLN D 359 14.71 -0.47 -40.84
CA GLN D 359 15.08 0.68 -41.65
C GLN D 359 16.49 1.15 -41.33
N LEU D 360 16.84 1.20 -40.05
CA LEU D 360 18.22 1.52 -39.67
C LEU D 360 19.19 0.62 -40.41
N SER D 361 18.90 -0.68 -40.45
CA SER D 361 19.73 -1.61 -41.21
C SER D 361 19.74 -1.24 -42.69
N ARG D 362 18.60 -0.82 -43.23
CA ARG D 362 18.56 -0.42 -44.64
C ARG D 362 19.61 0.62 -44.94
N ASN D 363 19.88 1.51 -43.99
CA ASN D 363 20.86 2.56 -44.20
C ASN D 363 22.22 1.95 -44.48
N PRO D 364 22.93 2.36 -45.53
CA PRO D 364 24.25 1.79 -45.79
C PRO D 364 25.29 2.27 -44.78
N LYS D 365 25.30 3.55 -44.45
CA LYS D 365 26.27 4.12 -43.51
C LYS D 365 25.77 4.04 -42.08
N LEU D 366 24.87 3.11 -41.78
CA LEU D 366 24.34 2.97 -40.42
C LEU D 366 25.49 2.88 -39.42
N TYR D 367 26.49 2.04 -39.73
CA TYR D 367 27.64 1.92 -38.84
C TYR D 367 28.33 3.27 -38.65
N GLU D 368 28.49 4.01 -39.74
CA GLU D 368 29.11 5.33 -39.65
C GLU D 368 28.25 6.28 -38.82
N ILE D 369 26.93 6.21 -39.01
CA ILE D 369 26.03 7.03 -38.20
C ILE D 369 26.24 6.73 -36.73
N LEU D 370 26.22 5.45 -36.37
CA LEU D 370 26.51 5.06 -34.99
C LEU D 370 27.81 5.71 -34.51
N THR D 371 28.92 5.40 -35.19
CA THR D 371 30.21 5.92 -34.76
C THR D 371 30.15 7.43 -34.56
N ASN D 372 29.42 8.13 -35.42
CA ASN D 372 29.23 9.56 -35.24
C ASN D 372 28.38 9.87 -34.02
N SER D 373 27.56 8.92 -33.58
CA SER D 373 26.59 9.17 -32.53
C SER D 373 27.13 8.93 -31.13
N ILE D 374 28.09 8.02 -30.97
CA ILE D 374 28.64 7.74 -29.64
C ILE D 374 29.44 8.95 -29.17
N ALA D 375 29.14 9.42 -27.95
CA ALA D 375 29.83 10.52 -27.30
C ALA D 375 30.19 11.61 -28.30
N PRO D 376 29.20 12.26 -28.91
CA PRO D 376 29.54 13.32 -29.88
C PRO D 376 30.38 14.42 -29.27
N SER D 377 30.18 14.71 -27.97
CA SER D 377 31.04 15.67 -27.29
C SER D 377 32.50 15.28 -27.40
N ILE D 378 32.79 13.98 -27.46
CA ILE D 378 34.18 13.51 -27.58
C ILE D 378 34.48 13.49 -29.08
N PHE D 379 34.87 14.65 -29.59
CA PHE D 379 35.25 14.76 -30.99
C PHE D 379 36.52 13.96 -31.25
N GLY D 380 36.69 13.50 -32.48
CA GLY D 380 37.81 12.65 -32.79
C GLY D 380 37.59 11.24 -32.26
N ASN D 381 38.69 10.54 -32.01
CA ASN D 381 38.63 9.23 -31.37
C ASN D 381 37.81 8.25 -32.21
N GLU D 382 37.89 8.38 -33.53
CA GLU D 382 37.03 7.62 -34.42
C GLU D 382 37.18 6.12 -34.17
N ASP D 383 38.43 5.66 -34.08
CA ASP D 383 38.66 4.25 -33.75
C ASP D 383 38.04 3.92 -32.41
N ILE D 384 38.03 4.86 -31.48
CA ILE D 384 37.43 4.61 -30.18
C ILE D 384 35.92 4.42 -30.33
N LYS D 385 35.29 5.26 -31.15
CA LYS D 385 33.86 5.09 -31.40
C LYS D 385 33.58 3.73 -32.03
N LYS D 386 34.42 3.34 -33.00
CA LYS D 386 34.23 2.06 -33.66
C LYS D 386 34.32 0.91 -32.67
N ALA D 387 35.35 0.95 -31.81
CA ALA D 387 35.52 -0.10 -30.80
C ALA D 387 34.37 -0.10 -29.81
N ILE D 388 33.88 1.09 -29.45
CA ILE D 388 32.73 1.17 -28.56
C ILE D 388 31.54 0.47 -29.19
N VAL D 389 31.30 0.75 -30.47
CA VAL D 389 30.20 0.09 -31.18
C VAL D 389 30.37 -1.42 -31.11
N CYS D 390 31.57 -1.90 -31.46
CA CYS D 390 31.82 -3.34 -31.48
C CYS D 390 31.53 -3.94 -30.11
N LEU D 391 32.11 -3.37 -29.06
CA LEU D 391 31.92 -3.93 -27.72
C LEU D 391 30.45 -3.91 -27.32
N LEU D 392 29.75 -2.81 -27.58
CA LEU D 392 28.33 -2.75 -27.29
C LEU D 392 27.57 -3.85 -28.01
N MET D 393 28.00 -4.19 -29.22
CA MET D 393 27.34 -5.21 -30.02
C MET D 393 27.75 -6.62 -29.63
N GLY D 394 28.82 -6.79 -28.87
CA GLY D 394 29.22 -8.13 -28.47
C GLY D 394 29.56 -9.00 -29.65
N GLY D 395 29.29 -10.30 -29.55
CA GLY D 395 29.62 -11.21 -30.62
C GLY D 395 28.74 -12.44 -30.56
N SER D 396 28.84 -13.25 -31.61
CA SER D 396 28.05 -14.47 -31.74
C SER D 396 28.68 -15.54 -30.85
N LYS D 397 28.25 -15.58 -29.59
CA LYS D 397 28.67 -16.63 -28.67
C LYS D 397 28.14 -17.97 -29.16
N LYS D 398 28.99 -18.99 -29.16
CA LYS D 398 28.64 -20.30 -29.70
C LYS D 398 29.08 -21.37 -28.72
N ILE D 399 28.26 -22.40 -28.56
CA ILE D 399 28.60 -23.54 -27.71
C ILE D 399 28.79 -24.75 -28.62
N LEU D 400 29.98 -25.33 -28.57
CA LEU D 400 30.30 -26.44 -29.45
C LEU D 400 29.60 -27.71 -28.95
N PRO D 401 29.39 -28.69 -29.84
CA PRO D 401 28.79 -29.95 -29.39
C PRO D 401 29.55 -30.60 -28.27
N ASP D 402 30.89 -30.55 -28.31
CA ASP D 402 31.68 -31.09 -27.22
C ASP D 402 31.43 -30.33 -25.92
N GLY D 403 30.86 -29.13 -25.99
CA GLY D 403 30.51 -28.34 -24.83
C GLY D 403 31.30 -27.05 -24.71
N MET D 404 32.56 -27.06 -25.15
CA MET D 404 33.40 -25.88 -25.02
C MET D 404 32.75 -24.71 -25.75
N ARG D 405 32.71 -23.56 -25.09
CA ARG D 405 31.96 -22.41 -25.58
C ARG D 405 32.88 -21.37 -26.19
N LEU D 406 32.35 -20.67 -27.20
CA LEU D 406 33.05 -19.58 -27.86
C LEU D 406 32.51 -18.27 -27.30
N ARG D 407 33.38 -17.52 -26.63
CA ARG D 407 32.95 -16.27 -26.01
C ARG D 407 32.45 -15.31 -27.06
N GLY D 408 31.48 -14.47 -26.68
CA GLY D 408 30.94 -13.46 -27.57
C GLY D 408 31.12 -12.06 -27.06
N ASP D 409 31.53 -11.92 -25.81
CA ASP D 409 31.70 -10.61 -25.18
C ASP D 409 33.10 -10.10 -25.48
N ILE D 410 33.19 -9.04 -26.29
CA ILE D 410 34.47 -8.43 -26.58
C ILE D 410 34.88 -7.54 -25.42
N ASN D 411 36.18 -7.35 -25.25
CA ASN D 411 36.74 -6.54 -24.17
C ASN D 411 37.80 -5.61 -24.74
N VAL D 412 37.60 -4.31 -24.56
CA VAL D 412 38.41 -3.28 -25.19
C VAL D 412 39.15 -2.49 -24.13
N LEU D 413 40.39 -2.12 -24.43
CA LEU D 413 41.22 -1.32 -23.53
C LEU D 413 41.46 0.05 -24.15
N LEU D 414 41.38 1.09 -23.32
CA LEU D 414 41.62 2.46 -23.75
C LEU D 414 42.74 3.05 -22.90
N LEU D 415 43.34 4.12 -23.41
CA LEU D 415 44.38 4.82 -22.66
C LEU D 415 44.33 6.31 -22.93
N GLY D 419 43.01 12.11 -20.27
CA GLY D 419 42.48 12.36 -18.94
C GLY D 419 41.03 11.94 -18.79
N THR D 420 40.18 12.91 -18.44
CA THR D 420 38.76 12.63 -18.27
C THR D 420 38.08 12.28 -19.58
N ALA D 421 38.75 12.50 -20.72
CA ALA D 421 38.14 12.19 -22.00
C ALA D 421 37.61 10.77 -22.02
N LYS D 422 38.42 9.82 -21.57
CA LYS D 422 37.96 8.43 -21.49
C LYS D 422 36.90 8.26 -20.42
N SER D 423 36.98 9.03 -19.32
CA SER D 423 35.94 8.96 -18.30
C SER D 423 34.59 9.30 -18.88
N GLN D 424 34.51 10.40 -19.63
CA GLN D 424 33.27 10.78 -20.29
C GLN D 424 32.84 9.70 -21.27
N LEU D 425 33.79 9.11 -21.99
CA LEU D 425 33.46 8.07 -22.95
C LEU D 425 32.76 6.90 -22.27
N LEU D 426 33.36 6.40 -21.18
CA LEU D 426 32.76 5.28 -20.47
C LEU D 426 31.42 5.67 -19.85
N LYS D 427 31.32 6.90 -19.35
CA LYS D 427 30.04 7.37 -18.81
C LYS D 427 28.96 7.32 -19.88
N PHE D 428 29.26 7.82 -21.06
CA PHE D 428 28.30 7.75 -22.16
C PHE D 428 27.97 6.32 -22.51
N VAL D 429 28.99 5.45 -22.54
CA VAL D 429 28.76 4.05 -22.89
C VAL D 429 27.75 3.43 -21.93
N GLU D 430 27.97 3.61 -20.63
CA GLU D 430 27.05 3.06 -19.65
C GLU D 430 25.67 3.69 -19.80
N LYS D 431 25.61 4.99 -20.10
CA LYS D 431 24.33 5.63 -20.30
C LYS D 431 23.56 4.96 -21.43
N VAL D 432 24.20 4.81 -22.60
CA VAL D 432 23.55 4.19 -23.76
C VAL D 432 23.51 2.68 -23.66
N SER D 433 24.38 2.07 -22.86
CA SER D 433 24.41 0.62 -22.76
C SER D 433 23.10 0.11 -22.21
N PRO D 434 22.48 -0.93 -22.79
CA PRO D 434 21.29 -1.50 -22.17
C PRO D 434 21.53 -1.92 -20.73
N ILE D 435 22.71 -2.49 -20.46
CA ILE D 435 23.14 -2.80 -19.11
C ILE D 435 24.64 -2.53 -19.05
N ALA D 436 25.08 -1.92 -17.95
CA ALA D 436 26.49 -1.56 -17.81
C ALA D 436 26.87 -1.48 -16.35
N VAL D 437 28.18 -1.54 -16.10
CA VAL D 437 28.74 -1.42 -14.76
C VAL D 437 29.96 -0.51 -14.83
N TYR D 438 29.80 0.74 -14.37
CA TYR D 438 30.89 1.70 -14.42
C TYR D 438 31.52 1.86 -13.05
N THR D 439 32.83 1.65 -12.97
CA THR D 439 33.58 1.84 -11.73
C THR D 439 35.05 1.82 -12.06
N SER D 440 35.78 2.88 -11.67
CA SER D 440 37.17 3.05 -12.05
C SER D 440 38.14 2.25 -11.17
N GLY D 441 37.66 1.22 -10.48
CA GLY D 441 38.48 0.40 -9.63
C GLY D 441 38.26 0.61 -8.15
N LYS D 442 37.52 1.64 -7.76
CA LYS D 442 37.21 1.85 -6.35
C LYS D 442 36.31 0.75 -5.79
N GLY D 443 35.61 0.01 -6.67
CA GLY D 443 34.73 -1.05 -6.23
C GLY D 443 33.58 -0.55 -5.38
N GLU D 461 19.97 -11.76 8.63
CA GLU D 461 20.71 -11.18 7.51
C GLU D 461 22.17 -11.60 7.53
N PHE D 462 22.45 -12.82 7.07
CA PHE D 462 23.80 -13.38 7.02
C PHE D 462 24.01 -14.01 5.64
N TYR D 463 24.53 -13.20 4.70
CA TYR D 463 24.81 -13.73 3.34
C TYR D 463 25.99 -12.96 2.73
N LEU D 464 26.90 -13.68 2.07
CA LEU D 464 28.04 -13.03 1.39
C LEU D 464 28.13 -13.55 -0.05
N GLU D 465 28.50 -12.69 -0.99
CA GLU D 465 28.65 -13.10 -2.40
C GLU D 465 29.96 -12.56 -2.96
N GLY D 466 30.16 -12.62 -4.27
CA GLY D 466 31.38 -12.12 -4.88
C GLY D 466 31.41 -10.61 -4.95
N GLY D 467 32.58 -10.09 -5.30
CA GLY D 467 32.75 -8.65 -5.40
C GLY D 467 31.81 -8.05 -6.42
N ALA D 468 31.88 -6.71 -6.52
CA ALA D 468 31.00 -5.99 -7.43
C ALA D 468 31.08 -6.55 -8.84
N MET D 469 32.29 -6.86 -9.31
CA MET D 469 32.43 -7.39 -10.66
C MET D 469 31.61 -8.65 -10.86
N VAL D 470 31.48 -9.46 -9.81
CA VAL D 470 30.73 -10.71 -9.91
C VAL D 470 29.27 -10.41 -10.24
N LEU D 471 28.68 -9.44 -9.55
CA LEU D 471 27.27 -9.14 -9.76
C LEU D 471 27.00 -8.71 -11.21
N ALA D 472 27.98 -8.06 -11.84
CA ALA D 472 27.82 -7.66 -13.22
C ALA D 472 27.64 -8.89 -14.11
N ASP D 473 26.67 -8.82 -15.02
CA ASP D 473 26.44 -9.88 -15.98
C ASP D 473 25.72 -9.29 -17.18
N GLY D 474 25.88 -9.95 -18.33
CA GLY D 474 25.39 -9.35 -19.57
C GLY D 474 25.93 -7.94 -19.69
N GLY D 475 25.20 -7.10 -20.43
CA GLY D 475 25.57 -5.70 -20.56
C GLY D 475 27.05 -5.47 -20.74
N VAL D 476 27.62 -4.62 -19.87
CA VAL D 476 29.02 -4.23 -19.98
C VAL D 476 29.55 -3.89 -18.60
N VAL D 477 30.87 -3.93 -18.42
CA VAL D 477 31.50 -3.45 -17.21
C VAL D 477 32.64 -2.51 -17.60
N CYS D 478 32.56 -1.27 -17.17
CA CYS D 478 33.55 -0.26 -17.53
C CYS D 478 34.38 0.15 -16.32
N ILE D 479 35.63 0.53 -16.60
CA ILE D 479 36.55 1.00 -15.57
C ILE D 479 37.41 2.10 -16.17
N ASP D 480 37.39 3.27 -15.53
CA ASP D 480 38.11 4.42 -16.08
C ASP D 480 39.61 4.18 -16.16
N GLU D 481 40.20 3.58 -15.12
CA GLU D 481 41.65 3.38 -15.07
C GLU D 481 41.95 2.03 -14.43
N PHE D 482 42.34 1.06 -15.26
CA PHE D 482 42.97 -0.15 -14.74
C PHE D 482 44.31 0.16 -14.10
N ASP D 483 45.09 1.06 -14.69
CA ASP D 483 46.37 1.43 -14.10
C ASP D 483 46.18 1.90 -12.67
N LYS D 484 45.01 2.48 -12.37
CA LYS D 484 44.68 2.82 -10.99
C LYS D 484 43.99 1.65 -10.29
N MET D 485 43.19 0.88 -11.01
CA MET D 485 42.45 -0.23 -10.42
C MET D 485 43.41 -1.38 -10.14
N ARG D 486 43.50 -1.77 -8.86
CA ARG D 486 44.24 -2.97 -8.49
C ARG D 486 43.53 -3.76 -7.39
N ASP D 487 42.33 -3.35 -7.00
CA ASP D 487 41.60 -4.06 -5.96
C ASP D 487 41.38 -5.52 -6.38
N GLU D 488 41.63 -6.44 -5.45
CA GLU D 488 41.55 -7.87 -5.70
C GLU D 488 42.61 -8.32 -6.71
N ASP D 489 43.57 -7.47 -7.05
CA ASP D 489 44.60 -7.79 -8.01
C ASP D 489 43.99 -8.06 -9.39
N ARG D 490 44.82 -8.01 -10.43
CA ARG D 490 44.31 -8.19 -11.78
C ARG D 490 43.72 -9.58 -11.99
N VAL D 491 44.22 -10.58 -11.25
CA VAL D 491 43.90 -11.97 -11.57
C VAL D 491 42.40 -12.22 -11.51
N ALA D 492 41.70 -11.52 -10.61
CA ALA D 492 40.25 -11.67 -10.55
C ALA D 492 39.62 -11.31 -11.88
N ILE D 493 40.04 -10.19 -12.48
CA ILE D 493 39.52 -9.79 -13.79
C ILE D 493 40.01 -10.76 -14.86
N HIS D 494 41.28 -11.14 -14.80
CA HIS D 494 41.81 -12.16 -15.70
C HIS D 494 40.84 -13.33 -15.81
N GLU D 495 40.52 -13.95 -14.67
CA GLU D 495 39.62 -15.10 -14.71
C GLU D 495 38.22 -14.68 -15.16
N ALA D 496 37.67 -13.62 -14.56
CA ALA D 496 36.29 -13.25 -14.81
C ALA D 496 36.03 -12.99 -16.29
N MET D 497 37.05 -12.59 -17.03
CA MET D 497 36.88 -12.27 -18.45
C MET D 497 37.37 -13.38 -19.36
N GLU D 498 38.58 -13.91 -19.14
CA GLU D 498 39.08 -14.99 -19.98
C GLU D 498 38.16 -16.20 -19.90
N GLN D 499 37.84 -16.64 -18.68
CA GLN D 499 36.97 -17.78 -18.48
C GLN D 499 35.51 -17.39 -18.35
N GLN D 500 35.19 -16.10 -18.48
CA GLN D 500 33.86 -15.61 -18.15
C GLN D 500 33.50 -16.03 -16.73
N THR D 501 34.51 -16.19 -15.90
CA THR D 501 34.34 -16.80 -14.59
C THR D 501 35.39 -16.31 -13.59
N THR D 510 30.10 -22.80 -6.05
CA THR D 510 30.29 -22.14 -4.76
C THR D 510 30.93 -20.77 -4.95
N THR D 511 32.13 -20.77 -5.52
CA THR D 511 32.86 -19.52 -5.80
C THR D 511 32.97 -19.26 -7.30
N VAL D 512 32.19 -19.94 -8.11
CA VAL D 512 32.26 -19.78 -9.56
C VAL D 512 31.52 -18.51 -9.95
N LEU D 513 32.11 -17.73 -10.85
CA LEU D 513 31.51 -16.49 -11.32
C LEU D 513 30.72 -16.79 -12.58
N ASN D 514 29.43 -17.04 -12.41
CA ASN D 514 28.55 -17.37 -13.55
C ASN D 514 28.01 -16.09 -14.19
N SER D 515 28.94 -15.28 -14.68
CA SER D 515 28.63 -14.01 -15.31
C SER D 515 29.21 -13.95 -16.70
N ARG D 516 28.64 -13.08 -17.54
CA ARG D 516 29.02 -12.95 -18.94
C ARG D 516 28.77 -11.51 -19.36
N THR D 517 29.83 -10.70 -19.34
CA THR D 517 29.72 -9.28 -19.66
C THR D 517 30.97 -8.82 -20.38
N SER D 518 30.78 -7.91 -21.33
CA SER D 518 31.92 -7.26 -21.98
C SER D 518 32.56 -6.26 -21.04
N VAL D 519 33.87 -6.11 -21.14
CA VAL D 519 34.64 -5.23 -20.27
C VAL D 519 35.22 -4.11 -21.13
N LEU D 520 34.88 -2.88 -20.76
CA LEU D 520 35.39 -1.69 -21.45
C LEU D 520 36.55 -1.13 -20.64
N ALA D 521 37.76 -1.58 -20.96
CA ALA D 521 38.93 -1.15 -20.22
C ALA D 521 39.43 0.20 -20.71
N ALA D 522 40.00 0.96 -19.79
CA ALA D 522 40.51 2.29 -20.08
C ALA D 522 41.49 2.67 -18.97
N ALA D 523 42.59 3.31 -19.34
CA ALA D 523 43.54 3.80 -18.35
C ALA D 523 44.44 4.89 -18.92
N ASN D 524 44.23 6.14 -18.51
CA ASN D 524 45.09 7.22 -18.97
C ASN D 524 46.56 6.99 -18.62
N PRO D 525 46.92 6.66 -17.39
CA PRO D 525 48.33 6.36 -17.09
C PRO D 525 48.72 5.02 -17.69
N ILE D 526 50.02 4.87 -17.94
CA ILE D 526 50.55 3.64 -18.51
C ILE D 526 50.24 2.47 -17.59
N THR D 544 51.29 -6.77 -21.80
CA THR D 544 51.44 -7.61 -20.63
C THR D 544 50.35 -8.67 -20.57
N THR D 545 50.22 -9.33 -19.41
CA THR D 545 49.26 -10.43 -19.28
C THR D 545 47.83 -9.93 -19.47
N ILE D 546 47.46 -8.85 -18.79
CA ILE D 546 46.10 -8.34 -18.93
C ILE D 546 45.88 -7.80 -20.33
N LEU D 547 46.91 -7.19 -20.92
CA LEU D 547 46.81 -6.78 -22.32
C LEU D 547 46.53 -7.98 -23.21
N SER D 548 47.24 -9.09 -22.97
CA SER D 548 46.93 -10.32 -23.69
C SER D 548 45.48 -10.73 -23.47
N ARG D 549 44.97 -10.53 -22.26
CA ARG D 549 43.57 -10.83 -21.99
C ARG D 549 42.64 -9.97 -22.83
N PHE D 550 42.82 -8.65 -22.79
CA PHE D 550 41.86 -7.75 -23.40
C PHE D 550 41.97 -7.80 -24.92
N ASP D 551 40.82 -7.70 -25.59
CA ASP D 551 40.80 -7.83 -27.03
C ASP D 551 41.40 -6.60 -27.71
N MET D 552 40.79 -5.44 -27.53
CA MET D 552 41.23 -4.21 -28.17
C MET D 552 41.99 -3.34 -27.18
N ILE D 553 42.83 -2.47 -27.74
CA ILE D 553 43.68 -1.57 -26.97
C ILE D 553 43.64 -0.22 -27.65
N PHE D 554 43.56 0.84 -26.86
CA PHE D 554 43.37 2.18 -27.42
C PHE D 554 43.91 3.23 -26.47
N ILE D 555 44.08 4.43 -27.00
CA ILE D 555 44.69 5.55 -26.28
C ILE D 555 43.89 6.81 -26.57
N VAL D 556 44.06 7.81 -25.71
CA VAL D 556 43.33 9.07 -25.82
C VAL D 556 41.85 8.79 -25.61
N HIS D 560 45.99 19.81 -30.98
CA HIS D 560 44.75 19.87 -30.21
C HIS D 560 43.74 20.83 -30.84
N ASN D 561 42.52 20.35 -31.01
CA ASN D 561 41.45 21.15 -31.59
C ASN D 561 41.00 22.20 -30.57
N GLU D 562 41.49 23.42 -30.79
CA GLU D 562 41.15 24.53 -29.90
C GLU D 562 39.71 24.99 -30.13
N GLU D 563 39.22 24.90 -31.36
CA GLU D 563 37.89 25.40 -31.66
C GLU D 563 36.83 24.59 -30.92
N ARG D 564 36.98 23.27 -30.88
CA ARG D 564 36.04 22.47 -30.12
C ARG D 564 36.11 22.82 -28.65
N ASP D 565 37.29 23.19 -28.16
CA ASP D 565 37.42 23.62 -26.78
C ASP D 565 36.64 24.91 -26.54
N ILE D 566 36.72 25.85 -27.48
CA ILE D 566 35.93 27.07 -27.38
C ILE D 566 34.44 26.73 -27.37
N SER D 567 34.03 25.82 -28.25
CA SER D 567 32.62 25.42 -28.29
C SER D 567 32.18 24.80 -26.98
N ILE D 568 33.03 23.95 -26.39
CA ILE D 568 32.69 23.32 -25.12
C ILE D 568 32.59 24.36 -24.02
N ALA D 569 33.50 25.34 -24.02
CA ALA D 569 33.43 26.42 -23.05
C ALA D 569 32.13 27.19 -23.20
N ASN D 570 31.74 27.46 -24.45
CA ASN D 570 30.49 28.18 -24.67
C ASN D 570 29.29 27.35 -24.24
N HIS D 571 29.35 26.04 -24.42
CA HIS D 571 28.29 25.16 -23.94
C HIS D 571 28.17 25.23 -22.42
N VAL D 572 29.32 25.15 -21.74
CA VAL D 572 29.32 25.29 -20.29
C VAL D 572 28.77 26.65 -19.89
N ILE D 573 29.09 27.67 -20.68
CA ILE D 573 28.59 29.01 -20.44
C ILE D 573 27.06 29.02 -20.50
N ASN D 574 26.51 28.47 -21.58
CA ASN D 574 25.06 28.47 -21.76
C ASN D 574 24.37 27.71 -20.64
N ILE D 575 24.87 26.52 -20.30
CA ILE D 575 24.23 25.73 -19.25
C ILE D 575 24.31 26.45 -17.91
N HIS D 576 25.48 27.04 -17.60
CA HIS D 576 25.63 27.73 -16.33
C HIS D 576 24.73 28.96 -16.25
N THR D 577 24.64 29.74 -17.32
CA THR D 577 23.84 30.95 -17.32
C THR D 577 22.51 30.72 -18.05
N SER D 592 25.31 10.41 -38.30
CA SER D 592 24.18 11.30 -38.09
C SER D 592 23.73 11.29 -36.64
N GLU D 593 22.59 11.93 -36.36
CA GLU D 593 22.08 12.07 -35.01
C GLU D 593 21.06 10.98 -34.73
N ILE D 594 21.17 10.36 -33.56
CA ILE D 594 20.30 9.27 -33.16
C ILE D 594 20.20 9.24 -31.64
N SER D 595 18.99 9.00 -31.13
CA SER D 595 18.72 9.17 -29.70
C SER D 595 19.31 8.03 -28.89
N ILE D 596 19.79 8.37 -27.70
CA ILE D 596 20.42 7.38 -26.82
C ILE D 596 19.48 6.21 -26.58
N GLU D 597 18.21 6.52 -26.29
CA GLU D 597 17.23 5.45 -26.12
C GLU D 597 17.07 4.65 -27.39
N LYS D 598 17.14 5.32 -28.54
CA LYS D 598 17.01 4.61 -29.81
C LYS D 598 18.17 3.64 -30.01
N MET D 599 19.40 4.06 -29.71
CA MET D 599 20.50 3.12 -29.84
C MET D 599 20.36 1.98 -28.83
N LYS D 600 19.91 2.30 -27.62
CA LYS D 600 19.71 1.25 -26.63
C LYS D 600 18.76 0.18 -27.15
N ARG D 601 17.59 0.61 -27.63
CA ARG D 601 16.61 -0.33 -28.16
C ARG D 601 17.16 -1.08 -29.36
N TYR D 602 17.82 -0.36 -30.27
CA TYR D 602 18.34 -1.00 -31.46
C TYR D 602 19.38 -2.07 -31.13
N ILE D 603 20.33 -1.73 -30.26
CA ILE D 603 21.40 -2.66 -29.95
C ILE D 603 20.84 -3.89 -29.25
N THR D 604 19.95 -3.68 -28.27
CA THR D 604 19.39 -4.83 -27.58
C THR D 604 18.60 -5.70 -28.54
N TYR D 605 17.81 -5.07 -29.42
CA TYR D 605 17.05 -5.83 -30.40
C TYR D 605 17.97 -6.67 -31.29
N CYS D 606 19.00 -6.03 -31.84
CA CYS D 606 19.91 -6.74 -32.73
C CYS D 606 20.53 -7.93 -32.01
N ARG D 607 21.12 -7.68 -30.84
CA ARG D 607 21.78 -8.76 -30.14
C ARG D 607 20.80 -9.84 -29.71
N LEU D 608 19.52 -9.49 -29.59
CA LEU D 608 18.51 -10.50 -29.26
C LEU D 608 18.16 -11.35 -30.47
N LYS D 609 18.09 -10.73 -31.65
CA LYS D 609 17.58 -11.41 -32.83
C LYS D 609 18.66 -11.90 -33.77
N CYS D 610 19.73 -11.13 -33.96
CA CYS D 610 20.76 -11.53 -34.90
C CYS D 610 21.76 -12.47 -34.24
N ALA D 611 22.51 -13.15 -35.09
CA ALA D 611 23.59 -14.04 -34.66
C ALA D 611 24.48 -14.32 -35.85
N PRO D 612 25.25 -13.32 -36.32
CA PRO D 612 25.97 -13.47 -37.57
C PRO D 612 26.89 -14.67 -37.58
N ARG D 613 27.34 -15.05 -38.77
CA ARG D 613 28.30 -16.11 -38.96
C ARG D 613 29.27 -15.70 -40.06
N LEU D 614 30.55 -15.99 -39.85
CA LEU D 614 31.56 -15.66 -40.84
C LEU D 614 31.27 -16.39 -42.15
N SER D 615 31.31 -15.66 -43.25
CA SER D 615 31.10 -16.29 -44.54
C SER D 615 32.31 -17.15 -44.90
N PRO D 616 32.11 -18.22 -45.68
CA PRO D 616 33.27 -19.05 -46.04
C PRO D 616 34.37 -18.25 -46.70
N GLN D 617 34.00 -17.32 -47.60
CA GLN D 617 35.00 -16.46 -48.22
C GLN D 617 35.68 -15.60 -47.17
N ALA D 618 34.90 -15.05 -46.25
CA ALA D 618 35.49 -14.39 -45.10
C ALA D 618 36.40 -15.34 -44.34
N ALA D 619 36.04 -16.61 -44.28
CA ALA D 619 36.88 -17.58 -43.58
C ALA D 619 38.25 -17.69 -44.23
N GLU D 620 38.28 -17.86 -45.55
CA GLU D 620 39.56 -17.97 -46.24
C GLU D 620 40.35 -16.67 -46.12
N LYS D 621 39.66 -15.53 -46.22
CA LYS D 621 40.36 -14.26 -46.06
C LYS D 621 41.01 -14.17 -44.69
N LEU D 622 40.28 -14.55 -43.65
CA LEU D 622 40.81 -14.48 -42.29
C LEU D 622 42.00 -15.42 -42.13
N SER D 623 41.87 -16.64 -42.65
CA SER D 623 42.98 -17.59 -42.56
C SER D 623 44.22 -17.04 -43.24
N SER D 624 44.06 -16.53 -44.45
CA SER D 624 45.20 -15.99 -45.18
C SER D 624 45.80 -14.81 -44.45
N ASN D 625 44.96 -13.92 -43.93
CA ASN D 625 45.47 -12.74 -43.24
C ASN D 625 46.26 -13.15 -41.99
N PHE D 626 45.71 -14.08 -41.21
CA PHE D 626 46.38 -14.49 -39.98
C PHE D 626 47.70 -15.18 -40.28
N VAL D 627 47.70 -16.14 -41.19
CA VAL D 627 48.94 -16.85 -41.51
C VAL D 627 49.96 -15.89 -42.09
N THR D 628 49.52 -14.95 -42.93
CA THR D 628 50.42 -13.97 -43.50
C THR D 628 51.03 -13.09 -42.42
N ILE D 629 50.21 -12.66 -41.46
CA ILE D 629 50.73 -11.85 -40.36
C ILE D 629 51.78 -12.61 -39.59
N ARG D 630 51.50 -13.88 -39.30
CA ARG D 630 52.46 -14.67 -38.53
C ARG D 630 53.75 -14.88 -39.31
N LYS D 631 53.66 -15.13 -40.61
CA LYS D 631 54.86 -15.29 -41.42
C LYS D 631 55.66 -14.00 -41.47
N GLN D 632 54.98 -12.87 -41.64
CA GLN D 632 55.66 -11.58 -41.61
C GLN D 632 56.36 -11.36 -40.28
N LEU D 633 55.71 -11.74 -39.19
CA LEU D 633 56.35 -11.68 -37.89
C LEU D 633 57.60 -12.56 -37.86
N LEU D 634 57.50 -13.76 -38.42
CA LEU D 634 58.66 -14.64 -38.49
C LEU D 634 59.84 -13.96 -39.17
N ILE D 635 59.61 -13.40 -40.36
CA ILE D 635 60.71 -12.80 -41.09
C ILE D 635 61.27 -11.60 -40.34
N ASN D 636 60.44 -10.92 -39.55
CA ASN D 636 60.92 -9.80 -38.74
C ASN D 636 62.01 -10.27 -37.78
N PRO D 647 53.46 -11.24 -30.45
CA PRO D 647 53.16 -12.16 -31.55
C PRO D 647 51.68 -12.44 -31.70
N ILE D 648 51.20 -12.52 -32.95
CA ILE D 648 49.80 -12.79 -33.18
C ILE D 648 49.54 -14.27 -33.02
N THR D 649 48.58 -14.60 -32.15
CA THR D 649 48.21 -15.99 -31.87
C THR D 649 46.70 -16.13 -31.94
N ILE D 650 46.23 -17.31 -31.52
CA ILE D 650 44.81 -17.64 -31.65
C ILE D 650 43.96 -16.64 -30.89
N ARG D 651 44.50 -16.04 -29.83
CA ARG D 651 43.75 -15.02 -29.09
C ARG D 651 43.39 -13.87 -30.01
N GLN D 652 44.36 -13.36 -30.76
CA GLN D 652 44.10 -12.25 -31.67
C GLN D 652 43.15 -12.67 -32.78
N LEU D 653 43.29 -13.90 -33.27
CA LEU D 653 42.40 -14.38 -34.32
C LEU D 653 40.96 -14.43 -33.83
N GLU D 654 40.76 -14.93 -32.60
CA GLU D 654 39.42 -14.93 -32.01
C GLU D 654 38.90 -13.52 -31.85
N ALA D 655 39.76 -12.59 -31.43
CA ALA D 655 39.34 -11.20 -31.31
C ALA D 655 38.87 -10.66 -32.64
N ILE D 656 39.64 -10.90 -33.70
CA ILE D 656 39.28 -10.40 -35.02
C ILE D 656 37.96 -11.01 -35.46
N ILE D 657 37.79 -12.32 -35.23
CA ILE D 657 36.56 -12.98 -35.64
C ILE D 657 35.37 -12.39 -34.90
N ARG D 658 35.52 -12.14 -33.60
CA ARG D 658 34.43 -11.55 -32.84
C ARG D 658 34.13 -10.13 -33.30
N ILE D 659 35.15 -9.38 -33.69
CA ILE D 659 34.93 -8.05 -34.25
C ILE D 659 34.11 -8.16 -35.53
N THR D 660 34.47 -9.12 -36.38
CA THR D 660 33.72 -9.32 -37.61
C THR D 660 32.28 -9.68 -37.32
N GLU D 661 32.06 -10.53 -36.31
CA GLU D 661 30.71 -10.88 -35.90
C GLU D 661 29.95 -9.63 -35.47
N SER D 662 30.61 -8.76 -34.70
CA SER D 662 29.98 -7.53 -34.25
C SER D 662 29.58 -6.66 -35.44
N LEU D 663 30.47 -6.54 -36.43
CA LEU D 663 30.15 -5.75 -37.61
C LEU D 663 28.93 -6.32 -38.34
N ALA D 664 28.93 -7.63 -38.59
CA ALA D 664 27.79 -8.23 -39.26
C ALA D 664 26.52 -8.03 -38.46
N LYS D 665 26.62 -8.13 -37.14
CA LYS D 665 25.45 -7.92 -36.29
C LYS D 665 24.94 -6.50 -36.42
N LEU D 666 25.86 -5.54 -36.54
CA LEU D 666 25.43 -4.18 -36.85
C LEU D 666 24.64 -4.16 -38.14
N GLU D 667 25.15 -4.80 -39.19
CA GLU D 667 24.41 -4.88 -40.44
C GLU D 667 23.26 -5.88 -40.38
N LEU D 668 23.13 -6.63 -39.29
CA LEU D 668 22.07 -7.61 -39.11
C LEU D 668 22.12 -8.72 -40.14
N SER D 669 23.20 -8.80 -40.89
CA SER D 669 23.34 -9.89 -41.86
C SER D 669 23.44 -11.22 -41.12
N PRO D 670 22.57 -12.19 -41.42
CA PRO D 670 22.70 -13.49 -40.75
C PRO D 670 24.05 -14.12 -41.01
N ILE D 671 24.66 -13.82 -42.15
CA ILE D 671 26.01 -14.25 -42.46
C ILE D 671 26.88 -13.01 -42.59
N ALA D 672 28.18 -13.20 -42.45
CA ALA D 672 29.12 -12.10 -42.50
C ALA D 672 29.50 -11.82 -43.95
N GLN D 673 30.50 -10.95 -44.13
CA GLN D 673 30.99 -10.61 -45.45
C GLN D 673 32.45 -10.19 -45.32
N GLU D 674 33.21 -10.41 -46.40
CA GLU D 674 34.62 -10.06 -46.35
C GLU D 674 34.82 -8.58 -46.09
N ARG D 675 33.80 -7.76 -46.36
CA ARG D 675 33.84 -6.37 -45.92
C ARG D 675 33.99 -6.29 -44.41
N HIS D 676 33.21 -7.10 -43.70
CA HIS D 676 33.30 -7.13 -42.24
C HIS D 676 34.71 -7.55 -41.80
N VAL D 677 35.27 -8.56 -42.47
CA VAL D 677 36.62 -9.00 -42.12
C VAL D 677 37.61 -7.87 -42.32
N ASP D 678 37.51 -7.16 -43.45
CA ASP D 678 38.42 -6.08 -43.74
C ASP D 678 38.34 -5.01 -42.67
N GLU D 679 37.12 -4.58 -42.34
CA GLU D 679 36.97 -3.52 -41.34
C GLU D 679 37.44 -4.00 -39.97
N ALA D 680 37.15 -5.26 -39.63
CA ALA D 680 37.54 -5.79 -38.33
C ALA D 680 39.05 -5.84 -38.20
N ILE D 681 39.75 -6.27 -39.24
CA ILE D 681 41.21 -6.30 -39.17
C ILE D 681 41.74 -4.88 -39.12
N ARG D 682 41.14 -3.96 -39.87
CA ARG D 682 41.55 -2.57 -39.79
C ARG D 682 41.48 -2.07 -38.35
N LEU D 683 40.35 -2.32 -37.69
CA LEU D 683 40.20 -1.89 -36.31
C LEU D 683 41.21 -2.58 -35.41
N PHE D 684 41.31 -3.91 -35.51
CA PHE D 684 42.23 -4.66 -34.65
C PHE D 684 43.65 -4.13 -34.77
N GLN D 685 44.05 -3.75 -35.98
CA GLN D 685 45.37 -3.12 -36.14
C GLN D 685 45.50 -1.92 -35.21
N ALA D 686 44.46 -1.09 -35.12
CA ALA D 686 44.51 0.05 -34.22
C ALA D 686 44.92 -0.38 -32.82
N SER D 687 44.37 -1.49 -32.33
CA SER D 687 44.86 -2.06 -31.09
C SER D 687 46.32 -2.46 -31.21
N THR D 688 46.71 -3.01 -32.35
CA THR D 688 48.09 -3.43 -32.56
C THR D 688 49.04 -2.24 -32.50
N MET D 689 48.74 -1.17 -33.23
CA MET D 689 49.61 -0.01 -33.21
C MET D 689 49.71 0.57 -31.80
N ASP D 690 48.58 0.68 -31.11
CA ASP D 690 48.62 1.09 -29.71
C ASP D 690 49.41 0.08 -28.89
N ALA D 691 49.20 -1.22 -29.14
CA ALA D 691 50.02 -2.23 -28.48
C ALA D 691 51.50 -1.99 -28.72
N ALA D 692 51.84 -1.45 -29.89
CA ALA D 692 53.24 -1.10 -30.16
C ALA D 692 53.73 -0.05 -29.18
N SER D 693 52.90 0.95 -28.89
CA SER D 693 53.27 2.00 -27.94
C SER D 693 53.43 1.44 -26.54
N LYS E 102 9.21 -2.17 73.63
CA LYS E 102 10.20 -2.74 72.72
C LYS E 102 11.43 -3.20 73.49
N VAL E 103 12.42 -3.72 72.79
CA VAL E 103 13.68 -4.14 73.40
C VAL E 103 14.25 -2.95 74.15
N ASP E 104 14.58 -3.16 75.43
CA ASP E 104 15.09 -2.07 76.25
C ASP E 104 16.39 -1.51 75.68
N ASP E 105 17.33 -2.39 75.32
CA ASP E 105 18.67 -2.00 74.94
C ASP E 105 19.19 -0.93 75.89
N VAL E 106 19.13 -1.24 77.18
CA VAL E 106 19.53 -0.27 78.21
C VAL E 106 20.95 0.22 77.92
N THR E 107 21.80 -0.64 77.40
CA THR E 107 23.11 -0.19 76.96
C THR E 107 22.97 0.83 75.84
N GLY E 108 22.03 0.61 74.93
CA GLY E 108 21.82 1.55 73.85
C GLY E 108 21.41 2.93 74.35
N GLU E 109 20.46 2.97 75.29
CA GLU E 109 20.02 4.26 75.81
C GLU E 109 21.08 4.90 76.70
N LYS E 110 21.87 4.08 77.39
CA LYS E 110 22.99 4.61 78.15
C LYS E 110 24.00 5.27 77.22
N VAL E 111 24.27 4.63 76.08
CA VAL E 111 25.14 5.23 75.08
C VAL E 111 24.53 6.51 74.54
N ARG E 112 23.21 6.51 74.33
CA ARG E 112 22.52 7.73 73.90
C ARG E 112 22.75 8.86 74.89
N GLU E 113 22.58 8.57 76.18
CA GLU E 113 22.75 9.59 77.21
C GLU E 113 24.19 10.09 77.25
N ALA E 114 25.15 9.15 77.27
CA ALA E 114 26.55 9.54 77.26
C ALA E 114 26.88 10.36 76.01
N PHE E 115 26.23 10.06 74.90
CA PHE E 115 26.52 10.74 73.64
C PHE E 115 25.98 12.16 73.66
N GLU E 116 24.75 12.34 74.16
CA GLU E 116 24.23 13.69 74.30
C GLU E 116 25.07 14.50 75.28
N GLN E 117 25.54 13.86 76.35
CA GLN E 117 26.38 14.57 77.31
C GLN E 117 27.74 14.89 76.72
N PHE E 118 28.23 14.05 75.82
CA PHE E 118 29.45 14.36 75.08
C PHE E 118 29.25 15.44 74.03
N LEU E 119 28.03 15.60 73.53
CA LEU E 119 27.71 16.62 72.55
C LEU E 119 27.45 17.98 73.18
N GLU E 120 26.94 18.02 74.40
CA GLU E 120 26.56 19.26 75.06
C GLU E 120 27.49 19.65 76.20
N ASP E 121 27.89 18.70 77.04
CA ASP E 121 28.72 18.97 78.21
C ASP E 121 30.17 18.59 77.98
N PHE E 122 30.61 18.45 76.73
CA PHE E 122 32.00 18.08 76.46
C PHE E 122 32.95 19.00 77.23
N SER E 123 32.67 20.29 77.22
CA SER E 123 33.42 21.28 78.00
C SER E 123 34.92 21.11 77.77
N VAL E 124 35.33 21.27 76.51
CA VAL E 124 36.73 21.29 76.13
C VAL E 124 36.91 22.26 74.98
N GLN E 125 37.98 23.05 75.06
CA GLN E 125 38.29 23.98 73.98
C GLN E 125 39.71 24.53 74.16
N SER E 126 40.52 24.45 73.10
CA SER E 126 41.86 25.00 73.14
C SER E 126 41.86 26.52 73.01
N THR E 127 40.89 27.08 72.31
CA THR E 127 40.79 28.54 72.22
C THR E 127 40.68 29.12 73.62
N ASP E 128 41.41 30.21 73.85
CA ASP E 128 41.57 30.75 75.20
C ASP E 128 42.13 29.67 76.12
N THR E 129 43.20 29.03 75.67
CA THR E 129 43.87 27.93 76.39
C THR E 129 42.81 26.91 76.82
N GLY E 130 43.02 26.24 77.95
CA GLY E 130 42.14 25.16 78.35
C GLY E 130 40.70 25.59 78.61
N GLU E 131 40.42 26.90 78.51
CA GLU E 131 39.06 27.40 78.68
C GLU E 131 38.06 26.52 77.95
N VAL E 132 37.06 26.02 78.67
CA VAL E 132 36.11 25.08 78.09
C VAL E 132 35.00 25.83 77.38
N GLU E 133 34.71 25.41 76.15
CA GLU E 133 33.63 25.99 75.36
C GLU E 133 32.56 24.98 75.01
N LYS E 134 32.74 23.70 75.31
CA LYS E 134 31.83 22.66 74.88
C LYS E 134 31.73 22.67 73.35
N VAL E 135 32.89 22.47 72.74
CA VAL E 135 33.07 22.67 71.30
C VAL E 135 31.98 21.98 70.49
N TYR E 136 31.36 20.95 71.07
CA TYR E 136 30.22 20.34 70.39
C TYR E 136 28.96 21.19 70.56
N ARG E 137 28.79 21.82 71.72
CA ARG E 137 27.71 22.81 71.85
C ARG E 137 27.95 23.99 70.93
N ALA E 138 29.21 24.43 70.81
CA ALA E 138 29.54 25.50 69.87
C ALA E 138 29.31 25.06 68.44
N GLN E 139 29.58 23.79 68.13
CA GLN E 139 29.31 23.29 66.80
C GLN E 139 27.81 23.24 66.54
N ILE E 140 27.01 22.97 67.57
CA ILE E 140 25.57 23.08 67.44
C ILE E 140 25.15 24.51 67.17
N GLU E 141 25.82 25.47 67.82
CA GLU E 141 25.54 26.88 67.55
C GLU E 141 25.84 27.23 66.09
N PHE E 142 27.01 26.82 65.61
CA PHE E 142 27.33 27.02 64.20
C PHE E 142 26.32 26.30 63.32
N MET E 143 25.84 25.14 63.77
CA MET E 143 24.84 24.38 63.05
C MET E 143 23.58 25.22 62.87
N LYS E 144 23.16 25.89 63.94
CA LYS E 144 22.03 26.81 63.85
C LYS E 144 22.35 27.97 62.92
N ILE E 145 23.61 28.42 62.91
CA ILE E 145 23.98 29.52 62.03
C ILE E 145 23.76 29.11 60.57
N TYR E 146 24.18 27.89 60.20
CA TYR E 146 24.13 27.44 58.82
C TYR E 146 23.06 26.41 58.55
N ASP E 147 22.48 25.81 59.61
CA ASP E 147 21.39 24.86 59.46
C ASP E 147 21.74 23.74 58.48
N LEU E 148 22.88 23.09 58.74
CA LEU E 148 23.28 21.92 57.96
C LEU E 148 22.57 20.69 58.51
N ASN E 149 23.06 19.52 58.10
CA ASN E 149 22.55 18.24 58.59
C ASN E 149 23.58 17.44 59.36
N THR E 150 24.77 17.25 58.82
CA THR E 150 25.77 16.40 59.45
C THR E 150 26.43 17.12 60.63
N ILE E 151 26.93 16.33 61.58
CA ILE E 151 27.68 16.85 62.73
C ILE E 151 29.06 16.20 62.67
N TYR E 152 30.10 17.03 62.61
CA TYR E 152 31.46 16.52 62.63
C TYR E 152 31.87 16.22 64.06
N ILE E 153 32.35 15.00 64.31
CA ILE E 153 32.71 14.53 65.64
C ILE E 153 34.09 13.92 65.56
N ASP E 154 35.04 14.49 66.30
CA ASP E 154 36.36 13.89 66.41
C ASP E 154 36.27 12.62 67.24
N TYR E 155 36.86 11.54 66.73
CA TYR E 155 36.92 10.31 67.51
C TYR E 155 37.76 10.51 68.76
N GLN E 156 38.85 11.27 68.66
CA GLN E 156 39.71 11.48 69.82
C GLN E 156 38.99 12.27 70.90
N HIS E 157 38.14 13.22 70.52
CA HIS E 157 37.37 13.94 71.52
C HIS E 157 36.51 12.99 72.34
N LEU E 158 35.76 12.12 71.67
CA LEU E 158 34.93 11.17 72.39
C LEU E 158 35.80 10.15 73.14
N SER E 159 37.01 9.90 72.64
CA SER E 159 37.92 9.00 73.32
C SER E 159 38.33 9.57 74.67
N MET E 160 38.82 10.80 74.69
CA MET E 160 39.10 11.44 75.98
C MET E 160 37.84 11.58 76.81
N ARG E 161 36.68 11.69 76.16
CA ARG E 161 35.41 11.71 76.87
C ARG E 161 35.16 10.37 77.53
N GLU E 162 34.79 10.41 78.81
CA GLU E 162 34.38 9.22 79.55
C GLU E 162 35.36 8.07 79.37
N ASN E 163 36.66 8.40 79.39
CA ASN E 163 37.72 7.40 79.33
C ASN E 163 37.74 6.64 78.02
N GLY E 164 36.95 7.07 77.05
CA GLY E 164 36.90 6.37 75.77
C GLY E 164 36.18 5.04 75.80
N ALA E 165 35.51 4.70 76.91
CA ALA E 165 34.67 3.51 76.91
C ALA E 165 33.53 3.67 75.91
N LEU E 166 32.95 4.86 75.85
CA LEU E 166 31.95 5.15 74.84
C LEU E 166 32.55 5.02 73.44
N ALA E 167 33.77 5.49 73.25
CA ALA E 167 34.42 5.38 71.94
C ALA E 167 34.56 3.92 71.55
N MET E 168 35.03 3.09 72.48
CA MET E 168 35.18 1.66 72.22
C MET E 168 33.83 1.03 71.87
N ALA E 169 32.81 1.28 72.68
CA ALA E 169 31.51 0.68 72.44
C ALA E 169 30.97 1.07 71.08
N ILE E 170 30.99 2.36 70.76
CA ILE E 170 30.47 2.83 69.48
C ILE E 170 31.29 2.25 68.33
N SER E 171 32.62 2.27 68.49
CA SER E 171 33.50 1.81 67.41
C SER E 171 33.21 0.36 67.06
N GLU E 172 32.89 -0.46 68.06
CA GLU E 172 32.51 -1.84 67.73
C GLU E 172 31.09 -1.89 67.18
N GLN E 173 30.11 -1.56 68.03
CA GLN E 173 28.71 -1.63 67.64
C GLN E 173 28.19 -0.31 67.12
N TYR E 174 28.89 0.26 66.15
CA TYR E 174 28.41 1.50 65.53
C TYR E 174 27.05 1.29 64.89
N TYR E 175 26.87 0.16 64.22
CA TYR E 175 25.59 -0.10 63.56
C TYR E 175 24.46 -0.15 64.59
N ARG E 176 24.64 -0.93 65.66
CA ARG E 176 23.59 -1.04 66.67
C ARG E 176 23.33 0.29 67.34
N PHE E 177 24.38 1.05 67.64
CA PHE E 177 24.24 2.28 68.41
C PHE E 177 23.78 3.47 67.59
N LEU E 178 23.89 3.41 66.26
CA LEU E 178 23.61 4.57 65.44
C LEU E 178 22.21 5.15 65.67
N PRO E 179 21.14 4.36 65.70
CA PRO E 179 19.82 4.96 66.02
C PRO E 179 19.79 5.65 67.36
N PHE E 180 20.42 5.06 68.37
CA PHE E 180 20.47 5.69 69.68
C PHE E 180 21.25 6.99 69.64
N LEU E 181 22.38 6.97 68.93
CA LEU E 181 23.18 8.19 68.82
C LEU E 181 22.39 9.30 68.13
N GLN E 182 21.67 8.95 67.07
CA GLN E 182 20.87 9.95 66.36
C GLN E 182 19.75 10.49 67.24
N LYS E 183 19.09 9.60 67.99
CA LYS E 183 18.03 10.04 68.89
C LYS E 183 18.57 10.97 69.96
N GLY E 184 19.74 10.64 70.51
CA GLY E 184 20.36 11.52 71.48
C GLY E 184 20.75 12.85 70.89
N LEU E 185 21.22 12.85 69.63
CA LEU E 185 21.55 14.09 68.95
C LEU E 185 20.30 14.95 68.78
N ARG E 186 19.18 14.32 68.42
CA ARG E 186 17.92 15.05 68.34
C ARG E 186 17.53 15.63 69.69
N ARG E 187 17.72 14.85 70.75
CA ARG E 187 17.44 15.35 72.10
C ARG E 187 18.28 16.58 72.41
N VAL E 188 19.57 16.52 72.08
CA VAL E 188 20.45 17.65 72.32
C VAL E 188 20.00 18.87 71.52
N VAL E 189 19.65 18.65 70.25
CA VAL E 189 19.16 19.74 69.42
C VAL E 189 17.95 20.39 70.07
N ARG E 190 16.97 19.58 70.47
CA ARG E 190 15.82 20.10 71.19
C ARG E 190 16.27 20.91 72.40
N LYS E 191 17.27 20.42 73.13
CA LYS E 191 17.73 21.11 74.32
C LYS E 191 18.27 22.50 73.99
N TYR E 192 19.06 22.61 72.92
CA TYR E 192 19.75 23.85 72.61
C TYR E 192 19.35 24.48 71.28
N ALA E 193 19.09 23.69 70.25
CA ALA E 193 18.73 24.21 68.93
C ALA E 193 17.38 23.63 68.50
N PRO E 194 16.33 23.84 69.29
CA PRO E 194 15.03 23.26 68.92
C PRO E 194 14.54 23.72 67.56
N GLU E 195 14.97 24.89 67.11
CA GLU E 195 14.67 25.30 65.73
C GLU E 195 15.25 24.30 64.75
N LEU E 196 16.51 23.90 64.95
CA LEU E 196 17.12 22.92 64.06
C LEU E 196 16.46 21.56 64.19
N LEU E 197 15.88 21.26 65.35
CA LEU E 197 15.19 20.00 65.55
C LEU E 197 14.21 19.79 64.42
N ASN E 198 13.59 20.86 63.97
CA ASN E 198 12.79 20.85 62.75
C ASN E 198 13.66 21.28 61.58
N THR E 199 13.34 20.78 60.39
CA THR E 199 14.09 21.17 59.20
C THR E 199 14.11 22.68 59.01
N SER E 200 13.02 23.35 59.39
CA SER E 200 12.93 24.81 59.26
C SER E 200 13.02 25.22 57.79
N SER E 255 5.18 29.69 54.95
CA SER E 255 5.82 28.46 54.51
C SER E 255 5.07 27.25 55.07
N PRO E 256 5.14 26.11 54.37
CA PRO E 256 4.43 24.92 54.83
C PRO E 256 5.10 24.28 56.04
N GLU E 257 4.50 23.21 56.55
CA GLU E 257 5.11 22.50 57.67
C GLU E 257 6.48 21.99 57.28
N GLN E 258 7.44 22.13 58.19
CA GLN E 258 8.81 21.70 57.97
C GLN E 258 9.03 20.37 58.70
N THR E 259 9.48 19.37 57.95
CA THR E 259 9.54 18.00 58.45
C THR E 259 10.73 17.82 59.39
N GLU E 260 10.88 16.59 59.88
CA GLU E 260 11.98 16.27 60.77
C GLU E 260 13.30 16.40 60.04
N ARG E 261 14.28 17.02 60.69
CA ARG E 261 15.60 17.18 60.11
C ARG E 261 16.49 16.02 60.52
N VAL E 262 17.07 15.36 59.52
CA VAL E 262 17.98 14.25 59.76
C VAL E 262 19.38 14.81 60.00
N PHE E 263 20.05 14.28 61.01
CA PHE E 263 21.40 14.72 61.37
C PHE E 263 22.37 13.56 61.13
N GLN E 264 23.43 13.83 60.38
CA GLN E 264 24.40 12.80 60.01
C GLN E 264 25.60 12.92 60.94
N ILE E 265 25.80 11.90 61.77
CA ILE E 265 26.90 11.90 62.73
C ILE E 265 28.14 11.36 62.06
N SER E 266 28.88 12.24 61.37
CA SER E 266 30.07 11.84 60.62
C SER E 266 31.29 12.00 61.51
N PHE E 267 31.63 10.91 62.20
CA PHE E 267 32.84 10.89 63.01
C PHE E 267 34.06 11.11 62.14
N PHE E 268 35.04 11.85 62.66
CA PHE E 268 36.29 12.10 61.97
C PHE E 268 37.46 11.95 62.92
N ASN E 269 38.66 11.96 62.36
CA ASN E 269 39.90 11.87 63.14
C ASN E 269 39.93 10.58 63.96
N LEU E 270 39.93 9.46 63.24
CA LEU E 270 39.99 8.17 63.90
C LEU E 270 41.39 7.88 64.42
N PRO E 271 41.52 6.97 65.39
CA PRO E 271 42.86 6.67 65.93
C PRO E 271 43.82 6.14 64.88
N THR E 272 43.33 5.34 63.94
CA THR E 272 44.19 4.70 62.96
C THR E 272 43.41 4.44 61.68
N VAL E 273 44.14 4.11 60.62
CA VAL E 273 43.57 3.75 59.33
C VAL E 273 44.01 2.32 59.03
N HIS E 274 43.04 1.46 58.71
CA HIS E 274 43.32 0.08 58.34
C HIS E 274 43.34 -0.03 56.83
N ARG E 275 44.33 -0.76 56.32
CA ARG E 275 44.47 -0.90 54.88
C ARG E 275 43.35 -1.76 54.31
N ILE E 276 43.19 -1.69 52.99
CA ILE E 276 42.12 -2.45 52.33
C ILE E 276 42.25 -3.92 52.67
N ARG E 277 43.46 -4.46 52.59
CA ARG E 277 43.66 -5.86 52.91
C ARG E 277 43.54 -6.11 54.41
N ASP E 278 43.73 -5.07 55.22
CA ASP E 278 43.51 -5.20 56.65
C ASP E 278 42.05 -5.47 56.96
N ILE E 279 41.14 -5.15 56.03
CA ILE E 279 39.72 -5.37 56.27
C ILE E 279 39.46 -6.83 56.61
N ARG E 280 38.57 -7.05 57.57
CA ARG E 280 38.22 -8.39 58.01
C ARG E 280 36.76 -8.42 58.40
N SER E 281 36.14 -9.59 58.26
CA SER E 281 34.73 -9.73 58.63
C SER E 281 34.50 -9.38 60.09
N GLU E 282 35.51 -9.58 60.94
CA GLU E 282 35.36 -9.25 62.36
C GLU E 282 34.97 -7.79 62.54
N LYS E 283 35.43 -6.91 61.66
CA LYS E 283 35.19 -5.48 61.81
C LYS E 283 33.83 -5.05 61.27
N ILE E 284 33.04 -5.98 60.72
CA ILE E 284 31.75 -5.66 60.13
C ILE E 284 30.93 -4.83 61.10
N GLY E 285 30.46 -3.66 60.65
CA GLY E 285 29.67 -2.78 61.47
C GLY E 285 30.47 -1.88 62.38
N SER E 286 31.76 -2.13 62.52
CA SER E 286 32.60 -1.32 63.40
C SER E 286 33.10 -0.09 62.66
N LEU E 287 33.21 1.02 63.37
CA LEU E 287 33.66 2.28 62.76
C LEU E 287 35.16 2.22 62.53
N LEU E 288 35.57 2.33 61.26
CA LEU E 288 36.98 2.35 60.91
C LEU E 288 37.26 3.40 59.86
N SER E 289 38.54 3.60 59.54
CA SER E 289 38.95 4.55 58.51
C SER E 289 39.89 3.85 57.54
N ILE E 290 39.69 4.09 56.25
CA ILE E 290 40.41 3.41 55.20
C ILE E 290 41.01 4.46 54.28
N SER E 291 42.26 4.25 53.88
CA SER E 291 42.95 5.12 52.94
C SER E 291 43.05 4.46 51.57
N GLY E 292 43.31 5.27 50.57
CA GLY E 292 43.46 4.80 49.21
C GLY E 292 43.02 5.86 48.22
N THR E 293 43.34 5.60 46.95
CA THR E 293 42.97 6.51 45.88
C THR E 293 41.65 6.10 45.25
N VAL E 294 40.93 7.10 44.73
CA VAL E 294 39.58 6.91 44.21
C VAL E 294 39.74 6.52 42.75
N THR E 295 39.62 5.23 42.46
CA THR E 295 39.71 4.76 41.08
C THR E 295 38.42 5.04 40.31
N ARG E 296 37.28 4.94 40.97
CA ARG E 296 36.00 5.18 40.31
C ARG E 296 35.05 5.85 41.27
N THR E 297 34.06 6.53 40.70
CA THR E 297 33.01 7.19 41.48
C THR E 297 31.69 7.01 40.75
N SER E 298 30.64 7.60 41.32
CA SER E 298 29.30 7.49 40.78
C SER E 298 28.64 8.86 40.80
N GLU E 299 27.65 9.05 39.92
CA GLU E 299 26.80 10.23 40.02
C GLU E 299 25.96 10.15 41.29
N VAL E 300 25.88 11.28 42.00
CA VAL E 300 25.08 11.30 43.22
C VAL E 300 23.64 11.00 42.87
N ARG E 301 23.02 10.11 43.64
CA ARG E 301 21.64 9.71 43.40
C ARG E 301 20.86 9.65 44.71
N PRO E 302 19.55 9.86 44.65
CA PRO E 302 18.75 10.00 45.88
C PRO E 302 18.33 8.68 46.51
N GLU E 303 19.18 8.09 47.34
CA GLU E 303 18.74 6.93 48.12
C GLU E 303 17.51 7.28 48.94
N LEU E 304 16.59 6.32 49.03
CA LEU E 304 15.31 6.52 49.73
C LEU E 304 15.51 6.21 51.20
N TYR E 305 15.88 7.23 51.97
CA TYR E 305 16.11 7.04 53.40
C TYR E 305 14.83 6.64 54.13
N LYS E 306 13.85 7.54 54.16
CA LYS E 306 12.58 7.28 54.81
C LYS E 306 11.48 7.20 53.76
N ALA E 307 10.73 6.11 53.76
CA ALA E 307 9.74 5.83 52.73
C ALA E 307 8.34 6.11 53.24
N SER E 308 7.45 6.43 52.29
CA SER E 308 6.06 6.70 52.59
C SER E 308 5.20 6.13 51.46
N PHE E 309 4.11 5.47 51.83
CA PHE E 309 3.25 4.81 50.85
C PHE E 309 1.80 5.12 51.19
N THR E 310 0.99 5.35 50.16
CA THR E 310 -0.45 5.47 50.35
C THR E 310 -1.10 4.12 50.07
N CYS E 311 -1.93 3.66 51.01
CA CYS E 311 -2.61 2.38 50.85
C CYS E 311 -3.61 2.50 49.70
N ASP E 312 -3.32 1.84 48.60
CA ASP E 312 -4.15 1.97 47.42
C ASP E 312 -5.49 1.28 47.56
N MET E 313 -5.87 0.73 48.71
CA MET E 313 -7.19 0.13 48.89
C MET E 313 -8.04 0.91 49.89
N CYS E 314 -7.44 1.52 50.92
CA CYS E 314 -8.17 2.36 51.85
C CYS E 314 -7.66 3.79 51.90
N ARG E 315 -6.53 4.07 51.25
CA ARG E 315 -5.87 5.38 51.22
C ARG E 315 -5.08 5.66 52.49
N ALA E 316 -4.95 4.68 53.39
CA ALA E 316 -4.10 4.88 54.56
C ALA E 316 -2.66 5.14 54.12
N ILE E 317 -2.11 6.26 54.56
CA ILE E 317 -0.78 6.69 54.14
C ILE E 317 0.23 6.30 55.20
N VAL E 318 1.32 5.67 54.77
CA VAL E 318 2.40 5.27 55.65
C VAL E 318 3.56 6.22 55.44
N ASP E 319 4.40 6.35 56.46
CA ASP E 319 5.54 7.26 56.40
C ASP E 319 6.59 6.79 57.40
N ASN E 320 7.80 7.34 57.25
CA ASN E 320 8.92 7.02 58.14
C ASN E 320 9.20 5.52 58.14
N VAL E 321 9.35 4.95 56.95
CA VAL E 321 9.66 3.53 56.79
C VAL E 321 11.09 3.46 56.27
N GLU E 322 12.01 3.02 57.14
CA GLU E 322 13.38 2.82 56.72
C GLU E 322 13.46 1.66 55.74
N GLN E 323 14.27 1.82 54.70
CA GLN E 323 14.41 0.83 53.65
C GLN E 323 15.71 0.05 53.82
N SER E 324 15.62 -1.25 53.56
CA SER E 324 16.79 -2.12 53.56
C SER E 324 17.54 -1.94 52.24
N PHE E 325 18.50 -2.83 52.00
CA PHE E 325 19.24 -2.78 50.75
C PHE E 325 18.29 -2.85 49.56
N LYS E 326 17.34 -3.77 49.61
CA LYS E 326 16.30 -3.86 48.60
C LYS E 326 15.18 -2.89 48.91
N TYR E 327 14.54 -2.38 47.86
CA TYR E 327 13.37 -1.53 48.03
C TYR E 327 12.34 -2.22 48.89
N THR E 328 12.04 -1.63 50.04
CA THR E 328 11.14 -2.20 51.03
C THR E 328 9.78 -1.51 50.97
N GLU E 329 8.74 -2.25 51.33
CA GLU E 329 7.38 -1.76 51.29
C GLU E 329 6.67 -2.15 52.58
N PRO E 330 5.62 -1.42 52.95
CA PRO E 330 4.85 -1.81 54.15
C PRO E 330 4.23 -3.18 53.96
N THR E 331 4.22 -3.96 55.04
CA THR E 331 3.72 -5.33 54.99
C THR E 331 2.23 -5.40 55.35
N PHE E 332 1.87 -4.77 56.46
CA PHE E 332 0.49 -4.78 56.96
C PHE E 332 0.02 -3.35 57.15
N CYS E 333 -1.19 -3.06 56.67
CA CYS E 333 -1.70 -1.70 56.73
C CYS E 333 -1.78 -1.23 58.18
N PRO E 334 -1.26 -0.05 58.51
CA PRO E 334 -1.39 0.44 59.90
C PRO E 334 -2.83 0.55 60.34
N ASN E 335 -3.72 0.99 59.44
CA ASN E 335 -5.14 1.00 59.72
C ASN E 335 -5.60 -0.41 60.07
N PRO E 336 -5.92 -0.69 61.33
CA PRO E 336 -6.36 -2.05 61.67
C PRO E 336 -7.60 -2.47 60.91
N SER E 337 -8.50 -1.52 60.60
CA SER E 337 -9.69 -1.86 59.84
C SER E 337 -9.33 -2.37 58.46
N CYS E 338 -8.37 -1.74 57.79
CA CYS E 338 -7.92 -2.21 56.49
C CYS E 338 -7.00 -3.42 56.65
N GLU E 339 -6.93 -4.21 55.58
CA GLU E 339 -6.11 -5.41 55.54
C GLU E 339 -5.37 -5.49 54.21
N ASN E 340 -4.78 -4.38 53.79
CA ASN E 340 -4.02 -4.34 52.54
C ASN E 340 -2.57 -4.70 52.81
N ARG E 341 -2.09 -5.76 52.17
CA ARG E 341 -0.72 -6.23 52.32
C ARG E 341 0.14 -5.93 51.10
N ALA E 342 -0.40 -5.23 50.12
CA ALA E 342 0.32 -4.86 48.90
C ALA E 342 -0.25 -3.54 48.42
N PHE E 343 0.00 -3.20 47.16
CA PHE E 343 -0.63 -2.05 46.53
C PHE E 343 -0.25 -0.77 47.28
N TRP E 344 1.03 -0.65 47.61
CA TRP E 344 1.54 0.44 48.42
C TRP E 344 2.16 1.49 47.49
N THR E 345 1.31 2.35 46.94
CA THR E 345 1.78 3.44 46.08
C THR E 345 2.70 4.34 46.88
N LEU E 346 3.99 4.32 46.53
CA LEU E 346 4.98 5.08 47.27
C LEU E 346 4.69 6.57 47.21
N ASN E 347 4.47 7.17 48.37
CA ASN E 347 4.29 8.62 48.49
C ASN E 347 5.64 9.32 48.42
N VAL E 348 6.07 9.62 47.20
CA VAL E 348 7.37 10.22 46.96
C VAL E 348 7.50 11.50 47.77
N THR E 349 6.46 12.33 47.73
CA THR E 349 6.49 13.60 48.44
C THR E 349 6.74 13.40 49.93
N ARG E 350 5.95 12.53 50.56
CA ARG E 350 6.13 12.27 51.98
C ARG E 350 7.50 11.65 52.25
N SER E 351 7.89 10.66 51.45
CA SER E 351 9.15 9.98 51.65
C SER E 351 10.32 10.95 51.47
N ARG E 352 11.38 10.74 52.25
CA ARG E 352 12.57 11.57 52.21
C ARG E 352 13.73 10.74 51.66
N PHE E 353 14.42 11.28 50.66
CA PHE E 353 15.52 10.60 49.98
C PHE E 353 16.81 11.32 50.35
N LEU E 354 17.82 10.55 50.73
CA LEU E 354 19.14 11.10 50.97
C LEU E 354 20.03 10.90 49.75
N ASP E 355 21.00 11.79 49.59
CA ASP E 355 21.95 11.69 48.49
C ASP E 355 22.90 10.52 48.74
N TRP E 356 23.31 9.88 47.66
CA TRP E 356 24.14 8.69 47.75
C TRP E 356 25.07 8.64 46.55
N GLN E 357 26.21 7.98 46.72
CA GLN E 357 27.20 7.88 45.65
C GLN E 357 28.11 6.70 45.93
N LYS E 358 28.22 5.79 44.97
CA LYS E 358 29.20 4.71 45.04
C LYS E 358 30.57 5.23 44.62
N VAL E 359 31.60 4.77 45.31
CA VAL E 359 32.97 5.18 45.01
C VAL E 359 33.87 3.95 45.14
N ARG E 360 34.75 3.77 44.17
CA ARG E 360 35.71 2.67 44.17
C ARG E 360 37.11 3.22 44.44
N ILE E 361 37.87 2.47 45.24
CA ILE E 361 39.26 2.81 45.54
C ILE E 361 40.10 1.56 45.37
N GLN E 362 41.41 1.77 45.22
CA GLN E 362 42.37 0.69 45.06
C GLN E 362 43.48 0.82 46.08
N GLU E 363 44.20 -0.29 46.28
CA GLU E 363 45.32 -0.30 47.20
C GLU E 363 46.41 0.64 46.74
N ASN E 364 47.09 1.26 47.70
CA ASN E 364 48.21 2.14 47.41
C ASN E 364 49.46 1.33 47.10
N ALA E 365 50.40 1.98 46.41
CA ALA E 365 51.60 1.28 45.96
C ALA E 365 52.37 0.70 47.14
N ASN E 366 52.68 1.53 48.13
CA ASN E 366 53.41 1.08 49.31
C ASN E 366 52.47 0.63 50.42
N GLU E 367 51.53 -0.25 50.07
CA GLU E 367 50.57 -0.77 51.03
C GLU E 367 50.77 -2.28 51.24
N ILE E 368 50.68 -3.07 50.18
CA ILE E 368 51.09 -4.46 50.18
C ILE E 368 51.65 -4.76 48.81
N PRO E 369 52.68 -4.03 48.36
CA PRO E 369 53.20 -4.26 47.00
C PRO E 369 53.77 -5.65 46.79
N THR E 370 54.13 -6.34 47.86
CA THR E 370 54.81 -7.63 47.72
C THR E 370 53.96 -8.61 46.92
N GLY E 371 54.39 -8.90 45.69
CA GLY E 371 53.77 -9.92 44.86
C GLY E 371 52.25 -9.98 44.96
N SER E 372 51.57 -8.88 44.67
CA SER E 372 50.12 -8.86 44.79
C SER E 372 49.55 -7.76 43.90
N MET E 373 48.34 -8.00 43.40
CA MET E 373 47.58 -7.00 42.68
C MET E 373 46.87 -6.09 43.66
N PRO E 374 46.93 -4.76 43.45
CA PRO E 374 46.33 -3.84 44.43
C PRO E 374 44.85 -4.09 44.65
N ARG E 375 44.49 -4.49 45.87
CA ARG E 375 43.10 -4.76 46.19
C ARG E 375 42.29 -3.47 46.09
N THR E 376 41.00 -3.63 45.82
CA THR E 376 40.10 -2.50 45.64
C THR E 376 38.87 -2.64 46.53
N LEU E 377 38.28 -1.50 46.88
CA LEU E 377 37.13 -1.46 47.77
C LEU E 377 36.07 -0.54 47.18
N ASP E 378 34.81 -0.86 47.44
CA ASP E 378 33.68 -0.02 47.03
C ASP E 378 33.14 0.68 48.27
N VAL E 379 33.60 1.90 48.50
CA VAL E 379 33.09 2.71 49.60
C VAL E 379 31.86 3.45 49.09
N ILE E 380 31.03 3.95 50.00
CA ILE E 380 29.77 4.58 49.66
C ILE E 380 29.74 5.94 50.33
N LEU E 381 29.49 6.98 49.54
CA LEU E 381 29.34 8.33 50.08
C LEU E 381 27.86 8.65 50.28
N ARG E 382 27.53 9.22 51.42
CA ARG E 382 26.15 9.59 51.74
C ARG E 382 26.13 10.98 52.38
N GLY E 383 24.97 11.62 52.31
CA GLY E 383 24.84 12.94 52.90
C GLY E 383 25.78 13.92 52.24
N ASP E 384 26.26 14.88 53.03
CA ASP E 384 27.19 15.87 52.49
C ASP E 384 28.44 15.21 51.93
N SER E 385 28.78 14.02 52.43
CA SER E 385 29.96 13.33 51.93
C SER E 385 29.91 13.13 50.43
N VAL E 386 28.72 12.98 49.87
CA VAL E 386 28.57 12.77 48.44
C VAL E 386 29.34 13.85 47.70
N GLU E 387 30.14 13.45 46.71
CA GLU E 387 30.93 14.37 45.90
C GLU E 387 32.01 15.09 46.70
N ARG E 388 32.11 14.81 48.00
CA ARG E 388 33.02 15.57 48.84
C ARG E 388 34.46 15.44 48.37
N ALA E 389 34.79 14.36 47.67
CA ALA E 389 36.15 14.09 47.20
C ALA E 389 36.18 13.95 45.69
N LYS E 390 37.30 14.36 45.11
CA LYS E 390 37.53 14.25 43.68
C LYS E 390 38.03 12.86 43.33
N PRO E 391 37.90 12.45 42.08
CA PRO E 391 38.35 11.12 41.67
C PRO E 391 39.87 11.05 41.55
N GLY E 392 40.37 9.82 41.62
CA GLY E 392 41.79 9.57 41.42
C GLY E 392 42.68 10.35 42.36
N ASP E 393 42.33 10.35 43.65
CA ASP E 393 43.12 11.03 44.66
C ASP E 393 43.13 10.20 45.93
N ARG E 394 44.31 10.06 46.54
CA ARG E 394 44.41 9.31 47.78
C ARG E 394 43.72 10.07 48.91
N CYS E 395 42.82 9.39 49.61
CA CYS E 395 42.05 9.99 50.67
C CYS E 395 41.71 8.92 51.70
N LYS E 396 41.41 9.35 52.91
CA LYS E 396 41.03 8.45 53.99
C LYS E 396 39.52 8.57 54.20
N PHE E 397 38.85 7.44 54.29
CA PHE E 397 37.41 7.39 54.47
C PHE E 397 37.09 6.70 55.80
N THR E 398 36.49 7.45 56.71
CA THR E 398 36.07 6.92 58.00
C THR E 398 34.60 6.54 57.93
N GLY E 399 34.28 5.37 58.45
CA GLY E 399 32.92 4.85 58.39
C GLY E 399 32.88 3.45 58.93
N VAL E 400 31.80 2.75 58.61
CA VAL E 400 31.61 1.39 59.08
C VAL E 400 31.74 0.42 57.91
N GLU E 401 32.08 -0.82 58.23
CA GLU E 401 32.12 -1.88 57.24
C GLU E 401 30.70 -2.42 57.05
N ILE E 402 30.19 -2.34 55.83
CA ILE E 402 28.83 -2.73 55.52
C ILE E 402 28.86 -3.98 54.66
N VAL E 403 28.06 -4.97 55.04
CA VAL E 403 27.94 -6.19 54.26
C VAL E 403 26.76 -6.02 53.30
N VAL E 404 27.02 -6.20 52.02
CA VAL E 404 25.99 -5.98 51.00
C VAL E 404 25.41 -7.33 50.58
N PRO E 405 24.21 -7.69 51.00
CA PRO E 405 23.58 -8.89 50.46
C PRO E 405 23.16 -8.67 49.02
N ASP E 406 23.10 -9.77 48.28
CA ASP E 406 22.66 -9.72 46.88
C ASP E 406 21.14 -9.54 46.85
N VAL E 407 20.69 -8.38 46.37
CA VAL E 407 19.26 -8.10 46.35
C VAL E 407 18.51 -9.11 45.51
N THR E 408 19.11 -9.54 44.39
CA THR E 408 18.46 -10.53 43.54
C THR E 408 18.05 -11.76 44.36
N GLN E 409 18.97 -12.27 45.19
CA GLN E 409 18.62 -13.36 46.08
C GLN E 409 17.56 -12.91 47.09
N LEU E 410 17.69 -11.69 47.61
CA LEU E 410 16.72 -11.19 48.58
C LEU E 410 15.32 -11.12 47.97
N GLY E 411 15.22 -11.05 46.64
CA GLY E 411 13.96 -11.06 45.95
C GLY E 411 13.43 -9.69 45.58
N LEU E 412 13.89 -8.63 46.24
CA LEU E 412 13.44 -7.28 45.92
C LEU E 412 11.91 -7.18 45.92
N ASN E 434 30.33 -20.57 46.07
CA ASN E 434 29.70 -21.29 47.16
C ASN E 434 28.22 -20.90 47.29
N SER E 435 27.46 -21.70 48.02
CA SER E 435 26.05 -21.42 48.22
C SER E 435 25.85 -20.36 49.30
N GLY E 436 24.58 -20.00 49.52
CA GLY E 436 24.21 -19.03 50.52
C GLY E 436 23.27 -19.63 51.56
N VAL E 437 23.10 -18.88 52.66
CA VAL E 437 22.23 -19.34 53.73
C VAL E 437 20.78 -19.27 53.28
N THR E 438 19.97 -20.21 53.77
CA THR E 438 18.58 -20.30 53.38
C THR E 438 17.72 -20.83 54.52
N GLY E 439 16.50 -21.27 54.21
CA GLY E 439 15.59 -21.75 55.23
C GLY E 439 15.06 -20.62 56.09
N LEU E 440 15.09 -19.40 55.55
CA LEU E 440 14.64 -18.22 56.27
C LEU E 440 13.12 -18.25 56.47
N LEU E 443 13.82 -14.81 51.80
CA LEU E 443 14.66 -15.85 51.22
C LEU E 443 13.93 -17.19 51.20
N GLY E 444 13.46 -17.61 52.37
CA GLY E 444 12.85 -18.91 52.50
C GLY E 444 13.72 -20.01 51.91
N VAL E 445 13.24 -20.62 50.83
CA VAL E 445 14.03 -21.64 50.14
C VAL E 445 15.28 -21.01 49.52
N ARG E 446 15.17 -19.76 49.06
CA ARG E 446 16.26 -19.11 48.37
C ARG E 446 17.46 -18.93 49.30
N ASP E 447 18.66 -19.04 48.71
CA ASP E 447 19.90 -18.76 49.40
C ASP E 447 20.18 -17.26 49.36
N LEU E 448 21.33 -16.87 49.93
CA LEU E 448 21.75 -15.47 49.93
C LEU E 448 23.26 -15.40 49.97
N THR E 449 23.85 -14.68 49.01
CA THR E 449 25.29 -14.43 48.97
C THR E 449 25.53 -12.95 49.22
N TYR E 450 26.55 -12.64 50.01
CA TYR E 450 26.84 -11.28 50.44
C TYR E 450 28.07 -10.73 49.73
N LYS E 451 28.32 -9.44 49.97
CA LYS E 451 29.52 -8.77 49.46
C LYS E 451 29.85 -7.65 50.43
N ILE E 452 31.04 -7.72 51.03
CA ILE E 452 31.44 -6.71 51.99
C ILE E 452 31.64 -5.37 51.29
N SER E 453 31.40 -4.29 52.02
CA SER E 453 31.61 -2.94 51.51
C SER E 453 31.75 -1.99 52.69
N PHE E 454 31.88 -0.70 52.38
CA PHE E 454 32.14 0.32 53.38
C PHE E 454 31.19 1.49 53.18
N LEU E 455 30.66 2.01 54.28
CA LEU E 455 29.80 3.19 54.27
C LEU E 455 30.57 4.34 54.92
N ALA E 456 31.11 5.21 54.07
CA ALA E 456 31.84 6.37 54.59
C ALA E 456 30.89 7.31 55.30
N CYS E 457 31.32 7.82 56.45
CA CYS E 457 30.60 8.88 57.16
C CYS E 457 31.27 10.23 57.00
N HIS E 458 32.60 10.28 57.07
CA HIS E 458 33.36 11.49 56.78
C HIS E 458 34.51 11.14 55.85
N VAL E 459 34.87 12.09 54.99
CA VAL E 459 35.92 11.89 54.00
C VAL E 459 36.96 12.98 54.17
N ILE E 460 38.23 12.57 54.14
CA ILE E 460 39.35 13.50 54.22
C ILE E 460 40.40 13.13 53.19
N SER E 461 40.83 14.11 52.41
CA SER E 461 41.90 13.87 51.44
C SER E 461 43.25 13.87 52.14
N ILE E 462 44.09 12.90 51.79
CA ILE E 462 45.43 12.79 52.31
C ILE E 462 46.47 12.85 51.21
N GLY E 463 46.10 12.50 49.99
CA GLY E 463 47.00 12.56 48.87
C GLY E 463 47.32 14.00 48.47
N ASP E 500 43.73 32.72 43.95
CA ASP E 500 44.40 33.99 43.71
C ASP E 500 45.70 34.08 44.48
N GLN E 501 46.63 34.90 43.97
CA GLN E 501 47.89 35.13 44.67
C GLN E 501 47.66 35.50 46.12
N GLU E 502 46.80 36.49 46.35
CA GLU E 502 46.49 36.89 47.73
C GLU E 502 45.69 35.81 48.43
N VAL E 503 44.77 35.16 47.72
CA VAL E 503 44.03 34.05 48.31
C VAL E 503 44.99 32.91 48.67
N PHE E 504 45.94 32.61 47.79
CA PHE E 504 46.93 31.59 48.09
C PHE E 504 47.73 31.96 49.32
N LEU E 505 48.15 33.23 49.43
CA LEU E 505 48.85 33.67 50.63
C LEU E 505 47.99 33.47 51.86
N ASN E 506 46.70 33.82 51.77
CA ASN E 506 45.80 33.60 52.89
C ASN E 506 45.77 32.14 53.28
N SER E 507 45.75 31.24 52.30
CA SER E 507 45.79 29.81 52.59
C SER E 507 47.05 29.44 53.34
N LEU E 508 48.15 30.15 53.08
CA LEU E 508 49.40 29.85 53.74
C LEU E 508 49.37 30.30 55.20
N SER E 509 50.20 29.66 56.01
CA SER E 509 50.38 30.05 57.39
C SER E 509 51.30 31.27 57.49
N SER E 510 51.25 31.95 58.64
CA SER E 510 52.08 33.13 58.83
C SER E 510 53.54 32.81 58.60
N ASP E 511 54.05 31.76 59.23
CA ASP E 511 55.44 31.36 59.01
C ASP E 511 55.66 30.95 57.57
N GLU E 512 54.67 30.29 56.96
CA GLU E 512 54.78 29.93 55.56
C GLU E 512 54.89 31.17 54.68
N ILE E 513 54.09 32.20 54.96
CA ILE E 513 54.17 33.45 54.22
C ILE E 513 55.54 34.09 54.43
N ASN E 514 56.05 34.04 55.65
CA ASN E 514 57.37 34.60 55.91
C ASN E 514 58.43 33.89 55.08
N GLU E 515 58.40 32.55 55.05
CA GLU E 515 59.37 31.80 54.26
C GLU E 515 59.22 32.12 52.78
N LEU E 516 57.97 32.25 52.31
CA LEU E 516 57.74 32.67 50.94
C LEU E 516 58.46 33.97 50.65
N LYS E 517 58.25 34.97 51.50
CA LYS E 517 58.97 36.23 51.36
C LYS E 517 60.47 36.02 51.40
N GLU E 518 60.93 35.08 52.24
CA GLU E 518 62.37 34.89 52.38
C GLU E 518 63.00 34.48 51.07
N MET E 519 62.49 33.43 50.42
CA MET E 519 63.17 33.03 49.19
C MET E 519 62.79 33.96 48.05
N VAL E 520 61.70 34.72 48.20
CA VAL E 520 61.41 35.77 47.23
C VAL E 520 62.52 36.82 47.25
N LYS E 521 62.96 37.19 48.46
CA LYS E 521 64.02 38.18 48.58
C LYS E 521 65.32 37.68 47.95
N ASP E 522 65.60 36.40 48.10
CA ASP E 522 66.81 35.83 47.50
C ASP E 522 66.81 36.07 46.00
N GLU E 523 67.95 36.51 45.48
CA GLU E 523 68.10 36.75 44.05
C GLU E 523 68.76 35.58 43.34
N HIS E 524 69.61 34.82 44.03
CA HIS E 524 70.08 33.55 43.51
C HIS E 524 68.97 32.52 43.45
N ILE E 525 67.81 32.82 44.01
CA ILE E 525 66.70 31.88 44.13
C ILE E 525 66.53 31.05 42.87
N TYR E 526 66.65 31.69 41.70
CA TYR E 526 66.51 30.96 40.45
C TYR E 526 67.48 29.78 40.39
N ASP E 527 68.77 30.06 40.60
CA ASP E 527 69.78 29.02 40.51
C ASP E 527 69.59 27.97 41.58
N LYS E 528 69.25 28.40 42.80
CA LYS E 528 69.04 27.43 43.88
C LYS E 528 67.85 26.52 43.58
N LEU E 529 66.79 27.07 42.99
CA LEU E 529 65.66 26.24 42.58
C LEU E 529 66.10 25.22 41.53
N VAL E 530 66.80 25.69 40.50
CA VAL E 530 67.28 24.76 39.47
C VAL E 530 68.11 23.66 40.11
N ARG E 531 68.95 24.03 41.07
CA ARG E 531 69.74 23.06 41.80
C ARG E 531 68.85 22.08 42.56
N SER E 532 67.79 22.58 43.20
CA SER E 532 66.90 21.71 43.96
C SER E 532 66.26 20.67 43.07
N ILE E 533 65.96 21.04 41.82
CA ILE E 533 65.31 20.12 40.90
C ILE E 533 66.12 18.83 40.82
N ALA E 534 65.41 17.71 40.85
CA ALA E 534 65.97 16.36 40.79
C ALA E 534 67.24 16.28 41.65
N PRO E 535 67.12 16.42 42.96
CA PRO E 535 68.33 16.42 43.81
C PRO E 535 69.18 15.19 43.62
N ALA E 536 68.55 14.01 43.49
CA ALA E 536 69.33 12.79 43.28
C ALA E 536 70.08 12.84 41.96
N VAL E 537 69.43 13.33 40.90
CA VAL E 537 70.07 13.38 39.60
C VAL E 537 71.27 14.32 39.66
N PHE E 538 72.37 13.91 39.05
CA PHE E 538 73.58 14.72 38.98
C PHE E 538 73.75 15.27 37.57
N GLY E 539 74.28 16.47 37.46
CA GLY E 539 74.52 17.06 36.17
C GLY E 539 73.22 17.41 35.46
N HIS E 540 73.36 17.68 34.17
CA HIS E 540 72.21 18.00 33.32
C HIS E 540 71.43 19.16 33.90
N GLU E 541 72.14 20.21 34.30
CA GLU E 541 71.49 21.34 34.97
C GLU E 541 70.51 22.05 34.06
N ALA E 542 70.85 22.20 32.77
CA ALA E 542 69.90 22.79 31.84
C ALA E 542 68.61 21.97 31.77
N VAL E 543 68.74 20.65 31.91
CA VAL E 543 67.56 19.79 31.87
C VAL E 543 66.69 20.04 33.10
N LYS E 544 67.33 20.22 34.25
CA LYS E 544 66.59 20.57 35.46
C LYS E 544 65.92 21.93 35.31
N LYS E 545 66.60 22.87 34.67
CA LYS E 545 65.99 24.15 34.34
C LYS E 545 64.76 23.95 33.48
N GLY E 546 64.85 23.04 32.51
CA GLY E 546 63.69 22.72 31.71
C GLY E 546 62.53 22.20 32.54
N ILE E 547 62.82 21.29 33.47
CA ILE E 547 61.78 20.87 34.41
C ILE E 547 61.13 22.10 35.01
N LEU E 548 61.93 22.88 35.73
CA LEU E 548 61.40 24.00 36.50
C LEU E 548 60.52 24.87 35.62
N LEU E 549 60.99 25.21 34.43
CA LEU E 549 60.22 26.08 33.55
C LEU E 549 58.90 25.44 33.16
N GLN E 550 58.94 24.16 32.78
CA GLN E 550 57.70 23.49 32.37
C GLN E 550 56.71 23.42 33.53
N MET E 551 57.20 23.12 34.73
CA MET E 551 56.32 23.11 35.89
C MET E 551 55.71 24.49 36.11
N LEU E 552 56.50 25.54 35.97
CA LEU E 552 55.97 26.89 36.08
C LEU E 552 54.94 27.16 34.98
N GLY E 553 55.13 26.56 33.81
CA GLY E 553 54.22 26.79 32.72
C GLY E 553 54.34 28.19 32.16
N GLY E 554 53.39 28.52 31.27
CA GLY E 554 53.34 29.82 30.65
C GLY E 554 51.93 30.35 30.61
N VAL E 555 51.83 31.64 30.31
CA VAL E 555 50.53 32.31 30.29
C VAL E 555 49.75 31.78 29.08
N HIS E 556 48.71 30.99 29.35
CA HIS E 556 47.81 30.55 28.31
C HIS E 556 46.79 31.65 28.03
N LYS E 557 46.55 31.92 26.75
CA LYS E 557 45.67 33.01 26.36
C LYS E 557 44.94 32.64 25.09
N SER E 558 43.70 33.10 24.96
CA SER E 558 42.95 32.98 23.72
C SER E 558 42.82 34.37 23.08
N THR E 559 43.28 34.49 21.85
CA THR E 559 43.32 35.79 21.19
C THR E 559 41.93 36.38 21.06
N VAL E 560 41.89 37.65 20.66
CA VAL E 560 40.61 38.33 20.48
C VAL E 560 39.77 37.60 19.43
N GLU E 561 40.42 37.10 18.38
CA GLU E 561 39.72 36.28 17.40
C GLU E 561 39.19 35.00 18.01
N GLY E 562 39.67 34.63 19.21
CA GLY E 562 39.20 33.46 19.92
C GLY E 562 40.15 32.29 19.87
N ILE E 563 41.12 32.31 18.96
CA ILE E 563 42.07 31.21 18.84
C ILE E 563 42.76 31.03 20.18
N LYS E 564 42.72 29.82 20.72
CA LYS E 564 43.34 29.55 21.99
C LYS E 564 44.85 29.40 21.81
N LEU E 565 45.62 30.10 22.64
CA LEU E 565 47.07 30.05 22.61
C LEU E 565 47.55 29.36 23.87
N ARG E 566 48.14 28.18 23.71
CA ARG E 566 48.60 27.40 24.85
C ARG E 566 49.75 28.11 25.54
N GLY E 567 49.72 28.12 26.87
CA GLY E 567 50.81 28.62 27.67
C GLY E 567 51.65 27.50 28.24
N ASP E 568 51.16 26.27 28.12
CA ASP E 568 51.86 25.12 28.67
C ASP E 568 53.08 24.78 27.83
N ILE E 569 54.00 24.01 28.43
CA ILE E 569 55.26 23.64 27.80
C ILE E 569 55.34 22.12 27.80
N ASN E 570 55.56 21.54 26.63
CA ASN E 570 55.72 20.09 26.49
C ASN E 570 57.18 19.82 26.14
N ILE E 571 57.90 19.23 27.08
CA ILE E 571 59.33 18.98 26.89
C ILE E 571 59.53 17.55 26.39
N CYS E 572 60.62 17.37 25.63
CA CYS E 572 61.03 16.06 25.16
C CYS E 572 62.49 15.83 25.52
N VAL E 573 62.81 14.58 25.84
CA VAL E 573 64.16 14.20 26.23
C VAL E 573 64.60 13.03 25.37
N VAL E 574 65.79 13.12 24.80
CA VAL E 574 66.34 12.04 23.99
C VAL E 574 67.74 11.71 24.50
N GLY E 575 67.83 10.73 25.39
CA GLY E 575 69.09 10.34 26.01
C GLY E 575 69.37 8.87 25.79
N ASP E 576 70.64 8.52 25.83
CA ASP E 576 71.03 7.12 25.74
C ASP E 576 70.59 6.39 27.01
N PRO E 577 70.49 5.07 26.96
CA PRO E 577 70.13 4.33 28.17
C PRO E 577 71.13 4.57 29.29
N SER E 578 70.64 4.52 30.53
CA SER E 578 71.37 4.73 31.77
C SER E 578 71.57 6.21 32.06
N THR E 579 71.05 7.10 31.22
CA THR E 579 71.13 8.52 31.51
C THR E 579 70.30 8.94 32.71
N SER E 580 69.60 8.00 33.36
CA SER E 580 68.77 8.26 34.52
C SER E 580 67.51 9.02 34.15
N LYS E 581 67.18 9.10 32.86
CA LYS E 581 65.94 9.73 32.45
C LYS E 581 64.75 9.07 33.15
N SER E 582 64.86 7.78 33.43
CA SER E 582 63.84 7.12 34.23
C SER E 582 63.71 7.76 35.61
N GLN E 583 64.84 7.90 36.32
CA GLN E 583 64.81 8.58 37.60
C GLN E 583 64.35 10.02 37.44
N PHE E 584 64.71 10.63 36.32
CA PHE E 584 64.26 11.98 36.01
C PHE E 584 62.74 12.07 36.04
N LEU E 585 62.07 11.21 35.29
CA LEU E 585 60.61 11.22 35.27
C LEU E 585 60.05 10.82 36.63
N LYS E 586 60.70 9.88 37.31
CA LYS E 586 60.22 9.46 38.61
C LYS E 586 60.16 10.65 39.57
N TYR E 587 61.24 11.44 39.62
CA TYR E 587 61.21 12.63 40.45
C TYR E 587 60.15 13.60 39.97
N VAL E 588 60.06 13.80 38.66
CA VAL E 588 59.10 14.76 38.12
C VAL E 588 57.70 14.43 38.62
N VAL E 589 57.22 13.24 38.28
CA VAL E 589 55.86 12.85 38.63
C VAL E 589 55.67 12.84 40.14
N GLY E 590 56.64 12.28 40.87
CA GLY E 590 56.50 12.22 42.31
C GLY E 590 56.39 13.60 42.94
N PHE E 591 57.11 14.56 42.39
CA PHE E 591 57.14 15.92 42.92
C PHE E 591 56.09 16.82 42.27
N ALA E 592 55.31 16.28 41.33
CA ALA E 592 54.39 17.09 40.55
C ALA E 592 52.94 16.67 40.81
N PRO E 593 52.07 17.60 41.20
CA PRO E 593 50.64 17.28 41.26
C PRO E 593 50.05 17.24 39.85
N ARG E 594 48.92 16.52 39.74
CA ARG E 594 48.31 16.26 38.45
C ARG E 594 49.33 15.71 37.48
N SER E 595 50.16 14.78 37.95
CA SER E 595 51.24 14.21 37.17
C SER E 595 50.98 12.73 36.94
N VAL E 596 51.08 12.30 35.69
CA VAL E 596 50.87 10.91 35.30
C VAL E 596 52.12 10.41 34.61
N TYR E 597 52.56 9.22 34.99
CA TYR E 597 53.75 8.59 34.43
C TYR E 597 53.35 7.32 33.71
N THR E 598 53.90 7.11 32.53
CA THR E 598 53.58 5.93 31.75
C THR E 598 54.75 5.62 30.82
N SER E 599 54.89 4.33 30.48
CA SER E 599 55.89 3.87 29.54
C SER E 599 55.25 3.75 28.17
N GLY E 600 55.89 4.36 27.16
CA GLY E 600 55.34 4.31 25.82
C GLY E 600 55.30 2.90 25.26
N LYS E 601 56.27 2.07 25.64
CA LYS E 601 56.32 0.71 25.14
C LYS E 601 55.04 -0.04 25.47
N ALA E 602 54.59 0.04 26.72
CA ALA E 602 53.40 -0.65 27.20
C ALA E 602 52.37 0.40 27.62
N SER E 603 51.43 0.69 26.72
CA SER E 603 50.39 1.66 27.01
C SER E 603 49.37 1.64 25.87
N SER E 604 48.11 1.89 26.21
CA SER E 604 47.03 1.92 25.24
C SER E 604 46.54 3.35 25.08
N ALA E 605 46.19 3.72 23.84
CA ALA E 605 45.75 5.08 23.57
C ALA E 605 44.58 5.48 24.46
N ALA E 606 43.54 4.65 24.50
CA ALA E 606 42.36 4.99 25.30
C ALA E 606 42.73 5.11 26.77
N GLY E 607 43.52 4.16 27.28
CA GLY E 607 44.00 4.26 28.64
C GLY E 607 44.87 5.49 28.88
N LEU E 608 45.49 6.01 27.82
CA LEU E 608 46.29 7.22 27.92
C LEU E 608 45.47 8.50 27.75
N THR E 609 44.44 8.47 26.90
CA THR E 609 43.66 9.67 26.64
C THR E 609 42.26 9.56 27.22
N ALA E 610 41.54 8.53 26.84
CA ALA E 610 40.18 8.30 27.33
C ALA E 610 39.66 7.00 26.73
N ALA E 611 38.78 6.33 27.47
CA ALA E 611 38.27 5.03 27.07
C ALA E 611 36.76 5.00 27.20
N VAL E 612 36.15 4.15 26.38
CA VAL E 612 34.70 3.97 26.35
C VAL E 612 34.40 2.58 26.90
N VAL E 613 33.57 2.53 27.94
CA VAL E 613 33.15 1.27 28.56
C VAL E 613 31.64 1.36 28.79
N ARG E 614 31.01 0.19 28.91
CA ARG E 614 29.57 0.11 29.11
C ARG E 614 29.29 -0.32 30.53
N ASP E 615 28.65 0.55 31.31
CA ASP E 615 28.22 0.26 32.67
C ASP E 615 26.81 0.80 32.86
N GLU E 616 25.91 -0.04 33.33
CA GLU E 616 24.51 0.35 33.51
C GLU E 616 24.38 1.67 34.26
N ASP E 620 25.71 -0.21 30.17
CA ASP E 620 25.38 1.02 29.45
C ASP E 620 26.62 1.83 29.14
N TYR E 621 26.77 2.20 27.87
CA TYR E 621 27.95 2.92 27.39
C TYR E 621 28.32 4.09 28.31
N THR E 622 29.61 4.22 28.60
CA THR E 622 30.13 5.32 29.39
C THR E 622 31.60 5.49 29.06
N ILE E 623 32.28 6.41 29.75
CA ILE E 623 33.63 6.81 29.40
C ILE E 623 34.53 6.64 30.61
N GLU E 624 35.80 6.36 30.34
CA GLU E 624 36.84 6.23 31.36
C GLU E 624 38.02 7.10 30.98
N ALA E 625 38.47 7.93 31.91
CA ALA E 625 39.54 8.88 31.64
C ALA E 625 40.86 8.16 31.38
N GLY E 626 41.62 8.68 30.42
CA GLY E 626 42.97 8.22 30.19
C GLY E 626 44.00 9.15 30.83
N ALA E 627 45.26 8.73 30.75
CA ALA E 627 46.37 9.44 31.38
C ALA E 627 46.21 10.95 31.23
N LEU E 628 45.99 11.41 29.99
CA LEU E 628 45.79 12.83 29.76
C LEU E 628 44.69 13.39 30.64
N MET E 629 43.54 12.72 30.66
CA MET E 629 42.48 13.09 31.59
C MET E 629 42.95 12.94 33.02
N LEU E 630 43.66 11.86 33.32
CA LEU E 630 44.11 11.62 34.68
C LEU E 630 45.07 12.70 35.15
N ALA E 631 45.69 13.42 34.22
CA ALA E 631 46.64 14.47 34.56
C ALA E 631 46.40 15.76 33.79
N ASP E 632 45.21 15.94 33.21
CA ASP E 632 44.91 17.18 32.51
C ASP E 632 45.11 18.38 33.42
N ASN E 633 45.77 19.41 32.89
CA ASN E 633 46.10 20.64 33.61
C ASN E 633 47.25 20.42 34.57
N GLY E 634 48.10 19.43 34.31
CA GLY E 634 49.27 19.18 35.11
C GLY E 634 50.35 18.47 34.32
N ILE E 635 51.29 17.84 35.01
CA ILE E 635 52.37 17.16 34.31
C ILE E 635 51.84 15.91 33.63
N CYS E 636 52.44 15.60 32.47
CA CYS E 636 52.14 14.37 31.73
C CYS E 636 53.46 13.72 31.35
N CYS E 637 53.96 12.87 32.25
CA CYS E 637 55.21 12.16 31.99
C CYS E 637 54.99 11.01 31.02
N ILE E 638 55.82 10.94 29.99
CA ILE E 638 55.69 9.90 28.97
C ILE E 638 57.02 9.17 28.84
N ASP E 639 57.17 8.08 29.59
CA ASP E 639 58.41 7.31 29.54
C ASP E 639 58.36 6.34 28.36
N GLU E 640 59.54 5.88 27.94
CA GLU E 640 59.67 5.01 26.76
C GLU E 640 58.87 5.54 25.59
N PHE E 641 58.89 6.86 25.39
CA PHE E 641 58.11 7.45 24.30
C PHE E 641 58.53 6.87 22.96
N ASP E 642 59.84 6.65 22.77
CA ASP E 642 60.33 6.09 21.51
C ASP E 642 59.57 4.82 21.15
N LYS E 643 59.38 3.94 22.13
CA LYS E 643 58.69 2.68 21.88
C LYS E 643 57.19 2.88 21.63
N MET E 644 56.69 4.09 21.83
CA MET E 644 55.25 4.31 21.81
C MET E 644 54.70 4.07 20.41
N ASP E 645 53.46 3.61 20.34
CA ASP E 645 52.83 3.32 19.05
C ASP E 645 52.65 4.59 18.23
N ILE E 646 52.92 4.47 16.92
CA ILE E 646 52.82 5.62 16.04
C ILE E 646 51.39 6.13 15.95
N SER E 647 50.42 5.22 15.84
CA SER E 647 49.03 5.65 15.80
C SER E 647 48.63 6.31 17.13
N ASP E 648 49.08 5.74 18.24
CA ASP E 648 48.84 6.35 19.53
C ASP E 648 49.55 7.69 19.64
N GLN E 649 50.76 7.76 19.08
CA GLN E 649 51.46 9.04 19.02
C GLN E 649 50.63 10.07 18.26
N VAL E 650 49.96 9.65 17.19
CA VAL E 650 49.12 10.56 16.42
C VAL E 650 47.92 10.99 17.25
N ALA E 651 47.33 10.04 17.98
CA ALA E 651 46.21 10.38 18.86
C ALA E 651 46.63 11.46 19.85
N ILE E 652 47.78 11.28 20.49
CA ILE E 652 48.28 12.30 21.41
C ILE E 652 48.52 13.60 20.67
N HIS E 653 49.25 13.54 19.56
CA HIS E 653 49.51 14.71 18.73
C HIS E 653 48.26 15.56 18.55
N GLU E 654 47.22 14.98 17.97
CA GLU E 654 45.99 15.72 17.75
C GLU E 654 45.40 16.18 19.08
N ALA E 655 45.42 15.32 20.08
CA ALA E 655 44.84 15.68 21.38
C ALA E 655 45.61 16.85 22.00
N MET E 656 46.93 16.72 22.13
CA MET E 656 47.70 17.77 22.80
C MET E 656 47.67 19.05 21.99
N GLU E 657 47.86 18.97 20.68
CA GLU E 657 47.76 20.15 19.84
C GLU E 657 46.42 20.85 19.98
N GLN E 658 45.32 20.10 19.95
CA GLN E 658 44.01 20.64 20.23
C GLN E 658 43.85 21.05 21.68
N GLN E 659 44.75 20.63 22.57
CA GLN E 659 44.52 20.74 24.00
C GLN E 659 43.08 20.34 24.31
N THR E 660 42.71 19.17 23.79
CA THR E 660 41.34 18.72 23.82
C THR E 660 41.30 17.27 23.34
N ILE E 661 40.46 16.47 23.98
CA ILE E 661 40.25 15.07 23.61
C ILE E 661 38.76 14.87 23.38
N SER E 662 38.41 14.38 22.20
CA SER E 662 37.02 14.12 21.82
C SER E 662 36.83 12.63 21.57
N ILE E 663 35.87 12.04 22.26
CA ILE E 663 35.52 10.64 22.04
C ILE E 663 34.43 10.60 20.99
N ALA E 664 34.82 10.65 19.71
CA ALA E 664 33.84 10.60 18.63
C ALA E 664 33.32 9.19 18.42
N LYS E 665 34.14 8.19 18.68
CA LYS E 665 33.79 6.81 18.38
C LYS E 665 32.77 6.28 19.39
N ALA E 666 32.38 5.02 19.23
CA ALA E 666 31.42 4.36 20.10
C ALA E 666 30.09 5.11 20.15
N GLY E 667 29.71 5.75 19.04
CA GLY E 667 28.47 6.49 18.99
C GLY E 667 28.57 7.83 19.69
N ILE E 668 29.01 7.81 20.94
CA ILE E 668 29.13 9.05 21.69
C ILE E 668 30.16 9.96 21.04
N HIS E 669 29.98 11.27 21.23
CA HIS E 669 30.86 12.28 20.65
C HIS E 669 31.22 13.30 21.73
N ALA E 670 31.60 12.80 22.89
CA ALA E 670 31.98 13.65 24.01
C ALA E 670 33.35 14.25 23.79
N THR E 671 33.68 15.26 24.60
CA THR E 671 34.96 15.94 24.51
C THR E 671 35.33 16.50 25.88
N LEU E 672 36.63 16.52 26.15
CA LEU E 672 37.15 16.93 27.45
C LEU E 672 38.32 17.88 27.25
N ASN E 673 38.61 18.65 28.30
CA ASN E 673 39.55 19.76 28.19
C ASN E 673 40.92 19.29 27.73
N ALA E 674 41.45 18.24 28.35
CA ALA E 674 42.72 17.63 27.96
C ALA E 674 43.87 18.64 27.92
N ARG E 675 43.76 19.74 28.66
CA ARG E 675 44.85 20.71 28.71
C ARG E 675 45.88 20.27 29.73
N THR E 676 47.14 20.18 29.29
CA THR E 676 48.21 19.76 30.20
C THR E 676 49.58 19.93 29.58
N SER E 677 50.62 19.60 30.34
CA SER E 677 52.00 19.67 29.90
C SER E 677 52.57 18.27 29.81
N ILE E 678 53.41 18.04 28.79
CA ILE E 678 53.90 16.70 28.47
C ILE E 678 55.41 16.70 28.59
N LEU E 679 55.93 15.77 29.39
CA LEU E 679 57.37 15.56 29.53
C LEU E 679 57.70 14.27 28.77
N ALA E 680 57.92 14.41 27.46
CA ALA E 680 58.25 13.25 26.65
C ALA E 680 59.65 12.75 26.98
N ALA E 681 59.80 11.43 27.04
CA ALA E 681 61.07 10.80 27.37
C ALA E 681 61.29 9.64 26.39
N ALA E 682 62.24 9.82 25.48
CA ALA E 682 62.57 8.82 24.48
C ALA E 682 64.07 8.57 24.47
N ASN E 683 64.49 7.51 23.78
CA ASN E 683 65.89 7.20 23.59
C ASN E 683 66.21 7.24 22.10
N PRO E 684 67.42 7.66 21.73
CA PRO E 684 67.75 7.77 20.31
C PRO E 684 67.70 6.40 19.62
N VAL E 685 67.38 6.43 18.33
CA VAL E 685 67.34 5.19 17.56
C VAL E 685 68.65 4.43 17.75
N GLY E 686 68.54 3.11 17.81
CA GLY E 686 69.70 2.29 18.08
C GLY E 686 70.27 2.45 19.47
N GLY E 687 69.50 3.01 20.40
CA GLY E 687 69.99 3.21 21.75
C GLY E 687 71.13 4.20 21.86
N ARG E 688 71.39 4.96 20.81
CA ARG E 688 72.47 5.94 20.84
C ARG E 688 72.17 7.02 19.82
N TYR E 689 72.43 8.27 20.19
CA TYR E 689 72.20 9.41 19.33
C TYR E 689 73.40 9.61 18.42
N ASN E 690 73.19 9.43 17.11
CA ASN E 690 74.25 9.65 16.14
C ASN E 690 74.33 11.15 15.88
N ARG E 691 75.41 11.77 16.38
CA ARG E 691 75.57 13.21 16.21
C ARG E 691 75.69 13.59 14.74
N LYS E 692 76.17 12.69 13.89
CA LYS E 692 76.21 12.97 12.46
C LYS E 692 74.81 13.18 11.91
N LEU E 693 73.86 12.35 12.33
CA LEU E 693 72.48 12.47 11.90
C LEU E 693 71.83 13.71 12.53
N SER E 694 70.58 13.95 12.17
CA SER E 694 69.80 15.06 12.70
C SER E 694 68.78 14.51 13.69
N LEU E 695 68.43 15.33 14.69
CA LEU E 695 67.42 14.94 15.67
C LEU E 695 66.23 14.31 14.96
N ARG E 696 65.71 14.99 13.95
CA ARG E 696 64.68 14.41 13.10
C ARG E 696 65.35 13.35 12.23
N GLY E 697 65.21 12.09 12.64
CA GLY E 697 65.91 11.00 11.99
C GLY E 697 66.74 10.20 12.98
N ASN E 698 67.37 10.90 13.93
CA ASN E 698 68.06 10.19 15.00
C ASN E 698 67.08 9.43 15.87
N LEU E 699 65.79 9.74 15.78
CA LEU E 699 64.77 9.10 16.59
C LEU E 699 63.50 8.97 15.77
N ASN E 700 62.75 7.89 16.01
CA ASN E 700 61.53 7.63 15.27
C ASN E 700 60.37 8.39 15.91
N MET E 701 59.83 9.36 15.18
CA MET E 701 58.75 10.18 15.69
C MET E 701 58.25 11.10 14.59
N THR E 702 56.94 11.30 14.54
CA THR E 702 56.33 12.08 13.47
C THR E 702 56.75 13.54 13.57
N ALA E 703 57.34 14.05 12.50
CA ALA E 703 57.87 15.40 12.51
C ALA E 703 56.87 16.46 12.98
N PRO E 704 55.61 16.45 12.56
CA PRO E 704 54.68 17.47 13.08
C PRO E 704 54.57 17.47 14.59
N ILE E 705 54.60 16.30 15.24
CA ILE E 705 54.62 16.28 16.70
C ILE E 705 55.94 16.87 17.20
N MET E 706 57.02 16.61 16.48
CA MET E 706 58.28 17.29 16.77
C MET E 706 58.08 18.80 16.81
N SER E 707 57.28 19.32 15.88
CA SER E 707 57.08 20.76 15.79
C SER E 707 56.47 21.32 17.08
N ARG E 708 55.62 20.55 17.73
CA ARG E 708 54.89 21.02 18.89
C ARG E 708 55.45 20.51 20.21
N PHE E 709 56.60 19.87 20.20
CA PHE E 709 57.37 19.65 21.42
C PHE E 709 58.18 20.91 21.69
N ASP E 710 57.95 21.53 22.85
CA ASP E 710 58.56 22.81 23.14
C ASP E 710 60.08 22.70 23.21
N LEU E 711 60.59 21.60 23.77
CA LEU E 711 62.01 21.46 24.03
C LEU E 711 62.48 20.06 23.66
N PHE E 712 63.80 19.93 23.49
CA PHE E 712 64.43 18.65 23.16
C PHE E 712 65.77 18.61 23.88
N PHE E 713 65.76 17.98 25.06
CA PHE E 713 67.00 17.77 25.81
C PHE E 713 67.62 16.47 25.33
N VAL E 714 68.66 16.60 24.52
CA VAL E 714 69.36 15.43 23.98
C VAL E 714 70.56 15.14 24.88
N ILE E 715 70.60 13.95 25.44
CA ILE E 715 71.61 13.57 26.42
C ILE E 715 72.63 12.68 25.71
N LEU E 716 73.88 13.11 25.70
CA LEU E 716 74.97 12.36 25.11
C LEU E 716 75.93 11.89 26.20
N ASP E 717 76.80 10.97 25.83
CA ASP E 717 77.84 10.45 26.72
C ASP E 717 79.14 11.20 26.51
N ASP E 718 79.92 11.29 27.57
CA ASP E 718 81.21 11.97 27.54
C ASP E 718 82.23 11.14 28.29
N CYS E 719 83.45 11.10 27.78
CA CYS E 719 84.53 10.36 28.40
C CYS E 719 85.39 11.24 29.30
N ASN E 720 84.89 12.41 29.69
CA ASN E 720 85.65 13.31 30.57
C ASN E 720 86.00 12.56 31.85
N GLU E 721 87.28 12.28 32.04
CA GLU E 721 87.69 11.48 33.19
C GLU E 721 87.30 12.16 34.50
N LYS E 722 87.46 13.47 34.57
CA LYS E 722 87.10 14.19 35.79
C LYS E 722 85.62 14.06 36.08
N ILE E 723 84.78 14.25 35.05
CA ILE E 723 83.35 14.11 35.24
C ILE E 723 83.00 12.67 35.61
N ASP E 724 83.68 11.70 34.98
CA ASP E 724 83.43 10.31 35.32
C ASP E 724 83.73 10.04 36.79
N THR E 725 84.87 10.53 37.28
CA THR E 725 85.22 10.34 38.68
C THR E 725 84.19 11.01 39.57
N GLU E 726 83.79 12.25 39.23
CA GLU E 726 82.85 12.97 40.06
C GLU E 726 81.53 12.22 40.15
N LEU E 727 81.01 11.78 39.00
CA LEU E 727 79.72 11.08 39.00
C LEU E 727 79.82 9.75 39.73
N ALA E 728 80.92 9.03 39.54
CA ALA E 728 81.10 7.77 40.25
C ALA E 728 81.08 7.99 41.75
N SER E 729 81.83 8.99 42.22
CA SER E 729 81.83 9.29 43.65
C SER E 729 80.44 9.70 44.11
N HIS E 730 79.73 10.48 43.30
CA HIS E 730 78.40 10.92 43.67
C HIS E 730 77.46 9.74 43.84
N ILE E 731 77.50 8.80 42.91
CA ILE E 731 76.64 7.61 43.00
C ILE E 731 77.03 6.77 44.20
N VAL E 732 78.33 6.56 44.40
CA VAL E 732 78.76 5.71 45.50
C VAL E 732 78.37 6.32 46.82
N ASP E 733 78.44 7.65 46.92
CA ASP E 733 77.93 8.32 48.12
C ASP E 733 76.42 8.19 48.23
N LEU E 734 75.72 8.30 47.10
CA LEU E 734 74.28 8.12 47.09
C LEU E 734 73.89 6.77 47.66
N HIS E 735 74.75 5.78 47.52
CA HIS E 735 74.52 4.47 48.13
C HIS E 735 75.03 4.39 49.57
N MET E 736 76.23 4.91 49.83
CA MET E 736 76.80 4.87 51.17
C MET E 736 75.91 5.58 52.17
N LYS E 737 75.76 6.90 51.99
CA LYS E 737 75.01 7.74 52.91
C LYS E 737 73.53 7.80 52.57
N ARG E 738 73.10 7.08 51.53
CA ARG E 738 71.72 7.13 51.05
C ARG E 738 71.16 8.54 51.12
N ASP E 739 70.08 8.75 51.87
CA ASP E 739 69.38 10.03 51.82
C ASP E 739 70.29 11.19 52.23
N GLU E 740 71.24 10.93 53.14
CA GLU E 740 72.12 12.01 53.60
C GLU E 740 72.92 12.62 52.45
N ALA E 741 73.19 11.83 51.42
CA ALA E 741 74.03 12.33 50.32
C ALA E 741 73.41 13.56 49.67
N ILE E 742 72.11 13.52 49.40
CA ILE E 742 71.46 14.64 48.73
C ILE E 742 71.24 15.78 49.72
N GLU E 743 71.19 17.00 49.19
CA GLU E 743 70.96 18.19 50.00
C GLU E 743 70.51 19.35 49.13
N PRO E 744 69.27 19.35 48.66
CA PRO E 744 68.82 20.46 47.81
C PRO E 744 68.74 21.74 48.60
N PRO E 745 68.86 22.90 47.94
CA PRO E 745 68.72 24.17 48.67
C PRO E 745 67.38 24.32 49.39
N PHE E 746 66.31 23.72 48.90
CA PHE E 746 64.99 23.93 49.44
C PHE E 746 64.27 22.60 49.60
N SER E 747 63.32 22.57 50.54
CA SER E 747 62.49 21.39 50.74
C SER E 747 61.43 21.31 49.65
N ALA E 748 61.04 20.08 49.29
CA ALA E 748 60.09 19.89 48.21
C ALA E 748 58.78 20.62 48.48
N GLU E 749 58.32 20.61 49.74
CA GLU E 749 57.11 21.36 50.08
C GLU E 749 57.34 22.85 49.91
N GLN E 750 58.48 23.34 50.37
CA GLN E 750 58.86 24.73 50.16
C GLN E 750 58.91 25.05 48.68
N LEU E 751 59.52 24.15 47.90
CA LEU E 751 59.62 24.34 46.48
C LEU E 751 58.25 24.44 45.84
N ARG E 752 57.33 23.55 46.23
CA ARG E 752 55.99 23.57 45.67
C ARG E 752 55.25 24.84 46.05
N ARG E 753 55.41 25.29 47.29
CA ARG E 753 54.75 26.53 47.71
C ARG E 753 55.23 27.69 46.85
N TYR E 754 56.55 27.80 46.68
CA TYR E 754 57.08 28.87 45.83
C TYR E 754 56.59 28.73 44.41
N ILE E 755 56.54 27.50 43.91
CA ILE E 755 56.13 27.25 42.53
C ILE E 755 54.69 27.70 42.32
N LYS E 756 53.80 27.33 43.24
CA LYS E 756 52.40 27.75 43.13
C LYS E 756 52.29 29.26 43.22
N TYR E 757 53.05 29.87 44.14
CA TYR E 757 53.07 31.32 44.21
C TYR E 757 53.42 31.93 42.86
N ALA E 758 54.45 31.38 42.21
CA ALA E 758 54.82 31.87 40.88
C ALA E 758 53.72 31.63 39.87
N ARG E 759 53.07 30.46 39.92
CA ARG E 759 51.92 30.22 39.07
C ARG E 759 50.90 31.34 39.20
N THR E 760 50.72 31.84 40.42
CA THR E 760 49.80 32.96 40.63
C THR E 760 50.20 34.17 39.81
N PHE E 761 51.50 34.36 39.57
CA PHE E 761 51.96 35.51 38.80
C PHE E 761 51.51 35.38 37.35
N LYS E 762 51.36 36.54 36.70
CA LYS E 762 51.00 36.60 35.27
C LYS E 762 52.00 37.48 34.56
N PRO E 763 53.06 36.91 33.97
CA PRO E 763 54.04 37.73 33.27
C PRO E 763 53.41 38.56 32.15
N ILE E 764 53.98 39.74 31.93
CA ILE E 764 53.50 40.68 30.93
C ILE E 764 54.67 41.11 30.06
N LEU E 765 54.49 41.09 28.74
CA LEU E 765 55.61 41.35 27.85
C LEU E 765 55.97 42.83 27.86
N THR E 766 57.23 43.12 27.58
CA THR E 766 57.77 44.47 27.71
C THR E 766 58.31 44.99 26.37
N LYS E 767 58.21 46.31 26.19
CA LYS E 767 58.68 46.93 24.95
C LYS E 767 60.09 46.46 24.60
N GLU E 768 61.04 46.66 25.52
CA GLU E 768 62.38 46.11 25.31
C GLU E 768 62.30 44.62 25.05
N ALA E 769 61.38 43.95 25.74
CA ALA E 769 61.23 42.51 25.54
C ALA E 769 60.65 42.21 24.15
N ARG E 770 59.66 42.97 23.70
CA ARG E 770 59.18 42.79 22.32
C ARG E 770 60.34 42.89 21.34
N SER E 771 61.13 43.95 21.45
CA SER E 771 62.27 44.10 20.56
C SER E 771 63.20 42.89 20.66
N TYR E 772 63.84 42.75 21.83
CA TYR E 772 64.78 41.65 22.02
C TYR E 772 64.24 40.35 21.43
N LEU E 773 62.94 40.09 21.62
CA LEU E 773 62.34 38.88 21.08
C LEU E 773 62.40 38.86 19.56
N VAL E 774 62.03 39.98 18.91
CA VAL E 774 61.99 39.95 17.45
C VAL E 774 63.39 39.78 16.87
N GLU E 775 64.38 40.50 17.40
CA GLU E 775 65.74 40.27 16.91
C GLU E 775 66.20 38.84 17.19
N LYS E 776 65.89 38.29 18.36
CA LYS E 776 66.37 36.95 18.67
C LYS E 776 65.72 35.91 17.75
N TYR E 777 64.44 36.08 17.44
CA TYR E 777 63.80 35.15 16.51
C TYR E 777 64.41 35.28 15.12
N LYS E 778 64.70 36.51 14.69
CA LYS E 778 65.38 36.67 13.42
C LYS E 778 66.73 35.96 13.43
N GLU E 779 67.46 36.10 14.53
CA GLU E 779 68.76 35.45 14.64
C GLU E 779 68.62 33.94 14.57
N LEU E 780 67.61 33.38 15.23
CA LEU E 780 67.39 31.94 15.18
C LEU E 780 67.06 31.49 13.77
N ARG E 781 66.17 32.22 13.09
CA ARG E 781 65.86 31.89 11.71
C ARG E 781 67.11 31.88 10.85
N LYS E 782 67.97 32.89 11.04
CA LYS E 782 69.24 32.92 10.34
C LYS E 782 70.12 31.73 10.72
N ASP E 783 70.12 31.36 12.00
CA ASP E 783 70.96 30.25 12.45
C ASP E 783 70.60 28.97 11.74
N ASP E 784 69.30 28.64 11.71
CA ASP E 784 68.89 27.45 10.97
C ASP E 784 69.17 27.61 9.48
N ALA E 785 69.18 28.83 8.99
CA ALA E 785 69.49 29.09 7.59
C ALA E 785 70.98 28.86 7.33
N SER E 792 65.35 25.94 8.24
CA SER E 792 64.22 26.14 9.15
C SER E 792 63.58 24.82 9.54
N TYR E 793 64.34 23.73 9.40
CA TYR E 793 63.80 22.41 9.74
C TYR E 793 63.35 22.35 11.18
N ARG E 794 64.01 23.10 12.07
CA ARG E 794 63.62 23.16 13.47
C ARG E 794 63.23 24.56 13.93
N ILE E 795 63.24 25.54 13.03
CA ILE E 795 62.87 26.92 13.37
C ILE E 795 61.61 27.27 12.60
N THR E 796 60.55 27.64 13.33
CA THR E 796 59.28 28.02 12.74
C THR E 796 58.61 29.02 13.68
N VAL E 797 57.40 29.42 13.32
CA VAL E 797 56.63 30.29 14.21
C VAL E 797 56.37 29.59 15.53
N ARG E 798 56.21 28.26 15.49
CA ARG E 798 56.09 27.49 16.72
C ARG E 798 57.26 27.78 17.65
N GLN E 799 58.46 27.94 17.09
CA GLN E 799 59.62 28.23 17.93
C GLN E 799 59.49 29.58 18.60
N LEU E 800 58.97 30.58 17.89
CA LEU E 800 58.75 31.88 18.51
C LEU E 800 57.70 31.79 19.61
N GLU E 801 56.64 31.01 19.37
CA GLU E 801 55.64 30.80 20.40
C GLU E 801 56.26 30.19 21.65
N SER E 802 57.09 29.17 21.46
CA SER E 802 57.78 28.55 22.58
C SER E 802 58.73 29.54 23.24
N MET E 803 59.34 30.42 22.45
CA MET E 803 60.19 31.46 23.02
C MET E 803 59.42 32.34 23.97
N ILE E 804 58.23 32.78 23.55
CA ILE E 804 57.40 33.63 24.39
C ILE E 804 56.99 32.88 25.65
N ARG E 805 56.62 31.61 25.48
CA ARG E 805 56.21 30.81 26.64
C ARG E 805 57.37 30.65 27.62
N LEU E 806 58.58 30.43 27.11
CA LEU E 806 59.75 30.31 27.97
C LEU E 806 60.02 31.62 28.69
N SER E 807 59.83 32.74 28.00
CA SER E 807 59.95 34.04 28.67
C SER E 807 58.96 34.14 29.81
N GLU E 808 57.72 33.72 29.58
CA GLU E 808 56.72 33.74 30.63
C GLU E 808 57.17 32.88 31.81
N ALA E 809 57.67 31.68 31.53
CA ALA E 809 58.09 30.77 32.59
C ALA E 809 59.24 31.37 33.37
N ILE E 810 60.20 32.00 32.68
CA ILE E 810 61.33 32.62 33.36
C ILE E 810 60.85 33.74 34.26
N ALA E 811 59.95 34.58 33.76
CA ALA E 811 59.41 35.66 34.59
C ALA E 811 58.72 35.09 35.81
N ARG E 812 57.95 34.02 35.63
CA ARG E 812 57.31 33.36 36.78
C ARG E 812 58.36 32.91 37.78
N ALA E 813 59.46 32.32 37.29
CA ALA E 813 60.56 31.98 38.18
C ALA E 813 61.12 33.22 38.85
N ASN E 814 61.27 34.30 38.10
CA ASN E 814 61.64 35.60 38.65
C ASN E 814 60.51 36.22 39.46
N CYS E 815 59.30 35.66 39.38
CA CYS E 815 58.14 36.21 40.09
C CYS E 815 57.93 37.67 39.70
N VAL E 816 58.04 37.94 38.40
CA VAL E 816 57.85 39.29 37.87
C VAL E 816 56.65 39.26 36.93
N ASP E 817 55.71 40.16 37.18
CA ASP E 817 54.54 40.30 36.32
C ASP E 817 54.89 40.77 34.91
N GLU E 818 56.11 41.26 34.69
CA GLU E 818 56.54 41.73 33.40
C GLU E 818 57.72 40.89 32.90
N ILE E 819 57.88 40.88 31.58
CA ILE E 819 58.98 40.18 30.95
C ILE E 819 60.19 41.12 30.90
N THR E 820 61.38 40.53 30.88
CA THR E 820 62.63 41.27 30.87
C THR E 820 63.52 40.74 29.76
N PRO E 821 64.15 41.61 28.96
CA PRO E 821 65.04 41.12 27.91
C PRO E 821 66.08 40.13 28.42
N SER E 822 66.42 40.22 29.70
CA SER E 822 67.28 39.20 30.30
C SER E 822 66.58 37.84 30.29
N PHE E 823 65.29 37.82 30.61
CA PHE E 823 64.54 36.57 30.56
C PHE E 823 64.54 36.00 29.14
N ILE E 824 64.35 36.88 28.15
CA ILE E 824 64.35 36.42 26.76
C ILE E 824 65.73 35.92 26.37
N ALA E 825 66.78 36.56 26.88
CA ALA E 825 68.13 36.07 26.62
C ALA E 825 68.30 34.66 27.17
N GLU E 826 67.81 34.43 28.40
CA GLU E 826 67.89 33.10 28.98
C GLU E 826 67.14 32.09 28.11
N ALA E 827 65.92 32.45 27.69
CA ALA E 827 65.14 31.53 26.85
C ALA E 827 65.83 31.29 25.51
N TYR E 828 66.43 32.33 24.94
CA TYR E 828 67.11 32.20 23.67
C TYR E 828 68.30 31.25 23.79
N ASP E 829 69.07 31.39 24.86
CA ASP E 829 70.14 30.45 25.11
C ASP E 829 69.61 29.04 25.29
N LEU E 830 68.50 28.89 26.03
CA LEU E 830 67.92 27.58 26.24
C LEU E 830 67.58 26.91 24.91
N LEU E 831 66.84 27.62 24.06
CA LEU E 831 66.45 27.04 22.78
C LEU E 831 67.66 26.80 21.89
N ARG E 832 68.63 27.70 21.94
CA ARG E 832 69.83 27.51 21.14
C ARG E 832 70.55 26.23 21.54
N GLN E 833 70.68 25.99 22.85
CA GLN E 833 71.28 24.76 23.31
C GLN E 833 70.44 23.56 22.89
N SER E 834 69.12 23.67 22.98
CA SER E 834 68.25 22.59 22.53
C SER E 834 68.51 22.27 21.06
N ILE E 835 68.77 23.30 20.25
CA ILE E 835 69.08 23.08 18.85
C ILE E 835 70.38 22.30 18.70
N ILE E 836 71.36 22.59 19.54
CA ILE E 836 72.64 21.90 19.49
C ILE E 836 73.34 22.23 18.17
N ALA F 4 -5.48 -44.97 26.76
CA ALA F 4 -5.04 -44.71 28.12
C ALA F 4 -4.08 -45.80 28.58
N LEU F 5 -2.81 -45.65 28.20
CA LEU F 5 -1.79 -46.63 28.54
C LEU F 5 -2.25 -48.03 28.15
N PRO F 6 -2.77 -48.21 26.94
CA PRO F 6 -3.28 -49.53 26.55
C PRO F 6 -2.18 -50.58 26.63
N SER F 7 -2.54 -51.74 27.18
CA SER F 7 -1.58 -52.83 27.28
C SER F 7 -1.29 -53.42 25.90
N ILE F 8 -0.03 -53.76 25.66
CA ILE F 8 0.39 -54.38 24.42
C ILE F 8 1.08 -55.69 24.75
N GLN F 9 0.62 -56.77 24.14
CA GLN F 9 1.26 -58.07 24.30
C GLN F 9 2.59 -58.07 23.56
N LEU F 10 3.61 -58.64 24.20
CA LEU F 10 4.92 -58.78 23.57
C LEU F 10 5.49 -60.14 23.95
N PRO F 11 6.31 -60.74 23.09
CA PRO F 11 6.81 -62.10 23.35
C PRO F 11 7.99 -62.12 24.31
N VAL F 12 7.76 -61.61 25.53
CA VAL F 12 8.80 -61.58 26.55
C VAL F 12 8.12 -61.66 27.92
N ASP F 13 8.69 -62.47 28.80
CA ASP F 13 8.22 -62.61 30.17
C ASP F 13 9.39 -62.38 31.11
N TYR F 14 9.45 -61.20 31.73
CA TYR F 14 10.60 -60.84 32.54
C TYR F 14 10.80 -61.81 33.69
N ASN F 15 9.73 -62.46 34.16
CA ASN F 15 9.88 -63.46 35.20
C ASN F 15 10.62 -64.68 34.67
N ASN F 16 10.20 -65.18 33.51
CA ASN F 16 10.89 -66.33 32.91
C ASN F 16 12.34 -65.98 32.59
N LEU F 17 12.57 -64.79 32.04
CA LEU F 17 13.93 -64.39 31.71
C LEU F 17 14.78 -64.25 32.97
N PHE F 18 14.20 -63.73 34.05
CA PHE F 18 14.93 -63.64 35.31
C PHE F 18 15.28 -65.03 35.84
N ASN F 19 14.34 -65.95 35.76
CA ASN F 19 14.62 -67.32 36.19
C ASN F 19 15.75 -67.93 35.37
N GLU F 20 15.70 -67.73 34.05
CA GLU F 20 16.76 -68.22 33.20
C GLU F 20 18.10 -67.58 33.55
N ILE F 21 18.07 -66.28 33.87
CA ILE F 21 19.29 -65.58 34.24
C ILE F 21 19.89 -66.16 35.52
N THR F 22 19.04 -66.40 36.51
CA THR F 22 19.51 -67.00 37.75
C THR F 22 20.08 -68.39 37.51
N ASP F 23 19.37 -69.19 36.70
CA ASP F 23 19.86 -70.52 36.38
C ASP F 23 21.21 -70.45 35.68
N PHE F 24 21.37 -69.50 34.76
CA PHE F 24 22.64 -69.34 34.08
C PHE F 24 23.74 -68.95 35.05
N LEU F 25 23.49 -67.96 35.90
CA LEU F 25 24.53 -67.49 36.81
C LEU F 25 24.97 -68.60 37.74
N VAL F 26 24.02 -69.26 38.40
CA VAL F 26 24.38 -70.32 39.33
C VAL F 26 24.97 -71.50 38.59
N THR F 27 24.52 -71.75 37.37
CA THR F 27 24.90 -72.96 36.65
C THR F 27 26.14 -72.73 35.79
N PHE F 28 26.17 -71.65 35.02
CA PHE F 28 27.19 -71.49 34.01
C PHE F 28 28.59 -71.50 34.61
N LYS F 29 29.46 -72.28 34.00
CA LYS F 29 30.88 -72.31 34.32
C LYS F 29 31.65 -72.36 33.01
N GLN F 30 32.85 -71.79 33.02
CA GLN F 30 33.71 -71.83 31.84
C GLN F 30 34.44 -73.17 31.78
N ASP F 31 33.65 -74.24 31.87
CA ASP F 31 34.20 -75.59 31.84
C ASP F 31 34.88 -75.87 30.51
N THR F 32 34.26 -75.47 29.40
CA THR F 32 34.89 -75.67 28.10
C THR F 32 36.23 -74.96 28.04
N LEU F 33 36.29 -73.71 28.50
CA LEU F 33 37.57 -73.03 28.61
C LEU F 33 38.48 -73.73 29.61
N SER F 34 37.93 -74.14 30.74
CA SER F 34 38.71 -74.83 31.77
C SER F 34 39.03 -76.25 31.34
N GLY F 60 33.79 -73.87 41.65
CA GLY F 60 32.40 -73.50 41.48
C GLY F 60 32.16 -72.71 40.21
N PRO F 61 30.91 -72.32 39.97
CA PRO F 61 30.61 -71.53 38.77
C PRO F 61 31.44 -70.25 38.73
N LYS F 62 31.92 -69.91 37.53
CA LYS F 62 32.78 -68.74 37.40
C LYS F 62 32.03 -67.48 37.81
N TYR F 63 30.74 -67.39 37.45
CA TYR F 63 29.94 -66.26 37.90
C TYR F 63 29.75 -66.28 39.40
N MET F 64 29.47 -67.46 39.96
CA MET F 64 29.40 -67.58 41.41
C MET F 64 30.76 -67.27 42.04
N ALA F 65 31.84 -67.61 41.35
CA ALA F 65 33.17 -67.26 41.86
C ALA F 65 33.35 -65.74 41.90
N MET F 66 32.92 -65.06 40.85
CA MET F 66 33.00 -63.60 40.85
C MET F 66 32.15 -63.00 41.95
N LEU F 67 30.94 -63.53 42.14
CA LEU F 67 30.08 -63.05 43.21
C LEU F 67 30.71 -63.31 44.57
N GLN F 68 31.43 -64.42 44.69
CA GLN F 68 32.14 -64.70 45.94
C GLN F 68 33.24 -63.69 46.18
N LYS F 69 33.98 -63.32 45.15
CA LYS F 69 34.96 -62.25 45.28
C LYS F 69 34.28 -60.95 45.69
N VAL F 70 33.12 -60.67 45.11
CA VAL F 70 32.37 -59.46 45.48
C VAL F 70 31.99 -59.50 46.95
N ALA F 71 31.51 -60.65 47.42
CA ALA F 71 31.25 -60.82 48.84
C ALA F 71 32.50 -60.57 49.66
N ASN F 72 33.65 -61.00 49.13
CA ASN F 72 34.93 -60.66 49.73
C ASN F 72 35.28 -59.19 49.50
N ARG F 73 34.48 -58.50 48.67
CA ARG F 73 34.75 -57.13 48.28
C ARG F 73 36.03 -57.08 47.44
N GLU F 74 36.42 -58.23 46.88
CA GLU F 74 37.57 -58.27 46.00
C GLU F 74 37.31 -57.46 44.73
N LEU F 75 36.09 -57.54 44.20
CA LEU F 75 35.73 -56.86 42.97
C LEU F 75 34.48 -56.03 43.20
N ASN F 76 34.46 -54.81 42.64
CA ASN F 76 33.31 -53.93 42.70
C ASN F 76 32.67 -53.69 41.35
N SER F 77 33.04 -54.46 40.33
CA SER F 77 32.47 -54.35 38.99
C SER F 77 32.27 -55.75 38.44
N VAL F 78 31.09 -56.00 37.87
CA VAL F 78 30.73 -57.30 37.33
C VAL F 78 30.51 -57.16 35.83
N ILE F 79 31.16 -58.02 35.06
CA ILE F 79 31.04 -58.05 33.61
C ILE F 79 30.40 -59.37 33.21
N ILE F 80 29.21 -59.30 32.65
CA ILE F 80 28.50 -60.48 32.15
C ILE F 80 28.69 -60.55 30.65
N ASP F 81 29.37 -61.59 30.19
CA ASP F 81 29.73 -61.70 28.79
C ASP F 81 28.58 -62.30 27.99
N LEU F 82 28.13 -61.57 26.98
CA LEU F 82 27.04 -62.06 26.15
C LEU F 82 27.43 -63.35 25.44
N ASP F 83 28.73 -63.53 25.17
CA ASP F 83 29.17 -64.79 24.58
C ASP F 83 28.96 -65.95 25.55
N ASP F 84 29.20 -65.71 26.84
CA ASP F 84 28.91 -66.73 27.84
C ASP F 84 27.42 -67.04 27.88
N ILE F 85 26.58 -66.00 27.77
CA ILE F 85 25.14 -66.23 27.70
C ILE F 85 24.81 -67.10 26.50
N LEU F 86 25.45 -66.82 25.36
CA LEU F 86 25.20 -67.61 24.16
C LEU F 86 25.62 -69.05 24.36
N GLN F 87 26.76 -69.27 25.01
CA GLN F 87 27.20 -70.64 25.28
C GLN F 87 26.19 -71.36 26.18
N TYR F 88 25.70 -70.68 27.21
CA TYR F 88 24.70 -71.28 28.08
C TYR F 88 23.43 -71.59 27.31
N GLN F 89 23.01 -70.68 26.43
CA GLN F 89 21.83 -70.92 25.61
C GLN F 89 22.03 -72.13 24.70
N ASN F 90 23.22 -72.25 24.11
CA ASN F 90 23.51 -73.41 23.28
C ASN F 90 23.43 -74.69 24.10
N GLU F 91 24.00 -74.68 25.30
CA GLU F 91 23.93 -75.86 26.15
C GLU F 91 22.49 -76.23 26.49
N LYS F 92 21.69 -75.23 26.86
CA LYS F 92 20.29 -75.49 27.19
C LYS F 92 19.53 -76.04 25.99
N PHE F 93 19.72 -75.43 24.82
CA PHE F 93 19.01 -75.88 23.64
C PHE F 93 19.41 -77.30 23.26
N LEU F 94 20.71 -77.61 23.33
CA LEU F 94 21.14 -78.97 23.08
C LEU F 94 20.50 -79.93 24.07
N GLN F 95 20.45 -79.53 25.33
CA GLN F 95 19.65 -80.27 26.31
C GLN F 95 18.18 -80.26 25.93
N GLY F 96 17.71 -79.13 25.41
CA GLY F 96 16.30 -78.98 25.07
C GLY F 96 15.57 -78.14 26.10
N THR F 97 15.34 -76.87 25.80
CA THR F 97 14.73 -75.95 26.74
C THR F 97 13.88 -74.94 25.99
N GLN F 98 12.92 -74.35 26.70
CA GLN F 98 12.16 -73.21 26.19
C GLN F 98 13.01 -71.95 26.35
N ALA F 99 14.13 -71.94 25.61
CA ALA F 99 15.11 -70.89 25.75
C ALA F 99 14.49 -69.52 25.51
N ASP F 100 14.79 -68.59 26.40
CA ASP F 100 14.33 -67.21 26.28
C ASP F 100 15.26 -66.36 25.40
N ASP F 101 16.25 -66.98 24.77
CA ASP F 101 17.18 -66.29 23.87
C ASP F 101 17.70 -65.01 24.53
N LEU F 102 18.14 -65.13 25.78
CA LEU F 102 18.58 -63.96 26.53
C LEU F 102 19.65 -63.18 25.77
N VAL F 103 20.64 -63.88 25.22
CA VAL F 103 21.77 -63.18 24.59
C VAL F 103 21.25 -62.21 23.53
N SER F 104 20.34 -62.66 22.68
CA SER F 104 19.67 -61.73 21.77
C SER F 104 18.83 -60.73 22.54
N ALA F 105 18.12 -61.19 23.57
CA ALA F 105 17.17 -60.34 24.28
C ALA F 105 17.85 -59.10 24.84
N ILE F 106 19.05 -59.25 25.40
CA ILE F 106 19.71 -58.12 26.04
C ILE F 106 19.90 -56.98 25.05
N GLN F 107 20.11 -57.32 23.78
CA GLN F 107 20.41 -56.29 22.78
C GLN F 107 19.24 -55.32 22.61
N GLN F 108 18.00 -55.84 22.56
CA GLN F 108 16.88 -54.98 22.23
C GLN F 108 16.62 -53.94 23.31
N ASN F 109 16.52 -54.36 24.57
CA ASN F 109 16.26 -53.46 25.70
C ASN F 109 17.26 -53.79 26.80
N ALA F 110 18.43 -53.15 26.73
CA ALA F 110 19.55 -53.56 27.58
C ALA F 110 19.36 -53.13 29.03
N ASN F 111 18.89 -51.90 29.26
CA ASN F 111 18.92 -51.33 30.60
C ASN F 111 18.06 -52.12 31.57
N HIS F 112 16.83 -52.43 31.17
CA HIS F 112 15.96 -53.20 32.05
C HIS F 112 16.60 -54.54 32.38
N PHE F 113 17.23 -55.17 31.39
CA PHE F 113 17.88 -56.46 31.64
C PHE F 113 19.07 -56.29 32.57
N THR F 114 19.79 -55.18 32.49
CA THR F 114 20.88 -54.94 33.41
C THR F 114 20.36 -54.85 34.84
N GLU F 115 19.25 -54.15 35.03
CA GLU F 115 18.63 -54.11 36.35
C GLU F 115 18.22 -55.50 36.81
N LEU F 116 17.65 -56.29 35.90
CA LEU F 116 17.26 -57.66 36.24
C LEU F 116 18.46 -58.50 36.65
N PHE F 117 19.57 -58.37 35.91
CA PHE F 117 20.79 -59.11 36.26
C PHE F 117 21.31 -58.69 37.62
N CYS F 118 21.27 -57.39 37.91
CA CYS F 118 21.72 -56.94 39.23
C CYS F 118 20.84 -57.53 40.32
N ARG F 119 19.52 -57.54 40.12
CA ARG F 119 18.63 -58.13 41.12
C ARG F 119 18.92 -59.61 41.30
N ALA F 120 19.14 -60.33 40.20
CA ALA F 120 19.47 -61.74 40.29
C ALA F 120 20.77 -61.94 41.06
N ILE F 121 21.77 -61.12 40.77
CA ILE F 121 23.03 -61.20 41.50
C ILE F 121 22.78 -61.05 42.99
N ASP F 122 21.96 -60.06 43.37
CA ASP F 122 21.63 -59.90 44.78
C ASP F 122 20.96 -61.15 45.33
N ASN F 123 20.01 -61.71 44.57
CA ASN F 123 19.31 -62.90 45.01
C ASN F 123 20.28 -64.07 45.20
N ASN F 124 21.16 -64.30 44.23
CA ASN F 124 22.15 -65.34 44.30
C ASN F 124 23.45 -64.87 44.95
N MET F 125 23.44 -63.69 45.55
CA MET F 125 24.66 -63.17 46.15
C MET F 125 25.13 -64.12 47.25
N PRO F 126 26.37 -64.59 47.20
CA PRO F 126 26.88 -65.43 48.27
C PRO F 126 27.31 -64.61 49.47
N LEU F 127 27.42 -65.29 50.61
CA LEU F 127 27.82 -64.63 51.83
C LEU F 127 29.31 -64.31 51.79
N PRO F 128 29.76 -63.37 52.64
CA PRO F 128 31.19 -63.03 52.67
C PRO F 128 32.05 -64.23 53.02
N THR F 129 33.24 -64.27 52.45
CA THR F 129 34.22 -65.32 52.71
C THR F 129 35.56 -64.68 53.06
N LYS F 130 36.35 -65.41 53.84
CA LYS F 130 37.63 -64.93 54.36
C LYS F 130 37.30 -63.73 55.26
N GLU F 131 37.96 -62.58 55.10
CA GLU F 131 37.69 -61.40 55.91
C GLU F 131 36.99 -60.36 55.05
N ILE F 132 35.87 -59.83 55.56
CA ILE F 132 35.12 -58.83 54.80
C ILE F 132 35.81 -57.48 54.93
N ASP F 133 35.60 -56.62 53.93
CA ASP F 133 36.30 -55.35 53.89
C ASP F 133 35.59 -54.26 54.71
N TYR F 134 34.45 -54.57 55.32
CA TYR F 134 33.75 -53.58 56.15
C TYR F 134 34.46 -53.43 57.50
N LYS F 135 35.71 -52.95 57.43
CA LYS F 135 36.42 -52.56 58.64
C LYS F 135 35.95 -51.20 59.14
N ASP F 136 35.62 -50.30 58.21
CA ASP F 136 35.13 -48.98 58.56
C ASP F 136 34.01 -48.50 57.65
N ASP F 137 33.45 -49.36 56.80
CA ASP F 137 32.39 -48.95 55.90
C ASP F 137 31.19 -48.43 56.70
N VAL F 138 30.90 -47.14 56.53
CA VAL F 138 29.82 -46.53 57.30
C VAL F 138 28.50 -47.23 57.01
N LEU F 139 28.27 -47.58 55.74
CA LEU F 139 27.04 -48.30 55.39
C LEU F 139 26.89 -49.55 56.23
N ASP F 140 27.82 -50.50 56.09
CA ASP F 140 27.76 -51.71 56.90
C ASP F 140 27.74 -51.38 58.39
N VAL F 141 28.47 -50.33 58.79
CA VAL F 141 28.53 -49.96 60.20
C VAL F 141 27.16 -49.52 60.70
N ILE F 142 26.49 -48.65 59.94
CA ILE F 142 25.24 -48.05 60.41
C ILE F 142 24.00 -48.71 59.85
N LEU F 143 24.11 -49.31 58.65
CA LEU F 143 22.93 -49.98 58.04
C LEU F 143 22.35 -50.95 59.07
N ASN F 144 23.20 -51.83 59.63
CA ASN F 144 22.73 -52.79 60.67
C ASN F 144 22.19 -51.98 61.86
N GLN F 145 22.95 -50.98 62.32
CA GLN F 145 22.45 -50.12 63.42
C GLN F 145 21.03 -49.68 63.05
N ARG F 146 20.87 -49.03 61.90
CA ARG F 146 19.56 -48.60 61.46
C ARG F 146 18.55 -49.73 61.59
N ARG F 147 18.93 -50.94 61.19
CA ARG F 147 18.04 -52.08 61.34
C ARG F 147 17.73 -52.34 62.82
N LEU F 148 18.77 -52.35 63.66
CA LEU F 148 18.55 -52.58 65.08
C LEU F 148 17.58 -51.57 65.67
N ARG F 149 17.67 -50.31 65.23
CA ARG F 149 16.66 -49.34 65.61
C ARG F 149 15.30 -49.76 65.08
N ASN F 150 15.25 -50.28 63.85
CA ASN F 150 13.99 -50.75 63.29
C ASN F 150 13.49 -51.99 64.02
N GLU F 151 14.41 -52.81 64.54
CA GLU F 151 14.03 -54.03 65.25
C GLU F 151 13.05 -53.71 66.37
N GLU F 190 10.87 -52.87 49.96
CA GLU F 190 12.27 -52.56 50.25
C GLU F 190 12.37 -51.46 51.29
N LEU F 191 12.95 -51.78 52.45
CA LEU F 191 13.13 -50.78 53.49
C LEU F 191 14.01 -49.64 53.00
N PHE F 192 15.09 -49.97 52.31
CA PHE F 192 16.00 -49.02 51.71
C PHE F 192 16.33 -49.48 50.30
N PRO F 193 16.69 -48.56 49.41
CA PRO F 193 16.86 -48.93 47.99
C PRO F 193 17.94 -49.99 47.84
N PRO F 194 17.73 -50.97 46.95
CA PRO F 194 18.74 -52.03 46.79
C PRO F 194 20.09 -51.49 46.33
N ASN F 195 20.10 -50.44 45.52
CA ASN F 195 21.36 -49.92 45.00
C ASN F 195 22.22 -49.35 46.12
N LEU F 196 21.58 -48.86 47.19
CA LEU F 196 22.34 -48.32 48.31
C LEU F 196 23.32 -49.37 48.85
N THR F 197 22.82 -50.57 49.13
CA THR F 197 23.70 -51.63 49.63
C THR F 197 24.60 -52.16 48.51
N ARG F 198 24.09 -52.21 47.28
CA ARG F 198 24.86 -52.75 46.18
C ARG F 198 26.15 -51.97 46.00
N ARG F 199 27.26 -52.70 45.90
CA ARG F 199 28.59 -52.10 45.74
C ARG F 199 29.29 -52.60 44.48
N TYR F 200 28.60 -53.36 43.64
CA TYR F 200 29.19 -53.98 42.46
C TYR F 200 28.64 -53.31 41.21
N PHE F 201 29.54 -52.90 40.32
CA PHE F 201 29.15 -52.23 39.09
C PHE F 201 28.91 -53.27 38.02
N LEU F 202 27.65 -53.45 37.65
CA LEU F 202 27.30 -54.42 36.62
C LEU F 202 27.80 -53.94 35.26
N TYR F 203 28.19 -54.89 34.41
CA TYR F 203 28.68 -54.58 33.08
C TYR F 203 28.42 -55.77 32.16
N PHE F 204 28.49 -55.51 30.85
CA PHE F 204 28.25 -56.52 29.83
C PHE F 204 29.35 -56.47 28.79
N LYS F 205 29.99 -57.60 28.56
CA LYS F 205 30.97 -57.69 27.48
C LYS F 205 30.24 -57.88 26.15
N PRO F 206 30.69 -57.21 25.09
CA PRO F 206 30.04 -57.38 23.80
C PRO F 206 30.26 -58.78 23.23
N LEU F 207 29.32 -59.19 22.38
CA LEU F 207 29.44 -60.49 21.72
C LEU F 207 30.70 -60.53 20.87
N SER F 208 31.46 -61.62 20.99
CA SER F 208 32.65 -61.78 20.12
C SER F 208 32.20 -62.00 18.67
N GLN F 209 32.73 -61.22 17.73
CA GLN F 209 32.26 -61.32 16.33
C GLN F 209 32.90 -62.54 15.67
N ASN F 210 33.97 -63.07 16.28
CA ASN F 210 34.68 -64.24 15.68
C ASN F 210 33.67 -65.37 15.45
N CYS F 211 32.89 -65.70 16.48
CA CYS F 211 31.89 -66.78 16.36
C CYS F 211 30.75 -66.33 15.43
N ALA F 212 30.19 -65.15 15.70
CA ALA F 212 29.05 -64.65 14.88
C ALA F 212 28.02 -65.78 14.72
N ARG F 213 27.88 -66.63 15.75
CA ARG F 213 26.96 -67.79 15.65
C ARG F 213 25.56 -67.29 15.31
N ARG F 214 25.25 -66.05 15.69
CA ARG F 214 23.93 -65.45 15.35
C ARG F 214 23.82 -65.40 13.81
N TYR F 215 24.92 -65.07 13.13
CA TYR F 215 24.92 -65.04 11.64
C TYR F 215 23.71 -64.23 11.17
N ARG F 216 22.69 -64.90 10.63
CA ARG F 216 21.46 -64.18 10.20
C ARG F 216 21.04 -63.24 11.34
N LYS F 217 21.07 -63.72 12.58
CA LYS F 217 20.75 -62.87 13.75
C LYS F 217 21.85 -61.81 13.91
N LYS F 218 23.10 -62.19 13.67
CA LYS F 218 24.24 -61.24 13.80
C LYS F 218 24.33 -60.40 12.52
N ALA F 219 23.34 -59.52 12.30
CA ALA F 219 23.34 -58.67 11.08
C ALA F 219 24.57 -57.75 11.12
N ILE F 220 24.86 -57.15 12.27
CA ILE F 220 26.05 -56.25 12.42
C ILE F 220 26.22 -55.93 13.90
N SER F 221 25.52 -56.68 14.77
CA SER F 221 25.57 -56.40 16.23
C SER F 221 26.98 -55.97 16.65
N SER F 222 27.94 -56.89 16.57
CA SER F 222 29.33 -56.57 17.01
C SER F 222 29.93 -55.49 16.11
N LYS F 223 29.64 -55.55 14.81
CA LYS F 223 30.24 -54.57 13.86
C LYS F 223 30.18 -53.17 14.47
N PRO F 224 31.32 -52.54 14.80
CA PRO F 224 31.31 -51.16 15.31
C PRO F 224 30.73 -50.25 14.21
N LEU F 225 29.92 -49.27 14.61
CA LEU F 225 29.26 -48.40 13.59
C LEU F 225 29.68 -46.95 13.80
N SER F 226 30.01 -46.24 12.72
CA SER F 226 30.33 -44.82 12.84
C SER F 226 29.20 -44.09 13.54
N VAL F 227 29.48 -42.85 13.95
CA VAL F 227 28.47 -42.06 14.64
C VAL F 227 27.23 -41.91 13.76
N ARG F 228 27.43 -41.49 12.51
CA ARG F 228 26.29 -41.31 11.58
C ARG F 228 25.67 -42.68 11.32
N GLN F 229 26.47 -43.74 11.37
CA GLN F 229 25.94 -45.12 11.17
C GLN F 229 24.86 -45.36 12.22
N ILE F 230 24.96 -44.69 13.36
CA ILE F 230 23.97 -44.89 14.46
C ILE F 230 22.62 -44.35 14.01
N LYS F 231 21.53 -45.08 14.30
CA LYS F 231 20.17 -44.65 13.88
C LYS F 231 19.23 -44.74 15.08
N GLY F 232 18.30 -43.78 15.21
CA GLY F 232 17.41 -43.77 16.35
C GLY F 232 16.84 -45.14 16.66
N ASP F 233 16.67 -45.99 15.64
CA ASP F 233 16.16 -47.33 15.88
C ASP F 233 17.04 -48.07 16.88
N PHE F 234 18.33 -47.75 16.94
CA PHE F 234 19.23 -48.42 17.85
C PHE F 234 19.04 -47.97 19.29
N LEU F 235 18.25 -46.92 19.53
CA LEU F 235 18.05 -46.44 20.89
C LEU F 235 17.54 -47.55 21.78
N GLY F 236 18.05 -47.58 23.01
CA GLY F 236 17.71 -48.63 23.94
C GLY F 236 18.37 -49.95 23.66
N GLN F 237 19.36 -49.99 22.76
CA GLN F 237 19.98 -51.24 22.34
C GLN F 237 21.49 -51.14 22.50
N LEU F 238 22.08 -52.23 22.98
CA LEU F 238 23.53 -52.32 23.02
C LEU F 238 24.09 -52.28 21.61
N ILE F 239 25.15 -51.48 21.41
CA ILE F 239 25.77 -51.32 20.10
C ILE F 239 27.24 -51.07 20.27
N THR F 240 27.98 -51.18 19.17
CA THR F 240 29.43 -51.01 19.15
C THR F 240 29.79 -49.88 18.19
N VAL F 241 30.76 -49.06 18.57
CA VAL F 241 31.20 -47.93 17.77
C VAL F 241 32.72 -47.87 17.82
N ARG F 242 33.34 -47.64 16.68
CA ARG F 242 34.78 -47.39 16.59
C ARG F 242 34.99 -45.91 16.25
N GLY F 243 35.92 -45.28 16.96
CA GLY F 243 36.20 -43.88 16.70
C GLY F 243 37.22 -43.33 17.67
N ILE F 244 37.65 -42.11 17.40
CA ILE F 244 38.61 -41.44 18.27
C ILE F 244 37.87 -40.65 19.33
N ILE F 245 38.49 -40.54 20.51
CA ILE F 245 37.93 -39.78 21.62
C ILE F 245 38.38 -38.34 21.47
N THR F 246 37.47 -37.47 21.02
CA THR F 246 37.83 -36.08 20.80
C THR F 246 38.25 -35.41 22.10
N ARG F 247 37.43 -35.51 23.15
CA ARG F 247 37.73 -34.90 24.42
C ARG F 247 37.14 -35.74 25.54
N VAL F 248 37.72 -35.61 26.72
CA VAL F 248 37.29 -36.35 27.91
C VAL F 248 37.15 -35.37 29.06
N SER F 249 36.01 -35.40 29.74
CA SER F 249 35.80 -34.54 30.89
C SER F 249 36.53 -35.09 32.11
N ASP F 250 36.70 -34.23 33.11
CA ASP F 250 37.24 -34.67 34.39
C ASP F 250 36.18 -35.43 35.17
N VAL F 251 36.63 -36.45 35.92
CA VAL F 251 35.71 -37.27 36.68
C VAL F 251 34.98 -36.41 37.71
N LYS F 252 33.72 -36.72 37.94
CA LYS F 252 32.94 -36.05 38.96
C LYS F 252 32.06 -37.06 39.69
N PRO F 253 31.72 -36.80 40.94
CA PRO F 253 30.88 -37.75 41.68
C PRO F 253 29.41 -37.56 41.38
N ALA F 254 28.65 -38.65 41.53
CA ALA F 254 27.21 -38.64 41.37
C ALA F 254 26.60 -39.63 42.36
N VAL F 255 25.39 -39.32 42.81
CA VAL F 255 24.70 -40.12 43.82
C VAL F 255 23.68 -41.00 43.12
N GLU F 256 23.74 -42.30 43.39
CA GLU F 256 22.64 -43.18 43.01
C GLU F 256 21.48 -43.01 43.98
N VAL F 257 21.78 -42.87 45.27
CA VAL F 257 20.79 -42.69 46.31
C VAL F 257 21.23 -41.54 47.19
N ILE F 258 20.27 -40.74 47.65
CA ILE F 258 20.54 -39.63 48.55
C ILE F 258 19.84 -39.93 49.88
N ALA F 259 20.57 -39.80 50.97
CA ALA F 259 20.05 -40.06 52.30
C ALA F 259 19.99 -38.75 53.07
N TYR F 260 18.81 -38.40 53.57
CA TYR F 260 18.63 -37.25 54.44
C TYR F 260 18.50 -37.74 55.88
N THR F 261 19.05 -36.97 56.81
CA THR F 261 18.94 -37.26 58.23
C THR F 261 18.27 -36.09 58.93
N CYS F 262 17.22 -36.38 59.69
CA CYS F 262 16.53 -35.40 60.51
C CYS F 262 16.55 -35.84 61.96
N ASP F 263 16.97 -34.94 62.84
CA ASP F 263 17.06 -35.26 64.26
C ASP F 263 15.68 -35.58 64.84
N GLN F 264 14.66 -34.84 64.44
CA GLN F 264 13.34 -35.01 65.04
C GLN F 264 12.87 -36.45 64.91
N CYS F 265 12.96 -37.02 63.71
CA CYS F 265 12.66 -38.44 63.56
C CYS F 265 13.80 -39.30 64.10
N GLY F 266 15.04 -38.89 63.85
CA GLY F 266 16.14 -39.82 63.96
C GLY F 266 16.12 -40.87 62.87
N TYR F 267 15.29 -40.69 61.85
CA TYR F 267 15.17 -41.61 60.73
C TYR F 267 15.96 -41.08 59.55
N GLU F 268 16.69 -41.97 58.88
CA GLU F 268 17.49 -41.62 57.72
C GLU F 268 16.76 -42.10 56.47
N VAL F 269 15.95 -41.22 55.88
CA VAL F 269 15.27 -41.55 54.64
C VAL F 269 16.31 -41.73 53.53
N PHE F 270 15.90 -42.44 52.48
CA PHE F 270 16.79 -42.79 51.39
C PHE F 270 16.12 -42.41 50.06
N GLN F 271 16.32 -41.17 49.64
CA GLN F 271 15.85 -40.75 48.32
C GLN F 271 16.76 -41.31 47.24
N GLU F 272 16.16 -41.95 46.25
CA GLU F 272 16.90 -42.52 45.12
C GLU F 272 16.63 -41.67 43.89
N VAL F 273 17.71 -41.26 43.22
CA VAL F 273 17.63 -40.35 42.08
C VAL F 273 18.26 -41.04 40.88
N ASN F 274 17.52 -41.10 39.77
CA ASN F 274 18.03 -41.57 38.51
C ASN F 274 18.02 -40.49 37.43
N SER F 275 17.43 -39.33 37.72
CA SER F 275 17.37 -38.25 36.75
C SER F 275 18.70 -37.49 36.71
N ARG F 276 18.85 -36.66 35.68
CA ARG F 276 20.03 -35.80 35.59
C ARG F 276 20.08 -34.83 36.76
N THR F 277 18.92 -34.38 37.23
CA THR F 277 18.83 -33.46 38.36
C THR F 277 17.67 -33.89 39.25
N PHE F 278 17.66 -33.38 40.48
CA PHE F 278 16.65 -33.73 41.46
C PHE F 278 16.36 -32.51 42.33
N THR F 279 15.19 -32.55 42.97
CA THR F 279 14.83 -31.54 43.94
C THR F 279 14.84 -32.16 45.34
N PRO F 280 15.28 -31.43 46.36
CA PRO F 280 15.33 -32.03 47.71
C PRO F 280 13.94 -32.27 48.27
N LEU F 281 13.85 -33.28 49.14
CA LEU F 281 12.59 -33.56 49.82
C LEU F 281 12.19 -32.40 50.74
N SER F 282 13.13 -31.96 51.59
CA SER F 282 12.93 -30.83 52.50
C SER F 282 11.84 -31.09 53.54
N GLU F 283 11.41 -32.34 53.71
CA GLU F 283 10.40 -32.67 54.70
C GLU F 283 10.51 -34.15 55.02
N CYS F 284 9.99 -34.52 56.18
CA CYS F 284 10.06 -35.90 56.67
C CYS F 284 8.72 -36.60 56.48
N THR F 285 8.70 -37.58 55.58
CA THR F 285 7.66 -38.60 55.58
C THR F 285 8.00 -39.73 56.54
N SER F 286 9.17 -39.67 57.19
CA SER F 286 9.54 -40.68 58.18
C SER F 286 8.48 -40.73 59.27
N GLU F 287 8.19 -41.95 59.73
CA GLU F 287 7.11 -42.14 60.69
C GLU F 287 7.37 -41.38 61.98
N GLU F 288 8.61 -41.41 62.47
CA GLU F 288 8.89 -40.86 63.80
C GLU F 288 8.47 -39.39 63.89
N CYS F 289 8.81 -38.59 62.88
CA CYS F 289 8.27 -37.24 62.84
C CYS F 289 6.76 -37.26 62.68
N SER F 290 6.24 -38.18 61.86
CA SER F 290 4.80 -38.31 61.72
C SER F 290 4.16 -38.82 63.02
N GLN F 291 4.86 -39.71 63.73
CA GLN F 291 4.31 -40.26 64.97
C GLN F 291 4.06 -39.16 65.99
N ASN F 292 5.02 -38.26 66.16
CA ASN F 292 4.86 -37.11 67.04
C ASN F 292 4.13 -35.96 66.37
N GLN F 293 3.77 -36.10 65.09
CA GLN F 293 3.15 -35.06 64.27
C GLN F 293 4.17 -33.98 63.92
N THR F 294 5.41 -34.11 64.37
CA THR F 294 6.42 -33.10 64.08
C THR F 294 6.73 -33.09 62.60
N LYS F 295 7.09 -31.91 62.09
CA LYS F 295 7.47 -31.72 60.70
C LYS F 295 8.99 -31.65 60.61
N GLY F 296 9.57 -32.58 59.87
CA GLY F 296 11.01 -32.79 59.90
C GLY F 296 11.77 -31.87 58.98
N GLN F 297 12.90 -31.38 59.47
CA GLN F 297 13.83 -30.58 58.66
C GLN F 297 14.94 -31.52 58.20
N LEU F 298 14.73 -32.15 57.05
CA LEU F 298 15.69 -33.14 56.57
C LEU F 298 17.00 -32.48 56.18
N PHE F 299 18.10 -33.16 56.46
CA PHE F 299 19.45 -32.65 56.17
C PHE F 299 20.19 -33.68 55.33
N MET F 300 20.88 -33.21 54.29
CA MET F 300 21.65 -34.10 53.44
C MET F 300 22.82 -34.70 54.22
N SER F 301 23.07 -35.98 53.99
CA SER F 301 24.20 -36.69 54.59
C SER F 301 25.03 -37.31 53.48
N THR F 302 26.14 -36.65 53.13
CA THR F 302 27.00 -37.18 52.08
C THR F 302 27.53 -38.55 52.46
N ARG F 303 27.95 -38.72 53.71
CA ARG F 303 28.43 -40.02 54.17
C ARG F 303 27.36 -41.09 53.96
N ALA F 304 26.12 -40.79 54.35
CA ALA F 304 25.05 -41.75 54.18
C ALA F 304 24.70 -41.93 52.71
N SER F 305 24.60 -40.84 51.96
CA SER F 305 24.17 -40.90 50.57
C SER F 305 25.19 -41.68 49.74
N LYS F 306 24.67 -42.56 48.88
CA LYS F 306 25.53 -43.31 47.98
C LYS F 306 26.09 -42.41 46.89
N PHE F 307 27.31 -42.73 46.44
CA PHE F 307 28.00 -41.93 45.45
C PHE F 307 28.68 -42.84 44.44
N SER F 308 28.81 -42.35 43.21
CA SER F 308 29.53 -43.05 42.15
C SER F 308 30.29 -42.05 41.31
N ALA F 309 31.44 -42.47 40.79
CA ALA F 309 32.22 -41.62 39.92
C ALA F 309 31.59 -41.56 38.53
N PHE F 310 31.61 -40.39 37.93
CA PHE F 310 31.13 -40.19 36.57
C PHE F 310 32.13 -39.40 35.76
N GLN F 311 32.26 -39.74 34.49
CA GLN F 311 33.05 -38.99 33.54
C GLN F 311 32.35 -39.01 32.20
N GLU F 312 32.65 -38.02 31.36
CA GLU F 312 32.03 -37.89 30.05
C GLU F 312 33.11 -37.83 28.98
N CYS F 313 32.88 -38.54 27.88
CA CYS F 313 33.80 -38.59 26.76
C CYS F 313 33.03 -38.43 25.47
N LYS F 314 33.66 -37.80 24.48
CA LYS F 314 33.07 -37.58 23.18
C LYS F 314 33.88 -38.33 22.13
N ILE F 315 33.21 -39.18 21.37
CA ILE F 315 33.83 -39.96 20.29
C ILE F 315 33.39 -39.35 18.96
N GLN F 316 34.35 -39.18 18.06
CA GLN F 316 34.09 -38.56 16.77
C GLN F 316 34.42 -39.53 15.64
N GLU F 317 33.73 -39.34 14.53
CA GLU F 317 33.87 -40.25 13.39
C GLU F 317 35.29 -40.22 12.85
N LEU F 318 35.76 -41.37 12.39
CA LEU F 318 37.05 -41.45 11.72
C LEU F 318 36.94 -40.88 10.32
N SER F 319 38.00 -40.19 9.90
CA SER F 319 38.01 -39.60 8.56
C SER F 319 37.70 -40.65 7.50
N GLN F 320 38.20 -41.86 7.68
CA GLN F 320 37.87 -42.95 6.76
C GLN F 320 36.38 -43.26 6.81
N GLN F 321 35.81 -43.31 8.02
CA GLN F 321 34.38 -43.53 8.15
C GLN F 321 33.59 -42.38 7.55
N VAL F 322 34.12 -41.17 7.63
CA VAL F 322 33.38 -39.98 7.21
C VAL F 322 33.12 -40.04 5.70
N PRO F 323 31.88 -39.86 5.25
CA PRO F 323 31.64 -39.73 3.80
C PRO F 323 32.30 -38.48 3.26
N VAL F 324 32.70 -38.56 1.98
CA VAL F 324 33.32 -37.40 1.34
C VAL F 324 32.36 -36.22 1.38
N GLY F 325 32.89 -35.06 1.74
CA GLY F 325 32.08 -33.86 1.81
C GLY F 325 31.16 -33.77 3.01
N HIS F 326 31.31 -34.67 3.98
CA HIS F 326 30.47 -34.69 5.17
C HIS F 326 31.33 -34.42 6.39
N ILE F 327 30.84 -33.56 7.28
CA ILE F 327 31.59 -33.26 8.50
C ILE F 327 31.48 -34.44 9.46
N PRO F 328 32.56 -34.82 10.15
CA PRO F 328 32.45 -35.91 11.12
C PRO F 328 31.44 -35.59 12.21
N ARG F 329 30.73 -36.62 12.65
CA ARG F 329 29.75 -36.52 13.73
C ARG F 329 30.36 -37.11 14.99
N SER F 330 30.01 -36.55 16.14
CA SER F 330 30.55 -36.99 17.42
C SER F 330 29.41 -37.31 18.36
N LEU F 331 29.56 -38.37 19.15
CA LEU F 331 28.58 -38.79 20.13
C LEU F 331 29.14 -38.62 21.53
N ASN F 332 28.33 -38.05 22.42
CA ASN F 332 28.72 -37.95 23.81
C ASN F 332 28.59 -39.30 24.49
N ILE F 333 29.55 -39.62 25.36
CA ILE F 333 29.62 -40.91 26.03
C ILE F 333 29.65 -40.67 27.53
N HIS F 334 28.77 -41.38 28.25
CA HIS F 334 28.75 -41.35 29.70
C HIS F 334 29.37 -42.62 30.24
N VAL F 335 30.30 -42.47 31.18
CA VAL F 335 30.96 -43.60 31.82
C VAL F 335 30.82 -43.44 33.33
N ASN F 336 30.58 -44.56 34.01
CA ASN F 336 30.37 -44.55 35.45
C ASN F 336 31.06 -45.75 36.07
N GLY F 337 31.30 -45.65 37.38
CA GLY F 337 31.88 -46.76 38.10
C GLY F 337 33.32 -47.01 37.69
N THR F 338 33.74 -48.27 37.78
CA THR F 338 35.14 -48.62 37.55
C THR F 338 35.60 -48.18 36.17
N LEU F 339 34.72 -48.27 35.17
CA LEU F 339 35.12 -48.00 33.79
C LEU F 339 35.62 -46.58 33.63
N VAL F 340 35.28 -45.68 34.56
CA VAL F 340 35.68 -44.29 34.45
C VAL F 340 37.19 -44.19 34.32
N ARG F 341 37.66 -43.22 33.54
CA ARG F 341 39.06 -42.92 33.26
C ARG F 341 39.72 -44.00 32.41
N SER F 342 39.02 -45.07 32.05
CA SER F 342 39.63 -46.08 31.21
C SER F 342 40.04 -45.51 29.86
N LEU F 343 39.28 -44.54 29.35
CA LEU F 343 39.56 -43.97 28.05
C LEU F 343 40.70 -42.96 28.12
N SER F 344 41.21 -42.59 26.95
CA SER F 344 42.24 -41.60 26.81
C SER F 344 41.95 -40.73 25.59
N PRO F 345 42.00 -39.41 25.71
CA PRO F 345 41.62 -38.56 24.58
C PRO F 345 42.48 -38.82 23.35
N GLY F 346 41.84 -38.68 22.18
CA GLY F 346 42.56 -38.74 20.93
C GLY F 346 43.07 -40.10 20.53
N ASP F 347 42.52 -41.17 21.11
CA ASP F 347 43.00 -42.53 20.85
C ASP F 347 41.88 -43.34 20.21
N ILE F 348 42.22 -44.06 19.13
CA ILE F 348 41.25 -44.91 18.47
C ILE F 348 40.82 -46.01 19.43
N VAL F 349 39.52 -46.26 19.49
CA VAL F 349 38.96 -47.19 20.45
C VAL F 349 37.63 -47.71 19.91
N ASP F 350 37.32 -48.95 20.25
CA ASP F 350 36.02 -49.55 19.95
C ASP F 350 35.28 -49.73 21.27
N VAL F 351 34.10 -49.13 21.37
CA VAL F 351 33.34 -49.09 22.61
C VAL F 351 31.98 -49.73 22.37
N THR F 352 31.50 -50.47 23.35
CA THR F 352 30.20 -51.12 23.30
C THR F 352 29.41 -50.73 24.55
N GLY F 353 28.17 -50.31 24.35
CA GLY F 353 27.35 -49.89 25.47
C GLY F 353 25.93 -49.60 25.06
N ILE F 354 25.08 -49.39 26.06
CA ILE F 354 23.68 -49.09 25.81
C ILE F 354 23.56 -47.69 25.26
N PHE F 355 22.79 -47.55 24.19
CA PHE F 355 22.54 -46.27 23.54
C PHE F 355 21.16 -45.79 23.96
N LEU F 356 21.10 -44.69 24.70
CA LEU F 356 19.86 -44.26 25.34
C LEU F 356 19.59 -42.79 25.06
N PRO F 357 18.32 -42.39 25.09
CA PRO F 357 18.00 -40.97 24.96
C PRO F 357 18.35 -40.20 26.21
N ALA F 358 18.52 -38.90 26.04
CA ALA F 358 18.84 -38.00 27.16
C ALA F 358 17.65 -37.09 27.43
N PRO F 359 16.92 -37.27 28.53
CA PRO F 359 15.79 -36.39 28.81
C PRO F 359 16.25 -34.97 29.11
N TYR F 360 15.30 -34.05 29.11
CA TYR F 360 15.61 -32.63 29.28
C TYR F 360 15.16 -32.14 30.65
N THR F 361 15.49 -30.89 30.93
CA THR F 361 14.81 -30.17 32.00
C THR F 361 13.42 -29.77 31.55
N GLY F 362 12.54 -29.54 32.52
CA GLY F 362 11.13 -29.35 32.20
C GLY F 362 10.90 -28.27 31.15
N PHE F 363 11.49 -27.09 31.36
CA PHE F 363 11.26 -26.00 30.43
C PHE F 363 11.93 -26.27 29.09
N LYS F 364 13.19 -26.71 29.11
CA LYS F 364 13.86 -27.05 27.86
C LYS F 364 13.19 -28.26 27.21
N ALA F 365 12.62 -29.15 28.02
CA ALA F 365 11.84 -30.25 27.46
C ALA F 365 10.65 -29.73 26.68
N LEU F 366 9.87 -28.84 27.28
CA LEU F 366 8.72 -28.26 26.59
C LEU F 366 9.18 -27.53 25.33
N LYS F 367 10.33 -26.88 25.38
CA LYS F 367 10.86 -26.21 24.19
C LYS F 367 11.19 -27.21 23.10
N ALA F 368 11.75 -28.37 23.47
CA ALA F 368 12.19 -29.33 22.47
C ALA F 368 11.06 -30.27 22.08
N GLY F 369 10.25 -30.71 23.03
CA GLY F 369 9.16 -31.61 22.71
C GLY F 369 9.67 -33.01 22.40
N LEU F 370 9.02 -33.66 21.44
CA LEU F 370 9.32 -35.06 21.15
C LEU F 370 10.78 -35.26 20.76
N LEU F 371 11.44 -34.22 20.27
CA LEU F 371 12.86 -34.33 19.96
C LEU F 371 13.65 -34.54 21.25
N THR F 372 14.60 -35.47 21.21
CA THR F 372 15.34 -35.86 22.40
C THR F 372 16.84 -35.94 22.10
N GLU F 373 17.64 -35.49 23.06
CA GLU F 373 19.06 -35.73 23.01
C GLU F 373 19.34 -37.21 23.23
N THR F 374 20.49 -37.67 22.75
CA THR F 374 20.89 -39.05 22.86
C THR F 374 22.34 -39.15 23.31
N TYR F 375 22.66 -40.20 24.05
CA TYR F 375 24.01 -40.44 24.54
C TYR F 375 24.26 -41.93 24.58
N LEU F 376 25.50 -42.29 24.92
CA LEU F 376 25.91 -43.68 25.04
C LEU F 376 26.47 -43.95 26.43
N GLU F 377 26.05 -45.04 27.03
CA GLU F 377 26.62 -45.53 28.29
C GLU F 377 27.44 -46.77 27.98
N ALA F 378 28.76 -46.67 28.16
CA ALA F 378 29.69 -47.69 27.70
C ALA F 378 29.70 -48.86 28.67
N GLN F 379 29.28 -50.04 28.19
CA GLN F 379 29.42 -51.24 28.99
C GLN F 379 30.86 -51.73 28.97
N PHE F 380 31.53 -51.67 27.83
CA PHE F 380 32.87 -52.20 27.67
C PHE F 380 33.64 -51.34 26.69
N VAL F 381 34.96 -51.39 26.80
CA VAL F 381 35.87 -50.60 25.97
C VAL F 381 36.94 -51.53 25.42
N ARG F 382 37.22 -51.39 24.11
CA ARG F 382 38.29 -52.13 23.47
C ARG F 382 39.19 -51.15 22.73
N GLN F 383 40.50 -51.28 22.95
CA GLN F 383 41.49 -50.44 22.31
C GLN F 383 42.19 -51.21 21.21
N HIS F 384 42.34 -50.57 20.04
CA HIS F 384 43.05 -51.23 18.92
C HIS F 384 44.53 -51.39 19.29
N LYS F 385 44.98 -50.72 20.36
CA LYS F 385 46.40 -50.78 20.77
C LYS F 385 46.52 -50.34 22.23
N LYS F 386 47.64 -50.67 22.88
CA LYS F 386 47.86 -50.26 24.29
C LYS F 386 48.08 -48.75 24.35
N THR F 394 53.27 -60.34 29.28
CA THR F 394 52.74 -61.43 30.07
C THR F 394 53.40 -62.71 29.58
N SER F 395 53.06 -63.84 30.23
CA SER F 395 53.69 -65.11 29.90
C SER F 395 53.54 -65.42 28.41
N ASP F 396 52.32 -65.33 27.87
CA ASP F 396 52.12 -65.52 26.45
C ASP F 396 53.06 -64.63 25.65
N VAL F 397 53.11 -63.35 26.01
CA VAL F 397 54.07 -62.44 25.38
C VAL F 397 55.47 -62.98 25.54
N GLU F 398 55.81 -63.51 26.72
CA GLU F 398 57.15 -64.00 26.96
C GLU F 398 57.52 -65.10 25.97
N GLU F 399 56.65 -66.10 25.80
CA GLU F 399 56.96 -67.17 24.87
C GLU F 399 57.03 -66.63 23.44
N ARG F 400 56.08 -65.77 23.08
CA ARG F 400 56.10 -65.18 21.74
C ARG F 400 57.45 -64.52 21.47
N VAL F 401 58.04 -63.89 22.49
CA VAL F 401 59.28 -63.17 22.27
C VAL F 401 60.49 -64.10 22.33
N MET F 402 60.48 -65.12 23.18
CA MET F 402 61.59 -66.07 23.12
C MET F 402 61.61 -66.79 21.78
N GLU F 403 60.46 -66.93 21.12
CA GLU F 403 60.48 -67.49 19.78
C GLU F 403 61.43 -66.70 18.88
N LEU F 404 61.24 -65.39 18.81
CA LEU F 404 62.09 -64.56 17.98
C LEU F 404 63.51 -64.51 18.52
N ILE F 405 63.66 -64.49 19.84
CA ILE F 405 65.00 -64.45 20.44
C ILE F 405 65.81 -65.66 20.02
N THR F 406 65.20 -66.85 20.12
CA THR F 406 65.84 -68.07 19.65
C THR F 406 66.10 -68.01 18.16
N SER F 407 65.18 -67.42 17.40
CA SER F 407 65.43 -67.24 15.97
C SER F 407 66.75 -66.52 15.74
N GLY F 408 67.11 -65.60 16.64
CA GLY F 408 68.39 -64.93 16.58
C GLY F 408 68.42 -63.82 15.55
N ASP F 409 69.51 -63.05 15.59
CA ASP F 409 69.69 -61.91 14.69
C ASP F 409 68.46 -61.02 14.70
N VAL F 410 67.80 -60.92 15.85
CA VAL F 410 66.53 -60.22 15.93
C VAL F 410 66.69 -58.77 15.51
N TYR F 411 67.86 -58.20 15.73
CA TYR F 411 68.08 -56.80 15.38
C TYR F 411 67.97 -56.59 13.88
N ASN F 412 68.78 -57.31 13.10
CA ASN F 412 68.72 -57.17 11.65
C ASN F 412 67.40 -57.70 11.10
N ARG F 413 66.88 -58.76 11.70
CA ARG F 413 65.59 -59.29 11.25
C ARG F 413 64.50 -58.23 11.38
N LEU F 414 64.47 -57.52 12.51
CA LEU F 414 63.50 -56.45 12.69
C LEU F 414 63.75 -55.30 11.72
N ALA F 415 65.01 -54.89 11.59
CA ALA F 415 65.33 -53.80 10.67
C ALA F 415 64.81 -54.10 9.27
N LYS F 416 65.07 -55.31 8.77
CA LYS F 416 64.52 -55.70 7.48
C LYS F 416 63.00 -55.74 7.53
N SER F 417 62.43 -56.24 8.63
CA SER F 417 60.98 -56.30 8.77
C SER F 417 60.37 -54.91 8.68
N ILE F 418 61.11 -53.89 9.11
CA ILE F 418 60.61 -52.53 9.00
C ILE F 418 60.45 -52.18 7.53
N ALA F 419 59.37 -51.47 7.21
CA ALA F 419 59.08 -51.03 5.86
C ALA F 419 59.33 -52.15 4.84
N PRO F 420 58.62 -53.28 4.96
CA PRO F 420 58.82 -54.35 3.96
C PRO F 420 58.63 -53.87 2.55
N GLU F 421 57.70 -52.94 2.35
CA GLU F 421 57.54 -52.32 1.04
C GLU F 421 58.85 -51.72 0.56
N ILE F 422 59.49 -50.89 1.38
CA ILE F 422 60.67 -50.17 0.94
C ILE F 422 61.81 -51.16 0.68
N TYR F 423 62.64 -50.83 -0.31
CA TYR F 423 63.75 -51.66 -0.73
C TYR F 423 65.05 -50.96 -0.41
N GLY F 424 65.99 -51.70 0.18
CA GLY F 424 67.27 -51.12 0.54
C GLY F 424 67.16 -50.22 1.75
N ASN F 425 68.23 -49.44 1.96
CA ASN F 425 68.30 -48.51 3.09
C ASN F 425 68.20 -49.25 4.42
N LEU F 426 68.67 -50.48 4.46
CA LEU F 426 68.53 -51.30 5.66
C LEU F 426 69.19 -50.62 6.85
N ASP F 427 70.27 -49.88 6.63
CA ASP F 427 70.90 -49.15 7.72
C ASP F 427 69.96 -48.08 8.27
N VAL F 428 69.23 -47.41 7.38
CA VAL F 428 68.25 -46.43 7.83
C VAL F 428 67.19 -47.12 8.67
N LYS F 429 66.72 -48.29 8.23
CA LYS F 429 65.74 -49.03 9.01
C LYS F 429 66.29 -49.40 10.38
N LYS F 430 67.56 -49.80 10.43
CA LYS F 430 68.19 -50.14 11.70
C LYS F 430 68.20 -48.94 12.63
N ALA F 431 68.60 -47.78 12.11
CA ALA F 431 68.60 -46.57 12.93
C ALA F 431 67.20 -46.23 13.39
N LEU F 432 66.21 -46.42 12.52
CA LEU F 432 64.83 -46.15 12.91
C LEU F 432 64.38 -47.08 14.03
N LEU F 433 64.78 -48.35 13.97
CA LEU F 433 64.48 -49.27 15.05
C LEU F 433 65.11 -48.79 16.35
N LEU F 434 66.37 -48.39 16.28
CA LEU F 434 67.05 -47.87 17.48
C LEU F 434 66.28 -46.69 18.06
N LEU F 435 65.82 -45.79 17.18
CA LEU F 435 65.00 -44.69 17.66
C LEU F 435 63.71 -45.19 18.29
N LEU F 436 63.10 -46.20 17.69
CA LEU F 436 61.84 -46.73 18.21
C LEU F 436 62.00 -47.22 19.64
N VAL F 437 63.07 -47.99 19.91
CA VAL F 437 63.29 -48.43 21.27
C VAL F 437 63.63 -47.25 22.18
N GLY F 438 64.35 -46.27 21.64
CA GLY F 438 64.68 -45.08 22.40
C GLY F 438 65.76 -45.33 23.44
N GLY F 439 66.53 -44.29 23.70
CA GLY F 439 67.59 -44.39 24.69
C GLY F 439 67.06 -44.30 26.10
N VAL F 440 67.88 -44.74 27.05
CA VAL F 440 67.47 -44.75 28.45
C VAL F 440 67.35 -43.32 28.96
N ASP F 441 66.24 -43.03 29.62
CA ASP F 441 66.06 -41.76 30.30
C ASP F 441 66.74 -41.84 31.66
N LYS F 442 67.60 -40.85 31.94
CA LYS F 442 68.44 -40.87 33.13
C LYS F 442 68.15 -39.66 33.99
N ARG F 443 68.09 -39.87 35.30
CA ARG F 443 67.97 -38.80 36.28
C ARG F 443 69.06 -38.96 37.32
N VAL F 444 69.69 -37.85 37.71
CA VAL F 444 70.82 -37.90 38.61
C VAL F 444 70.38 -37.57 40.03
N GLY F 445 71.12 -38.10 41.01
CA GLY F 445 70.83 -37.78 42.39
C GLY F 445 70.87 -36.29 42.65
N ASP F 446 71.81 -35.58 42.03
CA ASP F 446 71.85 -34.14 42.12
C ASP F 446 70.61 -33.50 41.52
N GLY F 447 69.83 -34.25 40.74
CA GLY F 447 68.65 -33.73 40.10
C GLY F 447 68.75 -33.55 38.60
N MET F 448 69.93 -33.76 38.02
CA MET F 448 70.03 -33.70 36.57
C MET F 448 69.17 -34.79 35.93
N LYS F 449 68.59 -34.46 34.79
CA LYS F 449 67.90 -35.44 33.96
C LYS F 449 68.27 -35.18 32.51
N ILE F 450 68.75 -36.21 31.82
CA ILE F 450 69.18 -36.11 30.43
C ILE F 450 68.20 -36.89 29.57
N ARG F 451 67.70 -36.24 28.52
CA ARG F 451 66.74 -36.88 27.63
C ARG F 451 67.31 -38.19 27.10
N GLY F 452 66.59 -39.29 27.37
CA GLY F 452 66.91 -40.57 26.78
C GLY F 452 66.28 -40.79 25.42
N ASP F 453 65.32 -39.96 25.05
CA ASP F 453 64.72 -40.07 23.73
C ASP F 453 65.75 -39.74 22.66
N ILE F 454 65.51 -40.27 21.46
CA ILE F 454 66.44 -40.14 20.34
C ILE F 454 65.73 -39.42 19.21
N ASN F 455 66.43 -38.49 18.57
CA ASN F 455 65.90 -37.71 17.47
C ASN F 455 66.81 -37.83 16.26
N VAL F 456 66.23 -38.17 15.12
CA VAL F 456 66.97 -38.41 13.89
C VAL F 456 66.37 -37.55 12.79
N CYS F 457 67.23 -36.95 11.97
CA CYS F 457 66.81 -36.14 10.84
C CYS F 457 67.21 -36.85 9.55
N LEU F 458 66.33 -36.80 8.56
CA LEU F 458 66.58 -37.40 7.25
C LEU F 458 66.61 -36.28 6.21
N MET F 459 67.77 -36.08 5.60
CA MET F 459 68.00 -34.98 4.68
C MET F 459 68.43 -35.58 3.35
N GLY F 460 67.53 -35.58 2.37
CA GLY F 460 67.78 -36.31 1.14
C GLY F 460 67.03 -35.72 -0.04
N ASP F 461 67.43 -36.18 -1.23
CA ASP F 461 66.80 -35.73 -2.45
C ASP F 461 65.34 -36.20 -2.48
N PRO F 462 64.49 -35.49 -3.22
CA PRO F 462 63.06 -35.83 -3.20
C PRO F 462 62.78 -37.19 -3.81
N GLY F 463 61.65 -37.76 -3.41
CA GLY F 463 61.16 -38.98 -4.03
C GLY F 463 61.95 -40.22 -3.70
N VAL F 464 62.63 -40.24 -2.56
CA VAL F 464 63.40 -41.40 -2.14
C VAL F 464 62.69 -42.19 -1.05
N ALA F 465 61.36 -42.11 -0.99
CA ALA F 465 60.53 -42.87 -0.05
C ALA F 465 60.62 -42.35 1.38
N LYS F 466 61.23 -41.19 1.60
CA LYS F 466 61.35 -40.68 2.96
C LYS F 466 59.98 -40.54 3.61
N SER F 467 59.04 -39.87 2.94
CA SER F 467 57.71 -39.69 3.52
C SER F 467 57.05 -41.04 3.80
N GLN F 468 57.16 -41.97 2.84
CA GLN F 468 56.60 -43.30 3.05
C GLN F 468 57.19 -43.93 4.30
N LEU F 469 58.49 -43.81 4.50
CA LEU F 469 59.13 -44.39 5.67
C LEU F 469 58.58 -43.78 6.95
N LEU F 470 58.43 -42.46 6.98
CA LEU F 470 57.90 -41.81 8.18
C LEU F 470 56.48 -42.26 8.47
N LYS F 471 55.64 -42.35 7.44
CA LYS F 471 54.28 -42.83 7.66
C LYS F 471 54.28 -44.25 8.18
N ALA F 472 55.14 -45.10 7.62
CA ALA F 472 55.24 -46.47 8.09
C ALA F 472 55.62 -46.51 9.56
N ILE F 473 56.60 -45.70 9.96
CA ILE F 473 56.99 -45.66 11.37
C ILE F 473 55.82 -45.20 12.22
N CYS F 474 55.16 -44.12 11.81
CA CYS F 474 54.04 -43.60 12.59
C CYS F 474 53.00 -44.68 12.82
N LYS F 475 52.66 -45.43 11.78
CA LYS F 475 51.75 -46.54 11.94
C LYS F 475 52.32 -47.59 12.89
N ILE F 476 53.62 -47.86 12.76
CA ILE F 476 54.24 -48.93 13.56
C ILE F 476 54.16 -48.60 15.04
N SER F 477 54.58 -47.40 15.42
CA SER F 477 54.61 -47.05 16.84
C SER F 477 53.20 -46.91 17.37
N PRO F 478 52.89 -47.47 18.55
CA PRO F 478 51.51 -47.41 19.04
C PRO F 478 51.03 -46.00 19.25
N ARG F 479 51.90 -45.10 19.69
CA ARG F 479 51.52 -43.72 19.99
C ARG F 479 51.99 -42.74 18.94
N GLY F 480 52.48 -43.23 17.79
CA GLY F 480 53.01 -42.33 16.79
C GLY F 480 51.95 -41.39 16.25
N VAL F 481 52.39 -40.19 15.87
CA VAL F 481 51.53 -39.20 15.22
C VAL F 481 52.30 -38.63 14.05
N TYR F 482 51.61 -38.44 12.93
CA TYR F 482 52.20 -37.93 11.70
C TYR F 482 51.84 -36.45 11.56
N THR F 483 52.74 -35.68 10.96
CA THR F 483 52.52 -34.25 10.81
C THR F 483 53.39 -33.71 9.67
N THR F 484 52.96 -32.59 9.11
CA THR F 484 53.67 -31.88 8.06
C THR F 484 53.89 -30.44 8.50
N GLY F 485 55.03 -29.87 8.12
CA GLY F 485 55.38 -28.56 8.62
C GLY F 485 54.38 -27.49 8.24
N LYS F 486 54.04 -27.41 6.95
CA LYS F 486 53.10 -26.39 6.50
C LYS F 486 51.73 -26.59 7.13
N GLY F 487 51.25 -27.84 7.17
CA GLY F 487 49.90 -28.09 7.65
C GLY F 487 49.78 -27.87 9.15
N SER F 488 50.90 -27.90 9.87
CA SER F 488 50.91 -27.73 11.31
C SER F 488 51.54 -26.40 11.68
N SER F 489 50.87 -25.65 12.54
CA SER F 489 51.44 -24.42 13.08
C SER F 489 52.37 -24.76 14.23
N GLY F 490 53.42 -23.94 14.38
CA GLY F 490 54.33 -24.15 15.49
C GLY F 490 53.63 -24.16 16.83
N VAL F 491 52.73 -23.19 17.04
CA VAL F 491 51.94 -23.18 18.26
C VAL F 491 51.11 -24.45 18.36
N GLY F 492 50.38 -24.78 17.30
CA GLY F 492 49.59 -26.00 17.30
C GLY F 492 50.46 -27.23 17.44
N LEU F 493 51.64 -27.21 16.82
CA LEU F 493 52.56 -28.33 16.94
C LEU F 493 52.93 -28.58 18.39
N THR F 494 53.27 -27.53 19.12
CA THR F 494 53.67 -27.63 20.52
C THR F 494 52.48 -27.54 21.47
N ALA F 495 51.78 -26.42 21.45
CA ALA F 495 50.61 -26.22 22.30
C ALA F 495 49.96 -24.90 21.92
N ALA F 496 48.63 -24.85 22.02
CA ALA F 496 47.86 -23.69 21.60
C ALA F 496 47.02 -23.19 22.76
N VAL F 497 46.92 -21.87 22.87
CA VAL F 497 46.11 -21.22 23.89
C VAL F 497 44.83 -20.73 23.23
N MET F 498 43.73 -21.43 23.48
CA MET F 498 42.44 -21.08 22.90
C MET F 498 41.79 -20.03 23.79
N LYS F 499 41.57 -18.84 23.21
CA LYS F 499 41.06 -17.72 24.00
C LYS F 499 39.67 -18.02 24.57
N ASP F 500 38.79 -18.58 23.74
CA ASP F 500 37.37 -18.73 24.10
C ASP F 500 36.89 -20.14 23.80
N PRO F 501 37.26 -21.11 24.65
CA PRO F 501 36.50 -22.36 24.66
C PRO F 501 35.10 -22.15 25.21
N VAL F 502 35.02 -21.53 26.39
CA VAL F 502 33.78 -21.02 26.94
C VAL F 502 34.15 -19.80 27.77
N THR F 503 33.18 -18.89 27.93
CA THR F 503 33.35 -17.68 28.72
C THR F 503 34.65 -16.94 28.41
N ASP F 504 35.17 -17.09 27.18
CA ASP F 504 36.35 -16.35 26.73
C ASP F 504 37.51 -16.49 27.72
N GLU F 505 37.75 -17.71 28.17
CA GLU F 505 38.82 -18.01 29.12
C GLU F 505 39.94 -18.74 28.40
N MET F 506 41.11 -18.11 28.34
CA MET F 506 42.24 -18.69 27.62
C MET F 506 42.59 -20.05 28.21
N ILE F 507 42.76 -21.04 27.34
CA ILE F 507 43.04 -22.42 27.74
C ILE F 507 44.15 -22.97 26.88
N LEU F 508 45.12 -23.62 27.51
CA LEU F 508 46.17 -24.30 26.77
C LEU F 508 45.63 -25.55 26.10
N GLU F 509 46.07 -25.79 24.87
CA GLU F 509 45.65 -26.94 24.09
C GLU F 509 46.87 -27.77 23.74
N GLY F 510 46.82 -29.06 24.06
CA GLY F 510 47.93 -29.94 23.78
C GLY F 510 48.25 -30.02 22.30
N GLY F 511 49.47 -29.66 21.93
CA GLY F 511 49.85 -29.69 20.53
C GLY F 511 50.17 -31.07 20.04
N ALA F 512 50.53 -31.13 18.76
CA ALA F 512 50.90 -32.42 18.16
C ALA F 512 51.95 -33.13 19.02
N LEU F 513 52.95 -32.39 19.49
CA LEU F 513 53.93 -32.98 20.39
C LEU F 513 53.25 -33.55 21.63
N VAL F 514 52.31 -32.80 22.21
CA VAL F 514 51.57 -33.31 23.35
C VAL F 514 50.88 -34.62 22.99
N LEU F 515 50.28 -34.68 21.81
CA LEU F 515 49.71 -35.93 21.34
C LEU F 515 50.78 -37.01 21.22
N ALA F 516 51.99 -36.61 20.84
CA ALA F 516 53.09 -37.55 20.65
C ALA F 516 53.78 -37.92 21.96
N ASP F 517 53.26 -37.47 23.11
CA ASP F 517 53.91 -37.76 24.37
C ASP F 517 54.09 -39.27 24.53
N ASN F 518 55.28 -39.67 24.96
CA ASN F 518 55.65 -41.08 25.03
C ASN F 518 55.46 -41.75 23.68
N GLY F 519 55.52 -40.97 22.61
CA GLY F 519 55.33 -41.47 21.26
C GLY F 519 56.25 -40.73 20.32
N ILE F 520 56.15 -41.08 19.05
CA ILE F 520 57.01 -40.53 18.01
C ILE F 520 56.19 -39.58 17.15
N CYS F 521 56.71 -38.38 16.92
CA CYS F 521 56.08 -37.41 16.06
C CYS F 521 56.86 -37.32 14.75
N CYS F 522 56.15 -37.40 13.64
CA CYS F 522 56.76 -37.37 12.32
C CYS F 522 56.47 -36.03 11.67
N ILE F 523 57.53 -35.34 11.26
CA ILE F 523 57.43 -34.03 10.64
C ILE F 523 58.04 -34.12 9.26
N ASP F 524 57.23 -33.87 8.23
CA ASP F 524 57.68 -33.87 6.85
C ASP F 524 58.02 -32.45 6.45
N GLU F 525 58.70 -32.32 5.30
CA GLU F 525 59.09 -31.03 4.77
C GLU F 525 59.68 -30.13 5.87
N PHE F 526 60.38 -30.76 6.81
CA PHE F 526 60.83 -30.02 7.99
C PHE F 526 61.64 -28.80 7.58
N ASP F 527 62.34 -28.89 6.45
CA ASP F 527 62.99 -27.70 5.91
C ASP F 527 61.98 -26.62 5.58
N LYS F 528 60.84 -27.01 5.00
CA LYS F 528 59.80 -26.04 4.69
C LYS F 528 59.17 -25.47 5.95
N MET F 529 59.35 -26.14 7.09
CA MET F 529 58.77 -25.65 8.33
C MET F 529 59.34 -24.28 8.67
N ASP F 530 58.50 -23.44 9.27
CA ASP F 530 58.94 -22.10 9.65
C ASP F 530 60.11 -22.16 10.60
N GLU F 531 61.07 -21.24 10.42
CA GLU F 531 62.24 -21.21 11.27
C GLU F 531 61.87 -20.87 12.71
N SER F 532 60.91 -19.95 12.90
CA SER F 532 60.50 -19.61 14.26
C SER F 532 59.91 -20.82 14.97
N ASP F 533 59.03 -21.56 14.30
CA ASP F 533 58.50 -22.78 14.90
C ASP F 533 59.59 -23.82 15.07
N ARG F 534 60.59 -23.79 14.20
CA ARG F 534 61.75 -24.66 14.36
C ARG F 534 62.46 -24.36 15.68
N THR F 535 62.67 -23.08 15.98
CA THR F 535 63.21 -22.71 17.28
C THR F 535 62.25 -23.12 18.40
N ALA F 536 60.94 -23.03 18.16
CA ALA F 536 59.98 -23.45 19.17
C ALA F 536 60.20 -24.92 19.54
N ILE F 537 60.38 -25.77 18.54
CA ILE F 537 60.57 -27.19 18.81
C ILE F 537 61.96 -27.45 19.37
N HIS F 538 62.89 -26.50 19.19
CA HIS F 538 64.22 -26.69 19.81
C HIS F 538 64.08 -27.02 21.29
N GLU F 539 63.26 -26.27 22.01
CA GLU F 539 63.11 -26.49 23.44
C GLU F 539 62.66 -27.92 23.72
N VAL F 540 61.58 -28.35 23.07
CA VAL F 540 60.98 -29.63 23.41
C VAL F 540 61.92 -30.77 23.04
N MET F 541 62.62 -30.65 21.92
CA MET F 541 63.37 -31.79 21.42
C MET F 541 64.59 -32.07 22.30
N GLU F 542 65.34 -31.04 22.66
CA GLU F 542 66.44 -31.22 23.60
C GLU F 542 65.92 -31.42 25.02
N GLN F 543 64.98 -30.58 25.43
CA GLN F 543 64.39 -30.64 26.76
C GLN F 543 62.96 -31.13 26.67
N GLN F 544 62.64 -32.19 27.41
CA GLN F 544 61.34 -32.83 27.25
C GLN F 544 60.20 -31.87 27.55
N THR F 545 60.30 -31.12 28.64
CA THR F 545 59.15 -30.36 29.11
C THR F 545 58.83 -29.21 28.16
N ILE F 546 57.57 -28.76 28.22
CA ILE F 546 57.09 -27.61 27.47
C ILE F 546 56.66 -26.56 28.47
N SER F 547 57.34 -25.42 28.46
CA SER F 547 57.03 -24.30 29.35
C SER F 547 56.29 -23.23 28.54
N ILE F 548 55.17 -22.78 29.06
CA ILE F 548 54.31 -21.82 28.37
C ILE F 548 53.96 -20.69 29.33
N SER F 549 54.31 -19.47 28.95
CA SER F 549 53.99 -18.28 29.72
C SER F 549 53.03 -17.35 28.98
N LYS F 550 52.21 -17.91 28.09
CA LYS F 550 51.28 -17.09 27.34
C LYS F 550 50.30 -16.39 28.28
N ALA F 551 49.53 -15.46 27.71
CA ALA F 551 48.62 -14.66 28.51
C ALA F 551 47.69 -15.55 29.33
N GLY F 552 47.66 -15.32 30.64
CA GLY F 552 46.79 -16.04 31.52
C GLY F 552 47.16 -17.48 31.78
N ILE F 553 48.26 -17.97 31.19
CA ILE F 553 48.67 -19.35 31.38
C ILE F 553 50.18 -19.42 31.52
N ASN F 554 50.64 -19.57 32.76
CA ASN F 554 52.05 -19.83 33.06
C ASN F 554 52.13 -21.26 33.58
N THR F 555 52.56 -22.17 32.71
CA THR F 555 52.47 -23.60 33.01
C THR F 555 53.57 -24.34 32.26
N THR F 556 53.80 -25.57 32.69
CA THR F 556 54.81 -26.44 32.09
C THR F 556 54.19 -27.80 31.83
N LEU F 557 54.59 -28.43 30.73
CA LEU F 557 54.09 -29.75 30.35
C LEU F 557 55.26 -30.70 30.18
N ASN F 558 55.12 -31.91 30.71
CA ASN F 558 56.20 -32.88 30.65
C ASN F 558 56.62 -33.16 29.22
N ALA F 559 55.66 -33.47 28.35
CA ALA F 559 55.88 -33.56 26.91
C ALA F 559 57.11 -34.39 26.57
N ARG F 560 57.14 -35.63 27.06
CA ARG F 560 58.20 -36.54 26.68
C ARG F 560 57.81 -37.29 25.41
N THR F 561 58.59 -37.12 24.35
CA THR F 561 58.28 -37.75 23.07
C THR F 561 59.54 -37.81 22.24
N SER F 562 59.47 -38.61 21.17
CA SER F 562 60.57 -38.79 20.23
C SER F 562 60.23 -38.06 18.93
N ILE F 563 61.27 -37.56 18.24
CA ILE F 563 61.10 -36.71 17.08
C ILE F 563 61.81 -37.35 15.89
N LEU F 564 61.12 -37.42 14.76
CA LEU F 564 61.72 -37.80 13.49
C LEU F 564 61.32 -36.77 12.45
N ALA F 565 62.30 -36.20 11.77
CA ALA F 565 62.09 -35.11 10.84
C ALA F 565 62.55 -35.52 9.45
N ALA F 566 61.78 -35.14 8.44
CA ALA F 566 62.11 -35.39 7.05
C ALA F 566 62.24 -34.06 6.32
N ALA F 567 63.32 -33.91 5.56
CA ALA F 567 63.57 -32.68 4.82
C ALA F 567 64.48 -32.99 3.64
N ASN F 568 64.63 -32.01 2.75
CA ASN F 568 65.44 -32.19 1.58
C ASN F 568 66.45 -31.05 1.44
N PRO F 569 67.57 -31.28 0.78
CA PRO F 569 68.58 -30.23 0.66
C PRO F 569 68.02 -29.00 -0.03
N LEU F 570 68.53 -27.83 0.38
CA LEU F 570 68.14 -26.60 -0.27
C LEU F 570 68.25 -26.75 -1.78
N TYR F 571 67.37 -26.06 -2.50
CA TYR F 571 67.20 -26.24 -3.94
C TYR F 571 66.65 -27.61 -4.28
N GLY F 572 66.00 -28.27 -3.34
CA GLY F 572 65.42 -29.59 -3.57
C GLY F 572 66.34 -30.76 -3.33
N ARG F 573 67.47 -30.81 -4.01
CA ARG F 573 68.39 -31.94 -3.93
C ARG F 573 69.80 -31.45 -3.60
N TYR F 574 70.60 -32.37 -3.08
CA TYR F 574 71.93 -32.01 -2.61
C TYR F 574 72.81 -31.56 -3.77
N ASN F 575 73.66 -30.57 -3.49
CA ASN F 575 74.64 -30.10 -4.45
C ASN F 575 76.03 -30.52 -3.99
N PRO F 576 76.73 -31.39 -4.71
CA PRO F 576 78.10 -31.72 -4.32
C PRO F 576 78.99 -30.49 -4.20
N ARG F 577 78.78 -29.49 -5.06
CA ARG F 577 79.57 -28.27 -4.95
C ARG F 577 79.36 -27.59 -3.61
N LEU F 578 78.12 -27.54 -3.14
CA LEU F 578 77.84 -26.95 -1.84
C LEU F 578 78.34 -27.87 -0.73
N SER F 579 78.74 -27.24 0.37
CA SER F 579 79.20 -28.00 1.53
C SER F 579 78.02 -28.77 2.13
N PRO F 580 78.31 -29.85 2.86
CA PRO F 580 77.22 -30.60 3.48
C PRO F 580 76.35 -29.74 4.38
N LEU F 581 76.98 -28.85 5.15
CA LEU F 581 76.20 -27.96 6.01
C LEU F 581 75.33 -27.02 5.18
N ASP F 582 75.89 -26.45 4.10
CA ASP F 582 75.13 -25.55 3.27
C ASP F 582 73.91 -26.25 2.67
N ASN F 583 74.12 -27.45 2.11
CA ASN F 583 72.99 -28.21 1.61
C ASN F 583 72.00 -28.50 2.71
N ILE F 584 72.49 -28.76 3.92
CA ILE F 584 71.60 -28.98 5.06
C ILE F 584 70.80 -27.72 5.35
N ASN F 585 71.47 -26.57 5.37
CA ASN F 585 70.80 -25.28 5.59
C ASN F 585 69.97 -25.30 6.88
N LEU F 586 70.59 -25.71 7.98
CA LEU F 586 69.91 -25.76 9.26
C LEU F 586 70.74 -25.07 10.33
N PRO F 587 70.10 -24.53 11.37
CA PRO F 587 70.88 -23.95 12.48
C PRO F 587 71.77 -25.00 13.12
N ALA F 588 72.97 -24.57 13.49
CA ALA F 588 73.91 -25.50 14.13
C ALA F 588 73.32 -26.02 15.44
N ALA F 589 72.67 -25.14 16.20
CA ALA F 589 72.01 -25.60 17.42
C ALA F 589 70.98 -26.67 17.09
N LEU F 590 70.15 -26.43 16.08
CA LEU F 590 69.21 -27.46 15.65
C LEU F 590 69.95 -28.74 15.27
N LEU F 591 70.93 -28.63 14.38
CA LEU F 591 71.64 -29.80 13.90
C LEU F 591 72.14 -30.65 15.05
N SER F 592 72.84 -30.03 16.00
CA SER F 592 73.42 -30.78 17.10
C SER F 592 72.33 -31.45 17.93
N ARG F 593 71.21 -30.78 18.13
CA ARG F 593 70.16 -31.33 19.00
C ARG F 593 69.67 -32.68 18.48
N PHE F 594 69.61 -32.85 17.16
CA PHE F 594 69.37 -34.18 16.61
C PHE F 594 70.49 -35.13 17.02
N ASP F 595 70.10 -36.34 17.43
CA ASP F 595 71.09 -37.38 17.67
C ASP F 595 71.74 -37.84 16.38
N ILE F 596 70.96 -37.94 15.30
CA ILE F 596 71.46 -38.41 14.02
C ILE F 596 70.88 -37.58 12.90
N LEU F 597 71.68 -37.39 11.85
CA LEU F 597 71.21 -36.88 10.57
C LEU F 597 71.69 -37.84 9.49
N PHE F 598 70.76 -38.25 8.62
CA PHE F 598 71.07 -39.16 7.53
C PHE F 598 71.03 -38.40 6.22
N LEU F 599 72.16 -38.40 5.50
CA LEU F 599 72.26 -37.75 4.20
C LEU F 599 72.11 -38.80 3.10
N MET F 600 70.94 -39.42 3.04
CA MET F 600 70.67 -40.35 1.96
C MET F 600 70.51 -39.59 0.66
N LEU F 601 71.21 -40.07 -0.37
CA LEU F 601 71.22 -39.41 -1.67
C LEU F 601 70.90 -40.44 -2.75
N ASP F 602 70.35 -39.95 -3.86
CA ASP F 602 69.92 -40.80 -4.97
C ASP F 602 70.83 -40.54 -6.16
N ILE F 603 71.55 -41.59 -6.59
CA ILE F 603 72.42 -41.52 -7.76
C ILE F 603 72.01 -42.62 -8.72
N PRO F 604 72.03 -42.40 -10.03
CA PRO F 604 71.65 -43.47 -10.96
C PRO F 604 72.65 -44.61 -10.93
N SER F 605 72.16 -45.81 -10.61
CA SER F 605 72.97 -47.02 -10.64
C SER F 605 72.19 -48.08 -11.40
N ARG F 606 72.70 -48.46 -12.57
CA ARG F 606 71.95 -49.37 -13.45
C ARG F 606 71.57 -50.64 -12.71
N ASP F 607 72.52 -51.28 -12.05
CA ASP F 607 72.23 -52.52 -11.34
C ASP F 607 71.30 -52.26 -10.16
N ASP F 608 71.61 -51.26 -9.34
CA ASP F 608 70.76 -50.95 -8.20
C ASP F 608 69.37 -50.50 -8.65
N ASP F 609 69.32 -49.69 -9.71
CA ASP F 609 68.04 -49.28 -10.26
C ASP F 609 67.24 -50.50 -10.70
N GLU F 610 67.89 -51.46 -11.36
CA GLU F 610 67.20 -52.67 -11.78
C GLU F 610 66.67 -53.44 -10.58
N LYS F 611 67.47 -53.57 -9.53
CA LYS F 611 67.04 -54.33 -8.37
C LYS F 611 65.83 -53.67 -7.71
N LEU F 612 65.91 -52.35 -7.51
CA LEU F 612 64.80 -51.64 -6.90
C LEU F 612 63.56 -51.72 -7.76
N ALA F 613 63.72 -51.58 -9.08
CA ALA F 613 62.58 -51.67 -9.97
C ALA F 613 61.94 -53.04 -9.91
N GLU F 614 62.75 -54.10 -9.86
CA GLU F 614 62.21 -55.44 -9.74
C GLU F 614 61.42 -55.59 -8.44
N HIS F 615 61.99 -55.11 -7.34
CA HIS F 615 61.29 -55.20 -6.06
C HIS F 615 59.95 -54.47 -6.12
N VAL F 616 59.96 -53.25 -6.64
CA VAL F 616 58.75 -52.44 -6.69
C VAL F 616 57.72 -53.10 -7.61
N THR F 617 58.17 -53.63 -8.75
CA THR F 617 57.27 -54.29 -9.67
C THR F 617 56.63 -55.51 -9.04
N TYR F 618 57.41 -56.31 -8.31
CA TYR F 618 56.80 -57.42 -7.59
C TYR F 618 55.78 -56.92 -6.59
N VAL F 619 56.12 -55.86 -5.85
CA VAL F 619 55.19 -55.33 -4.86
C VAL F 619 53.88 -54.95 -5.53
N HIS F 620 53.96 -54.32 -6.70
CA HIS F 620 52.74 -54.00 -7.44
C HIS F 620 52.01 -55.26 -7.89
N MET F 621 52.77 -56.18 -8.49
CA MET F 621 52.13 -57.41 -9.03
C MET F 621 51.57 -58.21 -7.87
N HIS F 622 52.37 -58.43 -6.84
CA HIS F 622 51.90 -59.15 -5.63
C HIS F 622 51.95 -58.15 -4.48
N ASN F 623 50.86 -58.01 -3.73
CA ASN F 623 50.83 -56.96 -2.70
C ASN F 623 51.95 -57.26 -1.70
N LYS F 624 52.14 -58.54 -1.35
CA LYS F 624 53.27 -58.87 -0.47
C LYS F 624 54.57 -58.53 -1.20
N GLN F 625 55.55 -57.98 -0.48
CA GLN F 625 56.86 -57.62 -1.08
C GLN F 625 57.56 -58.93 -1.43
N PRO F 626 58.46 -58.98 -2.43
CA PRO F 626 59.05 -60.25 -2.81
C PRO F 626 59.78 -60.73 -1.55
N ASP F 627 59.67 -62.03 -1.24
CA ASP F 627 60.23 -62.52 0.05
C ASP F 627 61.74 -62.31 0.05
N LEU F 628 62.41 -62.56 -1.07
CA LEU F 628 63.88 -62.33 -1.19
C LEU F 628 64.57 -63.12 -0.08
N ASP F 629 64.06 -64.32 0.23
CA ASP F 629 64.66 -65.19 1.28
C ASP F 629 64.71 -64.39 2.59
N PHE F 630 63.68 -63.60 2.87
CA PHE F 630 63.62 -62.86 4.17
C PHE F 630 62.24 -63.09 4.79
N THR F 631 62.19 -63.17 6.12
CA THR F 631 60.88 -63.33 6.80
C THR F 631 60.62 -62.07 7.64
N PRO F 632 59.44 -61.43 7.50
CA PRO F 632 59.16 -60.19 8.22
C PRO F 632 58.18 -60.41 9.38
N VAL F 633 58.58 -59.98 10.58
CA VAL F 633 57.73 -60.14 11.80
C VAL F 633 56.51 -59.22 11.68
N GLU F 634 55.36 -59.58 12.28
CA GLU F 634 54.10 -58.79 12.11
C GLU F 634 54.09 -57.56 13.05
N PRO F 635 53.32 -56.49 12.75
CA PRO F 635 53.36 -55.25 13.55
C PRO F 635 53.12 -55.46 15.02
N SER F 636 52.10 -56.24 15.38
CA SER F 636 51.85 -56.51 16.80
C SER F 636 53.06 -57.15 17.43
N LYS F 637 53.73 -58.05 16.71
CA LYS F 637 54.90 -58.72 17.26
C LYS F 637 56.03 -57.72 17.49
N MET F 638 56.29 -56.83 16.52
CA MET F 638 57.35 -55.86 16.74
C MET F 638 57.02 -54.97 17.93
N ARG F 639 55.77 -54.52 18.04
CA ARG F 639 55.42 -53.64 19.14
C ARG F 639 55.60 -54.35 20.49
N GLU F 640 55.17 -55.60 20.57
CA GLU F 640 55.33 -56.37 21.79
C GLU F 640 56.81 -56.50 22.16
N TYR F 641 57.63 -56.96 21.21
CA TYR F 641 59.04 -57.13 21.50
C TYR F 641 59.71 -55.80 21.83
N ILE F 642 59.27 -54.73 21.18
CA ILE F 642 59.85 -53.42 21.43
C ILE F 642 59.55 -52.97 22.84
N ALA F 643 58.31 -53.15 23.29
CA ALA F 643 57.98 -52.84 24.67
C ALA F 643 58.88 -53.64 25.62
N TYR F 644 58.96 -54.96 25.39
CA TYR F 644 59.77 -55.78 26.29
C TYR F 644 61.21 -55.28 26.34
N ALA F 645 61.80 -55.00 25.17
CA ALA F 645 63.17 -54.52 25.14
C ALA F 645 63.31 -53.18 25.85
N LYS F 646 62.34 -52.29 25.66
CA LYS F 646 62.39 -50.99 26.33
C LYS F 646 62.33 -51.15 27.84
N THR F 647 61.76 -52.24 28.33
CA THR F 647 61.72 -52.46 29.77
C THR F 647 63.11 -52.68 30.37
N LYS F 648 64.14 -52.91 29.55
CA LYS F 648 65.42 -53.37 30.08
C LYS F 648 66.12 -52.30 30.92
N ARG F 649 66.48 -51.18 30.30
CA ARG F 649 67.28 -50.14 30.93
C ARG F 649 68.64 -50.68 31.40
N PRO F 650 69.53 -51.03 30.47
CA PRO F 650 70.84 -51.54 30.86
C PRO F 650 71.74 -50.44 31.42
N VAL F 651 72.84 -50.85 32.04
CA VAL F 651 73.85 -49.95 32.57
C VAL F 651 75.21 -50.34 32.03
N MET F 652 75.97 -49.35 31.54
CA MET F 652 77.18 -49.64 30.79
C MET F 652 78.40 -49.75 31.72
N SER F 653 79.55 -50.07 31.13
CA SER F 653 80.74 -50.46 31.87
C SER F 653 81.91 -49.52 31.58
N GLU F 654 82.98 -49.71 32.36
CA GLU F 654 84.09 -48.77 32.35
C GLU F 654 84.94 -48.88 31.09
N ALA F 655 85.23 -50.11 30.65
CA ALA F 655 85.95 -50.27 29.40
C ALA F 655 85.23 -49.54 28.27
N VAL F 656 83.91 -49.64 28.26
CA VAL F 656 83.12 -48.88 27.28
C VAL F 656 83.34 -47.39 27.49
N ASN F 657 83.45 -46.95 28.74
CA ASN F 657 83.72 -45.54 29.00
C ASN F 657 85.02 -45.10 28.35
N ASP F 658 86.08 -45.88 28.54
CA ASP F 658 87.36 -45.52 27.94
C ASP F 658 87.25 -45.50 26.42
N TYR F 659 86.61 -46.51 25.85
CA TYR F 659 86.47 -46.57 24.40
C TYR F 659 85.73 -45.34 23.87
N VAL F 660 84.58 -45.02 24.48
CA VAL F 660 83.76 -43.92 23.99
C VAL F 660 84.47 -42.59 24.22
N VAL F 661 85.18 -42.45 25.34
CA VAL F 661 85.91 -41.22 25.60
C VAL F 661 86.96 -41.01 24.54
N GLN F 662 87.71 -42.05 24.22
CA GLN F 662 88.74 -41.94 23.19
C GLN F 662 88.11 -41.61 21.84
N ALA F 663 86.99 -42.27 21.51
CA ALA F 663 86.33 -41.99 20.24
C ALA F 663 85.85 -40.55 20.18
N TYR F 664 85.26 -40.06 21.26
CA TYR F 664 84.76 -38.69 21.28
C TYR F 664 85.90 -37.69 21.15
N ILE F 665 87.01 -37.94 21.85
CA ILE F 665 88.17 -37.06 21.73
C ILE F 665 88.67 -37.06 20.30
N ARG F 666 88.74 -38.24 19.69
CA ARG F 666 89.21 -38.35 18.31
C ARG F 666 88.30 -37.56 17.38
N LEU F 667 86.98 -37.69 17.56
CA LEU F 667 86.03 -37.00 16.70
C LEU F 667 86.15 -35.49 16.88
N ARG F 668 86.28 -35.04 18.12
CA ARG F 668 86.43 -33.62 18.37
C ARG F 668 87.70 -33.08 17.73
N GLN F 669 88.79 -33.83 17.82
CA GLN F 669 90.02 -33.40 17.17
C GLN F 669 89.83 -33.34 15.65
N ASP F 670 89.15 -34.35 15.10
CA ASP F 670 88.85 -34.34 13.67
C ASP F 670 88.13 -33.05 13.29
N SER F 671 87.05 -32.74 14.01
CA SER F 671 86.31 -31.51 13.71
C SER F 671 87.20 -30.29 13.88
N LYS F 672 88.01 -30.27 14.93
CA LYS F 672 88.88 -29.13 15.20
C LYS F 672 89.87 -28.93 14.05
N ARG F 673 90.18 -29.99 13.32
CA ARG F 673 91.00 -29.83 12.12
C ARG F 673 90.15 -29.86 10.86
N GLU F 674 88.97 -30.48 10.93
CA GLU F 674 88.13 -30.67 9.75
C GLU F 674 87.03 -29.60 9.71
N MET F 675 87.47 -28.36 9.49
CA MET F 675 86.55 -27.26 9.21
C MET F 675 86.36 -27.05 7.72
N ASP F 676 87.06 -27.79 6.88
CA ASP F 676 86.99 -27.57 5.44
C ASP F 676 85.57 -27.78 4.94
N SER F 677 85.09 -26.83 4.13
CA SER F 677 83.71 -26.87 3.67
C SER F 677 83.39 -28.21 3.02
N LYS F 678 84.31 -28.74 2.23
CA LYS F 678 84.05 -29.99 1.53
C LYS F 678 83.72 -31.11 2.50
N PHE F 679 84.40 -31.15 3.65
CA PHE F 679 84.23 -32.21 4.62
C PHE F 679 83.70 -31.71 5.96
N SER F 680 83.16 -30.49 6.00
CA SER F 680 82.71 -29.90 7.25
C SER F 680 81.25 -30.27 7.49
N PHE F 681 80.99 -31.01 8.58
CA PHE F 681 79.65 -31.40 8.98
C PHE F 681 79.21 -30.73 10.28
N GLY F 682 79.96 -29.75 10.77
CA GLY F 682 79.67 -29.11 12.02
C GLY F 682 80.52 -29.67 13.16
N GLN F 683 80.83 -28.80 14.11
CA GLN F 683 81.69 -29.18 15.21
C GLN F 683 81.01 -30.19 16.12
N ALA F 684 81.79 -31.15 16.60
CA ALA F 684 81.27 -32.12 17.56
C ALA F 684 80.96 -31.42 18.88
N THR F 685 79.94 -31.92 19.56
CA THR F 685 79.44 -31.32 20.79
C THR F 685 79.14 -32.42 21.79
N PRO F 686 79.08 -32.07 23.08
CA PRO F 686 78.73 -33.08 24.09
C PRO F 686 77.42 -33.77 23.78
N ARG F 687 76.46 -33.05 23.19
CA ARG F 687 75.22 -33.68 22.78
C ARG F 687 75.48 -34.85 21.85
N THR F 688 76.53 -34.75 21.02
CA THR F 688 76.90 -35.88 20.16
C THR F 688 77.30 -37.09 20.99
N LEU F 689 78.11 -36.87 22.03
CA LEU F 689 78.50 -37.97 22.89
C LEU F 689 77.29 -38.57 23.59
N LEU F 690 76.38 -37.73 24.08
CA LEU F 690 75.18 -38.23 24.72
C LEU F 690 74.33 -39.04 23.76
N GLY F 691 74.21 -38.59 22.52
CA GLY F 691 73.48 -39.35 21.52
C GLY F 691 74.13 -40.69 21.25
N ILE F 692 75.46 -40.71 21.19
CA ILE F 692 76.16 -41.98 20.99
C ILE F 692 75.85 -42.92 22.15
N ILE F 693 75.87 -42.41 23.37
CA ILE F 693 75.57 -43.23 24.54
C ILE F 693 74.15 -43.75 24.46
N ARG F 694 73.21 -42.90 24.05
CA ARG F 694 71.83 -43.31 23.90
C ARG F 694 71.70 -44.42 22.87
N LEU F 695 72.40 -44.29 21.75
CA LEU F 695 72.33 -45.31 20.71
C LEU F 695 72.90 -46.63 21.21
N SER F 696 74.01 -46.58 21.93
CA SER F 696 74.58 -47.80 22.50
C SER F 696 73.60 -48.44 23.47
N GLN F 697 72.95 -47.64 24.31
CA GLN F 697 71.98 -48.17 25.26
C GLN F 697 70.80 -48.79 24.53
N ALA F 698 70.34 -48.15 23.45
CA ALA F 698 69.27 -48.73 22.65
C ALA F 698 69.70 -50.07 22.06
N LEU F 699 70.92 -50.13 21.53
CA LEU F 699 71.42 -51.39 20.99
C LEU F 699 71.39 -52.48 22.06
N ALA F 700 71.83 -52.12 23.28
CA ALA F 700 71.76 -53.08 24.38
C ALA F 700 70.32 -53.49 24.64
N LYS F 701 69.39 -52.54 24.59
CA LYS F 701 67.99 -52.86 24.76
C LYS F 701 67.55 -53.92 23.75
N LEU F 702 67.86 -53.71 22.48
CA LEU F 702 67.54 -54.70 21.46
C LEU F 702 68.17 -56.04 21.81
N ARG F 703 69.47 -56.04 22.07
CA ARG F 703 70.15 -57.28 22.47
C ARG F 703 69.67 -57.73 23.84
N LEU F 704 68.95 -56.88 24.57
CA LEU F 704 68.35 -57.18 25.85
C LEU F 704 69.39 -57.38 26.94
N ALA F 705 70.65 -57.05 26.68
CA ALA F 705 71.69 -57.21 27.69
C ALA F 705 71.43 -56.29 28.86
N ASP F 706 71.90 -56.70 30.04
CA ASP F 706 71.77 -55.86 31.22
C ASP F 706 72.76 -54.69 31.18
N MET F 707 73.81 -54.81 30.39
CA MET F 707 74.84 -53.78 30.30
C MET F 707 75.20 -53.54 28.85
N VAL F 708 75.52 -52.28 28.54
CA VAL F 708 75.95 -51.93 27.20
C VAL F 708 77.32 -52.55 26.93
N ASP F 709 77.51 -53.01 25.70
CA ASP F 709 78.74 -53.67 25.29
C ASP F 709 79.51 -52.79 24.32
N ILE F 710 80.83 -52.98 24.31
CA ILE F 710 81.67 -52.25 23.36
C ILE F 710 81.20 -52.50 21.93
N ASP F 711 80.64 -53.68 21.68
CA ASP F 711 80.08 -53.97 20.36
C ASP F 711 79.01 -52.94 20.00
N ASP F 712 78.13 -52.62 20.94
CA ASP F 712 77.11 -51.61 20.68
C ASP F 712 77.73 -50.26 20.37
N VAL F 713 78.79 -49.90 21.10
CA VAL F 713 79.42 -48.60 20.90
C VAL F 713 80.01 -48.52 19.49
N GLU F 714 80.76 -49.55 19.10
CA GLU F 714 81.34 -49.54 17.76
C GLU F 714 80.26 -49.57 16.70
N GLU F 715 79.14 -50.25 16.97
CA GLU F 715 78.04 -50.25 16.02
C GLU F 715 77.46 -48.85 15.84
N ALA F 716 77.25 -48.14 16.94
CA ALA F 716 76.73 -46.78 16.85
C ALA F 716 77.71 -45.88 16.12
N LEU F 717 79.00 -46.02 16.42
CA LEU F 717 80.01 -45.25 15.72
C LEU F 717 79.97 -45.55 14.22
N ARG F 718 79.79 -46.83 13.87
CA ARG F 718 79.66 -47.19 12.47
C ARG F 718 78.44 -46.56 11.84
N LEU F 719 77.32 -46.52 12.57
CA LEU F 719 76.12 -45.89 12.03
C LEU F 719 76.38 -44.42 11.73
N VAL F 720 76.98 -43.70 12.68
CA VAL F 720 77.25 -42.28 12.46
C VAL F 720 78.23 -42.11 11.30
N ARG F 721 79.27 -42.94 11.26
CA ARG F 721 80.26 -42.82 10.21
C ARG F 721 79.65 -43.08 8.85
N VAL F 722 78.74 -44.05 8.76
CA VAL F 722 78.05 -44.31 7.50
C VAL F 722 77.18 -43.13 7.11
N SER F 723 76.45 -42.58 8.08
CA SER F 723 75.63 -41.41 7.80
C SER F 723 76.45 -40.30 7.19
N LYS F 724 77.64 -40.04 7.76
CA LYS F 724 78.48 -38.96 7.24
C LYS F 724 79.16 -39.36 5.93
N GLU F 725 79.51 -40.63 5.78
CA GLU F 725 80.33 -41.06 4.65
C GLU F 725 79.48 -41.25 3.41
N SER F 726 78.16 -41.36 3.56
CA SER F 726 77.31 -41.51 2.39
C SER F 726 77.61 -40.44 1.35
N LEU F 727 77.80 -39.20 1.78
CA LEU F 727 78.23 -38.15 0.87
C LEU F 727 79.67 -38.37 0.43
N TYR F 728 80.58 -38.63 1.38
CA TYR F 728 81.98 -38.81 1.03
C TYR F 728 82.16 -39.91 0.02
N GLN F 729 81.35 -40.97 0.11
CA GLN F 729 81.41 -42.03 -0.89
C GLN F 729 81.17 -41.47 -2.28
N GLU F 730 80.27 -40.51 -2.41
CA GLU F 730 80.03 -39.81 -3.67
C GLU F 730 79.58 -40.80 -4.74
N MET G 1 18.69 -26.44 -45.12
CA MET G 1 17.95 -27.16 -46.20
C MET G 1 17.24 -26.15 -47.10
N TYR G 2 16.82 -26.60 -48.28
CA TYR G 2 16.19 -25.71 -49.24
C TYR G 2 15.00 -24.97 -48.62
N GLY G 3 14.27 -25.63 -47.74
CA GLY G 3 13.07 -25.02 -47.19
C GLY G 3 13.36 -23.91 -46.19
N ASP G 4 14.62 -23.78 -45.77
CA ASP G 4 14.96 -22.77 -44.78
C ASP G 4 14.71 -21.37 -45.30
N LEU G 5 15.09 -21.11 -46.55
CA LEU G 5 14.88 -19.78 -47.12
C LEU G 5 13.39 -19.47 -47.22
N GLY G 6 12.60 -20.45 -47.66
CA GLY G 6 11.16 -20.24 -47.68
C GLY G 6 10.59 -20.00 -46.30
N ASN G 7 11.13 -20.69 -45.30
CA ASN G 7 10.69 -20.46 -43.93
C ASN G 7 10.97 -19.02 -43.51
N LYS G 8 12.16 -18.52 -43.84
CA LYS G 8 12.47 -17.13 -43.53
C LYS G 8 11.52 -16.19 -44.24
N LEU G 9 11.25 -16.46 -45.52
CA LEU G 9 10.35 -15.59 -46.28
C LEU G 9 8.96 -15.56 -45.68
N VAL G 10 8.43 -16.74 -45.32
CA VAL G 10 7.08 -16.78 -44.75
C VAL G 10 7.07 -16.15 -43.37
N LEU G 11 8.17 -16.25 -42.64
CA LEU G 11 8.28 -15.54 -41.37
C LEU G 11 8.17 -14.04 -41.60
N GLU G 12 8.86 -13.54 -42.62
CA GLU G 12 8.75 -12.12 -42.97
C GLU G 12 7.32 -11.77 -43.34
N ALA G 13 6.66 -12.64 -44.10
CA ALA G 13 5.28 -12.40 -44.50
C ALA G 13 4.38 -12.31 -43.27
N LYS G 14 4.54 -13.24 -42.32
CA LYS G 14 3.76 -13.19 -41.09
C LYS G 14 4.04 -11.91 -40.33
N ARG G 15 5.30 -11.51 -40.25
CA ARG G 15 5.64 -10.29 -39.53
C ARG G 15 4.95 -9.08 -40.14
N THR G 16 4.95 -8.99 -41.47
CA THR G 16 4.32 -7.84 -42.11
C THR G 16 2.80 -7.90 -41.98
N LYS G 17 2.23 -9.10 -42.01
CA LYS G 17 0.79 -9.22 -41.79
C LYS G 17 0.43 -8.70 -40.41
N GLN G 18 1.18 -9.11 -39.40
CA GLN G 18 0.94 -8.62 -38.05
C GLN G 18 1.20 -7.12 -37.97
N LEU G 19 2.21 -6.64 -38.68
CA LEU G 19 2.46 -5.21 -38.76
C LEU G 19 1.20 -4.47 -39.21
N TYR G 20 0.61 -4.90 -40.33
CA TYR G 20 -0.56 -4.21 -40.83
C TYR G 20 -1.75 -4.35 -39.89
N ALA G 21 -2.02 -5.57 -39.44
CA ALA G 21 -3.21 -5.80 -38.64
C ALA G 21 -3.15 -5.06 -37.31
N ARG G 22 -2.02 -5.16 -36.59
CA ARG G 22 -1.92 -4.53 -35.29
C ARG G 22 -2.08 -3.02 -35.39
N SER G 23 -1.44 -2.41 -36.37
CA SER G 23 -1.58 -0.97 -36.60
C SER G 23 -2.96 -0.69 -37.16
N ASN G 24 -3.79 0.01 -36.39
CA ASN G 24 -5.13 0.33 -36.85
C ASN G 24 -5.08 1.18 -38.13
N GLN G 25 -4.25 2.20 -38.15
CA GLN G 25 -4.10 3.02 -39.34
C GLN G 25 -3.33 2.27 -40.41
N ASP G 26 -3.67 2.53 -41.66
CA ASP G 26 -3.02 1.82 -42.77
C ASP G 26 -1.53 2.11 -42.78
N VAL G 27 -0.73 1.07 -42.99
CA VAL G 27 0.71 1.16 -42.92
C VAL G 27 1.30 0.74 -44.26
N ASN G 28 2.21 1.56 -44.77
CA ASN G 28 2.92 1.21 -45.99
C ASN G 28 3.65 -0.11 -45.80
N LEU G 29 3.50 -1.01 -46.76
CA LEU G 29 4.07 -2.34 -46.63
C LEU G 29 5.59 -2.27 -46.64
N PRO G 30 6.27 -3.25 -46.05
CA PRO G 30 7.72 -3.22 -46.01
C PRO G 30 8.34 -3.42 -47.37
N MET G 31 9.66 -3.26 -47.43
CA MET G 31 10.39 -3.45 -48.67
C MET G 31 10.25 -4.89 -49.16
N TYR G 32 10.13 -5.04 -50.47
CA TYR G 32 10.18 -6.36 -51.07
C TYR G 32 11.55 -6.99 -50.84
N HIS G 33 11.56 -8.23 -50.35
CA HIS G 33 12.80 -8.90 -49.97
C HIS G 33 13.44 -9.53 -51.20
N GLU G 34 13.68 -8.68 -52.20
CA GLU G 34 14.14 -9.16 -53.50
C GLU G 34 15.29 -10.14 -53.36
N ASP G 35 16.19 -9.90 -52.41
CA ASP G 35 17.33 -10.80 -52.23
C ASP G 35 16.86 -12.21 -51.90
N ILE G 36 15.92 -12.34 -50.96
CA ILE G 36 15.47 -13.66 -50.54
C ILE G 36 14.78 -14.38 -51.69
N ILE G 37 13.94 -13.66 -52.43
CA ILE G 37 13.27 -14.27 -53.58
C ILE G 37 14.29 -14.74 -54.61
N ARG G 38 15.29 -13.91 -54.88
CA ARG G 38 16.31 -14.30 -55.85
C ARG G 38 17.05 -15.55 -55.38
N ASN G 39 17.40 -15.60 -54.10
CA ASN G 39 18.10 -16.76 -53.58
C ASN G 39 17.25 -18.01 -53.71
N ILE G 40 15.96 -17.91 -53.38
CA ILE G 40 15.09 -19.06 -53.49
C ILE G 40 14.95 -19.49 -54.95
N LEU G 41 14.88 -18.52 -55.86
CA LEU G 41 14.81 -18.84 -57.28
C LEU G 41 16.07 -19.54 -57.74
N LYS G 42 17.23 -19.11 -57.24
CA LYS G 42 18.47 -19.79 -57.57
C LYS G 42 18.45 -21.23 -57.05
N GLU G 43 17.95 -21.43 -55.84
CA GLU G 43 17.80 -22.78 -55.33
C GLU G 43 16.90 -23.61 -56.23
N VAL G 44 15.79 -23.02 -56.69
CA VAL G 44 14.87 -23.74 -57.56
C VAL G 44 15.56 -24.11 -58.87
N SER G 45 16.34 -23.18 -59.42
CA SER G 45 17.07 -23.47 -60.65
C SER G 45 18.07 -24.60 -60.44
N ASN G 46 18.77 -24.59 -59.30
CA ASN G 46 19.68 -25.66 -58.99
C ASN G 46 18.95 -27.00 -58.90
N LEU G 47 17.77 -26.99 -58.29
CA LEU G 47 16.97 -28.21 -58.22
C LEU G 47 16.56 -28.66 -59.62
N ARG G 48 16.26 -27.71 -60.49
CA ARG G 48 15.92 -28.06 -61.88
C ARG G 48 17.10 -28.74 -62.56
N LYS G 49 18.30 -28.19 -62.39
CA LYS G 49 19.50 -28.81 -62.94
C LYS G 49 19.68 -30.21 -62.37
N ASN G 50 19.45 -30.36 -61.06
CA ASN G 50 19.59 -31.66 -60.43
C ASN G 50 18.60 -32.66 -61.01
N THR G 51 17.36 -32.24 -61.24
CA THR G 51 16.37 -33.12 -61.84
C THR G 51 16.78 -33.52 -63.25
N GLU G 52 17.30 -32.57 -64.03
CA GLU G 52 17.73 -32.92 -65.38
C GLU G 52 18.88 -33.92 -65.35
N TYR G 53 19.85 -33.70 -64.47
CA TYR G 53 20.94 -34.66 -64.34
C TYR G 53 20.43 -36.00 -63.85
N LEU G 54 19.40 -35.99 -62.99
CA LEU G 54 18.82 -37.23 -62.51
C LEU G 54 18.16 -38.00 -63.65
N LYS G 55 17.46 -37.29 -64.53
CA LYS G 55 16.90 -37.93 -65.72
C LYS G 55 18.01 -38.49 -66.60
N GLU G 56 19.09 -37.73 -66.76
CA GLU G 56 20.24 -38.24 -67.51
C GLU G 56 20.74 -39.55 -66.90
N GLN G 57 20.88 -39.60 -65.58
CA GLN G 57 21.34 -40.82 -64.94
C GLN G 57 20.32 -41.95 -65.08
N GLN G 58 19.03 -41.61 -65.08
CA GLN G 58 18.00 -42.60 -65.34
C GLN G 58 18.20 -43.23 -66.71
N GLN G 59 18.49 -42.41 -67.72
CA GLN G 59 18.91 -42.96 -69.00
C GLN G 59 20.16 -43.80 -68.84
N LEU G 60 21.04 -43.42 -67.92
CA LEU G 60 22.14 -44.31 -67.55
C LEU G 60 21.64 -45.48 -66.70
N GLY G 61 20.48 -45.31 -66.07
CA GLY G 61 19.86 -46.41 -65.33
C GLY G 61 20.64 -46.85 -64.11
N MET G 62 21.12 -45.91 -63.31
CA MET G 62 21.87 -46.23 -62.10
C MET G 62 20.87 -46.39 -60.95
N LEU G 63 20.32 -47.60 -60.83
CA LEU G 63 19.31 -47.90 -59.82
C LEU G 63 18.16 -46.90 -59.88
N ASP G 64 17.71 -46.60 -61.11
CA ASP G 64 16.75 -45.53 -61.29
C ASP G 64 15.43 -45.83 -60.58
N ASP G 65 14.95 -47.07 -60.68
CA ASP G 65 13.59 -47.39 -60.21
C ASP G 65 13.37 -46.90 -58.79
N LYS G 66 14.37 -47.05 -57.92
CA LYS G 66 14.27 -46.60 -56.54
C LYS G 66 15.00 -45.30 -56.30
N VAL G 67 16.29 -45.24 -56.66
CA VAL G 67 17.09 -44.05 -56.36
C VAL G 67 16.54 -42.84 -57.09
N ALA G 68 16.33 -42.96 -58.40
CA ALA G 68 15.80 -41.84 -59.17
C ALA G 68 14.37 -41.53 -58.75
N LYS G 69 13.57 -42.56 -58.53
CA LYS G 69 12.23 -42.36 -57.98
C LYS G 69 12.27 -41.41 -56.80
N CYS G 70 13.00 -41.80 -55.75
CA CYS G 70 13.01 -41.02 -54.51
C CYS G 70 13.60 -39.64 -54.74
N GLN G 71 14.72 -39.56 -55.47
CA GLN G 71 15.40 -38.29 -55.64
C GLN G 71 14.52 -37.31 -56.41
N TYR G 72 13.90 -37.77 -57.49
CA TYR G 72 12.99 -36.93 -58.26
C TYR G 72 11.83 -36.48 -57.40
N PHE G 73 11.23 -37.40 -56.64
CA PHE G 73 10.08 -37.02 -55.82
C PHE G 73 10.47 -35.98 -54.77
N VAL G 74 11.62 -36.16 -54.12
CA VAL G 74 12.01 -35.22 -53.07
C VAL G 74 12.36 -33.87 -53.66
N THR G 75 13.03 -33.87 -54.82
CA THR G 75 13.31 -32.60 -55.48
C THR G 75 12.03 -31.87 -55.83
N LEU G 76 11.06 -32.60 -56.37
CA LEU G 76 9.78 -31.99 -56.70
C LEU G 76 9.11 -31.44 -55.46
N LEU G 77 9.16 -32.19 -54.35
CA LEU G 77 8.50 -31.74 -53.13
C LEU G 77 9.16 -30.48 -52.59
N CYS G 78 10.48 -30.42 -52.59
CA CYS G 78 11.16 -29.21 -52.14
C CYS G 78 10.81 -28.04 -53.02
N MET G 79 10.79 -28.25 -54.33
CA MET G 79 10.44 -27.17 -55.25
C MET G 79 9.02 -26.69 -55.00
N GLU G 80 8.10 -27.63 -54.76
CA GLU G 80 6.72 -27.25 -54.46
C GLU G 80 6.63 -26.47 -53.16
N ARG G 81 7.39 -26.88 -52.15
CA ARG G 81 7.39 -26.14 -50.89
C ARG G 81 7.85 -24.71 -51.11
N ASN G 82 8.93 -24.54 -51.87
CA ASN G 82 9.39 -23.19 -52.18
C ASN G 82 8.33 -22.42 -52.95
N LYS G 83 7.68 -23.08 -53.91
CA LYS G 83 6.62 -22.44 -54.66
C LYS G 83 5.53 -21.92 -53.75
N ARG G 84 5.09 -22.76 -52.83
CA ARG G 84 4.01 -22.37 -51.92
C ARG G 84 4.45 -21.20 -51.04
N CYS G 85 5.69 -21.24 -50.54
CA CYS G 85 6.15 -20.13 -49.71
C CYS G 85 6.14 -18.82 -50.49
N LEU G 86 6.71 -18.83 -51.70
CA LEU G 86 6.73 -17.62 -52.51
C LEU G 86 5.33 -17.14 -52.81
N LEU G 87 4.43 -18.08 -53.15
CA LEU G 87 3.06 -17.71 -53.47
C LEU G 87 2.40 -17.05 -52.28
N ALA G 88 2.57 -17.61 -51.08
CA ALA G 88 1.95 -17.05 -49.90
C ALA G 88 2.46 -15.63 -49.65
N TYR G 89 3.77 -15.44 -49.70
CA TYR G 89 4.32 -14.11 -49.47
C TYR G 89 3.77 -13.12 -50.48
N GLN G 90 3.83 -13.47 -51.77
CA GLN G 90 3.37 -12.57 -52.80
C GLN G 90 1.89 -12.27 -52.67
N ARG G 91 1.10 -13.30 -52.35
CA ARG G 91 -0.34 -13.10 -52.21
C ARG G 91 -0.65 -12.19 -51.04
N LEU G 92 0.05 -12.35 -49.92
CA LEU G 92 -0.18 -11.45 -48.80
C LEU G 92 0.11 -10.01 -49.20
N ARG G 93 1.25 -9.79 -49.88
CA ARG G 93 1.55 -8.44 -50.31
C ARG G 93 0.47 -7.93 -51.26
N THR G 94 -0.01 -8.80 -52.16
CA THR G 94 -1.05 -8.40 -53.10
C THR G 94 -2.32 -7.99 -52.36
N ASP G 95 -2.71 -8.76 -51.37
CA ASP G 95 -3.94 -8.46 -50.65
C ASP G 95 -3.82 -7.15 -49.87
N ILE G 96 -2.66 -6.91 -49.27
CA ILE G 96 -2.48 -5.63 -48.58
C ILE G 96 -2.50 -4.49 -49.57
N LEU G 97 -1.92 -4.69 -50.75
CA LEU G 97 -2.00 -3.66 -51.78
C LEU G 97 -3.44 -3.39 -52.17
N ASP G 98 -4.24 -4.44 -52.29
CA ASP G 98 -5.65 -4.27 -52.62
C ASP G 98 -6.37 -3.51 -51.52
N SER G 99 -6.04 -3.80 -50.27
CA SER G 99 -6.63 -3.06 -49.16
C SER G 99 -6.29 -1.59 -49.26
N MET G 100 -5.03 -1.29 -49.56
CA MET G 100 -4.63 0.11 -49.76
C MET G 100 -5.42 0.75 -50.89
N ALA G 101 -5.55 0.03 -52.00
CA ALA G 101 -6.26 0.59 -53.15
C ALA G 101 -7.70 0.92 -52.79
N TRP G 102 -8.40 -0.04 -52.18
CA TRP G 102 -9.79 0.20 -51.82
C TRP G 102 -9.91 1.34 -50.83
N ASN G 103 -9.03 1.37 -49.82
CA ASN G 103 -9.17 2.34 -48.75
C ASN G 103 -8.98 3.77 -49.27
N ASN G 104 -7.89 4.03 -49.96
CA ASN G 104 -7.51 5.39 -50.31
C ASN G 104 -7.47 5.66 -51.80
N ASN G 105 -6.86 4.77 -52.59
CA ASN G 105 -6.70 5.05 -54.02
C ASN G 105 -8.05 5.26 -54.68
N GLY G 106 -9.02 4.41 -54.37
CA GLY G 106 -10.37 4.64 -54.87
C GLY G 106 -10.93 5.97 -54.40
N LEU G 107 -10.47 6.44 -53.24
CA LEU G 107 -10.90 7.73 -52.70
C LEU G 107 -9.84 8.79 -52.97
N ASP G 119 5.03 5.16 -51.12
CA ASP G 119 5.90 4.03 -50.82
C ASP G 119 6.06 3.13 -52.03
N THR G 120 5.94 3.72 -53.22
CA THR G 120 6.08 2.94 -54.45
C THR G 120 7.41 2.19 -54.48
N ASN G 121 8.44 2.79 -53.90
CA ASN G 121 9.74 2.14 -53.88
C ASN G 121 9.68 0.80 -53.16
N ASN G 122 8.86 0.70 -52.11
CA ASN G 122 8.73 -0.57 -51.40
C ASN G 122 8.14 -1.64 -52.31
N LEU G 123 7.38 -1.23 -53.32
CA LEU G 123 6.71 -2.19 -54.18
C LEU G 123 7.61 -2.65 -55.31
N SER G 124 7.58 -3.94 -55.59
CA SER G 124 8.23 -4.47 -56.78
C SER G 124 7.54 -3.91 -58.02
N HIS G 125 8.33 -3.70 -59.07
CA HIS G 125 7.77 -3.12 -60.29
C HIS G 125 6.58 -3.94 -60.78
N GLN G 126 6.66 -5.26 -60.68
CA GLN G 126 5.49 -6.08 -60.96
C GLN G 126 4.36 -5.74 -60.00
N GLU G 127 4.68 -5.57 -58.71
CA GLU G 127 3.67 -5.21 -57.74
C GLU G 127 3.08 -3.84 -58.06
N GLN G 128 3.93 -2.90 -58.47
CA GLN G 128 3.44 -1.57 -58.81
C GLN G 128 2.48 -1.64 -60.00
N GLU G 129 2.87 -2.39 -61.04
CA GLU G 129 1.99 -2.55 -62.18
C GLU G 129 0.67 -3.19 -61.78
N TYR G 130 0.73 -4.22 -60.94
CA TYR G 130 -0.48 -4.89 -60.50
C TYR G 130 -1.38 -3.95 -59.73
N LEU G 131 -0.80 -3.13 -58.86
CA LEU G 131 -1.59 -2.16 -58.10
C LEU G 131 -2.23 -1.15 -59.03
N LYS G 132 -1.49 -0.68 -60.02
CA LYS G 132 -2.07 0.23 -60.99
C LYS G 132 -3.25 -0.42 -61.71
N GLU G 133 -3.08 -1.67 -62.13
CA GLU G 133 -4.15 -2.38 -62.80
C GLU G 133 -5.36 -2.54 -61.88
N TYR G 134 -5.12 -2.80 -60.60
CA TYR G 134 -6.21 -2.97 -59.65
C TYR G 134 -6.97 -1.66 -59.48
N CYS G 135 -6.25 -0.54 -59.41
CA CYS G 135 -6.92 0.75 -59.34
C CYS G 135 -7.75 0.99 -60.59
N ASP G 136 -7.20 0.65 -61.76
CA ASP G 136 -7.98 0.77 -62.99
C ASP G 136 -9.24 -0.07 -62.90
N LEU G 137 -9.13 -1.29 -62.39
CA LEU G 137 -10.29 -2.16 -62.27
C LEU G 137 -11.34 -1.56 -61.35
N ILE G 138 -10.90 -1.03 -60.21
CA ILE G 138 -11.86 -0.46 -59.27
C ILE G 138 -12.59 0.72 -59.90
N THR G 139 -11.85 1.62 -60.55
CA THR G 139 -12.50 2.75 -61.18
C THR G 139 -13.43 2.30 -62.30
N ASP G 140 -13.08 1.20 -62.97
CA ASP G 140 -13.99 0.64 -63.95
C ASP G 140 -15.28 0.18 -63.29
N LEU G 141 -15.17 -0.48 -62.14
CA LEU G 141 -16.37 -0.95 -61.45
C LEU G 141 -17.26 0.20 -61.02
N LYS G 142 -16.71 1.19 -60.31
CA LYS G 142 -17.56 2.25 -59.80
C LYS G 142 -18.13 3.08 -60.95
N SER G 143 -17.51 3.00 -62.12
CA SER G 143 -18.02 3.65 -63.32
C SER G 143 -18.90 2.68 -64.08
N GLY G 144 -20.08 3.13 -64.47
CA GLY G 144 -21.03 2.31 -65.20
C GLY G 144 -22.19 1.97 -64.32
N ASP G 145 -22.77 0.79 -64.55
CA ASP G 145 -23.85 0.33 -63.70
C ASP G 145 -23.38 0.27 -62.25
N LEU G 146 -24.28 0.60 -61.33
CA LEU G 146 -23.98 0.68 -59.91
C LEU G 146 -23.23 1.96 -59.56
N VAL G 147 -23.07 2.88 -60.52
CA VAL G 147 -22.35 4.11 -60.25
C VAL G 147 -23.05 4.91 -59.16
N ASP G 148 -24.38 4.81 -59.08
CA ASP G 148 -25.13 5.61 -58.13
C ASP G 148 -24.55 5.48 -56.73
N ILE G 149 -24.22 4.24 -56.33
CA ILE G 149 -23.52 4.05 -55.06
C ILE G 149 -22.02 4.16 -55.31
N ASP G 150 -21.32 4.74 -54.36
CA ASP G 150 -19.86 4.93 -54.43
C ASP G 150 -19.19 3.79 -53.69
N LEU G 151 -18.83 2.74 -54.42
CA LEU G 151 -18.22 1.57 -53.78
C LEU G 151 -17.02 1.97 -52.94
N SER G 152 -16.24 2.94 -53.39
CA SER G 152 -15.12 3.42 -52.59
C SER G 152 -15.60 4.14 -51.34
N GLY G 153 -16.90 4.47 -51.28
CA GLY G 153 -17.41 5.18 -50.13
C GLY G 153 -17.15 4.43 -48.84
N SER G 154 -17.28 5.15 -47.72
CA SER G 154 -17.02 4.56 -46.42
C SER G 154 -17.95 3.38 -46.15
N LEU G 155 -17.41 2.35 -45.50
CA LEU G 155 -18.23 1.22 -45.10
C LEU G 155 -18.84 1.44 -43.72
N VAL G 156 -18.63 2.61 -43.14
CA VAL G 156 -19.30 2.91 -41.87
C VAL G 156 -20.72 3.37 -42.16
N PRO G 157 -21.73 2.90 -41.45
CA PRO G 157 -23.10 3.33 -41.72
C PRO G 157 -23.25 4.83 -41.48
N PRO G 158 -24.09 5.51 -42.27
CA PRO G 158 -24.28 6.96 -42.08
C PRO G 158 -25.31 7.26 -41.01
N SER G 159 -24.93 7.02 -39.75
CA SER G 159 -25.86 7.22 -38.65
C SER G 159 -26.27 8.69 -38.52
N ASP G 160 -25.34 9.60 -38.73
CA ASP G 160 -25.55 11.02 -38.47
C ASP G 160 -25.85 11.74 -39.79
N VAL G 161 -26.99 12.42 -39.84
CA VAL G 161 -27.32 13.22 -41.02
C VAL G 161 -26.42 14.45 -41.09
N PHE G 162 -26.23 15.13 -39.96
CA PHE G 162 -25.47 16.37 -39.91
C PHE G 162 -24.36 16.26 -38.88
N ILE G 163 -23.20 16.81 -39.20
CA ILE G 163 -22.04 16.76 -38.35
C ILE G 163 -21.35 18.12 -38.37
N ASP G 164 -20.96 18.59 -37.19
CA ASP G 164 -20.12 19.78 -37.11
C ASP G 164 -18.66 19.39 -37.25
N VAL G 165 -17.92 20.18 -38.01
CA VAL G 165 -16.55 19.84 -38.37
C VAL G 165 -15.67 21.08 -38.25
N ARG G 166 -14.47 20.87 -37.72
CA ARG G 166 -13.44 21.92 -37.65
C ARG G 166 -12.32 21.55 -38.60
N VAL G 167 -11.90 22.51 -39.44
CA VAL G 167 -10.89 22.22 -40.45
C VAL G 167 -9.57 21.95 -39.77
N LEU G 168 -9.12 20.70 -39.83
CA LEU G 168 -7.84 20.35 -39.23
C LEU G 168 -6.68 21.07 -39.90
N LYS G 169 -6.69 21.12 -41.23
CA LYS G 169 -5.65 21.79 -42.00
C LYS G 169 -6.30 22.77 -42.97
N ASP G 170 -5.83 24.01 -42.95
CA ASP G 170 -6.33 25.02 -43.88
C ASP G 170 -5.89 24.67 -45.29
N ALA G 171 -6.83 24.72 -46.24
CA ALA G 171 -6.55 24.45 -47.64
C ALA G 171 -7.24 25.42 -48.57
N GLY G 172 -7.87 26.48 -48.05
CA GLY G 172 -8.58 27.42 -48.89
C GLY G 172 -9.99 26.94 -49.19
N GLU G 173 -10.74 27.81 -49.86
CA GLU G 173 -12.12 27.50 -50.21
C GLU G 173 -12.17 26.27 -51.11
N ILE G 174 -13.25 25.51 -50.97
CA ILE G 174 -13.50 24.32 -51.78
C ILE G 174 -14.92 24.38 -52.30
N GLN G 175 -15.16 23.71 -53.43
CA GLN G 175 -16.45 23.78 -54.08
C GLN G 175 -17.38 22.68 -53.55
N THR G 176 -18.68 22.87 -53.79
CA THR G 176 -19.68 21.89 -53.41
C THR G 176 -20.80 21.94 -54.45
N GLU G 177 -21.64 20.89 -54.44
CA GLU G 177 -22.70 20.80 -55.44
C GLU G 177 -23.54 22.08 -55.47
N TYR G 178 -23.88 22.61 -54.30
CA TYR G 178 -24.68 23.82 -54.20
C TYR G 178 -24.04 24.88 -53.31
N GLY G 179 -22.79 24.68 -52.89
CA GLY G 179 -22.16 25.61 -51.98
C GLY G 179 -20.65 25.60 -52.14
N VAL G 180 -19.99 26.38 -51.28
CA VAL G 180 -18.55 26.44 -51.21
C VAL G 180 -18.15 26.50 -49.74
N PHE G 181 -17.14 25.72 -49.37
CA PHE G 181 -16.64 25.70 -48.00
C PHE G 181 -15.30 26.41 -47.94
N ASN G 182 -15.21 27.42 -47.07
CA ASN G 182 -13.97 28.15 -46.88
C ASN G 182 -13.16 27.48 -45.77
N LEU G 183 -12.13 26.73 -46.17
CA LEU G 183 -11.28 26.02 -45.23
C LEU G 183 -10.31 27.01 -44.62
N ILE G 184 -10.58 27.43 -43.39
CA ILE G 184 -9.78 28.42 -42.68
C ILE G 184 -9.37 27.83 -41.35
N LYS G 185 -8.07 27.71 -41.12
CA LYS G 185 -7.57 27.06 -39.93
C LYS G 185 -8.35 27.51 -38.69
N ASP G 186 -8.74 26.53 -37.88
CA ASP G 186 -9.52 26.80 -36.67
C ASP G 186 -10.85 27.48 -37.00
N SER G 187 -11.49 27.03 -38.07
CA SER G 187 -12.86 27.43 -38.41
C SER G 187 -13.72 26.19 -38.45
N GLN G 188 -14.93 26.29 -37.91
CA GLN G 188 -15.82 25.15 -37.75
C GLN G 188 -17.03 25.29 -38.66
N PHE G 189 -17.47 24.16 -39.20
CA PHE G 189 -18.60 24.10 -40.12
C PHE G 189 -19.63 23.12 -39.59
N PHE G 190 -20.90 23.46 -39.75
CA PHE G 190 -22.00 22.55 -39.46
C PHE G 190 -22.66 22.17 -40.78
N VAL G 191 -22.31 21.00 -41.31
CA VAL G 191 -22.75 20.58 -42.64
C VAL G 191 -23.04 19.09 -42.61
N ARG G 192 -23.85 18.64 -43.56
CA ARG G 192 -24.19 17.23 -43.67
C ARG G 192 -22.95 16.39 -43.85
N GLN G 193 -22.91 15.26 -43.15
CA GLN G 193 -21.72 14.40 -43.15
C GLN G 193 -21.33 14.01 -44.57
N SER G 194 -22.31 13.55 -45.36
CA SER G 194 -21.99 12.99 -46.67
C SER G 194 -21.19 13.96 -47.52
N ASP G 195 -21.54 15.25 -47.46
CA ASP G 195 -20.89 16.21 -48.34
C ASP G 195 -19.40 16.29 -48.07
N VAL G 196 -19.00 16.24 -46.80
CA VAL G 196 -17.62 16.47 -46.41
C VAL G 196 -16.90 15.21 -45.99
N GLU G 197 -17.52 14.04 -46.18
CA GLU G 197 -16.86 12.80 -45.80
C GLU G 197 -15.54 12.62 -46.56
N ARG G 198 -15.52 12.98 -47.84
CA ARG G 198 -14.29 12.84 -48.61
C ARG G 198 -13.20 13.76 -48.07
N LEU G 199 -13.57 14.99 -47.69
CA LEU G 199 -12.58 15.89 -47.12
C LEU G 199 -12.05 15.34 -45.80
N ILE G 200 -12.94 14.78 -44.97
CA ILE G 200 -12.50 14.18 -43.71
C ILE G 200 -11.51 13.05 -44.00
N GLN G 201 -11.84 12.19 -44.95
CA GLN G 201 -10.91 11.13 -45.34
C GLN G 201 -9.61 11.73 -45.84
N GLN G 202 -9.66 12.94 -46.42
CA GLN G 202 -8.45 13.58 -46.90
C GLN G 202 -7.69 14.25 -45.75
N GLY G 203 -8.27 14.24 -44.55
CA GLY G 203 -7.60 14.75 -43.38
C GLY G 203 -7.73 16.24 -43.15
N TYR G 204 -8.33 16.97 -44.09
CA TYR G 204 -8.49 18.40 -43.90
C TYR G 204 -9.43 18.70 -42.73
N LEU G 205 -10.48 17.91 -42.58
CA LEU G 205 -11.56 18.20 -41.65
C LEU G 205 -11.42 17.33 -40.41
N GLN G 206 -11.82 17.89 -39.26
CA GLN G 206 -11.80 17.18 -37.99
C GLN G 206 -13.23 16.94 -37.51
N LYS G 207 -13.43 15.80 -36.86
CA LYS G 207 -14.73 15.43 -36.30
C LYS G 207 -15.87 15.74 -37.26
N MET H 1 -8.56 -5.14 -50.36
CA MET H 1 -9.73 -6.03 -50.46
C MET H 1 -10.98 -5.26 -50.05
N SER H 2 -12.11 -5.60 -50.67
CA SER H 2 -13.29 -4.76 -50.58
C SER H 2 -13.86 -4.67 -49.18
N LEU H 3 -13.43 -5.54 -48.27
CA LEU H 3 -13.99 -5.58 -46.93
C LEU H 3 -12.88 -5.66 -45.90
N PRO H 4 -12.82 -4.73 -44.95
CA PRO H 4 -11.81 -4.83 -43.89
C PRO H 4 -11.91 -6.16 -43.15
N ALA H 5 -10.79 -6.57 -42.56
CA ALA H 5 -10.75 -7.86 -41.88
C ALA H 5 -11.72 -7.89 -40.71
N HIS H 6 -11.76 -6.83 -39.92
CA HIS H 6 -12.63 -6.82 -38.74
C HIS H 6 -14.09 -6.97 -39.11
N LEU H 7 -14.46 -6.67 -40.35
CA LEU H 7 -15.82 -6.88 -40.83
C LEU H 7 -15.99 -8.21 -41.55
N GLN H 8 -14.93 -9.01 -41.67
CA GLN H 8 -14.98 -10.16 -42.57
C GLN H 8 -16.02 -11.17 -42.10
N GLN H 9 -16.06 -11.45 -40.80
CA GLN H 9 -16.88 -12.55 -40.29
C GLN H 9 -17.78 -12.09 -39.15
N THR H 10 -18.26 -10.86 -39.19
CA THR H 10 -19.18 -10.37 -38.18
C THR H 10 -19.65 -8.98 -38.54
N PHE H 11 -20.54 -8.45 -37.71
CA PHE H 11 -21.03 -7.08 -37.83
C PHE H 11 -20.49 -6.27 -36.68
N SER H 12 -19.96 -5.09 -36.98
CA SER H 12 -19.55 -4.18 -35.93
C SER H 12 -20.80 -3.61 -35.26
N PRO H 13 -20.65 -3.10 -34.03
CA PRO H 13 -21.83 -2.56 -33.34
C PRO H 13 -22.61 -1.57 -34.17
N GLU H 14 -21.96 -0.88 -35.10
CA GLU H 14 -22.65 0.11 -35.90
C GLU H 14 -23.64 -0.53 -36.85
N GLU H 15 -23.26 -1.66 -37.45
CA GLU H 15 -24.20 -2.39 -38.29
C GLU H 15 -25.39 -2.87 -37.49
N ILE H 16 -25.13 -3.36 -36.27
CA ILE H 16 -26.21 -3.76 -35.39
C ILE H 16 -27.14 -2.59 -35.15
N GLN H 17 -26.55 -1.44 -34.83
CA GLN H 17 -27.35 -0.22 -34.70
C GLN H 17 -28.24 -0.03 -35.90
N PHE H 18 -27.65 0.02 -37.09
CA PHE H 18 -28.41 0.31 -38.30
C PHE H 18 -29.58 -0.66 -38.46
N ILE H 19 -29.29 -1.96 -38.40
CA ILE H 19 -30.36 -2.94 -38.57
C ILE H 19 -31.45 -2.70 -37.55
N VAL H 20 -31.08 -2.27 -36.35
CA VAL H 20 -32.09 -1.95 -35.36
C VAL H 20 -32.92 -0.76 -35.82
N GLU H 21 -32.27 0.30 -36.29
CA GLU H 21 -33.05 1.47 -36.72
C GLU H 21 -34.01 1.11 -37.82
N ASN H 22 -33.73 0.04 -38.57
CA ASN H 22 -34.67 -0.36 -39.61
C ASN H 22 -36.05 -0.67 -39.04
N GLU H 23 -36.17 -0.84 -37.73
CA GLU H 23 -37.44 -1.20 -37.12
C GLU H 23 -38.35 0.01 -36.94
N PRO H 24 -39.64 -0.22 -36.73
CA PRO H 24 -40.57 0.86 -36.41
C PRO H 24 -40.72 1.04 -34.90
N ILE H 25 -41.46 2.07 -34.51
CA ILE H 25 -41.58 2.40 -33.09
C ILE H 25 -42.74 3.38 -32.90
N LYS H 26 -43.45 3.21 -31.78
CA LYS H 26 -44.42 4.19 -31.33
C LYS H 26 -43.78 5.56 -31.13
N ILE H 27 -44.50 6.61 -31.53
CA ILE H 27 -44.03 7.98 -31.33
C ILE H 27 -45.24 8.89 -31.19
N PHE H 28 -45.02 10.04 -30.57
CA PHE H 28 -46.05 11.08 -30.46
C PHE H 28 -45.60 12.31 -31.23
N PRO H 29 -46.06 12.50 -32.46
CA PRO H 29 -45.64 13.67 -33.23
C PRO H 29 -46.04 14.96 -32.55
N ARG H 30 -45.17 15.96 -32.63
CA ARG H 30 -45.49 17.32 -32.23
C ARG H 30 -45.86 18.20 -33.42
N ILE H 31 -46.13 17.58 -34.57
CA ILE H 31 -46.51 18.30 -35.77
C ILE H 31 -47.73 17.60 -36.35
N THR H 32 -48.48 18.34 -37.18
CA THR H 32 -49.67 17.81 -37.83
C THR H 32 -49.48 17.96 -39.34
N THR H 33 -48.87 16.96 -39.96
CA THR H 33 -48.68 16.98 -41.41
C THR H 33 -49.98 16.70 -42.14
N ARG H 34 -50.85 15.87 -41.54
CA ARG H 34 -52.11 15.51 -42.16
C ARG H 34 -52.84 16.75 -42.66
N GLN H 35 -53.00 16.86 -43.98
CA GLN H 35 -53.63 18.05 -44.54
C GLN H 35 -55.14 17.90 -44.51
N LYS H 36 -55.81 18.90 -43.94
CA LYS H 36 -57.25 18.86 -43.79
C LYS H 36 -57.95 18.92 -45.13
N ILE H 37 -59.14 18.33 -45.19
CA ILE H 37 -59.92 18.32 -46.43
C ILE H 37 -60.26 19.75 -46.85
N ARG H 38 -60.37 20.65 -45.88
CA ARG H 38 -60.67 22.05 -46.17
C ARG H 38 -59.66 22.63 -47.15
N HIS H 47 -47.78 21.38 -51.24
CA HIS H 47 -47.24 21.13 -49.91
C HIS H 47 -46.18 20.04 -49.95
N THR H 48 -45.10 20.25 -49.20
CA THR H 48 -44.05 19.24 -49.07
C THR H 48 -44.62 17.94 -48.51
N ARG H 49 -44.28 16.84 -49.16
CA ARG H 49 -44.64 15.50 -48.71
C ARG H 49 -43.39 14.62 -48.63
N TRP H 50 -43.42 13.65 -47.73
CA TRP H 50 -42.27 12.77 -47.59
C TRP H 50 -42.09 11.88 -48.81
N GLN H 51 -43.00 10.95 -49.06
CA GLN H 51 -42.96 10.07 -50.24
C GLN H 51 -41.77 9.11 -50.21
N LEU H 52 -41.51 8.54 -49.04
CA LEU H 52 -40.34 7.67 -48.92
C LEU H 52 -40.48 6.42 -49.81
N ILE H 53 -39.45 5.60 -49.79
CA ILE H 53 -39.38 4.40 -50.60
C ILE H 53 -39.19 3.16 -49.74
N THR H 54 -38.16 3.14 -48.89
CA THR H 54 -37.85 1.97 -48.11
C THR H 54 -38.84 1.72 -46.98
N THR H 55 -39.68 2.70 -46.65
CA THR H 55 -40.62 2.57 -45.57
C THR H 55 -41.94 3.19 -45.98
N ASP H 56 -42.93 3.10 -45.09
CA ASP H 56 -44.23 3.70 -45.36
C ASP H 56 -44.12 5.21 -45.49
N ASP H 57 -44.93 5.77 -46.39
CA ASP H 57 -45.15 7.19 -46.48
C ASP H 57 -46.54 7.62 -46.05
N LYS H 58 -47.50 6.70 -46.06
CA LYS H 58 -48.88 7.07 -45.74
C LYS H 58 -48.96 7.77 -44.40
N ALA H 59 -48.40 7.15 -43.36
CA ALA H 59 -48.46 7.74 -42.03
C ALA H 59 -47.78 9.10 -42.01
N LEU H 60 -46.57 9.19 -42.58
CA LEU H 60 -45.78 10.41 -42.46
C LEU H 60 -46.56 11.63 -42.92
N ASN H 61 -47.26 11.52 -44.04
CA ASN H 61 -48.05 12.65 -44.52
C ASN H 61 -49.36 12.82 -43.76
N ASN H 62 -49.60 11.99 -42.75
CA ASN H 62 -50.80 12.09 -41.93
C ASN H 62 -50.49 12.35 -40.46
N MET H 63 -49.29 12.85 -40.16
CA MET H 63 -48.97 13.20 -38.78
C MET H 63 -50.01 14.17 -38.23
N VAL H 64 -50.45 13.90 -37.01
CA VAL H 64 -51.35 14.79 -36.28
C VAL H 64 -50.80 14.93 -34.86
N ALA H 65 -50.72 16.18 -34.41
CA ALA H 65 -50.07 16.47 -33.14
C ALA H 65 -50.68 15.62 -32.03
N MET H 66 -49.80 15.03 -31.21
CA MET H 66 -50.22 14.26 -30.04
C MET H 66 -51.14 13.11 -30.44
N ARG H 67 -50.76 12.39 -31.49
CA ARG H 67 -51.49 11.20 -31.95
C ARG H 67 -50.47 10.10 -32.18
N SER H 68 -50.56 9.03 -31.39
CA SER H 68 -49.57 7.96 -31.46
C SER H 68 -49.55 7.32 -32.84
N THR H 69 -48.38 6.85 -33.25
CA THR H 69 -48.22 6.25 -34.57
C THR H 69 -46.89 5.54 -34.64
N GLU H 70 -46.69 4.77 -35.71
CA GLU H 70 -45.45 4.04 -35.95
C GLU H 70 -44.65 4.73 -37.04
N VAL H 71 -43.33 4.74 -36.87
CA VAL H 71 -42.41 5.17 -37.90
C VAL H 71 -41.11 4.39 -37.71
N VAL H 72 -40.39 4.18 -38.82
CA VAL H 72 -39.09 3.53 -38.72
C VAL H 72 -38.24 4.29 -37.73
N LEU H 73 -37.43 3.56 -36.97
CA LEU H 73 -36.75 4.17 -35.82
C LEU H 73 -35.91 5.36 -36.24
N TRP H 74 -35.16 5.24 -37.33
CA TRP H 74 -34.21 6.29 -37.67
C TRP H 74 -34.92 7.60 -38.00
N ILE H 75 -36.07 7.53 -38.66
CA ILE H 75 -36.86 8.74 -38.86
C ILE H 75 -37.26 9.35 -37.52
N ALA H 76 -37.70 8.49 -36.60
CA ALA H 76 -38.10 8.97 -35.28
C ALA H 76 -36.95 9.68 -34.60
N LEU H 77 -35.74 9.11 -34.69
CA LEU H 77 -34.57 9.73 -34.10
C LEU H 77 -34.25 11.05 -34.79
N LEU H 78 -34.38 11.10 -36.11
CA LEU H 78 -34.14 12.34 -36.83
C LEU H 78 -35.05 13.44 -36.31
N LEU H 79 -36.34 13.13 -36.17
CA LEU H 79 -37.26 14.14 -35.64
C LEU H 79 -36.93 14.46 -34.19
N LYS H 80 -36.63 13.45 -33.38
CA LYS H 80 -36.33 13.68 -31.98
C LYS H 80 -35.12 14.60 -31.81
N GLN H 81 -34.16 14.51 -32.72
CA GLN H 81 -33.08 15.49 -32.74
C GLN H 81 -33.66 16.89 -32.81
N GLN H 82 -34.76 17.06 -33.53
CA GLN H 82 -35.58 18.25 -33.43
C GLN H 82 -36.55 18.10 -32.27
N SER H 83 -37.16 19.21 -31.88
CA SER H 83 -38.18 19.20 -30.84
C SER H 83 -39.53 18.73 -31.36
N LYS H 84 -39.60 18.35 -32.63
CA LYS H 84 -40.88 18.11 -33.30
C LYS H 84 -41.41 16.69 -33.09
N CYS H 85 -40.71 15.83 -32.36
CA CYS H 85 -41.19 14.49 -32.15
C CYS H 85 -40.88 14.03 -30.73
N SER H 86 -41.64 13.05 -30.27
CA SER H 86 -41.42 12.41 -28.97
C SER H 86 -41.47 10.91 -29.17
N ILE H 87 -40.49 10.21 -28.59
CA ILE H 87 -40.37 8.76 -28.79
C ILE H 87 -41.09 8.05 -27.65
N VAL H 88 -42.10 7.25 -28.00
CA VAL H 88 -42.85 6.52 -26.99
C VAL H 88 -42.02 5.34 -26.51
N ALA H 89 -41.94 5.18 -25.20
CA ALA H 89 -41.15 4.09 -24.64
C ALA H 89 -41.82 2.75 -24.97
N PRO H 90 -41.08 1.77 -25.47
CA PRO H 90 -41.67 0.44 -25.65
C PRO H 90 -42.11 -0.14 -24.32
N GLN H 91 -43.19 -0.93 -24.37
CA GLN H 91 -43.76 -1.44 -23.13
C GLN H 91 -42.76 -2.28 -22.36
N TRP H 92 -42.01 -3.13 -23.06
CA TRP H 92 -41.02 -3.96 -22.37
C TRP H 92 -40.03 -3.12 -21.60
N LEU H 93 -39.80 -1.87 -22.04
CA LEU H 93 -38.93 -0.94 -21.32
C LEU H 93 -39.74 -0.25 -20.21
N THR H 94 -40.02 -1.02 -19.17
CA THR H 94 -40.76 -0.52 -18.02
C THR H 94 -40.29 -1.25 -16.77
N THR H 95 -40.21 -0.52 -15.66
CA THR H 95 -39.69 -1.09 -14.43
C THR H 95 -40.39 -2.40 -14.10
N LYS H 96 -41.70 -2.44 -14.26
CA LYS H 96 -42.44 -3.68 -14.01
C LYS H 96 -41.94 -4.79 -14.92
N GLU H 97 -41.81 -4.50 -16.22
CA GLU H 97 -41.38 -5.52 -17.17
C GLU H 97 -39.97 -5.99 -16.87
N LEU H 98 -39.07 -5.05 -16.60
CA LEU H 98 -37.69 -5.42 -16.31
C LEU H 98 -37.61 -6.27 -15.05
N ASP H 99 -38.37 -5.90 -14.03
CA ASP H 99 -38.39 -6.68 -12.79
C ASP H 99 -38.92 -8.07 -13.06
N ARG H 100 -39.98 -8.18 -13.85
CA ARG H 100 -40.53 -9.50 -14.16
C ARG H 100 -39.49 -10.35 -14.88
N LYS H 101 -38.78 -9.76 -15.83
CA LYS H 101 -37.76 -10.50 -16.56
C LYS H 101 -36.64 -10.94 -15.62
N ILE H 102 -36.24 -10.06 -14.71
CA ILE H 102 -35.20 -10.41 -13.75
C ILE H 102 -35.64 -11.60 -12.90
N GLN H 103 -36.88 -11.55 -12.42
CA GLN H 103 -37.39 -12.63 -11.59
C GLN H 103 -37.44 -13.93 -12.39
N TYR H 104 -37.87 -13.85 -13.65
CA TYR H 104 -37.86 -15.04 -14.49
C TYR H 104 -36.45 -15.59 -14.64
N GLU H 105 -35.48 -14.71 -14.88
CA GLU H 105 -34.10 -15.15 -15.01
C GLU H 105 -33.64 -15.90 -13.78
N LYS H 106 -33.83 -15.29 -12.60
CA LYS H 106 -33.45 -15.97 -11.37
C LYS H 106 -34.22 -17.27 -11.20
N THR H 107 -35.43 -17.34 -11.72
CA THR H 107 -36.25 -18.54 -11.57
C THR H 107 -35.74 -19.66 -12.45
N HIS H 108 -35.17 -19.33 -13.60
CA HIS H 108 -34.78 -20.32 -14.62
C HIS H 108 -33.34 -20.07 -15.00
N PRO H 109 -32.39 -20.44 -14.14
CA PRO H 109 -30.98 -20.18 -14.47
C PRO H 109 -30.57 -20.78 -15.80
N ASP H 110 -31.09 -21.95 -16.15
CA ASP H 110 -30.69 -22.58 -17.40
C ASP H 110 -31.10 -21.75 -18.61
N ARG H 111 -32.30 -21.17 -18.58
CA ARG H 111 -32.87 -20.51 -19.74
C ARG H 111 -32.67 -19.00 -19.66
N PHE H 112 -32.62 -18.37 -20.82
CA PHE H 112 -32.60 -16.91 -20.90
C PHE H 112 -34.02 -16.37 -20.95
N SER H 113 -34.16 -15.09 -20.62
CA SER H 113 -35.46 -14.46 -20.67
C SER H 113 -35.82 -14.11 -22.11
N GLU H 114 -37.12 -13.88 -22.34
CA GLU H 114 -37.63 -13.55 -23.67
C GLU H 114 -37.59 -12.06 -23.95
N LEU H 115 -36.43 -11.43 -23.76
CA LEU H 115 -36.32 -10.01 -24.07
C LEU H 115 -36.38 -9.81 -25.59
N PRO H 116 -36.73 -8.62 -26.03
CA PRO H 116 -36.67 -8.33 -27.47
C PRO H 116 -35.28 -8.60 -28.00
N TRP H 117 -35.22 -9.21 -29.19
CA TRP H 117 -33.94 -9.53 -29.79
C TRP H 117 -33.00 -8.33 -29.84
N ASN H 118 -33.55 -7.12 -29.81
CA ASN H 118 -32.78 -5.89 -29.91
C ASN H 118 -32.88 -5.05 -28.64
N TRP H 119 -33.06 -5.69 -27.49
CA TRP H 119 -33.35 -4.94 -26.27
C TRP H 119 -32.17 -4.08 -25.85
N LEU H 120 -30.97 -4.63 -25.86
CA LEU H 120 -29.81 -3.88 -25.38
C LEU H 120 -29.59 -2.62 -26.23
N VAL H 121 -29.49 -2.81 -27.54
CA VAL H 121 -29.19 -1.69 -28.44
C VAL H 121 -30.29 -0.66 -28.38
N LEU H 122 -31.54 -1.12 -28.40
CA LEU H 122 -32.67 -0.20 -28.36
C LEU H 122 -32.65 0.61 -27.08
N ALA H 123 -32.40 -0.05 -25.96
CA ALA H 123 -32.35 0.64 -24.68
C ALA H 123 -31.24 1.68 -24.68
N ARG H 124 -30.06 1.31 -25.19
CA ARG H 124 -28.96 2.27 -25.22
C ARG H 124 -29.33 3.48 -26.06
N ILE H 125 -29.91 3.25 -27.24
CA ILE H 125 -30.27 4.36 -28.12
C ILE H 125 -31.24 5.28 -27.42
N LEU H 126 -32.30 4.70 -26.86
CA LEU H 126 -33.31 5.53 -26.20
C LEU H 126 -32.72 6.30 -25.04
N PHE H 127 -31.92 5.62 -24.21
CA PHE H 127 -31.26 6.32 -23.11
C PHE H 127 -30.46 7.51 -23.60
N ASN H 128 -29.70 7.32 -24.68
CA ASN H 128 -28.85 8.40 -25.16
C ASN H 128 -29.68 9.56 -25.70
N LYS H 129 -30.69 9.27 -26.52
CA LYS H 129 -31.41 10.33 -27.22
C LYS H 129 -32.89 10.37 -26.87
N ALA H 130 -33.33 9.66 -25.83
CA ALA H 130 -34.74 9.69 -25.46
C ALA H 130 -34.93 9.76 -23.94
N LYS H 131 -33.99 10.35 -23.21
CA LYS H 131 -34.10 10.41 -21.76
C LYS H 131 -35.40 11.07 -21.33
N ASP H 132 -35.82 12.11 -22.04
CA ASP H 132 -37.00 12.86 -21.62
C ASP H 132 -38.25 11.99 -21.61
N ASP H 133 -38.46 11.20 -22.66
CA ASP H 133 -39.72 10.49 -22.82
C ASP H 133 -39.94 9.49 -21.68
N PHE H 134 -38.88 8.78 -21.29
CA PHE H 134 -39.01 7.71 -20.30
C PHE H 134 -39.77 8.17 -19.07
N HIS H 135 -40.91 7.54 -18.81
CA HIS H 135 -41.74 7.94 -17.67
C HIS H 135 -41.05 7.59 -16.36
N ASP H 136 -40.55 6.36 -16.24
CA ASP H 136 -39.95 5.92 -15.01
C ASP H 136 -38.62 6.64 -14.77
N PRO H 137 -38.15 6.68 -13.52
CA PRO H 137 -36.83 7.25 -13.26
C PRO H 137 -35.76 6.59 -14.12
N ILE H 138 -35.10 7.40 -14.96
CA ILE H 138 -34.20 6.84 -15.96
C ILE H 138 -33.07 6.07 -15.30
N HIS H 139 -32.58 6.55 -14.16
CA HIS H 139 -31.47 5.89 -13.49
C HIS H 139 -31.84 4.47 -13.10
N GLU H 140 -33.06 4.28 -12.58
CA GLU H 140 -33.49 2.93 -12.21
C GLU H 140 -33.52 2.03 -13.43
N LEU H 141 -34.00 2.56 -14.55
CA LEU H 141 -34.06 1.75 -15.76
C LEU H 141 -32.66 1.34 -16.20
N ARG H 142 -31.72 2.29 -16.19
CA ARG H 142 -30.35 1.96 -16.56
C ARG H 142 -29.80 0.88 -15.65
N GLY H 143 -30.02 1.02 -14.34
CA GLY H 143 -29.52 0.03 -13.41
C GLY H 143 -30.09 -1.35 -13.66
N LYS H 144 -31.39 -1.43 -13.88
CA LYS H 144 -32.03 -2.72 -14.10
C LYS H 144 -31.52 -3.34 -15.40
N ILE H 145 -31.35 -2.53 -16.43
CA ILE H 145 -30.79 -3.05 -17.67
C ILE H 145 -29.39 -3.61 -17.43
N GLN H 146 -28.58 -2.88 -16.64
CA GLN H 146 -27.24 -3.36 -16.35
C GLN H 146 -27.29 -4.69 -15.61
N ASP H 147 -28.21 -4.82 -14.66
CA ASP H 147 -28.34 -6.07 -13.92
C ASP H 147 -28.72 -7.22 -14.85
N LEU H 148 -29.66 -6.97 -15.75
CA LEU H 148 -30.02 -7.98 -16.73
C LEU H 148 -28.82 -8.38 -17.56
N ARG H 149 -28.02 -7.40 -17.97
CA ARG H 149 -26.82 -7.67 -18.75
C ARG H 149 -25.88 -8.59 -17.96
N GLU H 150 -25.68 -8.28 -16.68
CA GLU H 150 -24.81 -9.09 -15.84
C GLU H 150 -25.31 -10.53 -15.76
N ILE H 151 -26.60 -10.70 -15.49
CA ILE H 151 -27.15 -12.04 -15.34
C ILE H 151 -27.00 -12.81 -16.64
N ARG H 152 -27.30 -12.16 -17.76
CA ARG H 152 -27.20 -12.83 -19.05
C ARG H 152 -25.76 -13.23 -19.35
N GLN H 153 -24.81 -12.37 -19.00
CA GLN H 153 -23.40 -12.72 -19.20
C GLN H 153 -23.02 -13.93 -18.38
N ILE H 154 -23.47 -13.98 -17.12
CA ILE H 154 -23.15 -15.13 -16.28
C ILE H 154 -23.71 -16.40 -16.91
N LYS H 155 -24.97 -16.36 -17.37
CA LYS H 155 -25.54 -17.53 -18.00
C LYS H 155 -24.81 -17.87 -19.28
N VAL H 156 -24.29 -16.86 -19.98
CA VAL H 156 -23.49 -17.11 -21.18
C VAL H 156 -22.26 -17.93 -20.82
N LEU H 157 -21.58 -17.54 -19.74
CA LEU H 157 -20.40 -18.31 -19.33
C LEU H 157 -20.79 -19.74 -18.96
N LYS H 158 -21.89 -19.89 -18.23
CA LYS H 158 -22.33 -21.23 -17.87
C LYS H 158 -22.59 -22.08 -19.10
N GLY H 159 -23.26 -21.50 -20.10
CA GLY H 159 -23.49 -22.22 -21.34
C GLY H 159 -22.20 -22.56 -22.05
N LEU H 160 -21.27 -21.59 -22.11
CA LEU H 160 -19.97 -21.84 -22.71
C LEU H 160 -19.31 -23.06 -22.10
N LYS H 161 -19.49 -23.27 -20.80
CA LYS H 161 -18.90 -24.44 -20.16
C LYS H 161 -19.20 -25.72 -20.94
N TYR H 162 -20.32 -25.76 -21.67
CA TYR H 162 -20.75 -26.97 -22.36
C TYR H 162 -20.57 -26.87 -23.86
N LEU H 163 -19.64 -26.05 -24.33
CA LEU H 163 -19.38 -25.94 -25.76
C LEU H 163 -19.07 -27.30 -26.35
N ASN H 164 -19.75 -27.65 -27.44
CA ASN H 164 -19.63 -28.96 -28.05
C ASN H 164 -19.79 -28.87 -29.56
N GLU H 165 -19.19 -29.84 -30.24
CA GLU H 165 -19.20 -29.84 -31.71
C GLU H 165 -20.61 -29.96 -32.25
N SER H 166 -21.43 -30.84 -31.66
CA SER H 166 -22.73 -31.17 -32.21
C SER H 166 -23.51 -29.93 -32.63
N HIS H 167 -23.82 -29.08 -31.66
CA HIS H 167 -24.66 -27.92 -31.92
C HIS H 167 -24.79 -27.07 -30.67
N LEU H 168 -25.43 -25.92 -30.81
CA LEU H 168 -25.71 -25.03 -29.68
C LEU H 168 -27.12 -24.49 -29.82
N GLN H 169 -27.69 -24.09 -28.69
CA GLN H 169 -29.07 -23.57 -28.68
C GLN H 169 -29.09 -22.37 -27.73
N LEU H 170 -28.90 -21.18 -28.30
CA LEU H 170 -28.89 -19.96 -27.49
C LEU H 170 -30.30 -19.53 -27.11
N ASP H 171 -31.30 -19.91 -27.91
CA ASP H 171 -32.69 -19.60 -27.59
C ASP H 171 -32.95 -18.11 -27.61
N ASN H 172 -33.17 -17.51 -26.44
CA ASN H 172 -33.62 -16.13 -26.34
C ASN H 172 -32.47 -15.14 -26.25
N LEU H 173 -31.25 -15.56 -26.53
CA LEU H 173 -30.12 -14.63 -26.47
C LEU H 173 -30.36 -13.44 -27.37
N SER H 174 -30.04 -12.26 -26.87
CA SER H 174 -30.27 -11.03 -27.62
C SER H 174 -29.27 -10.91 -28.76
N LEU H 175 -29.67 -10.12 -29.77
CA LEU H 175 -28.83 -9.99 -30.96
C LEU H 175 -27.48 -9.37 -30.62
N LEU H 176 -27.47 -8.35 -29.77
CA LEU H 176 -26.21 -7.69 -29.44
C LEU H 176 -25.25 -8.69 -28.80
N GLU H 177 -25.73 -9.48 -27.85
CA GLU H 177 -24.88 -10.49 -27.23
C GLU H 177 -24.40 -11.49 -28.27
N ILE H 178 -25.28 -11.87 -29.19
CA ILE H 178 -24.90 -12.83 -30.22
C ILE H 178 -23.75 -12.28 -31.06
N ASN H 179 -23.86 -11.01 -31.48
CA ASN H 179 -22.78 -10.41 -32.24
C ASN H 179 -21.51 -10.32 -31.41
N GLU H 180 -21.65 -10.01 -30.12
CA GLU H 180 -20.49 -9.93 -29.26
C GLU H 180 -19.74 -11.26 -29.21
N LEU H 181 -20.47 -12.36 -29.09
CA LEU H 181 -19.85 -13.66 -28.88
C LEU H 181 -19.63 -14.44 -30.16
N ARG H 182 -20.06 -13.92 -31.31
CA ARG H 182 -19.89 -14.65 -32.56
C ARG H 182 -18.49 -15.16 -32.79
N PRO H 183 -17.45 -14.34 -32.81
CA PRO H 183 -16.13 -14.82 -33.25
C PRO H 183 -15.61 -15.96 -32.38
N PHE H 184 -15.61 -15.75 -31.07
CA PHE H 184 -15.06 -16.75 -30.17
C PHE H 184 -15.78 -18.08 -30.34
N ILE H 185 -17.10 -18.07 -30.25
CA ILE H 185 -17.86 -19.31 -30.30
C ILE H 185 -17.66 -20.00 -31.63
N THR H 186 -17.77 -19.24 -32.72
CA THR H 186 -17.64 -19.84 -34.04
C THR H 186 -16.27 -20.47 -34.21
N GLU H 187 -15.21 -19.77 -33.80
CA GLU H 187 -13.87 -20.29 -33.97
C GLU H 187 -13.66 -21.55 -33.16
N ILE H 188 -14.12 -21.53 -31.90
CA ILE H 188 -13.93 -22.69 -31.04
C ILE H 188 -14.66 -23.89 -31.62
N MET H 189 -15.90 -23.69 -32.07
CA MET H 189 -16.63 -24.78 -32.70
C MET H 189 -15.89 -25.29 -33.93
N ASP H 190 -15.35 -24.37 -34.73
CA ASP H 190 -14.62 -24.79 -35.92
C ASP H 190 -13.44 -25.67 -35.57
N LYS H 191 -12.64 -25.24 -34.59
CA LYS H 191 -11.47 -26.03 -34.21
C LYS H 191 -11.88 -27.39 -33.66
N LEU H 192 -12.90 -27.42 -32.81
CA LEU H 192 -13.34 -28.69 -32.25
C LEU H 192 -13.81 -29.63 -33.34
N ARG H 193 -14.60 -29.12 -34.29
CA ARG H 193 -15.05 -29.94 -35.39
C ARG H 193 -13.88 -30.43 -36.23
N GLU H 194 -12.91 -29.55 -36.48
CA GLU H 194 -11.74 -29.97 -37.23
C GLU H 194 -11.05 -31.13 -36.54
N ILE H 195 -10.86 -31.03 -35.23
CA ILE H 195 -10.19 -32.09 -34.49
C ILE H 195 -10.98 -33.38 -34.61
N HIS H 196 -12.28 -33.32 -34.33
CA HIS H 196 -13.07 -34.55 -34.31
C HIS H 196 -13.10 -35.18 -35.69
N THR H 197 -13.26 -34.37 -36.73
CA THR H 197 -13.26 -34.89 -38.09
C THR H 197 -11.93 -35.54 -38.43
N ALA H 198 -10.82 -34.88 -38.09
CA ALA H 198 -9.51 -35.49 -38.30
C ALA H 198 -9.43 -36.83 -37.61
N SER H 199 -10.03 -36.95 -36.42
CA SER H 199 -10.09 -38.24 -35.76
C SER H 199 -10.82 -39.26 -36.63
N LEU H 200 -11.90 -38.84 -37.28
CA LEU H 200 -12.61 -39.73 -38.20
C LEU H 200 -11.69 -40.14 -39.32
N THR H 201 -11.77 -41.41 -39.70
CA THR H 201 -10.92 -41.94 -40.77
C THR H 201 -11.44 -41.49 -42.14
N MET I 1 -7.51 -25.87 -44.10
CA MET I 1 -6.39 -24.98 -44.27
C MET I 1 -6.32 -24.46 -45.71
N GLY I 2 -5.88 -23.22 -45.87
CA GLY I 2 -5.75 -22.60 -47.17
C GLY I 2 -4.33 -22.74 -47.69
N TYR I 3 -4.21 -23.00 -48.99
CA TYR I 3 -2.89 -23.14 -49.59
C TYR I 3 -2.02 -21.92 -49.33
N TYR I 4 -2.64 -20.74 -49.23
CA TYR I 4 -1.92 -19.50 -48.98
C TYR I 4 -2.09 -19.04 -47.53
N ASP I 5 -2.38 -19.97 -46.63
CA ASP I 5 -2.53 -19.66 -45.21
C ASP I 5 -1.14 -19.59 -44.58
N ILE I 6 -0.79 -18.41 -44.08
CA ILE I 6 0.56 -18.19 -43.54
C ILE I 6 0.83 -19.20 -42.43
N ASP I 7 -0.09 -19.29 -41.47
CA ASP I 7 0.12 -20.17 -40.33
C ASP I 7 0.26 -21.61 -40.78
N ASP I 8 -0.55 -22.02 -41.76
CA ASP I 8 -0.45 -23.39 -42.27
C ASP I 8 0.93 -23.64 -42.85
N VAL I 9 1.44 -22.68 -43.64
CA VAL I 9 2.75 -22.84 -44.23
C VAL I 9 3.81 -22.97 -43.13
N LEU I 10 3.75 -22.08 -42.14
CA LEU I 10 4.76 -22.11 -41.08
C LEU I 10 4.71 -23.42 -40.32
N ALA I 11 3.50 -23.88 -40.00
CA ALA I 11 3.37 -25.17 -39.30
C ALA I 11 3.95 -26.29 -40.13
N ASP I 12 3.64 -26.31 -41.43
CA ASP I 12 4.20 -27.33 -42.31
C ASP I 12 5.73 -27.24 -42.33
N GLY I 13 6.27 -26.04 -42.12
CA GLY I 13 7.71 -25.90 -42.06
C GLY I 13 8.33 -26.68 -40.91
N THR I 14 7.60 -26.76 -39.80
CA THR I 14 8.13 -27.46 -38.62
C THR I 14 8.48 -28.90 -38.98
N GLU I 15 9.59 -29.37 -38.46
CA GLU I 15 10.10 -30.70 -38.76
C GLU I 15 9.83 -31.65 -37.59
N PHE I 16 9.82 -32.94 -37.89
CA PHE I 16 9.56 -33.98 -36.91
C PHE I 16 10.61 -35.08 -36.98
N PRO I 17 10.87 -35.78 -35.88
CA PRO I 17 11.79 -36.91 -35.93
C PRO I 17 11.26 -38.01 -36.84
N CYS I 18 12.18 -38.62 -37.59
CA CYS I 18 11.80 -39.66 -38.54
C CYS I 18 12.98 -40.62 -38.72
N LYS I 19 12.70 -41.75 -39.34
CA LYS I 19 13.75 -42.73 -39.64
C LYS I 19 13.49 -43.34 -41.00
N PHE I 20 14.55 -43.53 -41.78
CA PHE I 20 14.42 -44.12 -43.11
C PHE I 20 14.28 -45.64 -43.02
N GLN I 21 13.59 -46.20 -44.01
CA GLN I 21 13.48 -47.64 -44.17
C GLN I 21 14.20 -48.15 -45.41
N TYR I 22 14.94 -47.27 -46.10
CA TYR I 22 15.74 -47.66 -47.25
C TYR I 22 17.05 -46.91 -47.21
N ASP I 23 18.06 -47.48 -47.86
CA ASP I 23 19.37 -46.86 -48.00
C ASP I 23 19.50 -46.24 -49.39
N ILE I 24 18.83 -45.11 -49.58
CA ILE I 24 18.86 -44.44 -50.89
C ILE I 24 20.17 -43.67 -51.03
N PRO I 25 20.85 -43.74 -52.16
CA PRO I 25 22.03 -42.90 -52.37
C PRO I 25 21.64 -41.50 -52.84
N GLY I 26 22.64 -40.63 -52.89
CA GLY I 26 22.45 -39.29 -53.40
C GLY I 26 21.42 -38.49 -52.64
N LEU I 27 21.16 -38.88 -51.39
CA LEU I 27 20.23 -38.17 -50.53
C LEU I 27 20.85 -37.74 -49.22
N GLY I 28 22.16 -37.92 -49.04
CA GLY I 28 22.81 -37.49 -47.82
C GLY I 28 22.69 -36.01 -47.57
N TYR I 29 22.39 -35.22 -48.60
CA TYR I 29 22.16 -33.80 -48.40
C TYR I 29 21.09 -33.56 -47.36
N LEU I 30 20.12 -34.48 -47.25
CA LEU I 30 19.17 -34.44 -46.15
C LEU I 30 19.91 -34.42 -44.82
N GLU I 31 21.03 -35.14 -44.74
CA GLU I 31 21.93 -35.07 -43.61
C GLU I 31 22.97 -33.96 -43.77
N ASN I 32 22.71 -32.99 -44.65
CA ASN I 32 23.63 -31.91 -44.96
C ASN I 32 24.92 -32.41 -45.60
N ASN I 33 24.94 -33.65 -46.08
CA ASN I 33 26.11 -34.23 -46.74
C ASN I 33 25.68 -34.86 -48.04
N PRO I 34 25.54 -34.06 -49.11
CA PRO I 34 25.08 -34.62 -50.38
C PRO I 34 25.92 -35.78 -50.88
N GLY I 35 27.21 -35.79 -50.57
CA GLY I 35 28.06 -36.88 -51.04
C GLY I 35 27.64 -38.23 -50.48
N ARG I 36 27.29 -38.27 -49.20
CA ARG I 36 27.00 -39.54 -48.55
C ARG I 36 25.64 -40.07 -49.01
N PRO I 37 25.46 -41.40 -48.99
CA PRO I 37 24.15 -41.97 -49.32
C PRO I 37 23.30 -42.20 -48.09
N ILE I 38 21.98 -42.00 -48.19
CA ILE I 38 21.11 -42.31 -47.08
C ILE I 38 21.14 -43.80 -46.80
N THR I 39 21.04 -44.15 -45.52
CA THR I 39 21.07 -45.54 -45.08
C THR I 39 19.75 -45.92 -44.43
N LYS I 40 19.42 -47.20 -44.50
CA LYS I 40 18.21 -47.69 -43.86
C LYS I 40 18.33 -47.55 -42.35
N ASN I 41 17.18 -47.32 -41.71
CA ASN I 41 17.11 -47.08 -40.27
C ASN I 41 17.85 -45.83 -39.86
N THR I 42 18.01 -44.87 -40.76
CA THR I 42 18.71 -43.62 -40.45
C THR I 42 17.77 -42.66 -39.73
N LYS I 43 18.00 -42.44 -38.45
CA LYS I 43 17.15 -41.57 -37.65
C LYS I 43 17.37 -40.11 -38.02
N LEU I 44 16.43 -39.54 -38.77
CA LEU I 44 16.52 -38.16 -39.22
C LEU I 44 15.20 -37.44 -38.96
N SER I 45 15.28 -36.21 -38.46
CA SER I 45 14.10 -35.40 -38.29
C SER I 45 13.94 -34.50 -39.50
N LEU I 46 12.74 -34.50 -40.08
CA LEU I 46 12.51 -33.90 -41.38
C LEU I 46 11.33 -32.94 -41.35
N PRO I 47 11.28 -31.98 -42.28
CA PRO I 47 10.16 -31.04 -42.31
C PRO I 47 8.83 -31.77 -42.45
N LEU I 48 7.80 -31.25 -41.79
CA LEU I 48 6.48 -31.85 -41.85
C LEU I 48 6.01 -31.97 -43.28
N TRP I 49 6.10 -30.88 -44.04
CA TRP I 49 5.64 -30.90 -45.42
C TRP I 49 6.31 -32.03 -46.20
N LEU I 50 7.59 -32.25 -45.95
CA LEU I 50 8.30 -33.32 -46.62
C LEU I 50 7.99 -34.66 -45.96
N ALA I 51 8.21 -34.73 -44.64
CA ALA I 51 8.09 -35.97 -43.88
C ALA I 51 6.76 -36.65 -44.16
N ARG I 52 5.68 -35.88 -44.24
CA ARG I 52 4.37 -36.44 -44.52
C ARG I 52 4.41 -37.26 -45.80
N ILE I 53 4.76 -36.62 -46.91
CA ILE I 53 4.74 -37.30 -48.21
C ILE I 53 5.68 -38.50 -48.16
N LEU I 54 6.88 -38.31 -47.60
CA LEU I 54 7.81 -39.43 -47.52
C LEU I 54 7.18 -40.61 -46.80
N ALA I 55 6.42 -40.33 -45.74
CA ALA I 55 5.71 -41.41 -45.06
C ALA I 55 4.68 -42.06 -45.97
N ILE I 56 3.96 -41.24 -46.75
CA ILE I 56 2.93 -41.80 -47.62
C ILE I 56 3.54 -42.75 -48.63
N VAL I 57 4.65 -42.36 -49.25
CA VAL I 57 5.22 -43.11 -50.36
C VAL I 57 6.18 -44.17 -49.84
N GLY I 58 6.45 -45.18 -50.66
CA GLY I 58 7.35 -46.26 -50.30
C GLY I 58 7.80 -47.07 -51.49
N PRO I 68 3.86 -53.00 -48.75
CA PRO I 68 4.84 -51.95 -49.08
C PRO I 68 5.45 -51.32 -47.84
N VAL I 69 6.69 -50.84 -47.96
CA VAL I 69 7.43 -50.23 -46.86
C VAL I 69 7.67 -48.77 -47.21
N PRO I 70 7.18 -47.82 -46.42
CA PRO I 70 7.41 -46.42 -46.75
C PRO I 70 8.89 -46.07 -46.68
N PHE I 71 9.28 -45.07 -47.48
CA PHE I 71 10.68 -44.68 -47.51
C PHE I 71 11.15 -44.17 -46.16
N VAL I 72 10.25 -43.62 -45.35
CA VAL I 72 10.60 -43.04 -44.06
C VAL I 72 9.48 -43.32 -43.07
N GLU I 73 9.83 -43.31 -41.78
CA GLU I 73 8.89 -43.52 -40.70
C GLU I 73 8.83 -42.27 -39.84
N LEU I 74 7.63 -41.92 -39.39
CA LEU I 74 7.46 -40.81 -38.46
C LEU I 74 7.59 -41.33 -37.03
N LEU I 75 8.59 -40.84 -36.31
CA LEU I 75 8.76 -41.23 -34.93
C LEU I 75 7.83 -40.41 -34.04
N PRO I 76 7.41 -40.94 -32.91
CA PRO I 76 6.52 -40.19 -32.02
C PRO I 76 7.22 -38.95 -31.48
N PRO I 77 6.79 -37.76 -31.88
CA PRO I 77 7.48 -36.55 -31.44
C PRO I 77 7.26 -36.26 -29.98
N ASP I 78 8.22 -35.52 -29.41
CA ASP I 78 8.14 -35.16 -28.00
C ASP I 78 6.85 -34.42 -27.69
N MET I 79 6.41 -33.53 -28.58
CA MET I 79 5.22 -32.74 -28.31
C MET I 79 4.02 -33.64 -28.06
N PHE I 80 4.04 -34.86 -28.59
CA PHE I 80 3.04 -35.87 -28.27
C PHE I 80 3.65 -36.98 -27.41
N SER I 81 4.58 -36.64 -26.53
CA SER I 81 5.13 -37.60 -25.60
C SER I 81 4.15 -37.87 -24.47
N THR I 82 4.28 -39.06 -23.87
CA THR I 82 3.42 -39.41 -22.74
C THR I 82 3.44 -38.31 -21.69
N LYS I 83 4.62 -37.74 -21.42
CA LYS I 83 4.72 -36.65 -20.46
C LYS I 83 3.77 -35.52 -20.82
N VAL I 84 3.71 -35.18 -22.11
CA VAL I 84 2.89 -34.06 -22.54
C VAL I 84 1.42 -34.33 -22.24
N MET I 85 0.93 -35.51 -22.60
CA MET I 85 -0.47 -35.83 -22.33
C MET I 85 -0.75 -35.89 -20.84
N ASN I 86 0.20 -36.40 -20.06
CA ASN I 86 0.02 -36.41 -18.61
C ASN I 86 -0.15 -34.99 -18.09
N ALA I 87 0.72 -34.09 -18.53
CA ALA I 87 0.62 -32.69 -18.10
C ALA I 87 -0.72 -32.10 -18.53
N ILE I 88 -1.13 -32.37 -19.77
CA ILE I 88 -2.39 -31.84 -20.27
C ILE I 88 -3.54 -32.30 -19.39
N LYS I 89 -3.60 -33.59 -19.10
CA LYS I 89 -4.69 -34.13 -18.31
C LYS I 89 -4.66 -33.55 -16.90
N THR I 90 -3.47 -33.38 -16.33
CA THR I 90 -3.37 -32.84 -14.97
C THR I 90 -3.88 -31.41 -14.91
N ASP I 91 -3.38 -30.54 -15.79
CA ASP I 91 -3.75 -29.13 -15.74
C ASP I 91 -3.61 -28.49 -17.12
N PRO I 92 -4.71 -28.31 -17.86
CA PRO I 92 -4.61 -27.68 -19.17
C PRO I 92 -4.13 -26.24 -19.09
N VAL I 93 -4.74 -25.46 -18.21
CA VAL I 93 -4.48 -24.03 -18.19
C VAL I 93 -3.02 -23.76 -17.84
N ALA I 94 -2.51 -24.41 -16.80
CA ALA I 94 -1.14 -24.14 -16.36
C ALA I 94 -0.14 -24.48 -17.45
N LEU I 95 -0.47 -25.43 -18.31
CA LEU I 95 0.47 -25.85 -19.34
C LEU I 95 0.86 -24.68 -20.23
N ASP I 96 2.16 -24.54 -20.49
CA ASP I 96 2.66 -23.51 -21.40
C ASP I 96 2.78 -24.10 -22.81
N LEU I 97 1.63 -24.13 -23.49
CA LEU I 97 1.60 -24.68 -24.84
C LEU I 97 2.56 -23.95 -25.75
N HIS I 98 2.75 -22.64 -25.52
CA HIS I 98 3.68 -21.90 -26.35
C HIS I 98 5.09 -22.44 -26.23
N SER I 99 5.52 -22.78 -25.01
CA SER I 99 6.87 -23.28 -24.81
C SER I 99 7.08 -24.58 -25.58
N ILE I 100 6.17 -25.54 -25.42
CA ILE I 100 6.32 -26.81 -26.12
C ILE I 100 6.34 -26.60 -27.63
N ASN I 101 5.57 -25.63 -28.10
CA ASN I 101 5.58 -25.33 -29.53
C ASN I 101 4.77 -24.07 -29.79
N SER I 102 5.09 -23.41 -30.89
CA SER I 102 4.33 -22.22 -31.29
C SER I 102 2.99 -22.60 -31.87
N HIS I 103 2.94 -23.66 -32.67
CA HIS I 103 1.73 -24.05 -33.40
C HIS I 103 1.25 -25.43 -32.98
N PHE I 104 1.29 -25.70 -31.67
CA PHE I 104 0.99 -27.04 -31.18
C PHE I 104 -0.35 -27.57 -31.67
N PHE I 105 -1.40 -26.76 -31.60
CA PHE I 105 -2.73 -27.25 -31.97
C PHE I 105 -2.76 -27.70 -33.42
N SER I 106 -2.56 -26.77 -34.35
CA SER I 106 -2.67 -27.10 -35.77
C SER I 106 -1.84 -28.33 -36.10
N LEU I 107 -0.64 -28.42 -35.53
CA LEU I 107 0.20 -29.58 -35.80
C LEU I 107 -0.40 -30.85 -35.21
N ALA I 108 -1.07 -30.74 -34.06
CA ALA I 108 -1.75 -31.91 -33.50
C ALA I 108 -2.86 -32.39 -34.42
N ILE I 109 -3.62 -31.44 -34.96
CA ILE I 109 -4.66 -31.80 -35.93
C ILE I 109 -4.02 -32.47 -37.14
N LYS I 110 -2.90 -31.94 -37.61
CA LYS I 110 -2.22 -32.56 -38.74
C LYS I 110 -1.79 -33.98 -38.42
N TRP I 111 -1.24 -34.19 -37.22
CA TRP I 111 -0.87 -35.53 -36.79
C TRP I 111 -2.07 -36.45 -36.81
N ILE I 112 -3.17 -36.03 -36.19
CA ILE I 112 -4.37 -36.87 -36.13
C ILE I 112 -4.84 -37.21 -37.53
N MET I 113 -4.80 -36.24 -38.44
CA MET I 113 -5.14 -36.53 -39.83
C MET I 113 -4.20 -37.58 -40.40
N LEU I 114 -2.91 -37.44 -40.13
CA LEU I 114 -1.94 -38.43 -40.61
C LEU I 114 -2.21 -39.80 -40.00
N PHE I 115 -2.49 -39.85 -38.71
CA PHE I 115 -2.83 -41.11 -38.03
C PHE I 115 -4.07 -40.88 -37.20
N SER I 116 -5.10 -41.69 -37.41
CA SER I 116 -6.34 -41.53 -36.69
C SER I 116 -6.16 -41.98 -35.24
N GLU I 117 -5.60 -41.10 -34.41
CA GLU I 117 -5.28 -41.41 -33.02
C GLU I 117 -6.37 -40.80 -32.15
N LYS I 118 -7.41 -41.60 -31.87
CA LYS I 118 -8.62 -41.06 -31.25
C LYS I 118 -8.33 -40.47 -29.87
N GLU I 119 -7.62 -41.21 -29.03
CA GLU I 119 -7.29 -40.71 -27.69
C GLU I 119 -6.61 -39.35 -27.77
N LEU I 120 -5.70 -39.18 -28.72
CA LEU I 120 -5.03 -37.89 -28.89
C LEU I 120 -6.05 -36.81 -29.22
N ALA I 121 -7.00 -37.12 -30.09
CA ALA I 121 -8.03 -36.15 -30.43
C ALA I 121 -8.84 -35.77 -29.20
N ASN I 122 -9.18 -36.75 -28.36
CA ASN I 122 -9.95 -36.46 -27.16
C ASN I 122 -9.17 -35.53 -26.24
N VAL I 123 -7.88 -35.83 -26.04
CA VAL I 123 -7.07 -35.01 -25.16
C VAL I 123 -6.98 -33.59 -25.71
N VAL I 124 -6.78 -33.47 -27.01
CA VAL I 124 -6.66 -32.15 -27.63
C VAL I 124 -7.96 -31.38 -27.47
N SER I 125 -9.10 -32.05 -27.69
CA SER I 125 -10.39 -31.39 -27.55
C SER I 125 -10.57 -30.88 -26.14
N GLU I 126 -10.26 -31.71 -25.15
CA GLU I 126 -10.31 -31.27 -23.77
C GLU I 126 -9.46 -30.01 -23.60
N LEU I 127 -8.15 -30.15 -23.78
CA LEU I 127 -7.25 -29.01 -23.69
C LEU I 127 -7.84 -27.77 -24.32
N LEU I 128 -8.33 -27.89 -25.55
CA LEU I 128 -8.87 -26.74 -26.26
C LEU I 128 -10.00 -26.09 -25.48
N LEU I 129 -10.98 -26.90 -25.09
CA LEU I 129 -12.14 -26.33 -24.39
C LEU I 129 -11.72 -25.68 -23.08
N GLN I 130 -10.91 -26.39 -22.29
CA GLN I 130 -10.51 -25.90 -20.98
C GLN I 130 -9.78 -24.57 -21.11
N ARG I 131 -8.77 -24.51 -21.98
CA ARG I 131 -8.02 -23.28 -22.13
C ARG I 131 -8.87 -22.18 -22.74
N ALA I 132 -9.82 -22.55 -23.62
CA ALA I 132 -10.68 -21.55 -24.23
C ALA I 132 -11.55 -20.88 -23.19
N GLN I 133 -11.98 -21.63 -22.18
CA GLN I 133 -12.76 -21.02 -21.11
C GLN I 133 -12.02 -19.84 -20.49
N GLU I 134 -10.78 -20.06 -20.08
CA GLU I 134 -10.01 -19.00 -19.44
C GLU I 134 -9.64 -17.92 -20.46
N LEU I 135 -9.42 -18.31 -21.71
CA LEU I 135 -9.12 -17.32 -22.74
C LEU I 135 -10.28 -16.35 -22.88
N ASN I 136 -11.50 -16.88 -22.90
CA ASN I 136 -12.68 -16.02 -22.97
C ASN I 136 -12.80 -15.17 -21.72
N HIS I 137 -12.57 -15.77 -20.55
CA HIS I 137 -12.58 -14.98 -19.32
C HIS I 137 -11.65 -13.77 -19.46
N HIS I 138 -10.41 -14.01 -19.89
CA HIS I 138 -9.45 -12.92 -20.01
C HIS I 138 -9.91 -11.89 -21.03
N ALA I 139 -10.28 -12.35 -22.22
CA ALA I 139 -10.65 -11.41 -23.27
C ALA I 139 -11.84 -10.55 -22.85
N SER I 140 -12.76 -11.12 -22.07
CA SER I 140 -13.92 -10.34 -21.64
C SER I 140 -13.55 -9.33 -20.56
N SER I 141 -12.51 -9.60 -19.78
CA SER I 141 -12.12 -8.73 -18.69
C SER I 141 -11.37 -7.52 -19.24
N LEU I 142 -12.13 -6.69 -19.95
CA LEU I 142 -11.56 -5.46 -20.50
C LEU I 142 -11.18 -4.50 -19.38
N SER I 143 -10.03 -3.86 -19.54
CA SER I 143 -9.60 -2.84 -18.60
C SER I 143 -10.36 -1.54 -18.87
N ILE I 144 -11.08 -1.06 -17.87
CA ILE I 144 -11.90 0.14 -18.03
C ILE I 144 -11.00 1.33 -18.37
N THR I 158 -2.74 -4.09 -18.86
CA THR I 158 -2.26 -5.46 -19.08
C THR I 158 -1.93 -6.12 -17.73
N ASN I 159 -2.90 -6.85 -17.18
CA ASN I 159 -2.70 -7.52 -15.91
C ASN I 159 -1.65 -8.62 -16.05
N ILE I 160 -0.98 -8.93 -14.93
CA ILE I 160 0.06 -9.94 -14.95
C ILE I 160 -0.52 -11.34 -15.17
N ALA I 161 -1.67 -11.62 -14.57
CA ALA I 161 -2.27 -12.94 -14.73
C ALA I 161 -2.64 -13.20 -16.19
N THR I 162 -3.38 -12.28 -16.79
CA THR I 162 -3.70 -12.43 -18.21
C THR I 162 -2.44 -12.35 -19.06
N SER I 163 -1.43 -11.62 -18.59
CA SER I 163 -0.17 -11.56 -19.33
C SER I 163 0.48 -12.93 -19.41
N THR I 164 0.58 -13.63 -18.28
CA THR I 164 1.18 -14.96 -18.30
C THR I 164 0.28 -15.94 -19.06
N PHE I 165 -1.04 -15.79 -18.95
CA PHE I 165 -1.93 -16.64 -19.72
C PHE I 165 -1.69 -16.44 -21.21
N LEU I 166 -1.52 -15.19 -21.64
CA LEU I 166 -1.16 -14.90 -23.02
C LEU I 166 0.17 -15.52 -23.39
N LEU I 167 1.15 -15.43 -22.49
CA LEU I 167 2.47 -15.97 -22.79
C LEU I 167 2.41 -17.47 -23.03
N LYS I 168 1.68 -18.19 -22.18
CA LYS I 168 1.44 -19.60 -22.43
C LYS I 168 0.57 -19.82 -23.65
N LEU I 169 -0.11 -18.78 -24.12
CA LEU I 169 -1.04 -18.91 -25.24
C LEU I 169 -0.29 -19.26 -26.52
N GLU I 170 -0.90 -20.13 -27.33
CA GLU I 170 -0.34 -20.48 -28.63
C GLU I 170 -0.69 -19.42 -29.67
N GLU I 171 -0.09 -19.58 -30.85
CA GLU I 171 -0.34 -18.63 -31.93
C GLU I 171 -1.81 -18.59 -32.30
N MET I 172 -2.42 -19.75 -32.53
CA MET I 172 -3.83 -19.78 -32.87
C MET I 172 -4.67 -19.28 -31.69
N GLU I 173 -4.33 -19.73 -30.48
CA GLU I 173 -4.99 -19.21 -29.30
C GLU I 173 -4.81 -17.70 -29.22
N LYS I 174 -3.61 -17.20 -29.51
CA LYS I 174 -3.37 -15.77 -29.47
C LYS I 174 -4.27 -15.05 -30.46
N GLU I 175 -4.39 -15.59 -31.68
CA GLU I 175 -5.20 -14.95 -32.70
C GLU I 175 -6.67 -14.88 -32.26
N ILE I 176 -7.19 -16.00 -31.77
CA ILE I 176 -8.59 -16.01 -31.36
C ILE I 176 -8.80 -15.06 -30.19
N TYR I 177 -7.83 -15.00 -29.27
CA TYR I 177 -7.95 -14.08 -28.15
C TYR I 177 -7.97 -12.64 -28.63
N LYS I 178 -7.11 -12.30 -29.57
CA LYS I 178 -7.11 -10.95 -30.11
C LYS I 178 -8.46 -10.63 -30.74
N LYS I 179 -9.01 -11.56 -31.50
CA LYS I 179 -10.30 -11.32 -32.15
C LYS I 179 -11.39 -11.08 -31.10
N SER I 180 -11.47 -11.96 -30.10
CA SER I 180 -12.52 -11.83 -29.10
C SER I 180 -12.36 -10.56 -28.30
N HIS I 181 -11.12 -10.22 -27.94
CA HIS I 181 -10.86 -9.01 -27.19
C HIS I 181 -11.28 -7.78 -27.99
N GLU I 182 -10.98 -7.78 -29.28
CA GLU I 182 -11.40 -6.67 -30.12
C GLU I 182 -12.92 -6.57 -30.18
N SER I 183 -13.59 -7.72 -30.29
CA SER I 183 -15.04 -7.70 -30.31
C SER I 183 -15.60 -7.08 -29.03
N TYR I 184 -15.08 -7.51 -27.88
CA TYR I 184 -15.53 -6.95 -26.62
C TYR I 184 -15.23 -5.46 -26.53
N LYS I 185 -14.05 -5.06 -27.01
CA LYS I 185 -13.68 -3.66 -26.97
C LYS I 185 -14.65 -2.81 -27.79
N ASP I 186 -15.00 -3.30 -28.98
CA ASP I 186 -15.96 -2.57 -29.80
C ASP I 186 -17.31 -2.50 -29.12
N THR I 187 -17.75 -3.61 -28.53
CA THR I 187 -19.02 -3.61 -27.83
C THR I 187 -19.04 -2.54 -26.75
N LYS I 188 -18.03 -2.55 -25.89
CA LYS I 188 -17.96 -1.55 -24.82
C LYS I 188 -17.92 -0.15 -25.41
N ARG I 189 -17.06 0.07 -26.40
CA ARG I 189 -16.87 1.41 -26.95
C ARG I 189 -18.18 1.97 -27.49
N TRP I 190 -18.85 1.21 -28.35
CA TRP I 190 -20.13 1.67 -28.88
C TRP I 190 -21.19 1.78 -27.80
N MET I 191 -21.13 0.97 -26.76
CA MET I 191 -22.20 0.89 -25.78
C MET I 191 -22.07 1.98 -24.73
N PHE I 192 -20.96 2.00 -23.99
CA PHE I 192 -20.79 3.04 -22.99
C PHE I 192 -20.66 4.43 -23.61
N LYS I 193 -19.94 4.56 -24.72
CA LYS I 193 -19.76 5.85 -25.38
C LYS I 193 -20.72 5.95 -26.55
N LYS I 194 -21.12 7.17 -26.87
CA LYS I 194 -21.98 7.42 -28.02
C LYS I 194 -21.44 6.72 -29.25
N ASP J 2 -70.13 -23.93 -28.43
CA ASP J 2 -69.17 -22.99 -28.97
C ASP J 2 -68.94 -23.23 -30.46
N ILE J 3 -69.98 -22.97 -31.26
CA ILE J 3 -69.88 -23.10 -32.71
C ILE J 3 -68.73 -22.23 -33.19
N ASN J 4 -67.72 -22.86 -33.80
CA ASN J 4 -66.52 -22.16 -34.23
C ASN J 4 -66.80 -21.43 -35.54
N ILE J 5 -67.34 -20.22 -35.42
CA ILE J 5 -67.56 -19.36 -36.58
C ILE J 5 -66.32 -18.59 -36.97
N ASP J 6 -65.20 -18.79 -36.28
CA ASP J 6 -63.98 -18.05 -36.59
C ASP J 6 -63.62 -18.20 -38.06
N ASP J 7 -63.81 -19.40 -38.62
CA ASP J 7 -63.65 -19.56 -40.06
C ASP J 7 -64.67 -18.74 -40.82
N ILE J 8 -65.91 -18.68 -40.32
CA ILE J 8 -66.95 -17.93 -41.01
C ILE J 8 -66.65 -16.44 -40.95
N LEU J 9 -66.28 -15.93 -39.76
CA LEU J 9 -65.89 -14.53 -39.67
C LEU J 9 -64.66 -14.24 -40.52
N ALA J 10 -63.73 -15.19 -40.60
CA ALA J 10 -62.56 -15.00 -41.44
C ALA J 10 -62.95 -14.82 -42.90
N GLU J 11 -63.61 -15.83 -43.48
CA GLU J 11 -64.03 -15.73 -44.87
C GLU J 11 -64.88 -14.48 -45.10
N LEU J 12 -65.70 -14.13 -44.12
CA LEU J 12 -66.46 -12.88 -44.19
C LEU J 12 -65.54 -11.67 -44.20
N ASP J 13 -64.33 -11.83 -43.66
CA ASP J 13 -63.32 -10.78 -43.69
C ASP J 13 -62.40 -10.90 -44.89
N LYS J 14 -62.32 -12.09 -45.49
CA LYS J 14 -61.51 -12.24 -46.70
C LYS J 14 -62.08 -11.43 -47.86
N GLU J 15 -63.31 -10.95 -47.73
CA GLU J 15 -63.94 -10.13 -48.75
C GLU J 15 -62.99 -9.03 -49.24
N VAL J 54 -45.07 -5.82 -55.25
CA VAL J 54 -43.66 -5.56 -55.00
C VAL J 54 -43.49 -4.27 -54.21
N SER J 55 -43.77 -4.32 -52.92
CA SER J 55 -43.62 -3.15 -52.07
C SER J 55 -42.15 -2.77 -51.99
N PRO J 56 -41.77 -1.53 -52.34
CA PRO J 56 -40.37 -1.14 -52.19
C PRO J 56 -39.88 -1.33 -50.77
N GLN J 57 -40.75 -1.14 -49.78
CA GLN J 57 -40.39 -1.46 -48.40
C GLN J 57 -40.06 -2.94 -48.27
N GLN J 58 -40.89 -3.79 -48.87
CA GLN J 58 -40.61 -5.22 -48.86
C GLN J 58 -39.29 -5.52 -49.55
N ASP J 59 -39.03 -4.84 -50.67
CA ASP J 59 -37.78 -5.05 -51.38
C ASP J 59 -36.59 -4.68 -50.50
N PHE J 60 -36.70 -3.57 -49.77
CA PHE J 60 -35.64 -3.18 -48.87
C PHE J 60 -35.41 -4.23 -47.79
N SER J 61 -36.49 -4.77 -47.23
CA SER J 61 -36.36 -5.81 -46.23
C SER J 61 -35.64 -7.04 -46.81
N ASP J 62 -36.03 -7.42 -48.03
CA ASP J 62 -35.37 -8.56 -48.68
C ASP J 62 -33.90 -8.28 -48.87
N LEU J 63 -33.56 -7.07 -49.30
CA LEU J 63 -32.17 -6.71 -49.48
C LEU J 63 -31.40 -6.85 -48.17
N MET J 64 -32.00 -6.37 -47.08
CA MET J 64 -31.30 -6.38 -45.80
C MET J 64 -31.06 -7.80 -45.32
N LYS J 65 -32.07 -8.66 -45.46
CA LYS J 65 -31.89 -10.07 -45.15
C LYS J 65 -30.79 -10.68 -46.01
N SER J 66 -30.81 -10.40 -47.30
CA SER J 66 -29.81 -10.96 -48.20
C SER J 66 -28.42 -10.50 -47.82
N TRP J 67 -28.31 -9.24 -47.41
CA TRP J 67 -27.00 -8.70 -47.04
C TRP J 67 -26.48 -9.35 -45.78
N LYS J 68 -27.36 -9.56 -44.78
CA LYS J 68 -26.94 -10.33 -43.62
C LYS J 68 -26.43 -11.70 -44.03
N ASN J 69 -27.21 -12.41 -44.83
CA ASN J 69 -26.80 -13.75 -45.24
C ASN J 69 -25.45 -13.72 -45.93
N GLU J 70 -25.26 -12.76 -46.83
CA GLU J 70 -23.98 -12.64 -47.52
C GLU J 70 -22.85 -12.42 -46.52
N ARG J 71 -23.06 -11.53 -45.55
CA ARG J 71 -22.02 -11.25 -44.58
C ARG J 71 -21.62 -12.50 -43.82
N CYS J 72 -22.60 -13.27 -43.35
CA CYS J 72 -22.28 -14.43 -42.53
C CYS J 72 -22.07 -15.69 -43.35
N SER J 73 -22.59 -15.76 -44.56
CA SER J 73 -22.49 -16.98 -45.35
C SER J 73 -21.04 -17.23 -45.75
N PRO J 74 -20.53 -18.45 -45.60
CA PRO J 74 -19.20 -18.73 -46.17
C PRO J 74 -19.20 -18.70 -47.69
N GLU J 75 -20.11 -19.43 -48.31
CA GLU J 75 -20.21 -19.46 -49.76
C GLU J 75 -20.83 -18.16 -50.27
N LEU J 76 -20.66 -17.93 -51.57
CA LEU J 76 -21.30 -16.78 -52.21
C LEU J 76 -22.73 -17.15 -52.57
N LEU J 77 -23.67 -16.31 -52.21
CA LEU J 77 -25.07 -16.63 -52.43
C LEU J 77 -25.51 -16.17 -53.82
N PRO J 78 -26.50 -16.84 -54.40
CA PRO J 78 -26.97 -16.46 -55.74
C PRO J 78 -27.46 -15.03 -55.76
N TYR J 79 -26.78 -14.19 -56.55
CA TYR J 79 -27.08 -12.78 -56.69
C TYR J 79 -28.53 -12.57 -57.10
N PRO J 80 -29.40 -12.07 -56.21
CA PRO J 80 -30.81 -11.88 -56.60
C PRO J 80 -31.00 -10.74 -57.58
N HIS J 81 -30.79 -11.04 -58.87
CA HIS J 81 -30.67 -10.00 -59.88
C HIS J 81 -31.85 -9.02 -59.84
N GLN J 82 -33.07 -9.55 -59.85
CA GLN J 82 -34.24 -8.69 -60.00
C GLN J 82 -34.34 -7.69 -58.85
N LEU J 83 -34.06 -8.14 -57.64
CA LEU J 83 -34.17 -7.27 -56.48
C LEU J 83 -33.28 -6.05 -56.63
N MET J 84 -32.00 -6.28 -56.91
CA MET J 84 -31.07 -5.16 -57.06
C MET J 84 -31.43 -4.32 -58.28
N LYS J 85 -31.89 -4.95 -59.36
CA LYS J 85 -32.28 -4.18 -60.53
C LYS J 85 -33.35 -3.16 -60.16
N ARG J 86 -34.42 -3.63 -59.53
CA ARG J 86 -35.52 -2.73 -59.17
C ARG J 86 -35.05 -1.70 -58.15
N LEU J 87 -34.22 -2.12 -57.19
CA LEU J 87 -33.75 -1.20 -56.16
C LEU J 87 -32.91 -0.09 -56.77
N LEU J 88 -32.03 -0.45 -57.70
CA LEU J 88 -31.20 0.56 -58.35
C LEU J 88 -32.04 1.51 -59.18
N ASN J 89 -33.04 0.99 -59.88
CA ASN J 89 -33.92 1.87 -60.64
C ASN J 89 -34.62 2.86 -59.71
N ARG J 90 -35.16 2.35 -58.59
CA ARG J 90 -35.82 3.22 -57.64
C ARG J 90 -34.84 4.24 -57.08
N ILE J 91 -33.61 3.84 -56.81
CA ILE J 91 -32.62 4.76 -56.26
C ILE J 91 -32.32 5.86 -57.26
N SER J 92 -32.13 5.50 -58.52
CA SER J 92 -31.85 6.49 -59.56
C SER J 92 -32.97 7.51 -59.64
N MET J 93 -34.21 7.02 -59.78
CA MET J 93 -35.33 7.95 -59.89
C MET J 93 -35.51 8.78 -58.63
N GLN J 94 -35.28 8.18 -57.46
CA GLN J 94 -35.42 8.90 -56.21
C GLN J 94 -34.41 10.03 -56.13
N SER J 95 -33.15 9.74 -56.47
CA SER J 95 -32.13 10.78 -56.45
C SER J 95 -32.47 11.88 -57.44
N GLN J 96 -32.96 11.50 -58.61
CA GLN J 96 -33.31 12.51 -59.61
C GLN J 96 -34.42 13.41 -59.10
N LEU J 97 -35.47 12.84 -58.52
CA LEU J 97 -36.58 13.67 -58.05
C LEU J 97 -36.15 14.50 -56.85
N ILE J 98 -35.23 13.98 -56.04
CA ILE J 98 -34.69 14.77 -54.94
C ILE J 98 -33.96 15.99 -55.51
N GLU J 99 -33.18 15.78 -56.57
CA GLU J 99 -32.53 16.90 -57.21
C GLU J 99 -33.56 17.88 -57.75
N ASN J 100 -34.69 17.38 -58.23
CA ASN J 100 -35.76 18.26 -58.69
C ASN J 100 -36.29 19.11 -57.55
N ILE J 101 -36.51 18.49 -56.38
CA ILE J 101 -36.96 19.27 -55.22
C ILE J 101 -35.91 20.29 -54.83
N SER J 102 -34.64 19.94 -54.94
CA SER J 102 -33.57 20.88 -54.66
C SER J 102 -33.65 22.08 -55.59
N MET J 103 -33.87 21.81 -56.88
CA MET J 103 -34.01 22.90 -57.84
C MET J 103 -35.21 23.77 -57.49
N GLY J 104 -36.32 23.14 -57.11
CA GLY J 104 -37.49 23.92 -56.69
C GLY J 104 -37.17 24.81 -55.50
N PHE J 105 -36.43 24.28 -54.52
CA PHE J 105 -35.98 25.10 -53.40
C PHE J 105 -35.15 26.27 -53.89
N LEU J 106 -34.21 26.02 -54.81
CA LEU J 106 -33.47 27.11 -55.41
C LEU J 106 -34.39 28.12 -56.07
N ASP J 107 -35.51 27.65 -56.61
CA ASP J 107 -36.46 28.52 -57.29
C ASP J 107 -37.28 29.33 -56.28
N ASN J 120 -45.81 23.98 -48.25
CA ASN J 120 -44.81 24.88 -47.67
C ASN J 120 -43.42 24.50 -48.16
N GLU J 121 -42.41 25.12 -47.55
CA GLU J 121 -41.01 24.88 -47.92
C GLU J 121 -40.25 24.16 -46.82
N SER J 122 -40.94 23.52 -45.88
CA SER J 122 -40.27 22.76 -44.84
C SER J 122 -39.39 21.68 -45.45
N LYS J 123 -38.14 21.64 -45.01
CA LYS J 123 -37.15 20.74 -45.58
C LYS J 123 -37.09 19.39 -44.86
N LEU J 124 -37.80 19.23 -43.75
CA LEU J 124 -37.72 17.98 -43.01
C LEU J 124 -37.92 16.76 -43.90
N PRO J 125 -38.94 16.70 -44.76
CA PRO J 125 -39.02 15.56 -45.68
C PRO J 125 -37.81 15.47 -46.60
N LEU J 126 -37.23 16.60 -46.99
CA LEU J 126 -36.03 16.56 -47.81
C LEU J 126 -34.89 15.88 -47.05
N LEU J 127 -34.73 16.22 -45.78
CA LEU J 127 -33.70 15.59 -44.97
C LEU J 127 -33.96 14.10 -44.86
N CYS J 128 -35.23 13.71 -44.67
CA CYS J 128 -35.56 12.29 -44.61
C CYS J 128 -35.20 11.57 -45.90
N MET J 129 -35.53 12.16 -47.05
CA MET J 129 -35.03 11.62 -48.30
C MET J 129 -33.51 11.46 -48.32
N GLU J 130 -32.78 12.51 -47.96
CA GLU J 130 -31.34 12.42 -48.07
C GLU J 130 -30.80 11.29 -47.21
N THR J 131 -31.26 11.19 -45.97
CA THR J 131 -30.80 10.12 -45.10
C THR J 131 -31.24 8.75 -45.61
N GLU J 132 -32.47 8.63 -46.12
CA GLU J 132 -32.92 7.33 -46.59
C GLU J 132 -32.07 6.85 -47.76
N LEU J 133 -31.80 7.75 -48.71
CA LEU J 133 -30.92 7.37 -49.82
C LEU J 133 -29.55 7.00 -49.32
N GLU J 134 -29.01 7.77 -48.37
CA GLU J 134 -27.70 7.44 -47.84
C GLU J 134 -27.69 6.04 -47.24
N ARG J 135 -28.69 5.72 -46.43
CA ARG J 135 -28.73 4.42 -45.77
C ARG J 135 -28.85 3.30 -46.79
N LEU J 136 -29.74 3.46 -47.77
CA LEU J 136 -29.93 2.42 -48.77
C LEU J 136 -28.66 2.20 -49.58
N LYS J 137 -28.04 3.29 -50.03
CA LYS J 137 -26.80 3.19 -50.78
C LYS J 137 -25.73 2.51 -49.93
N PHE J 138 -25.68 2.85 -48.64
CA PHE J 138 -24.71 2.22 -47.75
C PHE J 138 -24.93 0.71 -47.70
N VAL J 139 -26.18 0.28 -47.56
CA VAL J 139 -26.44 -1.15 -47.46
C VAL J 139 -26.02 -1.85 -48.75
N ILE J 140 -26.37 -1.26 -49.89
CA ILE J 140 -26.03 -1.88 -51.17
C ILE J 140 -24.52 -1.97 -51.31
N ARG J 141 -23.82 -0.89 -50.96
CA ARG J 141 -22.37 -0.88 -51.05
C ARG J 141 -21.76 -1.94 -50.16
N SER J 142 -22.26 -2.06 -48.94
CA SER J 142 -21.76 -3.09 -48.03
C SER J 142 -21.90 -4.47 -48.66
N TYR J 143 -23.09 -4.76 -49.19
CA TYR J 143 -23.33 -6.06 -49.78
C TYR J 143 -22.39 -6.30 -50.96
N ILE J 144 -22.24 -5.30 -51.82
CA ILE J 144 -21.41 -5.44 -53.02
C ILE J 144 -19.96 -5.69 -52.62
N ARG J 145 -19.44 -4.89 -51.70
CA ARG J 145 -18.05 -5.06 -51.29
C ARG J 145 -17.84 -6.41 -50.63
N CYS J 146 -18.80 -6.84 -49.81
CA CYS J 146 -18.68 -8.15 -49.19
C CYS J 146 -18.57 -9.25 -50.24
N ARG J 147 -19.47 -9.25 -51.21
CA ARG J 147 -19.41 -10.31 -52.21
C ARG J 147 -18.18 -10.19 -53.09
N LEU J 148 -17.70 -8.97 -53.31
CA LEU J 148 -16.45 -8.80 -54.06
C LEU J 148 -15.29 -9.46 -53.34
N SER J 149 -15.17 -9.18 -52.03
CA SER J 149 -14.11 -9.81 -51.26
C SER J 149 -14.25 -11.32 -51.29
N LYS J 150 -15.48 -11.81 -51.14
CA LYS J 150 -15.69 -13.26 -51.19
C LYS J 150 -15.25 -13.82 -52.53
N ILE J 151 -15.59 -13.13 -53.61
CA ILE J 151 -15.15 -13.56 -54.94
C ILE J 151 -13.64 -13.69 -54.96
N ASP J 152 -12.95 -12.66 -54.45
CA ASP J 152 -11.49 -12.71 -54.42
C ASP J 152 -11.00 -13.91 -53.64
N LYS J 153 -11.67 -14.24 -52.53
CA LYS J 153 -11.20 -15.33 -51.68
C LYS J 153 -11.17 -16.65 -52.43
N PHE J 154 -12.23 -16.97 -53.16
CA PHE J 154 -12.38 -18.25 -53.83
C PHE J 154 -12.39 -18.08 -55.33
N SER J 155 -11.53 -17.19 -55.84
CA SER J 155 -11.48 -16.97 -57.28
C SER J 155 -11.18 -18.26 -58.03
N LEU J 156 -10.24 -19.05 -57.51
CA LEU J 156 -9.88 -20.31 -58.18
C LEU J 156 -11.06 -21.29 -58.17
N TYR J 157 -11.75 -21.37 -57.04
CA TYR J 157 -12.92 -22.24 -56.96
C TYR J 157 -13.97 -21.84 -57.97
N LEU J 158 -14.20 -20.53 -58.09
CA LEU J 158 -15.12 -20.02 -59.10
C LEU J 158 -14.64 -20.38 -60.50
N ARG J 159 -13.34 -20.24 -60.73
CA ARG J 159 -12.79 -20.55 -62.05
C ARG J 159 -13.05 -22.00 -62.42
N GLN J 160 -12.82 -22.92 -61.49
CA GLN J 160 -13.00 -24.33 -61.81
C GLN J 160 -14.47 -24.67 -61.96
N LEU J 161 -15.33 -24.05 -61.14
CA LEU J 161 -16.76 -24.27 -61.32
C LEU J 161 -17.21 -23.82 -62.70
N ASN J 162 -16.79 -22.64 -63.13
CA ASN J 162 -17.14 -22.18 -64.47
C ASN J 162 -16.57 -23.11 -65.53
N GLU J 163 -15.31 -23.53 -65.35
CA GLU J 163 -14.68 -24.43 -66.31
C GLU J 163 -15.41 -25.76 -66.37
N ASP J 164 -15.87 -26.27 -65.23
CA ASP J 164 -16.60 -27.53 -65.20
C ASP J 164 -17.89 -27.36 -65.98
N GLU J 165 -17.95 -27.96 -67.17
CA GLU J 165 -19.19 -27.91 -67.95
C GLU J 165 -20.30 -28.71 -67.29
N ASN J 166 -19.96 -29.67 -66.45
CA ASN J 166 -20.94 -30.38 -65.64
C ASN J 166 -21.38 -29.57 -64.43
N SER J 167 -20.81 -28.39 -64.22
CA SER J 167 -21.18 -27.56 -63.09
C SER J 167 -22.69 -27.38 -63.03
N LEU J 168 -23.27 -27.76 -61.88
CA LEU J 168 -24.70 -27.62 -61.69
C LEU J 168 -25.14 -26.17 -61.79
N ILE J 169 -24.23 -25.22 -61.60
CA ILE J 169 -24.55 -23.80 -61.68
C ILE J 169 -23.56 -23.13 -62.62
N SER J 170 -24.04 -22.14 -63.36
CA SER J 170 -23.20 -21.33 -64.22
C SER J 170 -22.75 -20.09 -63.45
N LEU J 171 -21.48 -19.72 -63.65
CA LEU J 171 -20.93 -18.59 -62.92
C LEU J 171 -21.80 -17.35 -63.09
N THR J 172 -22.37 -17.17 -64.29
CA THR J 172 -23.24 -16.03 -64.52
C THR J 172 -24.47 -16.09 -63.61
N ASP J 173 -24.95 -17.30 -63.30
CA ASP J 173 -26.11 -17.43 -62.43
C ASP J 173 -25.80 -16.87 -61.05
N LEU J 174 -24.62 -17.16 -60.53
CA LEU J 174 -24.24 -16.72 -59.19
C LEU J 174 -23.74 -15.28 -59.20
N LEU J 175 -22.66 -15.01 -59.94
CA LEU J 175 -22.14 -13.66 -60.05
C LEU J 175 -22.99 -12.86 -61.03
N SER J 176 -23.11 -11.56 -60.78
CA SER J 176 -23.79 -10.68 -61.72
C SER J 176 -22.80 -10.14 -62.73
N LYS J 177 -23.36 -9.45 -63.73
CA LYS J 177 -22.56 -8.99 -64.88
C LYS J 177 -21.28 -8.32 -64.43
N ASP J 178 -21.40 -7.23 -63.65
CA ASP J 178 -20.21 -6.52 -63.21
C ASP J 178 -19.33 -7.41 -62.36
N GLU J 179 -19.94 -8.29 -61.55
CA GLU J 179 -19.17 -9.23 -60.76
C GLU J 179 -18.40 -10.18 -61.66
N ILE J 180 -19.04 -10.67 -62.73
CA ILE J 180 -18.35 -11.54 -63.67
C ILE J 180 -17.15 -10.83 -64.26
N LYS J 181 -17.36 -9.60 -64.72
CA LYS J 181 -16.27 -8.85 -65.34
C LYS J 181 -15.13 -8.64 -64.35
N TYR J 182 -15.47 -8.23 -63.13
CA TYR J 182 -14.44 -7.99 -62.12
C TYR J 182 -13.67 -9.25 -61.82
N HIS J 183 -14.37 -10.36 -61.62
CA HIS J 183 -13.69 -11.62 -61.33
C HIS J 183 -12.73 -11.98 -62.44
N ASP J 184 -13.20 -11.93 -63.68
CA ASP J 184 -12.36 -12.32 -64.80
C ASP J 184 -11.12 -11.44 -64.88
N THR J 185 -11.31 -10.13 -64.88
CA THR J 185 -10.17 -9.23 -65.06
C THR J 185 -9.21 -9.32 -63.88
N HIS J 186 -9.74 -9.37 -62.66
CA HIS J 186 -8.87 -9.46 -61.49
C HIS J 186 -8.07 -10.75 -61.50
N SER J 187 -8.73 -11.87 -61.85
CA SER J 187 -8.02 -13.12 -61.97
C SER J 187 -6.91 -13.02 -63.00
N LEU J 188 -7.20 -12.38 -64.13
CA LEU J 188 -6.18 -12.25 -65.17
C LEU J 188 -5.00 -11.42 -64.67
N ILE J 189 -5.27 -10.32 -63.99
CA ILE J 189 -4.19 -9.45 -63.51
C ILE J 189 -3.34 -10.19 -62.49
N TRP J 190 -3.99 -10.84 -61.54
CA TRP J 190 -3.26 -11.59 -60.53
C TRP J 190 -2.45 -12.71 -61.16
N LEU J 191 -3.04 -13.38 -62.16
CA LEU J 191 -2.32 -14.44 -62.86
C LEU J 191 -1.09 -13.90 -63.54
N LYS J 192 -1.20 -12.76 -64.21
CA LYS J 192 -0.04 -12.18 -64.86
C LYS J 192 1.03 -11.84 -63.83
N LEU J 193 0.62 -11.22 -62.72
CA LEU J 193 1.59 -10.83 -61.70
C LEU J 193 2.34 -12.04 -61.18
N VAL J 194 1.61 -13.06 -60.74
CA VAL J 194 2.25 -14.24 -60.17
C VAL J 194 3.09 -14.95 -61.23
N ASN J 195 2.55 -15.06 -62.44
CA ASN J 195 3.31 -15.65 -63.54
C ASN J 195 4.68 -15.01 -63.62
N ASP J 196 4.71 -13.71 -63.91
CA ASP J 196 5.99 -13.02 -64.10
C ASP J 196 6.86 -13.15 -62.87
N SER J 197 6.28 -12.98 -61.68
CA SER J 197 7.08 -12.95 -60.47
C SER J 197 7.78 -14.28 -60.22
N ILE J 198 7.07 -15.39 -60.37
CA ILE J 198 7.57 -16.67 -59.90
C ILE J 198 7.58 -17.71 -61.01
N LEU J 199 6.45 -17.87 -61.70
CA LEU J 199 6.24 -19.06 -62.51
C LEU J 199 7.24 -19.14 -63.66
N LYS J 200 7.62 -17.98 -64.22
CA LYS J 200 8.55 -17.99 -65.35
C LYS J 200 9.82 -18.73 -64.99
N TYR J 201 10.31 -18.53 -63.76
CA TYR J 201 11.39 -19.38 -63.26
C TYR J 201 10.91 -20.80 -63.03
N MET J 202 9.69 -20.96 -62.57
CA MET J 202 9.19 -22.26 -62.16
C MET J 202 9.07 -23.16 -63.39
N PRO J 203 9.42 -24.44 -63.31
CA PRO J 203 9.18 -25.33 -64.44
C PRO J 203 7.71 -25.67 -64.60
N GLU J 204 7.37 -26.11 -65.81
CA GLU J 204 5.97 -26.27 -66.19
C GLU J 204 5.21 -27.11 -65.18
N GLU J 205 5.78 -28.23 -64.75
CA GLU J 205 5.07 -29.14 -63.86
C GLU J 205 4.59 -28.41 -62.61
N LEU J 206 5.31 -27.40 -62.17
CA LEU J 206 4.93 -26.61 -61.01
C LEU J 206 4.37 -25.24 -61.38
N GLN J 207 4.45 -24.85 -62.65
CA GLN J 207 3.90 -23.57 -63.07
C GLN J 207 2.37 -23.53 -62.96
N ALA J 208 1.73 -24.70 -62.83
CA ALA J 208 0.28 -24.72 -62.71
C ALA J 208 -0.15 -23.92 -61.48
N ILE J 209 -1.11 -23.02 -61.68
CA ILE J 209 -1.62 -22.16 -60.62
C ILE J 209 -2.84 -22.78 -59.95
N ASN J 210 -3.72 -23.40 -60.72
CA ASN J 210 -4.90 -24.05 -60.19
C ASN J 210 -4.67 -25.51 -59.88
N ASP J 211 -3.42 -25.90 -59.61
CA ASP J 211 -3.12 -27.30 -59.35
C ASP J 211 -3.88 -27.82 -58.15
N THR J 212 -4.39 -29.05 -58.26
CA THR J 212 -5.05 -29.73 -57.15
C THR J 212 -4.35 -31.03 -56.79
N GLU J 213 -3.25 -31.36 -57.46
CA GLU J 213 -2.56 -32.63 -57.25
C GLU J 213 -1.47 -32.54 -56.18
N GLY J 214 -0.88 -31.37 -56.00
CA GLY J 214 0.12 -31.23 -54.96
C GLY J 214 -0.41 -31.62 -53.59
N SER J 215 0.50 -31.73 -52.63
CA SER J 215 0.10 -32.10 -51.28
C SER J 215 -1.01 -31.20 -50.76
N VAL J 216 -0.97 -29.92 -51.12
CA VAL J 216 -1.99 -28.95 -50.76
C VAL J 216 -2.64 -28.45 -52.05
N ASN J 217 -3.96 -28.64 -52.15
CA ASN J 217 -4.69 -28.14 -53.30
C ASN J 217 -4.62 -26.62 -53.30
N MET J 218 -4.08 -26.04 -54.38
CA MET J 218 -4.01 -24.59 -54.45
C MET J 218 -5.40 -23.99 -54.46
N ILE J 219 -6.33 -24.61 -55.18
CA ILE J 219 -7.72 -24.15 -55.17
C ILE J 219 -8.28 -24.36 -53.77
N ASP J 220 -9.04 -23.37 -53.29
CA ASP J 220 -9.66 -23.43 -51.98
C ASP J 220 -11.12 -23.05 -52.09
N GLU J 221 -11.95 -23.65 -51.26
CA GLU J 221 -13.39 -23.50 -51.32
C GLU J 221 -13.94 -23.13 -49.95
N PRO J 222 -15.10 -22.50 -49.90
CA PRO J 222 -15.69 -22.16 -48.59
C PRO J 222 -15.91 -23.41 -47.76
N ASP J 223 -15.66 -23.28 -46.45
CA ASP J 223 -15.90 -24.39 -45.54
C ASP J 223 -17.40 -24.62 -45.44
N TRP J 224 -17.87 -25.68 -46.09
CA TRP J 224 -19.28 -26.03 -45.98
C TRP J 224 -19.63 -26.37 -44.55
N ASN J 225 -18.67 -26.88 -43.79
CA ASN J 225 -18.90 -27.30 -42.42
C ASN J 225 -18.72 -26.17 -41.40
N LYS J 226 -18.41 -24.96 -41.85
CA LYS J 226 -18.25 -23.85 -40.92
C LYS J 226 -19.49 -23.67 -40.08
N PHE J 227 -19.29 -23.55 -38.77
CA PHE J 227 -20.41 -23.27 -37.87
C PHE J 227 -20.85 -21.82 -38.01
N VAL J 228 -22.15 -21.60 -37.91
CA VAL J 228 -22.74 -20.28 -38.13
C VAL J 228 -23.94 -20.13 -37.22
N PHE J 229 -24.16 -18.90 -36.73
CA PHE J 229 -25.36 -18.62 -35.96
C PHE J 229 -26.56 -18.61 -36.89
N ILE J 230 -27.68 -19.15 -36.41
CA ILE J 230 -28.88 -19.27 -37.23
C ILE J 230 -30.11 -19.06 -36.35
N HIS J 231 -31.14 -18.50 -36.96
CA HIS J 231 -32.45 -18.38 -36.33
C HIS J 231 -33.48 -19.05 -37.22
N VAL J 232 -34.39 -19.79 -36.60
CA VAL J 232 -35.41 -20.52 -37.36
C VAL J 232 -36.59 -19.60 -37.63
N ASN J 233 -36.56 -18.95 -38.80
CA ASN J 233 -37.68 -18.09 -39.18
C ASN J 233 -38.99 -18.83 -39.16
N GLY J 234 -38.97 -20.13 -39.45
CA GLY J 234 -40.18 -20.87 -39.69
C GLY J 234 -40.57 -20.75 -41.15
N PRO J 235 -41.73 -21.28 -41.50
CA PRO J 235 -42.18 -21.21 -42.89
C PRO J 235 -42.31 -19.76 -43.34
N PRO J 236 -42.00 -19.47 -44.61
CA PRO J 236 -42.08 -18.07 -45.07
C PRO J 236 -43.45 -17.46 -44.89
N ASP J 237 -44.51 -18.26 -44.98
CA ASP J 237 -45.87 -17.80 -44.82
C ASP J 237 -46.44 -18.30 -43.50
N GLY J 238 -47.62 -17.77 -43.15
CA GLY J 238 -48.29 -18.23 -41.95
C GLY J 238 -48.75 -19.67 -42.04
N LYS J 239 -48.79 -20.24 -43.24
CA LYS J 239 -49.19 -21.63 -43.43
C LYS J 239 -48.03 -22.53 -43.01
N TRP J 240 -48.22 -23.26 -41.91
CA TRP J 240 -47.19 -24.14 -41.40
C TRP J 240 -47.34 -25.56 -41.92
N ASN J 241 -48.56 -26.11 -41.83
CA ASN J 241 -48.79 -27.46 -42.32
C ASN J 241 -48.51 -27.58 -43.81
N GLU J 242 -48.54 -26.45 -44.53
CA GLU J 242 -48.27 -26.48 -45.96
C GLU J 242 -46.90 -27.07 -46.25
N ASP J 243 -45.88 -26.61 -45.53
CA ASP J 243 -44.52 -27.08 -45.78
C ASP J 243 -44.40 -28.54 -45.34
N PRO J 244 -43.89 -29.43 -46.20
CA PRO J 244 -43.72 -30.82 -45.76
C PRO J 244 -42.60 -31.01 -44.77
N LEU J 245 -41.52 -30.22 -44.88
CA LEU J 245 -40.40 -30.37 -43.96
C LEU J 245 -40.83 -30.10 -42.53
N LEU J 246 -41.63 -29.06 -42.32
CA LEU J 246 -42.12 -28.74 -40.99
C LEU J 246 -42.94 -29.89 -40.43
N GLN J 247 -42.81 -30.13 -39.13
CA GLN J 247 -43.60 -31.13 -38.45
C GLN J 247 -43.52 -30.87 -36.95
N GLU J 248 -44.64 -31.05 -36.26
CA GLU J 248 -44.67 -30.79 -34.83
C GLU J 248 -43.83 -31.81 -34.08
N ASN J 249 -43.49 -31.47 -32.84
CA ASN J 249 -42.52 -32.23 -32.07
C ASN J 249 -42.91 -32.24 -30.60
N GLU J 250 -41.96 -32.64 -29.73
CA GLU J 250 -42.19 -32.54 -28.30
C GLU J 250 -42.85 -31.21 -27.97
N PHE J 251 -43.94 -31.29 -27.19
CA PHE J 251 -44.78 -30.14 -26.89
C PHE J 251 -45.47 -29.60 -28.14
N GLY J 252 -45.51 -30.39 -29.21
CA GLY J 252 -46.14 -29.95 -30.43
C GLY J 252 -45.50 -28.73 -31.04
N LYS J 253 -44.19 -28.59 -30.88
CA LYS J 253 -43.46 -27.46 -31.44
C LYS J 253 -42.88 -27.84 -32.79
N PRO J 254 -43.20 -27.11 -33.86
CA PRO J 254 -42.64 -27.48 -35.18
C PRO J 254 -41.13 -27.31 -35.20
N CYS J 255 -40.47 -28.15 -35.99
CA CYS J 255 -39.05 -28.02 -36.23
C CYS J 255 -38.76 -28.49 -37.65
N TYR J 256 -37.57 -28.15 -38.14
CA TYR J 256 -37.07 -28.71 -39.40
C TYR J 256 -35.95 -29.68 -39.06
N THR J 257 -36.34 -30.92 -38.77
CA THR J 257 -35.35 -31.94 -38.42
C THR J 257 -34.36 -32.12 -39.56
N VAL J 258 -33.08 -32.16 -39.19
CA VAL J 258 -32.02 -32.31 -40.19
C VAL J 258 -30.91 -33.18 -39.62
N THR J 259 -30.62 -34.29 -40.30
CA THR J 259 -29.53 -35.15 -39.88
C THR J 259 -28.19 -34.49 -40.18
N ILE J 260 -27.24 -34.63 -39.25
CA ILE J 260 -25.86 -34.19 -39.46
C ILE J 260 -25.04 -35.44 -39.83
N PRO J 261 -24.57 -35.56 -41.07
CA PRO J 261 -23.92 -36.83 -41.45
C PRO J 261 -22.58 -37.03 -40.79
N ASP J 262 -21.80 -35.96 -40.59
CA ASP J 262 -20.49 -36.11 -39.99
C ASP J 262 -20.58 -36.81 -38.63
N LEU J 263 -21.48 -36.34 -37.78
CA LEU J 263 -21.73 -36.99 -36.50
C LEU J 263 -22.82 -38.06 -36.58
N LYS J 264 -23.54 -38.14 -37.70
CA LYS J 264 -24.59 -39.13 -37.87
C LYS J 264 -25.67 -38.96 -36.79
N GLU J 265 -26.13 -37.73 -36.61
CA GLU J 265 -27.11 -37.41 -35.57
C GLU J 265 -28.20 -36.51 -36.14
N GLU J 266 -29.23 -36.31 -35.33
CA GLU J 266 -30.39 -35.51 -35.70
C GLU J 266 -30.50 -34.31 -34.77
N VAL J 267 -31.00 -33.20 -35.31
CA VAL J 267 -31.22 -31.98 -34.54
C VAL J 267 -32.62 -31.48 -34.86
N GLU J 268 -33.34 -31.08 -33.81
CA GLU J 268 -34.72 -30.62 -33.91
C GLU J 268 -34.74 -29.11 -33.67
N LEU J 269 -34.54 -28.36 -34.74
CA LEU J 269 -34.45 -26.90 -34.65
C LEU J 269 -35.87 -26.35 -34.58
N THR J 270 -36.30 -26.03 -33.37
CA THR J 270 -37.63 -25.50 -33.16
C THR J 270 -37.77 -24.11 -33.80
N ILE J 271 -38.99 -23.80 -34.23
CA ILE J 271 -39.22 -22.53 -34.88
C ILE J 271 -39.03 -21.38 -33.88
N GLY J 272 -38.63 -20.24 -34.40
CA GLY J 272 -38.44 -19.08 -33.54
C GLY J 272 -37.40 -19.29 -32.45
N SER J 273 -36.31 -19.99 -32.78
CA SER J 273 -35.24 -20.23 -31.83
C SER J 273 -33.91 -19.95 -32.52
N ILE J 274 -32.84 -20.03 -31.73
CA ILE J 274 -31.49 -19.75 -32.22
C ILE J 274 -30.64 -20.99 -32.02
N TYR J 275 -29.77 -21.25 -32.99
CA TYR J 275 -28.88 -22.40 -32.94
C TYR J 275 -27.59 -22.06 -33.68
N VAL J 276 -26.59 -22.92 -33.48
CA VAL J 276 -25.32 -22.82 -34.17
C VAL J 276 -25.10 -24.15 -34.86
N MET J 277 -25.06 -24.13 -36.19
CA MET J 277 -24.94 -25.33 -37.00
C MET J 277 -23.87 -25.13 -38.07
N ARG J 278 -23.36 -26.26 -38.57
CA ARG J 278 -22.48 -26.23 -39.72
C ARG J 278 -23.25 -25.69 -40.91
N TYR J 279 -22.62 -24.79 -41.68
CA TYR J 279 -23.31 -24.18 -42.80
C TYR J 279 -23.87 -25.24 -43.74
N GLU J 280 -23.12 -26.33 -43.93
CA GLU J 280 -23.58 -27.38 -44.84
C GLU J 280 -24.95 -27.89 -44.45
N VAL J 281 -25.15 -28.16 -43.15
CA VAL J 281 -26.39 -28.78 -42.70
C VAL J 281 -27.58 -27.89 -42.99
N ILE J 282 -27.37 -26.57 -43.06
CA ILE J 282 -28.47 -25.62 -43.23
C ILE J 282 -28.58 -25.12 -44.65
N ARG J 283 -27.61 -25.39 -45.51
CA ARG J 283 -27.62 -24.86 -46.87
C ARG J 283 -29.03 -24.84 -47.46
N ASP J 284 -29.75 -25.97 -47.36
CA ASP J 284 -31.07 -26.03 -47.96
C ASP J 284 -32.06 -25.11 -47.26
N LEU J 285 -32.15 -25.23 -45.92
CA LEU J 285 -33.14 -24.46 -45.19
C LEU J 285 -32.94 -22.96 -45.39
N LEU J 286 -31.71 -22.50 -45.23
CA LEU J 286 -31.43 -21.09 -45.50
C LEU J 286 -31.73 -20.76 -46.95
N ARG J 287 -31.35 -21.65 -47.88
CA ARG J 287 -31.76 -21.48 -49.26
C ARG J 287 -33.27 -21.51 -49.40
N ASP J 288 -33.94 -22.30 -48.56
CA ASP J 288 -35.39 -22.33 -48.55
C ASP J 288 -35.99 -21.17 -47.76
N ASP J 289 -35.15 -20.41 -47.05
CA ASP J 289 -35.53 -19.24 -46.27
C ASP J 289 -36.27 -19.63 -44.99
N LYS J 290 -36.38 -20.93 -44.70
CA LYS J 290 -37.00 -21.34 -43.44
C LYS J 290 -36.24 -20.79 -42.24
N VAL J 291 -34.93 -20.54 -42.40
CA VAL J 291 -34.09 -20.10 -41.30
C VAL J 291 -33.32 -18.85 -41.73
N ALA J 292 -32.98 -18.05 -40.74
CA ALA J 292 -32.24 -16.81 -40.94
C ALA J 292 -30.79 -17.02 -40.54
N LEU J 293 -29.88 -16.70 -41.44
CA LEU J 293 -28.44 -16.80 -41.14
C LEU J 293 -28.07 -15.64 -40.23
N ILE J 294 -28.11 -15.89 -38.93
CA ILE J 294 -27.81 -14.86 -37.95
C ILE J 294 -26.34 -14.47 -38.04
N MET K 1 -31.44 51.29 -31.94
CA MET K 1 -32.59 51.69 -32.78
C MET K 1 -32.71 50.80 -34.00
N TYR K 2 -31.58 50.60 -34.70
CA TYR K 2 -31.61 49.90 -35.97
C TYR K 2 -32.36 48.57 -35.84
N TYR K 3 -32.01 47.77 -34.83
CA TYR K 3 -32.74 46.58 -34.46
C TYR K 3 -32.94 46.62 -32.94
N GLY K 4 -34.09 47.12 -32.51
CA GLY K 4 -34.37 47.19 -31.08
C GLY K 4 -34.66 45.82 -30.51
N ILE K 5 -34.70 45.76 -29.17
CA ILE K 5 -34.89 44.50 -28.48
C ILE K 5 -36.15 43.80 -28.96
N SER K 6 -37.24 44.55 -29.12
CA SER K 6 -38.51 43.94 -29.50
C SER K 6 -38.43 43.21 -30.83
N GLN K 7 -37.57 43.67 -31.73
CA GLN K 7 -37.51 43.14 -33.09
C GLN K 7 -36.37 42.14 -33.30
N PHE K 8 -35.78 41.64 -32.22
CA PHE K 8 -34.74 40.62 -32.35
C PHE K 8 -35.30 39.38 -33.03
N SER K 9 -36.48 38.95 -32.62
CA SER K 9 -37.09 37.78 -33.24
C SER K 9 -37.33 38.01 -34.72
N GLU K 10 -37.79 39.20 -35.09
CA GLU K 10 -38.03 39.50 -36.50
C GLU K 10 -36.73 39.46 -37.29
N ALA K 11 -35.66 40.02 -36.73
CA ALA K 11 -34.36 39.95 -37.41
C ALA K 11 -33.93 38.49 -37.58
N TYR K 12 -34.14 37.67 -36.55
CA TYR K 12 -33.78 36.26 -36.63
C TYR K 12 -34.57 35.55 -37.71
N ASN K 13 -35.87 35.84 -37.80
CA ASN K 13 -36.69 35.26 -38.84
C ASN K 13 -36.20 35.69 -40.22
N LYS K 14 -35.80 36.96 -40.35
CA LYS K 14 -35.25 37.43 -41.61
C LYS K 14 -33.98 36.67 -41.97
N ILE K 15 -33.11 36.46 -40.98
CA ILE K 15 -31.89 35.72 -41.21
C ILE K 15 -32.22 34.33 -41.73
N LEU K 16 -33.19 33.67 -41.10
CA LEU K 16 -33.62 32.36 -41.59
C LEU K 16 -34.11 32.45 -43.02
N ARG K 17 -35.03 33.37 -43.29
CA ARG K 17 -35.61 33.50 -44.62
C ARG K 17 -34.53 33.69 -45.67
N ASN K 18 -33.43 34.35 -45.32
CA ASN K 18 -32.36 34.58 -46.27
C ASN K 18 -31.42 33.38 -46.43
N SER K 19 -30.81 32.94 -45.33
CA SER K 19 -29.75 31.94 -45.39
C SER K 19 -30.21 30.52 -45.14
N SER K 20 -31.50 30.28 -44.95
CA SER K 20 -31.99 28.93 -44.68
C SER K 20 -32.06 28.16 -46.00
N SER K 21 -31.11 27.25 -46.19
CA SER K 21 -31.13 26.36 -47.35
C SER K 21 -30.21 25.18 -47.06
N HIS K 22 -30.78 23.99 -46.98
CA HIS K 22 -29.98 22.79 -46.79
C HIS K 22 -28.98 22.58 -47.91
N SER K 23 -29.21 23.20 -49.08
CA SER K 23 -28.29 23.05 -50.20
C SER K 23 -26.89 23.53 -49.85
N SER K 24 -26.78 24.66 -49.16
CA SER K 24 -25.48 25.21 -48.82
C SER K 24 -25.63 26.14 -47.63
N CYS K 25 -24.49 26.51 -47.05
CA CYS K 25 -24.44 27.39 -45.89
C CYS K 25 -24.20 28.82 -46.36
N GLN K 26 -25.13 29.71 -46.04
CA GLN K 26 -25.00 31.12 -46.38
C GLN K 26 -24.84 32.00 -45.17
N LEU K 27 -24.67 31.41 -43.98
CA LEU K 27 -24.53 32.16 -42.74
C LEU K 27 -23.12 31.97 -42.20
N VAL K 28 -22.43 33.06 -41.95
CA VAL K 28 -21.10 33.06 -41.37
C VAL K 28 -21.12 33.91 -40.11
N ILE K 29 -20.50 33.40 -39.05
CA ILE K 29 -20.53 34.05 -37.75
C ILE K 29 -19.10 34.44 -37.42
N PHE K 30 -18.80 35.72 -37.59
CA PHE K 30 -17.53 36.26 -37.12
C PHE K 30 -17.61 36.52 -35.62
N VAL K 31 -16.65 35.95 -34.88
CA VAL K 31 -16.60 36.08 -33.42
C VAL K 31 -15.21 36.58 -33.04
N SER K 32 -15.17 37.60 -32.20
CA SER K 32 -13.89 38.10 -31.68
C SER K 32 -13.51 37.29 -30.47
N CYS K 33 -12.44 36.50 -30.59
CA CYS K 33 -11.98 35.68 -29.47
C CYS K 33 -11.50 36.59 -28.34
N LEU K 34 -11.05 35.97 -27.26
CA LEU K 34 -10.59 36.68 -26.08
C LEU K 34 -11.72 37.45 -25.41
N ASN K 35 -12.90 36.83 -25.32
CA ASN K 35 -14.04 37.43 -24.63
C ASN K 35 -14.98 36.29 -24.24
N ILE K 36 -15.07 36.03 -22.93
CA ILE K 36 -15.84 34.89 -22.45
C ILE K 36 -17.29 35.03 -22.89
N ASP K 37 -17.90 36.19 -22.63
CA ASP K 37 -19.31 36.35 -22.95
C ASP K 37 -19.53 36.21 -24.45
N ALA K 38 -18.59 36.68 -25.25
CA ALA K 38 -18.70 36.50 -26.70
C ALA K 38 -18.72 35.02 -27.05
N LEU K 39 -17.86 34.23 -26.42
CA LEU K 39 -17.84 32.80 -26.68
C LEU K 39 -19.17 32.16 -26.29
N CYS K 40 -19.69 32.52 -25.13
CA CYS K 40 -20.96 31.96 -24.68
C CYS K 40 -22.07 32.32 -25.66
N ALA K 41 -22.11 33.58 -26.09
CA ALA K 41 -23.11 34.02 -27.06
C ALA K 41 -23.01 33.21 -28.35
N THR K 42 -21.79 33.03 -28.84
CA THR K 42 -21.59 32.29 -30.08
C THR K 42 -22.06 30.85 -29.92
N LYS K 43 -21.77 30.23 -28.78
CA LYS K 43 -22.22 28.86 -28.56
C LYS K 43 -23.73 28.79 -28.53
N MET K 44 -24.38 29.75 -27.87
CA MET K 44 -25.83 29.77 -27.83
C MET K 44 -26.40 29.86 -29.24
N LEU K 45 -25.85 30.76 -30.05
CA LEU K 45 -26.33 30.90 -31.41
C LEU K 45 -26.11 29.62 -32.21
N SER K 46 -24.95 28.98 -32.00
CA SER K 46 -24.66 27.74 -32.69
C SER K 46 -25.70 26.68 -32.37
N LEU K 47 -26.03 26.54 -31.08
CA LEU K 47 -27.04 25.57 -30.69
C LEU K 47 -28.39 25.93 -31.31
N LEU K 48 -28.76 27.21 -31.29
CA LEU K 48 -30.02 27.62 -31.90
C LEU K 48 -30.08 27.19 -33.36
N PHE K 49 -29.04 27.51 -34.12
CA PHE K 49 -29.04 27.15 -35.53
C PHE K 49 -29.05 25.63 -35.71
N LYS K 50 -28.36 24.92 -34.82
CA LYS K 50 -28.40 23.47 -34.87
C LYS K 50 -29.84 22.97 -34.75
N LYS K 51 -30.61 23.56 -33.85
CA LYS K 51 -32.03 23.25 -33.81
C LYS K 51 -32.69 23.58 -35.14
N GLN K 52 -32.41 24.76 -35.68
CA GLN K 52 -32.96 25.14 -36.97
C GLN K 52 -32.30 24.43 -38.13
N LEU K 53 -31.21 23.70 -37.88
CA LEU K 53 -30.56 22.89 -38.91
C LEU K 53 -30.17 23.75 -40.11
N VAL K 54 -29.64 24.94 -39.84
CA VAL K 54 -29.16 25.84 -40.89
C VAL K 54 -27.65 25.78 -40.89
N GLN K 55 -27.07 25.28 -41.98
CA GLN K 55 -25.63 25.15 -42.07
C GLN K 55 -24.96 26.52 -42.00
N SER K 56 -23.89 26.61 -41.23
CA SER K 56 -23.20 27.87 -41.01
C SER K 56 -21.75 27.58 -40.65
N GLN K 57 -20.98 28.66 -40.48
CA GLN K 57 -19.55 28.55 -40.19
C GLN K 57 -19.20 29.50 -39.07
N ILE K 58 -18.21 29.10 -38.26
CA ILE K 58 -17.72 29.90 -37.14
C ILE K 58 -16.33 30.42 -37.51
N VAL K 59 -16.11 31.71 -37.30
CA VAL K 59 -14.85 32.36 -37.66
C VAL K 59 -14.28 33.08 -36.46
N PRO K 60 -13.42 32.45 -35.66
CA PRO K 60 -12.73 33.19 -34.60
C PRO K 60 -11.88 34.30 -35.20
N ILE K 61 -11.83 35.44 -34.50
CA ILE K 61 -11.06 36.60 -34.94
C ILE K 61 -10.45 37.26 -33.71
N PHE K 62 -9.27 37.85 -33.89
CA PHE K 62 -8.58 38.54 -32.81
C PHE K 62 -8.42 40.04 -33.04
N GLY K 63 -8.26 40.48 -34.28
CA GLY K 63 -7.97 41.88 -34.55
C GLY K 63 -8.85 42.41 -35.66
N TYR K 64 -9.03 43.73 -35.63
CA TYR K 64 -9.84 44.39 -36.67
C TYR K 64 -9.29 44.11 -38.06
N SER K 65 -7.97 44.14 -38.21
CA SER K 65 -7.37 43.85 -39.51
C SER K 65 -7.69 42.42 -39.94
N GLU K 66 -7.68 41.49 -38.98
CA GLU K 66 -8.08 40.12 -39.28
C GLU K 66 -9.50 40.09 -39.83
N LEU K 67 -10.41 40.85 -39.19
CA LEU K 67 -11.77 40.92 -39.67
C LEU K 67 -11.82 41.49 -41.09
N ARG K 68 -11.04 42.54 -41.35
CA ARG K 68 -11.03 43.13 -42.68
C ARG K 68 -10.62 42.11 -43.73
N ARG K 69 -9.49 41.44 -43.50
CA ARG K 69 -9.01 40.47 -44.48
C ARG K 69 -10.01 39.33 -44.64
N HIS K 70 -10.63 38.89 -43.53
CA HIS K 70 -11.60 37.82 -43.62
C HIS K 70 -12.80 38.23 -44.46
N TYR K 71 -13.25 39.48 -44.31
CA TYR K 71 -14.34 39.97 -45.15
C TYR K 71 -13.90 40.06 -46.60
N SER K 72 -12.63 40.40 -46.84
CA SER K 72 -12.15 40.47 -48.22
C SER K 72 -12.30 39.13 -48.92
N GLN K 73 -12.00 38.04 -48.22
CA GLN K 73 -12.07 36.69 -48.77
C GLN K 73 -13.48 36.14 -48.78
N LEU K 74 -14.47 36.88 -48.27
CA LEU K 74 -15.83 36.36 -48.19
C LEU K 74 -16.36 36.04 -49.58
N ASP K 75 -17.36 35.16 -49.62
CA ASP K 75 -18.01 34.76 -50.86
C ASP K 75 -19.41 35.34 -50.92
N ASP K 76 -19.84 35.68 -52.14
CA ASP K 76 -21.15 36.30 -52.32
C ASP K 76 -22.27 35.39 -51.85
N ASN K 77 -22.04 34.07 -51.86
CA ASN K 77 -23.07 33.15 -51.41
C ASN K 77 -23.54 33.49 -50.00
N ILE K 78 -22.60 33.90 -49.13
CA ILE K 78 -22.96 34.26 -47.78
C ILE K 78 -23.72 35.58 -47.80
N ASN K 79 -24.91 35.58 -47.21
CA ASN K 79 -25.70 36.79 -47.09
C ASN K 79 -25.88 37.24 -45.64
N SER K 80 -25.56 36.40 -44.67
CA SER K 80 -25.76 36.71 -43.26
C SER K 80 -24.40 36.70 -42.56
N LEU K 81 -24.07 37.81 -41.90
CA LEU K 81 -22.85 37.93 -41.11
C LEU K 81 -23.24 38.29 -39.68
N LEU K 82 -22.76 37.50 -38.73
CA LEU K 82 -23.01 37.72 -37.31
C LEU K 82 -21.69 38.13 -36.66
N LEU K 83 -21.64 39.36 -36.18
CA LEU K 83 -20.46 39.89 -35.51
C LEU K 83 -20.72 39.92 -34.02
N VAL K 84 -19.92 39.18 -33.26
CA VAL K 84 -20.13 38.98 -31.83
C VAL K 84 -19.09 39.77 -31.06
N GLY K 85 -19.53 40.79 -30.35
CA GLY K 85 -18.63 41.53 -29.48
C GLY K 85 -17.51 42.23 -30.21
N PHE K 86 -17.80 42.83 -31.37
CA PHE K 86 -16.82 43.66 -32.05
C PHE K 86 -17.52 44.44 -33.14
N GLY K 87 -17.03 45.66 -33.38
CA GLY K 87 -17.51 46.49 -34.46
C GLY K 87 -18.62 47.45 -34.10
N GLY K 88 -19.13 47.40 -32.87
CA GLY K 88 -20.25 48.24 -32.52
C GLY K 88 -19.94 49.73 -32.63
N VAL K 89 -18.74 50.11 -32.21
CA VAL K 89 -18.37 51.53 -32.20
C VAL K 89 -17.72 51.97 -33.50
N ILE K 90 -17.01 51.06 -34.18
CA ILE K 90 -16.36 51.43 -35.43
C ILE K 90 -17.40 51.56 -36.53
N ASP K 91 -17.04 52.29 -37.59
CA ASP K 91 -17.88 52.40 -38.78
C ASP K 91 -17.54 51.22 -39.69
N LEU K 92 -18.16 50.08 -39.39
CA LEU K 92 -17.89 48.86 -40.14
C LEU K 92 -18.02 49.07 -41.63
N GLU K 93 -19.09 49.73 -42.07
CA GLU K 93 -19.23 50.04 -43.48
C GLU K 93 -18.01 50.76 -44.00
N ALA K 94 -17.53 51.76 -43.25
CA ALA K 94 -16.30 52.44 -43.63
C ALA K 94 -15.09 51.53 -43.44
N PHE K 95 -14.99 50.88 -42.28
CA PHE K 95 -13.84 50.03 -42.01
C PHE K 95 -13.76 48.90 -43.02
N LEU K 96 -14.90 48.26 -43.30
CA LEU K 96 -14.93 47.26 -44.35
C LEU K 96 -15.17 47.87 -45.72
N GLU K 97 -15.35 49.19 -45.78
CA GLU K 97 -15.48 49.90 -47.04
C GLU K 97 -16.62 49.31 -47.89
N ILE K 98 -17.74 49.01 -47.23
CA ILE K 98 -18.86 48.40 -47.92
C ILE K 98 -19.63 49.47 -48.68
N ASP K 99 -19.78 49.27 -49.99
CA ASP K 99 -20.59 50.15 -50.81
C ASP K 99 -22.00 49.61 -50.86
N PRO K 100 -23.02 50.38 -50.46
CA PRO K 100 -24.39 49.88 -50.57
C PRO K 100 -24.75 49.43 -51.98
N GLN K 101 -24.29 50.17 -52.99
CA GLN K 101 -24.62 49.83 -54.36
C GLN K 101 -24.00 48.50 -54.77
N GLU K 102 -22.82 48.19 -54.23
CA GLU K 102 -22.18 46.91 -54.56
C GLU K 102 -23.06 45.75 -54.16
N TYR K 103 -23.71 45.84 -53.00
CA TYR K 103 -24.56 44.77 -52.49
C TYR K 103 -26.03 44.99 -52.77
N VAL K 104 -26.43 46.18 -53.22
CA VAL K 104 -27.84 46.47 -53.37
C VAL K 104 -28.45 45.53 -54.39
N ILE K 105 -29.55 44.87 -54.00
CA ILE K 105 -30.31 44.02 -54.90
C ILE K 105 -31.76 44.04 -54.44
N ASP K 106 -32.66 43.96 -55.42
CA ASP K 106 -34.09 43.88 -55.12
C ASP K 106 -34.51 45.01 -54.19
N THR K 107 -34.01 46.21 -54.45
CA THR K 107 -34.36 47.35 -53.61
C THR K 107 -35.87 47.56 -53.59
N ASP K 108 -36.51 47.50 -54.76
CA ASP K 108 -37.95 47.67 -54.85
C ASP K 108 -38.67 46.35 -54.53
N SER K 111 -40.85 51.54 -55.61
CA SER K 111 -41.28 51.03 -54.32
C SER K 111 -40.41 51.57 -53.19
N GLY K 112 -41.06 52.05 -52.13
CA GLY K 112 -40.33 52.56 -50.98
C GLY K 112 -39.72 51.46 -50.15
N GLU K 113 -38.74 50.76 -50.72
CA GLU K 113 -38.13 49.61 -50.08
C GLU K 113 -36.67 49.56 -50.47
N GLN K 114 -35.89 48.81 -49.69
CA GLN K 114 -34.48 48.60 -49.99
C GLN K 114 -34.08 47.19 -49.60
N SER K 115 -33.07 46.67 -50.28
CA SER K 115 -32.54 45.34 -49.97
C SER K 115 -31.11 45.24 -50.50
N PHE K 116 -30.37 44.30 -49.94
CA PHE K 116 -28.99 44.07 -50.34
C PHE K 116 -28.72 42.57 -50.34
N ARG K 117 -27.64 42.18 -51.02
CA ARG K 117 -27.32 40.76 -51.14
C ARG K 117 -26.80 40.18 -49.83
N ARG K 118 -26.15 41.00 -49.01
CA ARG K 118 -25.57 40.55 -47.76
C ARG K 118 -26.22 41.30 -46.60
N ASP K 119 -26.04 40.75 -45.40
CA ASP K 119 -26.63 41.29 -44.18
C ASP K 119 -25.59 41.16 -43.07
N ILE K 120 -25.19 42.31 -42.50
CA ILE K 120 -24.17 42.34 -41.46
C ILE K 120 -24.87 42.59 -40.13
N TYR K 121 -24.99 41.55 -39.32
CA TYR K 121 -25.60 41.65 -38.00
C TYR K 121 -24.53 41.81 -36.94
N VAL K 122 -24.70 42.82 -36.09
CA VAL K 122 -23.72 43.20 -35.09
C VAL K 122 -24.32 43.02 -33.71
N LEU K 123 -23.61 42.30 -32.85
CA LEU K 123 -24.02 42.11 -31.47
C LEU K 123 -23.06 42.79 -30.50
N ASP K 124 -22.21 43.68 -31.00
CA ASP K 124 -21.17 44.31 -30.20
C ASP K 124 -21.81 45.36 -29.29
N ALA K 125 -22.07 44.97 -28.05
CA ALA K 125 -22.74 45.85 -27.09
C ALA K 125 -21.72 46.51 -26.17
N HIS K 126 -20.92 47.41 -26.75
CA HIS K 126 -20.08 48.26 -25.91
C HIS K 126 -20.88 49.43 -25.37
N ARG K 127 -21.30 50.34 -26.25
CA ARG K 127 -22.06 51.53 -25.87
C ARG K 127 -21.93 52.60 -26.94
N PRO K 128 -20.72 53.14 -27.17
CA PRO K 128 -20.61 54.25 -28.13
C PRO K 128 -20.85 53.76 -29.55
N TRP K 129 -22.11 53.44 -29.83
CA TRP K 129 -22.48 52.88 -31.12
C TRP K 129 -22.11 53.84 -32.24
N ASN K 130 -21.52 53.31 -33.31
CA ASN K 130 -21.23 54.12 -34.49
C ASN K 130 -22.53 54.62 -35.09
N LEU K 131 -22.78 55.93 -34.99
CA LEU K 131 -24.05 56.47 -35.46
C LEU K 131 -24.29 56.14 -36.92
N ASP K 132 -23.24 56.14 -37.74
CA ASP K 132 -23.40 55.74 -39.13
C ASP K 132 -23.91 54.32 -39.22
N ASN K 133 -23.34 53.41 -38.42
CA ASN K 133 -23.86 52.05 -38.37
C ASN K 133 -25.31 52.04 -37.91
N ILE K 134 -25.61 52.82 -36.86
CA ILE K 134 -26.97 52.86 -36.34
C ILE K 134 -27.91 53.43 -37.39
N PHE K 135 -27.50 54.53 -38.03
CA PHE K 135 -28.38 55.30 -38.89
C PHE K 135 -27.95 55.29 -40.35
N GLY K 136 -26.71 55.69 -40.63
CA GLY K 136 -26.26 55.84 -41.99
C GLY K 136 -26.34 54.57 -42.80
N SER K 137 -25.90 53.46 -42.21
CA SER K 137 -25.83 52.20 -42.94
C SER K 137 -27.14 51.44 -42.83
N GLN K 138 -27.44 50.68 -43.88
CA GLN K 138 -28.54 49.71 -43.88
C GLN K 138 -28.03 48.28 -43.97
N ILE K 139 -26.95 48.06 -44.73
CA ILE K 139 -26.32 46.75 -44.76
C ILE K 139 -25.86 46.36 -43.36
N ILE K 140 -25.51 47.35 -42.55
CA ILE K 140 -25.11 47.11 -41.16
C ILE K 140 -26.36 46.89 -40.34
N GLN K 141 -26.38 45.79 -39.59
CA GLN K 141 -27.48 45.46 -38.69
C GLN K 141 -26.92 45.32 -37.28
N CYS K 142 -27.52 46.03 -36.34
CA CYS K 142 -27.05 46.06 -34.95
C CYS K 142 -28.19 45.73 -34.02
N PHE K 143 -28.07 44.63 -33.28
CA PHE K 143 -29.09 44.25 -32.33
C PHE K 143 -29.00 45.15 -31.10
N ASP K 144 -29.62 46.32 -31.19
CA ASP K 144 -29.49 47.30 -30.14
C ASP K 144 -30.31 46.91 -28.92
N ASP K 145 -29.77 47.21 -27.74
CA ASP K 145 -30.45 46.98 -26.48
C ASP K 145 -31.40 48.12 -26.11
N GLY K 146 -31.76 48.96 -27.06
CA GLY K 146 -32.56 50.14 -26.79
C GLY K 146 -31.77 51.34 -26.32
N THR K 147 -30.46 51.19 -26.14
CA THR K 147 -29.64 52.32 -25.70
C THR K 147 -29.82 53.51 -26.62
N VAL K 148 -29.92 53.26 -27.93
CA VAL K 148 -30.07 54.36 -28.88
C VAL K 148 -31.38 55.08 -28.64
N ASP K 149 -32.48 54.33 -28.52
CA ASP K 149 -33.79 54.92 -28.37
C ASP K 149 -34.01 55.55 -27.00
N ASP K 150 -33.11 55.30 -26.05
CA ASP K 150 -33.27 55.78 -24.69
C ASP K 150 -32.28 56.87 -24.33
N THR K 151 -31.17 56.96 -25.07
CA THR K 151 -30.11 57.91 -24.73
C THR K 151 -29.73 58.74 -25.95
N LEU K 152 -29.77 58.13 -27.13
CA LEU K 152 -29.27 58.75 -28.35
C LEU K 152 -30.37 59.43 -29.16
N GLY K 153 -31.56 59.62 -28.58
CA GLY K 153 -32.61 60.30 -29.31
C GLY K 153 -32.18 61.69 -29.76
N GLU K 154 -31.57 62.45 -28.84
CA GLU K 154 -30.98 63.72 -29.24
C GLU K 154 -29.84 63.49 -30.23
N GLN K 155 -29.04 62.44 -30.00
CA GLN K 155 -27.99 62.10 -30.96
C GLN K 155 -28.58 61.74 -32.31
N LYS K 156 -29.68 60.99 -32.32
CA LYS K 156 -30.33 60.69 -33.59
C LYS K 156 -30.80 61.96 -34.29
N GLU K 157 -31.40 62.87 -33.53
CA GLU K 157 -31.87 64.12 -34.13
C GLU K 157 -30.71 64.90 -34.72
N ALA K 158 -29.61 65.02 -33.98
CA ALA K 158 -28.46 65.76 -34.47
C ALA K 158 -27.86 65.09 -35.71
N TYR K 159 -27.77 63.76 -35.69
CA TYR K 159 -27.20 63.04 -36.83
C TYR K 159 -28.07 63.24 -38.07
N TYR K 160 -29.39 63.11 -37.91
CA TYR K 160 -30.28 63.25 -39.05
C TYR K 160 -30.30 64.69 -39.55
N LYS K 161 -30.12 65.67 -38.66
CA LYS K 161 -30.02 67.05 -39.11
C LYS K 161 -28.74 67.28 -39.90
N LEU K 162 -27.61 66.82 -39.38
CA LEU K 162 -26.35 66.98 -40.09
C LEU K 162 -26.41 66.30 -41.44
N LEU K 163 -26.93 65.07 -41.49
CA LEU K 163 -27.11 64.38 -42.76
C LEU K 163 -28.07 65.15 -43.66
N GLU K 164 -29.05 65.82 -43.05
CA GLU K 164 -29.99 66.64 -43.82
C GLU K 164 -29.28 67.82 -44.47
N LEU K 165 -28.36 68.45 -43.76
CA LEU K 165 -27.62 69.58 -44.31
C LEU K 165 -26.74 69.10 -45.45
N ASP K 166 -27.13 69.42 -46.67
CA ASP K 166 -26.41 68.97 -47.86
C ASP K 166 -26.40 70.06 -48.93
N ARG K 223 -23.22 81.47 -44.67
CA ARG K 223 -24.58 81.12 -44.28
C ARG K 223 -24.70 81.08 -42.77
N LYS K 224 -25.30 82.13 -42.20
CA LYS K 224 -25.38 82.26 -40.75
C LYS K 224 -26.26 81.18 -40.14
N GLN K 225 -27.42 80.91 -40.74
CA GLN K 225 -28.29 79.84 -40.22
C GLN K 225 -27.63 78.47 -40.37
N ARG K 226 -26.99 78.23 -41.52
CA ARG K 226 -26.33 76.95 -41.73
C ARG K 226 -25.30 76.70 -40.64
N LYS K 227 -24.48 77.71 -40.33
CA LYS K 227 -23.52 77.57 -39.23
C LYS K 227 -24.26 77.39 -37.90
N LYS K 228 -25.26 78.24 -37.65
CA LYS K 228 -25.96 78.27 -36.36
C LYS K 228 -26.62 76.94 -36.06
N GLN K 229 -26.82 76.10 -37.08
CA GLN K 229 -27.35 74.77 -36.85
C GLN K 229 -26.28 73.68 -36.92
N ILE K 230 -25.40 73.76 -37.91
CA ILE K 230 -24.44 72.70 -38.18
C ILE K 230 -23.44 72.58 -37.04
N HIS K 231 -23.01 73.71 -36.47
CA HIS K 231 -22.03 73.63 -35.40
C HIS K 231 -22.62 72.96 -34.16
N GLU K 232 -23.87 73.25 -33.83
CA GLU K 232 -24.50 72.60 -32.69
C GLU K 232 -24.68 71.11 -32.94
N TYR K 233 -25.12 70.72 -34.15
CA TYR K 233 -25.26 69.30 -34.42
C TYR K 233 -23.90 68.59 -34.38
N GLU K 234 -22.86 69.21 -34.94
CA GLU K 234 -21.53 68.62 -34.91
C GLU K 234 -21.04 68.49 -33.48
N GLY K 235 -21.27 69.52 -32.66
CA GLY K 235 -20.89 69.44 -31.25
C GLY K 235 -21.63 68.35 -30.52
N VAL K 236 -22.93 68.18 -30.82
CA VAL K 236 -23.71 67.12 -30.19
C VAL K 236 -23.11 65.76 -30.53
N LEU K 237 -22.84 65.55 -31.83
CA LEU K 237 -22.26 64.27 -32.24
C LEU K 237 -20.90 64.05 -31.60
N GLU K 238 -20.06 65.09 -31.57
CA GLU K 238 -18.75 64.97 -30.96
C GLU K 238 -18.85 64.66 -29.47
N GLU K 239 -19.80 65.31 -28.79
CA GLU K 239 -20.03 65.03 -27.38
C GLU K 239 -20.42 63.57 -27.18
N TYR K 240 -21.32 63.07 -28.02
CA TYR K 240 -21.59 61.64 -28.01
C TYR K 240 -20.32 60.84 -28.28
N TYR K 241 -19.42 61.40 -29.07
CA TYR K 241 -18.07 60.86 -29.21
C TYR K 241 -17.20 61.42 -28.10
N SER K 242 -15.90 61.17 -28.21
CA SER K 242 -14.93 61.62 -27.21
C SER K 242 -15.24 61.10 -25.82
N GLN K 243 -16.12 60.11 -25.72
CA GLN K 243 -16.49 59.49 -24.45
C GLN K 243 -15.98 58.06 -24.43
N GLY K 244 -15.38 57.66 -23.32
CA GLY K 244 -14.74 56.36 -23.27
C GLY K 244 -15.73 55.22 -23.43
N THR K 245 -15.22 54.09 -23.90
CA THR K 245 -16.05 52.91 -24.08
C THR K 245 -16.37 52.27 -22.74
N THR K 246 -17.57 51.67 -22.66
CA THR K 246 -17.96 50.93 -21.46
C THR K 246 -19.12 50.02 -21.84
N VAL K 247 -18.87 48.71 -21.80
CA VAL K 247 -19.87 47.71 -22.18
C VAL K 247 -21.18 48.02 -21.49
N VAL K 248 -22.28 47.92 -22.25
CA VAL K 248 -23.60 48.27 -21.73
C VAL K 248 -24.29 47.06 -21.10
N ASN K 249 -24.28 45.92 -21.79
CA ASN K 249 -25.04 44.78 -21.34
C ASN K 249 -24.44 43.50 -21.91
N SER K 250 -24.77 42.38 -21.27
CA SER K 250 -24.28 41.08 -21.73
C SER K 250 -24.87 40.74 -23.09
N ILE K 251 -23.99 40.46 -24.05
CA ILE K 251 -24.45 39.93 -25.33
C ILE K 251 -25.19 38.62 -25.08
N SER K 252 -24.67 37.80 -24.18
CA SER K 252 -25.36 36.57 -23.80
C SER K 252 -26.77 36.88 -23.32
N ALA K 253 -26.93 37.96 -22.56
CA ALA K 253 -28.27 38.32 -22.09
C ALA K 253 -29.19 38.65 -23.26
N GLN K 254 -28.67 39.39 -24.24
CA GLN K 254 -29.48 39.72 -25.41
C GLN K 254 -29.91 38.46 -26.14
N ILE K 255 -28.98 37.52 -26.31
CA ILE K 255 -29.28 36.30 -27.04
C ILE K 255 -30.28 35.46 -26.26
N TYR K 256 -30.15 35.44 -24.93
CA TYR K 256 -31.13 34.71 -24.12
C TYR K 256 -32.50 35.33 -24.26
N SER K 257 -32.59 36.65 -24.29
CA SER K 257 -33.87 37.31 -24.51
C SER K 257 -34.44 36.93 -25.86
N LEU K 258 -33.58 36.90 -26.88
CA LEU K 258 -34.05 36.49 -28.21
C LEU K 258 -34.59 35.07 -28.19
N LEU K 259 -33.89 34.17 -27.51
CA LEU K 259 -34.38 32.80 -27.41
C LEU K 259 -35.72 32.75 -26.69
N SER K 260 -35.85 33.51 -25.61
CA SER K 260 -37.15 33.62 -24.94
C SER K 260 -38.22 34.04 -25.93
N ALA K 261 -37.90 35.02 -26.78
CA ALA K 261 -38.83 35.41 -27.83
C ALA K 261 -39.16 34.24 -28.74
N ILE K 262 -38.16 33.40 -29.02
CA ILE K 262 -38.35 32.23 -29.88
C ILE K 262 -38.76 31.04 -29.02
N GLY K 263 -38.86 31.26 -27.71
CA GLY K 263 -39.28 30.19 -26.82
C GLY K 263 -38.32 29.03 -26.77
N GLU K 264 -37.06 29.23 -27.13
CA GLU K 264 -36.07 28.17 -27.09
C GLU K 264 -35.40 28.03 -25.73
N THR K 265 -35.79 28.84 -24.75
CA THR K 265 -35.11 28.86 -23.47
C THR K 265 -35.11 27.48 -22.84
N ASN K 266 -33.95 27.07 -22.35
CA ASN K 266 -33.81 25.83 -21.60
C ASN K 266 -32.70 26.01 -20.59
N LEU K 267 -32.60 25.05 -19.67
CA LEU K 267 -31.62 25.18 -18.58
C LEU K 267 -30.23 25.44 -19.12
N SER K 268 -29.85 24.78 -20.21
CA SER K 268 -28.50 24.95 -20.75
C SER K 268 -28.29 26.38 -21.21
N ASN K 269 -29.27 26.95 -21.93
CA ASN K 269 -29.12 28.31 -22.41
C ASN K 269 -29.02 29.28 -21.24
N LEU K 270 -29.83 29.08 -20.21
CA LEU K 270 -29.75 29.94 -19.03
C LEU K 270 -28.38 29.82 -18.38
N TRP K 271 -27.84 28.61 -18.32
CA TRP K 271 -26.51 28.43 -17.76
C TRP K 271 -25.46 29.19 -18.56
N LEU K 272 -25.56 29.13 -19.89
CA LEU K 272 -24.61 29.85 -20.72
C LEU K 272 -24.71 31.35 -20.49
N ASN K 273 -25.93 31.86 -20.43
CA ASN K 273 -26.11 33.30 -20.17
C ASN K 273 -25.54 33.66 -18.81
N ILE K 274 -25.78 32.82 -17.81
CA ILE K 274 -25.24 33.07 -16.48
C ILE K 274 -23.73 33.16 -16.55
N LEU K 275 -23.10 32.23 -17.27
CA LEU K 275 -21.65 32.23 -17.37
C LEU K 275 -21.15 33.50 -18.02
N GLY K 276 -21.78 33.91 -19.13
CA GLY K 276 -21.36 35.13 -19.79
C GLY K 276 -21.46 36.34 -18.88
N THR K 277 -22.60 36.48 -18.20
CA THR K 277 -22.79 37.63 -17.32
C THR K 277 -21.80 37.59 -16.16
N THR K 278 -21.57 36.41 -15.60
CA THR K 278 -20.62 36.30 -14.50
C THR K 278 -19.23 36.70 -14.94
N SER K 279 -18.83 36.28 -16.14
CA SER K 279 -17.55 36.72 -16.67
C SER K 279 -17.50 38.23 -16.79
N LEU K 280 -18.58 38.84 -17.28
CA LEU K 280 -18.59 40.28 -17.43
C LEU K 280 -18.50 40.99 -16.08
N ASP K 281 -19.03 40.36 -15.03
CA ASP K 281 -19.12 40.97 -13.71
C ASP K 281 -17.88 41.76 -13.30
N ILE K 282 -16.73 41.09 -13.27
CA ILE K 282 -15.52 41.63 -12.66
C ILE K 282 -15.28 43.06 -13.10
N ALA K 283 -15.35 43.32 -14.40
CA ALA K 283 -15.07 44.66 -14.91
C ALA K 283 -16.25 45.59 -14.66
N TYR K 284 -17.41 45.24 -15.23
CA TYR K 284 -18.61 46.06 -15.11
C TYR K 284 -19.56 45.44 -14.08
N ALA K 285 -19.14 45.50 -12.82
CA ALA K 285 -19.94 44.89 -11.75
C ALA K 285 -21.35 45.44 -11.74
N GLN K 286 -21.53 46.71 -12.12
CA GLN K 286 -22.87 47.30 -12.12
C GLN K 286 -23.78 46.56 -13.08
N VAL K 287 -23.27 46.21 -14.26
CA VAL K 287 -24.08 45.49 -15.23
C VAL K 287 -24.49 44.13 -14.65
N TYR K 288 -23.55 43.44 -14.01
CA TYR K 288 -23.87 42.16 -13.40
C TYR K 288 -24.94 42.32 -12.32
N ASN K 289 -24.83 43.37 -11.51
CA ASN K 289 -25.84 43.61 -10.50
C ASN K 289 -27.20 43.84 -11.13
N ARG K 290 -27.24 44.62 -12.20
CA ARG K 290 -28.52 44.90 -12.85
C ARG K 290 -29.13 43.63 -13.41
N LEU K 291 -28.32 42.76 -14.00
CA LEU K 291 -28.83 41.58 -14.66
C LEU K 291 -29.13 40.44 -13.70
N TYR K 292 -28.48 40.41 -12.53
CA TYR K 292 -28.62 39.28 -11.61
C TYR K 292 -30.08 38.94 -11.31
N PRO K 293 -30.95 39.89 -10.98
CA PRO K 293 -32.34 39.51 -10.70
C PRO K 293 -32.99 38.78 -11.85
N LEU K 294 -32.72 39.18 -13.09
CA LEU K 294 -33.34 38.52 -14.23
C LEU K 294 -32.89 37.07 -14.33
N LEU K 295 -31.59 36.82 -14.15
CA LEU K 295 -31.09 35.46 -14.23
C LEU K 295 -31.68 34.62 -13.10
N GLN K 296 -31.79 35.18 -11.90
CA GLN K 296 -32.42 34.47 -10.80
C GLN K 296 -33.87 34.13 -11.14
N ASP K 297 -34.58 35.08 -11.75
CA ASP K 297 -35.95 34.85 -12.17
C ASP K 297 -36.02 33.67 -13.13
N GLU K 298 -35.15 33.66 -14.13
CA GLU K 298 -35.16 32.57 -15.09
C GLU K 298 -34.82 31.25 -14.42
N VAL K 299 -33.88 31.27 -13.47
CA VAL K 299 -33.53 30.06 -12.75
C VAL K 299 -34.77 29.49 -12.06
N LYS K 300 -35.51 30.34 -11.36
CA LYS K 300 -36.74 29.88 -10.73
C LYS K 300 -37.72 29.38 -11.77
N ARG K 301 -37.81 30.07 -12.90
CA ARG K 301 -38.78 29.71 -13.93
C ARG K 301 -38.52 28.32 -14.47
N LEU K 302 -37.27 27.99 -14.77
CA LEU K 302 -36.92 26.68 -15.31
C LEU K 302 -36.68 25.64 -14.22
N THR K 303 -36.66 26.03 -12.96
CA THR K 303 -36.38 25.07 -11.91
C THR K 303 -37.43 23.97 -11.90
N PRO K 304 -37.05 22.71 -11.75
CA PRO K 304 -38.03 21.63 -11.71
C PRO K 304 -38.88 21.69 -10.45
N SER K 305 -40.03 21.03 -10.51
CA SER K 305 -40.92 20.98 -9.34
C SER K 305 -40.30 20.15 -8.23
N SER K 306 -39.69 19.02 -8.55
CA SER K 306 -39.15 18.13 -7.52
C SER K 306 -38.14 18.88 -6.67
N ARG K 307 -38.27 18.75 -5.36
CA ARG K 307 -37.37 19.38 -4.41
C ARG K 307 -36.78 18.32 -3.49
N ASN K 308 -35.50 18.45 -3.18
CA ASN K 308 -34.77 17.50 -2.36
C ASN K 308 -34.83 16.10 -2.94
N SER K 309 -34.97 15.99 -4.26
CA SER K 309 -34.95 14.68 -4.89
C SER K 309 -33.63 13.98 -4.60
N VAL K 310 -33.69 12.68 -4.36
CA VAL K 310 -32.49 11.93 -4.02
C VAL K 310 -31.45 12.13 -5.11
N LYS K 311 -30.23 12.45 -4.68
CA LYS K 311 -29.14 12.66 -5.64
C LYS K 311 -28.92 11.40 -6.46
N THR K 312 -28.96 11.55 -7.78
CA THR K 312 -28.67 10.46 -8.70
C THR K 312 -27.73 10.96 -9.78
N PRO K 313 -27.00 10.06 -10.44
CA PRO K 313 -26.10 10.52 -11.50
C PRO K 313 -26.81 11.36 -12.55
N ASP K 314 -28.04 10.99 -12.89
CA ASP K 314 -28.79 11.75 -13.89
C ASP K 314 -29.30 13.06 -13.31
N THR K 315 -29.51 13.11 -12.00
CA THR K 315 -29.97 14.35 -11.37
C THR K 315 -28.99 15.48 -11.66
N LEU K 316 -29.50 16.54 -12.28
CA LEU K 316 -28.71 17.72 -12.59
C LEU K 316 -29.49 18.95 -12.14
N THR K 317 -28.82 19.83 -11.40
CA THR K 317 -29.47 21.01 -10.86
C THR K 317 -28.59 22.23 -11.07
N LEU K 318 -29.23 23.39 -11.14
CA LEU K 318 -28.55 24.68 -11.24
C LEU K 318 -29.19 25.57 -10.17
N ASN K 319 -28.63 25.56 -8.98
CA ASN K 319 -29.26 26.15 -7.81
C ASN K 319 -28.48 27.38 -7.37
N ILE K 320 -29.20 28.34 -6.79
CA ILE K 320 -28.56 29.54 -6.27
C ILE K 320 -28.31 29.36 -4.78
N GLN K 321 -27.07 29.58 -4.36
CA GLN K 321 -26.69 29.51 -2.96
C GLN K 321 -25.40 30.29 -2.79
N PRO K 322 -24.97 30.54 -1.54
CA PRO K 322 -23.85 31.45 -1.32
C PRO K 322 -22.63 31.14 -2.18
N ASP K 323 -22.31 32.06 -3.10
CA ASP K 323 -21.09 31.99 -3.88
C ASP K 323 -20.07 32.98 -3.32
N TYR K 324 -19.35 32.52 -2.31
CA TYR K 324 -18.39 33.38 -1.63
C TYR K 324 -17.39 33.94 -2.63
N TYR K 325 -17.17 35.24 -2.55
CA TYR K 325 -16.33 35.93 -3.53
C TYR K 325 -14.87 35.59 -3.30
N LEU K 326 -14.49 34.35 -3.60
CA LEU K 326 -13.14 33.86 -3.43
C LEU K 326 -12.68 33.23 -4.74
N PHE K 327 -11.52 32.58 -4.70
CA PHE K 327 -10.91 32.00 -5.89
C PHE K 327 -10.88 30.48 -5.77
N LEU K 328 -11.57 29.80 -6.69
CA LEU K 328 -11.53 28.34 -6.79
C LEU K 328 -11.72 27.68 -5.44
N LEU K 329 -12.68 28.21 -4.67
CA LEU K 329 -12.94 27.67 -3.34
C LEU K 329 -13.18 26.17 -3.39
N ARG K 330 -14.10 25.74 -4.25
CA ARG K 330 -14.43 24.32 -4.32
C ARG K 330 -13.26 23.49 -4.83
N HIS K 331 -12.37 24.10 -5.62
CA HIS K 331 -11.26 23.39 -6.24
C HIS K 331 -9.92 23.93 -5.77
N SER K 332 -9.85 24.42 -4.54
CA SER K 332 -8.60 24.85 -3.95
C SER K 332 -8.81 25.00 -2.46
N SER K 333 -7.73 24.84 -1.70
CA SER K 333 -7.82 24.96 -0.26
C SER K 333 -8.34 26.33 0.13
N LEU K 334 -9.24 26.35 1.13
CA LEU K 334 -9.75 27.60 1.65
C LEU K 334 -8.63 28.62 1.81
N TYR K 335 -7.51 28.19 2.40
CA TYR K 335 -6.39 29.09 2.58
C TYR K 335 -5.93 29.65 1.24
N ASP K 336 -5.78 28.79 0.23
CA ASP K 336 -5.36 29.25 -1.08
C ASP K 336 -6.40 30.19 -1.68
N SER K 337 -7.67 29.80 -1.61
CA SER K 337 -8.73 30.63 -2.18
C SER K 337 -8.66 32.04 -1.62
N PHE K 338 -8.56 32.16 -0.30
CA PHE K 338 -8.40 33.48 0.31
C PHE K 338 -7.10 34.13 -0.16
N TYR K 339 -6.04 33.33 -0.26
CA TYR K 339 -4.72 33.87 -0.55
C TYR K 339 -4.65 34.49 -1.93
N TYR K 340 -5.56 34.11 -2.83
CA TYR K 340 -5.53 34.59 -4.20
C TYR K 340 -6.80 35.31 -4.61
N SER K 341 -7.73 35.53 -3.67
CA SER K 341 -8.94 36.29 -3.97
C SER K 341 -8.57 37.76 -4.06
N ASN K 342 -8.58 38.30 -5.28
CA ASN K 342 -8.18 39.67 -5.52
C ASN K 342 -8.74 40.60 -4.45
N TYR K 343 -10.04 40.49 -4.17
CA TYR K 343 -10.65 41.32 -3.15
C TYR K 343 -9.99 41.10 -1.79
N VAL K 344 -9.69 39.84 -1.46
CA VAL K 344 -9.07 39.55 -0.18
C VAL K 344 -7.73 40.24 -0.05
N ASN K 345 -6.87 40.08 -1.06
CA ASN K 345 -5.55 40.71 -1.01
C ASN K 345 -5.67 42.22 -0.96
N ALA K 346 -6.59 42.79 -1.74
CA ALA K 346 -6.78 44.23 -1.72
C ALA K 346 -7.19 44.70 -0.32
N LYS K 347 -8.09 43.97 0.34
CA LYS K 347 -8.53 44.37 1.67
C LYS K 347 -7.40 44.27 2.67
N LEU K 348 -6.71 43.13 2.72
CA LEU K 348 -5.67 42.89 3.70
C LEU K 348 -4.28 43.22 3.19
N SER K 349 -4.15 43.69 1.95
CA SER K 349 -2.84 44.00 1.39
C SER K 349 -1.91 42.80 1.48
N LEU K 350 -2.48 41.62 1.30
CA LEU K 350 -1.71 40.38 1.44
C LEU K 350 -0.38 40.44 0.70
N TRP K 351 -0.30 41.29 -0.33
CA TRP K 351 0.95 41.43 -1.06
C TRP K 351 2.12 41.69 -0.13
N ASN K 352 1.93 42.55 0.86
CA ASN K 352 2.94 42.73 1.90
C ASN K 352 2.89 41.57 2.88
N GLU K 353 4.04 41.27 3.49
CA GLU K 353 4.09 40.15 4.43
C GLU K 353 3.15 40.39 5.61
N ASN K 354 3.01 41.64 6.04
CA ASN K 354 2.10 41.95 7.13
C ASN K 354 0.68 41.53 6.77
N GLY K 355 0.33 41.62 5.49
CA GLY K 355 -0.96 41.10 5.06
C GLY K 355 -1.08 39.60 5.28
N LYS K 356 0.00 38.86 5.00
CA LYS K 356 -0.01 37.43 5.28
C LYS K 356 -0.16 37.16 6.77
N LYS K 357 0.52 37.95 7.59
CA LYS K 357 0.36 37.82 9.04
C LYS K 357 -1.10 38.04 9.44
N ARG K 358 -1.72 39.09 8.89
CA ARG K 358 -3.12 39.35 9.18
C ARG K 358 -4.01 38.22 8.69
N LEU K 359 -3.64 37.59 7.57
CA LEU K 359 -4.41 36.47 7.07
C LEU K 359 -4.36 35.29 8.04
N HIS K 360 -3.16 35.00 8.55
CA HIS K 360 -3.05 33.97 9.58
C HIS K 360 -3.88 34.34 10.79
N LYS K 361 -3.84 35.62 11.18
CA LYS K 361 -4.62 36.08 12.32
C LYS K 361 -6.11 35.86 12.07
N MET K 362 -6.56 36.16 10.86
CA MET K 362 -7.97 36.00 10.52
C MET K 362 -8.37 34.54 10.57
N PHE K 363 -7.53 33.65 10.02
CA PHE K 363 -7.85 32.24 10.08
C PHE K 363 -7.88 31.74 11.51
N ALA K 364 -6.96 32.21 12.34
CA ALA K 364 -7.03 31.87 13.77
C ALA K 364 -8.33 32.35 14.37
N ARG K 365 -8.74 33.58 14.04
CA ARG K 365 -10.02 34.09 14.52
C ARG K 365 -11.15 33.17 14.11
N MET K 366 -11.10 32.67 12.87
CA MET K 366 -12.10 31.70 12.42
C MET K 366 -12.10 30.45 13.29
N GLY K 367 -11.01 30.19 14.01
CA GLY K 367 -10.89 29.00 14.81
C GLY K 367 -10.64 27.77 13.94
N ILE K 368 -10.36 28.01 12.66
CA ILE K 368 -10.09 26.94 11.71
C ILE K 368 -8.59 26.61 11.79
N PRO K 369 -8.22 25.36 12.02
CA PRO K 369 -6.80 25.00 11.94
C PRO K 369 -6.23 25.37 10.59
N LEU K 370 -5.14 26.14 10.60
CA LEU K 370 -4.51 26.52 9.34
C LEU K 370 -4.23 25.31 8.49
N SER K 371 -3.64 24.27 9.06
CA SER K 371 -3.44 23.02 8.34
C SER K 371 -4.70 22.64 7.58
N THR K 372 -5.85 22.66 8.27
CA THR K 372 -7.11 22.37 7.61
C THR K 372 -7.37 23.35 6.48
N ALA K 373 -7.09 24.63 6.72
CA ALA K 373 -7.35 25.64 5.70
C ALA K 373 -6.56 25.37 4.42
N GLN K 374 -5.40 24.75 4.54
CA GLN K 374 -4.60 24.41 3.37
C GLN K 374 -4.96 23.06 2.77
N GLU K 375 -5.84 22.30 3.41
CA GLU K 375 -6.25 21.02 2.86
C GLU K 375 -7.12 21.22 1.63
N THR K 376 -7.18 20.19 0.79
CA THR K 376 -8.01 20.24 -0.40
C THR K 376 -9.46 20.47 -0.01
N TRP K 377 -10.13 21.38 -0.73
CA TRP K 377 -11.49 21.74 -0.36
C TRP K 377 -12.41 20.52 -0.37
N LEU K 378 -12.28 19.68 -1.41
CA LEU K 378 -13.13 18.50 -1.48
C LEU K 378 -12.94 17.60 -0.27
N TYR K 379 -11.80 17.72 0.42
CA TYR K 379 -11.49 16.88 1.55
C TYR K 379 -11.67 17.58 2.90
N MET K 380 -12.26 18.78 2.92
CA MET K 380 -12.59 19.40 4.18
C MET K 380 -13.38 18.44 5.05
N ASP K 381 -13.27 18.61 6.37
CA ASP K 381 -14.15 17.89 7.28
C ASP K 381 -15.59 18.37 7.09
N HIS K 382 -16.53 17.44 7.15
CA HIS K 382 -17.93 17.81 6.91
C HIS K 382 -18.35 18.93 7.83
N SER K 383 -17.92 18.88 9.09
CA SER K 383 -18.34 19.88 10.06
C SER K 383 -17.95 21.27 9.60
N ILE K 384 -16.68 21.45 9.24
CA ILE K 384 -16.25 22.75 8.73
C ILE K 384 -16.90 23.02 7.38
N LYS K 385 -16.93 22.01 6.50
CA LYS K 385 -17.45 22.22 5.16
C LYS K 385 -18.88 22.75 5.20
N ARG K 386 -19.62 22.47 6.28
CA ARG K 386 -20.99 22.94 6.41
C ARG K 386 -21.13 24.16 7.30
N GLU K 387 -20.33 24.28 8.35
CA GLU K 387 -20.42 25.40 9.26
C GLU K 387 -19.64 26.61 8.79
N LEU K 388 -18.96 26.49 7.64
CA LEU K 388 -18.25 27.64 7.07
C LEU K 388 -19.20 28.82 6.88
N GLY K 389 -20.48 28.54 6.64
CA GLY K 389 -21.43 29.64 6.53
C GLY K 389 -21.44 30.50 7.77
N ILE K 390 -21.60 29.87 8.94
CA ILE K 390 -21.58 30.61 10.19
C ILE K 390 -20.20 31.21 10.44
N ILE K 391 -19.16 30.47 10.10
CA ILE K 391 -17.80 30.98 10.30
C ILE K 391 -17.64 32.31 9.58
N PHE K 392 -18.07 32.37 8.32
CA PHE K 392 -18.01 33.61 7.57
C PHE K 392 -18.95 34.66 8.16
N ASP K 393 -20.15 34.23 8.58
CA ASP K 393 -21.08 35.18 9.19
C ASP K 393 -20.43 35.87 10.37
N LYS K 394 -19.50 35.21 11.04
CA LYS K 394 -18.80 35.77 12.18
C LYS K 394 -17.43 36.28 11.75
N ASN K 395 -17.11 37.49 12.20
CA ASN K 395 -15.78 38.07 12.11
C ASN K 395 -15.42 38.56 10.71
N LEU K 396 -16.25 38.26 9.71
CA LEU K 396 -16.00 38.81 8.39
C LEU K 396 -16.08 40.33 8.41
N ASP K 397 -17.11 40.86 9.08
CA ASP K 397 -17.18 42.30 9.28
C ASP K 397 -16.05 42.78 10.18
N ARG K 398 -15.71 42.00 11.21
CA ARG K 398 -14.58 42.35 12.06
C ARG K 398 -13.34 42.64 11.21
N TYR K 399 -13.12 41.84 10.19
CA TYR K 399 -12.01 42.06 9.26
C TYR K 399 -12.40 42.90 8.05
N GLY K 400 -13.66 43.32 7.96
CA GLY K 400 -14.09 44.13 6.84
C GLY K 400 -14.29 43.37 5.55
N LEU K 401 -14.23 42.04 5.58
CA LEU K 401 -14.38 41.22 4.39
C LEU K 401 -15.82 40.75 4.20
N GLN K 402 -16.78 41.42 4.83
CA GLN K 402 -18.17 40.98 4.75
C GLN K 402 -18.67 40.98 3.31
N ASP K 403 -18.07 41.79 2.45
CA ASP K 403 -18.52 41.86 1.05
C ASP K 403 -18.33 40.53 0.34
N ILE K 404 -17.41 39.68 0.84
CA ILE K 404 -17.13 38.41 0.17
C ILE K 404 -18.41 37.59 0.04
N ILE K 405 -19.22 37.56 1.10
CA ILE K 405 -20.47 36.82 1.09
C ILE K 405 -21.29 37.23 -0.12
N ARG K 406 -21.62 36.28 -0.97
CA ARG K 406 -22.41 36.57 -2.17
C ARG K 406 -23.18 35.33 -2.56
N ASP K 407 -24.49 35.47 -2.75
CA ASP K 407 -25.29 34.40 -3.30
C ASP K 407 -25.23 34.42 -4.82
N GLY K 408 -25.01 33.24 -5.39
CA GLY K 408 -24.80 33.16 -6.83
C GLY K 408 -25.17 31.81 -7.38
N PHE K 409 -25.21 31.72 -8.71
CA PHE K 409 -25.56 30.49 -9.40
C PHE K 409 -24.44 29.48 -9.26
N VAL K 410 -24.79 28.22 -9.06
CA VAL K 410 -23.83 27.14 -8.90
C VAL K 410 -24.39 25.92 -9.59
N ARG K 411 -23.82 25.58 -10.75
CA ARG K 411 -24.23 24.38 -11.46
C ARG K 411 -23.67 23.15 -10.76
N THR K 412 -24.37 22.03 -10.95
CA THR K 412 -23.90 20.74 -10.48
C THR K 412 -24.55 19.65 -11.33
N LEU K 413 -23.94 18.47 -11.30
CA LEU K 413 -24.42 17.36 -12.11
C LEU K 413 -24.03 16.04 -11.45
N GLY K 414 -24.98 15.12 -11.39
CA GLY K 414 -24.72 13.80 -10.86
C GLY K 414 -23.87 13.83 -9.61
N TYR K 415 -23.02 12.83 -9.44
CA TYR K 415 -22.07 12.80 -8.34
C TYR K 415 -20.73 13.42 -8.69
N ARG K 416 -20.54 13.86 -9.93
CA ARG K 416 -19.23 14.32 -10.36
C ARG K 416 -18.77 15.52 -9.52
N GLY K 417 -19.71 16.31 -9.02
CA GLY K 417 -19.39 17.41 -8.15
C GLY K 417 -20.19 18.63 -8.52
N SER K 418 -19.70 19.79 -8.05
CA SER K 418 -20.37 21.06 -8.27
C SER K 418 -19.34 22.10 -8.75
N ILE K 419 -19.86 23.21 -9.25
CA ILE K 419 -19.02 24.30 -9.73
C ILE K 419 -19.80 25.60 -9.70
N SER K 420 -19.16 26.66 -9.23
CA SER K 420 -19.78 27.98 -9.26
C SER K 420 -19.53 28.63 -10.61
N ALA K 421 -20.49 29.44 -11.05
CA ALA K 421 -20.33 30.14 -12.31
C ALA K 421 -19.03 30.94 -12.33
N SER K 422 -18.67 31.55 -11.20
CA SER K 422 -17.44 32.32 -11.13
C SER K 422 -16.23 31.43 -11.40
N GLU K 423 -16.16 30.30 -10.70
CA GLU K 423 -15.04 29.39 -10.92
C GLU K 423 -15.04 28.87 -12.35
N PHE K 424 -16.22 28.58 -12.89
CA PHE K 424 -16.30 28.06 -14.25
C PHE K 424 -15.75 29.06 -15.24
N VAL K 425 -16.16 30.33 -15.12
CA VAL K 425 -15.67 31.34 -16.05
C VAL K 425 -14.18 31.57 -15.84
N GLU K 426 -13.71 31.49 -14.60
CA GLU K 426 -12.28 31.61 -14.34
C GLU K 426 -11.51 30.54 -15.09
N ALA K 427 -11.96 29.30 -14.99
CA ALA K 427 -11.31 28.21 -15.71
C ALA K 427 -11.39 28.41 -17.21
N LEU K 428 -12.52 28.93 -17.69
CA LEU K 428 -12.66 29.19 -19.11
C LEU K 428 -11.64 30.22 -19.58
N THR K 429 -11.45 31.28 -18.79
CA THR K 429 -10.44 32.27 -19.15
C THR K 429 -9.04 31.65 -19.15
N ALA K 430 -8.75 30.83 -18.14
CA ALA K 430 -7.45 30.19 -18.08
C ALA K 430 -7.21 29.34 -19.32
N LEU K 431 -8.22 28.58 -19.73
CA LEU K 431 -8.10 27.78 -20.94
C LEU K 431 -7.91 28.66 -22.16
N LEU K 432 -8.67 29.76 -22.25
CA LEU K 432 -8.51 30.69 -23.36
C LEU K 432 -7.10 31.21 -23.44
N GLU K 433 -6.44 31.36 -22.29
CA GLU K 433 -5.14 32.02 -22.24
C GLU K 433 -3.98 31.07 -22.49
N VAL K 434 -3.98 29.92 -21.80
CA VAL K 434 -2.87 29.00 -21.86
C VAL K 434 -3.32 27.66 -22.45
N GLY K 435 -4.28 27.72 -23.37
CA GLY K 435 -4.79 26.49 -23.96
C GLY K 435 -3.69 25.63 -24.56
N ASN K 436 -2.62 26.25 -25.04
CA ASN K 436 -1.49 25.51 -25.58
C ASN K 436 -0.30 25.59 -24.64
N ASN K 461 9.72 37.69 -40.25
CA ASN K 461 9.33 36.57 -39.42
C ASN K 461 8.57 37.04 -38.19
N SER K 462 8.76 38.31 -37.82
CA SER K 462 8.05 38.86 -36.68
C SER K 462 6.54 38.82 -36.90
N ALA K 463 6.10 39.20 -38.10
CA ALA K 463 4.69 39.08 -38.43
C ALA K 463 4.23 37.64 -38.32
N GLN K 464 5.08 36.69 -38.77
CA GLN K 464 4.75 35.28 -38.61
C GLN K 464 4.66 34.91 -37.12
N LYS K 465 5.53 35.48 -36.30
CA LYS K 465 5.47 35.20 -34.87
C LYS K 465 4.14 35.67 -34.28
N LEU K 466 3.72 36.88 -34.64
CA LEU K 466 2.43 37.37 -34.15
C LEU K 466 1.29 36.51 -34.67
N THR K 467 1.38 36.08 -35.93
CA THR K 467 0.34 35.23 -36.50
C THR K 467 0.26 33.91 -35.74
N ASN K 468 1.41 33.33 -35.40
CA ASN K 468 1.43 32.08 -34.65
C ASN K 468 0.88 32.27 -33.24
N LEU K 469 1.22 33.39 -32.60
CA LEU K 469 0.68 33.66 -31.27
C LEU K 469 -0.83 33.78 -31.31
N ARG K 470 -1.36 34.51 -32.30
CA ARG K 470 -2.80 34.64 -32.42
C ARG K 470 -3.44 33.32 -32.83
N LYS K 471 -2.69 32.47 -33.55
CA LYS K 471 -3.18 31.14 -33.85
C LYS K 471 -3.32 30.30 -32.59
N ARG K 472 -2.34 30.42 -31.68
CA ARG K 472 -2.46 29.76 -30.38
C ARG K 472 -3.67 30.30 -29.63
N TRP K 473 -3.89 31.60 -29.68
CA TRP K 473 -5.07 32.17 -29.03
C TRP K 473 -6.35 31.60 -29.62
N VAL K 474 -6.41 31.47 -30.94
CA VAL K 474 -7.59 30.93 -31.59
C VAL K 474 -7.78 29.47 -31.21
N SER K 475 -6.69 28.71 -31.14
CA SER K 475 -6.77 27.33 -30.67
C SER K 475 -7.33 27.26 -29.27
N ASN K 476 -6.89 28.17 -28.40
CA ASN K 476 -7.45 28.24 -27.05
C ASN K 476 -8.94 28.58 -27.09
N PHE K 477 -9.33 29.48 -27.99
CA PHE K 477 -10.74 29.79 -28.18
C PHE K 477 -11.54 28.52 -28.48
N TRP K 478 -11.08 27.74 -29.44
CA TRP K 478 -11.80 26.52 -29.78
C TRP K 478 -11.74 25.50 -28.64
N LEU K 479 -10.63 25.49 -27.91
CA LEU K 479 -10.53 24.61 -26.75
C LEU K 479 -11.61 24.96 -25.73
N SER K 480 -11.80 26.25 -25.47
CA SER K 480 -12.86 26.66 -24.55
C SER K 480 -14.23 26.28 -25.10
N TRP K 481 -14.43 26.47 -26.41
CA TRP K 481 -15.67 26.01 -27.03
C TRP K 481 -15.92 24.55 -26.70
N ASP K 482 -14.91 23.70 -26.88
CA ASP K 482 -15.07 22.29 -26.53
C ASP K 482 -15.37 22.13 -25.05
N ALA K 483 -14.70 22.91 -24.21
CA ALA K 483 -14.89 22.81 -22.78
C ALA K 483 -16.34 23.08 -22.39
N LEU K 484 -17.01 23.94 -23.15
CA LEU K 484 -18.41 24.25 -22.84
C LEU K 484 -19.24 22.98 -22.72
N ASP K 485 -18.95 22.00 -23.56
CA ASP K 485 -19.65 20.71 -23.46
C ASP K 485 -19.41 20.10 -22.09
N ASP K 486 -20.46 19.48 -21.54
CA ASP K 486 -20.33 18.81 -20.25
C ASP K 486 -19.49 17.55 -20.37
N ARG K 487 -19.61 16.84 -21.49
CA ARG K 487 -18.89 15.58 -21.64
C ARG K 487 -17.39 15.73 -21.38
N LYS K 488 -16.81 16.85 -21.79
CA LYS K 488 -15.37 17.07 -21.68
C LYS K 488 -14.99 17.65 -20.32
N VAL K 489 -15.41 16.99 -19.25
CA VAL K 489 -15.08 17.46 -17.90
C VAL K 489 -13.58 17.47 -17.69
N GLU K 490 -12.86 16.60 -18.40
CA GLU K 490 -11.41 16.56 -18.28
C GLU K 490 -10.80 17.89 -18.70
N LEU K 491 -11.30 18.46 -19.79
CA LEU K 491 -10.81 19.76 -20.24
C LEU K 491 -11.09 20.83 -19.19
N LEU K 492 -12.26 20.77 -18.56
CA LEU K 492 -12.58 21.73 -17.51
C LEU K 492 -11.62 21.61 -16.34
N ASN K 493 -11.29 20.38 -15.94
CA ASN K 493 -10.32 20.19 -14.87
C ASN K 493 -8.96 20.75 -15.25
N ARG K 494 -8.53 20.50 -16.48
CA ARG K 494 -7.28 21.07 -16.96
C ARG K 494 -7.31 22.58 -16.88
N GLY K 495 -8.42 23.17 -17.31
CA GLY K 495 -8.56 24.62 -17.21
C GLY K 495 -8.50 25.10 -15.78
N ILE K 496 -9.06 24.32 -14.85
CA ILE K 496 -9.01 24.70 -13.44
C ILE K 496 -7.57 24.75 -12.96
N GLN K 497 -6.80 23.71 -13.27
CA GLN K 497 -5.41 23.69 -12.84
C GLN K 497 -4.63 24.84 -13.47
N LEU K 498 -4.87 25.09 -14.76
CA LEU K 498 -4.23 26.20 -15.43
C LEU K 498 -4.58 27.53 -14.77
N ALA K 499 -5.85 27.68 -14.38
CA ALA K 499 -6.27 28.89 -13.70
C ALA K 499 -5.52 29.05 -12.38
N GLN K 500 -5.40 27.97 -11.62
CA GLN K 500 -4.65 28.04 -10.37
C GLN K 500 -3.22 28.52 -10.63
N ASP K 501 -2.56 27.90 -11.60
CA ASP K 501 -1.17 28.23 -11.87
C ASP K 501 -1.03 29.69 -12.31
N LEU K 502 -1.89 30.12 -13.22
CA LEU K 502 -1.82 31.48 -13.70
C LEU K 502 -2.10 32.47 -12.57
N GLN K 503 -3.07 32.15 -11.73
CA GLN K 503 -3.43 33.04 -10.64
C GLN K 503 -2.27 33.21 -9.67
N ARG K 504 -1.63 32.10 -9.31
CA ARG K 504 -0.50 32.20 -8.40
C ARG K 504 0.65 32.97 -9.03
N ALA K 505 0.92 32.73 -10.31
CA ALA K 505 1.97 33.48 -10.99
C ALA K 505 1.64 34.97 -11.00
N ILE K 506 0.39 35.31 -11.28
CA ILE K 506 -0.03 36.71 -11.30
C ILE K 506 0.17 37.33 -9.92
N PHE K 507 -0.20 36.60 -8.87
CA PHE K 507 -0.04 37.11 -7.52
C PHE K 507 1.43 37.38 -7.20
N ASN K 508 2.30 36.43 -7.56
CA ASN K 508 3.72 36.62 -7.29
C ASN K 508 4.25 37.83 -8.04
N THR K 509 3.87 37.98 -9.31
CA THR K 509 4.33 39.12 -10.07
C THR K 509 3.81 40.42 -9.47
N GLY K 510 2.56 40.43 -9.02
CA GLY K 510 2.00 41.64 -8.45
C GLY K 510 2.69 42.05 -7.16
N VAL K 511 2.96 41.07 -6.29
CA VAL K 511 3.65 41.40 -5.04
C VAL K 511 5.07 41.88 -5.35
N ALA K 512 5.74 41.25 -6.30
CA ALA K 512 7.07 41.72 -6.68
C ALA K 512 7.01 43.16 -7.19
N ILE K 513 6.01 43.46 -8.02
CA ILE K 513 5.86 44.81 -8.54
C ILE K 513 5.67 45.81 -7.40
N LEU K 514 4.74 45.51 -6.49
CA LEU K 514 4.45 46.43 -5.42
C LEU K 514 5.67 46.66 -4.54
N GLU K 515 6.39 45.59 -4.22
CA GLU K 515 7.65 45.76 -3.48
C GLU K 515 8.63 46.59 -4.29
N LYS K 516 8.73 46.32 -5.59
CA LYS K 516 9.60 47.10 -6.46
C LYS K 516 9.14 48.55 -6.61
N LYS K 517 7.87 48.84 -6.29
CA LYS K 517 7.33 50.18 -6.46
C LYS K 517 7.36 50.62 -7.92
N LEU K 518 7.25 49.66 -8.85
CA LEU K 518 7.34 50.00 -10.26
C LEU K 518 6.25 50.99 -10.66
N ILE K 519 5.15 51.03 -9.91
CA ILE K 519 4.07 51.97 -10.22
C ILE K 519 4.60 53.39 -10.02
N LYS K 520 4.52 54.21 -11.05
CA LYS K 520 5.00 55.58 -11.02
C LYS K 520 3.81 56.52 -11.16
N HIS K 521 3.70 57.45 -10.22
CA HIS K 521 2.59 58.42 -10.19
C HIS K 521 2.92 59.55 -11.16
N LEU K 522 2.42 59.42 -12.39
CA LEU K 522 2.66 60.42 -13.42
C LEU K 522 1.68 61.58 -13.38
N ARG K 523 0.69 61.53 -12.49
CA ARG K 523 -0.26 62.62 -12.29
C ARG K 523 -1.30 62.68 -13.41
N ILE K 524 -1.10 61.87 -14.47
CA ILE K 524 -2.16 61.64 -15.44
C ILE K 524 -2.56 60.17 -15.40
N TYR K 525 -1.66 59.32 -14.95
CA TYR K 525 -1.91 57.90 -14.77
C TYR K 525 -0.83 57.36 -13.86
N ARG K 526 -1.04 56.14 -13.37
CA ARG K 526 -0.03 55.44 -12.58
C ARG K 526 0.64 54.44 -13.50
N LEU K 527 1.61 54.92 -14.28
CA LEU K 527 2.33 54.09 -15.22
C LEU K 527 3.12 53.01 -14.47
N CYS K 528 3.08 51.78 -14.99
CA CYS K 528 3.87 50.68 -14.48
C CYS K 528 4.33 49.83 -15.66
N VAL K 529 5.52 50.12 -16.16
CA VAL K 529 6.07 49.35 -17.28
C VAL K 529 6.77 48.11 -16.76
N LEU K 530 6.69 47.03 -17.53
CA LEU K 530 7.23 45.73 -17.12
C LEU K 530 8.37 45.35 -18.04
N GLN K 531 9.51 45.01 -17.45
CA GLN K 531 10.68 44.57 -18.19
C GLN K 531 11.32 43.32 -17.62
N ASP K 532 10.87 42.85 -16.46
CA ASP K 532 11.44 41.64 -15.87
C ASP K 532 11.07 40.42 -16.70
N GLY K 533 12.00 39.49 -16.82
CA GLY K 533 11.80 38.29 -17.61
C GLY K 533 10.63 37.45 -17.18
N PRO K 534 10.67 36.93 -15.95
CA PRO K 534 9.66 35.92 -15.56
C PRO K 534 8.25 36.48 -15.67
N ASP K 535 7.34 35.66 -16.20
CA ASP K 535 5.94 35.94 -16.43
C ASP K 535 5.75 36.90 -17.61
N LEU K 536 6.82 37.49 -18.15
CA LEU K 536 6.67 38.38 -19.29
C LEU K 536 6.14 37.61 -20.49
N ASP K 537 6.64 36.40 -20.71
CA ASP K 537 6.14 35.58 -21.80
C ASP K 537 4.64 35.37 -21.67
N LEU K 538 4.16 35.07 -20.47
CA LEU K 538 2.73 34.89 -20.26
C LEU K 538 1.97 36.17 -20.56
N TYR K 539 2.55 37.32 -20.16
CA TYR K 539 1.85 38.58 -20.30
C TYR K 539 1.67 39.00 -21.76
N ARG K 540 2.37 38.34 -22.70
CA ARG K 540 2.13 38.67 -24.10
C ARG K 540 0.66 38.46 -24.46
N ASN K 541 0.01 37.52 -23.79
CA ASN K 541 -1.43 37.35 -23.97
C ASN K 541 -2.15 38.57 -23.40
N PRO K 542 -2.99 39.25 -24.17
CA PRO K 542 -3.69 40.42 -23.62
C PRO K 542 -4.48 40.09 -22.37
N LEU K 543 -5.10 38.91 -22.30
CA LEU K 543 -5.93 38.60 -21.14
C LEU K 543 -5.07 38.40 -19.89
N THR K 544 -3.87 37.83 -20.04
CA THR K 544 -2.99 37.68 -18.89
C THR K 544 -2.60 39.04 -18.33
N LEU K 545 -2.22 39.96 -19.21
CA LEU K 545 -1.93 41.33 -18.79
C LEU K 545 -3.14 41.94 -18.13
N LEU K 546 -4.33 41.68 -18.68
CA LEU K 546 -5.55 42.21 -18.09
C LEU K 546 -5.75 41.66 -16.69
N ARG K 547 -5.45 40.38 -16.48
CA ARG K 547 -5.58 39.79 -15.15
C ARG K 547 -4.65 40.48 -14.17
N LEU K 548 -3.38 40.62 -14.54
CA LEU K 548 -2.42 41.27 -13.65
C LEU K 548 -2.86 42.69 -13.35
N GLY K 549 -3.27 43.43 -14.37
CA GLY K 549 -3.71 44.79 -14.16
C GLY K 549 -4.97 44.87 -13.32
N ASN K 550 -5.87 43.90 -13.47
CA ASN K 550 -7.08 43.87 -12.67
C ASN K 550 -6.74 43.69 -11.20
N TRP K 551 -5.81 42.78 -10.91
CA TRP K 551 -5.37 42.59 -9.54
C TRP K 551 -4.75 43.88 -9.00
N LEU K 552 -3.89 44.51 -9.79
CA LEU K 552 -3.27 45.75 -9.37
C LEU K 552 -4.31 46.83 -9.12
N ILE K 553 -5.31 46.91 -10.00
CA ILE K 553 -6.35 47.92 -9.87
C ILE K 553 -7.19 47.66 -8.64
N GLU K 554 -7.47 46.39 -8.35
CA GLU K 554 -8.19 46.06 -7.11
C GLU K 554 -7.42 46.57 -5.91
N CYS K 555 -6.12 46.26 -5.84
CA CYS K 555 -5.33 46.70 -4.70
C CYS K 555 -5.30 48.22 -4.62
N CYS K 556 -5.13 48.89 -5.75
CA CYS K 556 -5.05 50.35 -5.75
C CYS K 556 -6.38 50.98 -5.31
N ALA K 557 -7.49 50.54 -5.91
CA ALA K 557 -8.79 51.11 -5.57
C ALA K 557 -9.10 50.90 -4.11
N GLU K 558 -8.81 49.71 -3.58
CA GLU K 558 -8.99 49.50 -2.15
C GLU K 558 -8.10 50.46 -1.36
N SER K 559 -6.95 50.81 -1.91
CA SER K 559 -6.05 51.78 -1.28
C SER K 559 -6.67 53.17 -1.43
N GLU K 560 -7.29 53.66 -0.35
CA GLU K 560 -7.99 54.93 -0.42
C GLU K 560 -7.05 56.08 -0.78
N ASP K 561 -5.78 55.97 -0.41
CA ASP K 561 -4.83 57.03 -0.73
C ASP K 561 -4.79 57.28 -2.24
N LYS K 562 -4.90 56.22 -3.02
CA LYS K 562 -4.87 56.34 -4.47
C LYS K 562 -6.21 56.83 -4.99
N GLN K 563 -6.20 57.96 -5.70
CA GLN K 563 -7.36 58.39 -6.44
C GLN K 563 -7.49 57.56 -7.71
N LEU K 564 -8.65 57.65 -8.36
CA LEU K 564 -8.95 56.85 -9.54
C LEU K 564 -8.16 57.41 -10.71
N LEU K 565 -6.85 57.15 -10.69
CA LEU K 565 -6.08 57.56 -11.86
C LEU K 565 -6.14 56.46 -12.92
N PRO K 566 -6.08 56.83 -14.20
CA PRO K 566 -5.95 55.82 -15.24
C PRO K 566 -4.68 55.00 -15.04
N MET K 567 -4.77 53.71 -15.34
CA MET K 567 -3.67 52.78 -15.11
C MET K 567 -3.12 52.31 -16.47
N VAL K 568 -1.80 52.39 -16.61
CA VAL K 568 -1.13 52.01 -17.85
C VAL K 568 -0.21 50.83 -17.58
N LEU K 569 -0.32 49.80 -18.42
CA LEU K 569 0.55 48.63 -18.34
C LEU K 569 1.18 48.37 -19.69
N ALA K 570 2.47 48.07 -19.68
CA ALA K 570 3.21 47.69 -20.88
C ALA K 570 4.07 46.47 -20.58
N SER K 571 4.25 45.62 -21.59
CA SER K 571 5.00 44.38 -21.44
C SER K 571 5.81 44.15 -22.70
N ILE K 572 7.13 44.27 -22.59
CA ILE K 572 8.01 44.07 -23.74
C ILE K 572 7.99 42.60 -24.14
N ASP K 573 7.89 42.36 -25.45
CA ASP K 573 8.06 41.02 -26.01
C ASP K 573 9.43 40.99 -26.68
N GLU K 574 10.35 40.18 -26.12
CA GLU K 574 11.71 40.15 -26.64
C GLU K 574 11.73 39.67 -28.09
N ASN K 575 10.92 38.66 -28.41
CA ASN K 575 10.91 38.13 -29.77
C ASN K 575 10.51 39.20 -30.77
N THR K 576 9.48 39.98 -30.44
CA THR K 576 9.04 41.08 -31.29
C THR K 576 9.64 42.41 -30.88
N ASP K 577 10.23 42.49 -29.69
CA ASP K 577 10.78 43.75 -29.17
C ASP K 577 9.70 44.84 -29.21
N THR K 578 8.52 44.48 -28.71
CA THR K 578 7.41 45.42 -28.60
C THR K 578 6.78 45.32 -27.22
N TYR K 579 6.37 46.47 -26.70
CA TYR K 579 5.65 46.54 -25.44
C TYR K 579 4.17 46.38 -25.69
N LEU K 580 3.55 45.43 -24.99
CA LEU K 580 2.11 45.23 -25.09
C LEU K 580 1.38 46.26 -24.25
N VAL K 581 1.26 47.48 -24.78
CA VAL K 581 0.66 48.56 -24.02
C VAL K 581 -0.81 48.26 -23.78
N ALA K 582 -1.24 48.41 -22.53
CA ALA K 582 -2.64 48.21 -22.15
C ALA K 582 -3.09 49.39 -21.32
N GLY K 583 -4.21 49.99 -21.70
CA GLY K 583 -4.79 51.09 -20.96
C GLY K 583 -5.96 50.64 -20.11
N LEU K 584 -5.76 50.56 -18.80
CA LEU K 584 -6.74 49.95 -17.90
C LEU K 584 -7.45 51.05 -17.11
N THR K 585 -8.77 51.10 -17.24
CA THR K 585 -9.55 52.09 -16.52
C THR K 585 -9.48 51.85 -15.03
N PRO K 586 -9.59 52.89 -14.21
CA PRO K 586 -9.68 52.67 -12.76
C PRO K 586 -11.05 52.16 -12.38
N ARG K 587 -11.32 52.03 -11.08
CA ARG K 587 -12.59 51.47 -10.64
C ARG K 587 -12.76 51.73 -9.15
N TYR K 588 -13.99 52.06 -8.74
CA TYR K 588 -14.27 52.29 -7.30
C TYR K 588 -14.30 50.94 -6.58
N PRO K 589 -13.86 50.86 -5.31
CA PRO K 589 -13.91 49.61 -4.54
C PRO K 589 -15.08 48.67 -4.83
N ARG K 590 -14.80 47.38 -5.02
CA ARG K 590 -15.86 46.41 -5.37
C ARG K 590 -17.12 46.72 -4.56
N GLY K 591 -17.02 46.65 -3.23
CA GLY K 591 -18.19 46.89 -2.37
C GLY K 591 -18.70 48.31 -2.49
N LEU K 592 -17.85 49.25 -2.90
CA LEU K 592 -18.27 50.68 -2.96
C LEU K 592 -19.56 50.80 -3.79
N ASP K 593 -20.57 51.47 -3.23
CA ASP K 593 -21.85 51.69 -3.96
C ASP K 593 -22.54 52.93 -3.38
N THR K 594 -21.76 54.00 -3.13
CA THR K 594 -22.32 55.22 -2.51
C THR K 594 -22.93 56.14 -3.58
N ILE K 595 -23.02 57.43 -3.28
CA ILE K 595 -23.54 58.41 -4.29
C ILE K 595 -22.70 58.27 -5.55
N HIS K 596 -21.37 58.28 -5.40
CA HIS K 596 -20.48 58.05 -6.58
C HIS K 596 -20.48 56.55 -6.90
N THR K 597 -19.41 56.02 -7.47
CA THR K 597 -19.37 54.60 -7.91
C THR K 597 -20.56 54.36 -8.84
N LYS K 598 -21.72 54.96 -8.55
CA LYS K 598 -22.89 54.83 -9.44
C LYS K 598 -22.51 55.33 -10.84
N LYS K 599 -21.83 56.48 -10.90
CA LYS K 599 -21.37 57.03 -12.20
C LYS K 599 -20.41 56.02 -12.85
N PRO K 600 -20.54 55.74 -14.16
CA PRO K 600 -19.60 54.85 -14.85
C PRO K 600 -18.36 55.62 -15.30
N ILE K 601 -17.19 55.24 -14.80
CA ILE K 601 -15.91 55.92 -15.22
C ILE K 601 -15.53 55.40 -16.61
N LEU K 602 -15.93 56.10 -17.66
CA LEU K 602 -15.62 55.65 -19.01
C LEU K 602 -14.11 55.59 -19.22
N ASN K 603 -13.71 54.82 -20.22
CA ASN K 603 -12.30 54.57 -20.51
C ASN K 603 -11.89 55.35 -21.76
N ASN K 604 -11.06 56.37 -21.56
CA ASN K 604 -10.52 57.17 -22.66
C ASN K 604 -9.15 56.70 -23.11
N PHE K 605 -8.64 55.60 -22.54
CA PHE K 605 -7.33 55.09 -22.96
C PHE K 605 -7.27 54.88 -24.46
N SER K 606 -8.29 54.24 -25.03
CA SER K 606 -8.26 53.91 -26.45
C SER K 606 -8.20 55.17 -27.29
N MET K 607 -9.07 56.13 -27.00
CA MET K 607 -9.08 57.36 -27.79
C MET K 607 -7.77 58.12 -27.65
N ALA K 608 -7.22 58.19 -26.44
CA ALA K 608 -5.94 58.86 -26.25
C ALA K 608 -4.85 58.17 -27.05
N PHE K 609 -4.81 56.83 -26.99
CA PHE K 609 -3.81 56.09 -27.74
C PHE K 609 -3.93 56.36 -29.22
N GLN K 610 -5.16 56.33 -29.74
CA GLN K 610 -5.37 56.52 -31.17
C GLN K 610 -4.98 57.93 -31.60
N GLN K 611 -5.34 58.94 -30.80
CA GLN K 611 -4.97 60.31 -31.14
C GLN K 611 -3.45 60.49 -31.14
N ILE K 612 -2.78 59.93 -30.12
CA ILE K 612 -1.32 60.05 -30.08
C ILE K 612 -0.70 59.33 -31.28
N THR K 613 -1.21 58.14 -31.59
CA THR K 613 -0.68 57.38 -32.71
C THR K 613 -0.83 58.15 -34.01
N ALA K 614 -2.01 58.74 -34.23
CA ALA K 614 -2.21 59.55 -35.44
C ALA K 614 -1.27 60.74 -35.47
N GLU K 615 -1.14 61.42 -34.32
CA GLU K 615 -0.22 62.56 -34.25
C GLU K 615 1.21 62.12 -34.50
N THR K 616 1.65 61.05 -33.82
CA THR K 616 3.00 60.55 -33.99
C THR K 616 3.03 59.51 -35.10
N ASP K 617 4.17 58.80 -35.21
CA ASP K 617 4.32 57.72 -36.17
C ASP K 617 4.87 56.45 -35.54
N ALA K 618 5.15 56.45 -34.25
CA ALA K 618 5.60 55.25 -33.55
C ALA K 618 4.71 54.08 -33.90
N LYS K 619 5.32 53.02 -34.44
CA LYS K 619 4.56 51.84 -34.84
C LYS K 619 3.80 51.29 -33.64
N VAL K 620 2.50 51.05 -33.85
CA VAL K 620 1.63 50.48 -32.84
C VAL K 620 0.61 49.60 -33.54
N ARG K 621 -0.17 48.87 -32.75
CA ARG K 621 -1.18 47.95 -33.28
C ARG K 621 -2.51 48.23 -32.58
N ILE K 622 -3.34 49.06 -33.21
CA ILE K 622 -4.72 49.24 -32.79
C ILE K 622 -5.63 48.17 -33.37
N ASP K 623 -5.06 47.22 -34.12
CA ASP K 623 -5.89 46.18 -34.74
C ASP K 623 -6.69 45.41 -33.71
N ASN K 624 -6.12 45.21 -32.53
CA ASN K 624 -6.80 44.44 -31.50
C ASN K 624 -8.18 45.03 -31.23
N PHE K 625 -9.19 44.15 -31.16
CA PHE K 625 -10.56 44.61 -31.00
C PHE K 625 -10.71 45.44 -29.73
N GLU K 626 -10.07 45.02 -28.64
CA GLU K 626 -10.04 45.81 -27.43
C GLU K 626 -9.01 46.92 -27.64
N SER K 627 -9.47 48.07 -28.10
CA SER K 627 -8.56 49.16 -28.46
C SER K 627 -7.70 49.58 -27.26
N SER K 628 -8.21 49.39 -26.04
CA SER K 628 -7.45 49.76 -24.87
C SER K 628 -6.11 49.04 -24.82
N ILE K 629 -6.02 47.88 -25.48
CA ILE K 629 -4.78 47.12 -25.55
C ILE K 629 -4.15 47.36 -26.91
N ILE K 630 -2.86 47.74 -26.91
CA ILE K 630 -2.11 47.99 -28.12
C ILE K 630 -0.66 47.61 -27.91
N GLU K 631 0.05 47.43 -29.02
CA GLU K 631 1.47 47.10 -29.00
C GLU K 631 2.28 48.32 -29.46
N ILE K 632 3.59 48.26 -29.20
CA ILE K 632 4.49 49.34 -29.56
C ILE K 632 5.91 48.82 -29.43
N ARG K 633 6.82 49.38 -30.24
CA ARG K 633 8.21 48.97 -30.18
C ARG K 633 8.80 49.25 -28.80
N ARG K 634 9.81 48.47 -28.43
CA ARG K 634 10.48 48.69 -27.15
C ARG K 634 11.00 50.11 -27.05
N GLU K 635 11.38 50.72 -28.17
CA GLU K 635 11.90 52.07 -28.19
C GLU K 635 10.81 53.11 -28.46
N ASP K 636 9.73 52.71 -29.15
CA ASP K 636 8.60 53.59 -29.35
C ASP K 636 7.76 53.77 -28.10
N LEU K 637 7.95 52.92 -27.09
CA LEU K 637 7.16 53.03 -25.87
C LEU K 637 7.39 54.36 -25.17
N SER K 638 8.60 54.57 -24.64
CA SER K 638 8.82 55.75 -23.80
C SER K 638 8.45 57.05 -24.51
N PRO K 639 8.79 57.26 -25.78
CA PRO K 639 8.29 58.47 -26.46
C PRO K 639 6.77 58.51 -26.52
N PHE K 640 6.15 57.36 -26.77
CA PHE K 640 4.69 57.30 -26.77
C PHE K 640 4.14 57.57 -25.38
N LEU K 641 4.78 57.02 -24.36
CA LEU K 641 4.37 57.34 -22.99
C LEU K 641 4.49 58.83 -22.72
N GLU K 642 5.56 59.45 -23.20
CA GLU K 642 5.76 60.88 -23.00
C GLU K 642 4.63 61.67 -23.65
N LYS K 643 4.24 61.32 -24.87
CA LYS K 643 3.05 61.95 -25.43
C LYS K 643 1.81 61.64 -24.59
N LEU K 644 1.72 60.43 -24.04
CA LEU K 644 0.53 60.06 -23.29
C LEU K 644 0.35 60.96 -22.07
N THR K 645 1.39 61.10 -21.25
CA THR K 645 1.31 62.04 -20.14
C THR K 645 1.10 63.46 -20.66
N LEU K 646 1.69 63.79 -21.81
CA LEU K 646 1.42 65.06 -22.44
C LEU K 646 -0.02 65.17 -22.92
N SER K 647 -0.64 64.06 -23.27
CA SER K 647 -2.01 64.08 -23.75
C SER K 647 -2.95 64.60 -22.67
N GLY K 648 -3.89 65.44 -23.07
CA GLY K 648 -4.91 65.94 -22.17
C GLY K 648 -6.20 65.15 -22.28
N LEU K 649 -6.27 64.23 -23.25
CA LEU K 649 -7.47 63.43 -23.43
C LEU K 649 -7.75 62.58 -22.22
N LEU K 650 -6.71 61.97 -21.65
CA LEU K 650 -6.87 61.11 -20.47
C LEU K 650 -7.54 61.87 -19.34
N LYS L 473 -70.84 25.42 3.26
CA LYS L 473 -71.59 25.42 2.01
C LYS L 473 -70.66 25.38 0.80
N PHE L 474 -71.26 25.27 -0.38
CA PHE L 474 -70.48 25.29 -1.62
C PHE L 474 -69.80 26.66 -1.78
N ARG L 475 -68.63 26.63 -2.41
CA ARG L 475 -67.86 27.84 -2.68
C ARG L 475 -67.63 27.95 -4.17
N TYR L 476 -67.86 29.15 -4.71
CA TYR L 476 -67.62 29.41 -6.12
C TYR L 476 -66.16 29.82 -6.30
N MET L 477 -65.42 29.07 -7.10
CA MET L 477 -64.00 29.32 -7.29
C MET L 477 -63.67 29.41 -8.77
N PRO L 478 -62.66 30.19 -9.15
CA PRO L 478 -62.25 30.23 -10.56
C PRO L 478 -61.82 28.86 -11.02
N PHE L 479 -62.18 28.52 -12.26
CA PHE L 479 -61.84 27.24 -12.84
C PHE L 479 -61.39 27.41 -14.29
N SER L 480 -60.50 26.54 -14.71
CA SER L 480 -60.06 26.45 -16.09
C SER L 480 -60.00 24.97 -16.44
N PRO L 481 -60.16 24.60 -17.71
CA PRO L 481 -60.16 23.18 -18.06
C PRO L 481 -58.89 22.48 -17.59
N ALA L 482 -59.07 21.31 -16.98
CA ALA L 482 -57.96 20.46 -16.54
C ALA L 482 -56.94 21.22 -15.72
N GLY L 483 -57.36 22.26 -15.01
CA GLY L 483 -56.42 23.03 -14.22
C GLY L 483 -55.86 22.23 -13.06
N THR L 484 -54.79 22.76 -12.47
CA THR L 484 -54.12 22.12 -11.35
C THR L 484 -53.80 23.14 -10.28
N PRO L 485 -53.91 22.79 -9.01
CA PRO L 485 -53.55 23.73 -7.93
C PRO L 485 -52.05 23.83 -7.74
N PHE L 486 -51.65 24.89 -7.03
CA PHE L 486 -50.26 25.02 -6.62
C PHE L 486 -49.87 23.92 -5.62
N GLY L 487 -50.82 23.50 -4.79
CA GLY L 487 -50.48 22.54 -3.76
C GLY L 487 -49.35 23.07 -2.91
N PHE L 488 -48.42 22.18 -2.55
CA PHE L 488 -47.24 22.61 -1.81
C PHE L 488 -46.23 23.31 -2.70
N THR L 489 -46.30 23.09 -4.01
CA THR L 489 -45.38 23.74 -4.94
C THR L 489 -45.81 25.18 -5.20
N ASP L 490 -44.90 25.94 -5.79
CA ASP L 490 -45.17 27.32 -6.18
C ASP L 490 -45.56 27.46 -7.63
N ARG L 491 -45.73 26.34 -8.35
CA ARG L 491 -46.09 26.35 -9.75
C ARG L 491 -47.26 25.40 -9.99
N ARG L 492 -48.23 25.86 -10.79
CA ARG L 492 -49.39 25.05 -11.13
C ARG L 492 -49.77 25.30 -12.57
N TYR L 493 -50.41 24.30 -13.17
CA TYR L 493 -50.92 24.42 -14.53
C TYR L 493 -52.22 25.22 -14.48
N LEU L 494 -52.19 26.44 -15.01
CA LEU L 494 -53.42 27.21 -15.11
C LEU L 494 -54.48 26.44 -15.87
N THR L 495 -54.08 25.74 -16.93
CA THR L 495 -54.99 24.92 -17.71
C THR L 495 -54.17 24.15 -18.72
N MET L 496 -54.79 23.12 -19.30
CA MET L 496 -54.14 22.32 -20.32
C MET L 496 -55.19 21.80 -21.28
N ASN L 497 -54.78 21.58 -22.53
CA ASN L 497 -55.67 21.08 -23.56
C ASN L 497 -54.83 20.58 -24.72
N GLU L 498 -55.52 20.07 -25.75
CA GLU L 498 -54.83 19.58 -26.93
C GLU L 498 -53.90 20.63 -27.51
N VAL L 499 -54.32 21.89 -27.52
CA VAL L 499 -53.49 22.94 -28.10
C VAL L 499 -52.18 23.07 -27.33
N GLY L 500 -52.25 22.93 -26.01
CA GLY L 500 -51.07 23.10 -25.19
C GLY L 500 -51.45 23.15 -23.72
N TYR L 501 -50.51 23.65 -22.93
CA TYR L 501 -50.71 23.82 -21.50
C TYR L 501 -49.99 25.09 -21.05
N VAL L 502 -50.62 25.83 -20.15
CA VAL L 502 -50.04 27.05 -19.59
C VAL L 502 -49.87 26.84 -18.10
N SER L 503 -48.64 27.00 -17.62
CA SER L 503 -48.31 26.84 -16.21
C SER L 503 -47.65 28.10 -15.70
N THR L 504 -48.04 28.52 -14.51
CA THR L 504 -47.48 29.70 -13.85
C THR L 504 -46.63 29.27 -12.66
N VAL L 505 -45.73 30.16 -12.26
CA VAL L 505 -44.82 29.90 -11.13
C VAL L 505 -44.70 31.19 -10.32
N LYS L 506 -44.83 31.06 -9.00
CA LYS L 506 -44.56 32.20 -8.12
C LYS L 506 -43.09 32.58 -8.24
N ASN L 507 -42.84 33.88 -8.34
CA ASN L 507 -41.48 34.40 -8.47
C ASN L 507 -41.40 35.75 -7.77
N SER L 508 -40.98 35.73 -6.50
CA SER L 508 -40.79 36.96 -5.75
C SER L 508 -41.98 37.89 -5.95
N GLU L 509 -43.16 37.46 -5.50
CA GLU L 509 -44.41 38.19 -5.69
C GLU L 509 -44.89 38.06 -7.12
N GLN L 510 -44.12 38.57 -8.07
CA GLN L 510 -44.52 38.54 -9.47
C GLN L 510 -44.62 37.09 -9.93
N TYR L 511 -45.72 36.75 -10.60
CA TYR L 511 -45.91 35.41 -11.12
C TYR L 511 -45.37 35.31 -12.54
N SER L 512 -44.77 34.17 -12.85
CA SER L 512 -44.19 33.90 -14.16
C SER L 512 -45.12 32.95 -14.91
N ILE L 513 -45.78 33.47 -15.93
CA ILE L 513 -46.71 32.67 -16.74
C ILE L 513 -45.95 32.14 -17.95
N THR L 514 -46.04 30.83 -18.18
CA THR L 514 -45.40 30.18 -19.31
C THR L 514 -46.46 29.53 -20.17
N VAL L 515 -46.48 29.87 -21.45
CA VAL L 515 -47.49 29.36 -22.39
C VAL L 515 -46.82 28.35 -23.30
N SER L 516 -47.18 27.08 -23.14
CA SER L 516 -46.59 25.99 -23.90
C SER L 516 -47.62 25.45 -24.90
N PHE L 517 -47.19 25.32 -26.15
CA PHE L 517 -48.03 24.78 -27.21
C PHE L 517 -47.57 23.37 -27.56
N PHE L 518 -48.53 22.46 -27.69
CA PHE L 518 -48.19 21.09 -28.05
C PHE L 518 -47.59 21.04 -29.46
N ASP L 519 -48.25 21.65 -30.43
CA ASP L 519 -47.78 21.63 -31.81
C ASP L 519 -46.75 22.74 -31.98
N VAL L 520 -45.48 22.36 -32.01
CA VAL L 520 -44.41 23.34 -32.18
C VAL L 520 -44.53 24.03 -33.54
N GLY L 521 -44.91 23.27 -34.56
CA GLY L 521 -45.03 23.85 -35.89
C GLY L 521 -46.08 24.94 -35.95
N ARG L 522 -47.22 24.72 -35.29
CA ARG L 522 -48.32 25.67 -35.38
C ARG L 522 -47.97 26.99 -34.70
N PHE L 523 -47.39 26.91 -33.50
CA PHE L 523 -47.17 28.10 -32.69
C PHE L 523 -45.81 28.02 -32.02
N ARG L 524 -45.45 29.08 -31.31
CA ARG L 524 -44.19 29.19 -30.62
C ARG L 524 -44.40 29.45 -29.13
N GLU L 525 -43.66 28.74 -28.31
CA GLU L 525 -43.72 28.94 -26.87
C GLU L 525 -43.34 30.37 -26.51
N TYR L 526 -44.02 30.92 -25.51
CA TYR L 526 -43.67 32.23 -24.97
C TYR L 526 -44.09 32.28 -23.51
N HIS L 527 -43.29 32.97 -22.69
CA HIS L 527 -43.55 33.09 -21.26
C HIS L 527 -43.47 34.56 -20.87
N PHE L 528 -44.45 35.02 -20.09
CA PHE L 528 -44.49 36.38 -19.59
C PHE L 528 -44.82 36.34 -18.10
N GLU L 529 -44.35 37.35 -17.37
CA GLU L 529 -44.59 37.45 -15.94
C GLU L 529 -45.90 38.18 -15.71
N ASP L 530 -46.73 37.66 -14.80
CA ASP L 530 -48.04 38.21 -14.51
C ASP L 530 -48.03 38.80 -13.10
N LEU L 531 -48.04 40.13 -13.02
CA LEU L 531 -48.15 40.80 -11.73
C LEU L 531 -49.57 40.68 -11.18
N PHE L 532 -50.58 40.69 -12.05
CA PHE L 532 -51.95 40.56 -11.60
C PHE L 532 -52.21 39.18 -10.99
N GLY L 533 -51.34 38.22 -11.25
CA GLY L 533 -51.56 36.87 -10.77
C GLY L 533 -52.77 36.18 -11.35
N TYR L 534 -53.06 36.40 -12.63
CA TYR L 534 -54.18 35.74 -13.31
C TYR L 534 -54.26 34.27 -12.93
N ASP L 535 -55.40 33.86 -12.39
CA ASP L 535 -55.62 32.45 -12.09
C ASP L 535 -56.44 31.77 -13.17
N LEU L 536 -57.21 32.54 -13.93
CA LEU L 536 -58.03 31.97 -15.00
C LEU L 536 -57.33 32.13 -16.33
N CYS L 537 -57.17 31.01 -17.05
CA CYS L 537 -56.54 31.00 -18.35
C CYS L 537 -57.33 30.12 -19.30
N PHE L 538 -57.59 30.62 -20.50
CA PHE L 538 -58.22 29.84 -21.56
C PHE L 538 -57.25 29.79 -22.74
N LEU L 539 -57.09 28.59 -23.31
CA LEU L 539 -56.16 28.39 -24.41
C LEU L 539 -56.92 27.99 -25.67
N ASN L 540 -56.66 28.71 -26.77
CA ASN L 540 -57.18 28.34 -28.07
C ASN L 540 -56.19 28.80 -29.13
N GLU L 541 -56.14 28.06 -30.23
CA GLU L 541 -55.18 28.32 -31.30
C GLU L 541 -55.01 29.81 -31.58
N LYS L 542 -56.10 30.58 -31.55
CA LYS L 542 -56.01 32.00 -31.84
C LYS L 542 -55.20 32.74 -30.77
N GLY L 543 -55.45 32.44 -29.50
CA GLY L 543 -54.83 33.21 -28.46
C GLY L 543 -55.09 32.61 -27.09
N THR L 544 -54.84 33.42 -26.08
CA THR L 544 -55.05 33.05 -24.68
C THR L 544 -55.89 34.11 -23.99
N LEU L 545 -56.63 33.69 -22.97
CA LEU L 545 -57.52 34.57 -22.21
C LEU L 545 -57.14 34.47 -20.74
N PHE L 546 -56.21 35.32 -20.32
CA PHE L 546 -55.79 35.35 -18.92
C PHE L 546 -56.63 36.35 -18.14
N GLY L 547 -57.11 35.92 -16.98
CA GLY L 547 -57.90 36.79 -16.13
C GLY L 547 -57.70 36.46 -14.67
N GLN L 548 -57.90 37.47 -13.83
CA GLN L 548 -57.82 37.31 -12.38
C GLN L 548 -59.20 37.53 -11.79
N SER L 549 -59.69 36.54 -11.05
CA SER L 549 -61.06 36.58 -10.55
C SER L 549 -61.25 37.70 -9.53
N LYS L 550 -60.37 37.75 -8.53
CA LYS L 550 -60.58 38.70 -7.44
C LYS L 550 -60.51 40.14 -7.92
N THR L 551 -59.80 40.40 -9.01
CA THR L 551 -59.63 41.75 -9.52
C THR L 551 -60.55 42.08 -10.68
N GLY L 552 -61.03 41.08 -11.41
CA GLY L 552 -61.80 41.32 -12.61
C GLY L 552 -60.97 41.66 -13.82
N GLN L 553 -59.65 41.70 -13.69
CA GLN L 553 -58.80 41.97 -14.83
C GLN L 553 -58.81 40.79 -15.80
N ILE L 554 -59.07 41.08 -17.07
CA ILE L 554 -59.02 40.07 -18.11
C ILE L 554 -58.14 40.57 -19.25
N GLN L 555 -57.15 39.77 -19.62
CA GLN L 555 -56.21 40.12 -20.67
C GLN L 555 -56.24 39.04 -21.75
N TYR L 556 -56.43 39.45 -22.99
CA TYR L 556 -56.33 38.53 -24.12
C TYR L 556 -54.99 38.74 -24.81
N ARG L 557 -54.35 37.63 -25.19
CA ARG L 557 -53.06 37.67 -25.88
C ARG L 557 -53.16 36.88 -27.18
N PRO L 558 -53.38 37.55 -28.31
CA PRO L 558 -53.41 36.83 -29.59
C PRO L 558 -52.14 36.05 -29.83
N HIS L 559 -52.26 34.77 -30.18
CA HIS L 559 -51.07 33.97 -30.46
C HIS L 559 -50.34 34.48 -31.68
N ASP L 560 -51.08 34.91 -32.71
CA ASP L 560 -50.44 35.39 -33.92
C ASP L 560 -49.45 36.52 -33.62
N SER L 561 -49.74 37.31 -32.59
CA SER L 561 -48.99 38.48 -32.17
C SER L 561 -49.17 39.63 -33.16
N ILE L 562 -49.94 39.43 -34.24
CA ILE L 562 -50.23 40.53 -35.15
C ILE L 562 -50.97 41.64 -34.44
N HIS L 563 -51.69 41.30 -33.38
CA HIS L 563 -52.53 42.25 -32.66
C HIS L 563 -52.12 42.29 -31.20
N SER L 564 -52.16 43.48 -30.62
CA SER L 564 -51.72 43.67 -29.25
C SER L 564 -52.62 42.91 -28.28
N ASN L 565 -52.10 42.67 -27.08
CA ASN L 565 -52.84 41.96 -26.04
C ASN L 565 -53.80 42.94 -25.39
N TRP L 566 -54.95 43.13 -26.05
CA TRP L 566 -55.99 43.99 -25.50
C TRP L 566 -56.42 43.45 -24.13
N THR L 567 -56.64 44.37 -23.19
CA THR L 567 -56.90 44.01 -21.81
C THR L 567 -57.92 44.97 -21.21
N LYS L 568 -58.70 44.48 -20.26
CA LYS L 568 -59.73 45.27 -19.60
C LYS L 568 -60.12 44.58 -18.31
N ILE L 569 -60.76 45.33 -17.41
CA ILE L 569 -61.25 44.81 -16.14
C ILE L 569 -62.77 44.88 -16.16
N ILE L 570 -63.41 43.77 -15.87
CA ILE L 570 -64.87 43.69 -15.88
C ILE L 570 -65.42 44.24 -14.57
N PRO L 571 -66.69 44.64 -14.53
CA PRO L 571 -67.28 45.11 -13.26
C PRO L 571 -67.61 43.94 -12.33
N LEU L 572 -66.89 43.86 -11.22
CA LEU L 572 -67.10 42.81 -10.23
C LEU L 572 -67.72 43.44 -8.99
N GLN L 573 -68.99 43.16 -8.77
CA GLN L 573 -69.65 43.62 -7.56
C GLN L 573 -69.07 42.91 -6.34
N ALA L 574 -69.53 43.33 -5.16
CA ALA L 574 -69.08 42.72 -3.92
C ALA L 574 -69.32 41.22 -3.96
N GLY L 575 -68.24 40.45 -3.96
CA GLY L 575 -68.32 39.01 -4.04
C GLY L 575 -68.34 38.46 -5.45
N GLU L 576 -68.59 39.31 -6.46
CA GLU L 576 -68.56 38.86 -7.84
C GLU L 576 -67.15 38.42 -8.20
N ARG L 577 -66.96 37.12 -8.44
CA ARG L 577 -65.65 36.57 -8.76
C ARG L 577 -65.78 35.76 -10.04
N ILE L 578 -64.85 35.97 -10.98
CA ILE L 578 -64.90 35.31 -12.26
C ILE L 578 -64.80 33.81 -12.06
N THR L 579 -65.83 33.08 -12.48
CA THR L 579 -65.81 31.63 -12.35
C THR L 579 -64.94 30.97 -13.40
N SER L 580 -64.95 31.50 -14.63
CA SER L 580 -64.14 30.95 -15.71
C SER L 580 -64.21 31.93 -16.88
N VAL L 581 -63.39 31.68 -17.89
CA VAL L 581 -63.31 32.54 -19.06
C VAL L 581 -63.32 31.67 -20.31
N ALA L 582 -64.12 32.05 -21.30
CA ALA L 582 -64.21 31.34 -22.56
C ALA L 582 -63.73 32.22 -23.70
N ALA L 583 -62.94 31.64 -24.59
CA ALA L 583 -62.39 32.35 -25.75
C ALA L 583 -63.01 31.78 -27.02
N THR L 584 -63.56 32.66 -27.85
CA THR L 584 -64.07 32.31 -29.15
C THR L 584 -63.26 33.00 -30.23
N PRO L 585 -63.01 32.36 -31.37
CA PRO L 585 -62.18 33.01 -32.39
C PRO L 585 -62.65 34.39 -32.77
N VAL L 586 -63.94 34.70 -32.55
CA VAL L 586 -64.47 36.02 -32.86
C VAL L 586 -64.93 36.77 -31.62
N ARG L 587 -65.57 36.09 -30.67
CA ARG L 587 -66.10 36.72 -29.47
C ARG L 587 -65.31 36.26 -28.25
N VAL L 588 -65.61 36.85 -27.10
CA VAL L 588 -64.99 36.50 -25.83
C VAL L 588 -66.09 36.39 -24.78
N ILE L 589 -65.91 35.46 -23.86
CA ILE L 589 -66.93 35.15 -22.85
C ILE L 589 -66.28 35.13 -21.48
N VAL L 590 -67.00 35.67 -20.48
CA VAL L 590 -66.51 35.70 -19.11
C VAL L 590 -67.66 35.32 -18.19
N GLY L 591 -67.39 34.39 -17.27
CA GLY L 591 -68.37 33.94 -16.31
C GLY L 591 -68.00 34.35 -14.90
N THR L 592 -69.03 34.66 -14.10
CA THR L 592 -68.85 35.18 -12.75
C THR L 592 -69.56 34.31 -11.75
N SER L 593 -69.12 34.41 -10.49
CA SER L 593 -69.81 33.69 -9.41
C SER L 593 -71.27 34.08 -9.34
N LEU L 594 -71.59 35.34 -9.61
CA LEU L 594 -72.98 35.80 -9.62
C LEU L 594 -73.72 35.41 -10.88
N GLY L 595 -73.08 34.66 -11.80
CA GLY L 595 -73.73 34.29 -13.03
C GLY L 595 -73.83 35.41 -14.04
N TYR L 596 -73.07 36.48 -13.85
CA TYR L 596 -73.11 37.60 -14.78
C TYR L 596 -72.36 37.27 -16.06
N PHE L 597 -73.00 36.53 -16.96
CA PHE L 597 -72.41 36.24 -18.25
C PHE L 597 -72.09 37.54 -18.99
N ARG L 598 -70.86 37.64 -19.47
CA ARG L 598 -70.40 38.84 -20.16
C ARG L 598 -69.75 38.45 -21.48
N SER L 599 -70.05 39.23 -22.51
CA SER L 599 -69.59 38.95 -23.87
C SER L 599 -68.82 40.13 -24.43
N PHE L 600 -67.56 39.89 -24.78
CA PHE L 600 -66.71 40.89 -25.41
C PHE L 600 -66.29 40.34 -26.77
N ASN L 601 -65.79 41.23 -27.63
CA ASN L 601 -65.35 40.82 -28.95
C ASN L 601 -63.87 40.47 -28.92
N GLN L 602 -63.36 40.00 -30.08
CA GLN L 602 -61.96 39.64 -30.18
C GLN L 602 -61.05 40.79 -29.78
N PHE L 603 -61.48 42.03 -30.02
CA PHE L 603 -60.71 43.20 -29.62
C PHE L 603 -61.15 43.77 -28.28
N GLY L 604 -62.06 43.08 -27.58
CA GLY L 604 -62.50 43.51 -26.28
C GLY L 604 -63.71 44.43 -26.28
N VAL L 605 -64.23 44.81 -27.44
CA VAL L 605 -65.44 45.62 -27.49
C VAL L 605 -66.57 44.82 -26.83
N PRO L 606 -67.22 45.35 -25.80
CA PRO L 606 -68.30 44.58 -25.16
C PRO L 606 -69.45 44.30 -26.11
N PHE L 607 -70.10 43.15 -25.89
CA PHE L 607 -71.29 42.77 -26.63
C PHE L 607 -72.56 42.91 -25.81
N ALA L 608 -72.60 42.30 -24.63
CA ALA L 608 -73.76 42.37 -23.75
C ALA L 608 -73.42 41.64 -22.46
N VAL L 609 -74.21 41.90 -21.43
CA VAL L 609 -74.05 41.26 -20.12
C VAL L 609 -75.37 40.61 -19.76
N GLU L 610 -75.30 39.36 -19.30
CA GLU L 610 -76.50 38.58 -19.04
C GLU L 610 -76.35 37.87 -17.70
N LYS L 611 -77.44 37.77 -16.96
CA LYS L 611 -77.48 37.01 -15.73
C LYS L 611 -78.06 35.63 -16.00
N THR L 612 -77.32 34.60 -15.61
CA THR L 612 -77.77 33.22 -15.76
C THR L 612 -77.34 32.44 -14.53
N SER L 613 -77.74 31.18 -14.47
CA SER L 613 -77.31 30.34 -13.38
C SER L 613 -75.79 30.31 -13.37
N PRO L 614 -75.14 30.45 -12.21
CA PRO L 614 -73.67 30.55 -12.18
C PRO L 614 -72.98 29.48 -13.01
N ILE L 615 -72.05 29.89 -13.85
CA ILE L 615 -71.34 28.97 -14.74
C ILE L 615 -70.01 28.63 -14.07
N VAL L 616 -69.77 27.34 -13.87
CA VAL L 616 -68.52 26.92 -13.23
C VAL L 616 -67.43 26.69 -14.25
N ALA L 617 -67.78 26.20 -15.45
CA ALA L 617 -66.80 25.93 -16.50
C ALA L 617 -67.30 26.53 -17.81
N LEU L 618 -66.37 26.91 -18.67
CA LEU L 618 -66.71 27.62 -19.90
C LEU L 618 -65.95 27.07 -21.10
N THR L 619 -65.99 25.75 -21.29
CA THR L 619 -65.39 25.16 -22.48
C THR L 619 -65.88 25.86 -23.73
N ALA L 620 -64.96 26.07 -24.67
CA ALA L 620 -65.29 26.70 -25.95
C ALA L 620 -64.36 26.12 -27.02
N GLN L 621 -64.93 25.37 -27.95
CA GLN L 621 -64.17 24.77 -29.04
C GLN L 621 -64.67 25.35 -30.36
N ASN L 622 -63.73 25.86 -31.17
CA ASN L 622 -64.06 26.57 -32.41
C ASN L 622 -65.12 27.60 -32.05
N TYR L 623 -66.26 27.63 -32.71
CA TYR L 623 -67.35 28.52 -32.36
C TYR L 623 -68.37 27.87 -31.44
N ARG L 624 -68.15 26.63 -31.03
CA ARG L 624 -69.06 25.93 -30.13
C ARG L 624 -68.64 26.21 -28.69
N VAL L 625 -69.55 26.80 -27.92
CA VAL L 625 -69.30 27.13 -26.53
C VAL L 625 -70.21 26.27 -25.67
N PHE L 626 -69.63 25.54 -24.75
CA PHE L 626 -70.35 24.68 -23.82
C PHE L 626 -70.11 25.19 -22.41
N SER L 627 -71.18 25.48 -21.70
CA SER L 627 -71.11 26.06 -20.36
C SER L 627 -71.81 25.16 -19.35
N VAL L 628 -71.28 25.17 -18.13
CA VAL L 628 -71.83 24.36 -17.05
C VAL L 628 -72.48 25.29 -16.02
N HIS L 629 -73.79 25.41 -16.07
CA HIS L 629 -74.53 26.29 -15.17
C HIS L 629 -74.93 25.50 -13.94
N TYR L 630 -74.32 25.83 -12.80
CA TYR L 630 -74.65 25.21 -11.54
C TYR L 630 -75.07 26.26 -10.51
N SER L 631 -75.99 25.86 -9.65
CA SER L 631 -76.44 26.72 -8.56
C SER L 631 -76.81 25.86 -7.37
N GLN L 632 -76.77 26.47 -6.19
CA GLN L 632 -77.25 25.79 -4.99
C GLN L 632 -78.72 25.46 -5.10
N PHE L 633 -79.46 26.21 -5.90
CA PHE L 633 -80.91 26.05 -6.03
C PHE L 633 -81.29 25.49 -7.39
N HIS L 634 -80.78 26.07 -8.47
CA HIS L 634 -81.06 25.53 -9.80
C HIS L 634 -80.34 24.19 -10.02
N GLY L 635 -79.42 23.82 -9.15
CA GLY L 635 -78.73 22.57 -9.30
C GLY L 635 -77.78 22.59 -10.48
N LEU L 636 -77.40 21.38 -10.91
CA LEU L 636 -76.47 21.21 -12.03
C LEU L 636 -77.22 21.44 -13.33
N SER L 637 -76.66 22.29 -14.19
CA SER L 637 -77.27 22.62 -15.46
C SER L 637 -76.18 22.97 -16.46
N TYR L 638 -76.52 22.86 -17.74
CA TYR L 638 -75.57 23.15 -18.81
C TYR L 638 -76.31 23.76 -19.97
N SER L 639 -75.64 24.65 -20.70
CA SER L 639 -76.18 25.26 -21.89
C SER L 639 -75.18 25.04 -23.03
N LEU L 640 -75.65 24.45 -24.12
CA LEU L 640 -74.84 24.21 -25.29
C LEU L 640 -75.25 25.17 -26.40
N SER L 641 -74.28 25.85 -26.98
CA SER L 641 -74.57 26.87 -27.98
C SER L 641 -73.34 27.05 -28.86
N GLU L 642 -73.59 27.41 -30.12
CA GLU L 642 -72.56 27.74 -31.09
C GLU L 642 -72.81 29.17 -31.56
N LEU L 643 -72.15 30.12 -30.92
CA LEU L 643 -72.37 31.52 -31.25
C LEU L 643 -72.04 31.79 -32.71
N GLY L 644 -70.87 31.32 -33.16
CA GLY L 644 -70.46 31.52 -34.53
C GLY L 644 -70.31 33.00 -34.87
N THR L 645 -69.77 33.28 -36.05
CA THR L 645 -69.68 34.67 -36.48
C THR L 645 -71.07 35.30 -36.60
N SER L 646 -72.08 34.50 -36.89
CA SER L 646 -73.46 34.96 -36.96
C SER L 646 -74.37 33.77 -36.69
N SER L 647 -75.67 34.01 -36.76
CA SER L 647 -76.67 32.96 -36.59
C SER L 647 -76.44 32.19 -35.29
N LYS L 648 -76.17 32.94 -34.22
CA LYS L 648 -75.96 32.34 -32.91
C LYS L 648 -77.12 31.41 -32.56
N ARG L 649 -76.79 30.15 -32.29
CA ARG L 649 -77.79 29.12 -32.02
C ARG L 649 -77.51 28.49 -30.66
N TYR L 650 -78.56 28.37 -29.85
CA TYR L 650 -78.48 27.80 -28.51
C TYR L 650 -79.02 26.38 -28.58
N TYR L 651 -78.12 25.41 -28.72
CA TYR L 651 -78.55 24.02 -28.82
C TYR L 651 -79.32 23.60 -27.58
N LYS L 652 -78.80 23.94 -26.40
CA LYS L 652 -79.46 23.63 -25.14
C LYS L 652 -79.18 24.76 -24.16
N ARG L 653 -80.10 24.94 -23.22
CA ARG L 653 -80.04 26.05 -22.26
C ARG L 653 -80.24 25.51 -20.85
N GLU L 654 -79.15 25.40 -20.11
CA GLU L 654 -79.20 25.10 -18.67
C GLU L 654 -79.98 23.82 -18.42
N CYS L 655 -79.95 22.91 -19.37
CA CYS L 655 -80.55 21.62 -19.14
C CYS L 655 -79.78 20.87 -18.06
N PRO L 656 -80.43 20.01 -17.30
CA PRO L 656 -79.73 19.30 -16.22
C PRO L 656 -78.59 18.46 -16.76
N LEU L 657 -77.41 18.65 -16.17
CA LEU L 657 -76.23 17.91 -16.62
C LEU L 657 -76.11 16.61 -15.83
N PRO L 658 -76.27 15.45 -16.46
CA PRO L 658 -76.28 14.18 -15.71
C PRO L 658 -74.87 13.72 -15.33
N MET L 659 -74.32 14.34 -14.30
CA MET L 659 -73.00 13.99 -13.79
C MET L 659 -73.06 13.93 -12.26
N SER L 660 -72.16 13.15 -11.67
CA SER L 660 -72.19 12.85 -10.25
C SER L 660 -71.09 13.64 -9.54
N LEU L 661 -71.48 14.47 -8.57
CA LEU L 661 -70.52 15.29 -7.86
C LEU L 661 -69.75 14.43 -6.86
N PRO L 662 -68.56 14.88 -6.45
CA PRO L 662 -67.75 14.09 -5.52
C PRO L 662 -68.42 13.96 -4.16
N ASN L 663 -68.02 12.92 -3.43
CA ASN L 663 -68.55 12.65 -2.11
C ASN L 663 -67.69 13.29 -1.03
N ILE L 664 -68.35 13.87 -0.03
CA ILE L 664 -67.67 14.52 1.07
C ILE L 664 -68.31 14.12 2.39
N LYS L 670 -57.29 11.66 0.33
CA LYS L 670 -58.46 12.46 0.64
C LYS L 670 -58.09 13.93 0.76
N ASP L 671 -56.98 14.21 1.45
CA ASP L 671 -56.53 15.59 1.60
C ASP L 671 -56.24 16.22 0.25
N ALA L 672 -55.53 15.49 -0.62
CA ALA L 672 -55.32 15.98 -1.97
C ALA L 672 -56.64 16.09 -2.72
N ASN L 673 -57.54 15.12 -2.51
CA ASN L 673 -58.85 15.18 -3.15
C ASN L 673 -59.59 16.45 -2.74
N LEU L 674 -59.64 16.72 -1.43
CA LEU L 674 -60.32 17.92 -0.97
C LEU L 674 -59.65 19.18 -1.49
N ASP L 675 -58.31 19.22 -1.47
CA ASP L 675 -57.59 20.38 -1.96
C ASP L 675 -57.94 20.66 -3.42
N TYR L 676 -57.96 19.61 -4.24
CA TYR L 676 -58.45 19.77 -5.60
C TYR L 676 -59.89 20.27 -5.61
N TYR L 677 -60.72 19.74 -4.72
CA TYR L 677 -62.07 20.28 -4.57
C TYR L 677 -62.03 21.70 -4.05
N ASN L 678 -61.10 22.02 -3.16
CA ASN L 678 -60.86 23.42 -2.84
C ASN L 678 -60.44 24.19 -4.07
N PHE L 679 -59.57 23.58 -4.89
CA PHE L 679 -59.19 24.15 -6.18
C PHE L 679 -60.24 23.89 -7.25
N ASN L 680 -61.16 22.96 -7.03
CA ASN L 680 -62.22 22.66 -7.99
C ASN L 680 -63.45 22.19 -7.23
N PRO L 681 -64.18 23.13 -6.63
CA PRO L 681 -65.35 22.75 -5.83
C PRO L 681 -66.27 21.77 -6.54
N MET L 682 -66.47 22.00 -7.83
CA MET L 682 -67.35 21.12 -8.60
C MET L 682 -66.75 19.73 -8.77
N GLY L 683 -65.42 19.63 -8.68
CA GLY L 683 -64.76 18.36 -8.88
C GLY L 683 -64.62 17.96 -10.33
N ILE L 684 -64.78 18.90 -11.26
CA ILE L 684 -64.66 18.62 -12.69
C ILE L 684 -63.20 18.35 -13.01
N LYS L 685 -62.86 17.10 -13.32
CA LYS L 685 -61.50 16.79 -13.73
C LYS L 685 -61.08 17.64 -14.92
N SER L 686 -62.00 17.83 -15.86
CA SER L 686 -61.78 18.74 -16.99
C SER L 686 -63.07 18.83 -17.78
N LEU L 687 -63.04 19.68 -18.80
CA LEU L 687 -64.18 19.89 -19.68
C LEU L 687 -63.67 20.30 -21.05
N PHE L 688 -64.17 19.65 -22.09
CA PHE L 688 -63.72 19.96 -23.44
C PHE L 688 -64.69 19.36 -24.43
N PHE L 689 -64.58 19.81 -25.67
CA PHE L 689 -65.30 19.18 -26.77
C PHE L 689 -64.54 17.97 -27.27
N SER L 690 -65.21 17.18 -28.10
CA SER L 690 -64.56 16.02 -28.71
C SER L 690 -63.68 16.47 -29.87
N SER L 691 -62.91 15.51 -30.40
CA SER L 691 -62.07 15.81 -31.56
C SER L 691 -62.89 16.43 -32.67
N TYR L 692 -64.04 15.81 -33.00
CA TYR L 692 -64.92 16.38 -34.01
C TYR L 692 -65.71 17.56 -33.46
N GLY L 693 -65.82 17.65 -32.14
CA GLY L 693 -66.48 18.79 -31.53
C GLY L 693 -67.74 18.44 -30.77
N ASP L 694 -67.79 17.24 -30.20
CA ASP L 694 -68.90 16.86 -29.34
C ASP L 694 -68.56 17.18 -27.90
N PRO L 695 -69.45 17.80 -27.12
CA PRO L 695 -69.09 18.18 -25.75
C PRO L 695 -68.66 16.97 -24.93
N CYS L 696 -67.59 17.14 -24.17
CA CYS L 696 -67.04 16.08 -23.35
C CYS L 696 -66.83 16.58 -21.92
N ILE L 697 -67.18 15.74 -20.96
CA ILE L 697 -67.12 16.10 -19.54
C ILE L 697 -66.47 14.96 -18.77
N PHE L 698 -65.70 15.29 -17.75
CA PHE L 698 -65.05 14.31 -16.88
C PHE L 698 -65.15 14.82 -15.45
N GLY L 699 -66.15 14.33 -14.71
CA GLY L 699 -66.36 14.73 -13.35
C GLY L 699 -65.50 13.94 -12.38
N SER L 700 -65.69 14.24 -11.09
CA SER L 700 -64.95 13.55 -10.05
C SER L 700 -65.21 12.05 -10.07
N ASP L 701 -66.34 11.62 -10.61
CA ASP L 701 -66.60 10.20 -10.78
C ASP L 701 -65.55 9.54 -11.67
N ASN L 702 -64.85 10.34 -12.49
CA ASN L 702 -63.82 9.86 -13.40
C ASN L 702 -64.44 9.06 -14.55
N THR L 703 -65.62 9.47 -15.00
CA THR L 703 -66.32 8.86 -16.12
C THR L 703 -66.43 9.91 -17.23
N LEU L 704 -65.98 9.55 -18.41
CA LEU L 704 -66.05 10.46 -19.55
C LEU L 704 -67.41 10.33 -20.22
N LEU L 705 -68.20 11.38 -20.14
CA LEU L 705 -69.55 11.39 -20.68
C LEU L 705 -69.60 12.26 -21.93
N LEU L 706 -70.19 11.73 -22.99
CA LEU L 706 -70.30 12.42 -24.28
C LEU L 706 -71.77 12.61 -24.60
N LEU L 707 -72.12 13.83 -25.03
CA LEU L 707 -73.51 14.14 -25.33
C LEU L 707 -73.89 13.61 -26.71
N SER L 708 -74.30 12.35 -26.78
CA SER L 708 -74.73 11.78 -28.05
C SER L 708 -75.87 12.59 -28.63
N LYS L 709 -75.81 12.83 -29.94
CA LYS L 709 -76.84 13.57 -30.65
C LYS L 709 -76.98 14.99 -30.12
N TRP L 710 -75.87 15.61 -29.72
CA TRP L 710 -75.93 16.96 -29.18
C TRP L 710 -76.48 17.93 -30.22
N ARG L 711 -76.15 17.72 -31.50
CA ARG L 711 -76.65 18.59 -32.54
C ARG L 711 -78.17 18.58 -32.60
N SER L 712 -78.81 17.49 -32.18
CA SER L 712 -80.26 17.38 -32.15
C SER L 712 -80.73 17.31 -30.71
N PRO L 713 -81.30 18.38 -30.15
CA PRO L 713 -81.70 18.34 -28.73
C PRO L 713 -82.73 17.27 -28.44
N GLU L 714 -83.54 16.90 -29.42
CA GLU L 714 -84.62 15.94 -29.18
C GLU L 714 -84.05 14.59 -28.75
N GLU L 715 -83.02 14.11 -29.43
CA GLU L 715 -82.38 12.85 -29.11
C GLU L 715 -81.08 13.02 -28.35
N SER L 716 -80.72 14.24 -27.99
CA SER L 716 -79.49 14.48 -27.25
C SER L 716 -79.48 13.68 -25.96
N LYS L 717 -78.36 13.02 -25.69
CA LYS L 717 -78.26 12.13 -24.53
C LYS L 717 -76.79 11.91 -24.21
N TRP L 718 -76.46 11.93 -22.93
CA TRP L 718 -75.09 11.69 -22.50
C TRP L 718 -74.83 10.19 -22.36
N LEU L 719 -73.77 9.71 -23.01
CA LEU L 719 -73.43 8.31 -22.99
C LEU L 719 -72.07 8.12 -22.32
N PRO L 720 -71.96 7.28 -21.28
CA PRO L 720 -70.66 7.05 -20.66
C PRO L 720 -69.76 6.23 -21.57
N ILE L 721 -68.77 6.88 -22.17
CA ILE L 721 -67.90 6.20 -23.12
C ILE L 721 -66.68 5.62 -22.43
N LEU L 722 -66.41 6.01 -21.19
CA LEU L 722 -65.31 5.44 -20.42
C LEU L 722 -65.60 5.58 -18.93
N ASP L 723 -65.25 4.54 -18.18
CA ASP L 723 -65.26 4.58 -16.72
C ASP L 723 -63.84 4.30 -16.26
N SER L 724 -63.02 5.36 -16.22
CA SER L 724 -61.58 5.23 -16.07
C SER L 724 -61.19 4.23 -14.98
N ASN L 725 -61.95 4.21 -13.87
CA ASN L 725 -61.62 3.32 -12.77
C ASN L 725 -61.62 1.87 -13.24
N MET L 726 -62.67 1.48 -13.96
CA MET L 726 -62.76 0.10 -14.43
C MET L 726 -61.63 -0.23 -15.40
N GLU L 727 -61.32 0.68 -16.32
CA GLU L 727 -60.26 0.42 -17.29
C GLU L 727 -58.91 0.29 -16.59
N ILE L 728 -58.66 1.14 -15.59
CA ILE L 728 -57.41 1.05 -14.85
C ILE L 728 -57.33 -0.27 -14.10
N TRP L 729 -58.42 -0.66 -13.43
CA TRP L 729 -58.44 -1.95 -12.77
C TRP L 729 -58.24 -3.09 -13.76
N LYS L 730 -58.65 -2.87 -15.01
CA LYS L 730 -58.45 -3.87 -16.05
C LYS L 730 -56.99 -4.00 -16.45
N MET L 731 -56.41 -2.91 -16.94
CA MET L 731 -55.01 -2.93 -17.35
C MET L 731 -54.08 -3.27 -16.20
N SER L 732 -54.50 -3.01 -14.96
CA SER L 732 -53.68 -3.35 -13.80
C SER L 732 -53.63 -4.85 -13.53
N GLY L 733 -54.21 -5.67 -14.40
CA GLY L 733 -54.29 -7.09 -14.13
C GLY L 733 -55.30 -7.46 -13.07
N GLY L 734 -56.38 -6.69 -12.97
CA GLY L 734 -57.37 -6.91 -11.93
C GLY L 734 -57.02 -6.27 -10.60
N LYS L 735 -55.89 -5.57 -10.52
CA LYS L 735 -55.44 -4.96 -9.28
C LYS L 735 -56.16 -3.64 -9.05
N GLU L 736 -56.53 -3.39 -7.79
CA GLU L 736 -57.25 -2.18 -7.41
C GLU L 736 -56.24 -1.07 -7.11
N THR L 737 -55.67 -0.53 -8.17
CA THR L 737 -54.71 0.55 -8.04
C THR L 737 -55.40 1.83 -7.60
N THR L 738 -54.64 2.68 -6.91
CA THR L 738 -55.17 3.94 -6.41
C THR L 738 -54.43 5.13 -7.00
N ASP L 739 -53.10 5.10 -6.93
CA ASP L 739 -52.28 6.25 -7.32
C ASP L 739 -52.57 6.68 -8.74
N ILE L 740 -52.95 5.73 -9.60
CA ILE L 740 -53.28 6.05 -10.98
C ILE L 740 -54.40 7.08 -11.00
N HIS L 741 -54.23 8.13 -11.78
CA HIS L 741 -55.24 9.19 -11.92
C HIS L 741 -55.19 9.70 -13.35
N VAL L 742 -56.19 9.33 -14.14
CA VAL L 742 -56.30 9.82 -15.50
C VAL L 742 -56.57 11.32 -15.44
N TRP L 743 -55.67 12.11 -15.99
CA TRP L 743 -55.85 13.55 -16.02
C TRP L 743 -56.40 13.94 -17.39
N PRO L 744 -57.73 14.08 -17.54
CA PRO L 744 -58.29 14.34 -18.87
C PRO L 744 -57.67 15.55 -19.54
N LEU L 745 -57.14 15.35 -20.74
CA LEU L 745 -56.55 16.42 -21.53
C LEU L 745 -57.39 16.80 -22.73
N ALA L 746 -57.80 15.81 -23.52
CA ALA L 746 -58.64 16.03 -24.68
C ALA L 746 -59.01 14.66 -25.24
N LEU L 747 -60.16 14.59 -25.89
CA LEU L 747 -60.68 13.34 -26.42
C LEU L 747 -60.44 13.29 -27.92
N ALA L 748 -59.49 12.46 -28.34
CA ALA L 748 -59.36 12.13 -29.74
C ALA L 748 -60.54 11.23 -30.13
N TYR L 749 -60.78 11.10 -31.43
CA TYR L 749 -61.85 10.21 -31.87
C TYR L 749 -61.54 8.79 -31.42
N ASP L 750 -62.48 8.17 -30.73
CA ASP L 750 -62.37 6.80 -30.26
C ASP L 750 -61.28 6.62 -29.20
N THR L 751 -60.56 7.68 -28.86
CA THR L 751 -59.43 7.57 -27.94
C THR L 751 -59.33 8.84 -27.12
N LEU L 752 -59.02 8.67 -25.84
CA LEU L 752 -58.92 9.77 -24.90
C LEU L 752 -57.46 10.09 -24.66
N ASN L 753 -57.08 11.34 -24.93
CA ASN L 753 -55.75 11.84 -24.60
C ASN L 753 -55.81 12.39 -23.18
N CYS L 754 -55.11 11.75 -22.26
CA CYS L 754 -55.08 12.16 -20.86
C CYS L 754 -53.84 11.60 -20.19
N ILE L 755 -53.41 12.28 -19.13
CA ILE L 755 -52.19 11.91 -18.43
C ILE L 755 -52.58 11.06 -17.22
N LEU L 756 -51.92 9.93 -17.05
CA LEU L 756 -52.14 9.05 -15.90
C LEU L 756 -51.19 9.49 -14.79
N VAL L 757 -51.70 10.28 -13.84
CA VAL L 757 -50.90 10.74 -12.72
C VAL L 757 -50.88 9.62 -11.69
N LYS L 758 -49.77 8.89 -11.62
CA LYS L 758 -49.61 7.78 -10.68
C LYS L 758 -48.99 8.27 -9.38
N GLY L 759 -49.64 9.26 -8.78
CA GLY L 759 -49.14 9.86 -7.56
C GLY L 759 -50.28 10.34 -6.68
N LYS L 760 -49.92 10.70 -5.45
CA LYS L 760 -50.94 11.15 -4.50
C LYS L 760 -51.70 12.34 -5.05
N HIS L 761 -51.00 13.30 -5.64
CA HIS L 761 -51.64 14.46 -6.23
C HIS L 761 -52.29 14.05 -7.55
N ILE L 762 -53.62 14.08 -7.60
CA ILE L 762 -54.32 13.65 -8.80
C ILE L 762 -53.86 14.48 -9.99
N TRP L 763 -53.53 15.74 -9.77
CA TRP L 763 -53.01 16.57 -10.83
C TRP L 763 -51.54 16.26 -11.08
N PRO L 764 -51.05 16.55 -12.29
CA PRO L 764 -49.64 16.26 -12.60
C PRO L 764 -48.71 17.35 -12.07
N GLU L 765 -47.43 17.20 -12.42
CA GLU L 765 -46.37 18.10 -11.97
C GLU L 765 -45.85 18.91 -13.14
N PHE L 766 -45.09 19.96 -12.82
CA PHE L 766 -44.57 20.90 -13.81
C PHE L 766 -43.85 20.17 -14.94
N PRO L 767 -42.95 19.23 -14.64
CA PRO L 767 -42.35 18.46 -15.74
C PRO L 767 -43.40 17.55 -16.35
N LEU L 768 -44.27 18.14 -17.16
CA LEU L 768 -45.43 17.41 -17.65
C LEU L 768 -44.99 16.15 -18.39
N PRO L 769 -45.54 14.98 -18.04
CA PRO L 769 -45.16 13.75 -18.73
C PRO L 769 -45.86 13.63 -20.08
N LEU L 770 -45.48 12.59 -20.80
CA LEU L 770 -46.04 12.34 -22.11
C LEU L 770 -47.52 11.96 -21.97
N PRO L 771 -48.42 12.63 -22.68
CA PRO L 771 -49.84 12.24 -22.60
C PRO L 771 -50.05 10.80 -23.02
N SER L 772 -50.99 10.14 -22.37
CA SER L 772 -51.32 8.76 -22.66
C SER L 772 -52.64 8.67 -23.40
N GLU L 773 -52.78 7.64 -24.24
CA GLU L 773 -53.95 7.45 -25.08
C GLU L 773 -54.63 6.14 -24.69
N MET L 774 -55.94 6.20 -24.48
CA MET L 774 -56.74 5.01 -24.20
C MET L 774 -57.98 5.04 -25.07
N GLU L 775 -58.30 3.89 -25.66
CA GLU L 775 -59.49 3.79 -26.50
C GLU L 775 -60.75 3.84 -25.63
N ILE L 776 -61.82 4.41 -26.19
CA ILE L 776 -63.07 4.46 -25.46
C ILE L 776 -63.59 3.03 -25.27
N ARG L 777 -64.39 2.85 -24.22
CA ARG L 777 -64.92 1.53 -23.88
C ARG L 777 -66.31 1.70 -23.31
N MET L 778 -67.28 1.01 -23.90
CA MET L 778 -68.63 1.02 -23.35
C MET L 778 -68.61 0.28 -22.02
N PRO L 779 -69.03 0.92 -20.91
CA PRO L 779 -68.91 0.26 -19.61
C PRO L 779 -69.94 -0.84 -19.42
N VAL L 780 -69.67 -2.02 -19.95
CA VAL L 780 -70.59 -3.15 -19.85
C VAL L 780 -69.87 -4.38 -19.32
N PHE L 781 -68.77 -4.16 -18.61
CA PHE L 781 -68.01 -5.25 -18.01
C PHE L 781 -68.42 -5.41 -16.55
N VAL L 782 -68.89 -6.60 -16.20
CA VAL L 782 -69.19 -6.93 -14.81
C VAL L 782 -67.87 -7.32 -14.15
N LYS L 783 -67.41 -6.51 -13.20
CA LYS L 783 -66.14 -6.80 -12.54
C LYS L 783 -66.18 -8.18 -11.88
N SER L 784 -67.35 -8.60 -11.41
CA SER L 784 -67.48 -9.92 -10.82
C SER L 784 -67.18 -11.02 -11.85
N LYS L 785 -67.67 -10.84 -13.08
CA LYS L 785 -67.41 -11.83 -14.12
C LYS L 785 -65.91 -11.95 -14.38
N LEU L 786 -65.22 -10.81 -14.49
CA LEU L 786 -63.79 -10.85 -14.74
C LEU L 786 -63.04 -11.49 -13.58
N LEU L 787 -63.44 -11.15 -12.35
CA LEU L 787 -62.79 -11.75 -11.18
C LEU L 787 -62.99 -13.26 -11.17
N GLU L 788 -64.19 -13.72 -11.49
CA GLU L 788 -64.44 -15.15 -11.56
C GLU L 788 -63.61 -15.80 -12.66
N GLU L 789 -63.45 -15.11 -13.79
CA GLU L 789 -62.62 -15.65 -14.86
C GLU L 789 -61.18 -15.80 -14.41
N ASN L 790 -60.63 -14.80 -13.73
CA ASN L 790 -59.22 -14.83 -13.34
C ASN L 790 -59.00 -15.65 -12.08
N LYS L 791 -59.74 -15.34 -11.01
CA LYS L 791 -59.58 -16.04 -9.74
C LYS L 791 -58.17 -15.86 -9.20
N GLU L 814 -54.06 -8.79 -18.17
CA GLU L 814 -54.17 -10.24 -18.25
C GLU L 814 -55.58 -10.71 -17.93
N ILE L 815 -56.47 -9.76 -17.61
CA ILE L 815 -57.84 -10.12 -17.29
C ILE L 815 -58.50 -10.77 -18.49
N GLN L 816 -59.21 -11.87 -18.25
CA GLN L 816 -59.95 -12.57 -19.28
C GLN L 816 -61.36 -12.03 -19.37
N ILE L 817 -61.83 -11.83 -20.59
CA ILE L 817 -63.19 -11.35 -20.84
C ILE L 817 -63.90 -12.39 -21.68
N PRO L 818 -65.14 -12.76 -21.35
CA PRO L 818 -65.86 -13.71 -22.21
C PRO L 818 -66.01 -13.12 -23.60
N VAL L 819 -65.84 -13.96 -24.62
CA VAL L 819 -65.96 -13.47 -25.99
C VAL L 819 -67.34 -12.87 -26.20
N SER L 820 -68.34 -13.36 -25.48
CA SER L 820 -69.69 -12.82 -25.64
C SER L 820 -69.80 -11.41 -25.05
N MET L 821 -69.35 -11.21 -23.82
CA MET L 821 -69.47 -9.89 -23.21
C MET L 821 -68.57 -8.89 -23.93
N ALA L 822 -67.36 -9.32 -24.28
CA ALA L 822 -66.52 -8.50 -25.14
C ALA L 822 -67.27 -8.09 -26.40
N ALA L 823 -67.71 -9.07 -27.19
CA ALA L 823 -68.39 -8.79 -28.43
C ALA L 823 -69.54 -7.81 -28.22
N GLU L 824 -70.28 -7.96 -27.13
CA GLU L 824 -71.35 -7.00 -26.85
C GLU L 824 -70.79 -5.60 -26.64
N GLU L 825 -69.68 -5.50 -25.92
CA GLU L 825 -69.09 -4.18 -25.68
C GLU L 825 -68.64 -3.55 -26.99
N GLU L 826 -67.97 -4.32 -27.84
CA GLU L 826 -67.53 -3.79 -29.13
C GLU L 826 -68.75 -3.45 -29.98
N TYR L 827 -69.80 -4.25 -29.91
CA TYR L 827 -71.04 -3.91 -30.59
C TYR L 827 -71.54 -2.54 -30.19
N LEU L 828 -71.68 -2.30 -28.89
CA LEU L 828 -72.20 -1.02 -28.43
C LEU L 828 -71.27 0.13 -28.80
N ARG L 829 -69.96 -0.08 -28.62
CA ARG L 829 -69.00 0.97 -28.92
C ARG L 829 -69.05 1.33 -30.40
N SER L 830 -69.04 0.33 -31.27
CA SER L 830 -69.12 0.58 -32.69
C SER L 830 -70.43 1.25 -33.06
N LYS L 831 -71.53 0.82 -32.44
CA LYS L 831 -72.83 1.41 -32.73
C LYS L 831 -72.82 2.90 -32.42
N VAL L 832 -72.41 3.26 -31.20
CA VAL L 832 -72.43 4.66 -30.81
C VAL L 832 -71.44 5.47 -31.63
N LEU L 833 -70.26 4.90 -31.88
CA LEU L 833 -69.26 5.60 -32.68
C LEU L 833 -69.79 5.88 -34.08
N SER L 834 -70.43 4.88 -34.70
CA SER L 834 -70.98 5.07 -36.03
C SER L 834 -72.10 6.09 -36.02
N GLU L 835 -72.96 6.05 -35.00
CA GLU L 835 -73.99 7.06 -34.86
C GLU L 835 -73.37 8.45 -34.91
N LEU L 836 -72.46 8.72 -34.00
CA LEU L 836 -71.87 10.06 -33.91
C LEU L 836 -71.10 10.40 -35.18
N LEU L 837 -70.39 9.42 -35.76
CA LEU L 837 -69.62 9.67 -36.97
C LEU L 837 -70.52 10.08 -38.11
N THR L 838 -71.62 9.36 -38.31
CA THR L 838 -72.57 9.71 -39.36
C THR L 838 -73.18 11.09 -39.10
N ASP L 839 -73.54 11.35 -37.84
CA ASP L 839 -74.12 12.64 -37.51
C ASP L 839 -73.17 13.77 -37.90
N THR L 840 -71.91 13.66 -37.48
CA THR L 840 -70.93 14.69 -37.81
C THR L 840 -70.71 14.78 -39.31
N LEU L 841 -70.61 13.63 -39.98
CA LEU L 841 -70.31 13.63 -41.40
C LEU L 841 -71.40 14.35 -42.19
N GLU L 842 -72.65 14.05 -41.87
CA GLU L 842 -73.78 14.68 -42.55
C GLU L 842 -74.02 16.11 -42.10
N ASN L 843 -73.58 16.45 -40.88
CA ASN L 843 -73.88 17.77 -40.32
C ASN L 843 -72.72 18.73 -40.53
N ASP L 844 -71.49 18.22 -40.52
CA ASP L 844 -70.31 19.09 -40.56
C ASP L 844 -69.28 18.57 -41.55
N GLY L 845 -69.68 17.69 -42.46
CA GLY L 845 -68.72 17.12 -43.38
C GLY L 845 -67.63 16.38 -42.64
N GLU L 846 -66.41 16.47 -43.17
CA GLU L 846 -65.26 15.81 -42.56
C GLU L 846 -64.04 16.70 -42.72
N MET L 847 -63.29 16.87 -41.62
CA MET L 847 -62.00 17.53 -41.75
C MET L 847 -60.96 16.62 -42.38
N TYR L 848 -61.20 15.30 -42.36
CA TYR L 848 -60.34 14.34 -43.04
C TYR L 848 -61.22 13.36 -43.80
N GLY L 849 -60.82 13.05 -45.03
CA GLY L 849 -61.64 12.19 -45.87
C GLY L 849 -61.73 10.77 -45.36
N ASN L 850 -60.77 10.36 -44.52
CA ASN L 850 -60.74 8.98 -44.07
C ASN L 850 -62.00 8.60 -43.31
N GLU L 851 -62.73 9.57 -42.76
CA GLU L 851 -63.86 9.26 -41.90
C GLU L 851 -64.89 8.39 -42.60
N ASN L 852 -65.07 8.57 -43.91
CA ASN L 852 -66.04 7.74 -44.61
C ASN L 852 -65.64 6.26 -44.55
N GLU L 853 -64.37 5.98 -44.82
CA GLU L 853 -63.88 4.61 -44.75
C GLU L 853 -63.91 4.11 -43.31
N VAL L 854 -63.63 5.00 -42.36
CA VAL L 854 -63.67 4.62 -40.95
C VAL L 854 -65.07 4.18 -40.58
N LEU L 855 -66.09 4.94 -41.02
CA LEU L 855 -67.47 4.57 -40.74
C LEU L 855 -67.84 3.27 -41.43
N ALA L 856 -67.36 3.07 -42.66
CA ALA L 856 -67.64 1.81 -43.35
C ALA L 856 -67.06 0.63 -42.57
N ALA L 857 -65.81 0.74 -42.15
CA ALA L 857 -65.19 -0.33 -41.37
C ALA L 857 -65.89 -0.50 -40.04
N LEU L 858 -66.37 0.59 -39.45
CA LEU L 858 -67.10 0.50 -38.19
C LEU L 858 -68.42 -0.23 -38.37
N ASN L 859 -69.12 0.03 -39.47
CA ASN L 859 -70.34 -0.71 -39.76
C ASN L 859 -70.02 -2.18 -39.96
N GLY L 860 -68.91 -2.47 -40.64
CA GLY L 860 -68.49 -3.86 -40.77
C GLY L 860 -68.27 -4.50 -39.42
N ALA L 861 -67.52 -3.84 -38.55
CA ALA L 861 -67.25 -4.39 -37.22
C ALA L 861 -68.55 -4.57 -36.43
N TYR L 862 -69.47 -3.63 -36.61
CA TYR L 862 -70.78 -3.74 -35.98
C TYR L 862 -71.49 -5.01 -36.42
N ASP L 863 -71.51 -5.27 -37.73
CA ASP L 863 -72.16 -6.47 -38.24
C ASP L 863 -71.45 -7.72 -37.74
N LYS L 864 -70.12 -7.70 -37.69
CA LYS L 864 -69.39 -8.89 -37.27
C LYS L 864 -69.53 -9.13 -35.77
N ALA L 865 -69.74 -8.07 -35.00
CA ALA L 865 -70.08 -8.26 -33.59
C ALA L 865 -71.46 -8.87 -33.44
N LEU L 866 -72.43 -8.38 -34.22
CA LEU L 866 -73.71 -9.07 -34.29
C LEU L 866 -73.51 -10.52 -34.66
N LEU L 867 -72.50 -10.81 -35.48
CA LEU L 867 -72.28 -12.19 -35.91
C LEU L 867 -71.71 -13.05 -34.80
N ARG L 868 -70.73 -12.53 -34.04
CA ARG L 868 -70.27 -13.28 -32.86
C ARG L 868 -71.44 -13.55 -31.93
N LEU L 869 -72.24 -12.53 -31.63
CA LEU L 869 -73.34 -12.73 -30.70
C LEU L 869 -74.42 -13.63 -31.29
N PHE L 870 -74.56 -13.61 -32.62
CA PHE L 870 -75.47 -14.51 -33.30
C PHE L 870 -75.03 -15.95 -33.11
N ALA L 871 -73.73 -16.21 -33.26
CA ALA L 871 -73.21 -17.54 -33.00
C ALA L 871 -73.41 -17.93 -31.54
N SER L 872 -73.21 -16.98 -30.63
CA SER L 872 -73.43 -17.25 -29.21
C SER L 872 -74.87 -17.68 -28.96
N ALA L 873 -75.83 -16.94 -29.51
CA ALA L 873 -77.24 -17.30 -29.34
C ALA L 873 -77.54 -18.63 -29.99
N CYS L 874 -76.96 -18.89 -31.17
CA CYS L 874 -77.18 -20.16 -31.84
C CYS L 874 -76.69 -21.32 -30.99
N SER L 875 -75.52 -21.17 -30.37
CA SER L 875 -75.04 -22.20 -29.46
C SER L 875 -76.01 -22.43 -28.31
N ASP L 876 -76.74 -21.39 -27.92
CA ASP L 876 -77.78 -21.50 -26.91
C ASP L 876 -79.09 -22.04 -27.48
N GLN L 877 -79.16 -22.23 -28.80
CA GLN L 877 -80.37 -22.68 -29.48
C GLN L 877 -81.49 -21.64 -29.40
N ASN L 878 -81.16 -20.41 -28.97
CA ASN L 878 -82.13 -19.32 -28.97
C ASN L 878 -82.25 -18.73 -30.37
N VAL L 879 -82.78 -19.56 -31.28
CA VAL L 879 -82.92 -19.15 -32.66
C VAL L 879 -83.73 -17.87 -32.78
N GLU L 880 -84.61 -17.60 -31.80
CA GLU L 880 -85.37 -16.36 -31.83
C GLU L 880 -84.48 -15.17 -31.48
N LYS L 881 -83.67 -15.30 -30.43
CA LYS L 881 -82.74 -14.23 -30.10
C LYS L 881 -81.73 -14.02 -31.20
N ALA L 882 -81.21 -15.12 -31.76
CA ALA L 882 -80.29 -15.01 -32.88
C ALA L 882 -80.95 -14.36 -34.09
N LEU L 883 -82.23 -14.68 -34.31
CA LEU L 883 -82.98 -14.04 -35.38
C LEU L 883 -83.08 -12.54 -35.15
N SER L 884 -83.36 -12.13 -33.91
CA SER L 884 -83.39 -10.71 -33.59
C SER L 884 -82.03 -10.07 -33.87
N LEU L 885 -80.96 -10.75 -33.48
CA LEU L 885 -79.61 -10.23 -33.74
C LEU L 885 -79.38 -10.03 -35.23
N ALA L 886 -79.65 -11.06 -36.03
CA ALA L 886 -79.49 -10.93 -37.47
C ALA L 886 -80.41 -9.85 -38.03
N HIS L 887 -81.54 -9.61 -37.36
CA HIS L 887 -82.44 -8.54 -37.78
C HIS L 887 -81.74 -7.19 -37.74
N GLU L 888 -80.98 -6.94 -36.68
CA GLU L 888 -80.24 -5.69 -36.57
C GLU L 888 -79.08 -5.61 -37.56
N LEU L 889 -78.71 -6.73 -38.18
CA LEU L 889 -77.56 -6.76 -39.05
C LEU L 889 -77.72 -5.74 -40.17
N LYS L 890 -76.66 -4.95 -40.39
CA LYS L 890 -76.69 -3.88 -41.38
C LYS L 890 -76.34 -4.35 -42.78
N GLN L 891 -75.44 -5.32 -42.92
CA GLN L 891 -74.93 -5.73 -44.22
C GLN L 891 -75.55 -7.07 -44.62
N ASP L 892 -76.07 -7.13 -45.84
CA ASP L 892 -76.65 -8.37 -46.34
C ASP L 892 -75.59 -9.42 -46.60
N ARG L 893 -74.36 -9.01 -46.91
CA ARG L 893 -73.26 -9.97 -47.01
C ARG L 893 -72.94 -10.55 -45.65
N ALA L 894 -72.90 -9.71 -44.62
CA ALA L 894 -72.83 -10.22 -43.26
C ALA L 894 -74.03 -11.11 -42.98
N LEU L 895 -75.15 -10.89 -43.66
CA LEU L 895 -76.30 -11.76 -43.48
C LEU L 895 -76.09 -13.12 -44.13
N THR L 896 -75.36 -13.16 -45.25
CA THR L 896 -74.90 -14.43 -45.79
C THR L 896 -74.02 -15.14 -44.77
N ALA L 897 -73.12 -14.40 -44.14
CA ALA L 897 -72.30 -14.98 -43.09
C ALA L 897 -73.19 -15.53 -41.97
N ALA L 898 -74.25 -14.81 -41.62
CA ALA L 898 -75.11 -15.23 -40.52
C ALA L 898 -75.88 -16.50 -40.87
N VAL L 899 -76.41 -16.58 -42.09
CA VAL L 899 -77.12 -17.79 -42.48
C VAL L 899 -76.15 -18.96 -42.54
N LYS L 900 -74.91 -18.72 -42.99
CA LYS L 900 -73.91 -19.77 -42.95
C LYS L 900 -73.66 -20.23 -41.51
N ILE L 901 -73.56 -19.29 -40.58
CA ILE L 901 -73.39 -19.64 -39.17
C ILE L 901 -74.55 -20.52 -38.72
N SER L 902 -75.78 -20.12 -39.03
CA SER L 902 -76.93 -20.91 -38.63
C SER L 902 -76.87 -22.32 -39.19
N GLU L 903 -76.41 -22.45 -40.44
CA GLU L 903 -76.18 -23.78 -41.00
C GLU L 903 -75.16 -24.55 -40.18
N ARG L 904 -74.02 -23.91 -39.88
CA ARG L 904 -73.01 -24.54 -39.04
C ARG L 904 -73.49 -24.74 -37.61
N ALA L 905 -74.52 -24.00 -37.19
CA ALA L 905 -75.13 -24.20 -35.88
C ALA L 905 -76.26 -25.21 -35.92
N GLU L 906 -76.59 -25.75 -37.09
CA GLU L 906 -77.61 -26.78 -37.23
C GLU L 906 -78.97 -26.27 -36.78
N LEU L 907 -79.32 -25.07 -37.23
CA LEU L 907 -80.61 -24.47 -36.92
C LEU L 907 -81.41 -24.28 -38.20
N PRO L 908 -82.00 -25.34 -38.74
CA PRO L 908 -82.76 -25.19 -39.99
C PRO L 908 -83.87 -24.16 -39.90
N SER L 909 -84.59 -24.10 -38.78
CA SER L 909 -85.57 -23.04 -38.60
C SER L 909 -84.89 -21.67 -38.63
N LEU L 910 -83.77 -21.54 -37.93
CA LEU L 910 -83.00 -20.32 -38.00
C LEU L 910 -82.61 -20.01 -39.44
N VAL L 911 -82.02 -20.99 -40.14
CA VAL L 911 -81.57 -20.77 -41.51
C VAL L 911 -82.71 -20.28 -42.37
N LYS L 912 -83.90 -20.87 -42.21
CA LYS L 912 -85.07 -20.43 -42.97
C LYS L 912 -85.41 -18.99 -42.64
N LYS L 913 -85.35 -18.63 -41.35
CA LYS L 913 -85.65 -17.26 -40.96
C LYS L 913 -84.67 -16.29 -41.61
N ILE L 914 -83.37 -16.59 -41.53
CA ILE L 914 -82.39 -15.68 -42.12
C ILE L 914 -82.52 -15.64 -43.63
N ASN L 915 -82.99 -16.73 -44.24
CA ASN L 915 -83.25 -16.70 -45.69
C ASN L 915 -84.39 -15.74 -46.00
N ASN L 916 -85.45 -15.80 -45.20
CA ASN L 916 -86.53 -14.81 -45.34
C ASN L 916 -85.97 -13.40 -45.17
N ILE L 917 -85.02 -13.23 -44.26
CA ILE L 917 -84.40 -11.92 -44.06
C ILE L 917 -83.61 -11.51 -45.29
N ARG L 918 -82.89 -12.45 -45.90
CA ARG L 918 -82.20 -12.16 -47.17
C ARG L 918 -83.19 -11.60 -48.17
N GLU L 919 -84.30 -12.31 -48.36
CA GLU L 919 -85.28 -11.87 -49.35
C GLU L 919 -85.84 -10.49 -49.00
N ALA L 920 -86.16 -10.28 -47.72
CA ALA L 920 -86.73 -9.01 -47.31
C ALA L 920 -85.78 -7.85 -47.59
N ARG L 921 -84.50 -8.04 -47.24
CA ARG L 921 -83.52 -6.98 -47.52
C ARG L 921 -83.36 -6.77 -49.03
N TYR L 922 -83.35 -7.86 -49.80
CA TYR L 922 -83.36 -7.73 -51.26
C TYR L 922 -84.57 -6.94 -51.71
N GLU L 923 -85.69 -7.08 -51.01
CA GLU L 923 -86.88 -6.31 -51.31
C GLU L 923 -86.69 -4.85 -50.90
N PHE M 474 -80.05 10.80 0.41
CA PHE M 474 -81.35 10.21 0.16
C PHE M 474 -81.27 8.68 0.20
N ARG M 475 -82.36 8.06 0.65
CA ARG M 475 -82.38 6.60 0.79
C ARG M 475 -82.17 5.92 -0.57
N TYR M 476 -82.91 6.35 -1.58
CA TYR M 476 -82.87 5.72 -2.91
C TYR M 476 -83.14 4.22 -2.84
N MET M 477 -84.14 3.82 -2.06
CA MET M 477 -84.46 2.40 -1.97
C MET M 477 -85.09 1.92 -3.28
N PRO M 478 -84.86 0.67 -3.67
CA PRO M 478 -85.49 0.17 -4.89
C PRO M 478 -87.01 0.18 -4.78
N PHE M 479 -87.67 0.48 -5.90
CA PHE M 479 -89.12 0.51 -5.96
C PHE M 479 -89.59 -0.14 -7.25
N SER M 480 -90.64 -0.95 -7.13
CA SER M 480 -91.31 -1.57 -8.27
C SER M 480 -92.67 -0.93 -8.44
N PRO M 481 -93.25 -1.01 -9.64
CA PRO M 481 -94.57 -0.40 -9.85
C PRO M 481 -95.59 -0.86 -8.81
N ALA M 482 -96.02 0.05 -7.95
CA ALA M 482 -97.05 -0.25 -6.96
C ALA M 482 -96.67 -1.49 -6.14
N GLY M 483 -95.60 -1.37 -5.36
CA GLY M 483 -95.17 -2.46 -4.50
C GLY M 483 -95.35 -2.15 -3.03
N THR M 484 -95.15 -3.19 -2.20
CA THR M 484 -95.34 -3.07 -0.75
C THR M 484 -94.07 -3.54 -0.06
N PRO M 485 -93.76 -3.03 1.13
CA PRO M 485 -92.72 -3.63 1.96
C PRO M 485 -93.23 -4.83 2.73
N PHE M 486 -92.29 -5.54 3.36
CA PHE M 486 -92.64 -6.61 4.26
C PHE M 486 -93.33 -6.09 5.52
N GLY M 487 -92.96 -4.91 6.00
CA GLY M 487 -93.51 -4.41 7.24
C GLY M 487 -93.27 -5.40 8.38
N PHE M 488 -91.99 -5.59 8.72
CA PHE M 488 -91.59 -6.55 9.76
C PHE M 488 -92.40 -7.84 9.66
N THR M 489 -92.36 -8.45 8.47
CA THR M 489 -93.11 -9.67 8.22
C THR M 489 -92.39 -10.43 7.10
N ASP M 490 -92.79 -11.69 6.88
CA ASP M 490 -92.22 -12.53 5.84
C ASP M 490 -93.10 -12.59 4.59
N ARG M 491 -94.07 -11.69 4.46
CA ARG M 491 -94.98 -11.68 3.33
C ARG M 491 -95.17 -10.24 2.85
N ARG M 492 -95.15 -10.05 1.54
CA ARG M 492 -95.38 -8.74 0.95
C ARG M 492 -95.69 -8.92 -0.53
N TYR M 493 -95.82 -7.79 -1.24
CA TYR M 493 -96.01 -7.79 -2.69
C TYR M 493 -94.87 -7.01 -3.31
N LEU M 494 -94.23 -7.60 -4.32
CA LEU M 494 -93.25 -6.86 -5.09
C LEU M 494 -93.90 -5.74 -5.89
N THR M 495 -95.05 -6.02 -6.49
CA THR M 495 -95.74 -5.04 -7.32
C THR M 495 -97.21 -5.42 -7.45
N MET M 496 -98.05 -4.41 -7.69
CA MET M 496 -99.46 -4.59 -7.99
C MET M 496 -99.75 -3.95 -9.34
N ASN M 497 -100.50 -4.65 -10.17
CA ASN M 497 -100.86 -4.15 -11.50
C ASN M 497 -102.15 -4.81 -11.94
N GLU M 498 -102.79 -4.21 -12.96
CA GLU M 498 -103.98 -4.81 -13.53
C GLU M 498 -103.69 -6.22 -14.01
N VAL M 499 -102.49 -6.43 -14.56
CA VAL M 499 -102.07 -7.78 -14.92
C VAL M 499 -102.11 -8.70 -13.70
N GLY M 500 -101.61 -8.21 -12.58
CA GLY M 500 -101.56 -9.03 -11.39
C GLY M 500 -100.85 -8.29 -10.27
N TYR M 501 -100.66 -9.01 -9.18
CA TYR M 501 -99.88 -8.52 -8.04
C TYR M 501 -98.91 -9.61 -7.61
N VAL M 502 -97.63 -9.25 -7.52
CA VAL M 502 -96.59 -10.22 -7.20
C VAL M 502 -96.44 -10.31 -5.69
N SER M 503 -97.26 -11.13 -5.06
CA SER M 503 -97.11 -11.40 -3.64
C SER M 503 -95.93 -12.35 -3.43
N THR M 504 -95.05 -11.98 -2.49
CA THR M 504 -93.84 -12.75 -2.22
C THR M 504 -93.78 -13.11 -0.75
N VAL M 505 -93.35 -14.33 -0.46
CA VAL M 505 -93.13 -14.79 0.91
C VAL M 505 -91.64 -14.93 1.13
N LYS M 506 -91.17 -14.41 2.27
CA LYS M 506 -89.76 -14.54 2.65
C LYS M 506 -89.47 -15.98 3.09
N ASN M 507 -89.34 -16.84 2.08
CA ASN M 507 -89.13 -18.26 2.32
C ASN M 507 -87.72 -18.50 2.83
N SER M 508 -87.53 -18.34 4.14
CA SER M 508 -86.19 -18.37 4.72
C SER M 508 -85.27 -17.46 3.92
N GLU M 509 -84.06 -17.92 3.62
CA GLU M 509 -83.20 -17.17 2.70
C GLU M 509 -83.84 -17.06 1.32
N GLN M 510 -84.65 -18.04 0.96
CA GLN M 510 -85.25 -18.10 -0.36
C GLN M 510 -86.54 -17.28 -0.33
N TYR M 511 -87.22 -17.16 -1.47
CA TYR M 511 -88.39 -16.28 -1.55
C TYR M 511 -89.44 -16.94 -2.44
N SER M 512 -90.54 -17.39 -1.82
CA SER M 512 -91.66 -17.92 -2.58
C SER M 512 -92.43 -16.78 -3.21
N ILE M 513 -91.97 -16.30 -4.36
CA ILE M 513 -92.61 -15.17 -5.04
C ILE M 513 -93.88 -15.70 -5.70
N THR M 514 -95.03 -15.42 -5.07
CA THR M 514 -96.32 -15.83 -5.61
C THR M 514 -96.77 -14.76 -6.61
N VAL M 515 -96.68 -15.08 -7.89
CA VAL M 515 -97.05 -14.14 -8.94
C VAL M 515 -98.55 -14.20 -9.14
N SER M 516 -99.27 -13.40 -8.35
CA SER M 516 -100.73 -13.44 -8.40
C SER M 516 -101.25 -12.56 -9.53
N PHE M 517 -102.24 -13.08 -10.25
CA PHE M 517 -102.85 -12.37 -11.37
C PHE M 517 -104.33 -12.18 -11.10
N PHE M 518 -104.78 -10.93 -11.20
CA PHE M 518 -106.22 -10.67 -11.05
C PHE M 518 -107.02 -11.40 -12.12
N ASP M 519 -106.38 -11.81 -13.22
CA ASP M 519 -106.95 -12.74 -14.18
C ASP M 519 -105.96 -13.88 -14.35
N VAL M 520 -106.05 -14.87 -13.46
CA VAL M 520 -105.15 -16.02 -13.53
C VAL M 520 -105.43 -16.85 -14.77
N GLY M 521 -106.63 -16.70 -15.35
CA GLY M 521 -106.93 -17.42 -16.57
C GLY M 521 -105.94 -17.13 -17.68
N ARG M 522 -105.54 -15.86 -17.82
CA ARG M 522 -104.54 -15.51 -18.81
C ARG M 522 -103.22 -16.22 -18.51
N PHE M 523 -102.78 -16.19 -17.25
CA PHE M 523 -101.49 -16.75 -16.86
C PHE M 523 -101.62 -17.35 -15.47
N ARG M 524 -101.00 -18.52 -15.29
CA ARG M 524 -101.14 -19.25 -14.03
C ARG M 524 -100.30 -18.61 -12.94
N GLU M 525 -100.90 -18.42 -11.77
CA GLU M 525 -100.16 -17.88 -10.62
C GLU M 525 -99.20 -18.92 -10.08
N TYR M 526 -97.95 -18.87 -10.52
CA TYR M 526 -96.94 -19.83 -10.11
C TYR M 526 -96.07 -19.23 -9.01
N HIS M 527 -95.92 -19.97 -7.92
CA HIS M 527 -95.17 -19.49 -6.75
C HIS M 527 -93.71 -19.92 -6.84
N PHE M 528 -93.05 -19.49 -7.91
CA PHE M 528 -91.65 -19.82 -8.09
C PHE M 528 -90.84 -19.27 -6.93
N GLU M 529 -89.92 -20.08 -6.43
CA GLU M 529 -89.05 -19.65 -5.34
C GLU M 529 -87.90 -18.81 -5.90
N ASP M 530 -87.64 -17.68 -5.29
CA ASP M 530 -86.56 -16.79 -5.70
C ASP M 530 -85.43 -16.88 -4.67
N LEU M 531 -84.29 -17.40 -5.10
CA LEU M 531 -83.12 -17.49 -4.22
C LEU M 531 -82.41 -16.16 -4.05
N PHE M 532 -82.58 -15.23 -4.99
CA PHE M 532 -81.90 -13.95 -4.95
C PHE M 532 -82.71 -12.85 -4.27
N GLY M 533 -83.97 -13.12 -3.94
CA GLY M 533 -84.79 -12.13 -3.28
C GLY M 533 -84.90 -10.85 -4.07
N TYR M 534 -85.18 -10.96 -5.37
CA TYR M 534 -85.27 -9.79 -6.23
C TYR M 534 -86.16 -8.72 -5.59
N ASP M 535 -85.56 -7.59 -5.23
CA ASP M 535 -86.32 -6.50 -4.64
C ASP M 535 -87.22 -5.85 -5.68
N LEU M 536 -86.71 -5.67 -6.89
CA LEU M 536 -87.48 -5.05 -7.94
C LEU M 536 -88.23 -6.08 -8.77
N CYS M 537 -89.41 -5.70 -9.23
CA CYS M 537 -90.21 -6.58 -10.09
C CYS M 537 -91.19 -5.78 -10.94
N PHE M 538 -90.87 -5.61 -12.23
CA PHE M 538 -91.85 -5.08 -13.15
C PHE M 538 -92.76 -6.20 -13.65
N LEU M 539 -94.04 -5.91 -13.74
CA LEU M 539 -95.06 -6.91 -14.07
C LEU M 539 -95.81 -6.45 -15.32
N ASN M 540 -95.43 -6.99 -16.48
CA ASN M 540 -96.15 -6.79 -17.72
C ASN M 540 -96.79 -8.11 -18.14
N GLU M 541 -97.95 -8.00 -18.79
CA GLU M 541 -98.74 -9.19 -19.11
C GLU M 541 -97.93 -10.25 -19.84
N LYS M 542 -96.97 -9.85 -20.67
CA LYS M 542 -96.12 -10.80 -21.38
C LYS M 542 -95.00 -11.34 -20.51
N GLY M 543 -94.72 -10.71 -19.38
CA GLY M 543 -93.64 -11.16 -18.52
C GLY M 543 -93.53 -10.40 -17.22
N THR M 544 -93.13 -11.10 -16.16
CA THR M 544 -92.90 -10.48 -14.86
C THR M 544 -91.40 -10.40 -14.63
N LEU M 545 -90.87 -9.17 -14.64
CA LEU M 545 -89.45 -8.98 -14.39
C LEU M 545 -89.17 -9.09 -12.90
N PHE M 546 -87.93 -9.44 -12.56
CA PHE M 546 -87.48 -9.54 -11.17
C PHE M 546 -86.04 -9.04 -11.13
N GLY M 547 -85.84 -7.83 -10.60
CA GLY M 547 -84.53 -7.24 -10.49
C GLY M 547 -84.07 -7.16 -9.05
N GLN M 548 -82.76 -7.29 -8.86
CA GLN M 548 -82.12 -7.22 -7.55
C GLN M 548 -81.13 -6.06 -7.56
N SER M 549 -81.44 -5.02 -6.78
CA SER M 549 -80.63 -3.80 -6.83
C SER M 549 -79.20 -4.06 -6.36
N LYS M 550 -79.03 -4.84 -5.29
CA LYS M 550 -77.71 -5.03 -4.70
C LYS M 550 -76.86 -5.95 -5.55
N THR M 551 -77.30 -7.20 -5.73
CA THR M 551 -76.55 -8.14 -6.55
C THR M 551 -76.50 -7.68 -8.00
N GLY M 552 -77.54 -7.00 -8.46
CA GLY M 552 -77.63 -6.54 -9.83
C GLY M 552 -78.17 -7.57 -10.79
N GLN M 553 -78.43 -8.79 -10.34
CA GLN M 553 -79.02 -9.79 -11.21
C GLN M 553 -80.48 -9.44 -11.49
N ILE M 554 -80.93 -9.77 -12.70
CA ILE M 554 -82.30 -9.45 -13.11
C ILE M 554 -82.92 -10.66 -13.79
N GLN M 555 -83.89 -11.27 -13.11
CA GLN M 555 -84.65 -12.38 -13.68
C GLN M 555 -85.88 -11.85 -14.38
N TYR M 556 -85.99 -12.09 -15.67
CA TYR M 556 -87.20 -11.83 -16.44
C TYR M 556 -87.89 -13.15 -16.69
N ARG M 557 -89.10 -13.30 -16.14
CA ARG M 557 -89.87 -14.53 -16.32
C ARG M 557 -91.08 -14.23 -17.19
N PRO M 558 -91.05 -14.54 -18.49
CA PRO M 558 -92.23 -14.30 -19.32
C PRO M 558 -93.43 -15.04 -18.79
N HIS M 559 -94.60 -14.40 -18.91
CA HIS M 559 -95.83 -15.08 -18.55
C HIS M 559 -96.19 -16.17 -19.53
N ASP M 560 -95.50 -16.25 -20.66
CA ASP M 560 -95.75 -17.27 -21.68
C ASP M 560 -94.74 -18.39 -21.51
N SER M 561 -95.23 -19.62 -21.39
CA SER M 561 -94.34 -20.76 -21.21
C SER M 561 -93.41 -20.90 -22.42
N ILE M 562 -93.92 -20.60 -23.62
CA ILE M 562 -93.09 -20.66 -24.81
C ILE M 562 -91.85 -19.79 -24.66
N HIS M 563 -91.98 -18.68 -23.92
CA HIS M 563 -90.86 -17.78 -23.66
C HIS M 563 -90.23 -18.16 -22.32
N SER M 564 -88.95 -18.51 -22.36
CA SER M 564 -88.26 -18.95 -21.15
C SER M 564 -87.91 -17.75 -20.27
N ASN M 565 -87.65 -18.05 -19.00
CA ASN M 565 -87.30 -17.03 -18.00
C ASN M 565 -85.81 -16.75 -18.10
N TRP M 566 -85.45 -15.79 -18.95
CA TRP M 566 -84.05 -15.44 -19.17
C TRP M 566 -83.59 -14.48 -18.08
N THR M 567 -82.32 -14.60 -17.69
CA THR M 567 -81.75 -13.80 -16.61
C THR M 567 -80.54 -13.04 -17.13
N LYS M 568 -80.20 -11.96 -16.41
CA LYS M 568 -79.04 -11.15 -16.75
C LYS M 568 -78.49 -10.53 -15.47
N ILE M 569 -77.21 -10.16 -15.51
CA ILE M 569 -76.55 -9.46 -14.41
C ILE M 569 -75.93 -8.21 -15.01
N ILE M 570 -76.36 -7.04 -14.53
CA ILE M 570 -75.82 -5.78 -15.04
C ILE M 570 -74.53 -5.45 -14.30
N PRO M 571 -73.55 -4.82 -14.95
CA PRO M 571 -72.38 -4.32 -14.20
C PRO M 571 -72.75 -3.13 -13.33
N LEU M 572 -72.75 -3.33 -12.01
CA LEU M 572 -73.10 -2.26 -11.08
C LEU M 572 -71.84 -1.71 -10.43
N GLN M 573 -71.68 -0.39 -10.51
CA GLN M 573 -70.56 0.27 -9.87
C GLN M 573 -70.76 0.28 -8.35
N ALA M 574 -69.67 0.55 -7.63
CA ALA M 574 -69.73 0.64 -6.19
C ALA M 574 -70.81 1.64 -5.78
N GLY M 575 -71.84 1.15 -5.11
CA GLY M 575 -72.98 1.96 -4.74
C GLY M 575 -74.10 1.94 -5.77
N GLU M 576 -73.80 1.54 -6.99
CA GLU M 576 -74.83 1.44 -8.01
C GLU M 576 -75.84 0.38 -7.60
N ARG M 577 -77.12 0.73 -7.67
CA ARG M 577 -78.19 -0.17 -7.25
C ARG M 577 -79.41 0.07 -8.13
N ILE M 578 -80.00 -1.00 -8.64
CA ILE M 578 -81.17 -0.87 -9.51
C ILE M 578 -82.31 -0.31 -8.66
N THR M 579 -82.75 0.90 -8.99
CA THR M 579 -83.81 1.55 -8.24
C THR M 579 -85.19 1.16 -8.76
N SER M 580 -85.30 0.90 -10.06
CA SER M 580 -86.55 0.49 -10.66
C SER M 580 -86.24 -0.10 -12.03
N VAL M 581 -87.26 -0.71 -12.63
CA VAL M 581 -87.11 -1.37 -13.93
C VAL M 581 -88.44 -1.29 -14.66
N ALA M 582 -88.37 -1.09 -15.99
CA ALA M 582 -89.55 -1.02 -16.84
C ALA M 582 -89.35 -2.01 -17.99
N ALA M 583 -89.92 -3.20 -17.83
CA ALA M 583 -89.82 -4.25 -18.84
C ALA M 583 -91.08 -4.23 -19.70
N THR M 584 -90.94 -3.79 -20.95
CA THR M 584 -92.05 -3.82 -21.89
C THR M 584 -91.93 -5.02 -22.81
N PRO M 585 -93.05 -5.48 -23.38
CA PRO M 585 -92.95 -6.53 -24.41
C PRO M 585 -92.06 -6.12 -25.57
N VAL M 586 -92.11 -4.85 -25.96
CA VAL M 586 -91.26 -4.37 -27.05
C VAL M 586 -89.81 -4.32 -26.61
N ARG M 587 -89.54 -3.80 -25.41
CA ARG M 587 -88.18 -3.59 -24.96
C ARG M 587 -88.13 -3.70 -23.43
N VAL M 588 -86.91 -3.81 -22.92
CA VAL M 588 -86.66 -3.90 -21.48
C VAL M 588 -85.77 -2.73 -21.08
N ILE M 589 -86.09 -2.12 -19.94
CA ILE M 589 -85.37 -0.96 -19.43
C ILE M 589 -85.00 -1.21 -17.98
N VAL M 590 -83.77 -0.85 -17.61
CA VAL M 590 -83.28 -1.01 -16.25
C VAL M 590 -82.62 0.30 -15.83
N GLY M 591 -82.99 0.80 -14.66
CA GLY M 591 -82.43 2.02 -14.11
C GLY M 591 -81.80 1.75 -12.76
N THR M 592 -80.83 2.59 -12.39
CA THR M 592 -80.05 2.39 -11.17
C THR M 592 -79.99 3.68 -10.37
N SER M 593 -79.43 3.56 -9.16
CA SER M 593 -79.30 4.73 -8.29
C SER M 593 -78.41 5.78 -8.91
N LEU M 594 -77.31 5.37 -9.53
CA LEU M 594 -76.38 6.33 -10.12
C LEU M 594 -77.01 7.10 -11.27
N GLY M 595 -78.14 6.63 -11.80
CA GLY M 595 -78.75 7.24 -12.96
C GLY M 595 -78.26 6.68 -14.27
N TYR M 596 -77.50 5.58 -14.25
CA TYR M 596 -76.98 4.96 -15.46
C TYR M 596 -78.11 4.19 -16.12
N PHE M 597 -78.85 4.88 -16.99
CA PHE M 597 -79.93 4.24 -17.71
C PHE M 597 -79.41 3.06 -18.53
N ARG M 598 -80.15 1.97 -18.49
CA ARG M 598 -79.76 0.75 -19.18
C ARG M 598 -80.99 0.11 -19.81
N SER M 599 -80.77 -0.67 -20.86
CA SER M 599 -81.88 -1.28 -21.59
C SER M 599 -81.39 -2.55 -22.28
N PHE M 600 -82.33 -3.48 -22.47
CA PHE M 600 -82.07 -4.71 -23.21
C PHE M 600 -83.31 -5.02 -24.04
N ASN M 601 -83.26 -6.14 -24.75
CA ASN M 601 -84.40 -6.59 -25.54
C ASN M 601 -85.30 -7.47 -24.68
N GLN M 602 -86.40 -7.94 -25.28
CA GLN M 602 -87.33 -8.78 -24.54
C GLN M 602 -86.69 -10.09 -24.11
N PHE M 603 -85.55 -10.46 -24.70
CA PHE M 603 -84.82 -11.65 -24.32
C PHE M 603 -83.55 -11.36 -23.53
N GLY M 604 -83.21 -10.09 -23.34
CA GLY M 604 -82.04 -9.72 -22.58
C GLY M 604 -80.85 -9.20 -23.38
N VAL M 605 -80.97 -9.06 -24.69
CA VAL M 605 -79.92 -8.47 -25.51
C VAL M 605 -79.88 -6.98 -25.26
N PRO M 606 -78.74 -6.40 -24.88
CA PRO M 606 -78.70 -4.96 -24.61
C PRO M 606 -79.15 -4.14 -25.82
N PHE M 607 -79.96 -3.12 -25.56
CA PHE M 607 -80.36 -2.14 -26.55
C PHE M 607 -79.48 -0.88 -26.52
N ALA M 608 -79.44 -0.20 -25.38
CA ALA M 608 -78.63 1.01 -25.25
C ALA M 608 -78.38 1.26 -23.77
N VAL M 609 -77.34 2.05 -23.51
CA VAL M 609 -76.98 2.43 -22.14
C VAL M 609 -76.59 3.90 -22.16
N GLU M 610 -77.00 4.63 -21.13
CA GLU M 610 -76.65 6.04 -21.01
C GLU M 610 -76.73 6.45 -19.55
N LYS M 611 -76.06 7.55 -19.24
CA LYS M 611 -76.11 8.13 -17.91
C LYS M 611 -77.18 9.21 -17.86
N THR M 612 -77.97 9.20 -16.79
CA THR M 612 -79.02 10.18 -16.59
C THR M 612 -79.09 10.53 -15.11
N SER M 613 -80.10 11.30 -14.74
CA SER M 613 -80.31 11.61 -13.33
C SER M 613 -80.62 10.33 -12.57
N PRO M 614 -80.29 10.26 -11.28
CA PRO M 614 -80.61 9.07 -10.49
C PRO M 614 -82.03 8.57 -10.73
N ILE M 615 -82.15 7.32 -11.16
CA ILE M 615 -83.46 6.76 -11.47
C ILE M 615 -84.21 6.46 -10.19
N VAL M 616 -85.46 6.91 -10.12
CA VAL M 616 -86.33 6.57 -9.00
C VAL M 616 -87.59 5.85 -9.44
N ALA M 617 -88.06 6.03 -10.67
CA ALA M 617 -89.25 5.36 -11.16
C ALA M 617 -89.06 5.02 -12.63
N LEU M 618 -89.54 3.84 -13.02
CA LEU M 618 -89.42 3.38 -14.41
C LEU M 618 -90.73 2.67 -14.77
N THR M 619 -91.63 3.42 -15.43
CA THR M 619 -92.87 2.86 -15.95
C THR M 619 -92.82 2.95 -17.47
N ALA M 620 -93.10 1.83 -18.14
CA ALA M 620 -93.10 1.78 -19.60
C ALA M 620 -94.08 0.72 -20.05
N GLN M 621 -94.93 1.09 -21.01
CA GLN M 621 -95.81 0.16 -21.69
C GLN M 621 -95.88 0.57 -23.16
N ASN M 622 -95.90 -0.41 -24.05
CA ASN M 622 -95.79 -0.15 -25.48
C ASN M 622 -94.56 0.71 -25.76
N TYR M 623 -93.42 0.28 -25.20
CA TYR M 623 -92.15 0.99 -25.29
C TYR M 623 -92.30 2.48 -25.02
N ARG M 624 -93.26 2.86 -24.18
CA ARG M 624 -93.44 4.26 -23.78
C ARG M 624 -92.67 4.47 -22.48
N VAL M 625 -91.36 4.62 -22.61
CA VAL M 625 -90.48 4.74 -21.44
C VAL M 625 -90.79 6.06 -20.74
N PHE M 626 -91.39 5.98 -19.56
CA PHE M 626 -91.63 7.13 -18.71
C PHE M 626 -90.96 6.86 -17.37
N SER M 627 -90.27 7.87 -16.84
CA SER M 627 -89.43 7.68 -15.67
C SER M 627 -89.41 8.94 -14.83
N VAL M 628 -89.07 8.76 -13.56
CA VAL M 628 -88.87 9.86 -12.62
C VAL M 628 -87.42 9.81 -12.13
N HIS M 629 -86.89 10.99 -11.81
CA HIS M 629 -85.50 11.11 -11.39
C HIS M 629 -85.40 12.22 -10.36
N TYR M 630 -85.03 11.86 -9.13
CA TYR M 630 -84.73 12.83 -8.09
C TYR M 630 -83.22 12.85 -7.85
N SER M 631 -82.74 13.98 -7.36
CA SER M 631 -81.33 14.14 -7.06
C SER M 631 -81.16 15.24 -6.02
N GLN M 632 -80.10 15.10 -5.22
CA GLN M 632 -79.76 16.14 -4.26
C GLN M 632 -79.47 17.47 -4.95
N PHE M 633 -79.12 17.43 -6.24
CA PHE M 633 -78.75 18.62 -6.99
C PHE M 633 -79.75 18.94 -8.09
N HIS M 634 -79.99 17.98 -8.99
CA HIS M 634 -81.00 18.20 -10.02
C HIS M 634 -82.39 18.32 -9.40
N GLY M 635 -82.66 17.55 -8.35
CA GLY M 635 -83.97 17.53 -7.74
C GLY M 635 -84.91 16.60 -8.45
N LEU M 636 -86.18 16.66 -8.04
CA LEU M 636 -87.19 15.80 -8.63
C LEU M 636 -87.36 16.14 -10.11
N SER M 637 -87.39 15.11 -10.94
CA SER M 637 -87.53 15.28 -12.37
C SER M 637 -88.08 13.99 -12.98
N TYR M 638 -88.42 14.05 -14.25
CA TYR M 638 -89.00 12.90 -14.94
C TYR M 638 -88.64 12.97 -16.41
N SER M 639 -88.40 11.79 -17.00
CA SER M 639 -88.04 11.66 -18.41
C SER M 639 -89.12 10.87 -19.11
N LEU M 640 -90.13 11.57 -19.62
CA LEU M 640 -91.16 10.92 -20.44
C LEU M 640 -90.62 10.71 -21.84
N SER M 641 -90.86 9.52 -22.40
CA SER M 641 -90.30 9.19 -23.70
C SER M 641 -91.06 8.00 -24.28
N GLU M 642 -90.90 7.82 -25.59
CA GLU M 642 -91.38 6.64 -26.29
C GLU M 642 -90.35 6.25 -27.33
N LEU M 643 -90.08 4.95 -27.44
CA LEU M 643 -89.04 4.48 -28.35
C LEU M 643 -89.50 4.55 -29.80
N GLY M 644 -89.21 5.66 -30.48
CA GLY M 644 -89.39 5.70 -31.91
C GLY M 644 -88.46 4.70 -32.60
N THR M 645 -88.88 4.24 -33.78
CA THR M 645 -88.11 3.23 -34.48
C THR M 645 -86.67 3.67 -34.68
N SER M 646 -86.46 4.90 -35.16
CA SER M 646 -85.12 5.43 -35.30
C SER M 646 -84.44 5.57 -33.94
N SER M 647 -85.17 6.08 -32.96
CA SER M 647 -84.65 6.29 -31.61
C SER M 647 -85.80 6.72 -30.72
N LYS M 648 -85.49 6.90 -29.44
CA LYS M 648 -86.51 7.23 -28.44
C LYS M 648 -86.62 8.74 -28.32
N ARG M 649 -87.76 9.29 -28.74
CA ARG M 649 -88.01 10.72 -28.64
C ARG M 649 -88.50 11.06 -27.24
N TYR M 650 -87.85 12.02 -26.60
CA TYR M 650 -88.14 12.37 -25.22
C TYR M 650 -89.21 13.46 -25.20
N TYR M 651 -90.42 13.08 -24.78
CA TYR M 651 -91.50 14.06 -24.67
C TYR M 651 -91.17 15.10 -23.61
N LYS M 652 -90.71 14.66 -22.45
CA LYS M 652 -90.33 15.55 -21.35
C LYS M 652 -89.08 14.97 -20.71
N ARG M 653 -87.91 15.46 -21.13
CA ARG M 653 -86.64 14.89 -20.70
C ARG M 653 -86.25 15.47 -19.35
N GLU M 654 -86.27 14.62 -18.32
CA GLU M 654 -85.89 15.00 -16.97
C GLU M 654 -86.52 16.33 -16.58
N CYS M 655 -87.76 16.57 -17.01
CA CYS M 655 -88.46 17.77 -16.64
C CYS M 655 -88.84 17.71 -15.16
N PRO M 656 -89.06 18.86 -14.51
CA PRO M 656 -89.36 18.85 -13.08
C PRO M 656 -90.75 18.33 -12.77
N LEU M 657 -90.84 17.21 -12.07
CA LEU M 657 -92.13 16.67 -11.69
C LEU M 657 -92.77 17.54 -10.61
N PRO M 658 -94.03 17.96 -10.76
CA PRO M 658 -94.66 18.79 -9.73
C PRO M 658 -95.17 17.99 -8.53
N MET M 659 -94.93 16.68 -8.49
CA MET M 659 -95.44 15.85 -7.41
C MET M 659 -94.96 16.37 -6.07
N SER M 660 -95.89 16.43 -5.11
CA SER M 660 -95.59 16.97 -3.78
C SER M 660 -94.87 15.92 -2.95
N LEU M 661 -93.59 16.17 -2.68
CA LEU M 661 -92.80 15.21 -1.91
C LEU M 661 -93.34 15.10 -0.49
N PRO M 662 -93.23 13.93 0.14
CA PRO M 662 -93.64 13.83 1.55
C PRO M 662 -92.74 14.64 2.44
N ASN M 663 -93.27 15.02 3.61
CA ASN M 663 -92.51 15.81 4.58
C ASN M 663 -91.12 15.23 4.81
N LYS M 670 -99.20 7.08 11.22
CA LYS M 670 -97.88 7.69 11.22
C LYS M 670 -96.80 6.61 11.11
N ASP M 671 -96.90 5.58 11.96
CA ASP M 671 -95.92 4.50 11.93
C ASP M 671 -95.93 3.80 10.58
N ALA M 672 -97.12 3.51 10.05
CA ALA M 672 -97.21 2.90 8.73
C ALA M 672 -96.67 3.84 7.66
N ASN M 673 -96.93 5.14 7.80
CA ASN M 673 -96.37 6.10 6.86
C ASN M 673 -94.84 6.07 6.91
N LEU M 674 -94.28 6.00 8.12
CA LEU M 674 -92.83 5.90 8.24
C LEU M 674 -92.31 4.61 7.61
N ASP M 675 -93.04 3.51 7.78
CA ASP M 675 -92.63 2.25 7.17
C ASP M 675 -92.59 2.37 5.65
N TYR M 676 -93.65 2.94 5.08
CA TYR M 676 -93.70 3.07 3.62
C TYR M 676 -92.71 4.08 3.11
N TYR M 677 -92.33 5.07 3.92
CA TYR M 677 -91.28 6.00 3.53
C TYR M 677 -89.91 5.34 3.62
N ASN M 678 -89.73 4.42 4.57
CA ASN M 678 -88.52 3.61 4.58
C ASN M 678 -88.46 2.73 3.34
N PHE M 679 -89.59 2.18 2.92
CA PHE M 679 -89.70 1.41 1.70
C PHE M 679 -89.82 2.27 0.45
N ASN M 680 -90.61 3.34 0.52
CA ASN M 680 -90.82 4.25 -0.61
C ASN M 680 -90.64 5.68 -0.14
N PRO M 681 -89.41 6.06 0.23
CA PRO M 681 -89.17 7.45 0.64
C PRO M 681 -89.48 8.44 -0.46
N MET M 682 -89.44 8.01 -1.72
CA MET M 682 -89.83 8.87 -2.82
C MET M 682 -91.24 9.40 -2.64
N GLY M 683 -92.10 8.61 -1.99
CA GLY M 683 -93.46 9.00 -1.74
C GLY M 683 -94.44 8.67 -2.86
N ILE M 684 -93.94 8.15 -3.99
CA ILE M 684 -94.79 7.82 -5.12
C ILE M 684 -95.38 6.43 -4.87
N LYS M 685 -96.65 6.39 -4.47
CA LYS M 685 -97.29 5.10 -4.20
C LYS M 685 -97.24 4.20 -5.43
N SER M 686 -97.35 4.78 -6.62
CA SER M 686 -97.19 4.02 -7.85
C SER M 686 -97.09 4.93 -9.07
N LEU M 687 -96.17 4.63 -9.97
CA LEU M 687 -96.06 5.30 -11.25
C LEU M 687 -96.62 4.35 -12.31
N PHE M 688 -97.57 4.83 -13.09
CA PHE M 688 -98.28 3.99 -14.05
C PHE M 688 -98.94 4.85 -15.11
N PHE M 689 -99.04 4.32 -16.32
CA PHE M 689 -99.73 5.01 -17.39
C PHE M 689 -101.24 4.90 -17.19
N SER M 690 -101.97 5.67 -18.00
CA SER M 690 -103.42 5.63 -17.98
C SER M 690 -103.92 4.49 -18.85
N SER M 691 -105.24 4.33 -18.91
CA SER M 691 -105.83 3.31 -19.78
C SER M 691 -105.39 3.51 -21.22
N TYR M 692 -105.47 4.76 -21.70
CA TYR M 692 -104.99 5.04 -23.05
C TYR M 692 -103.47 4.98 -23.12
N GLY M 693 -102.79 5.24 -22.01
CA GLY M 693 -101.34 5.22 -21.97
C GLY M 693 -100.75 6.56 -21.60
N ASP M 694 -101.58 7.45 -21.06
CA ASP M 694 -101.07 8.75 -20.63
C ASP M 694 -100.31 8.59 -19.32
N PRO M 695 -99.27 9.39 -19.09
CA PRO M 695 -98.52 9.27 -17.83
C PRO M 695 -99.40 9.61 -16.63
N CYS M 696 -99.39 8.72 -15.65
CA CYS M 696 -100.14 8.92 -14.42
C CYS M 696 -99.29 8.48 -13.24
N ILE M 697 -99.63 8.97 -12.05
CA ILE M 697 -98.81 8.72 -10.87
C ILE M 697 -99.59 9.01 -9.61
N PHE M 698 -99.29 8.28 -8.54
CA PHE M 698 -99.90 8.49 -7.23
C PHE M 698 -98.79 8.82 -6.25
N GLY M 699 -98.74 10.08 -5.81
CA GLY M 699 -97.71 10.52 -4.89
C GLY M 699 -98.08 10.30 -3.44
N SER M 700 -97.14 10.65 -2.56
CA SER M 700 -97.40 10.61 -1.13
C SER M 700 -98.56 11.51 -0.74
N ASP M 701 -98.84 12.53 -1.53
CA ASP M 701 -99.99 13.39 -1.28
C ASP M 701 -101.29 12.61 -1.33
N ASN M 702 -101.27 11.36 -1.79
CA ASN M 702 -102.46 10.54 -1.91
C ASN M 702 -103.43 11.11 -2.93
N THR M 703 -102.91 11.71 -3.99
CA THR M 703 -103.71 12.27 -5.06
C THR M 703 -103.18 11.75 -6.39
N LEU M 704 -104.09 11.42 -7.30
CA LEU M 704 -103.69 10.87 -8.59
C LEU M 704 -103.36 12.01 -9.54
N LEU M 705 -102.13 12.04 -10.03
CA LEU M 705 -101.68 13.04 -10.98
C LEU M 705 -101.54 12.41 -12.36
N LEU M 706 -102.04 13.09 -13.38
CA LEU M 706 -101.95 12.63 -14.76
C LEU M 706 -101.38 13.75 -15.61
N LEU M 707 -100.36 13.45 -16.40
CA LEU M 707 -99.74 14.43 -17.28
C LEU M 707 -100.61 14.58 -18.52
N SER M 708 -101.61 15.45 -18.41
CA SER M 708 -102.45 15.75 -19.55
C SER M 708 -101.64 16.48 -20.62
N LYS M 709 -102.06 16.32 -21.87
CA LYS M 709 -101.40 16.95 -23.01
C LYS M 709 -99.95 16.52 -23.15
N TRP M 710 -99.61 15.35 -22.57
CA TRP M 710 -98.22 14.90 -22.60
C TRP M 710 -97.71 14.75 -24.02
N ARG M 711 -98.59 14.36 -24.95
CA ARG M 711 -98.18 14.25 -26.35
C ARG M 711 -97.81 15.60 -26.93
N SER M 712 -98.21 16.68 -26.27
CA SER M 712 -97.82 18.04 -26.66
C SER M 712 -96.98 18.64 -25.54
N PRO M 713 -95.65 18.58 -25.63
CA PRO M 713 -94.82 19.09 -24.52
C PRO M 713 -95.13 20.53 -24.15
N GLU M 714 -95.39 21.38 -25.13
CA GLU M 714 -95.70 22.78 -24.84
C GLU M 714 -96.98 22.89 -24.02
N GLU M 715 -97.99 22.09 -24.35
CA GLU M 715 -99.25 22.08 -23.63
C GLU M 715 -99.31 21.03 -22.54
N SER M 716 -98.26 20.22 -22.36
CA SER M 716 -98.29 19.17 -21.36
C SER M 716 -98.48 19.75 -19.97
N LYS M 717 -99.35 19.13 -19.19
CA LYS M 717 -99.68 19.63 -17.85
C LYS M 717 -100.09 18.47 -16.95
N TRP M 718 -99.60 18.50 -15.71
CA TRP M 718 -100.00 17.49 -14.73
C TRP M 718 -101.33 17.88 -14.11
N LEU M 719 -102.26 16.93 -14.06
CA LEU M 719 -103.61 17.16 -13.55
C LEU M 719 -103.85 16.27 -12.34
N PRO M 720 -104.10 16.82 -11.15
CA PRO M 720 -104.47 15.97 -10.01
C PRO M 720 -105.88 15.42 -10.16
N ILE M 721 -106.03 14.44 -11.06
CA ILE M 721 -107.37 13.99 -11.43
C ILE M 721 -108.11 13.42 -10.24
N LEU M 722 -107.39 12.91 -9.24
CA LEU M 722 -108.01 12.42 -8.02
C LEU M 722 -107.28 12.98 -6.81
N ASP M 723 -108.05 13.28 -5.77
CA ASP M 723 -107.55 13.46 -4.41
C ASP M 723 -108.19 12.36 -3.59
N SER M 724 -107.51 11.21 -3.50
CA SER M 724 -108.07 10.08 -2.77
C SER M 724 -108.43 10.47 -1.35
N ASN M 725 -107.71 11.43 -0.77
CA ASN M 725 -108.12 11.99 0.50
C ASN M 725 -109.53 12.55 0.39
N MET M 726 -109.75 13.42 -0.60
CA MET M 726 -111.06 14.05 -0.78
C MET M 726 -112.13 13.02 -1.09
N GLU M 727 -111.83 12.05 -1.96
CA GLU M 727 -112.82 11.05 -2.34
C GLU M 727 -113.22 10.21 -1.14
N ILE M 728 -112.24 9.69 -0.39
CA ILE M 728 -112.54 8.86 0.76
C ILE M 728 -113.27 9.69 1.81
N TRP M 729 -112.93 10.97 1.94
CA TRP M 729 -113.63 11.85 2.86
C TRP M 729 -115.09 12.00 2.47
N LYS M 730 -115.35 12.18 1.17
CA LYS M 730 -116.73 12.34 0.72
C LYS M 730 -117.54 11.08 0.97
N MET M 731 -117.01 9.92 0.56
CA MET M 731 -117.72 8.68 0.81
C MET M 731 -117.81 8.38 2.30
N SER M 732 -116.92 8.97 3.12
CA SER M 732 -116.91 8.75 4.55
C SER M 732 -117.85 9.68 5.31
N GLY M 733 -118.70 10.44 4.61
CA GLY M 733 -119.64 11.32 5.26
C GLY M 733 -118.98 12.46 6.01
N GLY M 734 -118.01 13.12 5.40
CA GLY M 734 -117.31 14.21 6.06
C GLY M 734 -116.46 13.77 7.23
N LYS M 735 -115.77 12.64 7.10
CA LYS M 735 -114.99 12.06 8.19
C LYS M 735 -113.73 11.44 7.60
N GLU M 736 -112.62 12.16 7.67
CA GLU M 736 -111.34 11.57 7.28
C GLU M 736 -111.06 10.34 8.14
N THR M 737 -110.79 9.23 7.49
CA THR M 737 -110.51 7.96 8.17
C THR M 737 -109.14 7.48 7.70
N THR M 738 -108.17 7.50 8.62
CA THR M 738 -106.81 7.13 8.27
C THR M 738 -106.71 5.67 7.83
N ASP M 739 -107.45 4.79 8.51
CA ASP M 739 -107.32 3.36 8.26
C ASP M 739 -107.52 3.05 6.78
N ILE M 740 -108.51 3.69 6.15
CA ILE M 740 -108.69 3.51 4.72
C ILE M 740 -107.43 3.94 3.99
N HIS M 741 -106.99 3.11 3.05
CA HIS M 741 -105.86 3.45 2.19
C HIS M 741 -106.10 2.86 0.81
N VAL M 742 -105.83 3.68 -0.21
CA VAL M 742 -106.07 3.31 -1.59
C VAL M 742 -104.74 2.91 -2.22
N TRP M 743 -104.81 2.03 -3.22
CA TRP M 743 -103.62 1.54 -3.92
C TRP M 743 -103.91 1.47 -5.42
N PRO M 744 -103.56 2.51 -6.18
CA PRO M 744 -103.89 2.52 -7.62
C PRO M 744 -102.98 1.65 -8.47
N LEU M 745 -103.50 0.55 -8.99
CA LEU M 745 -102.74 -0.28 -9.91
C LEU M 745 -102.66 0.37 -11.29
N ALA M 746 -103.76 0.96 -11.73
CA ALA M 746 -103.81 1.64 -13.03
C ALA M 746 -105.06 2.51 -13.05
N LEU M 747 -105.29 3.16 -14.18
CA LEU M 747 -106.44 4.03 -14.37
C LEU M 747 -107.30 3.46 -15.50
N ALA M 748 -108.53 3.09 -15.18
CA ALA M 748 -109.48 2.63 -16.19
C ALA M 748 -110.23 3.84 -16.72
N TYR M 749 -109.52 4.64 -17.53
CA TYR M 749 -110.10 5.83 -18.13
C TYR M 749 -110.67 6.76 -17.06
N ASP M 750 -111.96 6.66 -16.79
CA ASP M 750 -112.65 7.58 -15.89
C ASP M 750 -112.93 6.95 -14.53
N THR M 751 -112.23 5.88 -14.20
CA THR M 751 -112.42 5.22 -12.91
C THR M 751 -111.10 4.56 -12.55
N LEU M 752 -110.37 5.15 -11.60
CA LEU M 752 -109.05 4.68 -11.22
C LEU M 752 -109.14 3.23 -10.79
N ASN M 753 -108.27 2.38 -11.34
CA ASN M 753 -108.14 1.00 -10.90
C ASN M 753 -107.26 0.97 -9.67
N CYS M 754 -107.86 0.79 -8.50
CA CYS M 754 -107.12 0.85 -7.25
C CYS M 754 -107.67 -0.15 -6.25
N ILE M 755 -106.81 -0.57 -5.32
CA ILE M 755 -107.19 -1.47 -4.25
C ILE M 755 -107.27 -0.65 -2.96
N LEU M 756 -108.42 -0.67 -2.31
CA LEU M 756 -108.59 0.00 -1.03
C LEU M 756 -108.22 -0.96 0.08
N VAL M 757 -107.16 -0.64 0.83
CA VAL M 757 -106.74 -1.43 1.98
C VAL M 757 -107.07 -0.63 3.24
N LYS M 758 -107.86 -1.23 4.12
CA LYS M 758 -108.23 -0.62 5.39
C LYS M 758 -107.35 -1.22 6.48
N GLY M 759 -106.28 -0.53 6.80
CA GLY M 759 -105.38 -0.97 7.85
C GLY M 759 -104.32 0.06 8.12
N LYS M 760 -103.63 -0.10 9.24
CA LYS M 760 -102.53 0.79 9.59
C LYS M 760 -101.57 0.94 8.40
N HIS M 761 -101.01 -0.19 7.96
CA HIS M 761 -100.13 -0.18 6.80
C HIS M 761 -100.86 0.34 5.58
N ILE M 762 -100.38 1.46 5.03
CA ILE M 762 -101.05 2.06 3.89
C ILE M 762 -101.01 1.13 2.69
N TRP M 763 -99.98 0.31 2.59
CA TRP M 763 -99.88 -0.62 1.48
C TRP M 763 -100.83 -1.80 1.72
N PRO M 764 -101.34 -2.42 0.65
CA PRO M 764 -102.18 -3.61 0.82
C PRO M 764 -101.43 -4.71 1.57
N GLU M 765 -102.14 -5.37 2.49
CA GLU M 765 -101.59 -6.49 3.23
C GLU M 765 -101.83 -7.79 2.47
N PHE M 766 -101.33 -8.89 3.04
CA PHE M 766 -101.44 -10.20 2.40
C PHE M 766 -102.86 -10.55 1.96
N PRO M 767 -103.90 -10.38 2.79
CA PRO M 767 -105.26 -10.55 2.28
C PRO M 767 -105.66 -9.38 1.40
N LEU M 768 -105.24 -9.42 0.13
CA LEU M 768 -105.38 -8.29 -0.76
C LEU M 768 -106.86 -7.90 -0.90
N PRO M 769 -107.24 -6.66 -0.64
CA PRO M 769 -108.62 -6.25 -0.87
C PRO M 769 -108.95 -6.26 -2.36
N LEU M 770 -110.23 -6.43 -2.67
CA LEU M 770 -110.67 -6.42 -4.04
C LEU M 770 -110.36 -5.06 -4.67
N PRO M 771 -109.89 -5.03 -5.93
CA PRO M 771 -109.67 -3.73 -6.59
C PRO M 771 -110.92 -2.86 -6.58
N SER M 772 -110.87 -1.75 -5.85
CA SER M 772 -112.01 -0.85 -5.71
C SER M 772 -111.84 0.31 -6.69
N GLU M 773 -112.32 0.08 -7.91
CA GLU M 773 -112.15 1.07 -8.97
C GLU M 773 -112.88 2.36 -8.61
N MET M 774 -112.14 3.43 -8.35
CA MET M 774 -112.73 4.69 -7.93
C MET M 774 -113.03 5.56 -9.15
N GLU M 775 -114.26 6.08 -9.21
CA GLU M 775 -114.63 7.01 -10.26
C GLU M 775 -113.80 8.28 -10.16
N ILE M 776 -113.48 8.85 -11.32
CA ILE M 776 -112.67 10.05 -11.38
C ILE M 776 -113.48 11.23 -10.87
N ARG M 777 -112.84 12.11 -10.10
CA ARG M 777 -113.47 13.26 -9.48
C ARG M 777 -112.46 14.39 -9.43
N MET M 778 -112.71 15.45 -10.18
CA MET M 778 -111.81 16.59 -10.15
C MET M 778 -111.85 17.22 -8.76
N PRO M 779 -110.70 17.43 -8.11
CA PRO M 779 -110.70 17.97 -6.74
C PRO M 779 -111.06 19.46 -6.71
N VAL M 780 -112.25 19.78 -7.21
CA VAL M 780 -112.71 21.16 -7.20
C VAL M 780 -113.52 21.46 -5.94
N PHE M 781 -114.01 20.43 -5.26
CA PHE M 781 -114.82 20.65 -4.07
C PHE M 781 -114.00 21.31 -2.98
N VAL M 782 -114.62 22.25 -2.27
CA VAL M 782 -113.99 22.92 -1.14
C VAL M 782 -114.32 22.10 0.10
N LYS M 783 -113.28 21.56 0.75
CA LYS M 783 -113.48 20.71 1.91
C LYS M 783 -114.28 21.42 2.99
N SER M 784 -113.87 22.65 3.33
CA SER M 784 -114.59 23.41 4.33
C SER M 784 -116.03 23.68 3.88
N LYS M 785 -116.20 24.10 2.63
CA LYS M 785 -117.55 24.34 2.13
C LYS M 785 -118.33 23.05 2.03
N LEU M 786 -117.67 21.95 1.67
CA LEU M 786 -118.36 20.67 1.60
C LEU M 786 -118.91 20.26 2.96
N LEU M 787 -118.09 20.35 4.00
CA LEU M 787 -118.55 19.96 5.34
C LEU M 787 -119.56 20.97 5.90
N GLU M 788 -119.44 22.24 5.54
CA GLU M 788 -120.44 23.22 5.94
C GLU M 788 -121.78 22.90 5.30
N GLU M 789 -121.77 22.47 4.04
CA GLU M 789 -123.00 22.06 3.37
C GLU M 789 -123.69 20.95 4.15
N ASN M 790 -122.92 20.12 4.84
CA ASN M 790 -123.47 19.00 5.58
C ASN M 790 -123.67 19.35 7.06
N GLU M 814 -120.87 9.69 2.87
CA GLU M 814 -121.49 10.49 1.81
C GLU M 814 -121.62 11.94 2.24
N ILE M 815 -121.09 12.85 1.42
CA ILE M 815 -121.09 14.28 1.70
C ILE M 815 -122.03 14.96 0.72
N GLN M 816 -122.95 15.75 1.25
CA GLN M 816 -123.80 16.58 0.41
C GLN M 816 -122.95 17.60 -0.33
N ILE M 817 -123.16 17.72 -1.63
CA ILE M 817 -122.37 18.59 -2.49
C ILE M 817 -123.30 19.63 -3.10
N PRO M 818 -122.93 20.91 -3.15
CA PRO M 818 -123.78 21.89 -3.83
C PRO M 818 -123.98 21.52 -5.29
N VAL M 819 -125.17 21.80 -5.80
CA VAL M 819 -125.48 21.46 -7.20
C VAL M 819 -124.54 22.21 -8.13
N SER M 820 -124.26 23.48 -7.81
CA SER M 820 -123.36 24.27 -8.65
C SER M 820 -121.93 23.75 -8.57
N MET M 821 -121.48 23.39 -7.36
CA MET M 821 -120.12 22.88 -7.20
C MET M 821 -119.96 21.55 -7.92
N ALA M 822 -120.96 20.65 -7.79
CA ALA M 822 -120.92 19.40 -8.53
C ALA M 822 -120.98 19.63 -10.03
N ALA M 823 -121.74 20.63 -10.47
CA ALA M 823 -121.76 20.98 -11.88
C ALA M 823 -120.38 21.40 -12.35
N GLU M 824 -119.69 22.20 -11.54
CA GLU M 824 -118.33 22.63 -11.89
C GLU M 824 -117.40 21.42 -11.95
N GLU M 825 -117.53 20.49 -11.00
CA GLU M 825 -116.67 19.32 -11.02
C GLU M 825 -116.91 18.48 -12.27
N GLU M 826 -118.18 18.28 -12.64
CA GLU M 826 -118.47 17.56 -13.87
C GLU M 826 -117.91 18.31 -15.08
N TYR M 827 -118.07 19.63 -15.09
CA TYR M 827 -117.49 20.44 -16.16
C TYR M 827 -116.01 20.17 -16.32
N LEU M 828 -115.25 20.28 -15.23
CA LEU M 828 -113.81 20.15 -15.31
C LEU M 828 -113.40 18.72 -15.65
N ARG M 829 -114.08 17.73 -15.05
CA ARG M 829 -113.75 16.34 -15.32
C ARG M 829 -113.96 16.03 -16.80
N SER M 830 -115.10 16.44 -17.34
CA SER M 830 -115.37 16.15 -18.74
C SER M 830 -114.43 16.92 -19.65
N LYS M 831 -114.08 18.15 -19.27
CA LYS M 831 -113.12 18.92 -20.07
C LYS M 831 -111.79 18.19 -20.15
N VAL M 832 -111.21 17.86 -19.01
CA VAL M 832 -109.88 17.24 -19.00
C VAL M 832 -109.93 15.87 -19.66
N LEU M 833 -110.98 15.09 -19.37
CA LEU M 833 -111.13 13.81 -20.03
C LEU M 833 -111.17 14.00 -21.55
N SER M 834 -112.20 14.70 -22.05
CA SER M 834 -112.31 14.94 -23.48
C SER M 834 -110.98 15.33 -24.09
N GLU M 835 -110.22 16.20 -23.42
CA GLU M 835 -108.91 16.58 -23.94
C GLU M 835 -108.00 15.37 -24.05
N LEU M 836 -107.96 14.54 -22.99
CA LEU M 836 -107.09 13.37 -23.02
C LEU M 836 -107.54 12.38 -24.09
N LEU M 837 -108.85 12.17 -24.22
CA LEU M 837 -109.36 11.26 -25.23
C LEU M 837 -109.01 11.74 -26.63
N THR M 838 -109.14 13.05 -26.88
CA THR M 838 -108.77 13.58 -28.17
C THR M 838 -107.28 13.40 -28.43
N ASP M 839 -106.44 13.66 -27.41
CA ASP M 839 -105.01 13.48 -27.58
C ASP M 839 -104.69 12.02 -27.92
N THR M 840 -105.31 11.08 -27.23
CA THR M 840 -105.05 9.67 -27.50
C THR M 840 -105.60 9.25 -28.85
N LEU M 841 -106.72 9.83 -29.27
CA LEU M 841 -107.36 9.46 -30.52
C LEU M 841 -106.66 10.01 -31.74
N GLU M 842 -106.12 11.22 -31.67
CA GLU M 842 -105.31 11.78 -32.74
C GLU M 842 -103.93 11.15 -32.81
N ASN M 843 -103.52 10.44 -31.77
CA ASN M 843 -102.22 9.77 -31.75
C ASN M 843 -102.39 8.26 -31.69
N ASP M 844 -103.13 7.78 -30.69
CA ASP M 844 -103.33 6.34 -30.54
C ASP M 844 -104.56 5.86 -31.29
N GLY M 845 -105.56 6.72 -31.46
CA GLY M 845 -106.78 6.32 -32.13
C GLY M 845 -107.74 5.58 -31.20
N GLU M 846 -108.82 5.07 -31.81
CA GLU M 846 -109.84 4.32 -31.07
C GLU M 846 -109.32 2.93 -30.74
N MET M 847 -108.36 2.90 -29.81
CA MET M 847 -107.80 1.63 -29.38
C MET M 847 -108.88 0.71 -28.79
N TYR M 848 -109.91 1.30 -28.19
CA TYR M 848 -111.03 0.54 -27.65
C TYR M 848 -112.21 0.47 -28.61
N GLY M 849 -112.32 1.38 -29.56
CA GLY M 849 -113.46 1.45 -30.44
C GLY M 849 -114.66 2.15 -29.85
N ASN M 850 -114.57 2.59 -28.59
CA ASN M 850 -115.65 3.29 -27.92
C ASN M 850 -115.29 4.76 -27.64
N GLU M 851 -114.07 5.17 -27.94
CA GLU M 851 -113.59 6.48 -27.50
C GLU M 851 -114.36 7.62 -28.18
N ASN M 852 -114.77 7.42 -29.44
CA ASN M 852 -115.57 8.46 -30.11
C ASN M 852 -116.92 8.63 -29.42
N GLU M 853 -117.56 7.50 -29.06
CA GLU M 853 -118.82 7.59 -28.33
C GLU M 853 -118.61 8.19 -26.95
N VAL M 854 -117.47 7.86 -26.31
CA VAL M 854 -117.16 8.45 -25.02
C VAL M 854 -116.99 9.96 -25.17
N LEU M 855 -116.37 10.40 -26.25
CA LEU M 855 -116.21 11.84 -26.50
C LEU M 855 -117.56 12.50 -26.74
N ALA M 856 -118.45 11.84 -27.48
CA ALA M 856 -119.79 12.39 -27.67
C ALA M 856 -120.52 12.52 -26.34
N ALA M 857 -120.45 11.48 -25.51
CA ALA M 857 -121.08 11.54 -24.19
C ALA M 857 -120.44 12.62 -23.32
N LEU M 858 -119.13 12.80 -23.45
CA LEU M 858 -118.45 13.84 -22.68
C LEU M 858 -118.86 15.22 -23.14
N ASN M 859 -119.02 15.42 -24.44
CA ASN M 859 -119.56 16.69 -24.93
C ASN M 859 -120.95 16.92 -24.37
N GLY M 860 -121.79 15.89 -24.41
CA GLY M 860 -123.14 16.04 -23.87
C GLY M 860 -123.15 16.41 -22.40
N ALA M 861 -122.38 15.68 -21.58
CA ALA M 861 -122.37 15.94 -20.15
C ALA M 861 -121.68 17.24 -19.80
N TYR M 862 -120.63 17.59 -20.55
CA TYR M 862 -119.92 18.84 -20.35
C TYR M 862 -120.82 20.02 -20.66
N ASP M 863 -121.59 19.93 -21.75
CA ASP M 863 -122.56 20.97 -22.06
C ASP M 863 -123.72 20.96 -21.08
N LYS M 864 -124.07 19.79 -20.53
CA LYS M 864 -125.10 19.74 -19.50
C LYS M 864 -124.66 20.47 -18.25
N ALA M 865 -123.42 20.25 -17.83
CA ALA M 865 -122.87 20.99 -16.70
C ALA M 865 -122.78 22.47 -17.02
N LEU M 866 -122.44 22.80 -18.27
CA LEU M 866 -122.42 24.20 -18.68
C LEU M 866 -123.80 24.83 -18.57
N LEU M 867 -124.83 24.11 -18.99
CA LEU M 867 -126.18 24.65 -18.91
C LEU M 867 -126.67 24.73 -17.48
N ARG M 868 -126.26 23.79 -16.63
CA ARG M 868 -126.64 23.87 -15.21
C ARG M 868 -125.98 25.06 -14.54
N LEU M 869 -124.68 25.27 -14.77
CA LEU M 869 -124.02 26.48 -14.28
C LEU M 869 -124.59 27.73 -14.94
N PHE M 870 -125.09 27.60 -16.17
CA PHE M 870 -125.73 28.73 -16.84
C PHE M 870 -127.02 29.12 -16.13
N ALA M 871 -127.82 28.14 -15.76
CA ALA M 871 -129.01 28.41 -14.96
C ALA M 871 -128.63 29.00 -13.61
N SER M 872 -127.54 28.51 -13.02
CA SER M 872 -127.06 29.10 -11.76
C SER M 872 -126.70 30.57 -11.95
N ALA M 873 -125.95 30.88 -13.01
CA ALA M 873 -125.56 32.26 -13.27
C ALA M 873 -126.77 33.14 -13.54
N CYS M 874 -127.73 32.63 -14.30
CA CYS M 874 -128.97 33.35 -14.52
C CYS M 874 -129.68 33.61 -13.20
N SER M 875 -129.67 32.62 -12.30
CA SER M 875 -130.14 32.86 -10.94
C SER M 875 -129.30 33.93 -10.26
N ASP M 876 -128.02 34.04 -10.61
CA ASP M 876 -127.20 35.15 -10.14
C ASP M 876 -127.51 36.44 -10.88
N GLN M 877 -128.27 36.39 -11.96
CA GLN M 877 -128.62 37.54 -12.78
C GLN M 877 -127.39 38.24 -13.33
N ASN M 878 -126.29 37.50 -13.49
CA ASN M 878 -125.04 38.05 -14.03
C ASN M 878 -125.01 37.76 -15.52
N VAL M 879 -125.17 38.80 -16.33
CA VAL M 879 -125.26 38.63 -17.78
C VAL M 879 -123.95 38.07 -18.33
N GLU M 880 -122.82 38.64 -17.90
CA GLU M 880 -121.54 38.21 -18.46
C GLU M 880 -121.16 36.81 -17.98
N LYS M 881 -121.58 36.43 -16.77
CA LYS M 881 -121.30 35.08 -16.28
C LYS M 881 -121.98 34.04 -17.16
N ALA M 882 -123.31 34.09 -17.26
CA ALA M 882 -124.03 33.15 -18.10
C ALA M 882 -123.62 33.30 -19.56
N LEU M 883 -123.19 34.50 -19.98
CA LEU M 883 -122.75 34.69 -21.35
C LEU M 883 -121.46 33.94 -21.63
N SER M 884 -120.50 34.01 -20.69
CA SER M 884 -119.28 33.23 -20.81
C SER M 884 -119.59 31.75 -20.82
N LEU M 885 -120.52 31.32 -19.96
CA LEU M 885 -120.92 29.92 -19.99
C LEU M 885 -121.55 29.54 -21.32
N ALA M 886 -122.28 30.46 -21.94
CA ALA M 886 -122.84 30.22 -23.27
C ALA M 886 -121.74 30.06 -24.31
N HIS M 887 -120.68 30.85 -24.18
CA HIS M 887 -119.55 30.71 -25.11
C HIS M 887 -118.96 29.31 -25.03
N GLU M 888 -118.86 28.75 -23.81
CA GLU M 888 -118.23 27.45 -23.65
C GLU M 888 -119.01 26.34 -24.34
N LEU M 889 -120.27 26.60 -24.70
CA LEU M 889 -121.09 25.59 -25.35
C LEU M 889 -120.51 25.19 -26.71
N LYS M 890 -120.61 23.89 -27.02
CA LYS M 890 -120.07 23.38 -28.27
C LYS M 890 -121.14 23.16 -29.32
N GLN M 891 -122.27 22.55 -28.94
CA GLN M 891 -123.32 22.20 -29.88
C GLN M 891 -124.45 23.23 -29.84
N ASP M 892 -125.32 23.15 -30.84
CA ASP M 892 -126.39 24.13 -31.01
C ASP M 892 -127.51 23.93 -30.00
N ARG M 893 -127.81 22.67 -29.66
CA ARG M 893 -128.84 22.41 -28.65
C ARG M 893 -128.48 23.05 -27.33
N ALA M 894 -127.19 23.15 -27.03
CA ALA M 894 -126.77 23.86 -25.82
C ALA M 894 -127.16 25.33 -25.89
N LEU M 895 -127.01 25.95 -27.06
CA LEU M 895 -127.43 27.34 -27.21
C LEU M 895 -128.94 27.48 -27.07
N THR M 896 -129.70 26.54 -27.62
CA THR M 896 -131.15 26.58 -27.42
C THR M 896 -131.49 26.49 -25.94
N ALA M 897 -130.84 25.57 -25.22
CA ALA M 897 -131.09 25.44 -23.79
C ALA M 897 -130.70 26.71 -23.04
N ALA M 898 -129.59 27.33 -23.44
CA ALA M 898 -129.13 28.54 -22.77
C ALA M 898 -130.12 29.69 -22.96
N VAL M 899 -130.60 29.88 -24.18
CA VAL M 899 -131.58 30.94 -24.43
C VAL M 899 -132.88 30.65 -23.70
N LYS M 900 -133.28 29.37 -23.68
CA LYS M 900 -134.49 28.99 -22.96
C LYS M 900 -134.37 29.28 -21.47
N ILE M 901 -133.19 28.99 -20.89
CA ILE M 901 -132.98 29.29 -19.48
C ILE M 901 -132.98 30.79 -19.24
N SER M 902 -132.33 31.54 -20.12
CA SER M 902 -132.33 32.99 -19.99
C SER M 902 -133.75 33.53 -19.98
N GLU M 903 -134.61 32.95 -20.81
CA GLU M 903 -136.04 33.26 -20.70
C GLU M 903 -136.59 32.82 -19.35
N ARG M 904 -136.16 31.65 -18.88
CA ARG M 904 -136.61 31.14 -17.59
C ARG M 904 -136.24 32.08 -16.46
N ALA M 905 -135.15 32.82 -16.61
CA ALA M 905 -134.71 33.79 -15.62
C ALA M 905 -134.99 35.23 -16.05
N GLU M 906 -135.87 35.41 -17.04
CA GLU M 906 -136.29 36.73 -17.53
C GLU M 906 -135.10 37.67 -17.65
N LEU M 907 -134.16 37.27 -18.52
CA LEU M 907 -132.95 38.05 -18.80
C LEU M 907 -132.83 38.20 -20.31
N PRO M 908 -133.62 39.09 -20.92
CA PRO M 908 -133.62 39.18 -22.39
C PRO M 908 -132.26 39.55 -22.97
N SER M 909 -131.43 40.29 -22.25
CA SER M 909 -130.10 40.60 -22.73
C SER M 909 -129.33 39.32 -23.06
N LEU M 910 -129.32 38.38 -22.11
CA LEU M 910 -128.73 37.08 -22.39
C LEU M 910 -129.40 36.46 -23.61
N VAL M 911 -130.73 36.37 -23.60
CA VAL M 911 -131.44 35.79 -24.74
C VAL M 911 -130.84 36.28 -26.04
N LYS M 912 -130.66 37.60 -26.17
CA LYS M 912 -130.09 38.16 -27.39
C LYS M 912 -128.66 37.71 -27.61
N LYS M 913 -127.86 37.67 -26.55
CA LYS M 913 -126.45 37.31 -26.72
C LYS M 913 -126.29 35.85 -27.15
N ILE M 914 -127.00 34.95 -26.47
CA ILE M 914 -127.01 33.54 -26.88
C ILE M 914 -127.54 33.41 -28.29
N ASN M 915 -128.55 34.20 -28.66
CA ASN M 915 -129.07 34.12 -30.03
C ASN M 915 -128.00 34.52 -31.04
N ASN M 916 -127.25 35.58 -30.74
CA ASN M 916 -126.18 36.01 -31.64
C ASN M 916 -125.09 34.95 -31.76
N ILE M 917 -124.70 34.37 -30.63
CA ILE M 917 -123.68 33.32 -30.65
C ILE M 917 -124.17 32.11 -31.45
N ARG M 918 -125.42 31.74 -31.24
CA ARG M 918 -126.03 30.64 -31.99
C ARG M 918 -126.04 30.93 -33.48
N GLU M 919 -126.39 32.16 -33.86
CA GLU M 919 -126.37 32.56 -35.26
C GLU M 919 -124.96 32.39 -35.83
N ALA M 920 -123.97 32.98 -35.16
CA ALA M 920 -122.61 32.88 -35.65
C ALA M 920 -122.12 31.44 -35.70
N ARG M 921 -122.66 30.59 -34.83
CA ARG M 921 -122.20 29.20 -34.78
C ARG M 921 -122.79 28.39 -35.93
N TYR M 922 -124.12 28.33 -36.03
CA TYR M 922 -124.71 27.47 -37.05
C TYR M 922 -124.56 28.06 -38.44
N GLU M 923 -124.45 29.39 -38.57
CA GLU M 923 -124.16 29.97 -39.87
C GLU M 923 -122.76 29.63 -40.34
N GLN M 924 -121.78 29.62 -39.43
CA GLN M 924 -120.41 29.32 -39.77
C GLN M 924 -119.79 28.39 -38.74
N LYS N 473 -89.42 23.16 6.02
CA LYS N 473 -89.53 24.16 7.07
C LYS N 473 -89.91 25.51 6.51
N PHE N 474 -89.48 25.78 5.28
CA PHE N 474 -89.72 27.08 4.65
C PHE N 474 -91.20 27.45 4.74
N ARG N 475 -91.46 28.75 4.89
CA ARG N 475 -92.81 29.26 5.01
C ARG N 475 -93.22 29.93 3.69
N TYR N 476 -94.31 29.44 3.10
CA TYR N 476 -94.84 30.03 1.87
C TYR N 476 -95.73 31.22 2.23
N MET N 477 -95.09 32.26 2.75
CA MET N 477 -95.79 33.48 3.12
C MET N 477 -96.44 34.08 1.87
N PRO N 478 -97.75 34.35 1.88
CA PRO N 478 -98.35 35.02 0.73
C PRO N 478 -97.68 36.35 0.45
N PHE N 479 -97.43 36.65 -0.81
CA PHE N 479 -96.87 37.93 -1.23
C PHE N 479 -97.57 38.39 -2.50
N SER N 480 -97.70 39.69 -2.65
CA SER N 480 -98.28 40.31 -3.81
C SER N 480 -97.31 41.34 -4.37
N PRO N 481 -97.34 41.59 -5.67
CA PRO N 481 -96.31 42.44 -6.28
C PRO N 481 -96.22 43.79 -5.59
N ALA N 482 -95.01 44.15 -5.17
CA ALA N 482 -94.72 45.41 -4.53
C ALA N 482 -95.45 45.58 -3.20
N GLY N 483 -95.91 44.48 -2.60
CA GLY N 483 -96.52 44.53 -1.29
C GLY N 483 -95.47 44.66 -0.19
N THR N 484 -95.89 45.28 0.91
CA THR N 484 -95.00 45.61 2.01
C THR N 484 -95.44 44.88 3.27
N PRO N 485 -94.53 44.65 4.21
CA PRO N 485 -94.89 43.99 5.46
C PRO N 485 -95.64 44.91 6.40
N PHE N 486 -96.24 44.28 7.43
CA PHE N 486 -96.86 45.06 8.50
C PHE N 486 -95.81 45.83 9.30
N GLY N 487 -94.77 45.14 9.76
CA GLY N 487 -93.88 45.74 10.72
C GLY N 487 -94.64 46.03 12.01
N PHE N 488 -94.00 46.81 12.88
CA PHE N 488 -94.69 47.24 14.08
C PHE N 488 -95.86 48.17 13.74
N THR N 489 -95.77 48.85 12.60
CA THR N 489 -96.88 49.67 12.13
C THR N 489 -98.03 48.80 11.65
N ASP N 490 -99.24 49.12 12.11
CA ASP N 490 -100.40 48.37 11.62
C ASP N 490 -100.63 48.60 10.14
N ARG N 491 -100.32 49.80 9.64
CA ARG N 491 -100.45 50.07 8.22
C ARG N 491 -99.40 49.28 7.43
N ARG N 492 -99.78 48.88 6.23
CA ARG N 492 -98.89 48.18 5.32
C ARG N 492 -99.34 48.49 3.90
N TYR N 493 -98.83 47.71 2.94
CA TYR N 493 -99.21 47.83 1.54
C TYR N 493 -99.29 46.43 0.96
N LEU N 494 -100.50 46.01 0.56
CA LEU N 494 -100.64 44.71 -0.07
C LEU N 494 -99.97 44.68 -1.44
N THR N 495 -100.11 45.75 -2.20
CA THR N 495 -99.47 45.84 -3.51
C THR N 495 -99.35 47.31 -3.90
N MET N 496 -98.46 47.58 -4.85
CA MET N 496 -98.22 48.94 -5.33
C MET N 496 -98.17 48.97 -6.85
N ASN N 497 -99.16 48.37 -7.50
CA ASN N 497 -99.29 48.50 -8.93
C ASN N 497 -99.18 49.96 -9.35
N GLU N 498 -98.60 50.20 -10.52
CA GLU N 498 -98.47 51.57 -11.00
C GLU N 498 -99.84 52.26 -11.06
N VAL N 499 -100.90 51.49 -11.29
CA VAL N 499 -102.24 52.06 -11.26
C VAL N 499 -102.56 52.63 -9.88
N GLY N 500 -102.20 51.88 -8.83
CA GLY N 500 -102.51 52.31 -7.48
C GLY N 500 -101.78 51.46 -6.47
N TYR N 501 -101.72 51.97 -5.24
CA TYR N 501 -101.09 51.27 -4.14
C TYR N 501 -102.16 50.89 -3.11
N VAL N 502 -102.16 49.63 -2.71
CA VAL N 502 -103.17 49.10 -1.79
C VAL N 502 -102.56 49.17 -0.40
N SER N 503 -102.80 50.30 0.28
CA SER N 503 -102.35 50.46 1.65
C SER N 503 -103.42 49.93 2.59
N THR N 504 -103.03 48.98 3.44
CA THR N 504 -103.96 48.34 4.37
C THR N 504 -103.41 48.44 5.78
N VAL N 505 -104.28 48.72 6.74
CA VAL N 505 -103.89 48.87 8.14
C VAL N 505 -104.81 48.02 9.00
N LYS N 506 -104.21 47.26 9.91
CA LYS N 506 -104.95 46.40 10.83
C LYS N 506 -105.49 47.25 11.97
N ASN N 507 -106.80 47.43 12.02
CA ASN N 507 -107.46 48.15 13.10
C ASN N 507 -108.36 47.18 13.86
N SER N 508 -108.15 47.10 15.17
CA SER N 508 -108.92 46.22 16.05
C SER N 508 -108.81 44.80 15.51
N GLU N 509 -109.90 44.12 15.16
CA GLU N 509 -109.86 42.78 14.61
C GLU N 509 -110.09 42.77 13.09
N GLN N 510 -110.18 43.94 12.47
CA GLN N 510 -110.35 44.03 11.03
C GLN N 510 -109.23 44.88 10.44
N TYR N 511 -109.30 45.13 9.13
CA TYR N 511 -108.24 45.86 8.43
C TYR N 511 -108.88 46.93 7.56
N SER N 512 -108.48 48.18 7.77
CA SER N 512 -108.98 49.29 6.98
C SER N 512 -108.23 49.32 5.66
N ILE N 513 -108.93 49.03 4.57
CA ILE N 513 -108.32 48.82 3.27
C ILE N 513 -108.47 50.12 2.49
N THR N 514 -107.34 50.81 2.27
CA THR N 514 -107.31 52.02 1.45
C THR N 514 -106.83 51.61 0.08
N VAL N 515 -107.75 51.53 -0.89
CA VAL N 515 -107.38 51.20 -2.26
C VAL N 515 -107.01 52.48 -2.98
N SER N 516 -105.76 52.89 -2.82
CA SER N 516 -105.32 54.16 -3.40
C SER N 516 -104.94 53.98 -4.86
N PHE N 517 -104.93 55.08 -5.60
CA PHE N 517 -104.64 55.08 -7.02
C PHE N 517 -103.69 56.22 -7.35
N PHE N 518 -102.59 55.89 -8.02
CA PHE N 518 -101.72 56.94 -8.56
C PHE N 518 -102.42 57.74 -9.64
N ASP N 519 -103.52 57.23 -10.19
CA ASP N 519 -104.40 57.96 -11.08
C ASP N 519 -105.80 57.94 -10.47
N VAL N 520 -106.06 58.90 -9.58
CA VAL N 520 -107.33 58.94 -8.87
C VAL N 520 -108.47 59.25 -9.82
N GLY N 521 -108.21 59.98 -10.89
CA GLY N 521 -109.24 60.39 -11.81
C GLY N 521 -110.10 59.24 -12.33
N ARG N 522 -109.50 58.36 -13.14
CA ARG N 522 -110.27 57.25 -13.68
C ARG N 522 -110.69 56.27 -12.59
N PHE N 523 -109.89 56.13 -11.54
CA PHE N 523 -110.17 55.23 -10.42
C PHE N 523 -109.94 56.00 -9.13
N ARG N 524 -111.02 56.57 -8.59
CA ARG N 524 -110.95 57.21 -7.29
C ARG N 524 -110.53 56.25 -6.19
N GLU N 525 -109.83 56.79 -5.20
CA GLU N 525 -109.26 56.01 -4.11
C GLU N 525 -110.32 55.56 -3.11
N TYR N 526 -111.14 54.58 -3.49
CA TYR N 526 -112.18 54.12 -2.60
C TYR N 526 -111.58 53.32 -1.45
N HIS N 527 -112.18 53.45 -0.28
CA HIS N 527 -111.80 52.69 0.90
C HIS N 527 -112.96 51.77 1.27
N PHE N 528 -112.64 50.56 1.74
CA PHE N 528 -113.62 49.64 2.29
C PHE N 528 -112.98 48.93 3.46
N GLU N 529 -113.72 48.82 4.57
CA GLU N 529 -113.22 48.13 5.75
C GLU N 529 -113.38 46.63 5.55
N ASP N 530 -112.27 45.90 5.55
CA ASP N 530 -112.28 44.45 5.37
C ASP N 530 -112.11 43.77 6.71
N LEU N 531 -113.08 42.95 7.09
CA LEU N 531 -112.99 42.12 8.28
C LEU N 531 -112.34 40.78 8.02
N PHE N 532 -112.08 40.45 6.75
CA PHE N 532 -111.45 39.19 6.38
C PHE N 532 -109.93 39.28 6.35
N GLY N 533 -109.38 40.48 6.38
CA GLY N 533 -107.94 40.64 6.31
C GLY N 533 -107.30 40.07 5.06
N TYR N 534 -107.90 40.32 3.90
CA TYR N 534 -107.35 39.85 2.64
C TYR N 534 -105.90 40.26 2.51
N ASP N 535 -104.99 39.27 2.45
CA ASP N 535 -103.56 39.57 2.43
C ASP N 535 -103.07 39.81 1.01
N LEU N 536 -103.42 38.91 0.09
CA LEU N 536 -102.96 38.99 -1.29
C LEU N 536 -103.90 39.90 -2.07
N CYS N 537 -103.41 41.09 -2.42
CA CYS N 537 -104.15 42.02 -3.26
C CYS N 537 -103.38 42.23 -4.56
N PHE N 538 -104.08 42.15 -5.68
CA PHE N 538 -103.50 42.36 -7.00
C PHE N 538 -104.32 43.44 -7.70
N LEU N 539 -103.79 44.66 -7.72
CA LEU N 539 -104.50 45.78 -8.32
C LEU N 539 -104.34 45.76 -9.84
N ASN N 540 -105.37 46.25 -10.53
CA ASN N 540 -105.34 46.39 -11.98
C ASN N 540 -106.45 47.35 -12.37
N GLU N 541 -106.42 47.77 -13.64
CA GLU N 541 -107.37 48.77 -14.11
C GLU N 541 -108.79 48.25 -14.02
N LYS N 542 -109.03 47.02 -14.43
CA LYS N 542 -110.37 46.45 -14.35
C LYS N 542 -110.84 46.36 -12.90
N GLY N 543 -109.92 46.10 -11.99
CA GLY N 543 -110.29 45.98 -10.59
C GLY N 543 -109.10 45.56 -9.75
N THR N 544 -109.40 45.09 -8.55
CA THR N 544 -108.40 44.61 -7.61
C THR N 544 -108.82 43.26 -7.08
N LEU N 545 -107.83 42.43 -6.74
CA LEU N 545 -108.04 41.04 -6.36
C LEU N 545 -107.72 40.90 -4.88
N PHE N 546 -108.72 41.17 -4.03
CA PHE N 546 -108.54 41.06 -2.59
C PHE N 546 -108.90 39.64 -2.14
N GLY N 547 -107.93 38.92 -1.62
CA GLY N 547 -108.18 37.58 -1.11
C GLY N 547 -107.35 37.32 0.12
N GLN N 548 -107.83 36.38 0.93
CA GLN N 548 -107.14 35.95 2.14
C GLN N 548 -106.66 34.52 1.96
N SER N 549 -105.34 34.32 2.08
CA SER N 549 -104.77 33.00 1.80
C SER N 549 -105.30 31.95 2.77
N LYS N 550 -105.38 32.29 4.06
CA LYS N 550 -105.81 31.30 5.04
C LYS N 550 -107.24 30.82 4.80
N THR N 551 -108.14 31.74 4.45
CA THR N 551 -109.53 31.39 4.21
C THR N 551 -109.79 30.90 2.78
N GLY N 552 -108.80 31.02 1.89
CA GLY N 552 -109.04 30.71 0.50
C GLY N 552 -110.03 31.64 -0.18
N GLN N 553 -110.33 32.78 0.44
CA GLN N 553 -111.28 33.72 -0.14
C GLN N 553 -110.57 34.65 -1.11
N ILE N 554 -111.23 34.93 -2.23
CA ILE N 554 -110.72 35.90 -3.20
C ILE N 554 -111.81 36.90 -3.56
N GLN N 555 -111.88 37.99 -2.79
CA GLN N 555 -112.90 39.01 -3.02
C GLN N 555 -112.35 40.05 -4.00
N TYR N 556 -112.37 39.70 -5.27
CA TYR N 556 -112.00 40.65 -6.31
C TYR N 556 -113.01 41.78 -6.34
N ARG N 557 -112.52 43.01 -6.48
CA ARG N 557 -113.37 44.21 -6.49
C ARG N 557 -113.14 44.99 -7.77
N PRO N 558 -114.01 44.84 -8.77
CA PRO N 558 -113.87 45.66 -9.99
C PRO N 558 -113.94 47.14 -9.65
N HIS N 559 -113.05 47.92 -10.27
CA HIS N 559 -113.11 49.37 -10.11
C HIS N 559 -114.39 49.94 -10.72
N ASP N 560 -114.94 49.27 -11.72
CA ASP N 560 -116.22 49.67 -12.32
C ASP N 560 -117.34 49.06 -11.48
N SER N 561 -118.27 49.91 -11.04
CA SER N 561 -119.41 49.41 -10.27
C SER N 561 -120.29 48.51 -11.12
N ILE N 562 -120.10 48.50 -12.43
CA ILE N 562 -120.87 47.63 -13.30
C ILE N 562 -120.71 46.18 -12.87
N HIS N 563 -119.48 45.79 -12.55
CA HIS N 563 -119.17 44.44 -12.07
C HIS N 563 -119.04 44.46 -10.55
N SER N 564 -119.82 43.62 -9.88
CA SER N 564 -119.76 43.55 -8.44
C SER N 564 -118.44 42.92 -7.99
N ASN N 565 -118.13 43.09 -6.71
CA ASN N 565 -116.92 42.55 -6.11
C ASN N 565 -117.10 41.05 -5.91
N TRP N 566 -116.98 40.31 -7.01
CA TRP N 566 -117.17 38.87 -6.96
C TRP N 566 -116.15 38.23 -6.03
N THR N 567 -116.59 37.20 -5.30
CA THR N 567 -115.76 36.51 -4.33
C THR N 567 -115.92 35.01 -4.47
N LYS N 568 -114.87 34.28 -4.09
CA LYS N 568 -114.88 32.82 -4.16
C LYS N 568 -114.02 32.27 -3.03
N ILE N 569 -114.42 31.10 -2.53
CA ILE N 569 -113.66 30.39 -1.51
C ILE N 569 -113.01 29.21 -2.22
N ILE N 570 -111.69 29.31 -2.40
CA ILE N 570 -110.98 28.28 -3.17
C ILE N 570 -110.82 27.03 -2.30
N PRO N 571 -110.83 25.82 -2.88
CA PRO N 571 -110.54 24.63 -2.06
C PRO N 571 -109.11 24.65 -1.56
N LEU N 572 -108.97 24.64 -0.23
CA LEU N 572 -107.67 24.64 0.43
C LEU N 572 -107.53 23.34 1.21
N GLN N 573 -106.61 22.49 0.79
CA GLN N 573 -106.31 21.29 1.55
C GLN N 573 -105.53 21.67 2.82
N ALA N 574 -105.25 20.66 3.64
CA ALA N 574 -104.54 20.88 4.88
C ALA N 574 -103.22 21.59 4.64
N GLY N 575 -103.10 22.81 5.17
CA GLY N 575 -101.90 23.58 5.06
C GLY N 575 -101.78 24.39 3.78
N GLU N 576 -102.72 24.27 2.85
CA GLU N 576 -102.64 25.02 1.60
C GLU N 576 -102.77 26.51 1.89
N ARG N 577 -101.77 27.28 1.48
CA ARG N 577 -101.77 28.72 1.62
C ARG N 577 -101.60 29.34 0.25
N ILE N 578 -102.50 30.26 -0.11
CA ILE N 578 -102.41 30.95 -1.38
C ILE N 578 -101.13 31.77 -1.37
N THR N 579 -100.18 31.40 -2.23
CA THR N 579 -98.91 32.12 -2.27
C THR N 579 -99.06 33.48 -2.94
N SER N 580 -99.82 33.55 -4.02
CA SER N 580 -100.04 34.80 -4.74
C SER N 580 -101.31 34.67 -5.56
N VAL N 581 -101.82 35.82 -6.00
CA VAL N 581 -103.02 35.89 -6.82
C VAL N 581 -102.82 36.94 -7.90
N ALA N 582 -102.83 36.51 -9.16
CA ALA N 582 -102.72 37.44 -10.28
C ALA N 582 -104.09 37.78 -10.82
N ALA N 583 -104.27 39.04 -11.22
CA ALA N 583 -105.53 39.54 -11.73
C ALA N 583 -105.28 40.17 -13.09
N THR N 584 -106.02 39.73 -14.09
CA THR N 584 -105.89 40.22 -15.46
C THR N 584 -107.27 40.46 -16.06
N PRO N 585 -107.36 41.35 -17.06
CA PRO N 585 -108.65 41.54 -17.73
C PRO N 585 -109.19 40.28 -18.37
N VAL N 586 -108.31 39.38 -18.81
CA VAL N 586 -108.76 38.13 -19.40
C VAL N 586 -109.25 37.18 -18.32
N ARG N 587 -108.50 37.05 -17.23
CA ARG N 587 -108.84 36.09 -16.19
C ARG N 587 -108.08 36.46 -14.92
N VAL N 588 -108.35 35.69 -13.87
CA VAL N 588 -107.73 35.89 -12.57
C VAL N 588 -107.01 34.61 -12.18
N ILE N 589 -105.81 34.73 -11.66
CA ILE N 589 -104.98 33.59 -11.31
C ILE N 589 -104.79 33.55 -9.80
N VAL N 590 -104.72 32.34 -9.26
CA VAL N 590 -104.52 32.13 -7.83
C VAL N 590 -103.63 30.92 -7.62
N GLY N 591 -102.44 31.14 -7.06
CA GLY N 591 -101.46 30.09 -6.83
C GLY N 591 -101.48 29.66 -5.36
N THR N 592 -101.27 28.37 -5.14
CA THR N 592 -101.31 27.77 -3.82
C THR N 592 -99.93 27.29 -3.40
N SER N 593 -99.71 27.28 -2.08
CA SER N 593 -98.42 26.84 -1.56
C SER N 593 -98.16 25.37 -1.87
N LEU N 594 -99.20 24.58 -2.08
CA LEU N 594 -99.03 23.16 -2.36
C LEU N 594 -98.60 22.90 -3.79
N GLY N 595 -98.55 23.92 -4.63
CA GLY N 595 -98.28 23.76 -6.04
C GLY N 595 -99.51 23.47 -6.88
N TYR N 596 -100.68 23.35 -6.26
CA TYR N 596 -101.91 23.16 -7.00
C TYR N 596 -102.35 24.46 -7.65
N PHE N 597 -101.81 24.75 -8.84
CA PHE N 597 -102.14 25.99 -9.51
C PHE N 597 -103.63 26.08 -9.75
N ARG N 598 -104.18 27.27 -9.54
CA ARG N 598 -105.59 27.54 -9.76
C ARG N 598 -105.74 28.90 -10.42
N SER N 599 -106.85 29.08 -11.13
CA SER N 599 -107.11 30.33 -11.82
C SER N 599 -108.55 30.36 -12.28
N PHE N 600 -109.23 31.47 -12.00
CA PHE N 600 -110.62 31.67 -12.38
C PHE N 600 -110.69 32.96 -13.18
N ASN N 601 -111.67 33.05 -14.08
CA ASN N 601 -111.81 34.25 -14.88
C ASN N 601 -112.49 35.36 -14.07
N GLN N 602 -112.84 36.44 -14.75
CA GLN N 602 -113.53 37.56 -14.10
C GLN N 602 -114.88 37.09 -13.56
N PHE N 603 -115.55 37.99 -12.83
CA PHE N 603 -116.88 37.74 -12.28
C PHE N 603 -116.98 36.35 -11.66
N GLY N 604 -115.85 35.85 -11.14
CA GLY N 604 -115.82 34.58 -10.44
C GLY N 604 -116.45 33.42 -11.17
N VAL N 605 -115.85 32.99 -12.27
CA VAL N 605 -116.22 31.74 -12.93
C VAL N 605 -114.95 30.90 -13.07
N PRO N 606 -115.01 29.60 -12.80
CA PRO N 606 -113.81 28.77 -12.93
C PRO N 606 -113.22 28.85 -14.33
N PHE N 607 -111.89 28.89 -14.40
CA PHE N 607 -111.17 28.88 -15.67
C PHE N 607 -110.39 27.59 -15.85
N ALA N 608 -109.53 27.24 -14.89
CA ALA N 608 -108.76 26.01 -14.97
C ALA N 608 -108.00 25.82 -13.66
N VAL N 609 -107.71 24.56 -13.34
CA VAL N 609 -106.96 24.21 -12.15
C VAL N 609 -106.04 23.04 -12.49
N GLU N 610 -104.83 23.06 -11.94
CA GLU N 610 -103.84 22.03 -12.24
C GLU N 610 -102.82 21.98 -11.12
N LYS N 611 -101.88 21.04 -11.25
CA LYS N 611 -100.79 20.88 -10.31
C LYS N 611 -99.48 21.25 -10.96
N THR N 612 -98.71 22.13 -10.31
CA THR N 612 -97.41 22.55 -10.81
C THR N 612 -96.48 22.70 -9.60
N SER N 613 -95.31 23.29 -9.86
CA SER N 613 -94.39 23.57 -8.77
C SER N 613 -95.00 24.60 -7.83
N PRO N 614 -94.63 24.58 -6.54
CA PRO N 614 -95.19 25.56 -5.60
C PRO N 614 -95.11 26.98 -6.14
N ILE N 615 -96.25 27.60 -6.38
CA ILE N 615 -96.29 28.93 -6.96
C ILE N 615 -95.67 29.91 -5.98
N VAL N 616 -94.68 30.66 -6.44
CA VAL N 616 -94.03 31.67 -5.60
C VAL N 616 -94.69 33.02 -5.74
N ALA N 617 -94.76 33.53 -6.97
CA ALA N 617 -95.36 34.84 -7.24
C ALA N 617 -96.10 34.77 -8.56
N LEU N 618 -96.98 35.75 -8.77
CA LEU N 618 -97.87 35.74 -9.93
C LEU N 618 -97.99 37.18 -10.45
N THR N 619 -97.39 37.41 -11.62
CA THR N 619 -97.56 38.68 -12.35
C THR N 619 -98.07 38.30 -13.75
N ALA N 620 -99.22 38.86 -14.11
CA ALA N 620 -99.86 38.56 -15.38
C ALA N 620 -100.49 39.82 -15.95
N GLN N 621 -100.35 40.00 -17.27
CA GLN N 621 -100.96 41.12 -17.99
C GLN N 621 -101.73 40.52 -19.16
N ASN N 622 -103.02 40.82 -19.24
CA ASN N 622 -103.83 40.31 -20.34
C ASN N 622 -103.73 38.79 -20.38
N TYR N 623 -103.49 38.22 -21.56
CA TYR N 623 -103.32 36.77 -21.66
C TYR N 623 -102.01 36.32 -21.07
N ARG N 624 -101.01 37.21 -21.04
CA ARG N 624 -99.69 36.84 -20.54
C ARG N 624 -99.75 36.51 -19.05
N VAL N 625 -99.08 35.42 -18.68
CA VAL N 625 -99.04 34.97 -17.29
C VAL N 625 -97.64 34.51 -16.93
N PHE N 626 -96.94 35.30 -16.13
CA PHE N 626 -95.59 34.96 -15.66
C PHE N 626 -95.70 34.44 -14.24
N SER N 627 -95.35 33.16 -14.05
CA SER N 627 -95.45 32.51 -12.76
C SER N 627 -94.08 32.05 -12.29
N VAL N 628 -93.75 32.37 -11.05
CA VAL N 628 -92.51 31.96 -10.42
C VAL N 628 -92.82 30.84 -9.43
N HIS N 629 -92.01 29.80 -9.46
CA HIS N 629 -92.22 28.63 -8.61
C HIS N 629 -90.92 28.21 -7.96
N TYR N 630 -91.00 27.77 -6.72
CA TYR N 630 -89.85 27.29 -5.96
C TYR N 630 -90.30 26.20 -5.00
N SER N 631 -89.47 25.17 -4.89
CA SER N 631 -89.63 24.15 -3.86
C SER N 631 -88.27 23.86 -3.26
N GLN N 632 -88.28 23.33 -2.03
CA GLN N 632 -87.05 22.92 -1.40
C GLN N 632 -86.42 21.72 -2.10
N PHE N 633 -87.11 21.14 -3.09
CA PHE N 633 -86.61 20.01 -3.84
C PHE N 633 -86.41 20.29 -5.32
N HIS N 634 -87.10 21.30 -5.87
CA HIS N 634 -86.97 21.66 -7.28
C HIS N 634 -86.04 22.83 -7.50
N GLY N 635 -86.01 23.80 -6.58
CA GLY N 635 -85.17 24.96 -6.73
C GLY N 635 -85.88 26.11 -7.42
N LEU N 636 -85.17 27.23 -7.50
CA LEU N 636 -85.74 28.42 -8.09
C LEU N 636 -86.12 28.16 -9.55
N SER N 637 -87.32 28.56 -9.91
CA SER N 637 -87.84 28.30 -11.25
C SER N 637 -88.98 29.27 -11.53
N TYR N 638 -89.33 29.39 -12.80
CA TYR N 638 -90.44 30.24 -13.22
C TYR N 638 -91.08 29.66 -14.47
N SER N 639 -92.39 29.47 -14.41
CA SER N 639 -93.16 28.94 -15.54
C SER N 639 -93.89 30.07 -16.26
N LEU N 640 -93.13 30.87 -17.00
CA LEU N 640 -93.72 31.91 -17.83
C LEU N 640 -94.70 31.29 -18.81
N SER N 641 -95.86 31.91 -18.96
CA SER N 641 -96.93 31.35 -19.76
C SER N 641 -97.82 32.46 -20.31
N GLU N 642 -98.59 32.11 -21.33
CA GLU N 642 -99.59 33.01 -21.89
C GLU N 642 -100.78 32.17 -22.35
N LEU N 643 -101.95 32.79 -22.37
CA LEU N 643 -103.17 32.06 -22.68
C LEU N 643 -103.30 31.80 -24.19
N GLY N 644 -102.63 30.77 -24.68
CA GLY N 644 -102.91 30.31 -26.02
C GLY N 644 -104.38 29.94 -26.16
N THR N 645 -104.99 30.36 -27.28
CA THR N 645 -106.42 30.13 -27.46
C THR N 645 -106.78 28.67 -27.23
N SER N 646 -105.99 27.75 -27.77
CA SER N 646 -106.22 26.33 -27.52
C SER N 646 -105.99 26.01 -26.05
N SER N 647 -104.92 26.53 -25.46
CA SER N 647 -104.60 26.28 -24.06
C SER N 647 -103.52 27.28 -23.63
N LYS N 648 -103.29 27.33 -22.33
CA LYS N 648 -102.32 28.26 -21.77
C LYS N 648 -100.90 27.81 -22.11
N ARG N 649 -100.33 28.38 -23.16
CA ARG N 649 -98.98 28.02 -23.56
C ARG N 649 -97.95 28.53 -22.55
N TYR N 650 -96.89 27.74 -22.36
CA TYR N 650 -95.81 28.09 -21.44
C TYR N 650 -94.57 28.38 -22.25
N TYR N 651 -94.30 29.68 -22.45
CA TYR N 651 -93.04 30.07 -23.08
C TYR N 651 -91.86 29.45 -22.35
N LYS N 652 -91.88 29.55 -21.03
CA LYS N 652 -90.91 28.88 -20.17
C LYS N 652 -91.69 28.13 -19.10
N ARG N 653 -91.37 26.86 -18.90
CA ARG N 653 -92.00 26.03 -17.89
C ARG N 653 -90.99 25.72 -16.79
N GLU N 654 -91.25 26.25 -15.60
CA GLU N 654 -90.34 26.08 -14.47
C GLU N 654 -88.89 26.31 -14.88
N CYS N 655 -88.66 27.27 -15.76
CA CYS N 655 -87.30 27.58 -16.16
C CYS N 655 -86.53 28.12 -14.96
N PRO N 656 -85.26 27.74 -14.78
CA PRO N 656 -84.51 28.24 -13.62
C PRO N 656 -84.26 29.73 -13.73
N LEU N 657 -84.90 30.51 -12.85
CA LEU N 657 -84.72 31.95 -12.89
C LEU N 657 -83.30 32.30 -12.44
N PRO N 658 -82.65 33.28 -13.08
CA PRO N 658 -81.29 33.64 -12.67
C PRO N 658 -81.28 34.73 -11.61
N MET N 659 -82.44 35.02 -11.03
CA MET N 659 -82.56 36.11 -10.09
C MET N 659 -81.78 35.82 -8.82
N SER N 660 -81.22 36.88 -8.22
CA SER N 660 -80.49 36.72 -6.98
C SER N 660 -81.44 36.39 -5.84
N LEU N 661 -80.96 35.62 -4.87
CA LEU N 661 -81.78 35.25 -3.73
C LEU N 661 -81.30 35.98 -2.47
N PRO N 662 -82.21 36.31 -1.56
CA PRO N 662 -81.80 37.02 -0.35
C PRO N 662 -80.86 36.17 0.51
N ASN N 663 -79.93 36.84 1.17
CA ASN N 663 -79.03 36.22 2.12
C ASN N 663 -79.33 36.75 3.52
N ILE N 664 -79.52 35.84 4.47
CA ILE N 664 -79.80 36.25 5.84
C ILE N 664 -78.65 37.10 6.38
N ASN N 665 -77.42 36.73 6.06
CA ASN N 665 -76.26 37.52 6.47
C ASN N 665 -75.80 38.42 5.33
N LYS N 670 -80.62 45.49 9.32
CA LYS N 670 -81.15 44.34 8.59
C LYS N 670 -82.43 43.82 9.23
N ASP N 671 -82.75 44.31 10.43
CA ASP N 671 -83.94 43.86 11.13
C ASP N 671 -85.19 44.15 10.32
N ALA N 672 -85.29 45.36 9.76
CA ALA N 672 -86.41 45.66 8.86
C ALA N 672 -86.33 44.82 7.60
N ASN N 673 -85.13 44.65 7.06
CA ASN N 673 -84.97 43.80 5.88
C ASN N 673 -85.36 42.36 6.18
N LEU N 674 -84.95 41.84 7.34
CA LEU N 674 -85.35 40.49 7.71
C LEU N 674 -86.86 40.39 7.92
N ASP N 675 -87.47 41.40 8.55
CA ASP N 675 -88.92 41.42 8.66
C ASP N 675 -89.56 41.33 7.29
N TYR N 676 -89.08 42.11 6.33
CA TYR N 676 -89.55 41.96 4.97
C TYR N 676 -89.34 40.55 4.46
N TYR N 677 -88.22 39.93 4.81
CA TYR N 677 -87.99 38.53 4.45
C TYR N 677 -88.99 37.62 5.17
N ASN N 678 -89.28 37.89 6.44
CA ASN N 678 -90.36 37.19 7.11
C ASN N 678 -91.68 37.42 6.38
N PHE N 679 -91.81 38.55 5.69
CA PHE N 679 -92.96 38.83 4.84
C PHE N 679 -92.77 38.32 3.42
N ASN N 680 -91.56 38.43 2.89
CA ASN N 680 -91.24 37.97 1.53
C ASN N 680 -89.95 37.17 1.61
N PRO N 681 -90.03 35.90 2.04
CA PRO N 681 -88.80 35.11 2.19
C PRO N 681 -87.96 35.04 0.94
N MET N 682 -88.58 35.11 -0.23
CA MET N 682 -87.85 35.15 -1.50
C MET N 682 -87.13 36.47 -1.71
N GLY N 683 -87.35 37.46 -0.85
CA GLY N 683 -86.73 38.76 -1.05
C GLY N 683 -87.10 39.40 -2.36
N ILE N 684 -88.23 38.99 -2.94
CA ILE N 684 -88.67 39.51 -4.24
C ILE N 684 -89.41 40.81 -4.01
N LYS N 685 -88.80 41.93 -4.40
CA LYS N 685 -89.40 43.23 -4.17
C LYS N 685 -90.74 43.37 -4.88
N SER N 686 -90.82 42.90 -6.14
CA SER N 686 -92.08 42.90 -6.86
C SER N 686 -91.90 42.17 -8.18
N LEU N 687 -93.03 41.74 -8.74
CA LEU N 687 -93.10 41.19 -10.09
C LEU N 687 -94.04 42.09 -10.89
N PHE N 688 -93.51 42.73 -11.92
CA PHE N 688 -94.29 43.67 -12.73
C PHE N 688 -93.85 43.53 -14.18
N PHE N 689 -94.82 43.43 -15.08
CA PHE N 689 -94.51 43.36 -16.50
C PHE N 689 -94.12 44.73 -17.02
N SER N 690 -93.29 44.74 -18.06
CA SER N 690 -92.84 45.99 -18.65
C SER N 690 -94.02 46.72 -19.29
N SER N 691 -93.76 47.94 -19.76
CA SER N 691 -94.78 48.66 -20.52
C SER N 691 -95.22 47.87 -21.74
N TYR N 692 -94.34 47.02 -22.27
CA TYR N 692 -94.66 46.13 -23.38
C TYR N 692 -95.04 44.73 -22.90
N GLY N 693 -95.23 44.56 -21.59
CA GLY N 693 -95.62 43.27 -21.06
C GLY N 693 -94.48 42.31 -20.83
N ASP N 694 -93.25 42.72 -21.13
CA ASP N 694 -92.12 41.81 -21.02
C ASP N 694 -91.91 41.42 -19.56
N PRO N 695 -91.55 40.17 -19.26
CA PRO N 695 -91.31 39.78 -17.87
C PRO N 695 -90.21 40.61 -17.22
N CYS N 696 -90.57 41.35 -16.16
CA CYS N 696 -89.60 42.15 -15.43
C CYS N 696 -89.80 41.91 -13.94
N ILE N 697 -88.71 41.61 -13.24
CA ILE N 697 -88.75 41.33 -11.81
C ILE N 697 -87.62 42.09 -11.14
N PHE N 698 -87.81 42.42 -9.87
CA PHE N 698 -86.88 43.21 -9.10
C PHE N 698 -86.82 42.66 -7.68
N GLY N 699 -85.60 42.48 -7.16
CA GLY N 699 -85.41 41.78 -5.89
C GLY N 699 -84.21 42.27 -5.12
N SER N 700 -83.71 41.37 -4.26
CA SER N 700 -82.68 41.74 -3.28
C SER N 700 -81.47 42.38 -3.92
N ASP N 701 -81.10 41.95 -5.11
CA ASP N 701 -79.90 42.48 -5.75
C ASP N 701 -80.01 43.96 -6.06
N ASN N 702 -81.22 44.51 -5.99
CA ASN N 702 -81.45 45.92 -6.36
C ASN N 702 -81.19 46.13 -7.85
N THR N 703 -81.57 45.14 -8.66
CA THR N 703 -81.38 45.22 -10.10
C THR N 703 -82.64 44.71 -10.79
N LEU N 704 -82.95 45.31 -11.93
CA LEU N 704 -84.12 44.91 -12.71
C LEU N 704 -83.70 43.93 -13.79
N LEU N 705 -84.36 42.77 -13.84
CA LEU N 705 -84.07 41.73 -14.80
C LEU N 705 -85.20 41.67 -15.81
N LEU N 706 -84.85 41.70 -17.09
CA LEU N 706 -85.81 41.61 -18.18
C LEU N 706 -85.47 40.41 -19.04
N LEU N 707 -86.46 39.54 -19.27
CA LEU N 707 -86.27 38.36 -20.10
C LEU N 707 -86.40 38.76 -21.57
N SER N 708 -85.29 39.27 -22.11
CA SER N 708 -85.29 39.71 -23.50
C SER N 708 -85.62 38.54 -24.42
N LYS N 709 -86.38 38.84 -25.48
CA LYS N 709 -86.77 37.84 -26.46
C LYS N 709 -87.57 36.71 -25.82
N TRP N 710 -88.33 37.03 -24.77
CA TRP N 710 -89.10 36.00 -24.09
C TRP N 710 -90.07 35.32 -25.03
N ARG N 711 -90.58 36.06 -26.02
CA ARG N 711 -91.51 35.45 -26.98
C ARG N 711 -90.84 34.33 -27.75
N SER N 712 -89.51 34.29 -27.76
CA SER N 712 -88.74 33.22 -28.38
C SER N 712 -87.91 32.57 -27.28
N PRO N 713 -88.47 31.56 -26.58
CA PRO N 713 -87.73 30.96 -25.46
C PRO N 713 -86.35 30.44 -25.84
N GLU N 714 -86.20 29.87 -27.04
CA GLU N 714 -84.92 29.33 -27.45
C GLU N 714 -83.81 30.37 -27.31
N GLU N 715 -84.09 31.61 -27.70
CA GLU N 715 -83.12 32.69 -27.66
C GLU N 715 -83.35 33.65 -26.50
N SER N 716 -84.39 33.43 -25.69
CA SER N 716 -84.68 34.35 -24.60
C SER N 716 -83.57 34.33 -23.56
N LYS N 717 -83.44 35.43 -22.84
CA LYS N 717 -82.40 35.55 -21.82
C LYS N 717 -82.72 36.75 -20.93
N TRP N 718 -82.34 36.65 -19.67
CA TRP N 718 -82.56 37.73 -18.73
C TRP N 718 -81.42 38.74 -18.80
N LEU N 719 -81.76 40.03 -18.63
CA LEU N 719 -80.79 41.11 -18.73
C LEU N 719 -80.89 41.99 -17.49
N PRO N 720 -79.80 42.21 -16.76
CA PRO N 720 -79.84 43.18 -15.67
C PRO N 720 -79.88 44.61 -16.21
N ILE N 721 -81.04 45.01 -16.74
CA ILE N 721 -81.15 46.29 -17.42
C ILE N 721 -80.80 47.44 -16.47
N LEU N 722 -81.23 47.34 -15.22
CA LEU N 722 -81.00 48.38 -14.23
C LEU N 722 -80.50 47.75 -12.94
N ASP N 723 -79.70 48.53 -12.20
CA ASP N 723 -79.19 48.12 -10.89
C ASP N 723 -79.42 49.28 -9.94
N SER N 724 -80.46 49.17 -9.12
CA SER N 724 -80.80 50.25 -8.19
C SER N 724 -79.65 50.56 -7.25
N ASN N 725 -78.89 49.54 -6.85
CA ASN N 725 -77.78 49.75 -5.93
C ASN N 725 -76.80 50.76 -6.49
N MET N 726 -76.19 50.44 -7.63
CA MET N 726 -75.19 51.32 -8.21
C MET N 726 -75.83 52.62 -8.70
N GLU N 727 -77.09 52.57 -9.14
CA GLU N 727 -77.74 53.80 -9.58
C GLU N 727 -77.88 54.79 -8.43
N ILE N 728 -78.30 54.30 -7.27
CA ILE N 728 -78.40 55.16 -6.09
C ILE N 728 -77.02 55.64 -5.67
N TRP N 729 -76.05 54.72 -5.63
CA TRP N 729 -74.69 55.11 -5.28
C TRP N 729 -74.17 56.17 -6.24
N LYS N 730 -74.68 56.18 -7.47
CA LYS N 730 -74.28 57.19 -8.43
C LYS N 730 -74.97 58.52 -8.17
N MET N 731 -76.30 58.49 -7.99
CA MET N 731 -77.02 59.72 -7.69
C MET N 731 -76.57 60.33 -6.38
N SER N 732 -75.90 59.55 -5.53
CA SER N 732 -75.30 60.08 -4.31
C SER N 732 -73.92 60.66 -4.55
N GLY N 733 -73.39 60.56 -5.76
CA GLY N 733 -72.07 61.11 -6.05
C GLY N 733 -70.97 60.45 -5.26
N GLY N 734 -71.00 59.12 -5.14
CA GLY N 734 -70.02 58.39 -4.37
C GLY N 734 -70.27 58.41 -2.88
N LYS N 735 -71.35 59.03 -2.43
CA LYS N 735 -71.68 59.12 -1.01
C LYS N 735 -72.68 58.01 -0.68
N GLU N 736 -72.13 56.84 -0.36
CA GLU N 736 -72.95 55.68 -0.02
C GLU N 736 -73.97 56.07 1.05
N THR N 737 -75.25 55.82 0.74
CA THR N 737 -76.37 56.21 1.59
C THR N 737 -77.22 54.97 1.87
N THR N 738 -77.03 54.37 3.05
CA THR N 738 -77.76 53.15 3.40
C THR N 738 -79.25 53.42 3.51
N ASP N 739 -79.63 54.58 4.07
CA ASP N 739 -81.04 54.84 4.33
C ASP N 739 -81.87 54.78 3.06
N ILE N 740 -81.33 55.25 1.93
CA ILE N 740 -82.10 55.22 0.70
C ILE N 740 -82.39 53.78 0.31
N HIS N 741 -83.61 53.56 -0.19
CA HIS N 741 -84.02 52.26 -0.69
C HIS N 741 -84.97 52.49 -1.85
N VAL N 742 -85.09 51.48 -2.71
CA VAL N 742 -85.90 51.56 -3.92
C VAL N 742 -86.98 50.50 -3.85
N TRP N 743 -88.21 50.87 -4.20
CA TRP N 743 -89.35 49.95 -4.19
C TRP N 743 -89.96 49.88 -5.58
N PRO N 744 -89.91 48.73 -6.25
CA PRO N 744 -90.41 48.66 -7.63
C PRO N 744 -91.90 48.98 -7.72
N LEU N 745 -92.26 49.69 -8.79
CA LEU N 745 -93.66 49.91 -9.14
C LEU N 745 -93.99 49.41 -10.54
N ALA N 746 -93.20 49.76 -11.54
CA ALA N 746 -93.45 49.37 -12.91
C ALA N 746 -92.30 49.84 -13.81
N LEU N 747 -92.36 49.51 -15.09
CA LEU N 747 -91.31 49.89 -16.05
C LEU N 747 -91.97 50.69 -17.18
N ALA N 748 -91.77 52.00 -17.16
CA ALA N 748 -92.28 52.89 -18.20
C ALA N 748 -91.30 52.89 -19.36
N TYR N 749 -91.55 52.00 -20.31
CA TYR N 749 -90.71 51.89 -21.50
C TYR N 749 -89.26 51.63 -21.11
N ASP N 750 -88.51 52.69 -20.82
CA ASP N 750 -87.12 52.58 -20.40
C ASP N 750 -86.90 53.01 -18.96
N THR N 751 -87.80 53.81 -18.40
CA THR N 751 -87.65 54.28 -17.04
C THR N 751 -88.40 53.35 -16.10
N LEU N 752 -87.72 52.91 -15.05
CA LEU N 752 -88.29 51.97 -14.09
C LEU N 752 -89.10 52.76 -13.06
N ASN N 753 -90.41 52.53 -13.03
CA ASN N 753 -91.25 53.13 -12.01
C ASN N 753 -91.03 52.40 -10.69
N CYS N 754 -90.55 53.14 -9.69
CA CYS N 754 -90.23 52.54 -8.40
C CYS N 754 -90.06 53.61 -7.33
N ILE N 755 -90.67 53.41 -6.17
CA ILE N 755 -90.53 54.38 -5.09
C ILE N 755 -89.12 54.30 -4.53
N LEU N 756 -88.50 55.47 -4.34
CA LEU N 756 -87.19 55.54 -3.69
C LEU N 756 -87.43 55.72 -2.18
N VAL N 757 -87.64 54.59 -1.51
CA VAL N 757 -87.85 54.62 -0.07
C VAL N 757 -86.62 55.22 0.60
N LYS N 758 -86.85 56.03 1.63
CA LYS N 758 -85.78 56.74 2.33
C LYS N 758 -85.93 56.54 3.84
N GLY N 759 -86.09 55.29 4.25
CA GLY N 759 -86.19 54.98 5.66
C GLY N 759 -85.61 53.61 5.95
N LYS N 760 -85.34 53.39 7.25
CA LYS N 760 -84.87 52.09 7.70
C LYS N 760 -85.70 50.97 7.09
N HIS N 761 -87.02 51.13 7.11
CA HIS N 761 -87.90 50.19 6.44
C HIS N 761 -87.75 50.35 4.93
N ILE N 762 -87.13 49.36 4.28
CA ILE N 762 -86.88 49.45 2.86
C ILE N 762 -88.16 49.65 2.07
N TRP N 763 -89.32 49.39 2.70
CA TRP N 763 -90.60 49.57 2.02
C TRP N 763 -91.21 50.92 2.36
N PRO N 764 -92.04 51.47 1.48
CA PRO N 764 -92.68 52.75 1.77
C PRO N 764 -93.58 52.68 2.99
N GLU N 765 -93.73 53.83 3.65
CA GLU N 765 -94.58 53.97 4.82
C GLU N 765 -95.91 54.61 4.41
N PHE N 766 -96.88 54.58 5.33
CA PHE N 766 -98.23 55.05 5.09
C PHE N 766 -98.24 56.34 4.26
N PRO N 767 -97.48 57.38 4.64
CA PRO N 767 -97.36 58.54 3.75
C PRO N 767 -96.52 58.19 2.54
N LEU N 768 -97.11 57.45 1.61
CA LEU N 768 -96.37 56.88 0.50
C LEU N 768 -95.70 58.00 -0.31
N PRO N 769 -94.40 57.94 -0.54
CA PRO N 769 -93.74 59.01 -1.29
C PRO N 769 -94.15 59.01 -2.75
N LEU N 770 -93.53 59.90 -3.52
CA LEU N 770 -93.77 59.94 -4.95
C LEU N 770 -92.97 58.84 -5.65
N PRO N 771 -93.43 58.40 -6.82
CA PRO N 771 -92.69 57.36 -7.55
C PRO N 771 -91.40 57.92 -8.15
N SER N 772 -90.33 57.15 -8.04
CA SER N 772 -89.04 57.51 -8.62
C SER N 772 -88.87 56.72 -9.91
N GLU N 773 -88.68 57.44 -11.02
CA GLU N 773 -88.71 56.86 -12.36
C GLU N 773 -87.37 57.11 -13.03
N MET N 774 -86.52 56.08 -13.06
CA MET N 774 -85.14 56.19 -13.55
C MET N 774 -84.98 55.33 -14.80
N GLU N 775 -84.22 55.84 -15.77
CA GLU N 775 -83.92 55.07 -16.97
C GLU N 775 -83.03 53.89 -16.65
N ILE N 776 -83.14 52.83 -17.47
CA ILE N 776 -82.26 51.68 -17.31
C ILE N 776 -80.83 52.08 -17.62
N ARG N 777 -79.88 51.35 -17.02
CA ARG N 777 -78.46 51.58 -17.24
C ARG N 777 -77.76 50.24 -17.25
N MET N 778 -76.99 49.97 -18.29
CA MET N 778 -76.27 48.72 -18.38
C MET N 778 -75.21 48.67 -17.28
N PRO N 779 -75.18 47.63 -16.44
CA PRO N 779 -74.19 47.59 -15.35
C PRO N 779 -72.80 47.21 -15.85
N VAL N 780 -72.29 48.03 -16.77
CA VAL N 780 -70.97 47.83 -17.35
C VAL N 780 -69.92 48.71 -16.69
N PHE N 781 -70.26 49.37 -15.59
CA PHE N 781 -69.37 50.32 -14.94
C PHE N 781 -68.75 49.71 -13.69
N VAL N 782 -67.54 50.18 -13.38
CA VAL N 782 -66.79 49.73 -12.21
C VAL N 782 -66.69 50.93 -11.28
N LYS N 783 -67.23 50.78 -10.07
CA LYS N 783 -67.31 51.89 -9.13
C LYS N 783 -65.94 52.48 -8.83
N SER N 784 -64.90 51.62 -8.81
CA SER N 784 -63.57 52.09 -8.44
C SER N 784 -63.04 53.13 -9.41
N LYS N 785 -63.06 52.81 -10.71
CA LYS N 785 -62.55 53.76 -11.70
C LYS N 785 -63.41 55.01 -11.75
N LEU N 786 -64.72 54.85 -11.58
CA LEU N 786 -65.60 56.01 -11.59
C LEU N 786 -65.27 56.96 -10.45
N LEU N 787 -65.04 56.41 -9.25
CA LEU N 787 -64.64 57.25 -8.12
C LEU N 787 -63.28 57.89 -8.37
N GLU N 788 -62.34 57.14 -8.93
CA GLU N 788 -61.02 57.71 -9.21
C GLU N 788 -61.12 58.86 -10.21
N GLU N 789 -61.94 58.72 -11.25
CA GLU N 789 -62.09 59.78 -12.23
C GLU N 789 -62.83 60.98 -11.65
N ASN N 790 -63.72 60.74 -10.69
CA ASN N 790 -64.47 61.82 -10.06
C ASN N 790 -63.66 62.46 -8.95
N GLU N 814 -74.64 61.29 -10.18
CA GLU N 814 -73.80 62.38 -9.73
C GLU N 814 -72.32 62.04 -9.88
N ILE N 815 -72.04 60.80 -10.26
CA ILE N 815 -70.67 60.34 -10.48
C ILE N 815 -70.14 60.93 -11.77
N GLN N 816 -68.81 61.05 -11.85
CA GLN N 816 -68.14 61.40 -13.09
C GLN N 816 -67.77 60.11 -13.82
N ILE N 817 -68.10 60.04 -15.11
CA ILE N 817 -67.90 58.82 -15.89
C ILE N 817 -67.03 59.16 -17.10
N PRO N 818 -66.07 58.31 -17.46
CA PRO N 818 -65.31 58.56 -18.69
C PRO N 818 -66.23 58.59 -19.91
N VAL N 819 -65.89 59.46 -20.86
CA VAL N 819 -66.74 59.64 -22.03
C VAL N 819 -66.84 58.35 -22.82
N SER N 820 -65.73 57.64 -22.99
CA SER N 820 -65.76 56.38 -23.71
C SER N 820 -66.53 55.32 -22.93
N MET N 821 -66.39 55.31 -21.60
CA MET N 821 -67.09 54.33 -20.77
C MET N 821 -68.60 54.59 -20.79
N ALA N 822 -69.00 55.86 -20.66
CA ALA N 822 -70.40 56.21 -20.82
C ALA N 822 -70.89 55.88 -22.21
N ALA N 823 -70.03 56.05 -23.22
CA ALA N 823 -70.39 55.69 -24.58
C ALA N 823 -70.65 54.21 -24.70
N GLU N 824 -69.83 53.39 -24.05
CA GLU N 824 -70.04 51.94 -24.05
C GLU N 824 -71.39 51.60 -23.44
N GLU N 825 -71.68 52.17 -22.27
CA GLU N 825 -72.96 51.89 -21.63
C GLU N 825 -74.12 52.34 -22.50
N GLU N 826 -74.03 53.54 -23.08
CA GLU N 826 -75.10 54.04 -23.93
C GLU N 826 -75.29 53.15 -25.15
N TYR N 827 -74.19 52.71 -25.75
CA TYR N 827 -74.26 51.81 -26.89
C TYR N 827 -74.97 50.52 -26.54
N LEU N 828 -74.57 49.88 -25.43
CA LEU N 828 -75.18 48.60 -25.08
C LEU N 828 -76.65 48.77 -24.73
N ARG N 829 -76.99 49.83 -23.99
CA ARG N 829 -78.38 50.08 -23.66
C ARG N 829 -79.20 50.36 -24.92
N SER N 830 -78.63 51.11 -25.87
CA SER N 830 -79.32 51.36 -27.13
C SER N 830 -79.55 50.06 -27.88
N LYS N 831 -78.53 49.20 -27.92
CA LYS N 831 -78.68 47.92 -28.61
C LYS N 831 -79.82 47.12 -28.01
N VAL N 832 -79.78 46.91 -26.69
CA VAL N 832 -80.81 46.08 -26.06
C VAL N 832 -82.18 46.74 -26.19
N LEU N 833 -82.25 48.06 -26.03
CA LEU N 833 -83.51 48.77 -26.18
C LEU N 833 -84.09 48.54 -27.57
N SER N 834 -83.38 48.98 -28.60
CA SER N 834 -83.87 48.82 -29.97
C SER N 834 -84.25 47.38 -30.25
N GLU N 835 -83.48 46.42 -29.73
CA GLU N 835 -83.82 45.02 -29.91
C GLU N 835 -85.20 44.73 -29.32
N LEU N 836 -85.44 45.17 -28.09
CA LEU N 836 -86.73 44.93 -27.46
C LEU N 836 -87.84 45.65 -28.21
N LEU N 837 -87.54 46.85 -28.71
CA LEU N 837 -88.53 47.62 -29.45
C LEU N 837 -88.98 46.86 -30.69
N THR N 838 -88.03 46.37 -31.48
CA THR N 838 -88.40 45.60 -32.66
C THR N 838 -89.09 44.30 -32.26
N ASP N 839 -88.65 43.68 -31.16
CA ASP N 839 -89.34 42.49 -30.68
C ASP N 839 -90.81 42.77 -30.46
N THR N 840 -91.12 43.82 -29.70
CA THR N 840 -92.53 44.16 -29.49
C THR N 840 -93.21 44.47 -30.82
N LEU N 841 -92.61 45.34 -31.63
CA LEU N 841 -93.25 45.83 -32.83
C LEU N 841 -93.61 44.70 -33.79
N GLU N 842 -92.84 43.62 -33.80
CA GLU N 842 -93.04 42.54 -34.76
C GLU N 842 -93.72 41.34 -34.11
N ASN N 843 -93.13 40.76 -33.07
CA ASN N 843 -93.74 39.61 -32.42
C ASN N 843 -95.01 40.01 -31.67
N ASP N 844 -94.93 41.07 -30.85
CA ASP N 844 -96.08 41.53 -30.10
C ASP N 844 -96.93 42.51 -30.90
N GLY N 845 -96.35 43.19 -31.89
CA GLY N 845 -97.09 44.16 -32.67
C GLY N 845 -97.00 45.55 -32.08
N GLU N 846 -96.86 46.56 -32.94
CA GLU N 846 -96.79 47.94 -32.47
C GLU N 846 -98.06 48.31 -31.72
N MET N 847 -97.88 48.90 -30.54
CA MET N 847 -99.00 49.24 -29.65
C MET N 847 -99.12 50.75 -29.46
N TYR N 848 -98.06 51.43 -29.02
CA TYR N 848 -98.16 52.85 -28.71
C TYR N 848 -98.09 53.71 -29.96
N GLY N 849 -97.64 53.17 -31.08
CA GLY N 849 -97.48 53.93 -32.31
C GLY N 849 -96.20 54.73 -32.36
N ASN N 850 -95.88 55.44 -31.28
CA ASN N 850 -94.63 56.18 -31.21
C ASN N 850 -93.42 55.25 -31.18
N GLU N 851 -93.63 53.95 -30.98
CA GLU N 851 -92.53 53.01 -30.92
C GLU N 851 -91.67 53.07 -32.18
N ASN N 852 -92.26 53.43 -33.32
CA ASN N 852 -91.46 53.59 -34.54
C ASN N 852 -90.41 54.67 -34.35
N GLU N 853 -90.82 55.83 -33.84
CA GLU N 853 -89.88 56.92 -33.61
C GLU N 853 -88.92 56.56 -32.48
N VAL N 854 -89.38 55.81 -31.48
CA VAL N 854 -88.50 55.37 -30.41
C VAL N 854 -87.39 54.50 -30.98
N LEU N 855 -87.75 53.58 -31.87
CA LEU N 855 -86.76 52.69 -32.49
C LEU N 855 -85.81 53.48 -33.38
N ALA N 856 -86.34 54.46 -34.11
CA ALA N 856 -85.47 55.30 -34.96
C ALA N 856 -84.46 56.06 -34.11
N ALA N 857 -84.93 56.66 -33.01
CA ALA N 857 -84.03 57.38 -32.12
C ALA N 857 -83.01 56.44 -31.48
N LEU N 858 -83.45 55.23 -31.14
CA LEU N 858 -82.52 54.25 -30.57
C LEU N 858 -81.46 53.85 -31.60
N ASN N 859 -81.86 53.72 -32.86
CA ASN N 859 -80.87 53.46 -33.91
C ASN N 859 -79.88 54.61 -34.01
N GLY N 860 -80.38 55.83 -33.95
CA GLY N 860 -79.49 56.99 -34.00
C GLY N 860 -78.53 57.01 -32.83
N ALA N 861 -79.01 56.69 -31.63
CA ALA N 861 -78.15 56.69 -30.45
C ALA N 861 -77.14 55.55 -30.52
N TYR N 862 -77.58 54.37 -30.94
CA TYR N 862 -76.67 53.26 -31.20
C TYR N 862 -75.54 53.69 -32.11
N ASP N 863 -75.89 54.34 -33.22
CA ASP N 863 -74.89 54.72 -34.21
C ASP N 863 -73.97 55.81 -33.69
N LYS N 864 -74.50 56.78 -32.95
CA LYS N 864 -73.66 57.85 -32.44
C LYS N 864 -72.69 57.32 -31.38
N ALA N 865 -73.16 56.40 -30.54
CA ALA N 865 -72.28 55.77 -29.56
C ALA N 865 -71.20 54.96 -30.27
N LEU N 866 -71.58 54.25 -31.34
CA LEU N 866 -70.58 53.54 -32.12
C LEU N 866 -69.55 54.49 -32.70
N LEU N 867 -70.00 55.66 -33.18
CA LEU N 867 -69.08 56.63 -33.75
C LEU N 867 -68.13 57.18 -32.69
N ARG N 868 -68.66 57.46 -31.49
CA ARG N 868 -67.80 57.97 -30.43
C ARG N 868 -66.76 56.93 -30.03
N LEU N 869 -67.19 55.69 -29.85
CA LEU N 869 -66.24 54.63 -29.52
C LEU N 869 -65.26 54.39 -30.66
N PHE N 870 -65.69 54.59 -31.90
CA PHE N 870 -64.82 54.44 -33.05
C PHE N 870 -63.76 55.54 -33.07
N ALA N 871 -64.15 56.76 -32.74
CA ALA N 871 -63.17 57.84 -32.59
C ALA N 871 -62.20 57.52 -31.48
N SER N 872 -62.69 56.97 -30.38
CA SER N 872 -61.79 56.57 -29.29
C SER N 872 -60.79 55.52 -29.77
N ALA N 873 -61.28 54.52 -30.50
CA ALA N 873 -60.39 53.47 -31.01
C ALA N 873 -59.36 54.04 -31.98
N CYS N 874 -59.80 54.94 -32.86
CA CYS N 874 -58.86 55.58 -33.76
C CYS N 874 -57.80 56.35 -32.98
N SER N 875 -58.21 57.04 -31.92
CA SER N 875 -57.23 57.62 -31.01
C SER N 875 -56.31 56.55 -30.44
N ASP N 876 -56.80 55.32 -30.31
CA ASP N 876 -55.97 54.20 -29.90
C ASP N 876 -55.21 53.57 -31.06
N GLN N 877 -55.52 53.95 -32.30
CA GLN N 877 -54.86 53.45 -33.50
C GLN N 877 -55.10 51.95 -33.71
N ASN N 878 -56.02 51.36 -32.96
CA ASN N 878 -56.41 49.97 -33.17
C ASN N 878 -57.32 49.90 -34.40
N VAL N 879 -56.68 49.87 -35.57
CA VAL N 879 -57.42 49.88 -36.83
C VAL N 879 -58.40 48.72 -36.87
N GLU N 880 -58.03 47.58 -36.27
CA GLU N 880 -58.91 46.42 -36.28
C GLU N 880 -60.14 46.65 -35.40
N LYS N 881 -59.92 47.15 -34.18
CA LYS N 881 -61.03 47.43 -33.29
C LYS N 881 -61.95 48.50 -33.88
N ALA N 882 -61.36 49.56 -34.42
CA ALA N 882 -62.16 50.61 -35.05
C ALA N 882 -62.92 50.07 -36.26
N LEU N 883 -62.28 49.20 -37.03
CA LEU N 883 -62.95 48.60 -38.18
C LEU N 883 -64.15 47.77 -37.75
N SER N 884 -63.97 46.97 -36.69
CA SER N 884 -65.11 46.25 -36.14
C SER N 884 -66.22 47.20 -35.73
N LEU N 885 -65.87 48.22 -34.94
CA LEU N 885 -66.87 49.20 -34.52
C LEU N 885 -67.64 49.76 -35.70
N ALA N 886 -66.94 50.09 -36.78
CA ALA N 886 -67.61 50.55 -37.99
C ALA N 886 -68.53 49.48 -38.53
N HIS N 887 -68.10 48.22 -38.48
CA HIS N 887 -68.94 47.13 -38.97
C HIS N 887 -70.25 47.05 -38.20
N GLU N 888 -70.21 47.23 -36.88
CA GLU N 888 -71.44 47.09 -36.10
C GLU N 888 -72.43 48.22 -36.38
N LEU N 889 -72.01 49.26 -37.10
CA LEU N 889 -72.93 50.33 -37.46
C LEU N 889 -74.12 49.77 -38.23
N LYS N 890 -75.31 50.28 -37.93
CA LYS N 890 -76.53 49.83 -38.58
C LYS N 890 -77.08 50.85 -39.58
N GLN N 891 -76.28 51.83 -39.98
CA GLN N 891 -76.72 52.81 -40.98
C GLN N 891 -75.50 53.38 -41.69
N ASP N 892 -75.71 53.76 -42.95
CA ASP N 892 -74.61 54.26 -43.78
C ASP N 892 -74.21 55.69 -43.44
N ARG N 893 -75.13 56.49 -42.89
CA ARG N 893 -74.75 57.82 -42.44
C ARG N 893 -73.65 57.75 -41.39
N ALA N 894 -73.79 56.84 -40.43
CA ALA N 894 -72.73 56.65 -39.45
C ALA N 894 -71.47 56.10 -40.13
N LEU N 895 -71.63 55.35 -41.22
CA LEU N 895 -70.46 54.84 -41.93
C LEU N 895 -69.66 55.99 -42.55
N THR N 896 -70.34 56.95 -43.17
CA THR N 896 -69.61 58.09 -43.74
C THR N 896 -69.06 58.98 -42.62
N ALA N 897 -69.78 59.08 -41.49
CA ALA N 897 -69.22 59.80 -40.35
C ALA N 897 -67.94 59.13 -39.86
N ALA N 898 -67.92 57.79 -39.83
CA ALA N 898 -66.72 57.08 -39.45
C ALA N 898 -65.62 57.25 -40.49
N VAL N 899 -66.00 57.38 -41.76
CA VAL N 899 -65.01 57.70 -42.78
C VAL N 899 -64.36 59.04 -42.47
N LYS N 900 -65.17 60.04 -42.11
CA LYS N 900 -64.62 61.33 -41.72
C LYS N 900 -63.69 61.18 -40.52
N ILE N 901 -64.11 60.40 -39.52
CA ILE N 901 -63.30 60.23 -38.32
C ILE N 901 -61.95 59.60 -38.67
N SER N 902 -61.98 58.55 -39.50
CA SER N 902 -60.74 57.89 -39.90
C SER N 902 -59.84 58.83 -40.70
N GLU N 903 -60.43 59.59 -41.63
CA GLU N 903 -59.65 60.51 -42.44
C GLU N 903 -58.97 61.55 -41.56
N ARG N 904 -59.72 62.17 -40.65
CA ARG N 904 -59.11 63.06 -39.67
C ARG N 904 -58.23 62.31 -38.69
N ALA N 905 -58.43 61.00 -38.55
CA ALA N 905 -57.55 60.15 -37.77
C ALA N 905 -56.41 59.59 -38.60
N GLU N 906 -56.32 59.97 -39.88
CA GLU N 906 -55.23 59.53 -40.76
C GLU N 906 -55.14 58.01 -40.81
N LEU N 907 -56.27 57.37 -41.12
CA LEU N 907 -56.34 55.93 -41.25
C LEU N 907 -56.77 55.57 -42.66
N PRO N 908 -56.01 55.98 -43.67
CA PRO N 908 -56.46 55.77 -45.06
C PRO N 908 -56.77 54.32 -45.38
N SER N 909 -56.01 53.37 -44.85
CA SER N 909 -56.35 51.96 -45.02
C SER N 909 -57.71 51.66 -44.40
N LEU N 910 -57.94 52.16 -43.18
CA LEU N 910 -59.22 51.95 -42.54
C LEU N 910 -60.33 52.69 -43.27
N VAL N 911 -60.02 53.84 -43.87
CA VAL N 911 -61.01 54.53 -44.70
C VAL N 911 -61.37 53.66 -45.90
N LYS N 912 -60.38 53.01 -46.50
CA LYS N 912 -60.65 52.08 -47.60
C LYS N 912 -61.53 50.93 -47.12
N LYS N 913 -61.25 50.43 -45.91
CA LYS N 913 -62.08 49.35 -45.36
C LYS N 913 -63.52 49.80 -45.17
N ILE N 914 -63.72 51.03 -44.66
CA ILE N 914 -65.07 51.55 -44.52
C ILE N 914 -65.74 51.70 -45.89
N ASN N 915 -64.96 52.11 -46.88
CA ASN N 915 -65.48 52.22 -48.23
C ASN N 915 -65.96 50.86 -48.73
N ASN N 916 -65.17 49.81 -48.48
CA ASN N 916 -65.58 48.46 -48.85
C ASN N 916 -66.83 48.05 -48.09
N ILE N 917 -66.91 48.42 -46.81
CA ILE N 917 -68.10 48.12 -46.01
C ILE N 917 -69.33 48.71 -46.66
N ARG N 918 -69.27 50.00 -47.00
CA ARG N 918 -70.43 50.63 -47.63
C ARG N 918 -70.70 50.01 -49.00
N GLU N 919 -69.66 49.69 -49.75
CA GLU N 919 -69.84 49.01 -51.03
C GLU N 919 -70.74 47.81 -50.82
N ALA N 920 -70.31 46.91 -49.92
CA ALA N 920 -71.09 45.71 -49.66
C ALA N 920 -72.50 46.05 -49.18
N ARG N 921 -72.62 47.08 -48.34
CA ARG N 921 -73.90 47.36 -47.70
C ARG N 921 -74.92 47.90 -48.71
N TYR N 922 -74.62 49.04 -49.33
CA TYR N 922 -75.58 49.64 -50.24
C TYR N 922 -75.69 48.86 -51.55
N GLU N 923 -74.66 48.10 -51.93
CA GLU N 923 -74.81 47.23 -53.09
C GLU N 923 -75.71 46.05 -52.77
N GLN N 924 -75.88 45.72 -51.50
CA GLN N 924 -76.78 44.66 -51.08
C GLN N 924 -78.22 45.16 -51.02
N GLN P 13 -21.47 32.04 -64.99
CA GLN P 13 -22.34 31.39 -64.02
C GLN P 13 -21.72 30.08 -63.53
N PRO P 14 -20.52 30.16 -62.96
CA PRO P 14 -19.84 28.94 -62.48
C PRO P 14 -20.69 28.18 -61.49
N PRO P 15 -21.37 28.87 -60.57
CA PRO P 15 -22.18 28.13 -59.58
C PRO P 15 -23.25 27.26 -60.21
N LEU P 16 -23.79 27.64 -61.36
CA LEU P 16 -24.81 26.81 -62.00
C LEU P 16 -24.28 25.42 -62.28
N LEU P 17 -23.08 25.32 -62.84
CA LEU P 17 -22.45 24.02 -63.05
C LEU P 17 -21.69 23.54 -61.83
N ARG P 18 -21.67 24.31 -60.75
CA ARG P 18 -21.01 23.85 -59.53
C ARG P 18 -21.53 22.49 -59.09
N PRO P 19 -22.83 22.18 -59.15
CA PRO P 19 -23.27 20.82 -58.81
C PRO P 19 -22.63 19.78 -59.72
N LEU P 20 -22.71 20.02 -61.04
CA LEU P 20 -22.14 19.09 -61.99
C LEU P 20 -20.62 19.03 -61.86
N ALA P 21 -19.98 20.17 -61.63
CA ALA P 21 -18.53 20.17 -61.45
C ALA P 21 -18.13 19.34 -60.24
N TYR P 22 -18.86 19.49 -59.14
CA TYR P 22 -18.58 18.69 -57.95
C TYR P 22 -18.76 17.22 -58.25
N ARG P 23 -19.92 16.84 -58.80
CA ARG P 23 -20.17 15.44 -59.12
C ARG P 23 -19.21 14.89 -60.17
N VAL P 24 -18.55 15.75 -60.94
CA VAL P 24 -17.63 15.31 -61.97
C VAL P 24 -16.19 15.22 -61.48
N LEU P 25 -15.83 15.96 -60.43
CA LEU P 25 -14.46 15.82 -59.92
C LEU P 25 -14.44 15.21 -58.53
N SER P 26 -15.07 15.87 -57.57
CA SER P 26 -14.97 15.45 -56.18
C SER P 26 -15.96 14.35 -55.84
N ARG P 27 -16.91 14.07 -56.73
CA ARG P 27 -17.82 12.95 -56.57
C ARG P 27 -17.67 11.94 -57.70
N LYS P 28 -17.30 12.39 -58.89
CA LYS P 28 -16.97 11.45 -59.95
C LYS P 28 -15.72 10.65 -59.60
N TYR P 29 -14.70 11.31 -59.03
CA TYR P 29 -13.50 10.61 -58.60
C TYR P 29 -13.04 11.10 -57.22
N GLY P 30 -13.78 12.01 -56.60
CA GLY P 30 -13.38 12.52 -55.30
C GLY P 30 -12.29 13.57 -55.35
N LEU P 31 -12.09 14.19 -56.51
CA LEU P 31 -11.05 15.20 -56.66
C LEU P 31 -11.58 16.54 -56.18
N SER P 32 -10.98 17.08 -55.12
CA SER P 32 -11.40 18.38 -54.60
C SER P 32 -11.12 19.48 -55.63
N ILE P 33 -11.97 20.50 -55.63
CA ILE P 33 -11.91 21.56 -56.63
C ILE P 33 -12.22 22.90 -55.97
N LYS P 34 -11.36 23.89 -56.18
CA LYS P 34 -11.61 25.24 -55.72
C LYS P 34 -12.69 25.92 -56.57
N SER P 35 -13.25 27.00 -56.03
CA SER P 35 -14.32 27.71 -56.73
C SER P 35 -13.78 28.56 -57.87
N ASP P 36 -12.59 29.13 -57.72
CA ASP P 36 -12.01 29.91 -58.80
C ASP P 36 -11.77 29.03 -60.03
N GLY P 37 -11.33 27.80 -59.80
CA GLY P 37 -11.31 26.83 -60.89
C GLY P 37 -12.69 26.56 -61.44
N LEU P 38 -13.72 26.72 -60.61
CA LEU P 38 -15.09 26.64 -61.11
C LEU P 38 -15.38 27.77 -62.09
N SER P 39 -14.92 28.99 -61.77
CA SER P 39 -15.07 30.10 -62.69
C SER P 39 -14.31 29.86 -63.98
N ALA P 40 -13.10 29.30 -63.87
CA ALA P 40 -12.34 28.93 -65.06
C ALA P 40 -13.05 27.86 -65.88
N LEU P 41 -13.71 26.91 -65.21
CA LEU P 41 -14.51 25.94 -65.93
C LEU P 41 -15.67 26.61 -66.64
N ALA P 42 -16.25 27.64 -66.02
CA ALA P 42 -17.29 28.41 -66.69
C ALA P 42 -16.77 29.12 -67.92
N GLU P 43 -15.56 29.68 -67.84
CA GLU P 43 -14.98 30.34 -69.02
C GLU P 43 -14.68 29.32 -70.12
N PHE P 44 -14.23 28.13 -69.74
CA PHE P 44 -14.05 27.08 -70.73
C PHE P 44 -15.38 26.64 -71.33
N VAL P 45 -16.44 26.65 -70.52
CA VAL P 45 -17.78 26.41 -71.04
C VAL P 45 -18.14 27.45 -72.09
N GLY P 46 -17.85 28.71 -71.80
CA GLY P 46 -18.02 29.74 -72.80
C GLY P 46 -17.21 29.46 -74.05
N THR P 47 -15.99 28.96 -73.89
CA THR P 47 -15.19 28.53 -75.03
C THR P 47 -15.95 27.50 -75.86
N ASN P 48 -16.48 26.46 -75.21
CA ASN P 48 -17.40 25.52 -75.84
C ASN P 48 -18.84 26.01 -75.65
N ILE P 49 -19.11 27.17 -76.22
CA ILE P 49 -20.36 27.88 -75.97
C ILE P 49 -21.56 27.00 -76.29
N GLY P 50 -21.38 26.01 -77.17
CA GLY P 50 -22.47 25.11 -77.51
C GLY P 50 -23.04 24.38 -76.32
N ALA P 51 -24.08 23.57 -76.55
CA ALA P 51 -24.69 22.79 -75.48
C ALA P 51 -23.63 22.11 -74.64
N ASN P 52 -23.71 22.29 -73.31
CA ASN P 52 -22.67 21.80 -72.42
C ASN P 52 -23.03 20.43 -71.87
N TRP P 53 -24.09 19.83 -72.39
CA TRP P 53 -24.46 18.47 -71.98
C TRP P 53 -23.34 17.49 -72.29
N ARG P 54 -22.73 17.61 -73.47
CA ARG P 54 -21.61 16.77 -73.86
C ARG P 54 -20.27 17.33 -73.41
N GLN P 55 -20.26 18.49 -72.74
CA GLN P 55 -19.01 19.00 -72.18
C GLN P 55 -18.56 18.18 -70.98
N GLY P 56 -19.46 17.36 -70.45
CA GLY P 56 -19.14 16.48 -69.35
C GLY P 56 -17.99 15.56 -69.69
N PRO P 57 -18.05 14.93 -70.87
CA PRO P 57 -16.89 14.15 -71.32
C PRO P 57 -15.61 14.97 -71.41
N ALA P 58 -15.71 16.23 -71.85
CA ALA P 58 -14.53 17.08 -71.88
C ALA P 58 -14.00 17.32 -70.47
N THR P 59 -14.91 17.58 -69.53
CA THR P 59 -14.49 17.77 -68.14
C THR P 59 -13.83 16.50 -67.59
N ILE P 60 -14.35 15.33 -67.96
CA ILE P 60 -13.74 14.09 -67.50
C ILE P 60 -12.36 13.90 -68.11
N LYS P 61 -12.17 14.33 -69.36
CA LYS P 61 -10.86 14.29 -69.96
C LYS P 61 -9.88 15.20 -69.21
N PHE P 62 -10.34 16.40 -68.86
CA PHE P 62 -9.52 17.28 -68.04
C PHE P 62 -9.19 16.62 -66.71
N LEU P 63 -10.16 15.92 -66.13
CA LEU P 63 -9.92 15.21 -64.87
C LEU P 63 -8.86 14.14 -65.03
N GLU P 64 -8.91 13.40 -66.15
CA GLU P 64 -7.91 12.36 -66.40
C GLU P 64 -6.53 12.97 -66.51
N GLN P 65 -6.42 14.08 -67.25
CA GLN P 65 -5.12 14.73 -67.39
C GLN P 65 -4.62 15.23 -66.04
N PHE P 66 -5.52 15.78 -65.22
CA PHE P 66 -5.11 16.27 -63.91
C PHE P 66 -4.65 15.13 -63.03
N ALA P 67 -5.39 14.02 -63.03
CA ALA P 67 -5.00 12.86 -62.24
C ALA P 67 -3.73 12.22 -62.76
N ALA P 68 -3.37 12.48 -64.01
CA ALA P 68 -2.13 11.98 -64.58
C ALA P 68 -0.94 12.90 -64.31
N VAL P 69 -1.17 14.20 -64.14
CA VAL P 69 -0.05 15.14 -64.00
C VAL P 69 -0.11 15.88 -62.66
N TRP P 70 -1.16 16.66 -62.44
CA TRP P 70 -1.22 17.51 -61.26
C TRP P 70 -1.42 16.69 -60.00
N LYS P 71 -2.54 15.99 -59.90
CA LYS P 71 -2.81 15.08 -58.78
C LYS P 71 -2.77 15.82 -57.45
N GLN P 72 -3.60 16.85 -57.34
CA GLN P 72 -3.71 17.64 -56.11
C GLN P 72 -5.16 18.02 -55.88
N GLN P 73 -5.55 18.05 -54.60
CA GLN P 73 -6.91 18.41 -54.26
C GLN P 73 -7.19 19.87 -54.60
N GLU P 74 -8.43 20.29 -54.37
CA GLU P 74 -8.92 21.59 -54.82
C GLU P 74 -8.44 21.87 -56.25
N ARG P 75 -8.56 20.87 -57.12
CA ARG P 75 -8.03 20.98 -58.46
C ARG P 75 -8.55 22.22 -59.18
N GLY P 76 -9.83 22.55 -58.94
CA GLY P 76 -10.40 23.76 -59.56
C GLY P 76 -9.77 25.01 -58.99
N LEU P 77 -8.43 25.15 -59.12
CA LEU P 77 -7.74 26.31 -58.50
C LEU P 77 -7.60 27.46 -59.51
N PHE P 78 -8.26 27.35 -60.68
CA PHE P 78 -8.26 28.48 -61.65
C PHE P 78 -6.84 28.76 -62.17
N ILE P 79 -5.82 28.08 -61.64
CA ILE P 79 -4.48 28.24 -62.15
C ILE P 79 -3.90 26.90 -62.56
N ASP P 80 -3.77 25.97 -61.59
CA ASP P 80 -3.47 24.59 -61.94
C ASP P 80 -4.55 24.04 -62.86
N GLN P 81 -5.82 24.33 -62.54
CA GLN P 81 -6.90 24.00 -63.47
C GLN P 81 -6.68 24.70 -64.80
N SER P 82 -6.11 25.90 -64.79
CA SER P 82 -5.78 26.58 -66.05
C SER P 82 -4.76 25.79 -66.85
N GLY P 83 -3.69 25.32 -66.18
CA GLY P 83 -2.71 24.50 -66.85
C GLY P 83 -3.32 23.25 -67.43
N VAL P 84 -4.19 22.59 -66.66
CA VAL P 84 -4.94 21.45 -67.18
C VAL P 84 -5.73 21.88 -68.41
N LYS P 85 -6.27 23.09 -68.39
CA LYS P 85 -7.03 23.57 -69.54
C LYS P 85 -6.17 23.60 -70.80
N GLU P 86 -5.02 24.25 -70.74
CA GLU P 86 -4.23 24.34 -71.97
C GLU P 86 -3.74 22.95 -72.40
N VAL P 87 -3.36 22.11 -71.43
CA VAL P 87 -2.85 20.79 -71.78
C VAL P 87 -3.93 19.96 -72.47
N ILE P 88 -5.11 19.89 -71.84
CA ILE P 88 -6.23 19.10 -72.45
C ILE P 88 -6.60 19.78 -73.76
N GLN P 89 -6.64 21.11 -73.77
CA GLN P 89 -6.93 21.85 -75.03
C GLN P 89 -5.92 21.36 -76.09
N GLU P 90 -4.64 21.33 -75.74
CA GLU P 90 -3.59 20.86 -76.69
C GLU P 90 -3.99 19.48 -77.24
N MET P 91 -4.03 18.48 -76.36
CA MET P 91 -4.39 17.10 -76.78
C MET P 91 -5.70 17.14 -77.57
N LYS P 92 -6.64 17.99 -77.14
CA LYS P 92 -7.95 18.09 -77.83
C LYS P 92 -7.72 18.40 -79.30
N GLU P 93 -6.66 19.14 -79.63
CA GLU P 93 -6.33 19.42 -81.04
C GLU P 93 -5.60 18.19 -81.61
N ARG P 94 -4.49 17.80 -80.98
CA ARG P 94 -3.74 16.62 -81.42
C ARG P 94 -4.69 15.54 -81.91
N GLU P 95 -5.77 15.30 -81.18
CA GLU P 95 -6.74 14.29 -81.59
C GLU P 95 -7.56 14.76 -82.78
PB ADP Q . 49.89 23.39 10.69
O1B ADP Q . 48.40 23.30 10.49
O2B ADP Q . 50.41 22.55 11.84
O3B ADP Q . 50.73 23.30 9.44
PA ADP Q . 49.63 25.39 12.61
O1A ADP Q . 48.21 25.86 12.49
O2A ADP Q . 50.01 24.32 13.60
O3A ADP Q . 50.13 24.90 11.16
O5' ADP Q . 50.59 26.66 12.84
C5' ADP Q . 51.54 26.65 13.90
C4' ADP Q . 51.89 28.07 14.29
O4' ADP Q . 52.45 28.81 13.20
C3' ADP Q . 50.64 28.82 14.70
O3' ADP Q . 50.58 28.95 16.12
C2' ADP Q . 50.77 30.20 14.07
O2' ADP Q . 50.74 31.21 15.08
C1' ADP Q . 52.10 30.19 13.36
N9 ADP Q . 51.99 30.89 12.06
C8 ADP Q . 52.33 30.41 10.85
N7 ADP Q . 52.10 31.33 9.88
C5 ADP Q . 51.61 32.44 10.47
C6 ADP Q . 51.17 33.78 10.03
N6 ADP Q . 51.18 34.14 8.73
N1 ADP Q . 50.73 34.64 10.99
C2 ADP Q . 50.70 34.30 12.28
N3 ADP Q . 51.09 33.10 12.75
C4 ADP Q . 51.55 32.14 11.91
MG MG R . 48.59 23.32 12.53
ZN ZN S . -13.18 -6.45 36.72
PB ADP T . 46.86 -20.17 -22.31
O1B ADP T . 46.85 -18.68 -22.13
O2B ADP T . 48.17 -20.75 -22.78
O3B ADP T . 46.19 -20.96 -21.20
PA ADP T . 44.35 -19.98 -23.51
O1A ADP T . 44.31 -18.55 -23.00
O2A ADP T . 43.55 -21.07 -22.84
O3A ADP T . 45.89 -20.41 -23.57
O5' ADP T . 44.01 -19.97 -25.08
C5' ADP T . 43.34 -18.87 -25.68
C4' ADP T . 42.61 -19.36 -26.92
O4' ADP T . 43.54 -19.78 -27.93
C3' ADP T . 41.75 -20.56 -26.59
O3' ADP T . 40.37 -20.19 -26.60
C2' ADP T . 42.02 -21.57 -27.69
O2' ADP T . 40.80 -21.89 -28.36
C1' ADP T . 42.98 -20.89 -28.64
N9 ADP T . 44.03 -21.85 -29.06
C8 ADP T . 45.35 -21.72 -28.89
N7 ADP T . 46.02 -22.79 -29.39
C5 ADP T . 45.11 -23.63 -29.91
C6 ADP T . 45.13 -24.95 -30.59
N6 ADP T . 46.30 -25.59 -30.84
N1 ADP T . 43.95 -25.49 -30.97
C2 ADP T . 42.80 -24.85 -30.73
N3 ADP T . 42.70 -23.66 -30.12
C4 ADP T . 43.80 -23.01 -29.69
MG MG U . 44.87 -19.56 -21.30
PG AGS V . 71.54 -24.51 24.21
S1G AGS V . 71.38 -22.78 23.35
O2G AGS V . 71.44 -25.66 23.15
O3G AGS V . 70.40 -24.68 25.25
PB AGS V . 72.89 -25.04 26.46
O1B AGS V . 71.64 -24.58 27.12
O2B AGS V . 74.15 -24.45 27.08
O3B AGS V . 72.90 -24.60 24.95
PA AGS V . 71.77 -27.41 27.10
O1A AGS V . 71.40 -26.98 28.48
O2A AGS V . 70.67 -27.20 26.07
O3A AGS V . 73.02 -26.60 26.58
O5' AGS V . 72.29 -28.89 27.15
C5' AGS V . 73.53 -29.20 26.50
C4' AGS V . 74.02 -30.55 26.93
O4' AGS V . 75.45 -30.50 27.16
C3' AGS V . 73.40 -31.08 28.22
O3' AGS V . 73.20 -32.49 28.16
C2' AGS V . 74.44 -30.70 29.28
O2' AGS V . 74.42 -31.59 30.39
C1' AGS V . 75.74 -30.86 28.49
N9 AGS V . 76.83 -30.02 28.97
C8 AGS V . 77.45 -29.00 28.29
N7 AGS V . 78.39 -28.40 28.97
C5 AGS V . 78.39 -29.06 30.19
C6 AGS V . 79.17 -28.90 31.35
N6 AGS V . 80.13 -27.99 31.49
N1 AGS V . 78.91 -29.73 32.38
C2 AGS V . 77.95 -30.64 32.26
N3 AGS V . 77.16 -30.89 31.21
C4 AGS V . 77.43 -30.06 30.20
MG MG W . 70.18 -25.63 26.90
ZN ZN X . 7.76 -10.08 68.65
ZN ZN Y . -14.84 -27.04 26.24
ZN ZN Z . -5.16 0.13 54.03
MG MG AA . 58.29 -38.67 1.01
PG AGS BA . 60.00 -36.96 0.98
S1G AGS BA . 58.25 -36.29 0.47
O2G AGS BA . 61.11 -36.21 0.18
O3G AGS BA . 60.23 -36.74 2.50
PB AGS BA . 59.67 -38.95 -0.78
O1B AGS BA . 60.36 -40.21 -1.13
O2B AGS BA . 60.01 -37.78 -1.71
O3B AGS BA . 60.10 -38.48 0.66
PA AGS BA . 57.49 -40.33 -1.64
O1A AGS BA . 57.66 -41.60 -0.91
O2A AGS BA . 56.04 -39.96 -1.97
O3A AGS BA . 58.10 -39.12 -0.83
O5' AGS BA . 58.39 -40.39 -2.95
C5' AGS BA . 59.08 -41.59 -3.32
C4' AGS BA . 58.15 -42.46 -4.14
O4' AGS BA . 58.90 -43.52 -4.74
C3' AGS BA . 57.06 -43.16 -3.33
O3' AGS BA . 55.94 -43.46 -4.16
C2' AGS BA . 57.76 -44.42 -2.85
O2' AGS BA . 56.85 -45.50 -2.67
C1' AGS BA . 58.71 -44.72 -4.02
N9 AGS BA . 60.02 -45.21 -3.60
C8 AGS BA . 61.21 -44.54 -3.65
N7 AGS BA . 62.23 -45.22 -3.19
C5 AGS BA . 61.68 -46.43 -2.82
C6 AGS BA . 62.23 -47.60 -2.25
N6 AGS BA . 63.53 -47.74 -1.96
N1 AGS BA . 61.40 -48.62 -2.00
C2 AGS BA . 60.10 -48.49 -2.28
N3 AGS BA . 59.46 -47.44 -2.81
C4 AGS BA . 60.31 -46.44 -3.06
ZN ZN CA . 12.67 -36.09 60.70
#